data_1PRS
#
_entry.id   1PRS
#
_cell.length_a   1.000
_cell.length_b   1.000
_cell.length_c   1.000
_cell.angle_alpha   90.00
_cell.angle_beta   90.00
_cell.angle_gamma   90.00
#
_symmetry.space_group_name_H-M   'P 1'
#
loop_
_entity.id
_entity.type
_entity.pdbx_description
1 polymer 'DEVELOPMENT-SPECIFIC PROTEIN S'
2 non-polymer 'CALCIUM ION'
#
_entity_poly.entity_id   1
_entity_poly.type   'polypeptide(L)'
_entity_poly.pdbx_seq_one_letter_code
;MANITVFYNEDFQGKQVDLPPGNYTRAQLAALGIENNTISSVKVPPGVKAILYQNDGFAGDQIEVVANAEELGPLNNNVS
SIRVISVPVQPRARFFYKEQFDGKEVDLPPGQYTQAELERYGIDNNTISSVKPQGLAVVLFKNDNFSGDTLPVNSDAPTL
GAMNNNTSSIRIS
;
_entity_poly.pdbx_strand_id   A
#
# COMPACT_ATOMS: atom_id res chain seq x y z
N MET A 1 16.07 5.87 -11.45
CA MET A 1 14.85 5.95 -12.31
C MET A 1 13.61 5.72 -11.47
N ALA A 2 13.81 5.43 -10.20
CA ALA A 2 12.64 5.20 -9.32
C ALA A 2 12.15 6.51 -8.73
N ASN A 3 10.96 6.50 -8.22
CA ASN A 3 10.40 7.73 -7.62
C ASN A 3 9.01 7.49 -7.06
N ILE A 4 8.79 7.93 -5.85
CA ILE A 4 7.45 7.73 -5.24
C ILE A 4 6.43 8.69 -5.86
N THR A 5 5.19 8.29 -5.84
CA THR A 5 4.12 9.14 -6.42
C THR A 5 2.98 9.29 -5.43
N VAL A 6 2.75 10.49 -5.00
CA VAL A 6 1.66 10.73 -4.02
C VAL A 6 0.40 11.20 -4.72
N PHE A 7 -0.66 11.27 -3.95
CA PHE A 7 -1.96 11.73 -4.50
C PHE A 7 -2.53 12.80 -3.60
N TYR A 8 -3.02 13.85 -4.19
CA TYR A 8 -3.59 14.95 -3.37
C TYR A 8 -4.79 14.50 -2.53
N ASN A 9 -5.80 14.01 -3.17
CA ASN A 9 -6.99 13.57 -2.42
C ASN A 9 -6.87 12.12 -2.01
N GLU A 10 -7.73 11.72 -1.13
CA GLU A 10 -7.70 10.33 -0.68
C GLU A 10 -8.33 9.43 -1.73
N ASP A 11 -8.40 8.18 -1.43
CA ASP A 11 -9.00 7.24 -2.40
C ASP A 11 -8.21 7.25 -3.71
N PHE A 12 -6.90 7.23 -3.60
CA PHE A 12 -6.07 7.24 -4.82
C PHE A 12 -6.51 8.34 -5.79
N GLN A 13 -7.29 9.27 -5.31
CA GLN A 13 -7.76 10.36 -6.21
C GLN A 13 -6.99 11.67 -5.96
N GLY A 14 -7.18 12.62 -6.84
CA GLY A 14 -6.48 13.93 -6.69
C GLY A 14 -5.12 13.91 -7.39
N LYS A 15 -4.93 14.87 -8.28
CA LYS A 15 -3.64 14.97 -9.04
C LYS A 15 -2.47 14.43 -8.23
N GLN A 16 -1.61 13.69 -8.88
CA GLN A 16 -0.43 13.13 -8.17
C GLN A 16 0.85 13.88 -8.49
N VAL A 17 1.88 13.56 -7.75
CA VAL A 17 3.18 14.24 -7.97
C VAL A 17 4.31 13.22 -7.81
N ASP A 18 5.26 13.25 -8.72
CA ASP A 18 6.39 12.29 -8.61
C ASP A 18 7.57 12.90 -7.88
N LEU A 19 7.90 12.30 -6.74
CA LEU A 19 9.05 12.82 -5.94
C LEU A 19 10.21 11.78 -5.94
N PRO A 20 11.43 12.23 -6.18
CA PRO A 20 12.58 11.33 -6.20
C PRO A 20 12.84 10.74 -4.81
N PRO A 21 13.57 9.63 -4.77
CA PRO A 21 13.90 8.97 -3.51
C PRO A 21 14.77 9.87 -2.63
N GLY A 22 15.46 9.26 -1.70
CA GLY A 22 16.33 10.07 -0.80
C GLY A 22 15.53 10.65 0.38
N ASN A 23 16.23 11.32 1.26
CA ASN A 23 15.55 11.92 2.44
C ASN A 23 15.36 13.42 2.27
N TYR A 24 14.20 13.89 2.61
CA TYR A 24 13.94 15.34 2.49
C TYR A 24 12.79 15.75 3.39
N THR A 25 12.37 16.98 3.31
CA THR A 25 11.26 17.41 4.17
C THR A 25 10.59 18.67 3.67
N ARG A 26 10.08 19.43 4.59
CA ARG A 26 9.41 20.68 4.23
C ARG A 26 10.33 21.59 3.45
N ALA A 27 11.60 21.51 3.73
CA ALA A 27 12.56 22.38 2.99
C ALA A 27 12.51 22.08 1.50
N GLN A 28 12.88 20.88 1.15
CA GLN A 28 12.85 20.55 -0.29
C GLN A 28 11.47 20.77 -0.85
N LEU A 29 10.49 20.31 -0.11
CA LEU A 29 9.11 20.49 -0.60
C LEU A 29 8.81 21.97 -0.80
N ALA A 30 9.34 22.79 0.08
CA ALA A 30 9.10 24.24 -0.07
C ALA A 30 9.48 24.62 -1.46
N ALA A 31 10.47 23.95 -1.96
CA ALA A 31 10.93 24.25 -3.33
C ALA A 31 9.85 23.85 -4.32
N LEU A 32 9.23 22.72 -4.06
CA LEU A 32 8.16 22.25 -4.97
C LEU A 32 6.89 23.10 -4.81
N GLY A 33 6.12 22.80 -3.79
CA GLY A 33 4.87 23.58 -3.56
C GLY A 33 3.91 22.82 -2.64
N ILE A 34 3.97 21.51 -2.69
CA ILE A 34 3.08 20.71 -1.85
C ILE A 34 3.64 20.58 -0.44
N GLU A 35 2.77 20.44 0.52
CA GLU A 35 3.25 20.31 1.93
C GLU A 35 2.09 20.15 2.90
N ASN A 36 2.32 19.39 3.95
CA ASN A 36 1.24 19.18 4.96
C ASN A 36 0.17 18.23 4.46
N ASN A 37 -1.05 18.53 4.84
CA ASN A 37 -2.18 17.68 4.41
C ASN A 37 -2.28 17.61 2.89
N THR A 38 -1.50 16.76 2.31
CA THR A 38 -1.54 16.61 0.84
C THR A 38 -1.19 15.21 0.43
N ILE A 39 -0.15 14.69 1.01
CA ILE A 39 0.26 13.30 0.67
C ILE A 39 -0.80 12.36 1.20
N SER A 40 -1.91 12.37 0.57
CA SER A 40 -3.01 11.50 0.98
C SER A 40 -2.77 10.05 0.57
N SER A 41 -2.87 9.78 -0.71
CA SER A 41 -2.63 8.37 -1.17
C SER A 41 -1.19 8.22 -1.64
N VAL A 42 -0.75 6.99 -1.82
CA VAL A 42 0.66 6.80 -2.27
C VAL A 42 0.80 5.62 -3.24
N LYS A 43 1.81 5.70 -4.05
CA LYS A 43 2.08 4.62 -5.04
C LYS A 43 3.59 4.47 -5.20
N VAL A 44 4.13 3.44 -4.61
CA VAL A 44 5.61 3.22 -4.71
C VAL A 44 5.97 1.81 -5.22
N PRO A 45 6.51 1.72 -6.44
CA PRO A 45 6.89 0.43 -7.02
C PRO A 45 8.06 -0.19 -6.24
N PRO A 46 8.32 -1.45 -6.52
CA PRO A 46 9.41 -2.18 -5.86
C PRO A 46 10.76 -1.55 -6.19
N GLY A 47 11.82 -2.21 -5.82
CA GLY A 47 13.16 -1.64 -6.12
C GLY A 47 13.51 -0.59 -5.09
N VAL A 48 12.52 -0.20 -4.33
CA VAL A 48 12.77 0.83 -3.30
C VAL A 48 11.76 0.74 -2.17
N LYS A 49 12.21 1.12 -1.01
CA LYS A 49 11.34 1.08 0.19
C LYS A 49 11.25 2.49 0.76
N ALA A 50 10.04 2.98 0.96
CA ALA A 50 9.89 4.35 1.51
C ALA A 50 9.48 4.36 2.98
N ILE A 51 9.79 5.46 3.62
CA ILE A 51 9.45 5.63 5.04
C ILE A 51 8.88 7.02 5.25
N LEU A 52 7.65 7.10 5.63
CA LEU A 52 7.04 8.44 5.83
C LEU A 52 7.21 8.96 7.26
N TYR A 53 7.05 10.25 7.41
CA TYR A 53 7.19 10.87 8.74
C TYR A 53 6.12 11.97 8.92
N GLN A 54 5.18 11.70 9.76
CA GLN A 54 4.09 12.69 10.00
C GLN A 54 4.63 14.12 10.13
N ASN A 55 5.01 14.50 11.32
CA ASN A 55 5.54 15.87 11.51
C ASN A 55 6.79 16.09 10.67
N ASP A 56 6.93 17.30 10.19
CA ASP A 56 8.12 17.60 9.35
C ASP A 56 9.40 17.41 10.15
N GLY A 57 10.51 17.75 9.56
CA GLY A 57 11.80 17.59 10.28
C GLY A 57 11.99 16.13 10.69
N PHE A 58 11.37 15.25 9.95
CA PHE A 58 11.50 13.81 10.28
C PHE A 58 11.07 13.53 11.72
N ALA A 59 9.82 13.76 12.00
CA ALA A 59 9.33 13.51 13.38
C ALA A 59 7.89 13.02 13.37
N GLY A 60 7.39 12.68 14.53
CA GLY A 60 5.97 12.19 14.60
C GLY A 60 5.90 10.73 14.16
N ASP A 61 4.79 10.11 14.41
CA ASP A 61 4.64 8.70 13.99
C ASP A 61 5.07 8.52 12.54
N GLN A 62 5.94 7.56 12.32
CA GLN A 62 6.41 7.32 10.93
C GLN A 62 5.70 6.12 10.31
N ILE A 63 6.04 5.85 9.09
CA ILE A 63 5.42 4.71 8.38
C ILE A 63 6.44 4.04 7.49
N GLU A 64 6.10 2.90 6.99
CA GLU A 64 7.06 2.19 6.10
C GLU A 64 6.30 1.46 5.00
N VAL A 65 6.70 1.68 3.78
CA VAL A 65 6.00 0.99 2.68
C VAL A 65 6.93 0.72 1.50
N VAL A 66 6.46 -0.10 0.62
CA VAL A 66 7.27 -0.44 -0.58
C VAL A 66 6.33 -0.67 -1.75
N ALA A 67 5.06 -0.55 -1.46
CA ALA A 67 4.02 -0.73 -2.48
C ALA A 67 3.11 0.49 -2.48
N ASN A 68 1.90 0.30 -2.91
CA ASN A 68 0.95 1.44 -2.95
C ASN A 68 0.08 1.45 -1.69
N ALA A 69 -0.41 2.61 -1.34
CA ALA A 69 -1.27 2.73 -0.13
C ALA A 69 -2.52 3.55 -0.46
N GLU A 70 -3.53 2.89 -0.94
CA GLU A 70 -4.78 3.62 -1.28
C GLU A 70 -5.24 4.46 -0.10
N GLU A 71 -5.17 3.87 1.07
CA GLU A 71 -5.58 4.59 2.30
C GLU A 71 -4.44 4.59 3.30
N LEU A 72 -3.52 5.51 3.11
CA LEU A 72 -2.34 5.61 4.03
C LEU A 72 -2.66 5.13 5.45
N GLY A 73 -3.27 5.98 6.23
CA GLY A 73 -3.60 5.56 7.63
C GLY A 73 -4.22 6.71 8.43
N PRO A 74 -4.28 6.53 9.72
CA PRO A 74 -4.85 7.53 10.63
C PRO A 74 -3.99 8.81 10.68
N LEU A 75 -2.70 8.64 10.77
CA LEU A 75 -1.81 9.83 10.84
C LEU A 75 -1.78 10.57 9.50
N ASN A 76 -2.66 10.18 8.61
CA ASN A 76 -2.69 10.85 7.28
C ASN A 76 -3.20 12.28 7.41
N ASN A 77 -3.49 12.68 8.62
CA ASN A 77 -4.01 14.05 8.83
C ASN A 77 -2.88 15.06 8.71
N ASN A 78 -1.67 14.58 8.54
CA ASN A 78 -0.52 15.52 8.41
C ASN A 78 0.72 14.79 7.91
N VAL A 79 1.28 15.27 6.83
CA VAL A 79 2.51 14.63 6.29
C VAL A 79 3.43 15.67 5.65
N SER A 80 4.72 15.52 5.86
CA SER A 80 5.66 16.50 5.27
C SER A 80 7.10 15.94 5.16
N SER A 81 7.47 15.08 6.09
CA SER A 81 8.86 14.50 6.04
C SER A 81 8.84 13.07 5.52
N ILE A 82 9.85 12.71 4.75
CA ILE A 82 9.88 11.31 4.21
C ILE A 82 11.33 10.82 4.01
N ARG A 83 11.47 9.52 3.89
CA ARG A 83 12.83 8.93 3.70
C ARG A 83 12.76 7.69 2.80
N VAL A 84 13.40 7.77 1.65
CA VAL A 84 13.38 6.61 0.70
C VAL A 84 14.78 6.08 0.43
N ILE A 85 14.91 4.77 0.42
CA ILE A 85 16.23 4.16 0.16
C ILE A 85 16.09 2.96 -0.76
N SER A 86 16.85 2.96 -1.83
CA SER A 86 16.79 1.82 -2.79
C SER A 86 16.68 0.48 -2.07
N VAL A 87 16.11 -0.48 -2.74
CA VAL A 87 15.96 -1.82 -2.13
C VAL A 87 15.98 -2.90 -3.23
N PRO A 88 16.52 -4.06 -2.92
CA PRO A 88 16.60 -5.17 -3.87
C PRO A 88 15.24 -5.47 -4.52
N VAL A 89 15.29 -6.12 -5.65
CA VAL A 89 14.04 -6.46 -6.36
C VAL A 89 13.25 -7.52 -5.60
N GLN A 90 11.96 -7.30 -5.48
CA GLN A 90 11.10 -8.27 -4.76
C GLN A 90 9.75 -8.43 -5.49
N PRO A 91 9.39 -9.67 -5.86
CA PRO A 91 8.13 -9.90 -6.55
C PRO A 91 6.95 -9.43 -5.69
N ARG A 92 5.76 -9.86 -6.04
CA ARG A 92 4.58 -9.43 -5.23
C ARG A 92 3.30 -10.09 -5.76
N ALA A 93 2.19 -9.51 -5.42
CA ALA A 93 0.89 -10.04 -5.87
C ALA A 93 -0.01 -8.87 -6.27
N ARG A 94 -0.97 -9.13 -7.15
CA ARG A 94 -1.87 -8.03 -7.59
C ARG A 94 -3.35 -8.36 -7.36
N PHE A 95 -3.99 -7.51 -6.61
CA PHE A 95 -5.43 -7.71 -6.32
C PHE A 95 -6.24 -6.66 -7.07
N PHE A 96 -7.46 -6.98 -7.41
CA PHE A 96 -8.31 -6.00 -8.15
C PHE A 96 -9.53 -5.66 -7.33
N TYR A 97 -10.14 -4.54 -7.61
CA TYR A 97 -11.36 -4.19 -6.81
C TYR A 97 -12.59 -4.97 -7.28
N LYS A 98 -13.23 -4.46 -8.31
CA LYS A 98 -14.44 -5.16 -8.82
C LYS A 98 -14.14 -6.62 -9.18
N GLU A 99 -15.17 -7.42 -9.20
CA GLU A 99 -14.99 -8.85 -9.55
C GLU A 99 -14.87 -9.02 -11.05
N GLN A 100 -13.67 -8.88 -11.54
CA GLN A 100 -13.42 -9.03 -13.00
C GLN A 100 -12.06 -8.41 -13.35
N PHE A 101 -11.06 -8.77 -12.57
CA PHE A 101 -9.70 -8.22 -12.82
C PHE A 101 -9.80 -6.75 -13.19
N ASP A 102 -10.66 -6.05 -12.50
CA ASP A 102 -10.84 -4.61 -12.78
C ASP A 102 -11.08 -3.84 -11.49
N GLY A 103 -11.35 -2.57 -11.60
CA GLY A 103 -11.59 -1.77 -10.38
C GLY A 103 -10.25 -1.48 -9.69
N LYS A 104 -10.27 -0.48 -8.82
CA LYS A 104 -9.00 -0.10 -8.09
C LYS A 104 -8.05 -1.28 -7.93
N GLU A 105 -6.86 -1.09 -8.44
CA GLU A 105 -5.84 -2.18 -8.35
C GLU A 105 -4.84 -1.91 -7.25
N VAL A 106 -4.52 -2.94 -6.52
CA VAL A 106 -3.55 -2.80 -5.41
C VAL A 106 -2.61 -4.00 -5.39
N ASP A 107 -1.42 -3.79 -4.91
CA ASP A 107 -0.45 -4.92 -4.86
C ASP A 107 0.42 -4.84 -3.61
N LEU A 108 0.86 -5.99 -3.13
CA LEU A 108 1.72 -6.00 -1.91
C LEU A 108 2.89 -7.02 -2.04
N PRO A 109 4.05 -6.67 -1.48
CA PRO A 109 5.23 -7.55 -1.53
C PRO A 109 5.04 -8.77 -0.61
N PRO A 110 5.94 -9.73 -0.72
CA PRO A 110 5.90 -10.93 0.10
C PRO A 110 5.99 -10.59 1.59
N GLY A 111 5.24 -11.29 2.40
CA GLY A 111 5.30 -10.99 3.87
C GLY A 111 3.97 -11.30 4.56
N GLN A 112 3.73 -10.60 5.66
CA GLN A 112 2.46 -10.83 6.42
C GLN A 112 1.77 -9.50 6.75
N TYR A 113 0.46 -9.55 6.80
CA TYR A 113 -0.31 -8.32 7.11
C TYR A 113 -1.47 -8.67 8.04
N THR A 114 -1.97 -7.69 8.77
CA THR A 114 -3.10 -7.96 9.71
C THR A 114 -4.36 -7.14 9.39
N GLN A 115 -5.35 -7.27 10.24
CA GLN A 115 -6.63 -6.54 10.04
C GLN A 115 -6.50 -5.08 10.46
N ALA A 116 -5.45 -4.47 10.00
CA ALA A 116 -5.23 -3.04 10.34
C ALA A 116 -4.37 -2.40 9.28
N GLU A 117 -3.22 -2.98 9.07
CA GLU A 117 -2.32 -2.43 8.06
C GLU A 117 -2.84 -2.84 6.70
N LEU A 118 -2.95 -4.13 6.51
CA LEU A 118 -3.44 -4.67 5.23
C LEU A 118 -4.53 -3.79 4.66
N GLU A 119 -5.65 -3.80 5.31
CA GLU A 119 -6.78 -2.98 4.85
C GLU A 119 -6.35 -1.54 4.58
N ARG A 120 -5.91 -0.86 5.62
CA ARG A 120 -5.46 0.56 5.43
C ARG A 120 -4.08 0.66 4.76
N TYR A 121 -3.70 -0.36 4.03
CA TYR A 121 -2.37 -0.31 3.35
C TYR A 121 -2.50 -0.71 1.91
N GLY A 122 -3.66 -1.17 1.56
CA GLY A 122 -3.86 -1.59 0.16
C GLY A 122 -5.31 -1.41 -0.24
N ILE A 123 -6.19 -1.86 0.60
CA ILE A 123 -7.63 -1.74 0.28
C ILE A 123 -8.42 -1.41 1.53
N ASP A 124 -9.02 -2.41 2.12
CA ASP A 124 -9.81 -2.15 3.35
C ASP A 124 -10.20 -3.43 4.05
N ASN A 125 -11.12 -3.32 4.97
CA ASN A 125 -11.57 -4.50 5.73
C ASN A 125 -12.16 -5.59 4.83
N ASN A 126 -12.33 -5.32 3.57
CA ASN A 126 -12.90 -6.37 2.68
C ASN A 126 -12.85 -5.98 1.21
N THR A 127 -13.95 -6.21 0.54
CA THR A 127 -14.05 -5.88 -0.91
C THR A 127 -12.73 -6.13 -1.65
N ILE A 128 -12.38 -7.39 -1.79
CA ILE A 128 -11.12 -7.75 -2.49
C ILE A 128 -11.45 -8.23 -3.91
N SER A 129 -11.74 -9.51 -4.02
CA SER A 129 -12.09 -10.11 -5.37
C SER A 129 -10.86 -10.51 -6.19
N SER A 130 -11.14 -10.77 -7.45
CA SER A 130 -10.10 -11.18 -8.45
C SER A 130 -8.66 -10.88 -8.02
N VAL A 131 -7.88 -11.93 -7.94
CA VAL A 131 -6.45 -11.81 -7.55
C VAL A 131 -5.56 -12.37 -8.66
N LYS A 132 -4.39 -11.82 -8.78
CA LYS A 132 -3.46 -12.32 -9.84
C LYS A 132 -2.00 -12.29 -9.35
N PRO A 133 -1.51 -13.42 -8.85
CA PRO A 133 -0.15 -13.50 -8.36
C PRO A 133 0.83 -13.03 -9.41
N GLN A 134 1.46 -11.92 -9.14
CA GLN A 134 2.43 -11.39 -10.09
C GLN A 134 3.75 -12.12 -9.98
N GLY A 135 3.94 -12.81 -8.89
CA GLY A 135 5.22 -13.55 -8.72
C GLY A 135 5.16 -14.56 -7.56
N LEU A 136 4.40 -14.23 -6.53
CA LEU A 136 4.31 -15.17 -5.35
C LEU A 136 2.89 -15.58 -5.11
N ALA A 137 2.73 -16.70 -4.49
CA ALA A 137 1.35 -17.18 -4.22
C ALA A 137 0.73 -16.36 -3.09
N VAL A 138 -0.58 -16.28 -3.10
CA VAL A 138 -1.28 -15.50 -2.04
C VAL A 138 -2.14 -16.38 -1.15
N VAL A 139 -2.12 -16.08 0.12
CA VAL A 139 -2.93 -16.88 1.09
C VAL A 139 -3.75 -15.92 1.96
N LEU A 140 -5.04 -16.15 2.02
CA LEU A 140 -5.92 -15.26 2.85
C LEU A 140 -6.38 -15.90 4.16
N PHE A 141 -6.56 -15.07 5.16
CA PHE A 141 -7.02 -15.56 6.49
C PHE A 141 -8.32 -14.88 6.87
N LYS A 142 -9.16 -15.61 7.58
CA LYS A 142 -10.48 -15.03 7.98
C LYS A 142 -10.50 -14.74 9.47
N ASN A 143 -9.44 -14.19 9.97
CA ASN A 143 -9.40 -13.89 11.41
C ASN A 143 -8.20 -13.03 11.75
N ASP A 144 -8.30 -12.33 12.83
CA ASP A 144 -7.16 -11.47 13.24
C ASP A 144 -5.91 -12.31 13.42
N ASN A 145 -4.83 -11.64 13.69
CA ASN A 145 -3.54 -12.36 13.90
C ASN A 145 -3.42 -13.57 13.00
N PHE A 146 -4.00 -13.48 11.84
CA PHE A 146 -3.95 -14.62 10.87
C PHE A 146 -4.12 -15.94 11.62
N SER A 147 -5.28 -16.12 12.19
CA SER A 147 -5.53 -17.38 12.94
C SER A 147 -6.97 -17.86 12.79
N GLY A 148 -7.17 -18.76 11.88
CA GLY A 148 -8.55 -19.29 11.65
C GLY A 148 -8.63 -19.93 10.26
N ASP A 149 -9.82 -20.01 9.72
CA ASP A 149 -9.96 -20.62 8.38
C ASP A 149 -9.15 -19.83 7.36
N THR A 150 -8.80 -20.46 6.28
CA THR A 150 -8.00 -19.74 5.24
C THR A 150 -8.28 -20.25 3.84
N LEU A 151 -7.77 -19.55 2.87
CA LEU A 151 -7.96 -19.93 1.46
C LEU A 151 -6.65 -19.66 0.68
N PRO A 152 -5.79 -20.65 0.61
CA PRO A 152 -4.51 -20.53 -0.09
C PRO A 152 -4.66 -20.40 -1.60
N VAL A 153 -4.42 -19.21 -2.11
CA VAL A 153 -4.53 -19.01 -3.59
C VAL A 153 -3.23 -19.43 -4.25
N ASN A 154 -3.14 -20.68 -4.60
CA ASN A 154 -1.90 -21.18 -5.25
C ASN A 154 -1.82 -20.86 -6.75
N SER A 155 -2.70 -20.02 -7.25
CA SER A 155 -2.61 -19.72 -8.70
C SER A 155 -3.50 -18.56 -9.13
N ASP A 156 -3.58 -18.37 -10.44
CA ASP A 156 -4.41 -17.27 -10.99
C ASP A 156 -5.87 -17.38 -10.55
N ALA A 157 -6.50 -16.25 -10.41
CA ALA A 157 -7.92 -16.25 -9.99
C ALA A 157 -8.52 -14.87 -10.21
N PRO A 158 -8.79 -14.56 -11.46
CA PRO A 158 -9.36 -13.28 -11.83
C PRO A 158 -10.77 -13.09 -11.25
N THR A 159 -11.06 -13.83 -10.21
CA THR A 159 -12.40 -13.71 -9.59
C THR A 159 -12.45 -14.45 -8.26
N LEU A 160 -12.57 -13.70 -7.19
CA LEU A 160 -12.62 -14.34 -5.85
C LEU A 160 -13.54 -13.57 -4.90
N GLY A 161 -14.37 -12.74 -5.46
CA GLY A 161 -15.29 -11.95 -4.59
C GLY A 161 -16.51 -12.78 -4.21
N ALA A 162 -16.27 -13.99 -3.78
CA ALA A 162 -17.41 -14.85 -3.39
C ALA A 162 -16.95 -16.03 -2.53
N MET A 163 -15.93 -15.80 -1.74
CA MET A 163 -15.42 -16.89 -0.88
C MET A 163 -14.67 -16.31 0.31
N ASN A 164 -13.75 -15.43 0.04
CA ASN A 164 -12.97 -14.82 1.14
C ASN A 164 -13.88 -13.97 2.02
N ASN A 165 -14.34 -14.54 3.09
CA ASN A 165 -15.23 -13.77 4.00
C ASN A 165 -14.43 -12.92 4.97
N ASN A 166 -14.58 -11.64 4.85
CA ASN A 166 -13.83 -10.71 5.75
C ASN A 166 -12.35 -11.07 5.80
N THR A 167 -11.59 -10.50 4.92
CA THR A 167 -10.13 -10.79 4.91
C THR A 167 -9.45 -10.04 6.04
N SER A 168 -9.22 -10.73 7.13
CA SER A 168 -8.56 -10.08 8.29
C SER A 168 -7.04 -10.05 8.13
N SER A 169 -6.49 -11.13 7.63
CA SER A 169 -5.00 -11.16 7.46
C SER A 169 -4.61 -11.90 6.21
N ILE A 170 -3.41 -11.64 5.75
CA ILE A 170 -2.94 -12.33 4.52
C ILE A 170 -1.48 -12.71 4.63
N ARG A 171 -1.09 -13.59 3.77
CA ARG A 171 0.31 -14.03 3.79
C ARG A 171 0.78 -14.31 2.37
N ILE A 172 1.53 -13.40 1.84
CA ILE A 172 2.03 -13.60 0.47
C ILE A 172 3.25 -14.49 0.50
N SER A 173 3.05 -15.75 0.18
CA SER A 173 4.20 -16.70 0.19
C SER A 173 4.74 -16.91 -1.22
N MET A 1 16.86 3.21 -7.41
CA MET A 1 16.36 4.36 -8.20
C MET A 1 14.87 4.19 -8.47
N ALA A 2 14.11 5.20 -8.17
CA ALA A 2 12.65 5.11 -8.40
C ALA A 2 11.98 6.48 -8.24
N ASN A 3 10.72 6.48 -7.92
CA ASN A 3 10.00 7.76 -7.75
C ASN A 3 8.59 7.55 -7.20
N ILE A 4 8.41 7.85 -5.94
CA ILE A 4 7.06 7.67 -5.34
C ILE A 4 6.09 8.72 -5.87
N THR A 5 4.81 8.42 -5.81
CA THR A 5 3.80 9.38 -6.30
C THR A 5 2.59 9.39 -5.36
N VAL A 6 2.24 10.57 -4.91
CA VAL A 6 1.08 10.68 -3.98
C VAL A 6 -0.14 11.29 -4.65
N PHE A 7 -1.20 11.39 -3.89
CA PHE A 7 -2.47 11.97 -4.41
C PHE A 7 -3.00 12.99 -3.41
N TYR A 8 -3.60 14.05 -3.92
CA TYR A 8 -4.14 15.10 -3.00
C TYR A 8 -5.44 14.70 -2.31
N ASN A 9 -6.38 14.19 -3.05
CA ASN A 9 -7.67 13.79 -2.40
C ASN A 9 -7.61 12.36 -1.91
N GLU A 10 -8.52 12.04 -1.04
CA GLU A 10 -8.56 10.66 -0.51
C GLU A 10 -9.06 9.69 -1.57
N ASP A 11 -8.74 8.44 -1.39
CA ASP A 11 -9.18 7.41 -2.37
C ASP A 11 -8.37 7.47 -3.66
N PHE A 12 -7.07 7.58 -3.52
CA PHE A 12 -6.20 7.64 -4.73
C PHE A 12 -6.64 8.72 -5.72
N GLN A 13 -7.56 9.56 -5.29
CA GLN A 13 -8.05 10.63 -6.19
C GLN A 13 -7.37 11.97 -5.89
N GLY A 14 -7.59 12.94 -6.74
CA GLY A 14 -6.96 14.30 -6.53
C GLY A 14 -5.57 14.36 -7.14
N LYS A 15 -5.30 15.46 -7.82
CA LYS A 15 -3.97 15.65 -8.48
C LYS A 15 -2.85 14.97 -7.70
N GLN A 16 -1.92 14.39 -8.42
CA GLN A 16 -0.79 13.68 -7.76
C GLN A 16 0.52 14.43 -7.94
N VAL A 17 1.53 13.95 -7.26
CA VAL A 17 2.86 14.60 -7.36
C VAL A 17 3.97 13.57 -7.22
N ASP A 18 4.94 13.64 -8.09
CA ASP A 18 6.05 12.66 -8.03
C ASP A 18 7.19 13.17 -7.13
N LEU A 19 7.76 12.27 -6.36
CA LEU A 19 8.86 12.66 -5.44
C LEU A 19 10.01 11.62 -5.50
N PRO A 20 11.26 12.09 -5.64
CA PRO A 20 12.40 11.16 -5.68
C PRO A 20 12.64 10.49 -4.32
N PRO A 21 13.27 9.33 -4.35
CA PRO A 21 13.56 8.60 -3.12
C PRO A 21 14.47 9.40 -2.20
N GLY A 22 15.03 8.75 -1.21
CA GLY A 22 15.94 9.49 -0.28
C GLY A 22 15.16 10.03 0.92
N ASN A 23 15.74 10.99 1.58
CA ASN A 23 15.07 11.59 2.77
C ASN A 23 15.01 13.11 2.65
N TYR A 24 13.83 13.65 2.81
CA TYR A 24 13.68 15.12 2.72
C TYR A 24 12.63 15.63 3.69
N THR A 25 12.29 16.89 3.58
CA THR A 25 11.28 17.48 4.49
C THR A 25 10.40 18.48 3.76
N ARG A 26 9.61 19.17 4.51
CA ARG A 26 8.71 20.17 3.88
C ARG A 26 9.50 21.20 3.11
N ALA A 27 10.75 21.36 3.46
CA ALA A 27 11.58 22.35 2.74
C ALA A 27 11.67 21.99 1.27
N GLN A 28 12.16 20.82 1.00
CA GLN A 28 12.28 20.39 -0.40
C GLN A 28 10.93 20.49 -1.07
N LEU A 29 9.92 20.03 -0.39
CA LEU A 29 8.57 20.10 -0.97
C LEU A 29 8.24 21.54 -1.31
N ALA A 30 8.59 22.43 -0.41
CA ALA A 30 8.31 23.84 -0.67
C ALA A 30 8.84 24.21 -2.03
N ALA A 31 9.89 23.53 -2.42
CA ALA A 31 10.49 23.82 -3.74
C ALA A 31 9.60 23.24 -4.84
N LEU A 32 8.99 22.12 -4.56
CA LEU A 32 8.10 21.49 -5.58
C LEU A 32 6.75 22.20 -5.62
N GLY A 33 5.96 21.96 -4.61
CA GLY A 33 4.62 22.60 -4.55
C GLY A 33 3.79 21.98 -3.43
N ILE A 34 3.89 20.69 -3.30
CA ILE A 34 3.13 20.00 -2.25
C ILE A 34 3.68 20.37 -0.87
N GLU A 35 3.06 19.85 0.15
CA GLU A 35 3.54 20.17 1.52
C GLU A 35 2.67 19.50 2.58
N ASN A 36 3.16 19.50 3.79
CA ASN A 36 2.41 18.88 4.91
C ASN A 36 0.89 19.09 4.79
N ASN A 37 0.16 18.17 5.37
CA ASN A 37 -1.33 18.23 5.33
C ASN A 37 -1.87 17.78 3.98
N THR A 38 -1.20 16.84 3.36
CA THR A 38 -1.66 16.34 2.05
C THR A 38 -1.33 14.86 1.87
N ILE A 39 -0.58 14.57 0.84
CA ILE A 39 -0.18 13.15 0.57
C ILE A 39 -1.27 12.18 1.00
N SER A 40 -2.40 12.30 0.39
CA SER A 40 -3.53 11.40 0.74
C SER A 40 -3.19 9.96 0.40
N SER A 41 -2.98 9.70 -0.87
CA SER A 41 -2.63 8.30 -1.29
C SER A 41 -1.17 8.20 -1.66
N VAL A 42 -0.70 7.00 -1.88
CA VAL A 42 0.73 6.84 -2.24
C VAL A 42 0.94 5.68 -3.22
N LYS A 43 1.83 5.90 -4.16
CA LYS A 43 2.13 4.87 -5.18
C LYS A 43 3.64 4.67 -5.25
N VAL A 44 4.10 3.60 -4.65
CA VAL A 44 5.57 3.32 -4.65
C VAL A 44 5.90 1.91 -5.16
N PRO A 45 6.48 1.81 -6.35
CA PRO A 45 6.83 0.51 -6.92
C PRO A 45 7.95 -0.15 -6.09
N PRO A 46 8.21 -1.41 -6.38
CA PRO A 46 9.26 -2.16 -5.69
C PRO A 46 10.63 -1.55 -5.93
N GLY A 47 11.65 -2.25 -5.52
CA GLY A 47 13.02 -1.72 -5.73
C GLY A 47 13.32 -0.61 -4.72
N VAL A 48 12.30 -0.15 -4.05
CA VAL A 48 12.53 0.94 -3.05
C VAL A 48 11.53 0.87 -1.90
N LYS A 49 12.04 1.02 -0.70
CA LYS A 49 11.16 0.96 0.51
C LYS A 49 10.95 2.38 1.03
N ALA A 50 9.72 2.74 1.29
CA ALA A 50 9.43 4.11 1.81
C ALA A 50 8.98 4.12 3.27
N ILE A 51 9.21 5.23 3.90
CA ILE A 51 8.83 5.39 5.32
C ILE A 51 8.44 6.83 5.54
N LEU A 52 7.18 7.06 5.80
CA LEU A 52 6.73 8.47 6.01
C LEU A 52 6.82 8.88 7.47
N TYR A 53 7.01 10.17 7.67
CA TYR A 53 7.11 10.71 9.06
C TYR A 53 6.17 11.90 9.23
N GLN A 54 5.15 11.70 10.02
CA GLN A 54 4.16 12.78 10.26
C GLN A 54 4.86 14.09 10.63
N ASN A 55 5.67 14.06 11.64
CA ASN A 55 6.38 15.31 12.03
C ASN A 55 7.66 15.50 11.23
N ASP A 56 7.99 16.74 10.98
CA ASP A 56 9.22 17.01 10.20
C ASP A 56 10.43 16.37 10.85
N GLY A 57 11.56 16.52 10.23
CA GLY A 57 12.80 15.92 10.80
C GLY A 57 12.63 14.41 10.95
N PHE A 58 11.79 13.84 10.12
CA PHE A 58 11.56 12.38 10.21
C PHE A 58 11.11 11.98 11.61
N ALA A 59 9.93 12.41 11.97
CA ALA A 59 9.41 12.06 13.32
C ALA A 59 7.89 11.97 13.32
N GLY A 60 7.32 11.85 14.49
CA GLY A 60 5.83 11.76 14.57
C GLY A 60 5.35 10.40 14.07
N ASP A 61 4.06 10.22 14.05
CA ASP A 61 3.52 8.91 13.58
C ASP A 61 4.23 8.47 12.31
N GLN A 62 5.06 7.48 12.44
CA GLN A 62 5.79 6.99 11.24
C GLN A 62 5.03 5.88 10.53
N ILE A 63 5.25 5.80 9.24
CA ILE A 63 4.57 4.75 8.44
C ILE A 63 5.58 4.04 7.58
N GLU A 64 5.17 2.98 6.96
CA GLU A 64 6.10 2.22 6.10
C GLU A 64 5.36 1.62 4.92
N VAL A 65 5.90 1.78 3.75
CA VAL A 65 5.24 1.21 2.57
C VAL A 65 6.24 0.85 1.48
N VAL A 66 5.91 -0.17 0.75
CA VAL A 66 6.79 -0.63 -0.35
C VAL A 66 5.96 -0.80 -1.61
N ALA A 67 4.70 -0.50 -1.46
CA ALA A 67 3.77 -0.62 -2.60
C ALA A 67 2.89 0.61 -2.67
N ASN A 68 1.70 0.44 -3.18
CA ASN A 68 0.77 1.59 -3.29
C ASN A 68 -0.20 1.59 -2.11
N ALA A 69 -0.16 2.63 -1.33
CA ALA A 69 -1.07 2.71 -0.16
C ALA A 69 -2.39 3.35 -0.53
N GLU A 70 -3.40 2.54 -0.73
CA GLU A 70 -4.72 3.10 -1.09
C GLU A 70 -5.13 4.13 -0.06
N GLU A 71 -4.78 3.85 1.17
CA GLU A 71 -5.13 4.78 2.27
C GLU A 71 -3.96 4.87 3.25
N LEU A 72 -3.15 5.88 3.07
CA LEU A 72 -1.97 6.06 3.98
C LEU A 72 -2.30 5.69 5.43
N GLY A 73 -2.85 6.62 6.17
CA GLY A 73 -3.19 6.30 7.59
C GLY A 73 -3.79 7.53 8.28
N PRO A 74 -3.91 7.44 9.59
CA PRO A 74 -4.47 8.51 10.41
C PRO A 74 -3.57 9.75 10.40
N LEU A 75 -2.41 9.63 9.82
CA LEU A 75 -1.48 10.79 9.78
C LEU A 75 -1.69 11.61 8.52
N ASN A 76 -2.78 11.37 7.84
CA ASN A 76 -3.05 12.14 6.60
C ASN A 76 -3.44 13.58 6.94
N ASN A 77 -3.59 13.85 8.20
CA ASN A 77 -3.97 15.22 8.60
C ASN A 77 -2.74 16.10 8.80
N ASN A 78 -1.58 15.50 8.74
CA ASN A 78 -0.34 16.32 8.92
C ASN A 78 0.90 15.56 8.49
N VAL A 79 1.43 15.94 7.35
CA VAL A 79 2.65 15.27 6.82
C VAL A 79 3.81 16.26 6.81
N SER A 80 4.90 15.91 6.15
CA SER A 80 6.07 16.85 6.11
C SER A 80 7.38 16.14 5.77
N SER A 81 7.77 15.17 6.58
CA SER A 81 9.05 14.44 6.30
C SER A 81 8.84 13.02 5.82
N ILE A 82 9.72 12.60 4.94
CA ILE A 82 9.61 11.21 4.39
C ILE A 82 11.01 10.61 4.26
N ARG A 83 11.08 9.29 4.30
CA ARG A 83 12.38 8.62 4.16
C ARG A 83 12.27 7.38 3.27
N VAL A 84 13.12 7.28 2.28
CA VAL A 84 13.07 6.11 1.36
C VAL A 84 14.48 5.59 1.04
N ILE A 85 14.64 4.28 1.13
CA ILE A 85 15.97 3.68 0.84
C ILE A 85 15.83 2.52 -0.15
N SER A 86 16.62 2.57 -1.18
CA SER A 86 16.56 1.49 -2.21
C SER A 86 16.43 0.11 -1.55
N VAL A 87 15.85 -0.82 -2.27
CA VAL A 87 15.68 -2.18 -1.71
C VAL A 87 15.77 -3.22 -2.86
N PRO A 88 16.26 -4.40 -2.55
CA PRO A 88 16.38 -5.45 -3.55
C PRO A 88 15.03 -5.74 -4.21
N VAL A 89 15.01 -5.72 -5.51
CA VAL A 89 13.73 -5.98 -6.23
C VAL A 89 13.18 -7.36 -5.90
N GLN A 90 11.89 -7.41 -5.67
CA GLN A 90 11.24 -8.70 -5.33
C GLN A 90 9.90 -8.80 -6.04
N PRO A 91 9.46 -10.02 -6.31
CA PRO A 91 8.19 -10.22 -6.99
C PRO A 91 7.04 -9.64 -6.18
N ARG A 92 5.86 -10.13 -6.40
CA ARG A 92 4.69 -9.61 -5.64
C ARG A 92 3.42 -10.26 -6.14
N ALA A 93 2.32 -9.64 -5.82
CA ALA A 93 1.03 -10.20 -6.27
C ALA A 93 0.05 -9.06 -6.55
N ARG A 94 -0.97 -9.35 -7.34
CA ARG A 94 -1.97 -8.30 -7.67
C ARG A 94 -3.33 -8.60 -7.05
N PHE A 95 -4.02 -7.56 -6.70
CA PHE A 95 -5.37 -7.70 -6.09
C PHE A 95 -6.32 -6.79 -6.83
N PHE A 96 -7.09 -7.35 -7.71
CA PHE A 96 -8.05 -6.53 -8.49
C PHE A 96 -9.28 -6.11 -7.67
N TYR A 97 -10.12 -5.32 -8.30
CA TYR A 97 -11.35 -4.84 -7.62
C TYR A 97 -12.62 -5.47 -8.21
N LYS A 98 -13.68 -5.44 -7.44
CA LYS A 98 -14.97 -6.03 -7.90
C LYS A 98 -14.88 -7.52 -8.24
N GLU A 99 -15.99 -8.18 -8.14
CA GLU A 99 -16.01 -9.63 -8.44
C GLU A 99 -15.87 -9.85 -9.94
N GLN A 100 -14.69 -10.30 -10.33
CA GLN A 100 -14.34 -10.58 -11.77
C GLN A 100 -13.48 -9.47 -12.31
N PHE A 101 -12.50 -9.11 -11.51
CA PHE A 101 -11.56 -8.03 -11.89
C PHE A 101 -12.21 -6.96 -12.76
N ASP A 102 -13.25 -6.35 -12.23
CA ASP A 102 -13.94 -5.29 -13.01
C ASP A 102 -13.39 -3.92 -12.64
N GLY A 103 -12.21 -3.92 -12.06
CA GLY A 103 -11.57 -2.63 -11.64
C GLY A 103 -10.05 -2.81 -11.48
N LYS A 104 -9.32 -1.72 -11.55
CA LYS A 104 -7.84 -1.79 -11.40
C LYS A 104 -7.44 -2.63 -10.18
N GLU A 105 -6.15 -2.90 -10.07
CA GLU A 105 -5.65 -3.71 -8.92
C GLU A 105 -4.48 -3.03 -8.21
N VAL A 106 -4.12 -3.57 -7.06
CA VAL A 106 -2.98 -3.01 -6.28
C VAL A 106 -1.90 -4.08 -6.11
N ASP A 107 -0.67 -3.65 -5.97
CA ASP A 107 0.44 -4.65 -5.80
C ASP A 107 0.82 -4.81 -4.33
N LEU A 108 1.34 -5.97 -4.01
CA LEU A 108 1.74 -6.25 -2.62
C LEU A 108 2.98 -7.19 -2.60
N PRO A 109 4.13 -6.67 -2.15
CA PRO A 109 5.36 -7.47 -2.10
C PRO A 109 5.26 -8.62 -1.09
N PRO A 110 6.18 -9.55 -1.21
CA PRO A 110 6.22 -10.73 -0.34
C PRO A 110 6.28 -10.34 1.13
N GLY A 111 5.67 -11.14 1.96
CA GLY A 111 5.67 -10.83 3.43
C GLY A 111 4.31 -11.16 4.06
N GLN A 112 4.02 -10.51 5.16
CA GLN A 112 2.72 -10.77 5.85
C GLN A 112 2.08 -9.45 6.28
N TYR A 113 0.79 -9.49 6.46
CA TYR A 113 0.07 -8.26 6.88
C TYR A 113 -1.03 -8.60 7.89
N THR A 114 -1.41 -7.62 8.69
CA THR A 114 -2.48 -7.87 9.72
C THR A 114 -3.80 -7.17 9.38
N GLN A 115 -4.77 -7.33 10.26
CA GLN A 115 -6.10 -6.71 10.04
C GLN A 115 -6.06 -5.21 10.34
N ALA A 116 -5.04 -4.57 9.88
CA ALA A 116 -4.91 -3.12 10.13
C ALA A 116 -4.07 -2.48 9.04
N GLU A 117 -2.86 -2.94 8.92
CA GLU A 117 -1.98 -2.39 7.90
C GLU A 117 -2.43 -2.84 6.53
N LEU A 118 -2.63 -4.13 6.41
CA LEU A 118 -3.08 -4.69 5.11
C LEU A 118 -4.07 -3.78 4.43
N GLU A 119 -5.25 -3.75 4.96
CA GLU A 119 -6.29 -2.88 4.38
C GLU A 119 -5.79 -1.45 4.15
N ARG A 120 -5.30 -0.83 5.20
CA ARG A 120 -4.80 0.56 5.03
C ARG A 120 -3.43 0.61 4.36
N TYR A 121 -3.06 -0.49 3.73
CA TYR A 121 -1.73 -0.54 3.04
C TYR A 121 -1.89 -0.88 1.56
N GLY A 122 -3.05 -1.33 1.18
CA GLY A 122 -3.25 -1.69 -0.26
C GLY A 122 -4.67 -1.37 -0.70
N ILE A 123 -5.62 -1.69 0.13
CA ILE A 123 -7.02 -1.42 -0.23
C ILE A 123 -7.82 -0.97 0.98
N ASP A 124 -8.51 -1.89 1.59
CA ASP A 124 -9.30 -1.54 2.78
C ASP A 124 -9.78 -2.79 3.51
N ASN A 125 -10.65 -2.62 4.46
CA ASN A 125 -11.16 -3.80 5.22
C ASN A 125 -11.90 -4.75 4.29
N ASN A 126 -13.19 -4.75 4.38
CA ASN A 126 -13.97 -5.66 3.50
C ASN A 126 -13.86 -5.23 2.06
N THR A 127 -13.13 -5.99 1.28
CA THR A 127 -12.96 -5.64 -0.14
C THR A 127 -12.22 -6.76 -0.89
N ILE A 128 -11.76 -6.46 -2.07
CA ILE A 128 -11.03 -7.50 -2.86
C ILE A 128 -11.96 -8.63 -3.27
N SER A 129 -11.80 -9.11 -4.46
CA SER A 129 -12.67 -10.21 -4.94
C SER A 129 -11.95 -11.02 -6.02
N SER A 130 -10.80 -10.55 -6.42
CA SER A 130 -10.02 -11.26 -7.46
C SER A 130 -8.53 -11.02 -7.26
N VAL A 131 -7.77 -12.10 -7.22
CA VAL A 131 -6.30 -11.97 -7.03
C VAL A 131 -5.53 -12.57 -8.20
N LYS A 132 -4.38 -11.98 -8.47
CA LYS A 132 -3.55 -12.48 -9.60
C LYS A 132 -2.07 -12.42 -9.22
N PRO A 133 -1.62 -13.39 -8.44
CA PRO A 133 -0.24 -13.44 -8.01
C PRO A 133 0.70 -13.57 -9.21
N GLN A 134 1.23 -12.45 -9.63
CA GLN A 134 2.15 -12.46 -10.77
C GLN A 134 3.60 -12.62 -10.34
N GLY A 135 3.80 -13.36 -9.28
CA GLY A 135 5.21 -13.56 -8.80
C GLY A 135 5.28 -14.62 -7.70
N LEU A 136 4.56 -14.39 -6.62
CA LEU A 136 4.58 -15.37 -5.50
C LEU A 136 3.18 -15.91 -5.22
N ALA A 137 3.08 -16.80 -4.28
CA ALA A 137 1.75 -17.36 -3.95
C ALA A 137 1.10 -16.53 -2.86
N VAL A 138 -0.18 -16.29 -3.00
CA VAL A 138 -0.89 -15.48 -1.98
C VAL A 138 -1.79 -16.33 -1.09
N VAL A 139 -1.82 -15.99 0.17
CA VAL A 139 -2.67 -16.76 1.13
C VAL A 139 -3.59 -15.78 1.87
N LEU A 140 -4.87 -16.12 1.92
CA LEU A 140 -5.85 -15.22 2.62
C LEU A 140 -6.29 -15.77 3.99
N PHE A 141 -6.35 -14.88 4.95
CA PHE A 141 -6.78 -15.28 6.33
C PHE A 141 -8.00 -14.46 6.73
N LYS A 142 -9.04 -15.13 7.16
CA LYS A 142 -10.26 -14.39 7.57
C LYS A 142 -10.15 -13.79 8.97
N ASN A 143 -9.40 -14.44 9.83
CA ASN A 143 -9.25 -13.90 11.20
C ASN A 143 -8.19 -12.81 11.27
N ASP A 144 -8.04 -12.26 12.44
CA ASP A 144 -7.04 -11.19 12.63
C ASP A 144 -5.62 -11.69 12.36
N ASN A 145 -4.88 -11.87 13.41
CA ASN A 145 -3.48 -12.35 13.25
C ASN A 145 -3.40 -13.70 12.54
N PHE A 146 -3.59 -13.68 11.23
CA PHE A 146 -3.54 -14.94 10.43
C PHE A 146 -4.04 -16.14 11.22
N SER A 147 -5.32 -16.18 11.46
CA SER A 147 -5.90 -17.33 12.22
C SER A 147 -7.19 -17.84 11.59
N GLY A 148 -7.95 -18.57 12.36
CA GLY A 148 -9.24 -19.11 11.82
C GLY A 148 -9.03 -19.82 10.49
N ASP A 149 -10.03 -19.77 9.65
CA ASP A 149 -9.92 -20.44 8.32
C ASP A 149 -9.09 -19.59 7.35
N THR A 150 -8.63 -20.22 6.30
CA THR A 150 -7.82 -19.47 5.32
C THR A 150 -7.98 -20.07 3.92
N LEU A 151 -7.55 -19.33 2.92
CA LEU A 151 -7.66 -19.81 1.53
C LEU A 151 -6.33 -19.59 0.78
N PRO A 152 -5.47 -20.59 0.83
CA PRO A 152 -4.16 -20.51 0.17
C PRO A 152 -4.27 -20.40 -1.36
N VAL A 153 -4.03 -19.22 -1.86
CA VAL A 153 -4.12 -19.02 -3.34
C VAL A 153 -2.79 -19.40 -3.99
N ASN A 154 -2.63 -20.68 -4.23
CA ASN A 154 -1.37 -21.14 -4.87
C ASN A 154 -1.32 -20.86 -6.36
N SER A 155 -2.21 -20.03 -6.84
CA SER A 155 -2.17 -19.73 -8.30
C SER A 155 -3.12 -18.59 -8.68
N ASP A 156 -3.33 -18.44 -9.97
CA ASP A 156 -4.23 -17.37 -10.46
C ASP A 156 -5.63 -17.50 -9.88
N ALA A 157 -6.30 -16.39 -9.76
CA ALA A 157 -7.68 -16.41 -9.21
C ALA A 157 -8.35 -15.07 -9.41
N PRO A 158 -8.58 -14.73 -10.67
CA PRO A 158 -9.22 -13.47 -11.04
C PRO A 158 -10.68 -13.41 -10.56
N THR A 159 -10.99 -14.18 -9.56
CA THR A 159 -12.38 -14.17 -9.05
C THR A 159 -12.47 -14.87 -7.70
N LEU A 160 -13.23 -14.30 -6.81
CA LEU A 160 -13.37 -14.91 -5.46
C LEU A 160 -14.65 -14.39 -4.78
N GLY A 161 -14.56 -13.18 -4.27
CA GLY A 161 -15.75 -12.59 -3.58
C GLY A 161 -16.45 -13.61 -2.66
N ALA A 162 -17.43 -14.28 -3.21
CA ALA A 162 -18.19 -15.29 -2.41
C ALA A 162 -17.28 -16.07 -1.47
N MET A 163 -16.02 -16.17 -1.81
CA MET A 163 -15.10 -16.92 -0.91
C MET A 163 -14.76 -16.10 0.31
N ASN A 164 -14.20 -14.94 0.09
CA ASN A 164 -13.82 -14.08 1.23
C ASN A 164 -14.96 -13.13 1.59
N ASN A 165 -14.79 -12.42 2.67
CA ASN A 165 -15.85 -11.47 3.10
C ASN A 165 -15.24 -10.37 3.96
N ASN A 166 -14.02 -10.58 4.36
CA ASN A 166 -13.34 -9.56 5.21
C ASN A 166 -11.87 -9.88 5.35
N THR A 167 -11.19 -9.96 4.24
CA THR A 167 -9.73 -10.27 4.27
C THR A 167 -9.07 -9.50 5.39
N SER A 168 -8.77 -10.18 6.45
CA SER A 168 -8.11 -9.50 7.59
C SER A 168 -6.61 -9.50 7.43
N SER A 169 -6.02 -10.67 7.39
CA SER A 169 -4.54 -10.77 7.23
C SER A 169 -4.17 -11.60 6.02
N ILE A 170 -2.97 -11.40 5.54
CA ILE A 170 -2.51 -12.17 4.36
C ILE A 170 -1.07 -12.57 4.48
N ARG A 171 -0.69 -13.52 3.69
CA ARG A 171 0.70 -13.99 3.72
C ARG A 171 1.16 -14.33 2.32
N ILE A 172 1.93 -13.44 1.75
CA ILE A 172 2.43 -13.69 0.37
C ILE A 172 3.67 -14.55 0.43
N SER A 173 3.48 -15.84 0.32
CA SER A 173 4.64 -16.78 0.37
C SER A 173 5.03 -17.23 -1.04
N MET A 1 16.09 3.31 -11.67
CA MET A 1 15.50 4.63 -11.31
C MET A 1 14.34 4.42 -10.36
N ALA A 2 14.18 5.33 -9.44
CA ALA A 2 13.05 5.19 -8.48
C ALA A 2 12.57 6.56 -8.01
N ASN A 3 11.35 6.60 -7.56
CA ASN A 3 10.79 7.90 -7.07
C ASN A 3 9.37 7.71 -6.58
N ILE A 4 9.17 7.93 -5.30
CA ILE A 4 7.80 7.77 -4.74
C ILE A 4 6.84 8.74 -5.39
N THR A 5 5.74 8.22 -5.86
CA THR A 5 4.73 9.09 -6.51
C THR A 5 3.53 9.22 -5.59
N VAL A 6 3.20 10.45 -5.25
CA VAL A 6 2.03 10.65 -4.34
C VAL A 6 0.90 11.34 -5.04
N PHE A 7 -0.31 11.04 -4.60
CA PHE A 7 -1.50 11.66 -5.21
C PHE A 7 -2.06 12.76 -4.32
N TYR A 8 -2.78 13.68 -4.93
CA TYR A 8 -3.36 14.80 -4.13
C TYR A 8 -4.68 14.43 -3.46
N ASN A 9 -5.50 13.64 -4.12
CA ASN A 9 -6.81 13.26 -3.51
C ASN A 9 -6.77 11.83 -3.00
N GLU A 10 -7.81 11.46 -2.30
CA GLU A 10 -7.85 10.09 -1.76
C GLU A 10 -8.23 9.10 -2.85
N ASP A 11 -8.38 7.87 -2.48
CA ASP A 11 -8.74 6.82 -3.48
C ASP A 11 -7.78 6.87 -4.68
N PHE A 12 -6.51 7.02 -4.40
CA PHE A 12 -5.53 7.07 -5.50
C PHE A 12 -5.89 8.13 -6.55
N GLN A 13 -6.90 8.91 -6.25
CA GLN A 13 -7.31 9.96 -7.20
C GLN A 13 -6.52 11.24 -6.97
N GLY A 14 -6.66 12.19 -7.86
CA GLY A 14 -5.91 13.48 -7.69
C GLY A 14 -4.53 13.39 -8.36
N LYS A 15 -4.29 14.28 -9.32
CA LYS A 15 -2.98 14.29 -10.04
C LYS A 15 -1.85 13.78 -9.18
N GLN A 16 -1.00 12.96 -9.77
CA GLN A 16 0.14 12.40 -9.00
C GLN A 16 1.48 13.05 -9.35
N VAL A 17 2.21 13.39 -8.32
CA VAL A 17 3.53 14.03 -8.50
C VAL A 17 4.63 13.05 -8.14
N ASP A 18 5.79 13.21 -8.72
CA ASP A 18 6.91 12.29 -8.41
C ASP A 18 7.89 12.91 -7.42
N LEU A 19 8.37 12.09 -6.49
CA LEU A 19 9.33 12.60 -5.47
C LEU A 19 10.55 11.64 -5.35
N PRO A 20 11.76 12.18 -5.48
CA PRO A 20 12.97 11.35 -5.38
C PRO A 20 13.15 10.78 -3.96
N PRO A 21 13.79 9.62 -3.87
CA PRO A 21 14.03 8.97 -2.57
C PRO A 21 14.96 9.81 -1.68
N GLY A 22 15.49 9.20 -0.65
CA GLY A 22 16.41 9.95 0.25
C GLY A 22 15.62 10.65 1.37
N ASN A 23 16.34 11.34 2.22
CA ASN A 23 15.67 12.05 3.33
C ASN A 23 15.30 13.47 2.93
N TYR A 24 14.03 13.78 3.02
CA TYR A 24 13.59 15.15 2.64
C TYR A 24 12.46 15.61 3.55
N THR A 25 12.32 16.91 3.69
CA THR A 25 11.25 17.44 4.55
C THR A 25 10.67 18.72 3.98
N ARG A 26 10.20 19.58 4.84
CA ARG A 26 9.62 20.85 4.36
C ARG A 26 10.62 21.62 3.51
N ALA A 27 11.87 21.56 3.90
CA ALA A 27 12.90 22.29 3.11
C ALA A 27 12.82 21.88 1.64
N GLN A 28 12.99 20.61 1.38
CA GLN A 28 12.92 20.16 -0.03
C GLN A 28 11.61 20.60 -0.63
N LEU A 29 10.55 20.38 0.08
CA LEU A 29 9.25 20.78 -0.46
C LEU A 29 9.24 22.28 -0.66
N ALA A 30 10.02 22.96 0.15
CA ALA A 30 10.07 24.42 0.01
C ALA A 30 10.41 24.72 -1.42
N ALA A 31 11.21 23.86 -1.98
CA ALA A 31 11.61 24.04 -3.38
C ALA A 31 10.44 23.67 -4.27
N LEU A 32 9.63 22.75 -3.79
CA LEU A 32 8.45 22.30 -4.58
C LEU A 32 7.26 23.23 -4.32
N GLY A 33 6.45 22.89 -3.35
CA GLY A 33 5.26 23.76 -3.04
C GLY A 33 4.04 22.92 -2.62
N ILE A 34 4.26 21.66 -2.32
CA ILE A 34 3.14 20.80 -1.90
C ILE A 34 3.00 20.74 -0.39
N GLU A 35 4.14 20.69 0.26
CA GLU A 35 4.23 20.62 1.76
C GLU A 35 2.92 20.91 2.53
N ASN A 36 2.63 20.03 3.46
CA ASN A 36 1.40 20.17 4.30
C ASN A 36 0.15 19.57 3.66
N ASN A 37 -0.58 18.85 4.48
CA ASN A 37 -1.84 18.19 4.02
C ASN A 37 -1.75 17.59 2.62
N THR A 38 -0.63 16.99 2.30
CA THR A 38 -0.48 16.38 0.94
C THR A 38 -0.55 14.86 1.02
N ILE A 39 0.27 14.22 0.22
CA ILE A 39 0.32 12.74 0.19
C ILE A 39 -1.02 12.11 0.49
N SER A 40 -2.05 12.66 -0.04
CA SER A 40 -3.38 12.09 0.20
C SER A 40 -3.34 10.59 -0.04
N SER A 41 -2.60 10.22 -1.05
CA SER A 41 -2.46 8.78 -1.40
C SER A 41 -1.00 8.52 -1.74
N VAL A 42 -0.63 7.29 -2.02
CA VAL A 42 0.81 7.05 -2.35
C VAL A 42 1.02 5.88 -3.29
N LYS A 43 2.03 6.02 -4.13
CA LYS A 43 2.37 4.96 -5.10
C LYS A 43 3.88 4.77 -5.11
N VAL A 44 4.32 3.73 -4.45
CA VAL A 44 5.79 3.46 -4.39
C VAL A 44 6.16 2.08 -4.94
N PRO A 45 6.71 2.02 -6.14
CA PRO A 45 7.10 0.76 -6.74
C PRO A 45 8.30 0.16 -5.99
N PRO A 46 8.63 -1.06 -6.32
CA PRO A 46 9.75 -1.74 -5.68
C PRO A 46 11.06 -1.01 -5.95
N GLY A 47 12.15 -1.59 -5.55
CA GLY A 47 13.46 -0.94 -5.78
C GLY A 47 13.75 0.10 -4.70
N VAL A 48 12.69 0.56 -4.05
CA VAL A 48 12.91 1.57 -2.98
C VAL A 48 11.87 1.46 -1.87
N LYS A 49 12.32 1.67 -0.66
CA LYS A 49 11.41 1.59 0.52
C LYS A 49 11.22 3.00 1.08
N ALA A 50 10.00 3.33 1.47
CA ALA A 50 9.77 4.70 2.03
C ALA A 50 9.11 4.68 3.40
N ILE A 51 9.34 5.75 4.12
CA ILE A 51 8.77 5.90 5.48
C ILE A 51 8.20 7.31 5.61
N LEU A 52 6.93 7.41 5.88
CA LEU A 52 6.32 8.79 6.00
C LEU A 52 6.27 9.29 7.45
N TYR A 53 6.24 10.60 7.59
CA TYR A 53 6.19 11.21 8.95
C TYR A 53 5.25 12.42 8.93
N GLN A 54 4.20 12.34 9.71
CA GLN A 54 3.22 13.48 9.75
C GLN A 54 3.89 14.79 10.16
N ASN A 55 4.75 14.73 11.13
CA ASN A 55 5.43 15.98 11.58
C ASN A 55 6.76 16.17 10.87
N ASP A 56 7.08 17.40 10.56
CA ASP A 56 8.35 17.67 9.87
C ASP A 56 9.52 17.07 10.65
N GLY A 57 10.68 17.08 10.06
CA GLY A 57 11.86 16.52 10.76
C GLY A 57 11.60 15.06 11.10
N PHE A 58 10.90 14.40 10.23
CA PHE A 58 10.59 12.97 10.46
C PHE A 58 10.16 12.75 11.92
N ALA A 59 8.95 13.18 12.22
CA ALA A 59 8.45 13.01 13.61
C ALA A 59 6.94 12.77 13.61
N GLY A 60 6.44 12.38 14.76
CA GLY A 60 4.97 12.12 14.86
C GLY A 60 4.63 10.74 14.32
N ASP A 61 3.35 10.49 14.10
CA ASP A 61 2.94 9.17 13.57
C ASP A 61 3.76 8.82 12.33
N GLN A 62 4.52 7.76 12.43
CA GLN A 62 5.35 7.34 11.28
C GLN A 62 4.70 6.20 10.49
N ILE A 63 5.01 6.15 9.21
CA ILE A 63 4.44 5.08 8.35
C ILE A 63 5.55 4.38 7.60
N GLU A 64 5.23 3.25 7.03
CA GLU A 64 6.25 2.50 6.28
C GLU A 64 5.60 1.86 5.06
N VAL A 65 6.20 2.04 3.91
CA VAL A 65 5.58 1.44 2.70
C VAL A 65 6.60 1.08 1.64
N VAL A 66 6.16 0.28 0.72
CA VAL A 66 7.03 -0.16 -0.39
C VAL A 66 6.14 -0.40 -1.60
N ALA A 67 4.86 -0.19 -1.39
CA ALA A 67 3.87 -0.38 -2.47
C ALA A 67 2.97 0.84 -2.55
N ASN A 68 1.78 0.65 -3.04
CA ASN A 68 0.83 1.78 -3.15
C ASN A 68 -0.14 1.83 -1.99
N ALA A 69 -0.03 2.85 -1.19
CA ALA A 69 -0.93 2.99 -0.03
C ALA A 69 -2.17 3.77 -0.44
N GLU A 70 -3.22 3.05 -0.71
CA GLU A 70 -4.48 3.71 -1.12
C GLU A 70 -4.96 4.76 -0.12
N GLU A 71 -5.47 4.32 0.99
CA GLU A 71 -5.95 5.29 2.00
C GLU A 71 -4.81 5.84 2.85
N LEU A 72 -3.63 5.40 2.57
CA LEU A 72 -2.47 5.90 3.35
C LEU A 72 -2.62 5.58 4.84
N GLY A 73 -3.41 6.36 5.53
CA GLY A 73 -3.61 6.11 6.99
C GLY A 73 -4.37 7.26 7.66
N PRO A 74 -4.56 7.12 8.94
CA PRO A 74 -5.28 8.12 9.74
C PRO A 74 -4.53 9.46 9.80
N LEU A 75 -3.24 9.39 9.93
CA LEU A 75 -2.45 10.65 10.00
C LEU A 75 -2.41 11.36 8.65
N ASN A 76 -3.42 11.13 7.86
CA ASN A 76 -3.45 11.78 6.52
C ASN A 76 -3.85 13.23 6.65
N ASN A 77 -3.96 13.70 7.86
CA ASN A 77 -4.35 15.11 8.08
C ASN A 77 -3.13 16.02 8.08
N ASN A 78 -1.96 15.42 8.11
CA ASN A 78 -0.73 16.25 8.12
C ASN A 78 0.46 15.46 7.61
N VAL A 79 1.18 16.06 6.69
CA VAL A 79 2.38 15.37 6.12
C VAL A 79 3.52 16.36 5.93
N SER A 80 4.72 15.84 5.73
CA SER A 80 5.87 16.77 5.53
C SER A 80 7.22 16.05 5.44
N SER A 81 7.54 15.26 6.45
CA SER A 81 8.85 14.54 6.42
C SER A 81 8.71 13.11 5.91
N ILE A 82 9.68 12.68 5.12
CA ILE A 82 9.61 11.29 4.58
C ILE A 82 11.01 10.73 4.34
N ARG A 83 11.26 9.56 4.88
CA ARG A 83 12.58 8.91 4.72
C ARG A 83 12.51 7.78 3.69
N VAL A 84 13.38 7.85 2.70
CA VAL A 84 13.38 6.78 1.65
C VAL A 84 14.79 6.30 1.37
N ILE A 85 14.95 5.00 1.32
CA ILE A 85 16.29 4.42 1.05
C ILE A 85 16.20 3.29 0.02
N SER A 86 17.15 3.24 -0.87
CA SER A 86 17.13 2.17 -1.89
C SER A 86 16.84 0.81 -1.28
N VAL A 87 16.22 -0.06 -2.04
CA VAL A 87 15.90 -1.41 -1.52
C VAL A 87 15.81 -2.42 -2.68
N PRO A 88 16.28 -3.64 -2.45
CA PRO A 88 16.23 -4.68 -3.49
C PRO A 88 14.83 -4.84 -4.08
N VAL A 89 14.78 -5.20 -5.35
CA VAL A 89 13.48 -5.38 -6.01
C VAL A 89 12.80 -6.69 -5.60
N GLN A 90 11.50 -6.64 -5.51
CA GLN A 90 10.74 -7.85 -5.13
C GLN A 90 9.38 -7.87 -5.86
N PRO A 91 8.99 -9.04 -6.37
CA PRO A 91 7.72 -9.16 -7.08
C PRO A 91 6.55 -8.80 -6.17
N ARG A 92 5.37 -9.29 -6.48
CA ARG A 92 4.20 -8.97 -5.62
C ARG A 92 2.96 -9.72 -6.08
N ALA A 93 1.85 -9.26 -5.59
CA ALA A 93 0.56 -9.89 -5.94
C ALA A 93 -0.43 -8.77 -6.25
N ARG A 94 -1.55 -9.10 -6.87
CA ARG A 94 -2.55 -8.03 -7.19
C ARG A 94 -3.96 -8.38 -6.72
N PHE A 95 -4.71 -7.34 -6.42
CA PHE A 95 -6.11 -7.51 -5.95
C PHE A 95 -6.96 -6.41 -6.54
N PHE A 96 -8.17 -6.73 -6.96
CA PHE A 96 -9.03 -5.65 -7.55
C PHE A 96 -9.96 -5.03 -6.54
N TYR A 97 -10.73 -4.06 -7.01
CA TYR A 97 -11.69 -3.38 -6.10
C TYR A 97 -13.12 -3.89 -6.27
N LYS A 98 -13.74 -3.49 -7.35
CA LYS A 98 -15.14 -3.93 -7.60
C LYS A 98 -15.25 -5.44 -7.78
N GLU A 99 -16.45 -5.94 -7.60
CA GLU A 99 -16.67 -7.38 -7.76
C GLU A 99 -16.58 -7.81 -9.21
N GLN A 100 -15.45 -8.42 -9.55
CA GLN A 100 -15.16 -8.93 -10.96
C GLN A 100 -14.03 -8.14 -11.61
N PHE A 101 -12.91 -8.12 -10.93
CA PHE A 101 -11.73 -7.38 -11.43
C PHE A 101 -12.10 -6.20 -12.32
N ASP A 102 -13.12 -5.47 -11.92
CA ASP A 102 -13.57 -4.29 -12.72
C ASP A 102 -13.37 -3.00 -11.94
N GLY A 103 -12.46 -3.05 -11.01
CA GLY A 103 -12.18 -1.84 -10.18
C GLY A 103 -10.67 -1.70 -9.96
N LYS A 104 -10.21 -0.47 -9.81
CA LYS A 104 -8.76 -0.22 -9.58
C LYS A 104 -8.10 -1.34 -8.79
N GLU A 105 -6.89 -1.67 -9.15
CA GLU A 105 -6.17 -2.77 -8.44
C GLU A 105 -5.09 -2.24 -7.50
N VAL A 106 -4.68 -3.10 -6.61
CA VAL A 106 -3.63 -2.75 -5.63
C VAL A 106 -2.61 -3.87 -5.60
N ASP A 107 -1.47 -3.64 -4.98
CA ASP A 107 -0.45 -4.73 -4.94
C ASP A 107 0.42 -4.67 -3.70
N LEU A 108 0.86 -5.85 -3.25
CA LEU A 108 1.72 -5.91 -2.04
C LEU A 108 2.89 -6.92 -2.25
N PRO A 109 4.08 -6.59 -1.72
CA PRO A 109 5.26 -7.48 -1.86
C PRO A 109 5.11 -8.76 -1.05
N PRO A 110 5.99 -9.71 -1.34
CA PRO A 110 6.01 -11.01 -0.67
C PRO A 110 6.20 -10.84 0.84
N GLY A 111 5.59 -11.70 1.59
CA GLY A 111 5.73 -11.61 3.07
C GLY A 111 4.42 -11.94 3.77
N GLN A 112 4.15 -11.24 4.84
CA GLN A 112 2.92 -11.49 5.59
C GLN A 112 2.40 -10.18 6.20
N TYR A 113 1.11 -10.12 6.43
CA TYR A 113 0.53 -8.88 7.02
C TYR A 113 -0.51 -9.21 8.07
N THR A 114 -0.68 -8.31 9.00
CA THR A 114 -1.67 -8.52 10.09
C THR A 114 -3.05 -8.01 9.72
N GLN A 115 -3.89 -7.93 10.72
CA GLN A 115 -5.28 -7.44 10.50
C GLN A 115 -5.41 -5.96 10.82
N ALA A 116 -4.55 -5.16 10.25
CA ALA A 116 -4.63 -3.70 10.51
C ALA A 116 -3.99 -2.89 9.39
N GLU A 117 -2.70 -2.99 9.26
CA GLU A 117 -2.02 -2.23 8.18
C GLU A 117 -2.39 -2.80 6.84
N LEU A 118 -2.43 -4.11 6.77
CA LEU A 118 -2.80 -4.79 5.51
C LEU A 118 -3.87 -4.01 4.78
N GLU A 119 -5.07 -4.12 5.27
CA GLU A 119 -6.19 -3.42 4.64
C GLU A 119 -5.86 -1.94 4.44
N ARG A 120 -5.44 -1.30 5.51
CA ARG A 120 -5.11 0.14 5.42
C ARG A 120 -3.77 0.37 4.71
N TYR A 121 -3.29 -0.64 4.01
CA TYR A 121 -1.99 -0.51 3.28
C TYR A 121 -2.16 -0.82 1.81
N GLY A 122 -3.27 -1.42 1.49
CA GLY A 122 -3.53 -1.77 0.07
C GLY A 122 -4.98 -1.47 -0.31
N ILE A 123 -5.90 -1.99 0.46
CA ILE A 123 -7.33 -1.75 0.17
C ILE A 123 -8.09 -1.47 1.47
N ASP A 124 -8.78 -2.47 1.93
CA ASP A 124 -9.56 -2.31 3.18
C ASP A 124 -9.97 -3.66 3.72
N ASN A 125 -10.61 -3.66 4.86
CA ASN A 125 -11.03 -4.95 5.45
C ASN A 125 -11.98 -5.69 4.52
N ASN A 126 -11.77 -6.97 4.39
CA ASN A 126 -12.64 -7.78 3.51
C ASN A 126 -12.90 -7.08 2.17
N THR A 127 -14.03 -7.37 1.59
CA THR A 127 -14.40 -6.75 0.28
C THR A 127 -13.27 -6.85 -0.76
N ILE A 128 -12.34 -7.76 -0.55
CA ILE A 128 -11.23 -7.88 -1.53
C ILE A 128 -11.80 -8.00 -2.95
N SER A 129 -12.15 -9.20 -3.34
CA SER A 129 -12.72 -9.43 -4.70
C SER A 129 -11.65 -9.51 -5.81
N SER A 130 -11.65 -10.65 -6.46
CA SER A 130 -10.69 -10.93 -7.57
C SER A 130 -9.22 -10.67 -7.23
N VAL A 131 -8.47 -11.73 -7.20
CA VAL A 131 -7.02 -11.62 -6.89
C VAL A 131 -6.19 -12.18 -8.04
N LYS A 132 -5.18 -11.46 -8.43
CA LYS A 132 -4.31 -11.92 -9.55
C LYS A 132 -2.82 -11.84 -9.16
N PRO A 133 -2.24 -12.97 -8.78
CA PRO A 133 -0.83 -12.99 -8.39
C PRO A 133 0.06 -12.77 -9.61
N GLN A 134 0.65 -11.61 -9.69
CA GLN A 134 1.52 -11.31 -10.84
C GLN A 134 2.96 -11.78 -10.62
N GLY A 135 3.19 -12.56 -9.60
CA GLY A 135 4.59 -13.03 -9.38
C GLY A 135 4.67 -14.07 -8.27
N LEU A 136 4.00 -13.82 -7.17
CA LEU A 136 4.03 -14.79 -6.04
C LEU A 136 2.64 -15.27 -5.73
N ALA A 137 2.54 -16.34 -5.02
CA ALA A 137 1.19 -16.85 -4.68
C ALA A 137 0.62 -16.07 -3.51
N VAL A 138 -0.69 -16.12 -3.35
CA VAL A 138 -1.33 -15.38 -2.23
C VAL A 138 -2.14 -16.30 -1.32
N VAL A 139 -2.08 -16.04 -0.04
CA VAL A 139 -2.82 -16.87 0.94
C VAL A 139 -3.65 -15.96 1.86
N LEU A 140 -4.91 -16.30 2.01
CA LEU A 140 -5.80 -15.46 2.90
C LEU A 140 -6.09 -16.15 4.23
N PHE A 141 -6.08 -15.35 5.28
CA PHE A 141 -6.35 -15.91 6.64
C PHE A 141 -7.55 -15.20 7.26
N LYS A 142 -8.49 -15.97 7.73
CA LYS A 142 -9.70 -15.35 8.35
C LYS A 142 -9.42 -14.83 9.77
N ASN A 143 -8.81 -15.65 10.59
CA ASN A 143 -8.52 -15.19 11.96
C ASN A 143 -7.37 -14.20 12.02
N ASP A 144 -7.59 -13.16 12.79
CA ASP A 144 -6.59 -12.05 12.99
C ASP A 144 -5.19 -12.30 12.39
N ASN A 145 -4.22 -12.49 13.26
CA ASN A 145 -2.82 -12.74 12.80
C ASN A 145 -2.63 -14.09 12.11
N PHE A 146 -2.88 -14.09 10.82
CA PHE A 146 -2.73 -15.35 10.02
C PHE A 146 -3.00 -16.61 10.83
N SER A 147 -4.25 -16.84 11.13
CA SER A 147 -4.60 -18.06 11.92
C SER A 147 -5.92 -18.65 11.45
N GLY A 148 -6.51 -19.46 12.29
CA GLY A 148 -7.82 -20.09 11.91
C GLY A 148 -7.77 -20.63 10.48
N ASP A 149 -8.93 -20.79 9.89
CA ASP A 149 -9.00 -21.31 8.50
C ASP A 149 -8.30 -20.35 7.53
N THR A 150 -8.00 -20.84 6.35
CA THR A 150 -7.31 -19.97 5.37
C THR A 150 -7.68 -20.38 3.93
N LEU A 151 -7.41 -19.48 3.01
CA LEU A 151 -7.72 -19.75 1.58
C LEU A 151 -6.45 -19.54 0.72
N PRO A 152 -5.67 -20.60 0.57
CA PRO A 152 -4.44 -20.53 -0.22
C PRO A 152 -4.73 -20.29 -1.70
N VAL A 153 -4.48 -19.09 -2.14
CA VAL A 153 -4.73 -18.77 -3.57
C VAL A 153 -3.46 -19.02 -4.39
N ASN A 154 -3.11 -20.26 -4.53
CA ASN A 154 -1.90 -20.60 -5.32
C ASN A 154 -2.18 -20.59 -6.81
N SER A 155 -3.01 -19.68 -7.24
CA SER A 155 -3.35 -19.63 -8.68
C SER A 155 -4.14 -18.37 -9.01
N ASP A 156 -4.57 -18.27 -10.25
CA ASP A 156 -5.36 -17.08 -10.66
C ASP A 156 -6.80 -17.17 -10.15
N ALA A 157 -7.34 -16.05 -9.75
CA ALA A 157 -8.73 -16.03 -9.25
C ALA A 157 -9.35 -14.65 -9.41
N PRO A 158 -9.68 -14.32 -10.64
CA PRO A 158 -10.28 -13.03 -10.97
C PRO A 158 -11.67 -12.85 -10.32
N THR A 159 -11.90 -13.57 -9.26
CA THR A 159 -13.21 -13.44 -8.58
C THR A 159 -13.21 -14.19 -7.26
N LEU A 160 -13.36 -13.45 -6.19
CA LEU A 160 -13.37 -14.09 -4.83
C LEU A 160 -14.58 -13.63 -4.03
N GLY A 161 -15.43 -12.87 -4.67
CA GLY A 161 -16.64 -12.37 -3.96
C GLY A 161 -17.68 -13.50 -3.83
N ALA A 162 -17.23 -14.68 -3.53
CA ALA A 162 -18.17 -15.83 -3.38
C ALA A 162 -17.85 -16.62 -2.12
N MET A 163 -17.24 -15.95 -1.18
CA MET A 163 -16.88 -16.62 0.09
C MET A 163 -17.06 -15.64 1.24
N ASN A 164 -18.28 -15.18 1.40
CA ASN A 164 -18.61 -14.20 2.48
C ASN A 164 -17.71 -14.37 3.71
N ASN A 165 -16.61 -13.68 3.70
CA ASN A 165 -15.67 -13.77 4.85
C ASN A 165 -14.75 -12.55 4.85
N ASN A 166 -14.28 -12.18 6.01
CA ASN A 166 -13.38 -11.00 6.10
C ASN A 166 -11.91 -11.41 6.10
N THR A 167 -11.18 -10.91 5.12
CA THR A 167 -9.75 -11.25 5.04
C THR A 167 -8.97 -10.45 6.08
N SER A 168 -8.58 -11.10 7.13
CA SER A 168 -7.82 -10.39 8.18
C SER A 168 -6.33 -10.27 7.83
N SER A 169 -5.65 -11.39 7.82
CA SER A 169 -4.19 -11.37 7.50
C SER A 169 -3.92 -12.10 6.19
N ILE A 170 -2.75 -11.87 5.63
CA ILE A 170 -2.41 -12.55 4.35
C ILE A 170 -0.97 -12.96 4.34
N ARG A 171 -0.67 -13.86 3.46
CA ARG A 171 0.71 -14.35 3.35
C ARG A 171 1.05 -14.58 1.89
N ILE A 172 1.71 -13.64 1.31
CA ILE A 172 2.09 -13.77 -0.11
C ILE A 172 3.27 -14.71 -0.24
N SER A 173 3.00 -15.94 -0.58
CA SER A 173 4.11 -16.91 -0.74
C SER A 173 4.72 -16.82 -2.13
N MET A 1 15.92 5.52 -12.42
CA MET A 1 15.78 6.28 -11.17
C MET A 1 14.38 6.13 -10.62
N ALA A 2 14.30 5.71 -9.38
CA ALA A 2 12.96 5.53 -8.77
C ALA A 2 12.35 6.87 -8.37
N ASN A 3 11.09 6.85 -8.05
CA ASN A 3 10.42 8.12 -7.64
C ASN A 3 9.00 7.84 -7.17
N ILE A 4 8.70 8.24 -5.97
CA ILE A 4 7.33 8.00 -5.44
C ILE A 4 6.34 8.99 -6.07
N THR A 5 5.11 8.54 -6.23
CA THR A 5 4.07 9.43 -6.82
C THR A 5 2.89 9.57 -5.88
N VAL A 6 2.75 10.75 -5.32
CA VAL A 6 1.62 10.99 -4.38
C VAL A 6 0.48 11.73 -5.04
N PHE A 7 -0.70 11.47 -4.55
CA PHE A 7 -1.91 12.14 -5.10
C PHE A 7 -2.45 13.14 -4.11
N TYR A 8 -3.29 14.03 -4.57
CA TYR A 8 -3.85 15.05 -3.63
C TYR A 8 -5.21 14.67 -3.05
N ASN A 9 -5.76 13.57 -3.46
CA ASN A 9 -7.09 13.15 -2.91
C ASN A 9 -7.10 11.69 -2.57
N GLU A 10 -8.08 11.30 -1.81
CA GLU A 10 -8.18 9.90 -1.42
C GLU A 10 -8.58 9.04 -2.61
N ASP A 11 -8.64 7.77 -2.39
CA ASP A 11 -9.02 6.85 -3.48
C ASP A 11 -8.09 6.99 -4.68
N PHE A 12 -6.81 7.01 -4.41
CA PHE A 12 -5.84 7.15 -5.54
C PHE A 12 -6.22 8.32 -6.46
N GLN A 13 -7.20 9.07 -6.06
CA GLN A 13 -7.63 10.22 -6.89
C GLN A 13 -6.89 11.49 -6.47
N GLY A 14 -7.09 12.54 -7.21
CA GLY A 14 -6.40 13.83 -6.86
C GLY A 14 -5.10 13.95 -7.65
N LYS A 15 -4.94 15.08 -8.33
CA LYS A 15 -3.70 15.31 -9.14
C LYS A 15 -2.48 14.62 -8.53
N GLN A 16 -1.65 14.09 -9.38
CA GLN A 16 -0.43 13.39 -8.87
C GLN A 16 0.79 14.31 -8.80
N VAL A 17 1.75 13.86 -8.05
CA VAL A 17 3.00 14.64 -7.89
C VAL A 17 4.17 13.68 -7.69
N ASP A 18 5.17 13.80 -8.51
CA ASP A 18 6.33 12.89 -8.38
C ASP A 18 7.43 13.48 -7.50
N LEU A 19 7.86 12.70 -6.52
CA LEU A 19 8.92 13.17 -5.59
C LEU A 19 10.11 12.19 -5.63
N PRO A 20 11.33 12.70 -5.82
CA PRO A 20 12.51 11.83 -5.86
C PRO A 20 12.78 11.20 -4.49
N PRO A 21 13.58 10.14 -4.50
CA PRO A 21 13.92 9.44 -3.27
C PRO A 21 14.74 10.34 -2.34
N GLY A 22 15.43 9.74 -1.41
CA GLY A 22 16.26 10.54 -0.48
C GLY A 22 15.43 11.03 0.71
N ASN A 23 16.08 11.76 1.59
CA ASN A 23 15.37 12.28 2.78
C ASN A 23 15.11 13.78 2.66
N TYR A 24 13.91 14.19 3.00
CA TYR A 24 13.60 15.63 2.90
C TYR A 24 12.52 16.03 3.92
N THR A 25 12.36 17.31 4.08
CA THR A 25 11.36 17.82 5.04
C THR A 25 10.68 19.05 4.47
N ARG A 26 10.06 19.80 5.32
CA ARG A 26 9.38 21.02 4.85
C ARG A 26 10.34 21.92 4.11
N ALA A 27 11.60 21.87 4.49
CA ALA A 27 12.59 22.74 3.81
C ALA A 27 12.77 22.32 2.35
N GLN A 28 13.32 21.17 2.13
CA GLN A 28 13.52 20.74 0.74
C GLN A 28 12.18 20.72 0.01
N LEU A 29 11.17 20.24 0.68
CA LEU A 29 9.85 20.19 0.02
C LEU A 29 9.42 21.60 -0.35
N ALA A 30 9.67 22.56 0.51
CA ALA A 30 9.26 23.93 0.18
C ALA A 30 9.81 24.25 -1.18
N ALA A 31 10.96 23.68 -1.47
CA ALA A 31 11.57 23.93 -2.78
C ALA A 31 10.73 23.28 -3.87
N LEU A 32 10.19 22.13 -3.54
CA LEU A 32 9.35 21.41 -4.52
C LEU A 32 7.98 22.07 -4.67
N GLY A 33 7.10 21.79 -3.74
CA GLY A 33 5.75 22.42 -3.83
C GLY A 33 4.78 21.79 -2.82
N ILE A 34 5.08 20.58 -2.39
CA ILE A 34 4.18 19.92 -1.43
C ILE A 34 4.52 20.32 0.01
N GLU A 35 3.57 20.17 0.90
CA GLU A 35 3.82 20.55 2.32
C GLU A 35 2.54 20.54 3.14
N ASN A 36 2.62 20.00 4.34
CA ASN A 36 1.42 19.95 5.22
C ASN A 36 0.43 18.88 4.80
N ASN A 37 -0.83 19.17 5.02
CA ASN A 37 -1.90 18.21 4.64
C ASN A 37 -1.87 17.90 3.16
N THR A 38 -1.24 16.80 2.82
CA THR A 38 -1.17 16.41 1.40
C THR A 38 -1.04 14.90 1.28
N ILE A 39 -0.27 14.46 0.33
CA ILE A 39 -0.07 13.00 0.13
C ILE A 39 -1.36 12.24 0.39
N SER A 40 -2.43 12.74 -0.13
CA SER A 40 -3.72 12.07 0.08
C SER A 40 -3.60 10.58 -0.25
N SER A 41 -2.92 10.29 -1.33
CA SER A 41 -2.74 8.86 -1.74
C SER A 41 -1.28 8.65 -2.12
N VAL A 42 -0.89 7.42 -2.34
CA VAL A 42 0.54 7.20 -2.71
C VAL A 42 0.74 5.96 -3.57
N LYS A 43 1.64 6.09 -4.51
CA LYS A 43 1.95 4.97 -5.43
C LYS A 43 3.47 4.83 -5.55
N VAL A 44 4.01 3.84 -4.89
CA VAL A 44 5.49 3.63 -4.93
C VAL A 44 5.86 2.25 -5.49
N PRO A 45 6.40 2.22 -6.71
CA PRO A 45 6.79 0.95 -7.33
C PRO A 45 7.97 0.32 -6.58
N PRO A 46 8.25 -0.92 -6.91
CA PRO A 46 9.36 -1.66 -6.27
C PRO A 46 10.70 -0.94 -6.50
N GLY A 47 11.76 -1.60 -6.15
CA GLY A 47 13.09 -0.97 -6.35
C GLY A 47 13.36 0.09 -5.28
N VAL A 48 12.35 0.45 -4.54
CA VAL A 48 12.55 1.48 -3.48
C VAL A 48 11.62 1.27 -2.28
N LYS A 49 12.15 1.51 -1.12
CA LYS A 49 11.36 1.37 0.14
C LYS A 49 11.23 2.74 0.80
N ALA A 50 10.01 3.16 1.09
CA ALA A 50 9.84 4.50 1.73
C ALA A 50 9.27 4.42 3.13
N ILE A 51 9.39 5.53 3.82
CA ILE A 51 8.88 5.62 5.20
C ILE A 51 8.30 7.02 5.41
N LEU A 52 7.04 7.08 5.75
CA LEU A 52 6.41 8.42 5.96
C LEU A 52 6.49 8.87 7.42
N TYR A 53 6.57 10.16 7.60
CA TYR A 53 6.65 10.72 8.98
C TYR A 53 5.67 11.89 9.12
N GLN A 54 4.69 11.70 9.96
CA GLN A 54 3.69 12.78 10.18
C GLN A 54 4.34 14.10 10.55
N ASN A 55 4.64 14.27 11.80
CA ASN A 55 5.29 15.53 12.24
C ASN A 55 6.61 15.74 11.53
N ASP A 56 6.95 16.99 11.32
CA ASP A 56 8.24 17.30 10.64
C ASP A 56 9.41 16.66 11.38
N GLY A 57 10.60 16.98 10.96
CA GLY A 57 11.79 16.40 11.64
C GLY A 57 11.67 14.88 11.72
N PHE A 58 11.03 14.30 10.74
CA PHE A 58 10.86 12.83 10.74
C PHE A 58 10.32 12.35 12.09
N ALA A 59 9.32 13.04 12.59
CA ALA A 59 8.72 12.66 13.91
C ALA A 59 7.26 12.27 13.74
N GLY A 60 6.58 12.12 14.85
CA GLY A 60 5.14 11.74 14.78
C GLY A 60 5.01 10.31 14.26
N ASP A 61 3.83 9.74 14.40
CA ASP A 61 3.63 8.35 13.91
C ASP A 61 4.29 8.16 12.55
N GLN A 62 5.05 7.12 12.42
CA GLN A 62 5.73 6.86 11.13
C GLN A 62 4.99 5.81 10.33
N ILE A 63 5.33 5.72 9.07
CA ILE A 63 4.67 4.72 8.19
C ILE A 63 5.72 4.02 7.36
N GLU A 64 5.32 2.99 6.69
CA GLU A 64 6.28 2.23 5.85
C GLU A 64 5.58 1.69 4.63
N VAL A 65 6.17 1.88 3.48
CA VAL A 65 5.53 1.37 2.26
C VAL A 65 6.53 0.97 1.20
N VAL A 66 6.14 0.04 0.40
CA VAL A 66 7.03 -0.44 -0.69
C VAL A 66 6.17 -0.67 -1.90
N ALA A 67 4.89 -0.41 -1.71
CA ALA A 67 3.92 -0.59 -2.81
C ALA A 67 3.06 0.65 -2.93
N ASN A 68 1.84 0.46 -3.32
CA ASN A 68 0.91 1.60 -3.45
C ASN A 68 0.00 1.70 -2.25
N ALA A 69 0.09 2.81 -1.56
CA ALA A 69 -0.76 3.01 -0.37
C ALA A 69 -2.08 3.67 -0.78
N GLU A 70 -3.12 2.89 -0.81
CA GLU A 70 -4.44 3.45 -1.20
C GLU A 70 -4.93 4.49 -0.20
N GLU A 71 -5.43 4.03 0.91
CA GLU A 71 -5.94 4.98 1.93
C GLU A 71 -4.81 5.51 2.81
N LEU A 72 -3.62 5.08 2.53
CA LEU A 72 -2.47 5.55 3.34
C LEU A 72 -2.67 5.24 4.83
N GLY A 73 -3.29 6.15 5.54
CA GLY A 73 -3.51 5.91 7.00
C GLY A 73 -4.20 7.12 7.65
N PRO A 74 -4.19 7.13 8.97
CA PRO A 74 -4.80 8.21 9.75
C PRO A 74 -4.07 9.54 9.56
N LEU A 75 -2.76 9.48 9.54
CA LEU A 75 -1.97 10.73 9.36
C LEU A 75 -2.16 11.32 7.96
N ASN A 76 -3.28 11.03 7.36
CA ASN A 76 -3.54 11.56 6.00
C ASN A 76 -3.73 13.08 6.02
N ASN A 77 -4.33 13.57 7.07
CA ASN A 77 -4.55 15.03 7.16
C ASN A 77 -3.35 15.73 7.80
N ASN A 78 -2.18 15.17 7.61
CA ASN A 78 -0.97 15.79 8.20
C ASN A 78 0.30 15.11 7.70
N VAL A 79 1.09 15.83 6.94
CA VAL A 79 2.35 15.27 6.41
C VAL A 79 3.41 16.35 6.29
N SER A 80 4.66 15.97 6.33
CA SER A 80 5.72 17.00 6.21
C SER A 80 7.12 16.38 6.06
N SER A 81 7.34 15.26 6.72
CA SER A 81 8.67 14.60 6.63
C SER A 81 8.59 13.23 5.98
N ILE A 82 9.53 12.95 5.12
CA ILE A 82 9.52 11.62 4.44
C ILE A 82 10.95 11.17 4.14
N ARG A 83 11.13 9.88 4.03
CA ARG A 83 12.49 9.37 3.73
C ARG A 83 12.42 8.07 2.92
N VAL A 84 13.22 7.99 1.87
CA VAL A 84 13.22 6.75 1.04
C VAL A 84 14.62 6.35 0.59
N ILE A 85 14.84 5.07 0.45
CA ILE A 85 16.18 4.59 0.00
C ILE A 85 16.05 3.39 -0.94
N SER A 86 16.82 3.41 -1.99
CA SER A 86 16.76 2.28 -2.98
C SER A 86 16.64 0.93 -2.27
N VAL A 87 16.04 -0.03 -2.95
CA VAL A 87 15.88 -1.36 -2.33
C VAL A 87 15.82 -2.46 -3.42
N PRO A 88 16.43 -3.61 -3.16
CA PRO A 88 16.44 -4.72 -4.12
C PRO A 88 15.03 -5.01 -4.64
N VAL A 89 14.97 -5.51 -5.85
CA VAL A 89 13.66 -5.83 -6.45
C VAL A 89 13.02 -7.05 -5.80
N GLN A 90 11.71 -7.02 -5.75
CA GLN A 90 10.96 -8.14 -5.14
C GLN A 90 9.63 -8.30 -5.90
N PRO A 91 9.32 -9.52 -6.33
CA PRO A 91 8.07 -9.78 -7.06
C PRO A 91 6.86 -9.35 -6.21
N ARG A 92 5.71 -9.87 -6.53
CA ARG A 92 4.52 -9.49 -5.74
C ARG A 92 3.27 -10.21 -6.25
N ALA A 93 2.14 -9.68 -5.88
CA ALA A 93 0.86 -10.27 -6.30
C ALA A 93 -0.08 -9.15 -6.74
N ARG A 94 -1.15 -9.50 -7.44
CA ARG A 94 -2.10 -8.43 -7.90
C ARG A 94 -3.51 -8.68 -7.38
N PHE A 95 -4.05 -7.68 -6.73
CA PHE A 95 -5.41 -7.78 -6.18
C PHE A 95 -6.33 -6.77 -6.85
N PHE A 96 -7.41 -7.24 -7.39
CA PHE A 96 -8.34 -6.30 -8.07
C PHE A 96 -9.29 -5.68 -7.05
N TYR A 97 -10.00 -4.66 -7.45
CA TYR A 97 -10.93 -4.02 -6.49
C TYR A 97 -12.26 -4.79 -6.34
N LYS A 98 -13.25 -4.43 -7.12
CA LYS A 98 -14.55 -5.13 -7.01
C LYS A 98 -14.46 -6.57 -7.49
N GLU A 99 -15.37 -7.40 -7.01
CA GLU A 99 -15.37 -8.82 -7.43
C GLU A 99 -15.71 -8.93 -8.89
N GLN A 100 -14.71 -8.79 -9.71
CA GLN A 100 -14.93 -8.89 -11.17
C GLN A 100 -13.64 -8.53 -11.88
N PHE A 101 -12.55 -8.83 -11.25
CA PHE A 101 -11.24 -8.52 -11.86
C PHE A 101 -11.24 -7.09 -12.39
N ASP A 102 -12.26 -6.35 -12.01
CA ASP A 102 -12.36 -4.94 -12.48
C ASP A 102 -11.99 -3.98 -11.35
N GLY A 103 -12.09 -2.71 -11.61
CA GLY A 103 -11.73 -1.73 -10.55
C GLY A 103 -10.22 -1.70 -10.35
N LYS A 104 -9.67 -0.49 -10.39
CA LYS A 104 -8.18 -0.34 -10.21
C LYS A 104 -7.62 -1.41 -9.31
N GLU A 105 -6.49 -1.95 -9.70
CA GLU A 105 -5.86 -3.01 -8.89
C GLU A 105 -4.75 -2.48 -8.00
N VAL A 106 -4.29 -3.34 -7.13
CA VAL A 106 -3.21 -2.97 -6.20
C VAL A 106 -2.22 -4.13 -6.11
N ASP A 107 -0.99 -3.83 -5.75
CA ASP A 107 0.02 -4.93 -5.65
C ASP A 107 0.76 -4.89 -4.33
N LEU A 108 1.12 -6.06 -3.84
CA LEU A 108 1.85 -6.13 -2.53
C LEU A 108 3.04 -7.13 -2.61
N PRO A 109 4.19 -6.77 -2.02
CA PRO A 109 5.37 -7.64 -2.03
C PRO A 109 5.20 -8.88 -1.13
N PRO A 110 6.11 -9.82 -1.30
CA PRO A 110 6.09 -11.05 -0.53
C PRO A 110 6.25 -10.79 0.97
N GLY A 111 5.67 -11.66 1.77
CA GLY A 111 5.78 -11.47 3.25
C GLY A 111 4.43 -11.69 3.93
N GLN A 112 4.37 -11.33 5.19
CA GLN A 112 3.11 -11.50 5.96
C GLN A 112 2.53 -10.14 6.34
N TYR A 113 1.26 -10.12 6.63
CA TYR A 113 0.62 -8.83 7.01
C TYR A 113 -0.45 -9.06 8.07
N THR A 114 -0.64 -8.07 8.90
CA THR A 114 -1.67 -8.18 9.96
C THR A 114 -3.03 -7.69 9.51
N GLN A 115 -3.82 -7.24 10.46
CA GLN A 115 -5.18 -6.73 10.13
C GLN A 115 -5.28 -5.23 10.32
N ALA A 116 -4.19 -4.54 10.11
CA ALA A 116 -4.21 -3.05 10.27
C ALA A 116 -3.50 -2.36 9.11
N GLU A 117 -2.23 -2.61 8.98
CA GLU A 117 -1.49 -1.99 7.88
C GLU A 117 -1.98 -2.53 6.58
N LEU A 118 -2.06 -3.84 6.52
CA LEU A 118 -2.53 -4.50 5.28
C LEU A 118 -3.65 -3.69 4.65
N GLU A 119 -4.74 -3.64 5.33
CA GLU A 119 -5.88 -2.89 4.81
C GLU A 119 -5.47 -1.52 4.35
N ARG A 120 -5.07 -0.71 5.28
CA ARG A 120 -4.64 0.65 4.91
C ARG A 120 -3.30 0.70 4.20
N TYR A 121 -2.80 -0.44 3.76
CA TYR A 121 -1.49 -0.44 3.05
C TYR A 121 -1.68 -0.56 1.56
N GLY A 122 -2.80 -1.07 1.16
CA GLY A 122 -3.03 -1.20 -0.31
C GLY A 122 -4.49 -1.47 -0.60
N ILE A 123 -5.23 -1.79 0.40
CA ILE A 123 -6.66 -2.06 0.20
C ILE A 123 -7.50 -1.61 1.38
N ASP A 124 -8.27 -2.50 1.93
CA ASP A 124 -9.11 -2.14 3.10
C ASP A 124 -9.46 -3.38 3.91
N ASN A 125 -10.49 -3.27 4.70
CA ASN A 125 -10.91 -4.44 5.53
C ASN A 125 -11.27 -5.64 4.67
N ASN A 126 -12.15 -5.43 3.74
CA ASN A 126 -12.54 -6.57 2.87
C ASN A 126 -13.07 -6.07 1.53
N THR A 127 -12.47 -6.54 0.47
CA THR A 127 -12.92 -6.13 -0.89
C THR A 127 -12.01 -6.76 -1.94
N ILE A 128 -11.07 -7.53 -1.49
CA ILE A 128 -10.14 -8.19 -2.42
C ILE A 128 -10.89 -9.04 -3.45
N SER A 129 -11.43 -10.16 -3.00
CA SER A 129 -12.18 -11.03 -3.92
C SER A 129 -11.33 -11.45 -5.13
N SER A 130 -11.32 -10.61 -6.13
CA SER A 130 -10.52 -10.93 -7.35
C SER A 130 -9.01 -10.80 -7.11
N VAL A 131 -8.33 -11.92 -7.20
CA VAL A 131 -6.84 -11.91 -7.00
C VAL A 131 -6.13 -12.47 -8.22
N LYS A 132 -4.86 -12.18 -8.31
CA LYS A 132 -4.08 -12.67 -9.46
C LYS A 132 -2.59 -12.54 -9.18
N PRO A 133 -2.07 -13.49 -8.43
CA PRO A 133 -0.65 -13.49 -8.08
C PRO A 133 0.20 -13.56 -9.34
N GLN A 134 0.74 -12.44 -9.71
CA GLN A 134 1.59 -12.40 -10.92
C GLN A 134 3.04 -12.73 -10.62
N GLY A 135 3.30 -13.36 -9.52
CA GLY A 135 4.73 -13.69 -9.22
C GLY A 135 4.87 -14.71 -8.08
N LEU A 136 4.21 -14.42 -6.96
CA LEU A 136 4.30 -15.37 -5.80
C LEU A 136 2.94 -15.95 -5.46
N ALA A 137 2.91 -16.79 -4.46
CA ALA A 137 1.61 -17.40 -4.06
C ALA A 137 0.97 -16.55 -2.98
N VAL A 138 -0.35 -16.59 -2.91
CA VAL A 138 -1.07 -15.78 -1.88
C VAL A 138 -1.96 -16.64 -1.00
N VAL A 139 -1.94 -16.33 0.27
CA VAL A 139 -2.77 -17.09 1.24
C VAL A 139 -3.52 -16.10 2.13
N LEU A 140 -4.82 -16.28 2.23
CA LEU A 140 -5.63 -15.36 3.08
C LEU A 140 -6.02 -15.99 4.41
N PHE A 141 -6.00 -15.18 5.45
CA PHE A 141 -6.37 -15.68 6.80
C PHE A 141 -7.64 -14.99 7.26
N LYS A 142 -8.60 -15.78 7.64
CA LYS A 142 -9.89 -15.20 8.11
C LYS A 142 -9.67 -14.30 9.30
N ASN A 143 -9.51 -14.90 10.44
CA ASN A 143 -9.29 -14.07 11.64
C ASN A 143 -7.89 -13.50 11.62
N ASP A 144 -7.71 -12.41 12.31
CA ASP A 144 -6.37 -11.79 12.34
C ASP A 144 -5.35 -12.73 12.97
N ASN A 145 -4.25 -12.19 13.38
CA ASN A 145 -3.21 -13.04 14.02
C ASN A 145 -3.04 -14.36 13.29
N PHE A 146 -3.38 -14.38 12.04
CA PHE A 146 -3.23 -15.65 11.27
C PHE A 146 -4.00 -16.78 11.95
N SER A 147 -5.29 -16.55 12.16
CA SER A 147 -6.12 -17.61 12.82
C SER A 147 -7.40 -17.86 12.04
N GLY A 148 -8.29 -18.64 12.61
CA GLY A 148 -9.57 -18.94 11.92
C GLY A 148 -9.30 -19.72 10.63
N ASP A 149 -10.34 -20.00 9.91
CA ASP A 149 -10.15 -20.75 8.63
C ASP A 149 -9.24 -19.97 7.69
N THR A 150 -8.95 -20.56 6.57
CA THR A 150 -8.06 -19.85 5.60
C THR A 150 -8.44 -20.18 4.16
N LEU A 151 -7.74 -19.58 3.24
CA LEU A 151 -8.03 -19.82 1.81
C LEU A 151 -6.76 -19.60 0.98
N PRO A 152 -5.95 -20.65 0.86
CA PRO A 152 -4.71 -20.59 0.10
C PRO A 152 -4.92 -20.37 -1.40
N VAL A 153 -4.60 -19.18 -1.84
CA VAL A 153 -4.77 -18.89 -3.29
C VAL A 153 -3.58 -19.41 -4.07
N ASN A 154 -3.72 -20.61 -4.57
CA ASN A 154 -2.63 -21.24 -5.36
C ASN A 154 -2.22 -20.44 -6.60
N SER A 155 -3.14 -19.69 -7.18
CA SER A 155 -2.74 -18.92 -8.39
C SER A 155 -3.82 -17.92 -8.83
N ASP A 156 -3.90 -17.74 -10.12
CA ASP A 156 -4.90 -16.78 -10.70
C ASP A 156 -6.30 -17.01 -10.14
N ALA A 157 -7.08 -15.95 -10.14
CA ALA A 157 -8.47 -16.06 -9.62
C ALA A 157 -9.17 -14.70 -9.73
N PRO A 158 -9.37 -14.26 -10.96
CA PRO A 158 -10.03 -12.98 -11.25
C PRO A 158 -11.53 -13.00 -10.89
N THR A 159 -11.81 -13.13 -9.61
CA THR A 159 -13.22 -13.16 -9.15
C THR A 159 -13.29 -13.75 -7.76
N LEU A 160 -13.01 -15.02 -7.67
CA LEU A 160 -13.03 -15.70 -6.37
C LEU A 160 -14.40 -15.57 -5.69
N GLY A 161 -14.64 -14.45 -5.04
CA GLY A 161 -15.95 -14.28 -4.37
C GLY A 161 -16.27 -15.54 -3.56
N ALA A 162 -17.54 -15.83 -3.41
CA ALA A 162 -17.93 -17.04 -2.62
C ALA A 162 -17.10 -17.13 -1.34
N MET A 163 -16.90 -16.01 -0.71
CA MET A 163 -16.13 -15.99 0.55
C MET A 163 -16.19 -14.62 1.18
N ASN A 164 -17.36 -14.25 1.61
CA ASN A 164 -17.53 -12.91 2.25
C ASN A 164 -16.68 -12.76 3.50
N ASN A 165 -17.32 -12.70 4.63
CA ASN A 165 -16.55 -12.55 5.88
C ASN A 165 -15.63 -11.33 5.81
N ASN A 166 -14.35 -11.55 6.00
CA ASN A 166 -13.41 -10.40 5.94
C ASN A 166 -11.96 -10.86 6.05
N THR A 167 -11.19 -10.55 5.04
CA THR A 167 -9.76 -10.95 5.06
C THR A 167 -9.01 -10.13 6.09
N SER A 168 -8.69 -10.75 7.21
CA SER A 168 -7.95 -10.00 8.27
C SER A 168 -6.47 -9.94 7.97
N SER A 169 -5.81 -11.09 8.00
CA SER A 169 -4.34 -11.10 7.72
C SER A 169 -4.06 -11.95 6.50
N ILE A 170 -2.90 -11.75 5.90
CA ILE A 170 -2.56 -12.54 4.68
C ILE A 170 -1.13 -13.04 4.74
N ARG A 171 -0.74 -13.74 3.73
CA ARG A 171 0.65 -14.27 3.69
C ARG A 171 1.05 -14.62 2.27
N ILE A 172 1.82 -13.75 1.67
CA ILE A 172 2.25 -14.02 0.28
C ILE A 172 3.46 -14.95 0.30
N SER A 173 3.22 -16.21 0.12
CA SER A 173 4.34 -17.19 0.12
C SER A 173 5.04 -17.20 -1.23
N MET A 1 17.09 4.78 -10.09
CA MET A 1 16.05 5.25 -11.03
C MET A 1 14.67 5.13 -10.38
N ALA A 2 14.66 4.91 -9.09
CA ALA A 2 13.35 4.78 -8.39
C ALA A 2 12.71 6.15 -8.19
N ASN A 3 11.46 6.13 -7.76
CA ASN A 3 10.77 7.42 -7.54
C ASN A 3 9.34 7.19 -7.05
N ILE A 4 9.04 7.67 -5.87
CA ILE A 4 7.67 7.48 -5.31
C ILE A 4 6.71 8.50 -5.93
N THR A 5 5.43 8.27 -5.78
CA THR A 5 4.43 9.22 -6.34
C THR A 5 3.28 9.42 -5.37
N VAL A 6 3.05 10.66 -5.01
CA VAL A 6 1.94 10.97 -4.05
C VAL A 6 0.75 11.59 -4.77
N PHE A 7 -0.36 11.67 -4.07
CA PHE A 7 -1.59 12.25 -4.68
C PHE A 7 -2.16 13.31 -3.75
N TYR A 8 -2.72 14.36 -4.33
CA TYR A 8 -3.29 15.45 -3.49
C TYR A 8 -4.58 15.04 -2.75
N ASN A 9 -5.53 14.52 -3.48
CA ASN A 9 -6.80 14.09 -2.81
C ASN A 9 -6.78 12.62 -2.47
N GLU A 10 -7.76 12.21 -1.71
CA GLU A 10 -7.84 10.79 -1.32
C GLU A 10 -8.04 9.90 -2.54
N ASP A 11 -8.15 8.64 -2.30
CA ASP A 11 -8.36 7.67 -3.41
C ASP A 11 -7.49 8.03 -4.61
N PHE A 12 -6.19 7.99 -4.41
CA PHE A 12 -5.24 8.31 -5.52
C PHE A 12 -5.77 9.44 -6.42
N GLN A 13 -6.58 10.29 -5.86
CA GLN A 13 -7.14 11.42 -6.64
C GLN A 13 -6.40 12.71 -6.34
N GLY A 14 -6.54 13.67 -7.20
CA GLY A 14 -5.84 14.98 -6.97
C GLY A 14 -4.45 14.96 -7.60
N LYS A 15 -4.10 16.06 -8.24
CA LYS A 15 -2.77 16.17 -8.91
C LYS A 15 -1.71 15.34 -8.19
N GLN A 16 -0.90 14.66 -8.96
CA GLN A 16 0.17 13.81 -8.36
C GLN A 16 1.53 14.49 -8.48
N VAL A 17 2.46 14.02 -7.71
CA VAL A 17 3.82 14.61 -7.74
C VAL A 17 4.87 13.53 -7.54
N ASP A 18 5.85 13.51 -8.40
CA ASP A 18 6.91 12.48 -8.26
C ASP A 18 8.04 12.99 -7.39
N LEU A 19 8.47 12.16 -6.46
CA LEU A 19 9.57 12.56 -5.54
C LEU A 19 10.72 11.50 -5.58
N PRO A 20 11.94 11.94 -5.89
CA PRO A 20 13.08 11.02 -5.94
C PRO A 20 13.35 10.41 -4.56
N PRO A 21 14.10 9.33 -4.55
CA PRO A 21 14.44 8.65 -3.30
C PRO A 21 15.24 9.57 -2.38
N GLY A 22 15.77 9.01 -1.32
CA GLY A 22 16.56 9.86 -0.38
C GLY A 22 15.68 10.37 0.76
N ASN A 23 16.28 11.15 1.63
CA ASN A 23 15.52 11.71 2.79
C ASN A 23 15.30 13.22 2.65
N TYR A 24 14.07 13.65 2.82
CA TYR A 24 13.78 15.11 2.69
C TYR A 24 12.73 15.53 3.70
N THR A 25 12.46 16.82 3.76
CA THR A 25 11.44 17.31 4.72
C THR A 25 10.59 18.41 4.12
N ARG A 26 9.96 19.16 4.97
CA ARG A 26 9.10 20.25 4.46
C ARG A 26 9.92 21.25 3.66
N ALA A 27 11.20 21.25 3.87
CA ALA A 27 12.06 22.18 3.13
C ALA A 27 12.02 21.88 1.64
N GLN A 28 12.47 20.70 1.29
CA GLN A 28 12.45 20.32 -0.14
C GLN A 28 11.04 20.47 -0.69
N LEU A 29 10.08 20.02 0.08
CA LEU A 29 8.69 20.13 -0.39
C LEU A 29 8.36 21.59 -0.63
N ALA A 30 8.81 22.44 0.26
CA ALA A 30 8.51 23.86 0.10
C ALA A 30 8.91 24.28 -1.31
N ALA A 31 9.93 23.63 -1.81
CA ALA A 31 10.39 23.95 -3.17
C ALA A 31 9.38 23.46 -4.20
N LEU A 32 8.81 22.31 -3.94
CA LEU A 32 7.80 21.76 -4.90
C LEU A 32 6.50 22.55 -4.81
N GLY A 33 5.75 22.31 -3.76
CA GLY A 33 4.46 23.04 -3.61
C GLY A 33 3.52 22.30 -2.64
N ILE A 34 3.59 21.01 -2.66
CA ILE A 34 2.72 20.21 -1.76
C ILE A 34 3.32 20.15 -0.36
N GLU A 35 2.48 20.25 0.64
CA GLU A 35 3.00 20.19 2.03
C GLU A 35 1.88 20.35 3.06
N ASN A 36 1.88 19.47 4.04
CA ASN A 36 0.83 19.54 5.10
C ASN A 36 -0.52 18.98 4.65
N ASN A 37 -1.04 18.06 5.43
CA ASN A 37 -2.34 17.44 5.09
C ASN A 37 -2.39 16.89 3.66
N THR A 38 -1.27 16.89 2.99
CA THR A 38 -1.27 16.37 1.60
C THR A 38 -0.94 14.88 1.55
N ILE A 39 -0.07 14.51 0.62
CA ILE A 39 0.32 13.09 0.49
C ILE A 39 -0.86 12.18 0.78
N SER A 40 -1.99 12.60 0.33
CA SER A 40 -3.21 11.80 0.54
C SER A 40 -2.98 10.35 0.16
N SER A 41 -2.59 10.13 -1.08
CA SER A 41 -2.34 8.72 -1.55
C SER A 41 -0.89 8.55 -1.93
N VAL A 42 -0.47 7.32 -2.15
CA VAL A 42 0.96 7.10 -2.52
C VAL A 42 1.15 5.87 -3.42
N LYS A 43 2.14 5.96 -4.27
CA LYS A 43 2.44 4.84 -5.19
C LYS A 43 3.94 4.65 -5.26
N VAL A 44 4.43 3.71 -4.47
CA VAL A 44 5.89 3.44 -4.45
C VAL A 44 6.24 2.07 -5.06
N PRO A 45 6.88 2.06 -6.23
CA PRO A 45 7.25 0.80 -6.88
C PRO A 45 8.36 0.09 -6.08
N PRO A 46 8.66 -1.12 -6.46
CA PRO A 46 9.69 -1.91 -5.78
C PRO A 46 11.07 -1.26 -5.93
N GLY A 47 12.08 -1.95 -5.48
CA GLY A 47 13.44 -1.37 -5.60
C GLY A 47 13.71 -0.32 -4.51
N VAL A 48 12.65 0.17 -3.91
CA VAL A 48 12.85 1.20 -2.85
C VAL A 48 11.79 1.10 -1.75
N LYS A 49 12.24 1.26 -0.53
CA LYS A 49 11.30 1.19 0.63
C LYS A 49 11.08 2.60 1.18
N ALA A 50 9.84 3.05 1.16
CA ALA A 50 9.56 4.41 1.66
C ALA A 50 9.07 4.43 3.10
N ILE A 51 9.29 5.55 3.74
CA ILE A 51 8.86 5.71 5.14
C ILE A 51 8.34 7.12 5.35
N LEU A 52 7.08 7.24 5.69
CA LEU A 52 6.51 8.60 5.90
C LEU A 52 6.65 9.09 7.34
N TYR A 53 6.60 10.38 7.50
CA TYR A 53 6.73 10.98 8.85
C TYR A 53 5.74 12.12 9.05
N GLN A 54 4.72 11.86 9.83
CA GLN A 54 3.69 12.91 10.08
C GLN A 54 4.30 14.29 10.27
N ASN A 55 4.86 14.53 11.42
CA ASN A 55 5.49 15.85 11.68
C ASN A 55 6.74 16.04 10.83
N ASP A 56 7.05 17.29 10.55
CA ASP A 56 8.25 17.58 9.73
C ASP A 56 9.51 17.03 10.39
N GLY A 57 10.63 17.33 9.80
CA GLY A 57 11.90 16.84 10.40
C GLY A 57 11.79 15.34 10.71
N PHE A 58 11.16 14.62 9.81
CA PHE A 58 10.99 13.16 10.02
C PHE A 58 10.63 12.88 11.47
N ALA A 59 9.43 13.27 11.85
CA ALA A 59 8.98 13.03 13.25
C ALA A 59 7.51 12.66 13.30
N GLY A 60 6.92 12.78 14.47
CA GLY A 60 5.47 12.44 14.60
C GLY A 60 5.22 11.01 14.11
N ASP A 61 3.96 10.62 14.11
CA ASP A 61 3.64 9.25 13.65
C ASP A 61 4.38 8.95 12.34
N GLN A 62 4.52 7.70 12.02
CA GLN A 62 5.23 7.36 10.77
C GLN A 62 4.65 6.11 10.11
N ILE A 63 4.95 5.95 8.85
CA ILE A 63 4.45 4.77 8.11
C ILE A 63 5.58 4.14 7.30
N GLU A 64 5.30 3.02 6.72
CA GLU A 64 6.33 2.33 5.91
C GLU A 64 5.66 1.65 4.74
N VAL A 65 6.18 1.87 3.55
CA VAL A 65 5.57 1.23 2.37
C VAL A 65 6.59 0.83 1.33
N VAL A 66 6.24 -0.15 0.56
CA VAL A 66 7.14 -0.63 -0.50
C VAL A 66 6.32 -0.87 -1.76
N ALA A 67 5.04 -0.62 -1.63
CA ALA A 67 4.12 -0.81 -2.77
C ALA A 67 3.29 0.45 -2.97
N ASN A 68 1.99 0.28 -2.96
CA ASN A 68 1.07 1.44 -3.15
C ASN A 68 0.14 1.59 -1.95
N ALA A 69 0.20 2.74 -1.31
CA ALA A 69 -0.68 2.98 -0.14
C ALA A 69 -2.02 3.55 -0.60
N GLU A 70 -3.04 2.74 -0.51
CA GLU A 70 -4.39 3.22 -0.93
C GLU A 70 -4.84 4.41 -0.10
N GLU A 71 -5.47 4.13 1.00
CA GLU A 71 -5.97 5.23 1.87
C GLU A 71 -4.83 5.81 2.71
N LEU A 72 -3.64 5.29 2.53
CA LEU A 72 -2.49 5.80 3.32
C LEU A 72 -2.53 5.33 4.77
N GLY A 73 -3.29 6.01 5.59
CA GLY A 73 -3.38 5.60 7.03
C GLY A 73 -4.10 6.68 7.86
N PRO A 74 -4.03 6.51 9.16
CA PRO A 74 -4.68 7.43 10.10
C PRO A 74 -4.05 8.84 10.05
N LEU A 75 -2.74 8.89 10.08
CA LEU A 75 -2.06 10.22 10.05
C LEU A 75 -2.15 10.84 8.65
N ASN A 76 -3.25 10.61 7.98
CA ASN A 76 -3.41 11.18 6.62
C ASN A 76 -3.72 12.67 6.71
N ASN A 77 -4.25 13.08 7.81
CA ASN A 77 -4.59 14.52 7.98
C ASN A 77 -3.35 15.33 8.35
N ASN A 78 -2.22 14.68 8.37
CA ASN A 78 -0.97 15.41 8.72
C ASN A 78 0.25 14.77 8.06
N VAL A 79 0.87 15.51 7.16
CA VAL A 79 2.08 14.98 6.47
C VAL A 79 3.16 16.04 6.43
N SER A 80 4.39 15.63 6.26
CA SER A 80 5.48 16.64 6.23
C SER A 80 6.78 16.08 5.67
N SER A 81 7.43 15.18 6.40
CA SER A 81 8.70 14.61 5.90
C SER A 81 8.55 13.16 5.44
N ILE A 82 9.50 12.72 4.65
CA ILE A 82 9.46 11.33 4.14
C ILE A 82 10.87 10.82 3.91
N ARG A 83 11.02 9.52 3.87
CA ARG A 83 12.38 8.98 3.65
C ARG A 83 12.33 7.65 2.89
N VAL A 84 13.14 7.55 1.85
CA VAL A 84 13.16 6.29 1.04
C VAL A 84 14.61 5.83 0.80
N ILE A 85 14.81 4.53 0.84
CA ILE A 85 16.17 3.99 0.62
C ILE A 85 16.13 2.77 -0.29
N SER A 86 17.09 2.69 -1.18
CA SER A 86 17.13 1.54 -2.11
C SER A 86 16.82 0.23 -1.37
N VAL A 87 16.26 -0.71 -2.09
CA VAL A 87 15.93 -2.01 -1.45
C VAL A 87 15.84 -3.10 -2.53
N PRO A 88 16.27 -4.31 -2.20
CA PRO A 88 16.22 -5.42 -3.14
C PRO A 88 14.85 -5.55 -3.79
N VAL A 89 14.83 -5.96 -5.03
CA VAL A 89 13.53 -6.11 -5.73
C VAL A 89 12.94 -7.50 -5.56
N GLN A 90 11.63 -7.55 -5.49
CA GLN A 90 10.93 -8.85 -5.32
C GLN A 90 9.61 -8.83 -6.09
N PRO A 91 9.14 -9.99 -6.50
CA PRO A 91 7.88 -10.08 -7.23
C PRO A 91 6.74 -9.53 -6.39
N ARG A 92 5.55 -10.01 -6.63
CA ARG A 92 4.41 -9.52 -5.85
C ARG A 92 3.12 -10.19 -6.28
N ALA A 93 2.03 -9.60 -5.90
CA ALA A 93 0.71 -10.15 -6.25
C ALA A 93 -0.15 -9.02 -6.76
N ARG A 94 -1.32 -9.33 -7.32
CA ARG A 94 -2.18 -8.24 -7.84
C ARG A 94 -3.64 -8.46 -7.49
N PHE A 95 -4.15 -7.64 -6.61
CA PHE A 95 -5.56 -7.79 -6.21
C PHE A 95 -6.42 -6.85 -7.06
N PHE A 96 -7.73 -7.01 -7.00
CA PHE A 96 -8.62 -6.13 -7.81
C PHE A 96 -9.84 -5.66 -7.03
N TYR A 97 -10.64 -4.83 -7.67
CA TYR A 97 -11.87 -4.31 -7.02
C TYR A 97 -13.10 -4.81 -7.78
N LYS A 98 -14.08 -5.30 -7.06
CA LYS A 98 -15.32 -5.82 -7.72
C LYS A 98 -15.09 -7.21 -8.32
N GLU A 99 -16.04 -8.07 -8.15
CA GLU A 99 -15.90 -9.43 -8.69
C GLU A 99 -15.92 -9.44 -10.22
N GLN A 100 -14.73 -9.63 -10.77
CA GLN A 100 -14.51 -9.68 -12.27
C GLN A 100 -13.43 -8.67 -12.67
N PHE A 101 -12.42 -8.58 -11.84
CA PHE A 101 -11.30 -7.63 -12.11
C PHE A 101 -11.77 -6.41 -12.89
N ASP A 102 -12.84 -5.81 -12.43
CA ASP A 102 -13.37 -4.60 -13.13
C ASP A 102 -13.02 -3.31 -12.41
N GLY A 103 -12.66 -3.42 -11.16
CA GLY A 103 -12.30 -2.20 -10.38
C GLY A 103 -10.77 -2.06 -10.24
N LYS A 104 -10.35 -0.86 -9.87
CA LYS A 104 -8.88 -0.60 -9.71
C LYS A 104 -8.17 -1.77 -9.05
N GLU A 105 -6.86 -1.82 -9.22
CA GLU A 105 -6.08 -2.93 -8.62
C GLU A 105 -4.90 -2.43 -7.77
N VAL A 106 -4.45 -3.29 -6.88
CA VAL A 106 -3.31 -2.93 -5.99
C VAL A 106 -2.33 -4.10 -5.97
N ASP A 107 -1.08 -3.83 -5.65
CA ASP A 107 -0.07 -4.93 -5.62
C ASP A 107 0.65 -4.97 -4.29
N LEU A 108 1.04 -6.17 -3.89
CA LEU A 108 1.74 -6.32 -2.60
C LEU A 108 2.91 -7.35 -2.71
N PRO A 109 4.13 -6.93 -2.35
CA PRO A 109 5.30 -7.82 -2.42
C PRO A 109 5.16 -8.99 -1.44
N PRO A 110 6.08 -9.93 -1.56
CA PRO A 110 6.08 -11.12 -0.71
C PRO A 110 6.22 -10.74 0.77
N GLY A 111 5.60 -11.51 1.62
CA GLY A 111 5.69 -11.21 3.09
C GLY A 111 4.36 -11.51 3.78
N GLN A 112 4.14 -10.84 4.89
CA GLN A 112 2.87 -11.06 5.65
C GLN A 112 2.24 -9.72 6.04
N TYR A 113 0.98 -9.76 6.36
CA TYR A 113 0.28 -8.50 6.76
C TYR A 113 -0.74 -8.80 7.85
N THR A 114 -0.98 -7.82 8.68
CA THR A 114 -1.98 -8.01 9.77
C THR A 114 -3.39 -7.57 9.37
N GLN A 115 -4.08 -6.99 10.31
CA GLN A 115 -5.47 -6.52 10.04
C GLN A 115 -5.56 -5.07 9.51
N ALA A 116 -5.60 -4.13 10.43
CA ALA A 116 -5.69 -2.69 10.01
C ALA A 116 -4.54 -2.24 9.11
N GLU A 117 -3.41 -2.86 9.23
CA GLU A 117 -2.29 -2.44 8.37
C GLU A 117 -2.60 -2.86 6.96
N LEU A 118 -2.74 -4.13 6.79
CA LEU A 118 -3.05 -4.69 5.47
C LEU A 118 -4.12 -3.86 4.78
N GLU A 119 -5.27 -3.86 5.37
CA GLU A 119 -6.39 -3.09 4.81
C GLU A 119 -5.96 -1.73 4.30
N ARG A 120 -5.61 -0.88 5.24
CA ARG A 120 -5.19 0.48 4.86
C ARG A 120 -3.85 0.52 4.10
N TYR A 121 -3.25 -0.63 3.89
CA TYR A 121 -1.96 -0.63 3.15
C TYR A 121 -2.18 -0.72 1.66
N GLY A 122 -3.29 -1.28 1.28
CA GLY A 122 -3.56 -1.39 -0.18
C GLY A 122 -5.06 -1.44 -0.48
N ILE A 123 -5.86 -1.79 0.51
CA ILE A 123 -7.32 -1.86 0.25
C ILE A 123 -8.15 -1.43 1.49
N ASP A 124 -8.89 -2.37 2.02
CA ASP A 124 -9.73 -2.07 3.20
C ASP A 124 -10.25 -3.38 3.80
N ASN A 125 -11.23 -3.30 4.66
CA ASN A 125 -11.76 -4.54 5.25
C ASN A 125 -12.24 -5.48 4.17
N ASN A 126 -13.37 -5.19 3.63
CA ASN A 126 -13.92 -6.04 2.56
C ASN A 126 -13.15 -5.82 1.26
N THR A 127 -13.87 -5.76 0.18
CA THR A 127 -13.21 -5.53 -1.12
C THR A 127 -12.37 -6.73 -1.54
N ILE A 128 -11.19 -6.46 -2.08
CA ILE A 128 -10.25 -7.54 -2.56
C ILE A 128 -10.77 -8.16 -3.84
N SER A 129 -12.02 -8.52 -3.84
CA SER A 129 -12.62 -9.13 -5.04
C SER A 129 -11.66 -10.10 -5.72
N SER A 130 -11.60 -10.00 -7.01
CA SER A 130 -10.71 -10.89 -7.79
C SER A 130 -9.23 -10.68 -7.44
N VAL A 131 -8.51 -11.77 -7.44
CA VAL A 131 -7.05 -11.72 -7.12
C VAL A 131 -6.23 -12.29 -8.27
N LYS A 132 -5.02 -11.82 -8.41
CA LYS A 132 -4.17 -12.31 -9.50
C LYS A 132 -2.68 -12.27 -9.13
N PRO A 133 -2.25 -13.26 -8.40
CA PRO A 133 -0.85 -13.34 -7.98
C PRO A 133 0.06 -13.41 -9.21
N GLN A 134 0.50 -12.25 -9.64
CA GLN A 134 1.39 -12.19 -10.83
C GLN A 134 2.81 -12.67 -10.53
N GLY A 135 2.98 -13.53 -9.55
CA GLY A 135 4.37 -13.98 -9.27
C GLY A 135 4.46 -14.91 -8.06
N LEU A 136 3.91 -14.49 -6.95
CA LEU A 136 3.96 -15.35 -5.72
C LEU A 136 2.60 -15.93 -5.40
N ALA A 137 2.59 -16.80 -4.42
CA ALA A 137 1.31 -17.42 -4.02
C ALA A 137 0.68 -16.59 -2.91
N VAL A 138 -0.63 -16.46 -2.94
CA VAL A 138 -1.29 -15.64 -1.88
C VAL A 138 -2.10 -16.51 -0.94
N VAL A 139 -2.04 -16.19 0.33
CA VAL A 139 -2.80 -16.96 1.34
C VAL A 139 -3.63 -16.03 2.19
N LEU A 140 -4.90 -16.32 2.29
CA LEU A 140 -5.80 -15.46 3.10
C LEU A 140 -6.10 -16.05 4.47
N PHE A 141 -6.10 -15.19 5.48
CA PHE A 141 -6.39 -15.66 6.86
C PHE A 141 -7.70 -15.06 7.36
N LYS A 142 -8.65 -15.92 7.66
CA LYS A 142 -9.97 -15.44 8.13
C LYS A 142 -9.81 -14.42 9.25
N ASN A 143 -9.52 -14.89 10.43
CA ASN A 143 -9.36 -13.94 11.56
C ASN A 143 -8.03 -13.19 11.47
N ASP A 144 -7.57 -12.71 12.60
CA ASP A 144 -6.28 -11.94 12.62
C ASP A 144 -5.06 -12.76 12.17
N ASN A 145 -3.93 -12.32 12.66
CA ASN A 145 -2.63 -12.99 12.33
C ASN A 145 -2.75 -14.49 12.15
N PHE A 146 -3.03 -14.90 10.94
CA PHE A 146 -3.16 -16.36 10.65
C PHE A 146 -3.81 -17.09 11.80
N SER A 147 -5.05 -16.79 12.04
CA SER A 147 -5.76 -17.47 13.15
C SER A 147 -5.84 -18.98 12.94
N GLY A 148 -7.02 -19.46 12.63
CA GLY A 148 -7.19 -20.93 12.40
C GLY A 148 -7.58 -21.23 10.95
N ASP A 149 -8.72 -20.74 10.55
CA ASP A 149 -9.18 -20.98 9.15
C ASP A 149 -8.41 -20.12 8.16
N THR A 150 -8.15 -20.68 7.00
CA THR A 150 -7.40 -19.92 5.97
C THR A 150 -7.79 -20.36 4.56
N LEU A 151 -7.27 -19.66 3.58
CA LEU A 151 -7.58 -20.01 2.18
C LEU A 151 -6.35 -19.76 1.28
N PRO A 152 -5.49 -20.76 1.18
CA PRO A 152 -4.28 -20.66 0.37
C PRO A 152 -4.58 -20.51 -1.13
N VAL A 153 -4.43 -19.32 -1.62
CA VAL A 153 -4.70 -19.09 -3.07
C VAL A 153 -3.54 -19.60 -3.91
N ASN A 154 -3.65 -20.83 -4.34
CA ASN A 154 -2.58 -21.45 -5.16
C ASN A 154 -2.04 -20.51 -6.24
N SER A 155 -2.91 -19.81 -6.92
CA SER A 155 -2.42 -18.90 -7.97
C SER A 155 -3.52 -17.99 -8.51
N ASP A 156 -3.61 -17.96 -9.82
CA ASP A 156 -4.64 -17.11 -10.49
C ASP A 156 -6.03 -17.26 -9.85
N ALA A 157 -6.72 -16.15 -9.77
CA ALA A 157 -8.07 -16.17 -9.17
C ALA A 157 -8.80 -14.88 -9.54
N PRO A 158 -9.03 -14.71 -10.82
CA PRO A 158 -9.71 -13.52 -11.35
C PRO A 158 -11.16 -13.38 -10.85
N THR A 159 -11.47 -14.01 -9.76
CA THR A 159 -12.85 -13.90 -9.24
C THR A 159 -12.96 -14.54 -7.88
N LEU A 160 -13.07 -13.71 -6.88
CA LEU A 160 -13.19 -14.22 -5.50
C LEU A 160 -14.64 -14.11 -5.02
N GLY A 161 -15.02 -12.92 -4.63
CA GLY A 161 -16.42 -12.71 -4.15
C GLY A 161 -16.72 -13.56 -2.90
N ALA A 162 -17.81 -14.30 -2.98
CA ALA A 162 -18.25 -15.19 -1.83
C ALA A 162 -17.18 -15.42 -0.76
N MET A 163 -16.04 -15.93 -1.17
CA MET A 163 -14.96 -16.18 -0.18
C MET A 163 -14.46 -14.88 0.44
N ASN A 164 -15.25 -13.85 0.29
CA ASN A 164 -14.85 -12.55 0.86
C ASN A 164 -14.78 -12.61 2.38
N ASN A 165 -15.84 -13.05 2.99
CA ASN A 165 -15.86 -13.15 4.47
C ASN A 165 -15.33 -11.88 5.11
N ASN A 166 -14.03 -11.84 5.31
CA ASN A 166 -13.44 -10.63 5.93
C ASN A 166 -11.94 -10.52 5.63
N THR A 167 -11.29 -11.65 5.54
CA THR A 167 -9.83 -11.62 5.25
C THR A 167 -9.15 -10.57 6.10
N SER A 168 -8.83 -10.92 7.31
CA SER A 168 -8.16 -9.94 8.19
C SER A 168 -6.68 -9.85 7.87
N SER A 169 -6.01 -10.99 7.83
CA SER A 169 -4.55 -10.98 7.53
C SER A 169 -4.25 -11.88 6.34
N ILE A 170 -3.08 -11.72 5.77
CA ILE A 170 -2.72 -12.56 4.60
C ILE A 170 -1.23 -12.91 4.63
N ARG A 171 -0.83 -13.67 3.66
CA ARG A 171 0.60 -14.08 3.60
C ARG A 171 0.99 -14.45 2.19
N ILE A 172 1.78 -13.62 1.58
CA ILE A 172 2.21 -13.91 0.21
C ILE A 172 3.44 -14.80 0.21
N SER A 173 3.21 -16.08 0.09
CA SER A 173 4.35 -17.03 0.09
C SER A 173 5.00 -17.10 -1.28
N MET A 1 13.45 4.12 -13.42
CA MET A 1 13.33 5.38 -12.65
C MET A 1 12.09 5.32 -11.77
N ALA A 2 12.31 5.23 -10.50
CA ALA A 2 11.16 5.18 -9.56
C ALA A 2 10.75 6.57 -9.10
N ASN A 3 9.58 6.66 -8.51
CA ASN A 3 9.08 7.98 -8.04
C ASN A 3 7.71 7.83 -7.40
N ILE A 4 7.60 8.22 -6.16
CA ILE A 4 6.27 8.12 -5.48
C ILE A 4 5.33 9.23 -5.92
N THR A 5 4.16 8.84 -6.36
CA THR A 5 3.17 9.85 -6.81
C THR A 5 2.09 9.99 -5.76
N VAL A 6 2.09 11.09 -5.06
CA VAL A 6 1.06 11.27 -4.01
C VAL A 6 -0.20 11.92 -4.54
N PHE A 7 -1.24 11.83 -3.75
CA PHE A 7 -2.55 12.42 -4.12
C PHE A 7 -2.97 13.40 -3.04
N TYR A 8 -3.63 14.46 -3.43
CA TYR A 8 -4.07 15.47 -2.42
C TYR A 8 -5.41 15.14 -1.74
N ASN A 9 -5.93 13.96 -1.97
CA ASN A 9 -7.22 13.62 -1.30
C ASN A 9 -7.36 12.14 -1.02
N GLU A 10 -8.38 11.81 -0.28
CA GLU A 10 -8.61 10.38 0.06
C GLU A 10 -9.24 9.66 -1.11
N ASP A 11 -8.90 8.40 -1.26
CA ASP A 11 -9.48 7.61 -2.38
C ASP A 11 -8.77 7.96 -3.70
N PHE A 12 -7.48 7.73 -3.73
CA PHE A 12 -6.69 8.04 -4.96
C PHE A 12 -7.09 9.38 -5.57
N GLN A 13 -7.78 10.19 -4.81
CA GLN A 13 -8.21 11.52 -5.33
C GLN A 13 -7.29 12.61 -4.79
N GLY A 14 -7.20 13.70 -5.53
CA GLY A 14 -6.33 14.84 -5.08
C GLY A 14 -5.20 15.04 -6.09
N LYS A 15 -4.90 16.29 -6.37
CA LYS A 15 -3.80 16.61 -7.34
C LYS A 15 -2.66 15.61 -7.23
N GLN A 16 -2.03 15.34 -8.34
CA GLN A 16 -0.89 14.37 -8.33
C GLN A 16 0.46 15.07 -8.31
N VAL A 17 1.37 14.50 -7.57
CA VAL A 17 2.74 15.09 -7.48
C VAL A 17 3.76 13.97 -7.38
N ASP A 18 4.71 13.97 -8.29
CA ASP A 18 5.75 12.91 -8.26
C ASP A 18 7.01 13.35 -7.53
N LEU A 19 7.34 12.65 -6.47
CA LEU A 19 8.55 13.00 -5.68
C LEU A 19 9.63 11.90 -5.85
N PRO A 20 10.84 12.29 -6.26
CA PRO A 20 11.91 11.32 -6.47
C PRO A 20 12.34 10.66 -5.15
N PRO A 21 13.01 9.53 -5.26
CA PRO A 21 13.50 8.79 -4.09
C PRO A 21 14.49 9.62 -3.29
N GLY A 22 15.01 9.05 -2.22
CA GLY A 22 15.99 9.80 -1.39
C GLY A 22 15.38 10.21 -0.06
N ASN A 23 16.08 11.03 0.66
CA ASN A 23 15.58 11.50 1.97
C ASN A 23 15.38 13.01 1.97
N TYR A 24 14.18 13.44 2.30
CA TYR A 24 13.93 14.90 2.32
C TYR A 24 12.97 15.26 3.44
N THR A 25 12.85 16.54 3.68
CA THR A 25 11.96 17.00 4.75
C THR A 25 11.21 18.24 4.33
N ARG A 26 11.04 19.12 5.27
CA ARG A 26 10.33 20.37 4.95
C ARG A 26 11.18 21.24 4.04
N ALA A 27 12.47 21.24 4.28
CA ALA A 27 13.37 22.05 3.43
C ALA A 27 13.19 21.70 1.96
N GLN A 28 13.42 20.47 1.63
CA GLN A 28 13.26 20.08 0.21
C GLN A 28 11.87 20.43 -0.27
N LEU A 29 10.91 19.99 0.48
CA LEU A 29 9.52 20.30 0.08
C LEU A 29 9.34 21.80 -0.01
N ALA A 30 10.10 22.52 0.77
CA ALA A 30 9.98 23.99 0.73
C ALA A 30 10.21 24.42 -0.68
N ALA A 31 11.05 23.67 -1.34
CA ALA A 31 11.35 23.99 -2.75
C ALA A 31 10.18 23.60 -3.63
N LEU A 32 9.54 22.51 -3.27
CA LEU A 32 8.38 22.05 -4.08
C LEU A 32 7.14 22.89 -3.77
N GLY A 33 6.43 22.55 -2.71
CA GLY A 33 5.22 23.34 -2.37
C GLY A 33 4.20 22.47 -1.62
N ILE A 34 4.35 21.18 -1.70
CA ILE A 34 3.39 20.29 -0.99
C ILE A 34 3.88 19.97 0.41
N GLU A 35 2.96 19.96 1.35
CA GLU A 35 3.35 19.66 2.76
C GLU A 35 2.18 19.89 3.73
N ASN A 36 2.17 19.13 4.80
CA ASN A 36 1.08 19.27 5.81
C ASN A 36 -0.24 18.64 5.36
N ASN A 37 -0.72 17.75 6.17
CA ASN A 37 -2.00 17.04 5.87
C ASN A 37 -2.12 16.61 4.41
N THR A 38 -1.04 16.66 3.68
CA THR A 38 -1.13 16.22 2.26
C THR A 38 -0.87 14.74 2.14
N ILE A 39 -0.35 14.34 1.00
CA ILE A 39 -0.07 12.89 0.80
C ILE A 39 -1.22 12.05 1.33
N SER A 40 -2.36 12.25 0.78
CA SER A 40 -3.54 11.48 1.23
C SER A 40 -3.54 10.09 0.58
N SER A 41 -3.04 10.02 -0.62
CA SER A 41 -2.99 8.69 -1.33
C SER A 41 -1.70 8.61 -2.15
N VAL A 42 -1.21 7.41 -2.41
CA VAL A 42 0.05 7.32 -3.22
C VAL A 42 0.09 6.15 -4.16
N LYS A 43 1.09 6.18 -5.00
CA LYS A 43 1.29 5.12 -6.00
C LYS A 43 2.79 4.90 -6.14
N VAL A 44 3.31 3.92 -5.42
CA VAL A 44 4.77 3.63 -5.49
C VAL A 44 5.08 2.24 -6.08
N PRO A 45 5.61 2.21 -7.30
CA PRO A 45 5.93 0.93 -7.93
C PRO A 45 7.11 0.26 -7.21
N PRO A 46 7.37 -0.96 -7.56
CA PRO A 46 8.46 -1.73 -6.96
C PRO A 46 9.82 -1.05 -7.21
N GLY A 47 10.88 -1.75 -6.88
CA GLY A 47 12.23 -1.16 -7.09
C GLY A 47 12.54 -0.12 -6.01
N VAL A 48 11.55 0.28 -5.26
CA VAL A 48 11.82 1.28 -4.20
C VAL A 48 10.89 1.10 -2.99
N LYS A 49 11.46 1.26 -1.82
CA LYS A 49 10.67 1.12 -0.56
C LYS A 49 10.62 2.46 0.13
N ALA A 50 9.43 2.98 0.33
CA ALA A 50 9.31 4.29 1.01
C ALA A 50 8.80 4.17 2.43
N ILE A 51 9.14 5.16 3.20
CA ILE A 51 8.72 5.19 4.61
C ILE A 51 8.39 6.63 4.98
N LEU A 52 7.17 6.87 5.34
CA LEU A 52 6.79 8.27 5.70
C LEU A 52 7.01 8.56 7.16
N TYR A 53 7.10 9.83 7.44
CA TYR A 53 7.32 10.27 8.82
C TYR A 53 6.50 11.55 9.09
N GLN A 54 5.61 11.45 10.04
CA GLN A 54 4.76 12.62 10.38
C GLN A 54 5.57 13.90 10.61
N ASN A 55 6.10 14.04 11.79
CA ASN A 55 6.90 15.26 12.09
C ASN A 55 8.08 15.41 11.14
N ASP A 56 8.51 16.63 10.97
CA ASP A 56 9.65 16.89 10.07
C ASP A 56 10.89 16.13 10.53
N GLY A 57 11.97 16.30 9.83
CA GLY A 57 13.22 15.60 10.23
C GLY A 57 12.91 14.12 10.41
N PHE A 58 12.08 13.62 9.54
CA PHE A 58 11.70 12.19 9.62
C PHE A 58 11.52 11.74 11.07
N ALA A 59 10.47 12.21 11.68
CA ALA A 59 10.21 11.83 13.10
C ALA A 59 8.72 11.68 13.35
N GLY A 60 8.38 11.21 14.53
CA GLY A 60 6.94 11.01 14.86
C GLY A 60 6.40 9.75 14.20
N ASP A 61 5.12 9.54 14.32
CA ASP A 61 4.54 8.32 13.70
C ASP A 61 5.08 8.15 12.28
N GLN A 62 5.02 6.96 11.77
CA GLN A 62 5.54 6.75 10.40
C GLN A 62 4.80 5.62 9.70
N ILE A 63 5.02 5.52 8.42
CA ILE A 63 4.34 4.46 7.63
C ILE A 63 5.36 3.80 6.71
N GLU A 64 4.94 2.77 6.04
CA GLU A 64 5.87 2.07 5.12
C GLU A 64 5.12 1.57 3.89
N VAL A 65 5.69 1.79 2.74
CA VAL A 65 5.02 1.32 1.51
C VAL A 65 5.99 0.99 0.41
N VAL A 66 5.57 0.11 -0.44
CA VAL A 66 6.41 -0.32 -1.57
C VAL A 66 5.50 -0.45 -2.76
N ALA A 67 4.23 -0.40 -2.46
CA ALA A 67 3.19 -0.52 -3.51
C ALA A 67 2.34 0.75 -3.53
N ASN A 68 1.15 0.63 -4.03
CA ASN A 68 0.27 1.82 -4.07
C ASN A 68 -0.61 1.87 -2.84
N ALA A 69 -0.60 2.98 -2.18
CA ALA A 69 -1.43 3.11 -0.97
C ALA A 69 -2.81 3.64 -1.30
N GLU A 70 -3.81 2.87 -1.00
CA GLU A 70 -5.19 3.31 -1.30
C GLU A 70 -5.68 4.28 -0.24
N GLU A 71 -5.68 3.82 0.99
CA GLU A 71 -6.14 4.68 2.10
C GLU A 71 -4.95 5.14 2.95
N LEU A 72 -3.79 5.06 2.37
CA LEU A 72 -2.58 5.49 3.10
C LEU A 72 -2.47 4.79 4.46
N GLY A 73 -2.89 5.47 5.50
CA GLY A 73 -2.83 4.86 6.86
C GLY A 73 -3.12 5.92 7.92
N PRO A 74 -2.70 5.65 9.14
CA PRO A 74 -2.91 6.55 10.25
C PRO A 74 -2.14 7.86 10.02
N LEU A 75 -1.88 8.56 11.10
CA LEU A 75 -1.13 9.86 11.01
C LEU A 75 -1.40 10.59 9.69
N ASN A 76 -2.60 10.43 9.19
CA ASN A 76 -2.96 11.08 7.91
C ASN A 76 -3.32 12.54 8.15
N ASN A 77 -3.49 12.90 9.39
CA ASN A 77 -3.84 14.30 9.70
C ASN A 77 -2.65 15.23 9.50
N ASN A 78 -1.48 14.65 9.36
CA ASN A 78 -0.28 15.49 9.16
C ASN A 78 0.87 14.71 8.54
N VAL A 79 1.50 15.29 7.56
CA VAL A 79 2.63 14.61 6.88
C VAL A 79 3.68 15.64 6.46
N SER A 80 4.92 15.22 6.36
CA SER A 80 5.96 16.21 5.95
C SER A 80 7.27 15.54 5.52
N SER A 81 7.87 14.76 6.40
CA SER A 81 9.13 14.10 6.01
C SER A 81 8.89 12.76 5.37
N ILE A 82 9.75 12.40 4.43
CA ILE A 82 9.57 11.09 3.77
C ILE A 82 10.90 10.49 3.40
N ARG A 83 11.04 9.22 3.69
CA ARG A 83 12.29 8.50 3.38
C ARG A 83 12.09 7.52 2.24
N VAL A 84 13.07 7.42 1.38
CA VAL A 84 12.96 6.47 0.25
C VAL A 84 14.32 5.86 -0.07
N ILE A 85 14.36 4.55 -0.05
CA ILE A 85 15.65 3.84 -0.34
C ILE A 85 15.47 2.77 -1.39
N SER A 86 16.25 2.85 -2.43
CA SER A 86 16.15 1.84 -3.51
C SER A 86 16.02 0.44 -2.92
N VAL A 87 15.07 -0.32 -3.43
CA VAL A 87 14.86 -1.70 -2.91
C VAL A 87 14.89 -2.72 -4.08
N PRO A 88 15.52 -3.86 -3.85
CA PRO A 88 15.60 -4.88 -4.89
C PRO A 88 14.21 -5.23 -5.41
N VAL A 89 14.13 -5.49 -6.68
CA VAL A 89 12.83 -5.83 -7.27
C VAL A 89 12.23 -7.07 -6.61
N GLN A 90 11.06 -6.91 -6.06
CA GLN A 90 10.40 -8.06 -5.41
C GLN A 90 9.29 -8.63 -6.32
N PRO A 91 9.23 -9.94 -6.44
CA PRO A 91 8.22 -10.56 -7.28
C PRO A 91 6.84 -10.06 -6.92
N ARG A 92 6.67 -9.77 -5.66
CA ARG A 92 5.37 -9.26 -5.18
C ARG A 92 4.19 -10.13 -5.63
N ALA A 93 3.02 -9.56 -5.52
CA ALA A 93 1.78 -10.26 -5.91
C ALA A 93 0.83 -9.23 -6.53
N ARG A 94 -0.31 -9.66 -7.00
CA ARG A 94 -1.26 -8.67 -7.59
C ARG A 94 -2.70 -9.10 -7.43
N PHE A 95 -3.52 -8.16 -6.98
CA PHE A 95 -4.95 -8.45 -6.79
C PHE A 95 -5.76 -7.52 -7.68
N PHE A 96 -6.88 -7.99 -8.16
CA PHE A 96 -7.72 -7.14 -9.04
C PHE A 96 -9.10 -6.93 -8.47
N TYR A 97 -9.76 -5.89 -8.92
CA TYR A 97 -11.13 -5.62 -8.40
C TYR A 97 -12.21 -6.21 -9.30
N LYS A 98 -13.40 -6.29 -8.77
CA LYS A 98 -14.52 -6.85 -9.57
C LYS A 98 -14.33 -8.34 -9.85
N GLU A 99 -15.39 -9.09 -9.68
CA GLU A 99 -15.29 -10.53 -9.92
C GLU A 99 -14.98 -10.79 -11.38
N GLN A 100 -13.71 -11.08 -11.63
CA GLN A 100 -13.18 -11.37 -13.02
C GLN A 100 -12.12 -10.35 -13.35
N PHE A 101 -11.35 -10.02 -12.35
CA PHE A 101 -10.26 -9.02 -12.52
C PHE A 101 -10.65 -7.94 -13.53
N ASP A 102 -11.86 -7.46 -13.43
CA ASP A 102 -12.31 -6.40 -14.37
C ASP A 102 -12.31 -5.03 -13.71
N GLY A 103 -11.40 -4.81 -12.80
CA GLY A 103 -11.35 -3.49 -12.11
C GLY A 103 -9.92 -3.17 -11.62
N LYS A 104 -9.72 -1.95 -11.18
CA LYS A 104 -8.37 -1.53 -10.67
C LYS A 104 -7.65 -2.66 -9.94
N GLU A 105 -6.34 -2.62 -9.99
CA GLU A 105 -5.53 -3.67 -9.32
C GLU A 105 -4.58 -3.09 -8.29
N VAL A 106 -4.02 -3.95 -7.49
CA VAL A 106 -3.08 -3.50 -6.44
C VAL A 106 -1.99 -4.55 -6.22
N ASP A 107 -0.77 -4.09 -6.05
CA ASP A 107 0.35 -5.06 -5.83
C ASP A 107 0.85 -5.00 -4.38
N LEU A 108 1.37 -6.10 -3.89
CA LEU A 108 1.88 -6.11 -2.48
C LEU A 108 3.20 -6.91 -2.36
N PRO A 109 4.14 -6.39 -1.54
CA PRO A 109 5.45 -7.04 -1.32
C PRO A 109 5.30 -8.26 -0.40
N PRO A 110 6.32 -9.10 -0.40
CA PRO A 110 6.33 -10.30 0.43
C PRO A 110 6.33 -9.92 1.91
N GLY A 111 5.60 -10.67 2.71
CA GLY A 111 5.57 -10.35 4.17
C GLY A 111 4.19 -10.63 4.77
N GLN A 112 3.92 -9.98 5.88
CA GLN A 112 2.61 -10.17 6.57
C GLN A 112 1.92 -8.83 6.78
N TYR A 113 0.61 -8.87 6.89
CA TYR A 113 -0.14 -7.60 7.11
C TYR A 113 -1.33 -7.84 8.03
N THR A 114 -1.72 -6.80 8.74
CA THR A 114 -2.87 -6.93 9.68
C THR A 114 -4.13 -6.25 9.16
N GLN A 115 -5.16 -6.36 9.94
CA GLN A 115 -6.48 -5.76 9.58
C GLN A 115 -6.40 -4.24 9.41
N ALA A 116 -5.39 -3.64 9.96
CA ALA A 116 -5.27 -2.16 9.84
C ALA A 116 -4.46 -1.71 8.61
N GLU A 117 -3.22 -2.10 8.55
CA GLU A 117 -2.38 -1.68 7.41
C GLU A 117 -2.83 -2.31 6.12
N LEU A 118 -2.88 -3.61 6.11
CA LEU A 118 -3.31 -4.34 4.89
C LEU A 118 -4.37 -3.57 4.12
N GLU A 119 -5.54 -3.57 4.65
CA GLU A 119 -6.64 -2.87 3.97
C GLU A 119 -6.25 -1.44 3.64
N ARG A 120 -5.87 -0.70 4.63
CA ARG A 120 -5.49 0.69 4.36
C ARG A 120 -4.12 0.79 3.68
N TYR A 121 -3.64 -0.33 3.18
CA TYR A 121 -2.30 -0.33 2.51
C TYR A 121 -2.43 -0.77 1.06
N GLY A 122 -3.55 -1.38 0.74
CA GLY A 122 -3.75 -1.84 -0.66
C GLY A 122 -5.18 -1.59 -1.11
N ILE A 123 -6.12 -1.96 -0.29
CA ILE A 123 -7.54 -1.75 -0.65
C ILE A 123 -8.34 -1.24 0.55
N ASP A 124 -9.20 -2.08 1.09
CA ASP A 124 -10.01 -1.65 2.25
C ASP A 124 -10.59 -2.85 3.00
N ASN A 125 -11.77 -2.66 3.54
CA ASN A 125 -12.42 -3.77 4.30
C ASN A 125 -12.67 -4.97 3.40
N ASN A 126 -13.30 -4.73 2.30
CA ASN A 126 -13.59 -5.85 1.37
C ASN A 126 -13.84 -5.33 -0.04
N THR A 127 -13.23 -5.99 -0.99
CA THR A 127 -13.40 -5.59 -2.42
C THR A 127 -12.62 -6.53 -3.31
N ILE A 128 -11.82 -7.35 -2.68
CA ILE A 128 -11.00 -8.32 -3.45
C ILE A 128 -11.90 -9.42 -4.05
N SER A 129 -11.58 -9.82 -5.25
CA SER A 129 -12.41 -10.88 -5.89
C SER A 129 -11.62 -11.61 -6.98
N SER A 130 -10.33 -11.38 -7.00
CA SER A 130 -9.48 -12.04 -8.03
C SER A 130 -8.01 -11.79 -7.70
N VAL A 131 -7.28 -12.85 -7.42
CA VAL A 131 -5.83 -12.69 -7.10
C VAL A 131 -4.93 -13.23 -8.19
N LYS A 132 -3.74 -12.70 -8.21
CA LYS A 132 -2.75 -13.13 -9.22
C LYS A 132 -1.34 -12.89 -8.69
N PRO A 133 -0.82 -13.86 -7.97
CA PRO A 133 0.53 -13.73 -7.40
C PRO A 133 1.58 -13.57 -8.48
N GLN A 134 2.01 -12.36 -8.66
CA GLN A 134 3.02 -12.09 -9.69
C GLN A 134 4.26 -12.96 -9.50
N GLY A 135 4.37 -13.62 -8.38
CA GLY A 135 5.57 -14.48 -8.17
C GLY A 135 5.54 -15.22 -6.82
N LEU A 136 5.03 -14.57 -5.81
CA LEU A 136 4.98 -15.23 -4.48
C LEU A 136 3.65 -15.95 -4.28
N ALA A 137 3.46 -16.49 -3.10
CA ALA A 137 2.18 -17.20 -2.81
C ALA A 137 1.37 -16.38 -1.81
N VAL A 138 0.09 -16.27 -2.05
CA VAL A 138 -0.75 -15.48 -1.13
C VAL A 138 -1.58 -16.35 -0.19
N VAL A 139 -1.68 -15.91 1.03
CA VAL A 139 -2.46 -16.66 2.05
C VAL A 139 -3.39 -15.68 2.76
N LEU A 140 -4.67 -15.93 2.67
CA LEU A 140 -5.64 -15.01 3.34
C LEU A 140 -6.12 -15.52 4.69
N PHE A 141 -6.31 -14.59 5.60
CA PHE A 141 -6.78 -14.94 6.96
C PHE A 141 -8.12 -14.25 7.25
N LYS A 142 -9.06 -15.01 7.72
CA LYS A 142 -10.38 -14.42 8.03
C LYS A 142 -10.29 -13.45 9.21
N ASN A 143 -10.07 -13.99 10.38
CA ASN A 143 -9.97 -13.11 11.57
C ASN A 143 -8.69 -12.28 11.52
N ASP A 144 -8.63 -11.25 12.31
CA ASP A 144 -7.42 -10.41 12.31
C ASP A 144 -6.21 -11.20 12.78
N ASN A 145 -5.19 -10.49 13.20
CA ASN A 145 -3.95 -11.17 13.68
C ASN A 145 -3.69 -12.46 12.92
N PHE A 146 -4.04 -12.45 11.67
CA PHE A 146 -3.83 -13.66 10.84
C PHE A 146 -4.23 -14.92 11.60
N SER A 147 -5.48 -14.98 11.96
CA SER A 147 -5.97 -16.18 12.71
C SER A 147 -7.32 -16.64 12.18
N GLY A 148 -7.85 -17.68 12.79
CA GLY A 148 -9.17 -18.20 12.34
C GLY A 148 -8.99 -19.00 11.04
N ASP A 149 -10.09 -19.22 10.36
CA ASP A 149 -10.00 -19.99 9.09
C ASP A 149 -9.08 -19.28 8.11
N THR A 150 -8.66 -19.98 7.09
CA THR A 150 -7.76 -19.33 6.09
C THR A 150 -7.97 -19.89 4.69
N LEU A 151 -7.36 -19.24 3.74
CA LEU A 151 -7.49 -19.69 2.34
C LEU A 151 -6.14 -19.49 1.62
N PRO A 152 -5.28 -20.48 1.77
CA PRO A 152 -3.94 -20.45 1.16
C PRO A 152 -3.98 -20.39 -0.38
N VAL A 153 -3.75 -19.22 -0.91
CA VAL A 153 -3.75 -19.09 -2.39
C VAL A 153 -2.34 -19.35 -2.93
N ASN A 154 -2.02 -20.60 -3.05
CA ASN A 154 -0.67 -20.96 -3.57
C ASN A 154 -0.54 -20.79 -5.08
N SER A 155 -1.47 -20.12 -5.70
CA SER A 155 -1.35 -19.95 -7.18
C SER A 155 -2.35 -18.95 -7.76
N ASP A 156 -2.42 -18.94 -9.07
CA ASP A 156 -3.36 -18.01 -9.77
C ASP A 156 -4.81 -18.20 -9.33
N ALA A 157 -5.56 -17.13 -9.43
CA ALA A 157 -6.99 -17.19 -9.04
C ALA A 157 -7.68 -15.88 -9.41
N PRO A 158 -7.71 -15.61 -10.71
CA PRO A 158 -8.34 -14.39 -11.24
C PRO A 158 -9.87 -14.42 -11.11
N THR A 159 -10.36 -15.02 -10.06
CA THR A 159 -11.85 -15.07 -9.90
C THR A 159 -12.27 -15.71 -8.58
N LEU A 160 -12.15 -14.97 -7.52
CA LEU A 160 -12.55 -15.51 -6.20
C LEU A 160 -14.06 -15.41 -6.04
N GLY A 161 -14.50 -14.27 -5.54
CA GLY A 161 -15.98 -14.09 -5.34
C GLY A 161 -16.55 -15.06 -4.28
N ALA A 162 -16.61 -16.32 -4.62
CA ALA A 162 -17.15 -17.33 -3.65
C ALA A 162 -16.46 -17.26 -2.29
N MET A 163 -15.59 -16.30 -2.12
CA MET A 163 -14.88 -16.16 -0.81
C MET A 163 -15.28 -14.86 -0.14
N ASN A 164 -16.54 -14.54 -0.23
CA ASN A 164 -17.05 -13.28 0.39
C ASN A 164 -16.44 -13.06 1.76
N ASN A 165 -15.90 -14.09 2.35
CA ASN A 165 -15.28 -13.94 3.70
C ASN A 165 -14.49 -12.64 3.78
N ASN A 166 -14.87 -11.79 4.70
CA ASN A 166 -14.16 -10.50 4.83
C ASN A 166 -12.67 -10.69 5.08
N THR A 167 -11.90 -10.63 4.01
CA THR A 167 -10.43 -10.81 4.16
C THR A 167 -9.89 -9.73 5.10
N SER A 168 -9.43 -10.15 6.24
CA SER A 168 -8.88 -9.15 7.21
C SER A 168 -7.36 -9.06 7.14
N SER A 169 -6.69 -10.15 7.44
CA SER A 169 -5.20 -10.15 7.40
C SER A 169 -4.69 -11.12 6.35
N ILE A 170 -3.45 -10.96 5.96
CA ILE A 170 -2.88 -11.86 4.94
C ILE A 170 -1.41 -12.09 5.16
N ARG A 171 -0.86 -12.88 4.30
CA ARG A 171 0.58 -13.18 4.41
C ARG A 171 1.11 -13.73 3.10
N ILE A 172 1.99 -12.99 2.48
CA ILE A 172 2.54 -13.45 1.21
C ILE A 172 3.81 -14.26 1.44
N SER A 173 3.67 -15.56 1.42
CA SER A 173 4.87 -16.42 1.65
C SER A 173 5.68 -16.57 0.37
N MET A 1 15.86 7.46 -11.34
CA MET A 1 15.13 6.31 -11.93
C MET A 1 13.77 6.16 -11.27
N ALA A 2 13.78 5.76 -10.03
CA ALA A 2 12.50 5.59 -9.30
C ALA A 2 11.88 6.95 -8.98
N ASN A 3 10.63 6.93 -8.58
CA ASN A 3 9.96 8.21 -8.26
C ASN A 3 8.61 7.96 -7.57
N ILE A 4 8.53 8.28 -6.30
CA ILE A 4 7.25 8.05 -5.57
C ILE A 4 6.20 9.03 -6.06
N THR A 5 4.98 8.55 -6.19
CA THR A 5 3.87 9.44 -6.67
C THR A 5 2.83 9.62 -5.57
N VAL A 6 2.63 10.85 -5.18
CA VAL A 6 1.63 11.12 -4.12
C VAL A 6 0.35 11.71 -4.71
N PHE A 7 -0.72 11.54 -4.00
CA PHE A 7 -2.03 12.07 -4.48
C PHE A 7 -2.51 13.13 -3.51
N TYR A 8 -3.07 14.19 -4.04
CA TYR A 8 -3.56 15.26 -3.15
C TYR A 8 -4.68 14.79 -2.24
N ASN A 9 -5.78 14.41 -2.82
CA ASN A 9 -6.92 13.94 -1.98
C ASN A 9 -6.83 12.45 -1.72
N GLU A 10 -7.65 12.01 -0.81
CA GLU A 10 -7.65 10.56 -0.49
C GLU A 10 -8.23 9.79 -1.65
N ASP A 11 -8.61 8.58 -1.40
CA ASP A 11 -9.20 7.77 -2.49
C ASP A 11 -8.33 7.87 -3.74
N PHE A 12 -7.03 7.73 -3.54
CA PHE A 12 -6.09 7.81 -4.69
C PHE A 12 -6.51 8.88 -5.71
N GLN A 13 -7.24 9.87 -5.24
CA GLN A 13 -7.69 10.97 -6.16
C GLN A 13 -7.02 12.30 -5.79
N GLY A 14 -7.07 13.24 -6.71
CA GLY A 14 -6.45 14.58 -6.43
C GLY A 14 -5.11 14.70 -7.17
N LYS A 15 -4.92 15.85 -7.81
CA LYS A 15 -3.65 16.10 -8.58
C LYS A 15 -2.48 15.33 -7.98
N GLN A 16 -1.74 14.68 -8.85
CA GLN A 16 -0.58 13.89 -8.37
C GLN A 16 0.73 14.66 -8.51
N VAL A 17 1.74 14.16 -7.83
CA VAL A 17 3.07 14.81 -7.89
C VAL A 17 4.16 13.76 -7.70
N ASP A 18 5.05 13.68 -8.65
CA ASP A 18 6.14 12.67 -8.53
C ASP A 18 7.37 13.26 -7.85
N LEU A 19 7.75 12.65 -6.75
CA LEU A 19 8.94 13.13 -5.99
C LEU A 19 10.11 12.13 -6.14
N PRO A 20 11.33 12.63 -6.29
CA PRO A 20 12.49 11.75 -6.44
C PRO A 20 12.83 11.04 -5.11
N PRO A 21 13.66 10.02 -5.19
CA PRO A 21 14.08 9.26 -4.01
C PRO A 21 14.93 10.12 -3.07
N GLY A 22 15.71 9.48 -2.23
CA GLY A 22 16.59 10.25 -1.29
C GLY A 22 15.77 10.84 -0.13
N ASN A 23 16.47 11.33 0.87
CA ASN A 23 15.78 11.93 2.03
C ASN A 23 15.66 13.44 1.92
N TYR A 24 14.53 13.96 2.33
CA TYR A 24 14.31 15.41 2.26
C TYR A 24 13.26 15.84 3.29
N THR A 25 13.01 17.12 3.40
CA THR A 25 12.01 17.59 4.39
C THR A 25 11.12 18.67 3.85
N ARG A 26 10.56 19.42 4.75
CA ARG A 26 9.67 20.51 4.32
C ARG A 26 10.43 21.55 3.53
N ALA A 27 11.70 21.66 3.76
CA ALA A 27 12.48 22.66 3.01
C ALA A 27 12.36 22.39 1.52
N GLN A 28 12.71 21.20 1.12
CA GLN A 28 12.61 20.88 -0.32
C GLN A 28 11.18 21.07 -0.79
N LEU A 29 10.26 20.59 -0.02
CA LEU A 29 8.85 20.75 -0.40
C LEU A 29 8.51 22.21 -0.51
N ALA A 30 9.12 23.00 0.32
CA ALA A 30 8.85 24.45 0.27
C ALA A 30 9.11 24.92 -1.13
N ALA A 31 10.05 24.27 -1.76
CA ALA A 31 10.39 24.65 -3.14
C ALA A 31 9.28 24.21 -4.08
N LEU A 32 8.75 23.04 -3.82
CA LEU A 32 7.65 22.53 -4.69
C LEU A 32 6.37 23.32 -4.46
N GLY A 33 5.65 22.98 -3.41
CA GLY A 33 4.37 23.72 -3.14
C GLY A 33 3.46 22.91 -2.22
N ILE A 34 3.60 21.62 -2.25
CA ILE A 34 2.74 20.77 -1.39
C ILE A 34 3.34 20.64 -0.01
N GLU A 35 2.50 20.43 0.98
CA GLU A 35 3.03 20.29 2.36
C GLU A 35 1.91 20.02 3.36
N ASN A 36 2.25 19.38 4.45
CA ASN A 36 1.21 19.08 5.48
C ASN A 36 0.16 18.12 4.95
N ASN A 37 -1.03 18.26 5.47
CA ASN A 37 -2.13 17.37 5.01
C ASN A 37 -2.33 17.44 3.50
N THR A 38 -1.52 16.72 2.77
CA THR A 38 -1.66 16.73 1.28
C THR A 38 -1.37 15.36 0.70
N ILE A 39 -0.47 14.65 1.33
CA ILE A 39 -0.13 13.30 0.82
C ILE A 39 -1.20 12.32 1.26
N SER A 40 -2.40 12.69 0.98
CA SER A 40 -3.54 11.85 1.35
C SER A 40 -3.36 10.41 0.86
N SER A 41 -2.97 10.25 -0.39
CA SER A 41 -2.76 8.87 -0.95
C SER A 41 -1.34 8.74 -1.51
N VAL A 42 -0.92 7.53 -1.81
CA VAL A 42 0.45 7.38 -2.35
C VAL A 42 0.63 6.11 -3.19
N LYS A 43 1.51 6.20 -4.16
CA LYS A 43 1.80 5.06 -5.04
C LYS A 43 3.31 4.93 -5.18
N VAL A 44 3.83 3.75 -4.91
CA VAL A 44 5.31 3.56 -5.03
C VAL A 44 5.68 2.16 -5.57
N PRO A 45 6.25 2.09 -6.77
CA PRO A 45 6.64 0.81 -7.37
C PRO A 45 7.81 0.18 -6.59
N PRO A 46 8.08 -1.08 -6.88
CA PRO A 46 9.16 -1.82 -6.21
C PRO A 46 10.53 -1.22 -6.54
N GLY A 47 11.57 -1.93 -6.18
CA GLY A 47 12.94 -1.41 -6.46
C GLY A 47 13.32 -0.33 -5.45
N VAL A 48 12.35 0.18 -4.75
CA VAL A 48 12.67 1.23 -3.75
C VAL A 48 11.69 1.21 -2.57
N LYS A 49 12.23 1.40 -1.39
CA LYS A 49 11.37 1.41 -0.17
C LYS A 49 11.29 2.84 0.36
N ALA A 50 10.08 3.30 0.62
CA ALA A 50 9.92 4.69 1.14
C ALA A 50 9.51 4.72 2.60
N ILE A 51 9.89 5.79 3.26
CA ILE A 51 9.55 5.94 4.69
C ILE A 51 9.15 7.39 4.94
N LEU A 52 7.96 7.60 5.43
CA LEU A 52 7.49 9.00 5.71
C LEU A 52 7.64 9.38 7.17
N TYR A 53 7.61 10.66 7.41
CA TYR A 53 7.74 11.16 8.80
C TYR A 53 6.80 12.35 9.01
N GLN A 54 5.83 12.17 9.87
CA GLN A 54 4.86 13.26 10.14
C GLN A 54 5.55 14.60 10.35
N ASN A 55 6.09 14.80 11.52
CA ASN A 55 6.77 16.09 11.80
C ASN A 55 7.94 16.31 10.84
N ASP A 56 8.30 17.55 10.66
CA ASP A 56 9.42 17.85 9.75
C ASP A 56 10.74 17.26 10.28
N GLY A 57 11.81 17.58 9.62
CA GLY A 57 13.12 17.03 10.08
C GLY A 57 13.04 15.53 10.28
N PHE A 58 12.29 14.87 9.43
CA PHE A 58 12.16 13.40 9.55
C PHE A 58 11.81 13.02 10.99
N ALA A 59 10.70 13.52 11.47
CA ALA A 59 10.27 13.19 12.85
C ALA A 59 8.78 12.90 12.92
N GLY A 60 8.29 12.66 14.11
CA GLY A 60 6.84 12.37 14.25
C GLY A 60 6.55 10.94 13.81
N ASP A 61 5.36 10.47 14.07
CA ASP A 61 5.03 9.08 13.67
C ASP A 61 5.56 8.80 12.27
N GLN A 62 6.32 7.75 12.16
CA GLN A 62 6.89 7.40 10.84
C GLN A 62 6.04 6.38 10.11
N ILE A 63 6.28 6.27 8.84
CA ILE A 63 5.52 5.31 8.01
C ILE A 63 6.48 4.57 7.11
N GLU A 64 6.00 3.56 6.50
CA GLU A 64 6.86 2.78 5.61
C GLU A 64 6.05 2.15 4.50
N VAL A 65 6.51 2.29 3.29
CA VAL A 65 5.75 1.70 2.16
C VAL A 65 6.66 1.25 1.03
N VAL A 66 6.20 0.27 0.33
CA VAL A 66 6.96 -0.28 -0.80
C VAL A 66 6.00 -0.51 -1.94
N ALA A 67 4.74 -0.34 -1.62
CA ALA A 67 3.67 -0.52 -2.62
C ALA A 67 2.85 0.76 -2.72
N ASN A 68 1.56 0.60 -2.83
CA ASN A 68 0.68 1.79 -2.93
C ASN A 68 -0.22 1.90 -1.71
N ALA A 69 -0.06 2.96 -0.97
CA ALA A 69 -0.90 3.15 0.25
C ALA A 69 -2.16 3.91 -0.12
N GLU A 70 -3.28 3.24 -0.02
CA GLU A 70 -4.55 3.90 -0.36
C GLU A 70 -4.88 5.00 0.64
N GLU A 71 -5.52 4.63 1.71
CA GLU A 71 -5.88 5.64 2.74
C GLU A 71 -4.66 6.12 3.52
N LEU A 72 -3.52 5.57 3.20
CA LEU A 72 -2.27 5.98 3.92
C LEU A 72 -2.20 5.38 5.34
N GLY A 73 -2.82 6.03 6.29
CA GLY A 73 -2.76 5.50 7.68
C GLY A 73 -3.46 6.45 8.66
N PRO A 74 -3.17 6.28 9.93
CA PRO A 74 -3.75 7.11 10.99
C PRO A 74 -3.25 8.55 10.93
N LEU A 75 -1.95 8.73 10.98
CA LEU A 75 -1.40 10.11 10.93
C LEU A 75 -1.60 10.75 9.57
N ASN A 76 -2.62 10.33 8.87
CA ASN A 76 -2.87 10.91 7.53
C ASN A 76 -3.37 12.34 7.67
N ASN A 77 -3.28 12.86 8.87
CA ASN A 77 -3.73 14.25 9.10
C ASN A 77 -2.60 15.24 8.85
N ASN A 78 -1.40 14.74 8.70
CA ASN A 78 -0.28 15.68 8.46
C ASN A 78 0.97 14.93 7.97
N VAL A 79 1.57 15.46 6.94
CA VAL A 79 2.79 14.82 6.38
C VAL A 79 3.72 15.88 5.80
N SER A 80 5.01 15.69 5.97
CA SER A 80 5.95 16.70 5.41
C SER A 80 7.34 16.11 5.13
N SER A 81 7.87 15.38 6.07
CA SER A 81 9.21 14.79 5.84
C SER A 81 9.10 13.41 5.22
N ILE A 82 9.92 13.14 4.23
CA ILE A 82 9.87 11.80 3.57
C ILE A 82 11.21 11.41 3.01
N ARG A 83 11.46 10.13 2.96
CA ARG A 83 12.75 9.69 2.42
C ARG A 83 12.63 8.30 1.79
N VAL A 84 13.49 8.03 0.84
CA VAL A 84 13.45 6.69 0.18
C VAL A 84 14.86 6.18 -0.14
N ILE A 85 15.02 4.89 -0.09
CA ILE A 85 16.34 4.30 -0.38
C ILE A 85 16.18 3.04 -1.21
N SER A 86 16.95 2.94 -2.27
CA SER A 86 16.88 1.74 -3.15
C SER A 86 16.63 0.46 -2.36
N VAL A 87 15.92 -0.47 -2.96
CA VAL A 87 15.64 -1.75 -2.26
C VAL A 87 15.46 -2.90 -3.28
N PRO A 88 15.98 -4.08 -2.97
CA PRO A 88 15.86 -5.23 -3.86
C PRO A 88 14.42 -5.44 -4.30
N VAL A 89 14.24 -5.65 -5.58
CA VAL A 89 12.86 -5.87 -6.11
C VAL A 89 12.25 -7.16 -5.59
N GLN A 90 10.95 -7.24 -5.68
CA GLN A 90 10.24 -8.47 -5.21
C GLN A 90 9.04 -8.78 -6.13
N PRO A 91 8.69 -10.06 -6.23
CA PRO A 91 7.56 -10.49 -7.08
C PRO A 91 6.23 -9.94 -6.58
N ARG A 92 6.05 -9.94 -5.28
CA ARG A 92 4.78 -9.43 -4.69
C ARG A 92 3.55 -10.17 -5.22
N ALA A 93 2.41 -9.57 -4.97
CA ALA A 93 1.12 -10.15 -5.42
C ALA A 93 0.23 -9.02 -5.96
N ARG A 94 -0.91 -9.36 -6.52
CA ARG A 94 -1.78 -8.28 -7.06
C ARG A 94 -3.26 -8.65 -7.02
N PHE A 95 -4.03 -7.83 -6.35
CA PHE A 95 -5.48 -8.11 -6.26
C PHE A 95 -6.22 -7.31 -7.33
N PHE A 96 -7.46 -7.65 -7.57
CA PHE A 96 -8.24 -6.90 -8.60
C PHE A 96 -9.63 -6.55 -8.10
N TYR A 97 -10.19 -5.52 -8.66
CA TYR A 97 -11.56 -5.11 -8.22
C TYR A 97 -12.63 -5.69 -9.13
N LYS A 98 -13.76 -6.00 -8.56
CA LYS A 98 -14.86 -6.57 -9.37
C LYS A 98 -14.50 -7.96 -9.87
N GLU A 99 -15.34 -8.92 -9.60
CA GLU A 99 -15.03 -10.29 -10.07
C GLU A 99 -15.01 -10.35 -11.59
N GLN A 100 -13.86 -10.13 -12.13
CA GLN A 100 -13.71 -10.16 -13.59
C GLN A 100 -12.33 -9.62 -13.94
N PHE A 101 -11.44 -9.68 -12.97
CA PHE A 101 -10.06 -9.18 -13.20
C PHE A 101 -10.10 -7.92 -14.04
N ASP A 102 -11.04 -7.05 -13.73
CA ASP A 102 -11.16 -5.77 -14.50
C ASP A 102 -10.95 -4.56 -13.60
N GLY A 103 -11.75 -4.47 -12.59
CA GLY A 103 -11.63 -3.31 -11.65
C GLY A 103 -10.15 -3.05 -11.31
N LYS A 104 -9.86 -1.85 -10.85
CA LYS A 104 -8.45 -1.51 -10.48
C LYS A 104 -7.82 -2.60 -9.62
N GLU A 105 -6.52 -2.51 -9.42
CA GLU A 105 -5.83 -3.54 -8.60
C GLU A 105 -4.86 -2.92 -7.60
N VAL A 106 -4.42 -3.73 -6.67
CA VAL A 106 -3.46 -3.26 -5.63
C VAL A 106 -2.46 -4.38 -5.33
N ASP A 107 -1.19 -4.04 -5.21
CA ASP A 107 -0.18 -5.11 -4.91
C ASP A 107 0.42 -5.00 -3.51
N LEU A 108 0.99 -6.10 -3.06
CA LEU A 108 1.61 -6.12 -1.70
C LEU A 108 2.86 -7.03 -1.68
N PRO A 109 3.92 -6.59 -0.98
CA PRO A 109 5.16 -7.38 -0.90
C PRO A 109 4.96 -8.63 -0.04
N PRO A 110 5.91 -9.55 -0.12
CA PRO A 110 5.83 -10.80 0.63
C PRO A 110 5.81 -10.53 2.14
N GLY A 111 5.08 -11.35 2.86
CA GLY A 111 5.02 -11.15 4.36
C GLY A 111 3.60 -11.38 4.89
N GLN A 112 3.45 -11.24 6.19
CA GLN A 112 2.12 -11.43 6.82
C GLN A 112 1.54 -10.10 7.25
N TYR A 113 0.23 -10.05 7.39
CA TYR A 113 -0.40 -8.78 7.81
C TYR A 113 -1.62 -9.03 8.71
N THR A 114 -1.86 -8.08 9.58
CA THR A 114 -3.02 -8.21 10.53
C THR A 114 -4.33 -7.65 9.96
N GLN A 115 -5.22 -7.30 10.86
CA GLN A 115 -6.54 -6.75 10.45
C GLN A 115 -6.64 -5.26 10.72
N ALA A 116 -5.68 -4.53 10.26
CA ALA A 116 -5.71 -3.07 10.50
C ALA A 116 -4.90 -2.36 9.43
N GLU A 117 -3.61 -2.54 9.49
CA GLU A 117 -2.74 -1.88 8.49
C GLU A 117 -2.94 -2.54 7.14
N LEU A 118 -3.03 -3.84 7.17
CA LEU A 118 -3.21 -4.60 5.91
C LEU A 118 -4.20 -3.90 4.99
N GLU A 119 -5.44 -3.97 5.35
CA GLU A 119 -6.46 -3.33 4.53
C GLU A 119 -6.13 -1.87 4.27
N ARG A 120 -5.81 -1.16 5.31
CA ARG A 120 -5.47 0.28 5.13
C ARG A 120 -4.11 0.46 4.44
N TYR A 121 -3.46 -0.64 4.12
CA TYR A 121 -2.13 -0.53 3.45
C TYR A 121 -2.23 -0.76 1.96
N GLY A 122 -3.27 -1.45 1.56
CA GLY A 122 -3.45 -1.71 0.10
C GLY A 122 -4.86 -1.36 -0.35
N ILE A 123 -5.83 -1.83 0.39
CA ILE A 123 -7.23 -1.54 0.01
C ILE A 123 -8.09 -1.29 1.24
N ASP A 124 -8.93 -2.24 1.55
CA ASP A 124 -9.81 -2.08 2.74
C ASP A 124 -10.13 -3.44 3.37
N ASN A 125 -10.92 -3.41 4.41
CA ASN A 125 -11.29 -4.67 5.10
C ASN A 125 -12.08 -5.63 4.20
N ASN A 126 -12.14 -5.33 2.93
CA ASN A 126 -12.91 -6.24 2.03
C ASN A 126 -12.55 -5.99 0.57
N THR A 127 -13.57 -6.02 -0.27
CA THR A 127 -13.36 -5.79 -1.72
C THR A 127 -12.02 -6.35 -2.21
N ILE A 128 -12.02 -7.61 -2.58
CA ILE A 128 -10.77 -8.25 -3.07
C ILE A 128 -11.01 -8.92 -4.43
N SER A 129 -12.14 -9.57 -4.53
CA SER A 129 -12.49 -10.25 -5.80
C SER A 129 -11.35 -11.08 -6.37
N SER A 130 -11.22 -10.99 -7.67
CA SER A 130 -10.15 -11.72 -8.38
C SER A 130 -8.74 -11.41 -7.86
N VAL A 131 -7.92 -12.44 -7.78
CA VAL A 131 -6.52 -12.27 -7.29
C VAL A 131 -5.53 -12.74 -8.34
N LYS A 132 -4.37 -12.15 -8.33
CA LYS A 132 -3.33 -12.55 -9.31
C LYS A 132 -1.94 -12.43 -8.67
N PRO A 133 -1.40 -13.55 -8.21
CA PRO A 133 -0.09 -13.55 -7.58
C PRO A 133 1.00 -13.21 -8.58
N GLN A 134 1.49 -12.00 -8.48
CA GLN A 134 2.55 -11.57 -9.42
C GLN A 134 3.76 -12.48 -9.35
N GLY A 135 3.79 -13.34 -8.37
CA GLY A 135 4.97 -14.26 -8.28
C GLY A 135 4.97 -15.08 -6.97
N LEU A 136 4.41 -14.53 -5.90
CA LEU A 136 4.41 -15.31 -4.63
C LEU A 136 3.07 -16.01 -4.42
N ALA A 137 3.04 -16.87 -3.45
CA ALA A 137 1.78 -17.60 -3.17
C ALA A 137 0.95 -16.78 -2.20
N VAL A 138 -0.30 -16.58 -2.51
CA VAL A 138 -1.16 -15.78 -1.61
C VAL A 138 -2.05 -16.67 -0.74
N VAL A 139 -2.15 -16.30 0.51
CA VAL A 139 -2.98 -17.08 1.45
C VAL A 139 -3.80 -16.12 2.31
N LEU A 140 -5.10 -16.25 2.26
CA LEU A 140 -5.97 -15.35 3.07
C LEU A 140 -6.53 -16.01 4.32
N PHE A 141 -6.71 -15.20 5.35
CA PHE A 141 -7.26 -15.74 6.63
C PHE A 141 -8.54 -15.03 6.98
N LYS A 142 -9.55 -15.80 7.30
CA LYS A 142 -10.85 -15.20 7.66
C LYS A 142 -10.74 -14.43 8.97
N ASN A 143 -10.61 -15.16 10.04
CA ASN A 143 -10.49 -14.48 11.35
C ASN A 143 -9.10 -13.88 11.53
N ASP A 144 -8.96 -13.01 12.49
CA ASP A 144 -7.64 -12.39 12.73
C ASP A 144 -6.61 -13.44 13.11
N ASN A 145 -5.53 -12.99 13.70
CA ASN A 145 -4.47 -13.94 14.12
C ASN A 145 -4.24 -15.01 13.06
N PHE A 146 -4.55 -14.68 11.83
CA PHE A 146 -4.35 -15.65 10.73
C PHE A 146 -4.79 -17.04 11.18
N SER A 147 -6.04 -17.15 11.57
CA SER A 147 -6.57 -18.47 12.03
C SER A 147 -7.96 -18.74 11.47
N GLY A 148 -8.57 -19.80 11.94
CA GLY A 148 -9.93 -20.13 11.44
C GLY A 148 -9.86 -20.61 9.99
N ASP A 149 -10.99 -20.66 9.34
CA ASP A 149 -11.00 -21.11 7.93
C ASP A 149 -10.11 -20.20 7.09
N THR A 150 -9.51 -20.77 6.07
CA THR A 150 -8.62 -19.94 5.20
C THR A 150 -8.82 -20.29 3.72
N LEU A 151 -8.12 -19.57 2.89
CA LEU A 151 -8.22 -19.80 1.43
C LEU A 151 -6.84 -19.62 0.78
N PRO A 152 -6.05 -20.68 0.81
CA PRO A 152 -4.71 -20.66 0.24
C PRO A 152 -4.73 -20.52 -1.29
N VAL A 153 -4.41 -19.35 -1.76
CA VAL A 153 -4.39 -19.14 -3.23
C VAL A 153 -3.04 -19.56 -3.80
N ASN A 154 -2.94 -20.83 -4.10
CA ASN A 154 -1.66 -21.35 -4.65
C ASN A 154 -1.24 -20.65 -5.94
N SER A 155 -2.16 -20.02 -6.63
CA SER A 155 -1.74 -19.34 -7.89
C SER A 155 -2.82 -18.44 -8.47
N ASP A 156 -2.81 -18.33 -9.78
CA ASP A 156 -3.81 -17.48 -10.47
C ASP A 156 -5.23 -17.77 -10.03
N ALA A 157 -6.01 -16.72 -9.94
CA ALA A 157 -7.42 -16.86 -9.53
C ALA A 157 -8.17 -15.60 -9.95
N PRO A 158 -8.24 -15.41 -11.25
CA PRO A 158 -8.92 -14.26 -11.83
C PRO A 158 -10.41 -14.20 -11.51
N THR A 159 -10.82 -14.90 -10.48
CA THR A 159 -12.27 -14.86 -10.14
C THR A 159 -12.57 -15.58 -8.83
N LEU A 160 -12.39 -14.88 -7.74
CA LEU A 160 -12.65 -15.49 -6.42
C LEU A 160 -14.06 -15.12 -5.96
N GLY A 161 -14.25 -13.87 -5.68
CA GLY A 161 -15.59 -13.40 -5.23
C GLY A 161 -16.19 -14.36 -4.20
N ALA A 162 -17.44 -14.72 -4.43
CA ALA A 162 -18.16 -15.66 -3.51
C ALA A 162 -17.23 -16.68 -2.87
N MET A 163 -16.62 -16.31 -1.79
CA MET A 163 -15.70 -17.23 -1.09
C MET A 163 -15.18 -16.57 0.18
N ASN A 164 -14.30 -15.64 -0.02
CA ASN A 164 -13.71 -14.92 1.15
C ASN A 164 -14.51 -13.66 1.45
N ASN A 165 -15.69 -13.84 1.95
CA ASN A 165 -16.53 -12.66 2.28
C ASN A 165 -15.85 -11.78 3.32
N ASN A 166 -14.65 -12.13 3.68
CA ASN A 166 -13.94 -11.32 4.69
C ASN A 166 -12.44 -11.61 4.67
N THR A 167 -11.67 -10.64 5.09
CA THR A 167 -10.21 -10.83 5.10
C THR A 167 -9.60 -10.04 6.25
N SER A 168 -9.32 -10.73 7.34
CA SER A 168 -8.73 -10.04 8.50
C SER A 168 -7.21 -10.07 8.41
N SER A 169 -6.67 -11.17 7.97
CA SER A 169 -5.19 -11.24 7.86
C SER A 169 -4.79 -12.09 6.68
N ILE A 170 -3.63 -11.82 6.13
CA ILE A 170 -3.18 -12.60 4.95
C ILE A 170 -1.74 -13.02 5.10
N ARG A 171 -1.28 -13.77 4.17
CA ARG A 171 0.13 -14.24 4.22
C ARG A 171 0.64 -14.52 2.83
N ILE A 172 1.52 -13.68 2.38
CA ILE A 172 2.07 -13.89 1.04
C ILE A 172 3.35 -14.71 1.11
N SER A 173 3.21 -16.00 0.96
CA SER A 173 4.42 -16.88 1.03
C SER A 173 5.18 -16.86 -0.29
N MET A 1 16.22 7.35 -10.13
CA MET A 1 15.64 6.11 -10.68
C MET A 1 14.14 6.09 -10.48
N ALA A 2 13.69 5.34 -9.50
CA ALA A 2 12.23 5.27 -9.24
C ALA A 2 11.73 6.56 -8.61
N ASN A 3 10.43 6.65 -8.44
CA ASN A 3 9.85 7.89 -7.82
C ASN A 3 8.45 7.62 -7.28
N ILE A 4 8.23 7.98 -6.03
CA ILE A 4 6.89 7.76 -5.41
C ILE A 4 5.87 8.73 -5.96
N THR A 5 4.78 8.21 -6.47
CA THR A 5 3.74 9.09 -7.03
C THR A 5 2.66 9.27 -5.98
N VAL A 6 2.62 10.42 -5.39
CA VAL A 6 1.61 10.67 -4.35
C VAL A 6 0.31 11.26 -4.90
N PHE A 7 -0.70 11.23 -4.07
CA PHE A 7 -2.01 11.77 -4.45
C PHE A 7 -2.41 12.83 -3.45
N TYR A 8 -2.88 13.93 -3.95
CA TYR A 8 -3.29 15.04 -3.04
C TYR A 8 -4.40 14.68 -2.05
N ASN A 9 -5.52 14.30 -2.57
CA ASN A 9 -6.64 13.93 -1.66
C ASN A 9 -6.63 12.46 -1.31
N GLU A 10 -7.51 12.10 -0.43
CA GLU A 10 -7.59 10.70 0.00
C GLU A 10 -8.41 9.90 -1.01
N ASP A 11 -8.31 8.61 -0.92
CA ASP A 11 -9.07 7.75 -1.87
C ASP A 11 -8.40 7.73 -3.24
N PHE A 12 -7.10 7.64 -3.24
CA PHE A 12 -6.36 7.61 -4.53
C PHE A 12 -6.75 8.76 -5.46
N GLN A 13 -7.47 9.73 -4.93
CA GLN A 13 -7.89 10.89 -5.79
C GLN A 13 -7.11 12.16 -5.42
N GLY A 14 -7.12 13.12 -6.31
CA GLY A 14 -6.38 14.41 -6.05
C GLY A 14 -5.10 14.49 -6.88
N LYS A 15 -4.89 15.65 -7.50
CA LYS A 15 -3.67 15.84 -8.36
C LYS A 15 -2.49 15.02 -7.87
N GLN A 16 -1.78 14.46 -8.81
CA GLN A 16 -0.61 13.63 -8.44
C GLN A 16 0.70 14.40 -8.53
N VAL A 17 1.68 13.91 -7.82
CA VAL A 17 3.01 14.56 -7.82
C VAL A 17 4.10 13.51 -7.65
N ASP A 18 5.04 13.50 -8.55
CA ASP A 18 6.13 12.50 -8.44
C ASP A 18 7.33 13.04 -7.66
N LEU A 19 7.66 12.37 -6.58
CA LEU A 19 8.82 12.82 -5.75
C LEU A 19 9.95 11.78 -5.79
N PRO A 20 11.18 12.21 -6.01
CA PRO A 20 12.31 11.28 -6.07
C PRO A 20 12.61 10.69 -4.68
N PRO A 21 13.44 9.67 -4.66
CA PRO A 21 13.82 8.99 -3.42
C PRO A 21 14.65 9.93 -2.55
N GLY A 22 15.35 9.35 -1.59
CA GLY A 22 16.19 10.20 -0.70
C GLY A 22 15.37 10.75 0.48
N ASN A 23 16.05 11.39 1.39
CA ASN A 23 15.36 11.96 2.57
C ASN A 23 15.26 13.48 2.49
N TYR A 24 14.12 13.99 2.90
CA TYR A 24 13.95 15.46 2.85
C TYR A 24 12.89 15.89 3.86
N THR A 25 12.56 17.15 3.85
CA THR A 25 11.54 17.67 4.79
C THR A 25 10.69 18.74 4.15
N ARG A 26 10.13 19.57 4.97
CA ARG A 26 9.28 20.66 4.44
C ARG A 26 10.11 21.64 3.64
N ALA A 27 11.40 21.65 3.90
CA ALA A 27 12.27 22.59 3.16
C ALA A 27 12.30 22.24 1.68
N GLN A 28 12.74 21.05 1.37
CA GLN A 28 12.78 20.65 -0.05
C GLN A 28 11.41 20.83 -0.66
N LEU A 29 10.42 20.38 0.04
CA LEU A 29 9.06 20.51 -0.49
C LEU A 29 8.76 21.97 -0.77
N ALA A 30 9.16 22.81 0.15
CA ALA A 30 8.90 24.26 -0.06
C ALA A 30 9.38 24.64 -1.44
N ALA A 31 10.44 24.00 -1.86
CA ALA A 31 10.98 24.30 -3.20
C ALA A 31 9.98 23.87 -4.27
N LEU A 32 9.41 22.70 -4.08
CA LEU A 32 8.42 22.20 -5.06
C LEU A 32 7.13 22.99 -4.99
N GLY A 33 6.39 22.79 -3.94
CA GLY A 33 5.11 23.52 -3.78
C GLY A 33 4.13 22.73 -2.90
N ILE A 34 4.15 21.44 -3.05
CA ILE A 34 3.25 20.59 -2.25
C ILE A 34 3.82 20.39 -0.85
N GLU A 35 2.95 20.29 0.12
CA GLU A 35 3.44 20.09 1.51
C GLU A 35 2.29 20.00 2.51
N ASN A 36 2.60 19.46 3.66
CA ASN A 36 1.55 19.31 4.73
C ASN A 36 0.39 18.45 4.26
N ASN A 37 -0.80 18.96 4.42
CA ASN A 37 -2.00 18.20 4.01
C ASN A 37 -1.89 17.69 2.57
N THR A 38 -1.36 16.51 2.43
CA THR A 38 -1.21 15.93 1.06
C THR A 38 -0.59 14.54 1.13
N ILE A 39 -0.15 14.04 0.02
CA ILE A 39 0.45 12.70 0.02
C ILE A 39 -0.44 11.77 0.80
N SER A 40 -1.70 12.00 0.62
CA SER A 40 -2.71 11.19 1.29
C SER A 40 -2.74 9.78 0.73
N SER A 41 -2.44 9.68 -0.55
CA SER A 41 -2.43 8.33 -1.21
C SER A 41 -1.17 8.20 -2.06
N VAL A 42 -0.71 6.99 -2.32
CA VAL A 42 0.52 6.87 -3.16
C VAL A 42 0.56 5.63 -4.02
N LYS A 43 1.50 5.65 -4.91
CA LYS A 43 1.71 4.54 -5.85
C LYS A 43 3.21 4.37 -6.01
N VAL A 44 3.78 3.53 -5.18
CA VAL A 44 5.24 3.29 -5.25
C VAL A 44 5.60 1.90 -5.82
N PRO A 45 6.13 1.86 -7.04
CA PRO A 45 6.51 0.60 -7.67
C PRO A 45 7.68 -0.02 -6.90
N PRO A 46 8.02 -1.23 -7.25
CA PRO A 46 9.12 -1.93 -6.60
C PRO A 46 10.43 -1.17 -6.79
N GLY A 47 11.52 -1.80 -6.46
CA GLY A 47 12.83 -1.12 -6.62
C GLY A 47 13.14 -0.18 -5.45
N VAL A 48 12.14 0.20 -4.70
CA VAL A 48 12.42 1.12 -3.56
C VAL A 48 11.38 1.02 -2.45
N LYS A 49 11.82 1.38 -1.27
CA LYS A 49 10.93 1.35 -0.09
C LYS A 49 10.90 2.75 0.53
N ALA A 50 9.72 3.27 0.78
CA ALA A 50 9.63 4.64 1.38
C ALA A 50 9.12 4.62 2.82
N ILE A 51 9.81 5.38 3.64
CA ILE A 51 9.42 5.48 5.07
C ILE A 51 9.00 6.92 5.36
N LEU A 52 7.77 7.09 5.74
CA LEU A 52 7.29 8.48 6.02
C LEU A 52 7.34 8.85 7.49
N TYR A 53 7.26 10.13 7.73
CA TYR A 53 7.31 10.63 9.12
C TYR A 53 6.32 11.78 9.30
N GLN A 54 5.28 11.53 10.06
CA GLN A 54 4.26 12.59 10.28
C GLN A 54 4.90 13.92 10.61
N ASN A 55 5.26 14.11 11.85
CA ASN A 55 5.90 15.39 12.22
C ASN A 55 7.18 15.61 11.43
N ASP A 56 7.38 16.82 10.97
CA ASP A 56 8.61 17.11 10.20
C ASP A 56 9.85 16.80 11.03
N GLY A 57 10.99 17.22 10.55
CA GLY A 57 12.23 16.96 11.32
C GLY A 57 12.38 15.46 11.55
N PHE A 58 11.82 14.68 10.65
CA PHE A 58 11.91 13.20 10.78
C PHE A 58 11.41 12.75 12.15
N ALA A 59 10.16 13.00 12.42
CA ALA A 59 9.60 12.59 13.73
C ALA A 59 8.12 12.24 13.59
N GLY A 60 7.44 12.13 14.70
CA GLY A 60 6.00 11.79 14.65
C GLY A 60 5.81 10.34 14.20
N ASP A 61 4.62 9.83 14.36
CA ASP A 61 4.38 8.43 13.95
C ASP A 61 4.99 8.17 12.59
N GLN A 62 5.83 7.17 12.52
CA GLN A 62 6.47 6.85 11.22
C GLN A 62 5.69 5.76 10.49
N ILE A 63 5.90 5.69 9.20
CA ILE A 63 5.20 4.66 8.39
C ILE A 63 6.17 4.03 7.41
N GLU A 64 5.73 3.00 6.78
CA GLU A 64 6.63 2.32 5.81
C GLU A 64 5.84 1.67 4.70
N VAL A 65 6.27 1.91 3.48
CA VAL A 65 5.56 1.31 2.35
C VAL A 65 6.50 1.05 1.17
N VAL A 66 6.06 0.21 0.29
CA VAL A 66 6.88 -0.12 -0.88
C VAL A 66 5.97 -0.35 -2.07
N ALA A 67 4.69 -0.40 -1.78
CA ALA A 67 3.69 -0.61 -2.85
C ALA A 67 2.75 0.57 -2.94
N ASN A 68 1.54 0.31 -3.31
CA ASN A 68 0.56 1.41 -3.41
C ASN A 68 -0.18 1.58 -2.09
N ALA A 69 -0.43 2.81 -1.73
CA ALA A 69 -1.14 3.08 -0.45
C ALA A 69 -2.54 3.59 -0.71
N GLU A 70 -3.50 2.70 -0.71
CA GLU A 70 -4.90 3.13 -0.95
C GLU A 70 -5.31 4.11 0.13
N GLU A 71 -5.14 3.69 1.35
CA GLU A 71 -5.50 4.56 2.50
C GLU A 71 -4.32 4.62 3.47
N LEU A 72 -3.25 5.24 3.00
CA LEU A 72 -2.00 5.39 3.82
C LEU A 72 -2.26 5.24 5.33
N GLY A 73 -2.54 6.34 6.00
CA GLY A 73 -2.79 6.25 7.47
C GLY A 73 -3.31 7.59 8.02
N PRO A 74 -3.17 7.75 9.32
CA PRO A 74 -3.62 8.98 10.00
C PRO A 74 -2.82 10.19 9.54
N LEU A 75 -1.56 9.97 9.26
CA LEU A 75 -0.71 11.10 8.81
C LEU A 75 -0.97 11.43 7.33
N ASN A 76 -2.06 10.92 6.83
CA ASN A 76 -2.39 11.19 5.40
C ASN A 76 -2.61 12.67 5.17
N ASN A 77 -3.58 13.23 5.83
CA ASN A 77 -3.85 14.68 5.66
C ASN A 77 -2.87 15.52 6.44
N ASN A 78 -1.65 15.04 6.55
CA ASN A 78 -0.63 15.80 7.32
C ASN A 78 0.75 15.19 7.15
N VAL A 79 1.32 15.35 5.98
CA VAL A 79 2.67 14.79 5.73
C VAL A 79 3.74 15.86 5.98
N SER A 80 4.99 15.51 5.74
CA SER A 80 6.07 16.51 5.98
C SER A 80 7.46 15.92 5.78
N SER A 81 7.90 15.06 6.70
CA SER A 81 9.26 14.46 6.56
C SER A 81 9.19 13.05 5.98
N ILE A 82 10.18 12.69 5.20
CA ILE A 82 10.16 11.32 4.61
C ILE A 82 11.59 10.79 4.38
N ARG A 83 11.69 9.48 4.23
CA ARG A 83 13.01 8.85 4.01
C ARG A 83 12.86 7.66 3.06
N VAL A 84 13.37 7.81 1.86
CA VAL A 84 13.27 6.71 0.87
C VAL A 84 14.64 6.17 0.48
N ILE A 85 14.70 4.87 0.33
CA ILE A 85 16.00 4.25 -0.05
C ILE A 85 15.77 3.05 -0.95
N SER A 86 16.54 2.96 -2.00
CA SER A 86 16.38 1.82 -2.95
C SER A 86 16.16 0.51 -2.21
N VAL A 87 15.57 -0.44 -2.90
CA VAL A 87 15.31 -1.76 -2.26
C VAL A 87 15.22 -2.86 -3.34
N PRO A 88 15.79 -4.04 -3.05
CA PRO A 88 15.75 -5.15 -4.01
C PRO A 88 14.33 -5.40 -4.50
N VAL A 89 14.18 -5.46 -5.80
CA VAL A 89 12.84 -5.69 -6.39
C VAL A 89 12.31 -7.08 -6.05
N GLN A 90 11.01 -7.20 -6.09
CA GLN A 90 10.36 -8.50 -5.77
C GLN A 90 9.11 -8.70 -6.67
N PRO A 91 8.75 -9.96 -6.90
CA PRO A 91 7.58 -10.26 -7.73
C PRO A 91 6.30 -9.66 -7.14
N ARG A 92 6.24 -9.65 -5.84
CA ARG A 92 5.05 -9.09 -5.13
C ARG A 92 3.73 -9.73 -5.58
N ALA A 93 2.65 -8.99 -5.34
CA ALA A 93 1.30 -9.48 -5.74
C ALA A 93 0.43 -8.33 -6.25
N ARG A 94 -0.73 -8.67 -6.77
CA ARG A 94 -1.63 -7.61 -7.28
C ARG A 94 -3.10 -7.99 -7.11
N PHE A 95 -3.82 -7.17 -6.42
CA PHE A 95 -5.26 -7.44 -6.19
C PHE A 95 -6.12 -6.54 -7.06
N PHE A 96 -7.38 -6.88 -7.18
CA PHE A 96 -8.31 -6.06 -8.01
C PHE A 96 -9.51 -5.64 -7.20
N TYR A 97 -10.33 -4.78 -7.77
CA TYR A 97 -11.54 -4.34 -7.03
C TYR A 97 -12.78 -5.20 -7.31
N LYS A 98 -13.60 -4.74 -8.22
CA LYS A 98 -14.83 -5.50 -8.57
C LYS A 98 -14.56 -7.00 -8.76
N GLU A 99 -15.63 -7.77 -8.76
CA GLU A 99 -15.49 -9.24 -8.93
C GLU A 99 -15.50 -9.60 -10.40
N GLN A 100 -14.46 -9.20 -11.08
CA GLN A 100 -14.37 -9.51 -12.53
C GLN A 100 -13.02 -9.03 -13.07
N PHE A 101 -12.02 -9.11 -12.24
CA PHE A 101 -10.68 -8.68 -12.68
C PHE A 101 -10.73 -7.25 -13.18
N ASP A 102 -11.76 -6.54 -12.76
CA ASP A 102 -11.91 -5.12 -13.19
C ASP A 102 -11.92 -4.19 -11.98
N GLY A 103 -11.66 -2.95 -12.23
CA GLY A 103 -11.65 -1.96 -11.10
C GLY A 103 -10.21 -1.79 -10.58
N LYS A 104 -9.85 -0.55 -10.32
CA LYS A 104 -8.47 -0.22 -9.81
C LYS A 104 -7.84 -1.35 -9.02
N GLU A 105 -6.57 -1.56 -9.26
CA GLU A 105 -5.84 -2.65 -8.55
C GLU A 105 -5.03 -2.13 -7.37
N VAL A 106 -4.44 -3.06 -6.65
CA VAL A 106 -3.62 -2.69 -5.47
C VAL A 106 -2.51 -3.74 -5.28
N ASP A 107 -1.27 -3.31 -5.33
CA ASP A 107 -0.15 -4.28 -5.17
C ASP A 107 0.36 -4.29 -3.74
N LEU A 108 0.97 -5.40 -3.36
CA LEU A 108 1.50 -5.51 -1.98
C LEU A 108 2.84 -6.28 -1.96
N PRO A 109 3.72 -5.94 -1.00
CA PRO A 109 5.02 -6.60 -0.87
C PRO A 109 4.89 -7.98 -0.22
N PRO A 110 5.94 -8.77 -0.33
CA PRO A 110 5.95 -10.11 0.25
C PRO A 110 5.98 -10.05 1.78
N GLY A 111 5.47 -11.08 2.43
CA GLY A 111 5.48 -11.07 3.94
C GLY A 111 4.08 -11.32 4.51
N GLN A 112 3.92 -10.97 5.76
CA GLN A 112 2.60 -11.17 6.44
C GLN A 112 1.98 -9.83 6.84
N TYR A 113 0.69 -9.86 7.08
CA TYR A 113 0.00 -8.62 7.47
C TYR A 113 -1.12 -8.90 8.48
N THR A 114 -1.33 -7.96 9.37
CA THR A 114 -2.39 -8.10 10.42
C THR A 114 -3.81 -7.91 9.90
N GLN A 115 -4.69 -7.61 10.83
CA GLN A 115 -6.12 -7.39 10.46
C GLN A 115 -6.52 -5.92 10.56
N ALA A 116 -5.65 -5.07 10.13
CA ALA A 116 -6.00 -3.62 10.19
C ALA A 116 -5.18 -2.83 9.20
N GLU A 117 -4.02 -2.41 9.63
CA GLU A 117 -3.15 -1.63 8.73
C GLU A 117 -3.12 -2.29 7.40
N LEU A 118 -3.36 -3.57 7.41
CA LEU A 118 -3.35 -4.31 6.15
C LEU A 118 -4.35 -3.74 5.17
N GLU A 119 -5.60 -3.87 5.50
CA GLU A 119 -6.64 -3.34 4.61
C GLU A 119 -6.34 -1.92 4.18
N ARG A 120 -6.05 -1.09 5.14
CA ARG A 120 -5.74 0.33 4.79
C ARG A 120 -4.44 0.45 4.00
N TYR A 121 -3.67 -0.60 3.96
CA TYR A 121 -2.39 -0.54 3.20
C TYR A 121 -2.59 -1.02 1.78
N GLY A 122 -3.60 -1.83 1.61
CA GLY A 122 -3.90 -2.37 0.26
C GLY A 122 -5.26 -1.86 -0.21
N ILE A 123 -6.29 -2.32 0.45
CA ILE A 123 -7.65 -1.88 0.07
C ILE A 123 -8.51 -1.60 1.29
N ASP A 124 -9.39 -2.52 1.61
CA ASP A 124 -10.27 -2.31 2.80
C ASP A 124 -10.74 -3.64 3.38
N ASN A 125 -11.73 -3.57 4.22
CA ASN A 125 -12.25 -4.82 4.84
C ASN A 125 -12.73 -5.80 3.78
N ASN A 126 -14.01 -5.84 3.58
CA ASN A 126 -14.58 -6.77 2.58
C ASN A 126 -14.45 -6.20 1.16
N THR A 127 -13.89 -7.00 0.26
CA THR A 127 -13.72 -6.53 -1.15
C THR A 127 -12.94 -7.58 -1.96
N ILE A 128 -11.70 -7.27 -2.26
CA ILE A 128 -10.87 -8.22 -3.06
C ILE A 128 -11.64 -8.71 -4.30
N SER A 129 -12.25 -9.88 -4.20
CA SER A 129 -13.01 -10.43 -5.36
C SER A 129 -12.09 -11.05 -6.43
N SER A 130 -11.00 -10.39 -6.74
CA SER A 130 -10.08 -10.96 -7.78
C SER A 130 -8.63 -10.67 -7.42
N VAL A 131 -7.82 -11.73 -7.38
CA VAL A 131 -6.38 -11.55 -7.03
C VAL A 131 -5.44 -12.05 -8.12
N LYS A 132 -4.24 -11.54 -8.05
CA LYS A 132 -3.20 -11.93 -9.03
C LYS A 132 -1.84 -11.91 -8.30
N PRO A 133 -1.37 -13.09 -7.89
CA PRO A 133 -0.10 -13.19 -7.19
C PRO A 133 1.04 -12.50 -7.93
N GLN A 134 0.82 -12.22 -9.18
CA GLN A 134 1.87 -11.54 -9.98
C GLN A 134 3.21 -12.27 -9.92
N GLY A 135 3.29 -13.27 -9.10
CA GLY A 135 4.58 -14.01 -9.01
C GLY A 135 4.66 -14.82 -7.71
N LEU A 136 4.33 -14.21 -6.60
CA LEU A 136 4.41 -14.98 -5.32
C LEU A 136 3.14 -15.78 -5.10
N ALA A 137 2.96 -16.24 -3.88
CA ALA A 137 1.75 -17.03 -3.55
C ALA A 137 0.97 -16.28 -2.47
N VAL A 138 -0.31 -16.13 -2.68
CA VAL A 138 -1.12 -15.40 -1.67
C VAL A 138 -1.93 -16.34 -0.78
N VAL A 139 -2.03 -15.97 0.46
CA VAL A 139 -2.79 -16.79 1.43
C VAL A 139 -3.64 -15.87 2.31
N LEU A 140 -4.93 -16.04 2.23
CA LEU A 140 -5.83 -15.17 3.05
C LEU A 140 -6.27 -15.87 4.34
N PHE A 141 -6.37 -15.09 5.39
CA PHE A 141 -6.80 -15.65 6.70
C PHE A 141 -8.06 -14.95 7.19
N LYS A 142 -9.00 -15.74 7.63
CA LYS A 142 -10.27 -15.15 8.12
C LYS A 142 -10.10 -14.49 9.48
N ASN A 143 -9.72 -15.29 10.45
CA ASN A 143 -9.53 -14.73 11.81
C ASN A 143 -8.29 -13.85 11.87
N ASP A 144 -7.98 -13.38 13.04
CA ASP A 144 -6.79 -12.52 13.20
C ASP A 144 -5.52 -13.36 13.20
N ASN A 145 -4.43 -12.74 13.64
CA ASN A 145 -3.12 -13.46 13.69
C ASN A 145 -3.03 -14.55 12.63
N PHE A 146 -3.54 -14.28 11.47
CA PHE A 146 -3.50 -15.28 10.38
C PHE A 146 -3.82 -16.67 10.94
N SER A 147 -5.01 -16.80 11.49
CA SER A 147 -5.42 -18.10 12.07
C SER A 147 -6.81 -18.51 11.60
N GLY A 148 -7.36 -19.51 12.22
CA GLY A 148 -8.72 -19.97 11.83
C GLY A 148 -8.71 -20.49 10.39
N ASP A 149 -9.86 -20.59 9.80
CA ASP A 149 -9.92 -21.09 8.40
C ASP A 149 -9.11 -20.19 7.49
N THR A 150 -8.66 -20.73 6.39
CA THR A 150 -7.85 -19.91 5.45
C THR A 150 -8.13 -20.28 4.00
N LEU A 151 -7.78 -19.37 3.11
CA LEU A 151 -8.00 -19.61 1.66
C LEU A 151 -6.67 -19.40 0.91
N PRO A 152 -5.85 -20.43 0.91
CA PRO A 152 -4.54 -20.39 0.25
C PRO A 152 -4.65 -20.20 -1.27
N VAL A 153 -4.32 -19.01 -1.72
CA VAL A 153 -4.39 -18.74 -3.18
C VAL A 153 -3.06 -19.13 -3.81
N ASN A 154 -2.93 -20.41 -4.09
CA ASN A 154 -1.68 -20.90 -4.71
C ASN A 154 -1.40 -20.30 -6.09
N SER A 155 -2.35 -19.60 -6.66
CA SER A 155 -2.08 -19.03 -8.01
C SER A 155 -3.13 -18.02 -8.48
N ASP A 156 -3.05 -17.70 -9.75
CA ASP A 156 -4.01 -16.73 -10.35
C ASP A 156 -5.44 -16.95 -9.90
N ALA A 157 -6.19 -15.88 -9.88
CA ALA A 157 -7.60 -15.97 -9.46
C ALA A 157 -8.30 -14.63 -9.71
N PRO A 158 -8.44 -14.31 -10.97
CA PRO A 158 -9.08 -13.06 -11.40
C PRO A 158 -10.56 -13.03 -11.04
N THR A 159 -10.93 -13.80 -10.06
CA THR A 159 -12.35 -13.82 -9.64
C THR A 159 -12.51 -14.70 -8.41
N LEU A 160 -11.79 -14.36 -7.38
CA LEU A 160 -11.89 -15.15 -6.13
C LEU A 160 -13.28 -15.07 -5.53
N GLY A 161 -14.08 -14.18 -6.06
CA GLY A 161 -15.48 -14.03 -5.54
C GLY A 161 -16.08 -15.41 -5.24
N ALA A 162 -16.01 -15.79 -3.99
CA ALA A 162 -16.57 -17.11 -3.60
C ALA A 162 -16.43 -17.31 -2.10
N MET A 163 -15.75 -16.40 -1.46
CA MET A 163 -15.56 -16.51 0.00
C MET A 163 -15.24 -15.14 0.60
N ASN A 164 -15.90 -14.14 0.08
CA ASN A 164 -15.67 -12.77 0.60
C ASN A 164 -15.61 -12.72 2.11
N ASN A 165 -16.74 -12.87 2.74
CA ASN A 165 -16.77 -12.84 4.22
C ASN A 165 -16.05 -11.60 4.74
N ASN A 166 -14.79 -11.76 5.07
CA ASN A 166 -14.02 -10.59 5.58
C ASN A 166 -12.55 -10.92 5.74
N THR A 167 -11.80 -10.76 4.67
CA THR A 167 -10.36 -11.05 4.75
C THR A 167 -9.70 -10.18 5.81
N SER A 168 -9.27 -10.80 6.87
CA SER A 168 -8.63 -10.01 7.95
C SER A 168 -7.11 -9.90 7.74
N SER A 169 -6.43 -11.01 7.89
CA SER A 169 -4.94 -10.99 7.71
C SER A 169 -4.54 -11.87 6.54
N ILE A 170 -3.38 -11.62 6.00
CA ILE A 170 -2.92 -12.44 4.84
C ILE A 170 -1.44 -12.73 4.93
N ARG A 171 -0.96 -13.41 3.96
CA ARG A 171 0.48 -13.75 3.94
C ARG A 171 0.92 -14.12 2.55
N ILE A 172 1.79 -13.32 2.01
CA ILE A 172 2.28 -13.59 0.65
C ILE A 172 3.54 -14.46 0.71
N SER A 173 3.34 -15.74 0.59
CA SER A 173 4.51 -16.66 0.64
C SER A 173 5.19 -16.75 -0.72
N MET A 1 13.69 4.65 -11.72
CA MET A 1 13.34 3.29 -11.23
C MET A 1 13.05 3.33 -9.74
N ALA A 2 12.99 4.51 -9.20
CA ALA A 2 12.71 4.63 -7.74
C ALA A 2 12.23 6.03 -7.39
N ASN A 3 11.16 6.42 -8.04
CA ASN A 3 10.58 7.77 -7.78
C ASN A 3 9.19 7.65 -7.18
N ILE A 4 9.04 8.11 -5.97
CA ILE A 4 7.71 8.03 -5.31
C ILE A 4 6.76 9.07 -5.89
N THR A 5 5.50 8.70 -5.99
CA THR A 5 4.50 9.65 -6.55
C THR A 5 3.31 9.74 -5.60
N VAL A 6 2.86 10.95 -5.35
CA VAL A 6 1.71 11.12 -4.44
C VAL A 6 0.55 11.80 -5.13
N PHE A 7 -0.62 11.61 -4.58
CA PHE A 7 -1.81 12.24 -5.20
C PHE A 7 -2.40 13.28 -4.26
N TYR A 8 -3.15 14.21 -4.82
CA TYR A 8 -3.75 15.28 -3.97
C TYR A 8 -5.13 14.91 -3.40
N ASN A 9 -5.53 13.67 -3.52
CA ASN A 9 -6.87 13.31 -2.97
C ASN A 9 -6.92 11.86 -2.57
N GLU A 10 -8.00 11.49 -1.95
CA GLU A 10 -8.16 10.09 -1.50
C GLU A 10 -8.55 9.20 -2.66
N ASP A 11 -8.51 7.92 -2.43
CA ASP A 11 -8.88 6.97 -3.50
C ASP A 11 -7.89 7.02 -4.66
N PHE A 12 -6.63 7.18 -4.35
CA PHE A 12 -5.61 7.23 -5.44
C PHE A 12 -5.84 8.42 -6.35
N GLN A 13 -6.90 9.15 -6.12
CA GLN A 13 -7.18 10.33 -6.98
C GLN A 13 -6.49 11.57 -6.44
N GLY A 14 -6.44 12.60 -7.26
CA GLY A 14 -5.79 13.88 -6.83
C GLY A 14 -4.53 14.12 -7.69
N LYS A 15 -4.33 15.37 -8.11
CA LYS A 15 -3.12 15.70 -8.96
C LYS A 15 -1.95 14.78 -8.66
N GLN A 16 -1.28 14.36 -9.69
CA GLN A 16 -0.11 13.43 -9.49
C GLN A 16 1.24 14.14 -9.63
N VAL A 17 2.04 14.04 -8.60
CA VAL A 17 3.38 14.67 -8.60
C VAL A 17 4.44 13.63 -8.27
N ASP A 18 5.55 13.68 -8.97
CA ASP A 18 6.63 12.69 -8.69
C ASP A 18 7.75 13.30 -7.85
N LEU A 19 8.34 12.47 -7.01
CA LEU A 19 9.44 12.95 -6.13
C LEU A 19 10.57 11.89 -6.09
N PRO A 20 11.82 12.34 -6.08
CA PRO A 20 12.95 11.39 -6.05
C PRO A 20 13.08 10.72 -4.68
N PRO A 21 13.89 9.68 -4.63
CA PRO A 21 14.12 8.93 -3.39
C PRO A 21 14.88 9.79 -2.37
N GLY A 22 15.28 9.18 -1.28
CA GLY A 22 16.01 9.95 -0.25
C GLY A 22 15.08 10.39 0.87
N ASN A 23 15.46 11.44 1.55
CA ASN A 23 14.62 11.93 2.65
C ASN A 23 14.70 13.44 2.76
N TYR A 24 13.64 14.05 3.22
CA TYR A 24 13.67 15.52 3.36
C TYR A 24 12.54 16.02 4.25
N THR A 25 12.29 17.29 4.17
CA THR A 25 11.21 17.90 4.98
C THR A 25 10.44 18.91 4.18
N ARG A 26 9.41 19.44 4.77
CA ARG A 26 8.61 20.44 4.04
C ARG A 26 9.49 21.61 3.63
N ALA A 27 10.67 21.68 4.19
CA ALA A 27 11.57 22.79 3.83
C ALA A 27 12.01 22.64 2.39
N GLN A 28 12.64 21.53 2.10
CA GLN A 28 13.09 21.33 0.71
C GLN A 28 11.91 21.52 -0.19
N LEU A 29 10.80 20.98 0.21
CA LEU A 29 9.59 21.13 -0.61
C LEU A 29 9.29 22.60 -0.78
N ALA A 30 9.40 23.34 0.30
CA ALA A 30 9.12 24.77 0.21
C ALA A 30 9.85 25.33 -0.98
N ALA A 31 10.97 24.72 -1.28
CA ALA A 31 11.77 25.19 -2.43
C ALA A 31 11.14 24.71 -3.73
N LEU A 32 10.62 23.50 -3.68
CA LEU A 32 9.98 22.94 -4.91
C LEU A 32 8.61 23.57 -5.13
N GLY A 33 7.70 23.27 -4.24
CA GLY A 33 6.32 23.85 -4.39
C GLY A 33 5.30 23.02 -3.60
N ILE A 34 5.74 21.92 -3.07
CA ILE A 34 4.81 21.06 -2.28
C ILE A 34 4.95 21.31 -0.80
N GLU A 35 4.37 20.43 -0.02
CA GLU A 35 4.44 20.55 1.45
C GLU A 35 3.58 19.49 2.10
N ASN A 36 3.37 19.62 3.37
CA ASN A 36 2.55 18.64 4.08
C ASN A 36 1.05 18.85 3.81
N ASN A 37 0.25 18.02 4.44
CA ASN A 37 -1.23 18.12 4.26
C ASN A 37 -1.71 17.67 2.88
N THR A 38 -0.81 17.56 1.93
CA THR A 38 -1.27 17.11 0.58
C THR A 38 -1.30 15.60 0.48
N ILE A 39 -0.11 15.01 0.30
CA ILE A 39 0.01 13.52 0.19
C ILE A 39 -1.25 12.81 0.63
N SER A 40 -2.23 12.87 -0.20
CA SER A 40 -3.50 12.22 0.12
C SER A 40 -3.40 10.74 -0.21
N SER A 41 -2.71 10.44 -1.26
CA SER A 41 -2.54 9.03 -1.67
C SER A 41 -1.08 8.80 -2.03
N VAL A 42 -0.69 7.57 -2.26
CA VAL A 42 0.74 7.35 -2.60
C VAL A 42 0.93 6.15 -3.53
N LYS A 43 1.89 6.29 -4.40
CA LYS A 43 2.20 5.20 -5.35
C LYS A 43 3.71 4.98 -5.37
N VAL A 44 4.15 3.94 -4.69
CA VAL A 44 5.61 3.64 -4.64
C VAL A 44 5.92 2.21 -5.10
N PRO A 45 6.56 2.08 -6.26
CA PRO A 45 6.91 0.76 -6.79
C PRO A 45 8.01 0.11 -5.94
N PRO A 46 8.21 -1.18 -6.15
CA PRO A 46 9.24 -1.92 -5.41
C PRO A 46 10.62 -1.35 -5.69
N GLY A 47 11.64 -2.07 -5.28
CA GLY A 47 13.00 -1.57 -5.52
C GLY A 47 13.32 -0.47 -4.52
N VAL A 48 12.32 -0.06 -3.79
CA VAL A 48 12.57 1.01 -2.79
C VAL A 48 11.63 0.91 -1.59
N LYS A 49 12.19 1.05 -0.41
CA LYS A 49 11.37 0.97 0.82
C LYS A 49 11.26 2.37 1.40
N ALA A 50 10.04 2.87 1.54
CA ALA A 50 9.87 4.24 2.10
C ALA A 50 9.16 4.26 3.43
N ILE A 51 9.38 5.34 4.13
CA ILE A 51 8.77 5.52 5.45
C ILE A 51 8.37 6.98 5.61
N LEU A 52 7.13 7.22 5.90
CA LEU A 52 6.69 8.63 6.06
C LEU A 52 6.84 9.10 7.50
N TYR A 53 6.87 10.40 7.67
CA TYR A 53 7.02 10.97 9.02
C TYR A 53 6.09 12.18 9.20
N GLN A 54 5.16 12.05 10.09
CA GLN A 54 4.21 13.17 10.34
C GLN A 54 4.93 14.45 10.73
N ASN A 55 5.32 14.55 11.96
CA ASN A 55 6.04 15.78 12.41
C ASN A 55 7.32 15.99 11.61
N ASP A 56 7.67 17.23 11.40
CA ASP A 56 8.90 17.53 10.64
C ASP A 56 10.12 16.92 11.32
N GLY A 57 11.25 16.99 10.66
CA GLY A 57 12.48 16.42 11.26
C GLY A 57 12.34 14.90 11.39
N PHE A 58 11.63 14.31 10.47
CA PHE A 58 11.45 12.85 10.52
C PHE A 58 11.01 12.40 11.92
N ALA A 59 10.01 13.09 12.44
CA ALA A 59 9.50 12.74 13.80
C ALA A 59 8.00 12.46 13.76
N GLY A 60 7.37 12.51 14.90
CA GLY A 60 5.90 12.25 14.94
C GLY A 60 5.60 10.85 14.40
N ASP A 61 4.35 10.50 14.35
CA ASP A 61 4.00 9.15 13.84
C ASP A 61 4.73 8.90 12.53
N GLN A 62 4.78 7.66 12.14
CA GLN A 62 5.46 7.33 10.87
C GLN A 62 4.83 6.14 10.18
N ILE A 63 4.75 6.22 8.88
CA ILE A 63 4.14 5.12 8.09
C ILE A 63 5.23 4.37 7.35
N GLU A 64 4.88 3.24 6.80
CA GLU A 64 5.87 2.43 6.05
C GLU A 64 5.23 1.92 4.78
N VAL A 65 5.92 2.05 3.68
CA VAL A 65 5.32 1.55 2.42
C VAL A 65 6.36 1.08 1.44
N VAL A 66 5.90 0.27 0.53
CA VAL A 66 6.78 -0.28 -0.50
C VAL A 66 5.93 -0.51 -1.75
N ALA A 67 4.66 -0.19 -1.58
CA ALA A 67 3.70 -0.34 -2.70
C ALA A 67 2.86 0.92 -2.82
N ASN A 68 1.65 0.76 -3.27
CA ASN A 68 0.76 1.93 -3.43
C ASN A 68 -0.23 2.00 -2.27
N ALA A 69 -0.09 3.03 -1.48
CA ALA A 69 -1.01 3.20 -0.32
C ALA A 69 -2.24 3.99 -0.74
N GLU A 70 -3.30 3.31 -1.04
CA GLU A 70 -4.54 4.00 -1.46
C GLU A 70 -5.08 4.90 -0.35
N GLU A 71 -5.66 4.28 0.64
CA GLU A 71 -6.21 5.06 1.77
C GLU A 71 -5.12 5.72 2.57
N LEU A 72 -3.89 5.38 2.29
CA LEU A 72 -2.76 5.99 3.04
C LEU A 72 -2.76 5.56 4.50
N GLY A 73 -3.58 6.19 5.29
CA GLY A 73 -3.64 5.83 6.74
C GLY A 73 -3.87 7.09 7.59
N PRO A 74 -3.51 7.00 8.85
CA PRO A 74 -3.67 8.12 9.77
C PRO A 74 -2.79 9.30 9.35
N LEU A 75 -2.51 10.17 10.30
CA LEU A 75 -1.65 11.37 10.00
C LEU A 75 -1.85 11.87 8.56
N ASN A 76 -3.04 11.70 8.06
CA ASN A 76 -3.32 12.15 6.67
C ASN A 76 -3.69 13.63 6.64
N ASN A 77 -4.01 14.17 7.78
CA ASN A 77 -4.37 15.61 7.84
C ASN A 77 -3.15 16.49 7.99
N ASN A 78 -1.99 15.88 8.05
CA ASN A 78 -0.77 16.70 8.21
C ASN A 78 0.51 15.87 8.08
N VAL A 79 1.34 16.26 7.14
CA VAL A 79 2.62 15.54 6.90
C VAL A 79 3.78 16.51 7.03
N SER A 80 4.86 16.28 6.27
CA SER A 80 6.06 17.20 6.34
C SER A 80 7.36 16.50 5.94
N SER A 81 7.71 15.43 6.65
CA SER A 81 8.97 14.70 6.32
C SER A 81 8.73 13.31 5.76
N ILE A 82 9.69 12.83 5.02
CA ILE A 82 9.57 11.47 4.42
C ILE A 82 10.96 10.83 4.30
N ARG A 83 10.99 9.53 4.11
CA ARG A 83 12.29 8.84 4.00
C ARG A 83 12.21 7.71 2.95
N VAL A 84 13.20 7.64 2.07
CA VAL A 84 13.20 6.56 1.03
C VAL A 84 14.60 5.99 0.81
N ILE A 85 14.71 4.69 0.87
CA ILE A 85 16.05 4.04 0.68
C ILE A 85 15.98 2.90 -0.33
N SER A 86 16.80 3.00 -1.34
CA SER A 86 16.82 1.94 -2.39
C SER A 86 16.80 0.54 -1.77
N VAL A 87 16.18 -0.39 -2.47
CA VAL A 87 16.11 -1.78 -1.95
C VAL A 87 16.10 -2.75 -3.14
N PRO A 88 16.59 -3.95 -2.92
CA PRO A 88 16.64 -4.96 -3.98
C PRO A 88 15.24 -5.19 -4.57
N VAL A 89 15.20 -5.65 -5.80
CA VAL A 89 13.89 -5.91 -6.43
C VAL A 89 13.06 -6.92 -5.66
N GLN A 90 11.77 -6.71 -5.64
CA GLN A 90 10.86 -7.64 -4.91
C GLN A 90 9.51 -7.79 -5.65
N PRO A 91 9.19 -9.01 -6.08
CA PRO A 91 7.93 -9.25 -6.80
C PRO A 91 6.73 -8.91 -5.93
N ARG A 92 5.58 -9.48 -6.25
CA ARG A 92 4.37 -9.19 -5.45
C ARG A 92 3.16 -9.94 -6.00
N ALA A 93 2.00 -9.48 -5.60
CA ALA A 93 0.74 -10.11 -6.07
C ALA A 93 -0.28 -9.02 -6.39
N ARG A 94 -1.42 -9.39 -6.95
CA ARG A 94 -2.45 -8.36 -7.30
C ARG A 94 -3.77 -8.58 -6.58
N PHE A 95 -4.44 -7.50 -6.33
CA PHE A 95 -5.75 -7.55 -5.63
C PHE A 95 -6.68 -6.53 -6.25
N PHE A 96 -7.73 -6.98 -6.87
CA PHE A 96 -8.67 -6.03 -7.50
C PHE A 96 -9.60 -5.39 -6.49
N TYR A 97 -10.45 -4.48 -6.94
CA TYR A 97 -11.39 -3.80 -6.00
C TYR A 97 -12.83 -4.25 -6.23
N LYS A 98 -13.26 -4.26 -7.47
CA LYS A 98 -14.66 -4.67 -7.75
C LYS A 98 -14.77 -6.17 -8.04
N GLU A 99 -15.91 -6.70 -7.79
CA GLU A 99 -16.12 -8.14 -8.04
C GLU A 99 -16.15 -8.44 -9.53
N GLN A 100 -15.03 -8.97 -10.01
CA GLN A 100 -14.84 -9.34 -11.47
C GLN A 100 -13.62 -8.64 -12.01
N PHE A 101 -12.55 -8.70 -11.25
CA PHE A 101 -11.28 -8.03 -11.67
C PHE A 101 -11.55 -6.79 -12.52
N ASP A 102 -12.27 -5.85 -11.95
CA ASP A 102 -12.57 -4.60 -12.71
C ASP A 102 -12.26 -3.36 -11.88
N GLY A 103 -12.03 -3.55 -10.63
CA GLY A 103 -11.72 -2.38 -9.76
C GLY A 103 -10.20 -2.18 -9.65
N LYS A 104 -9.80 -0.97 -9.32
CA LYS A 104 -8.33 -0.66 -9.19
C LYS A 104 -7.52 -1.88 -8.75
N GLU A 105 -6.37 -2.03 -9.35
CA GLU A 105 -5.51 -3.19 -9.00
C GLU A 105 -4.48 -2.83 -7.93
N VAL A 106 -4.73 -3.31 -6.75
CA VAL A 106 -3.80 -3.03 -5.63
C VAL A 106 -2.79 -4.17 -5.53
N ASP A 107 -1.53 -3.84 -5.32
CA ASP A 107 -0.48 -4.90 -5.21
C ASP A 107 0.25 -4.86 -3.88
N LEU A 108 0.77 -6.00 -3.49
CA LEU A 108 1.51 -6.07 -2.19
C LEU A 108 2.72 -7.03 -2.29
N PRO A 109 3.89 -6.58 -1.81
CA PRO A 109 5.11 -7.41 -1.85
C PRO A 109 4.99 -8.64 -0.93
N PRO A 110 5.90 -9.56 -1.10
CA PRO A 110 5.91 -10.79 -0.32
C PRO A 110 6.00 -10.49 1.18
N GLY A 111 5.42 -11.35 1.97
CA GLY A 111 5.47 -11.13 3.46
C GLY A 111 4.11 -11.41 4.09
N GLN A 112 4.02 -11.16 5.38
CA GLN A 112 2.75 -11.39 6.09
C GLN A 112 2.13 -10.07 6.53
N TYR A 113 0.83 -10.07 6.70
CA TYR A 113 0.16 -8.81 7.12
C TYR A 113 -1.03 -9.08 8.01
N THR A 114 -1.37 -8.12 8.81
CA THR A 114 -2.52 -8.28 9.73
C THR A 114 -3.82 -7.77 9.10
N GLN A 115 -4.65 -7.16 9.92
CA GLN A 115 -5.95 -6.63 9.40
C GLN A 115 -5.97 -5.09 9.42
N ALA A 116 -5.13 -4.50 10.23
CA ALA A 116 -5.11 -3.00 10.31
C ALA A 116 -4.37 -2.37 9.13
N GLU A 117 -3.14 -2.73 8.95
CA GLU A 117 -2.36 -2.15 7.83
C GLU A 117 -2.85 -2.68 6.51
N LEU A 118 -2.84 -3.99 6.39
CA LEU A 118 -3.29 -4.63 5.14
C LEU A 118 -4.39 -3.83 4.47
N GLU A 119 -5.51 -3.79 5.12
CA GLU A 119 -6.66 -3.05 4.57
C GLU A 119 -6.30 -1.61 4.29
N ARG A 120 -5.94 -0.90 5.32
CA ARG A 120 -5.57 0.52 5.12
C ARG A 120 -4.20 0.69 4.45
N TYR A 121 -3.75 -0.35 3.79
CA TYR A 121 -2.41 -0.26 3.10
C TYR A 121 -2.54 -0.59 1.64
N GLY A 122 -3.63 -1.19 1.28
CA GLY A 122 -3.83 -1.55 -0.14
C GLY A 122 -5.30 -1.49 -0.53
N ILE A 123 -6.14 -1.91 0.37
CA ILE A 123 -7.59 -1.89 0.07
C ILE A 123 -8.41 -1.49 1.31
N ASP A 124 -9.20 -2.42 1.81
CA ASP A 124 -10.02 -2.12 3.00
C ASP A 124 -10.38 -3.42 3.73
N ASN A 125 -11.17 -3.30 4.77
CA ASN A 125 -11.56 -4.52 5.54
C ASN A 125 -12.68 -5.26 4.82
N ASN A 126 -12.69 -6.56 4.98
CA ASN A 126 -13.75 -7.37 4.32
C ASN A 126 -13.95 -6.95 2.87
N THR A 127 -12.88 -6.77 2.15
CA THR A 127 -13.03 -6.35 0.73
C THR A 127 -11.75 -6.58 -0.06
N ILE A 128 -11.77 -7.57 -0.92
CA ILE A 128 -10.57 -7.87 -1.75
C ILE A 128 -11.00 -8.22 -3.16
N SER A 129 -12.00 -9.06 -3.27
CA SER A 129 -12.51 -9.46 -4.61
C SER A 129 -11.49 -10.27 -5.41
N SER A 130 -11.62 -10.16 -6.71
CA SER A 130 -10.72 -10.89 -7.63
C SER A 130 -9.24 -10.70 -7.30
N VAL A 131 -8.55 -11.81 -7.22
CA VAL A 131 -7.10 -11.79 -6.89
C VAL A 131 -6.33 -12.47 -8.02
N LYS A 132 -5.12 -12.07 -8.22
CA LYS A 132 -4.33 -12.69 -9.30
C LYS A 132 -2.83 -12.45 -9.08
N PRO A 133 -2.09 -13.50 -8.80
CA PRO A 133 -0.66 -13.36 -8.58
C PRO A 133 0.04 -12.80 -9.81
N GLN A 134 1.28 -12.46 -9.62
CA GLN A 134 2.07 -11.91 -10.72
C GLN A 134 3.54 -12.16 -10.44
N GLY A 135 3.78 -12.89 -9.39
CA GLY A 135 5.17 -13.21 -9.02
C GLY A 135 5.20 -14.25 -7.90
N LEU A 136 4.44 -14.00 -6.84
CA LEU A 136 4.40 -14.97 -5.70
C LEU A 136 2.99 -15.45 -5.46
N ALA A 137 2.85 -16.53 -4.74
CA ALA A 137 1.48 -17.03 -4.46
C ALA A 137 0.86 -16.29 -3.28
N VAL A 138 -0.45 -16.25 -3.24
CA VAL A 138 -1.13 -15.54 -2.12
C VAL A 138 -1.97 -16.48 -1.27
N VAL A 139 -1.99 -16.21 0.02
CA VAL A 139 -2.77 -17.06 0.95
C VAL A 139 -3.65 -16.16 1.83
N LEU A 140 -4.93 -16.43 1.83
CA LEU A 140 -5.85 -15.59 2.68
C LEU A 140 -6.19 -16.28 3.99
N PHE A 141 -6.34 -15.47 5.02
CA PHE A 141 -6.67 -16.02 6.36
C PHE A 141 -7.98 -15.45 6.86
N LYS A 142 -8.74 -16.27 7.53
CA LYS A 142 -10.05 -15.80 8.06
C LYS A 142 -9.87 -14.89 9.26
N ASN A 143 -9.56 -15.47 10.38
CA ASN A 143 -9.38 -14.65 11.60
C ASN A 143 -8.05 -13.91 11.55
N ASP A 144 -7.97 -12.84 12.29
CA ASP A 144 -6.70 -12.06 12.30
C ASP A 144 -5.53 -12.94 12.74
N ASN A 145 -4.39 -12.34 12.90
CA ASN A 145 -3.20 -13.13 13.32
C ASN A 145 -3.16 -14.47 12.64
N PHE A 146 -3.75 -14.53 11.46
CA PHE A 146 -3.75 -15.80 10.71
C PHE A 146 -4.02 -16.97 11.65
N SER A 147 -5.18 -16.93 12.26
CA SER A 147 -5.56 -18.03 13.21
C SER A 147 -6.96 -18.56 12.93
N GLY A 148 -7.09 -19.26 11.85
CA GLY A 148 -8.43 -19.82 11.49
C GLY A 148 -8.38 -20.46 10.10
N ASP A 149 -9.53 -20.67 9.52
CA ASP A 149 -9.55 -21.30 8.18
C ASP A 149 -8.78 -20.42 7.21
N THR A 150 -8.42 -20.99 6.09
CA THR A 150 -7.66 -20.18 5.10
C THR A 150 -7.94 -20.64 3.68
N LEU A 151 -7.57 -19.80 2.74
CA LEU A 151 -7.80 -20.11 1.31
C LEU A 151 -6.51 -19.85 0.53
N PRO A 152 -5.65 -20.85 0.46
CA PRO A 152 -4.39 -20.72 -0.25
C PRO A 152 -4.61 -20.45 -1.74
N VAL A 153 -4.33 -19.23 -2.14
CA VAL A 153 -4.51 -18.88 -3.56
C VAL A 153 -3.22 -19.10 -4.35
N ASN A 154 -2.82 -20.34 -4.45
CA ASN A 154 -1.58 -20.64 -5.20
C ASN A 154 -1.84 -20.63 -6.69
N SER A 155 -2.75 -19.77 -7.10
CA SER A 155 -3.07 -19.71 -8.54
C SER A 155 -3.89 -18.46 -8.87
N ASP A 156 -4.60 -18.52 -9.95
CA ASP A 156 -5.44 -17.34 -10.34
C ASP A 156 -6.84 -17.43 -9.76
N ALA A 157 -7.45 -16.28 -9.57
CA ALA A 157 -8.82 -16.24 -9.00
C ALA A 157 -9.43 -14.87 -9.26
N PRO A 158 -9.76 -14.64 -10.52
CA PRO A 158 -10.35 -13.38 -10.95
C PRO A 158 -11.79 -13.16 -10.42
N THR A 159 -12.05 -13.60 -9.21
CA THR A 159 -13.42 -13.40 -8.68
C THR A 159 -13.48 -13.67 -7.18
N LEU A 160 -13.61 -14.91 -6.81
CA LEU A 160 -13.69 -15.24 -5.36
C LEU A 160 -15.04 -14.84 -4.78
N GLY A 161 -15.26 -13.55 -4.68
CA GLY A 161 -16.56 -13.07 -4.13
C GLY A 161 -16.81 -13.68 -2.75
N ALA A 162 -15.88 -13.48 -1.85
CA ALA A 162 -16.04 -14.04 -0.49
C ALA A 162 -16.41 -15.53 -0.54
N MET A 163 -15.40 -16.36 -0.55
CA MET A 163 -15.67 -17.82 -0.60
C MET A 163 -16.17 -18.32 0.75
N ASN A 164 -15.35 -18.21 1.74
CA ASN A 164 -15.76 -18.68 3.09
C ASN A 164 -16.43 -17.55 3.87
N ASN A 165 -15.70 -16.49 4.07
CA ASN A 165 -16.27 -15.35 4.82
C ASN A 165 -15.56 -14.05 4.45
N ASN A 166 -14.40 -13.85 5.02
CA ASN A 166 -13.64 -12.60 4.71
C ASN A 166 -12.16 -12.79 5.00
N THR A 167 -11.35 -11.90 4.46
CA THR A 167 -9.88 -12.00 4.68
C THR A 167 -9.41 -10.98 5.71
N SER A 168 -8.99 -11.46 6.85
CA SER A 168 -8.52 -10.53 7.91
C SER A 168 -7.00 -10.43 7.85
N SER A 169 -6.36 -11.54 7.52
CA SER A 169 -4.87 -11.53 7.43
C SER A 169 -4.43 -12.22 6.15
N ILE A 170 -3.26 -11.88 5.67
CA ILE A 170 -2.78 -12.53 4.42
C ILE A 170 -1.32 -12.92 4.53
N ARG A 171 -0.93 -13.78 3.64
CA ARG A 171 0.47 -14.25 3.64
C ARG A 171 0.92 -14.51 2.21
N ILE A 172 1.66 -13.58 1.67
CA ILE A 172 2.14 -13.77 0.29
C ILE A 172 3.37 -14.65 0.28
N SER A 173 3.19 -15.91 -0.02
CA SER A 173 4.35 -16.83 -0.05
C SER A 173 5.09 -16.73 -1.37
N MET A 1 15.47 2.53 -11.41
CA MET A 1 14.01 2.78 -11.37
C MET A 1 13.56 2.95 -9.92
N ALA A 2 13.39 4.18 -9.52
CA ALA A 2 12.95 4.43 -8.13
C ALA A 2 12.37 5.84 -7.99
N ASN A 3 11.11 5.91 -7.67
CA ASN A 3 10.46 7.24 -7.51
C ASN A 3 9.01 7.06 -7.05
N ILE A 4 8.68 7.66 -5.92
CA ILE A 4 7.30 7.52 -5.42
C ILE A 4 6.37 8.55 -6.06
N THR A 5 5.11 8.21 -6.12
CA THR A 5 4.12 9.15 -6.73
C THR A 5 2.96 9.36 -5.77
N VAL A 6 2.77 10.59 -5.38
CA VAL A 6 1.66 10.90 -4.44
C VAL A 6 0.44 11.44 -5.18
N PHE A 7 -0.64 11.54 -4.48
CA PHE A 7 -1.90 12.06 -5.09
C PHE A 7 -2.46 13.17 -4.24
N TYR A 8 -3.13 14.10 -4.84
CA TYR A 8 -3.70 15.22 -4.04
C TYR A 8 -4.98 14.82 -3.29
N ASN A 9 -5.97 14.38 -4.01
CA ASN A 9 -7.24 14.00 -3.32
C ASN A 9 -7.20 12.56 -2.86
N GLU A 10 -8.09 12.24 -1.95
CA GLU A 10 -8.14 10.87 -1.45
C GLU A 10 -8.61 9.94 -2.55
N ASP A 11 -8.74 8.69 -2.25
CA ASP A 11 -9.20 7.77 -3.30
C ASP A 11 -8.35 7.94 -4.57
N PHE A 12 -7.06 7.85 -4.40
CA PHE A 12 -6.13 8.00 -5.56
C PHE A 12 -6.56 9.12 -6.53
N GLN A 13 -7.36 10.05 -6.07
CA GLN A 13 -7.79 11.18 -6.97
C GLN A 13 -6.86 12.38 -6.83
N GLY A 14 -7.07 13.36 -7.67
CA GLY A 14 -6.21 14.58 -7.60
C GLY A 14 -4.86 14.32 -8.28
N LYS A 15 -4.48 15.20 -9.20
CA LYS A 15 -3.18 15.00 -9.90
C LYS A 15 -2.10 14.54 -8.93
N GLN A 16 -1.09 13.90 -9.46
CA GLN A 16 0.01 13.40 -8.60
C GLN A 16 1.33 14.12 -8.83
N VAL A 17 2.30 13.74 -8.04
CA VAL A 17 3.64 14.34 -8.14
C VAL A 17 4.70 13.27 -7.92
N ASP A 18 5.74 13.29 -8.72
CA ASP A 18 6.81 12.27 -8.56
C ASP A 18 7.95 12.78 -7.69
N LEU A 19 8.12 12.16 -6.54
CA LEU A 19 9.20 12.58 -5.61
C LEU A 19 10.33 11.51 -5.60
N PRO A 20 11.59 11.93 -5.71
CA PRO A 20 12.70 10.98 -5.71
C PRO A 20 12.91 10.38 -4.31
N PRO A 21 13.53 9.21 -4.25
CA PRO A 21 13.79 8.54 -2.99
C PRO A 21 14.74 9.37 -2.13
N GLY A 22 15.25 8.76 -1.08
CA GLY A 22 16.20 9.51 -0.19
C GLY A 22 15.48 10.02 1.06
N ASN A 23 16.20 10.79 1.84
CA ASN A 23 15.62 11.34 3.08
C ASN A 23 15.40 12.84 2.96
N TYR A 24 14.18 13.27 3.15
CA TYR A 24 13.90 14.73 3.05
C TYR A 24 12.79 15.14 3.99
N THR A 25 12.55 16.42 4.07
CA THR A 25 11.50 16.92 4.95
C THR A 25 10.86 18.17 4.39
N ARG A 26 10.30 18.96 5.25
CA ARG A 26 9.66 20.19 4.79
C ARG A 26 10.67 21.13 4.13
N ALA A 27 11.91 21.02 4.53
CA ALA A 27 12.94 21.89 3.93
C ALA A 27 13.09 21.60 2.45
N GLN A 28 13.49 20.40 2.13
CA GLN A 28 13.65 20.07 0.70
C GLN A 28 12.35 20.33 -0.02
N LEU A 29 11.29 19.82 0.53
CA LEU A 29 9.98 20.02 -0.11
C LEU A 29 9.77 21.50 -0.37
N ALA A 30 10.16 22.32 0.58
CA ALA A 30 9.99 23.77 0.38
C ALA A 30 10.55 24.12 -0.96
N ALA A 31 11.62 23.44 -1.30
CA ALA A 31 12.26 23.70 -2.61
C ALA A 31 11.30 23.30 -3.73
N LEU A 32 10.64 22.20 -3.52
CA LEU A 32 9.68 21.73 -4.56
C LEU A 32 8.43 22.61 -4.59
N GLY A 33 7.59 22.44 -3.59
CA GLY A 33 6.34 23.28 -3.55
C GLY A 33 5.21 22.53 -2.83
N ILE A 34 5.27 21.22 -2.86
CA ILE A 34 4.22 20.44 -2.18
C ILE A 34 4.59 20.11 -0.75
N GLU A 35 3.62 20.14 0.13
CA GLU A 35 3.90 19.84 1.55
C GLU A 35 2.61 19.89 2.37
N ASN A 36 2.61 19.16 3.48
CA ASN A 36 1.40 19.12 4.38
C ASN A 36 0.44 17.99 4.02
N ASN A 37 -0.82 18.22 4.27
CA ASN A 37 -1.85 17.19 3.96
C ASN A 37 -2.07 17.01 2.46
N THR A 38 -1.05 17.18 1.68
CA THR A 38 -1.23 16.99 0.22
C THR A 38 -1.02 15.55 -0.16
N ILE A 39 -0.03 14.94 0.43
CA ILE A 39 0.24 13.53 0.11
C ILE A 39 -0.92 12.69 0.57
N SER A 40 -1.98 12.77 -0.16
CA SER A 40 -3.17 12.00 0.19
C SER A 40 -2.99 10.53 -0.18
N SER A 41 -3.03 10.23 -1.46
CA SER A 41 -2.86 8.80 -1.87
C SER A 41 -1.43 8.59 -2.32
N VAL A 42 -1.02 7.36 -2.50
CA VAL A 42 0.38 7.13 -2.94
C VAL A 42 0.56 5.85 -3.74
N LYS A 43 1.50 5.91 -4.66
CA LYS A 43 1.80 4.75 -5.53
C LYS A 43 3.33 4.56 -5.57
N VAL A 44 3.79 3.50 -4.94
CA VAL A 44 5.27 3.23 -4.93
C VAL A 44 5.61 1.79 -5.36
N PRO A 45 6.23 1.64 -6.54
CA PRO A 45 6.60 0.31 -7.03
C PRO A 45 7.69 -0.32 -6.15
N PRO A 46 7.94 -1.60 -6.39
CA PRO A 46 8.96 -2.33 -5.62
C PRO A 46 10.36 -1.73 -5.86
N GLY A 47 11.37 -2.45 -5.45
CA GLY A 47 12.74 -1.93 -5.64
C GLY A 47 13.07 -0.86 -4.61
N VAL A 48 12.08 -0.41 -3.89
CA VAL A 48 12.36 0.63 -2.87
C VAL A 48 11.33 0.61 -1.74
N LYS A 49 11.79 0.98 -0.57
CA LYS A 49 10.90 1.01 0.62
C LYS A 49 10.78 2.46 1.10
N ALA A 50 9.59 2.84 1.55
CA ALA A 50 9.42 4.24 2.03
C ALA A 50 8.66 4.32 3.34
N ILE A 51 9.07 5.24 4.17
CA ILE A 51 8.42 5.43 5.49
C ILE A 51 7.86 6.84 5.59
N LEU A 52 6.59 6.96 5.80
CA LEU A 52 5.99 8.31 5.91
C LEU A 52 5.96 8.80 7.35
N TYR A 53 6.11 10.10 7.53
CA TYR A 53 6.09 10.67 8.90
C TYR A 53 5.22 11.91 8.97
N GLN A 54 4.38 11.94 9.97
CA GLN A 54 3.47 13.10 10.15
C GLN A 54 4.22 14.41 10.30
N ASN A 55 4.65 14.70 11.50
CA ASN A 55 5.39 15.97 11.74
C ASN A 55 6.73 15.97 11.02
N ASP A 56 7.31 17.14 10.88
CA ASP A 56 8.62 17.25 10.19
C ASP A 56 9.68 16.48 10.95
N GLY A 57 10.89 16.53 10.45
CA GLY A 57 11.98 15.80 11.15
C GLY A 57 11.58 14.34 11.32
N PHE A 58 10.83 13.86 10.36
CA PHE A 58 10.37 12.45 10.43
C PHE A 58 9.93 12.08 11.85
N ALA A 59 8.82 12.66 12.24
CA ALA A 59 8.30 12.38 13.61
C ALA A 59 6.78 12.28 13.60
N GLY A 60 6.22 11.92 14.72
CA GLY A 60 4.72 11.80 14.80
C GLY A 60 4.27 10.49 14.17
N ASP A 61 2.98 10.28 14.11
CA ASP A 61 2.46 9.02 13.51
C ASP A 61 3.23 8.70 12.23
N GLN A 62 3.89 7.58 12.24
CA GLN A 62 4.68 7.18 11.04
C GLN A 62 3.94 6.14 10.21
N ILE A 63 4.49 5.85 9.06
CA ILE A 63 3.86 4.85 8.18
C ILE A 63 4.94 4.06 7.45
N GLU A 64 4.57 2.95 6.90
CA GLU A 64 5.55 2.13 6.17
C GLU A 64 4.91 1.58 4.91
N VAL A 65 5.56 1.82 3.79
CA VAL A 65 4.98 1.31 2.53
C VAL A 65 6.03 0.96 1.49
N VAL A 66 5.64 0.14 0.57
CA VAL A 66 6.56 -0.27 -0.49
C VAL A 66 5.73 -0.56 -1.74
N ALA A 67 4.43 -0.38 -1.57
CA ALA A 67 3.49 -0.61 -2.69
C ALA A 67 2.64 0.63 -2.90
N ASN A 68 1.37 0.42 -3.08
CA ASN A 68 0.45 1.57 -3.29
C ASN A 68 -0.40 1.82 -2.05
N ALA A 69 -0.15 2.93 -1.41
CA ALA A 69 -0.93 3.28 -0.19
C ALA A 69 -2.18 4.07 -0.58
N GLU A 70 -3.18 3.36 -1.01
CA GLU A 70 -4.44 4.04 -1.42
C GLU A 70 -4.96 4.98 -0.35
N GLU A 71 -5.64 4.41 0.62
CA GLU A 71 -6.19 5.26 1.71
C GLU A 71 -5.09 5.83 2.62
N LEU A 72 -3.89 5.34 2.44
CA LEU A 72 -2.77 5.85 3.28
C LEU A 72 -2.99 5.53 4.77
N GLY A 73 -3.72 6.37 5.46
CA GLY A 73 -3.96 6.11 6.92
C GLY A 73 -4.74 7.26 7.56
N PRO A 74 -4.91 7.15 8.87
CA PRO A 74 -5.63 8.17 9.65
C PRO A 74 -4.88 9.50 9.70
N LEU A 75 -3.58 9.43 9.83
CA LEU A 75 -2.79 10.69 9.88
C LEU A 75 -2.75 11.37 8.51
N ASN A 76 -3.80 11.20 7.75
CA ASN A 76 -3.85 11.83 6.41
C ASN A 76 -4.07 13.33 6.53
N ASN A 77 -4.36 13.77 7.72
CA ASN A 77 -4.59 15.23 7.93
C ASN A 77 -3.27 15.94 8.22
N ASN A 78 -2.17 15.29 7.99
CA ASN A 78 -0.87 15.94 8.25
C ASN A 78 0.30 15.04 7.87
N VAL A 79 1.08 15.47 6.92
CA VAL A 79 2.25 14.67 6.47
C VAL A 79 3.29 15.58 5.80
N SER A 80 4.55 15.26 5.97
CA SER A 80 5.58 16.12 5.35
C SER A 80 6.97 15.46 5.30
N SER A 81 7.33 14.71 6.32
CA SER A 81 8.67 14.05 6.30
C SER A 81 8.59 12.63 5.77
N ILE A 82 9.59 12.23 5.02
CA ILE A 82 9.58 10.86 4.47
C ILE A 82 10.99 10.30 4.33
N ARG A 83 11.12 9.02 4.59
CA ARG A 83 12.44 8.34 4.49
C ARG A 83 12.37 7.20 3.49
N VAL A 84 13.11 7.32 2.41
CA VAL A 84 13.10 6.24 1.37
C VAL A 84 14.49 5.69 1.10
N ILE A 85 14.57 4.39 1.01
CA ILE A 85 15.88 3.73 0.74
C ILE A 85 15.71 2.59 -0.25
N SER A 86 16.49 2.62 -1.29
CA SER A 86 16.39 1.54 -2.32
C SER A 86 16.41 0.16 -1.68
N VAL A 87 15.49 -0.69 -2.10
CA VAL A 87 15.42 -2.06 -1.54
C VAL A 87 15.54 -3.09 -2.69
N PRO A 88 16.09 -4.26 -2.39
CA PRO A 88 16.26 -5.31 -3.39
C PRO A 88 14.95 -5.59 -4.12
N VAL A 89 15.00 -5.55 -5.42
CA VAL A 89 13.78 -5.80 -6.22
C VAL A 89 13.19 -7.18 -5.93
N GLN A 90 11.89 -7.22 -5.80
CA GLN A 90 11.20 -8.50 -5.52
C GLN A 90 9.84 -8.54 -6.20
N PRO A 91 9.38 -9.73 -6.55
CA PRO A 91 8.08 -9.88 -7.21
C PRO A 91 6.95 -9.30 -6.34
N ARG A 92 5.73 -9.66 -6.66
CA ARG A 92 4.60 -9.14 -5.87
C ARG A 92 3.28 -9.75 -6.34
N ALA A 93 2.20 -9.12 -5.98
CA ALA A 93 0.88 -9.62 -6.39
C ALA A 93 -0.05 -8.46 -6.74
N ARG A 94 -1.13 -8.75 -7.45
CA ARG A 94 -2.07 -7.65 -7.82
C ARG A 94 -3.53 -8.04 -7.61
N PHE A 95 -4.12 -7.47 -6.61
CA PHE A 95 -5.54 -7.80 -6.33
C PHE A 95 -6.44 -6.88 -7.13
N PHE A 96 -7.70 -7.19 -7.16
CA PHE A 96 -8.65 -6.33 -7.92
C PHE A 96 -9.92 -6.10 -7.13
N TYR A 97 -10.72 -5.17 -7.60
CA TYR A 97 -11.99 -4.87 -6.88
C TYR A 97 -13.19 -5.48 -7.59
N LYS A 98 -14.33 -5.46 -6.92
CA LYS A 98 -15.58 -6.02 -7.50
C LYS A 98 -15.42 -7.49 -7.92
N GLU A 99 -16.54 -8.15 -8.16
CA GLU A 99 -16.46 -9.59 -8.56
C GLU A 99 -16.40 -9.78 -10.07
N GLN A 100 -15.24 -9.53 -10.62
CA GLN A 100 -15.00 -9.68 -12.10
C GLN A 100 -13.88 -8.76 -12.53
N PHE A 101 -12.84 -8.74 -11.72
CA PHE A 101 -11.67 -7.87 -12.00
C PHE A 101 -12.10 -6.57 -12.70
N ASP A 102 -13.28 -6.12 -12.35
CA ASP A 102 -13.80 -4.86 -12.96
C ASP A 102 -13.76 -3.71 -11.97
N GLY A 103 -12.77 -3.69 -11.16
CA GLY A 103 -12.66 -2.60 -10.15
C GLY A 103 -11.19 -2.22 -9.92
N LYS A 104 -10.98 -1.01 -9.42
CA LYS A 104 -9.58 -0.54 -9.14
C LYS A 104 -8.65 -1.67 -8.74
N GLU A 105 -7.42 -1.55 -9.16
CA GLU A 105 -6.42 -2.60 -8.84
C GLU A 105 -5.43 -2.14 -7.76
N VAL A 106 -4.96 -3.09 -7.00
CA VAL A 106 -3.99 -2.78 -5.92
C VAL A 106 -2.99 -3.92 -5.82
N ASP A 107 -1.78 -3.61 -5.40
CA ASP A 107 -0.76 -4.69 -5.28
C ASP A 107 0.04 -4.54 -4.00
N LEU A 108 0.60 -5.64 -3.56
CA LEU A 108 1.41 -5.60 -2.29
C LEU A 108 2.71 -6.43 -2.48
N PRO A 109 3.70 -6.22 -1.59
CA PRO A 109 4.98 -6.93 -1.67
C PRO A 109 4.97 -8.27 -0.90
N PRO A 110 5.98 -9.08 -1.16
CA PRO A 110 6.10 -10.38 -0.49
C PRO A 110 6.28 -10.21 1.01
N GLY A 111 5.65 -11.07 1.77
CA GLY A 111 5.78 -10.95 3.26
C GLY A 111 4.46 -11.29 3.96
N GLN A 112 4.31 -10.76 5.15
CA GLN A 112 3.07 -11.01 5.92
C GLN A 112 2.42 -9.68 6.34
N TYR A 113 1.14 -9.73 6.60
CA TYR A 113 0.44 -8.48 6.99
C TYR A 113 -0.64 -8.77 8.03
N THR A 114 -0.87 -7.81 8.87
CA THR A 114 -1.91 -7.99 9.93
C THR A 114 -3.25 -7.39 9.54
N GLN A 115 -4.06 -7.14 10.56
CA GLN A 115 -5.41 -6.55 10.31
C GLN A 115 -5.44 -5.08 10.70
N ALA A 116 -4.57 -4.33 10.12
CA ALA A 116 -4.53 -2.87 10.42
C ALA A 116 -3.91 -2.12 9.27
N GLU A 117 -2.66 -2.40 9.03
CA GLU A 117 -1.97 -1.72 7.92
C GLU A 117 -2.54 -2.23 6.64
N LEU A 118 -2.56 -3.54 6.52
CA LEU A 118 -3.09 -4.18 5.29
C LEU A 118 -4.24 -3.35 4.73
N GLU A 119 -5.25 -3.21 5.54
CA GLU A 119 -6.42 -2.43 5.12
C GLU A 119 -5.99 -1.06 4.66
N ARG A 120 -5.56 -0.27 5.61
CA ARG A 120 -5.13 1.10 5.27
C ARG A 120 -3.77 1.12 4.57
N TYR A 121 -3.39 0.02 3.97
CA TYR A 121 -2.07 -0.04 3.26
C TYR A 121 -2.25 -0.20 1.78
N GLY A 122 -3.38 -0.69 1.38
CA GLY A 122 -3.61 -0.87 -0.08
C GLY A 122 -5.08 -1.10 -0.37
N ILE A 123 -5.79 -1.54 0.63
CA ILE A 123 -7.23 -1.80 0.44
C ILE A 123 -8.02 -1.33 1.67
N ASP A 124 -8.72 -2.26 2.28
CA ASP A 124 -9.51 -1.88 3.48
C ASP A 124 -9.82 -3.11 4.33
N ASN A 125 -10.88 -3.04 5.10
CA ASN A 125 -11.25 -4.20 5.96
C ASN A 125 -11.88 -5.32 5.15
N ASN A 126 -12.64 -4.96 4.15
CA ASN A 126 -13.29 -6.02 3.34
C ASN A 126 -13.76 -5.49 1.98
N THR A 127 -13.21 -6.05 0.93
CA THR A 127 -13.58 -5.62 -0.45
C THR A 127 -12.81 -6.42 -1.48
N ILE A 128 -11.79 -7.10 -1.00
CA ILE A 128 -10.97 -7.92 -1.91
C ILE A 128 -11.82 -8.85 -2.75
N SER A 129 -11.22 -9.42 -3.77
CA SER A 129 -11.98 -10.35 -4.65
C SER A 129 -11.05 -10.97 -5.69
N SER A 130 -11.29 -10.67 -6.94
CA SER A 130 -10.43 -11.24 -8.00
C SER A 130 -8.95 -10.95 -7.73
N VAL A 131 -8.14 -11.98 -7.82
CA VAL A 131 -6.67 -11.81 -7.58
C VAL A 131 -5.85 -12.22 -8.79
N LYS A 132 -4.67 -11.68 -8.87
CA LYS A 132 -3.78 -12.00 -10.01
C LYS A 132 -2.32 -11.82 -9.59
N PRO A 133 -1.78 -12.85 -8.97
CA PRO A 133 -0.40 -12.81 -8.52
C PRO A 133 0.56 -12.78 -9.70
N GLN A 134 1.15 -11.65 -9.91
CA GLN A 134 2.09 -11.51 -11.04
C GLN A 134 3.51 -11.89 -10.64
N GLY A 135 3.66 -12.70 -9.62
CA GLY A 135 5.05 -13.08 -9.22
C GLY A 135 5.06 -14.16 -8.13
N LEU A 136 4.38 -13.90 -7.03
CA LEU A 136 4.36 -14.90 -5.91
C LEU A 136 2.95 -15.40 -5.66
N ALA A 137 2.84 -16.39 -4.81
CA ALA A 137 1.50 -16.94 -4.51
C ALA A 137 0.90 -16.18 -3.32
N VAL A 138 -0.38 -15.95 -3.38
CA VAL A 138 -1.04 -15.20 -2.27
C VAL A 138 -1.79 -16.14 -1.32
N VAL A 139 -1.79 -15.79 -0.06
CA VAL A 139 -2.50 -16.63 0.94
C VAL A 139 -3.22 -15.72 1.94
N LEU A 140 -4.51 -15.94 2.09
CA LEU A 140 -5.30 -15.10 3.03
C LEU A 140 -5.71 -15.87 4.29
N PHE A 141 -5.76 -15.16 5.40
CA PHE A 141 -6.15 -15.81 6.69
C PHE A 141 -7.39 -15.15 7.27
N LYS A 142 -8.27 -15.97 7.76
CA LYS A 142 -9.53 -15.44 8.34
C LYS A 142 -9.25 -14.74 9.67
N ASN A 143 -8.87 -15.49 10.65
CA ASN A 143 -8.58 -14.89 11.97
C ASN A 143 -7.38 -13.96 11.89
N ASP A 144 -7.21 -13.15 12.90
CA ASP A 144 -6.07 -12.21 12.91
C ASP A 144 -4.75 -12.98 12.94
N ASN A 145 -3.69 -12.28 13.30
CA ASN A 145 -2.33 -12.91 13.36
C ASN A 145 -2.21 -14.09 12.40
N PHE A 146 -2.76 -13.94 11.23
CA PHE A 146 -2.67 -15.04 10.23
C PHE A 146 -2.96 -16.38 10.91
N SER A 147 -4.15 -16.49 11.45
CA SER A 147 -4.54 -17.75 12.15
C SER A 147 -5.92 -18.22 11.70
N GLY A 148 -6.30 -19.39 12.15
CA GLY A 148 -7.64 -19.93 11.76
C GLY A 148 -7.60 -20.48 10.33
N ASP A 149 -8.76 -20.73 9.77
CA ASP A 149 -8.78 -21.26 8.38
C ASP A 149 -8.10 -20.29 7.43
N THR A 150 -7.92 -20.68 6.21
CA THR A 150 -7.24 -19.76 5.25
C THR A 150 -7.70 -20.01 3.81
N LEU A 151 -7.20 -19.20 2.92
CA LEU A 151 -7.55 -19.33 1.48
C LEU A 151 -6.27 -19.16 0.64
N PRO A 152 -5.50 -20.22 0.57
CA PRO A 152 -4.24 -20.21 -0.19
C PRO A 152 -4.45 -20.04 -1.69
N VAL A 153 -4.15 -18.86 -2.18
CA VAL A 153 -4.31 -18.60 -3.64
C VAL A 153 -3.01 -18.92 -4.38
N ASN A 154 -2.74 -20.19 -4.54
CA ASN A 154 -1.50 -20.59 -5.24
C ASN A 154 -1.63 -20.48 -6.75
N SER A 155 -2.49 -19.62 -7.22
CA SER A 155 -2.64 -19.49 -8.70
C SER A 155 -3.49 -18.28 -9.07
N ASP A 156 -3.78 -18.15 -10.34
CA ASP A 156 -4.60 -17.01 -10.81
C ASP A 156 -6.07 -17.20 -10.42
N ALA A 157 -6.76 -16.11 -10.28
CA ALA A 157 -8.19 -16.20 -9.91
C ALA A 157 -8.89 -14.86 -10.15
N PRO A 158 -9.09 -14.55 -11.40
CA PRO A 158 -9.73 -13.30 -11.79
C PRO A 158 -11.19 -13.24 -11.32
N THR A 159 -11.50 -14.04 -10.34
CA THR A 159 -12.90 -14.03 -9.82
C THR A 159 -13.00 -14.83 -8.54
N LEU A 160 -12.44 -14.30 -7.49
CA LEU A 160 -12.49 -15.02 -6.20
C LEU A 160 -13.90 -14.90 -5.58
N GLY A 161 -14.15 -13.82 -4.88
CA GLY A 161 -15.50 -13.67 -4.26
C GLY A 161 -15.79 -14.86 -3.35
N ALA A 162 -16.92 -14.80 -2.68
CA ALA A 162 -17.28 -15.91 -1.76
C ALA A 162 -16.17 -16.17 -0.74
N MET A 163 -16.34 -15.63 0.43
CA MET A 163 -15.31 -15.82 1.47
C MET A 163 -15.76 -15.19 2.78
N ASN A 164 -16.71 -15.82 3.42
CA ASN A 164 -17.21 -15.27 4.71
C ASN A 164 -16.05 -14.81 5.59
N ASN A 165 -16.36 -13.99 6.56
CA ASN A 165 -15.29 -13.48 7.46
C ASN A 165 -14.23 -12.73 6.66
N ASN A 166 -14.44 -11.46 6.50
CA ASN A 166 -13.48 -10.63 5.73
C ASN A 166 -12.04 -11.02 6.01
N THR A 167 -11.19 -10.81 5.03
CA THR A 167 -9.77 -11.16 5.21
C THR A 167 -9.14 -10.26 6.26
N SER A 168 -8.63 -10.86 7.30
CA SER A 168 -7.99 -10.05 8.37
C SER A 168 -6.50 -9.90 8.11
N SER A 169 -5.87 -10.99 7.72
CA SER A 169 -4.40 -10.93 7.45
C SER A 169 -4.06 -11.69 6.17
N ILE A 170 -2.88 -11.44 5.66
CA ILE A 170 -2.46 -12.14 4.41
C ILE A 170 -0.99 -12.48 4.44
N ARG A 171 -0.61 -13.32 3.54
CA ARG A 171 0.80 -13.72 3.47
C ARG A 171 1.19 -14.02 2.03
N ILE A 172 1.99 -13.17 1.47
CA ILE A 172 2.41 -13.39 0.08
C ILE A 172 3.67 -14.24 0.04
N SER A 173 3.50 -15.51 -0.21
CA SER A 173 4.69 -16.40 -0.26
C SER A 173 5.31 -16.41 -1.65
N MET A 1 15.57 3.17 -9.43
CA MET A 1 15.05 4.55 -9.51
C MET A 1 13.55 4.53 -9.78
N ALA A 2 12.85 5.45 -9.16
CA ALA A 2 11.38 5.51 -9.36
C ALA A 2 10.84 6.89 -8.96
N ASN A 3 9.62 6.91 -8.47
CA ASN A 3 9.03 8.21 -8.07
C ASN A 3 7.65 7.99 -7.44
N ILE A 4 7.51 8.39 -6.20
CA ILE A 4 6.20 8.22 -5.51
C ILE A 4 5.21 9.27 -5.97
N THR A 5 4.11 8.83 -6.48
CA THR A 5 3.08 9.79 -6.95
C THR A 5 2.07 9.98 -5.85
N VAL A 6 2.12 11.11 -5.20
CA VAL A 6 1.15 11.35 -4.11
C VAL A 6 -0.14 11.98 -4.61
N PHE A 7 -1.10 12.04 -3.73
CA PHE A 7 -2.41 12.63 -4.09
C PHE A 7 -2.87 13.56 -2.99
N TYR A 8 -3.54 14.63 -3.38
CA TYR A 8 -4.02 15.61 -2.37
C TYR A 8 -5.10 15.03 -1.44
N ASN A 9 -6.20 14.65 -2.01
CA ASN A 9 -7.29 14.08 -1.16
C ASN A 9 -7.16 12.58 -1.02
N GLU A 10 -7.80 12.05 0.00
CA GLU A 10 -7.75 10.59 0.20
C GLU A 10 -8.30 9.88 -1.02
N ASP A 11 -8.46 8.61 -0.92
CA ASP A 11 -9.00 7.85 -2.08
C ASP A 11 -8.30 8.29 -3.38
N PHE A 12 -6.99 8.28 -3.35
CA PHE A 12 -6.21 8.68 -4.56
C PHE A 12 -6.81 9.87 -5.30
N GLN A 13 -7.58 10.68 -4.61
CA GLN A 13 -8.19 11.87 -5.28
C GLN A 13 -7.38 13.13 -5.00
N GLY A 14 -7.75 14.20 -5.64
CA GLY A 14 -7.00 15.48 -5.42
C GLY A 14 -5.73 15.51 -6.28
N LYS A 15 -5.48 16.64 -6.92
CA LYS A 15 -4.27 16.79 -7.78
C LYS A 15 -3.12 15.92 -7.30
N GLN A 16 -2.46 15.27 -8.23
CA GLN A 16 -1.32 14.39 -7.86
C GLN A 16 0.01 15.11 -8.03
N VAL A 17 1.02 14.59 -7.38
CA VAL A 17 2.36 15.22 -7.48
C VAL A 17 3.45 14.15 -7.42
N ASP A 18 4.34 14.17 -8.36
CA ASP A 18 5.43 13.16 -8.37
C ASP A 18 6.67 13.65 -7.60
N LEU A 19 7.08 12.86 -6.63
CA LEU A 19 8.28 13.24 -5.82
C LEU A 19 9.38 12.17 -5.97
N PRO A 20 10.59 12.58 -6.37
CA PRO A 20 11.69 11.63 -6.53
C PRO A 20 12.08 10.98 -5.20
N PRO A 21 12.73 9.83 -5.29
CA PRO A 21 13.17 9.10 -4.10
C PRO A 21 14.16 9.91 -3.29
N GLY A 22 14.83 9.25 -2.36
CA GLY A 22 15.83 9.98 -1.53
C GLY A 22 15.19 10.44 -0.22
N ASN A 23 15.91 11.24 0.52
CA ASN A 23 15.39 11.75 1.82
C ASN A 23 15.27 13.27 1.80
N TYR A 24 14.12 13.76 2.22
CA TYR A 24 13.93 15.24 2.23
C TYR A 24 12.98 15.65 3.36
N THR A 25 12.66 16.91 3.40
CA THR A 25 11.76 17.40 4.46
C THR A 25 11.05 18.67 4.03
N ARG A 26 10.51 19.37 4.98
CA ARG A 26 9.81 20.62 4.64
C ARG A 26 10.70 21.54 3.82
N ALA A 27 11.98 21.31 3.91
CA ALA A 27 12.92 22.16 3.14
C ALA A 27 12.76 21.91 1.65
N GLN A 28 13.11 20.72 1.21
CA GLN A 28 12.97 20.41 -0.22
C GLN A 28 11.57 20.68 -0.68
N LEU A 29 10.62 20.24 0.11
CA LEU A 29 9.22 20.47 -0.27
C LEU A 29 8.96 21.96 -0.45
N ALA A 30 9.49 22.76 0.46
CA ALA A 30 9.27 24.21 0.32
C ALA A 30 9.66 24.63 -1.07
N ALA A 31 10.64 23.96 -1.61
CA ALA A 31 11.09 24.30 -2.97
C ALA A 31 10.00 23.97 -3.98
N LEU A 32 9.34 22.85 -3.75
CA LEU A 32 8.25 22.45 -4.68
C LEU A 32 7.00 23.28 -4.44
N GLY A 33 6.34 23.03 -3.33
CA GLY A 33 5.12 23.82 -3.01
C GLY A 33 4.17 23.00 -2.11
N ILE A 34 4.12 21.73 -2.34
CA ILE A 34 3.25 20.87 -1.53
C ILE A 34 3.92 20.50 -0.22
N GLU A 35 3.15 20.43 0.85
CA GLU A 35 3.76 20.07 2.16
C GLU A 35 2.74 20.03 3.29
N ASN A 36 2.83 19.00 4.10
CA ASN A 36 1.89 18.85 5.24
C ASN A 36 0.49 18.42 4.81
N ASN A 37 0.00 17.38 5.46
CA ASN A 37 -1.35 16.84 5.15
C ASN A 37 -1.62 16.71 3.66
N THR A 38 -0.62 16.90 2.85
CA THR A 38 -0.85 16.77 1.40
C THR A 38 -0.65 15.34 0.92
N ILE A 39 0.27 14.65 1.54
CA ILE A 39 0.52 13.25 1.11
C ILE A 39 -0.60 12.35 1.63
N SER A 40 -1.77 12.59 1.11
CA SER A 40 -2.93 11.79 1.53
C SER A 40 -2.87 10.38 0.96
N SER A 41 -2.74 10.29 -0.34
CA SER A 41 -2.67 8.94 -0.99
C SER A 41 -1.42 8.83 -1.85
N VAL A 42 -1.00 7.62 -2.16
CA VAL A 42 0.23 7.48 -2.99
C VAL A 42 0.23 6.24 -3.86
N LYS A 43 1.18 6.23 -4.77
CA LYS A 43 1.33 5.10 -5.70
C LYS A 43 2.83 4.87 -5.94
N VAL A 44 3.38 3.92 -5.22
CA VAL A 44 4.84 3.63 -5.37
C VAL A 44 5.12 2.22 -5.93
N PRO A 45 5.66 2.14 -7.15
CA PRO A 45 5.97 0.84 -7.75
C PRO A 45 7.13 0.17 -7.01
N PRO A 46 7.39 -1.07 -7.34
CA PRO A 46 8.47 -1.83 -6.71
C PRO A 46 9.84 -1.22 -7.02
N GLY A 47 10.88 -1.94 -6.73
CA GLY A 47 12.24 -1.41 -7.01
C GLY A 47 12.60 -0.29 -6.04
N VAL A 48 11.64 0.14 -5.25
CA VAL A 48 11.92 1.22 -4.29
C VAL A 48 11.07 1.08 -3.02
N LYS A 49 11.67 1.42 -1.90
CA LYS A 49 10.94 1.32 -0.61
C LYS A 49 10.84 2.70 0.02
N ALA A 50 9.64 3.11 0.35
CA ALA A 50 9.47 4.46 0.96
C ALA A 50 9.12 4.40 2.43
N ILE A 51 9.64 5.35 3.15
CA ILE A 51 9.39 5.43 4.61
C ILE A 51 9.01 6.86 4.95
N LEU A 52 7.78 7.08 5.33
CA LEU A 52 7.37 8.46 5.67
C LEU A 52 7.59 8.81 7.13
N TYR A 53 7.64 10.09 7.39
CA TYR A 53 7.85 10.57 8.78
C TYR A 53 6.93 11.75 9.08
N GLN A 54 5.95 11.51 9.89
CA GLN A 54 5.00 12.60 10.25
C GLN A 54 5.74 13.86 10.67
N ASN A 55 6.21 13.87 11.88
CA ASN A 55 6.95 15.08 12.37
C ASN A 55 8.16 15.35 11.50
N ASP A 56 8.43 16.60 11.26
CA ASP A 56 9.60 16.96 10.42
C ASP A 56 10.87 16.37 10.99
N GLY A 57 11.97 16.58 10.32
CA GLY A 57 13.26 16.03 10.80
C GLY A 57 13.18 14.50 10.88
N PHE A 58 12.39 13.92 10.03
CA PHE A 58 12.26 12.44 10.05
C PHE A 58 11.88 11.95 11.44
N ALA A 59 10.68 12.27 11.85
CA ALA A 59 10.22 11.83 13.19
C ALA A 59 8.70 11.64 13.22
N GLY A 60 8.15 11.60 14.40
CA GLY A 60 6.68 11.41 14.51
C GLY A 60 6.26 10.05 13.97
N ASP A 61 5.00 9.74 14.08
CA ASP A 61 4.51 8.44 13.57
C ASP A 61 5.14 8.13 12.22
N GLN A 62 5.97 7.12 12.19
CA GLN A 62 6.61 6.74 10.91
C GLN A 62 5.82 5.67 10.17
N ILE A 63 5.99 5.63 8.87
CA ILE A 63 5.28 4.63 8.05
C ILE A 63 6.23 3.98 7.07
N GLU A 64 5.79 2.95 6.44
CA GLU A 64 6.66 2.26 5.47
C GLU A 64 5.84 1.60 4.38
N VAL A 65 6.21 1.84 3.15
CA VAL A 65 5.44 1.23 2.04
C VAL A 65 6.32 0.96 0.83
N VAL A 66 5.85 0.09 -0.01
CA VAL A 66 6.61 -0.26 -1.24
C VAL A 66 5.65 -0.34 -2.41
N ALA A 67 4.38 -0.34 -2.08
CA ALA A 67 3.33 -0.41 -3.13
C ALA A 67 2.49 0.86 -3.11
N ASN A 68 1.25 0.74 -3.47
CA ASN A 68 0.37 1.93 -3.48
C ASN A 68 -0.40 2.04 -2.17
N ALA A 69 -0.32 3.19 -1.57
CA ALA A 69 -1.03 3.38 -0.29
C ALA A 69 -2.42 3.96 -0.53
N GLU A 70 -3.39 3.08 -0.57
CA GLU A 70 -4.78 3.56 -0.80
C GLU A 70 -5.18 4.57 0.25
N GLU A 71 -5.52 4.09 1.41
CA GLU A 71 -5.92 5.02 2.50
C GLU A 71 -4.71 5.42 3.34
N LEU A 72 -3.56 4.99 2.93
CA LEU A 72 -2.32 5.33 3.68
C LEU A 72 -2.43 4.96 5.16
N GLY A 73 -2.72 5.93 5.99
CA GLY A 73 -2.84 5.63 7.44
C GLY A 73 -3.39 6.83 8.23
N PRO A 74 -3.34 6.71 9.53
CA PRO A 74 -3.83 7.76 10.44
C PRO A 74 -2.97 9.03 10.40
N LEU A 75 -1.67 8.87 10.27
CA LEU A 75 -0.80 10.08 10.23
C LEU A 75 -1.20 11.03 9.09
N ASN A 76 -2.31 10.74 8.47
CA ASN A 76 -2.77 11.63 7.38
C ASN A 76 -2.98 13.04 7.88
N ASN A 77 -2.93 13.19 9.17
CA ASN A 77 -3.12 14.54 9.75
C ASN A 77 -1.97 15.46 9.39
N ASN A 78 -0.83 14.89 9.09
CA ASN A 78 0.33 15.73 8.73
C ASN A 78 1.48 14.89 8.16
N VAL A 79 2.03 15.36 7.07
CA VAL A 79 3.15 14.61 6.44
C VAL A 79 4.14 15.58 5.79
N SER A 80 5.40 15.47 6.16
CA SER A 80 6.41 16.39 5.56
C SER A 80 7.77 15.71 5.39
N SER A 81 8.18 14.96 6.38
CA SER A 81 9.50 14.28 6.25
C SER A 81 9.35 12.90 5.65
N ILE A 82 10.20 12.58 4.71
CA ILE A 82 10.11 11.23 4.07
C ILE A 82 11.49 10.64 3.82
N ARG A 83 11.54 9.35 3.66
CA ARG A 83 12.82 8.67 3.41
C ARG A 83 12.61 7.50 2.43
N VAL A 84 13.06 7.68 1.21
CA VAL A 84 12.88 6.59 0.20
C VAL A 84 14.22 6.17 -0.41
N ILE A 85 14.46 4.89 -0.45
CA ILE A 85 15.72 4.37 -1.01
C ILE A 85 15.46 3.17 -1.91
N SER A 86 16.17 3.11 -3.01
CA SER A 86 15.97 1.97 -3.93
C SER A 86 15.90 0.65 -3.16
N VAL A 87 15.27 -0.33 -3.75
CA VAL A 87 15.14 -1.64 -3.07
C VAL A 87 15.08 -2.77 -4.12
N PRO A 88 15.74 -3.89 -3.86
CA PRO A 88 15.73 -5.00 -4.80
C PRO A 88 14.32 -5.36 -5.24
N VAL A 89 14.16 -5.61 -6.51
CA VAL A 89 12.82 -5.97 -7.03
C VAL A 89 12.18 -7.09 -6.23
N GLN A 90 10.88 -6.98 -6.03
CA GLN A 90 10.14 -8.01 -5.25
C GLN A 90 9.06 -8.63 -6.15
N PRO A 91 8.98 -9.96 -6.18
CA PRO A 91 7.99 -10.64 -7.00
C PRO A 91 6.58 -10.21 -6.60
N ARG A 92 6.48 -9.78 -5.36
CA ARG A 92 5.16 -9.32 -4.82
C ARG A 92 3.97 -10.14 -5.33
N ALA A 93 2.81 -9.52 -5.26
CA ALA A 93 1.57 -10.19 -5.73
C ALA A 93 0.68 -9.15 -6.40
N ARG A 94 -0.42 -9.57 -7.00
CA ARG A 94 -1.30 -8.58 -7.65
C ARG A 94 -2.77 -8.94 -7.54
N PHE A 95 -3.47 -8.17 -6.76
CA PHE A 95 -4.92 -8.43 -6.59
C PHE A 95 -5.71 -7.54 -7.54
N PHE A 96 -6.86 -8.02 -7.99
CA PHE A 96 -7.68 -7.19 -8.93
C PHE A 96 -9.00 -6.81 -8.31
N TYR A 97 -9.94 -6.41 -9.14
CA TYR A 97 -11.27 -6.01 -8.61
C TYR A 97 -12.41 -6.61 -9.44
N LYS A 98 -13.61 -6.51 -8.90
CA LYS A 98 -14.81 -7.06 -9.61
C LYS A 98 -14.70 -8.56 -9.93
N GLU A 99 -15.82 -9.17 -10.12
CA GLU A 99 -15.83 -10.62 -10.41
C GLU A 99 -15.22 -10.91 -11.78
N GLN A 100 -14.01 -11.44 -11.75
CA GLN A 100 -13.25 -11.80 -13.02
C GLN A 100 -12.25 -10.71 -13.38
N PHE A 101 -11.35 -10.46 -12.48
CA PHE A 101 -10.31 -9.41 -12.71
C PHE A 101 -10.81 -8.27 -13.58
N ASP A 102 -12.05 -7.89 -13.38
CA ASP A 102 -12.61 -6.77 -14.18
C ASP A 102 -12.61 -5.47 -13.39
N GLY A 103 -11.48 -5.14 -12.81
CA GLY A 103 -11.40 -3.89 -12.01
C GLY A 103 -9.94 -3.56 -11.65
N LYS A 104 -9.69 -2.30 -11.37
CA LYS A 104 -8.30 -1.87 -11.01
C LYS A 104 -7.62 -2.88 -10.08
N GLU A 105 -6.31 -2.83 -10.05
CA GLU A 105 -5.55 -3.78 -9.18
C GLU A 105 -4.63 -3.07 -8.19
N VAL A 106 -4.19 -3.84 -7.22
CA VAL A 106 -3.28 -3.30 -6.19
C VAL A 106 -2.30 -4.39 -5.76
N ASP A 107 -1.03 -4.15 -5.94
CA ASP A 107 -0.04 -5.18 -5.56
C ASP A 107 0.41 -5.02 -4.13
N LEU A 108 1.02 -6.06 -3.62
CA LEU A 108 1.51 -6.01 -2.22
C LEU A 108 2.82 -6.80 -2.08
N PRO A 109 3.78 -6.25 -1.33
CA PRO A 109 5.07 -6.91 -1.11
C PRO A 109 4.94 -8.16 -0.23
N PRO A 110 5.93 -9.03 -0.30
CA PRO A 110 5.94 -10.26 0.50
C PRO A 110 5.93 -9.96 1.99
N GLY A 111 5.32 -10.84 2.76
CA GLY A 111 5.27 -10.61 4.24
C GLY A 111 3.88 -10.92 4.81
N GLN A 112 3.64 -10.45 6.02
CA GLN A 112 2.32 -10.68 6.68
C GLN A 112 1.61 -9.37 6.98
N TYR A 113 0.32 -9.44 7.11
CA TYR A 113 -0.46 -8.20 7.41
C TYR A 113 -1.64 -8.51 8.31
N THR A 114 -2.03 -7.56 9.10
CA THR A 114 -3.18 -7.78 10.00
C THR A 114 -4.50 -7.39 9.35
N GLN A 115 -5.50 -7.20 10.17
CA GLN A 115 -6.84 -6.82 9.63
C GLN A 115 -7.10 -5.33 9.86
N ALA A 116 -6.13 -4.53 9.54
CA ALA A 116 -6.31 -3.07 9.72
C ALA A 116 -5.48 -2.30 8.70
N GLU A 117 -4.18 -2.46 8.77
CA GLU A 117 -3.32 -1.74 7.81
C GLU A 117 -3.46 -2.36 6.44
N LEU A 118 -3.49 -3.67 6.42
CA LEU A 118 -3.63 -4.40 5.14
C LEU A 118 -4.62 -3.69 4.25
N GLU A 119 -5.85 -3.75 4.63
CA GLU A 119 -6.88 -3.09 3.82
C GLU A 119 -6.53 -1.64 3.58
N ARG A 120 -6.39 -0.92 4.65
CA ARG A 120 -6.05 0.51 4.52
C ARG A 120 -4.63 0.72 3.97
N TYR A 121 -4.03 -0.33 3.43
CA TYR A 121 -2.64 -0.20 2.88
C TYR A 121 -2.63 -0.48 1.40
N GLY A 122 -3.58 -1.28 0.97
CA GLY A 122 -3.66 -1.62 -0.49
C GLY A 122 -5.07 -1.37 -1.01
N ILE A 123 -6.05 -1.79 -0.25
CA ILE A 123 -7.45 -1.59 -0.70
C ILE A 123 -8.39 -1.31 0.47
N ASP A 124 -9.30 -2.24 0.68
CA ASP A 124 -10.27 -2.07 1.77
C ASP A 124 -10.61 -3.44 2.37
N ASN A 125 -11.71 -3.49 3.07
CA ASN A 125 -12.13 -4.77 3.69
C ASN A 125 -12.33 -5.89 2.66
N ASN A 126 -13.57 -6.12 2.32
CA ASN A 126 -13.90 -7.19 1.32
C ASN A 126 -13.21 -7.00 -0.03
N THR A 127 -14.01 -6.70 -1.03
CA THR A 127 -13.49 -6.49 -2.42
C THR A 127 -12.45 -7.54 -2.83
N ILE A 128 -11.25 -7.11 -3.15
CA ILE A 128 -10.18 -8.08 -3.57
C ILE A 128 -10.66 -8.93 -4.74
N SER A 129 -11.15 -10.11 -4.44
CA SER A 129 -11.64 -11.01 -5.52
C SER A 129 -10.48 -11.66 -6.27
N SER A 130 -10.61 -11.72 -7.57
CA SER A 130 -9.53 -12.34 -8.39
C SER A 130 -8.14 -11.92 -7.92
N VAL A 131 -7.30 -12.90 -7.71
CA VAL A 131 -5.91 -12.63 -7.25
C VAL A 131 -4.90 -13.18 -8.25
N LYS A 132 -3.76 -12.55 -8.31
CA LYS A 132 -2.72 -13.01 -9.26
C LYS A 132 -1.32 -12.79 -8.70
N PRO A 133 -0.88 -13.71 -7.87
CA PRO A 133 0.44 -13.62 -7.26
C PRO A 133 1.52 -13.62 -8.33
N GLN A 134 1.98 -12.44 -8.65
CA GLN A 134 3.03 -12.31 -9.68
C GLN A 134 4.26 -13.15 -9.38
N GLY A 135 4.28 -13.82 -8.25
CA GLY A 135 5.49 -14.66 -7.95
C GLY A 135 5.42 -15.30 -6.56
N LEU A 136 4.89 -14.59 -5.60
CA LEU A 136 4.81 -15.20 -4.23
C LEU A 136 3.52 -15.96 -4.01
N ALA A 137 3.46 -16.66 -2.92
CA ALA A 137 2.24 -17.44 -2.61
C ALA A 137 1.34 -16.60 -1.72
N VAL A 138 0.10 -16.46 -2.11
CA VAL A 138 -0.82 -15.64 -1.28
C VAL A 138 -1.69 -16.51 -0.38
N VAL A 139 -1.88 -16.05 0.84
CA VAL A 139 -2.71 -16.81 1.80
C VAL A 139 -3.67 -15.86 2.49
N LEU A 140 -4.95 -16.17 2.43
CA LEU A 140 -5.95 -15.28 3.08
C LEU A 140 -6.47 -15.83 4.41
N PHE A 141 -6.65 -14.94 5.36
CA PHE A 141 -7.16 -15.34 6.69
C PHE A 141 -8.51 -14.65 6.95
N LYS A 142 -9.48 -15.40 7.38
CA LYS A 142 -10.82 -14.79 7.64
C LYS A 142 -10.91 -14.10 9.00
N ASN A 143 -10.40 -14.71 10.03
CA ASN A 143 -10.48 -14.06 11.36
C ASN A 143 -9.54 -12.87 11.47
N ASP A 144 -9.42 -12.34 12.65
CA ASP A 144 -8.52 -11.17 12.87
C ASP A 144 -7.05 -11.50 12.59
N ASN A 145 -6.22 -11.17 13.55
CA ASN A 145 -4.77 -11.44 13.40
C ASN A 145 -4.47 -12.89 13.05
N PHE A 146 -4.37 -13.14 11.77
CA PHE A 146 -4.08 -14.53 11.31
C PHE A 146 -4.78 -15.58 12.16
N SER A 147 -6.08 -15.62 12.08
CA SER A 147 -6.83 -16.62 12.89
C SER A 147 -8.01 -17.19 12.10
N GLY A 148 -8.56 -18.28 12.59
CA GLY A 148 -9.72 -18.92 11.88
C GLY A 148 -9.25 -19.69 10.64
N ASP A 149 -10.18 -20.00 9.77
CA ASP A 149 -9.81 -20.75 8.53
C ASP A 149 -9.03 -19.85 7.59
N THR A 150 -8.50 -20.45 6.54
CA THR A 150 -7.73 -19.64 5.57
C THR A 150 -7.85 -20.19 4.16
N LEU A 151 -7.48 -19.38 3.20
CA LEU A 151 -7.55 -19.78 1.78
C LEU A 151 -6.17 -19.63 1.13
N PRO A 152 -5.32 -20.62 1.33
CA PRO A 152 -3.98 -20.61 0.77
C PRO A 152 -3.97 -20.58 -0.75
N VAL A 153 -3.76 -19.42 -1.31
CA VAL A 153 -3.74 -19.30 -2.79
C VAL A 153 -2.36 -19.74 -3.31
N ASN A 154 -2.26 -21.01 -3.59
CA ASN A 154 -0.99 -21.57 -4.11
C ASN A 154 -0.41 -20.77 -5.28
N SER A 155 -1.27 -20.17 -6.09
CA SER A 155 -0.73 -19.39 -7.24
C SER A 155 -1.81 -18.59 -7.94
N ASP A 156 -1.78 -18.63 -9.24
CA ASP A 156 -2.78 -17.87 -10.05
C ASP A 156 -4.21 -18.16 -9.60
N ALA A 157 -5.01 -17.13 -9.61
CA ALA A 157 -6.43 -17.29 -9.21
C ALA A 157 -7.23 -16.07 -9.67
N PRO A 158 -7.30 -15.92 -10.98
CA PRO A 158 -8.03 -14.81 -11.59
C PRO A 158 -9.53 -14.85 -11.29
N THR A 159 -9.90 -15.52 -10.25
CA THR A 159 -11.35 -15.58 -9.92
C THR A 159 -11.57 -16.19 -8.54
N LEU A 160 -12.17 -15.41 -7.67
CA LEU A 160 -12.43 -15.90 -6.30
C LEU A 160 -13.69 -15.25 -5.74
N GLY A 161 -13.85 -13.98 -6.00
CA GLY A 161 -15.04 -13.26 -5.49
C GLY A 161 -15.22 -13.51 -3.99
N ALA A 162 -16.34 -13.07 -3.47
CA ALA A 162 -16.60 -13.28 -2.03
C ALA A 162 -16.65 -14.76 -1.71
N MET A 163 -15.65 -15.24 -1.02
CA MET A 163 -15.64 -16.68 -0.67
C MET A 163 -16.30 -16.90 0.67
N ASN A 164 -15.59 -16.56 1.71
CA ASN A 164 -16.17 -16.74 3.07
C ASN A 164 -16.89 -15.48 3.52
N ASN A 165 -16.14 -14.51 3.95
CA ASN A 165 -16.78 -13.25 4.41
C ASN A 165 -15.73 -12.16 4.60
N ASN A 166 -15.36 -11.53 3.52
CA ASN A 166 -14.35 -10.44 3.58
C ASN A 166 -12.99 -10.97 4.06
N THR A 167 -11.93 -10.45 3.48
CA THR A 167 -10.58 -10.90 3.89
C THR A 167 -10.04 -10.04 5.02
N SER A 168 -9.70 -10.66 6.11
CA SER A 168 -9.17 -9.89 7.26
C SER A 168 -7.64 -9.76 7.18
N SER A 169 -6.94 -10.81 7.59
CA SER A 169 -5.45 -10.76 7.55
C SER A 169 -4.93 -11.61 6.39
N ILE A 170 -3.71 -11.34 5.97
CA ILE A 170 -3.14 -12.12 4.84
C ILE A 170 -1.67 -12.41 5.06
N ARG A 171 -1.13 -13.19 4.18
CA ARG A 171 0.29 -13.54 4.30
C ARG A 171 0.84 -13.99 2.96
N ILE A 172 1.67 -13.18 2.38
CA ILE A 172 2.25 -13.55 1.08
C ILE A 172 3.50 -14.36 1.29
N SER A 173 3.35 -15.66 1.33
CA SER A 173 4.53 -16.52 1.55
C SER A 173 5.30 -16.71 0.25
N MET A 1 18.17 6.06 -8.79
CA MET A 1 17.18 6.84 -8.02
C MET A 1 15.80 6.72 -8.65
N ALA A 2 14.90 6.05 -7.96
CA ALA A 2 13.54 5.88 -8.52
C ALA A 2 12.75 7.19 -8.42
N ASN A 3 11.48 7.06 -8.11
CA ASN A 3 10.66 8.28 -7.99
C ASN A 3 9.26 7.95 -7.46
N ILE A 4 9.02 8.31 -6.24
CA ILE A 4 7.68 8.03 -5.64
C ILE A 4 6.66 9.02 -6.18
N THR A 5 5.41 8.82 -5.82
CA THR A 5 4.36 9.75 -6.31
C THR A 5 3.27 9.89 -5.27
N VAL A 6 2.59 11.03 -5.29
CA VAL A 6 1.50 11.24 -4.31
C VAL A 6 0.30 11.88 -4.96
N PHE A 7 -0.83 11.75 -4.31
CA PHE A 7 -2.08 12.35 -4.85
C PHE A 7 -2.64 13.35 -3.86
N TYR A 8 -3.23 14.39 -4.40
CA TYR A 8 -3.81 15.45 -3.51
C TYR A 8 -5.06 14.99 -2.75
N ASN A 9 -6.11 14.74 -3.47
CA ASN A 9 -7.37 14.30 -2.79
C ASN A 9 -7.31 12.85 -2.36
N GLU A 10 -8.38 12.41 -1.76
CA GLU A 10 -8.43 11.01 -1.29
C GLU A 10 -8.61 10.06 -2.46
N ASP A 11 -8.61 8.79 -2.19
CA ASP A 11 -8.77 7.82 -3.29
C ASP A 11 -7.83 8.15 -4.43
N PHE A 12 -6.56 8.22 -4.13
CA PHE A 12 -5.56 8.53 -5.18
C PHE A 12 -6.09 9.58 -6.15
N GLN A 13 -6.99 10.41 -5.69
CA GLN A 13 -7.55 11.45 -6.56
C GLN A 13 -6.84 12.78 -6.32
N GLY A 14 -7.00 13.69 -7.25
CA GLY A 14 -6.34 15.01 -7.09
C GLY A 14 -4.98 15.01 -7.77
N LYS A 15 -4.70 16.06 -8.53
CA LYS A 15 -3.39 16.16 -9.25
C LYS A 15 -2.27 15.43 -8.53
N GLN A 16 -1.44 14.78 -9.31
CA GLN A 16 -0.30 14.04 -8.72
C GLN A 16 1.00 14.83 -8.76
N VAL A 17 1.94 14.37 -7.98
CA VAL A 17 3.26 15.05 -7.94
C VAL A 17 4.36 14.03 -7.74
N ASP A 18 5.37 14.08 -8.56
CA ASP A 18 6.48 13.10 -8.42
C ASP A 18 7.59 13.65 -7.54
N LEU A 19 8.10 12.81 -6.66
CA LEU A 19 9.20 13.26 -5.75
C LEU A 19 10.38 12.25 -5.80
N PRO A 20 11.60 12.76 -5.85
CA PRO A 20 12.78 11.89 -5.90
C PRO A 20 13.03 11.20 -4.54
N PRO A 21 13.73 10.08 -4.58
CA PRO A 21 14.04 9.34 -3.35
C PRO A 21 14.95 10.17 -2.47
N GLY A 22 15.63 9.53 -1.53
CA GLY A 22 16.52 10.32 -0.65
C GLY A 22 15.79 10.80 0.60
N ASN A 23 16.37 11.78 1.26
CA ASN A 23 15.73 12.31 2.49
C ASN A 23 15.46 13.81 2.40
N TYR A 24 14.28 14.21 2.79
CA TYR A 24 13.95 15.66 2.73
C TYR A 24 12.84 16.00 3.73
N THR A 25 12.54 17.27 3.85
CA THR A 25 11.48 17.69 4.79
C THR A 25 10.60 18.76 4.18
N ARG A 26 9.97 19.53 5.02
CA ARG A 26 9.09 20.59 4.51
C ARG A 26 9.92 21.65 3.80
N ALA A 27 11.20 21.65 4.05
CA ALA A 27 12.05 22.66 3.38
C ALA A 27 12.06 22.41 1.88
N GLN A 28 12.51 21.25 1.49
CA GLN A 28 12.54 20.95 0.05
C GLN A 28 11.15 21.12 -0.53
N LEU A 29 10.18 20.63 0.18
CA LEU A 29 8.80 20.76 -0.31
C LEU A 29 8.47 22.23 -0.48
N ALA A 30 8.92 23.02 0.47
CA ALA A 30 8.63 24.47 0.38
C ALA A 30 9.01 24.92 -1.01
N ALA A 31 10.02 24.29 -1.53
CA ALA A 31 10.48 24.65 -2.88
C ALA A 31 9.45 24.22 -3.92
N LEU A 32 8.92 23.04 -3.72
CA LEU A 32 7.91 22.53 -4.67
C LEU A 32 6.59 23.29 -4.53
N GLY A 33 5.87 23.00 -3.48
CA GLY A 33 4.58 23.72 -3.27
C GLY A 33 3.62 22.87 -2.44
N ILE A 34 3.74 21.57 -2.55
CA ILE A 34 2.85 20.69 -1.78
C ILE A 34 3.47 20.32 -0.43
N GLU A 35 2.66 20.29 0.59
CA GLU A 35 3.19 19.94 1.94
C GLU A 35 2.10 19.96 3.00
N ASN A 36 2.41 19.39 4.15
CA ASN A 36 1.41 19.36 5.27
C ASN A 36 0.38 18.24 5.10
N ASN A 37 -0.83 18.53 5.50
CA ASN A 37 -1.93 17.53 5.39
C ASN A 37 -2.11 17.01 3.97
N THR A 38 -1.21 17.33 3.11
CA THR A 38 -1.35 16.85 1.71
C THR A 38 -1.00 15.38 1.60
N ILE A 39 -0.37 15.01 0.51
CA ILE A 39 0.01 13.60 0.30
C ILE A 39 -1.07 12.67 0.78
N SER A 40 -2.21 12.79 0.18
CA SER A 40 -3.34 11.93 0.58
C SER A 40 -3.04 10.46 0.25
N SER A 41 -2.63 10.21 -0.98
CA SER A 41 -2.32 8.81 -1.39
C SER A 41 -0.88 8.71 -1.89
N VAL A 42 -0.42 7.50 -2.13
CA VAL A 42 0.98 7.37 -2.61
C VAL A 42 1.17 6.15 -3.50
N LYS A 43 2.16 6.24 -4.34
CA LYS A 43 2.48 5.14 -5.27
C LYS A 43 3.99 4.98 -5.34
N VAL A 44 4.48 3.79 -5.07
CA VAL A 44 5.96 3.58 -5.11
C VAL A 44 6.33 2.22 -5.74
N PRO A 45 6.99 2.26 -6.90
CA PRO A 45 7.39 1.02 -7.58
C PRO A 45 8.50 0.29 -6.80
N PRO A 46 8.77 -0.93 -7.22
CA PRO A 46 9.79 -1.76 -6.58
C PRO A 46 11.18 -1.14 -6.73
N GLY A 47 12.19 -1.85 -6.29
CA GLY A 47 13.57 -1.32 -6.41
C GLY A 47 13.85 -0.29 -5.32
N VAL A 48 12.81 0.21 -4.70
CA VAL A 48 13.02 1.21 -3.63
C VAL A 48 11.94 1.15 -2.56
N LYS A 49 12.32 1.43 -1.33
CA LYS A 49 11.35 1.38 -0.20
C LYS A 49 11.28 2.76 0.42
N ALA A 50 10.09 3.21 0.77
CA ALA A 50 9.96 4.55 1.38
C ALA A 50 9.48 4.51 2.82
N ILE A 51 9.75 5.58 3.52
CA ILE A 51 9.34 5.69 4.93
C ILE A 51 8.88 7.11 5.19
N LEU A 52 7.64 7.26 5.56
CA LEU A 52 7.14 8.64 5.83
C LEU A 52 7.26 9.06 7.28
N TYR A 53 7.16 10.35 7.50
CA TYR A 53 7.27 10.90 8.87
C TYR A 53 6.27 12.05 9.05
N GLN A 54 5.32 11.85 9.92
CA GLN A 54 4.30 12.90 10.17
C GLN A 54 4.93 14.23 10.57
N ASN A 55 5.28 14.35 11.82
CA ASN A 55 5.89 15.61 12.28
C ASN A 55 7.18 15.91 11.53
N ASP A 56 7.38 17.17 11.23
CA ASP A 56 8.60 17.55 10.49
C ASP A 56 9.84 17.11 11.25
N GLY A 57 10.98 17.27 10.64
CA GLY A 57 12.23 16.85 11.31
C GLY A 57 12.28 15.33 11.45
N PHE A 58 11.62 14.65 10.54
CA PHE A 58 11.61 13.17 10.59
C PHE A 58 11.15 12.68 11.96
N ALA A 59 9.92 12.98 12.30
CA ALA A 59 9.38 12.54 13.60
C ALA A 59 7.90 12.19 13.50
N GLY A 60 7.25 12.15 14.63
CA GLY A 60 5.79 11.82 14.63
C GLY A 60 5.57 10.42 14.09
N ASP A 61 4.36 9.94 14.22
CA ASP A 61 4.08 8.57 13.72
C ASP A 61 4.68 8.37 12.34
N GLN A 62 5.55 7.39 12.23
CA GLN A 62 6.18 7.13 10.92
C GLN A 62 5.43 6.06 10.15
N ILE A 63 5.83 5.87 8.94
CA ILE A 63 5.18 4.86 8.09
C ILE A 63 6.20 4.18 7.21
N GLU A 64 5.83 3.09 6.63
CA GLU A 64 6.77 2.37 5.76
C GLU A 64 6.03 1.71 4.62
N VAL A 65 6.52 1.90 3.42
CA VAL A 65 5.85 1.28 2.27
C VAL A 65 6.81 0.97 1.15
N VAL A 66 6.40 0.08 0.30
CA VAL A 66 7.25 -0.30 -0.84
C VAL A 66 6.37 -0.43 -2.08
N ALA A 67 5.09 -0.48 -1.83
CA ALA A 67 4.11 -0.59 -2.92
C ALA A 67 3.32 0.70 -3.02
N ASN A 68 2.06 0.58 -3.23
CA ASN A 68 1.19 1.78 -3.34
C ASN A 68 0.27 1.87 -2.14
N ALA A 69 0.31 2.98 -1.45
CA ALA A 69 -0.56 3.14 -0.27
C ALA A 69 -1.90 3.72 -0.68
N GLU A 70 -2.94 3.00 -0.40
CA GLU A 70 -4.29 3.48 -0.77
C GLU A 70 -4.68 4.69 0.08
N GLU A 71 -5.22 4.42 1.23
CA GLU A 71 -5.64 5.54 2.12
C GLU A 71 -4.47 6.03 2.98
N LEU A 72 -3.31 5.48 2.77
CA LEU A 72 -2.12 5.92 3.56
C LEU A 72 -2.20 5.42 5.02
N GLY A 73 -2.81 6.19 5.90
CA GLY A 73 -2.90 5.74 7.32
C GLY A 73 -3.66 6.76 8.19
N PRO A 74 -3.75 6.43 9.46
CA PRO A 74 -4.45 7.29 10.44
C PRO A 74 -3.68 8.59 10.75
N LEU A 75 -2.72 8.92 9.92
CA LEU A 75 -1.95 10.18 10.17
C LEU A 75 -1.83 11.02 8.89
N ASN A 76 -2.89 11.05 8.12
CA ASN A 76 -2.84 11.84 6.86
C ASN A 76 -3.13 13.31 7.14
N ASN A 77 -3.42 13.61 8.38
CA ASN A 77 -3.72 15.02 8.73
C ASN A 77 -2.46 15.88 8.71
N ASN A 78 -1.33 15.22 8.56
CA ASN A 78 -0.05 15.99 8.52
C ASN A 78 1.08 15.15 7.96
N VAL A 79 1.62 15.59 6.85
CA VAL A 79 2.74 14.83 6.23
C VAL A 79 3.74 15.80 5.60
N SER A 80 4.99 15.65 5.95
CA SER A 80 6.01 16.56 5.37
C SER A 80 7.41 15.94 5.36
N SER A 81 7.72 15.17 6.37
CA SER A 81 9.08 14.55 6.41
C SER A 81 9.05 13.15 5.80
N ILE A 82 10.05 12.84 4.99
CA ILE A 82 10.08 11.49 4.35
C ILE A 82 11.50 10.95 4.20
N ARG A 83 11.58 9.64 4.14
CA ARG A 83 12.89 8.97 3.99
C ARG A 83 12.78 7.81 2.99
N VAL A 84 13.57 7.86 1.93
CA VAL A 84 13.51 6.76 0.92
C VAL A 84 14.91 6.25 0.60
N ILE A 85 15.03 4.95 0.52
CA ILE A 85 16.36 4.36 0.21
C ILE A 85 16.22 3.12 -0.66
N SER A 86 17.01 3.08 -1.69
CA SER A 86 16.97 1.91 -2.63
C SER A 86 16.75 0.59 -1.88
N VAL A 87 16.12 -0.35 -2.56
CA VAL A 87 15.86 -1.67 -1.93
C VAL A 87 15.89 -2.80 -3.00
N PRO A 88 16.47 -3.94 -2.66
CA PRO A 88 16.54 -5.07 -3.58
C PRO A 88 15.19 -5.34 -4.25
N VAL A 89 15.24 -5.91 -5.42
CA VAL A 89 13.98 -6.22 -6.14
C VAL A 89 13.26 -7.44 -5.57
N GLN A 90 11.95 -7.37 -5.52
CA GLN A 90 11.16 -8.50 -4.98
C GLN A 90 9.81 -8.61 -5.72
N PRO A 91 9.41 -9.84 -6.08
CA PRO A 91 8.14 -10.06 -6.78
C PRO A 91 6.95 -9.54 -5.97
N ARG A 92 5.79 -10.08 -6.19
CA ARG A 92 4.62 -9.60 -5.43
C ARG A 92 3.34 -10.36 -5.80
N ALA A 93 2.23 -9.73 -5.46
CA ALA A 93 0.92 -10.33 -5.76
C ALA A 93 -0.07 -9.24 -6.15
N ARG A 94 -1.21 -9.63 -6.67
CA ARG A 94 -2.22 -8.61 -7.08
C ARG A 94 -3.58 -8.82 -6.42
N PHE A 95 -4.32 -7.75 -6.35
CA PHE A 95 -5.68 -7.80 -5.74
C PHE A 95 -6.57 -6.82 -6.48
N PHE A 96 -7.41 -7.34 -7.31
CA PHE A 96 -8.32 -6.44 -8.06
C PHE A 96 -9.62 -6.19 -7.32
N TYR A 97 -10.41 -5.28 -7.86
CA TYR A 97 -11.72 -4.95 -7.21
C TYR A 97 -12.88 -5.44 -8.06
N LYS A 98 -14.02 -5.60 -7.44
CA LYS A 98 -15.22 -6.07 -8.17
C LYS A 98 -15.10 -7.53 -8.62
N GLU A 99 -16.22 -8.18 -8.72
CA GLU A 99 -16.20 -9.59 -9.15
C GLU A 99 -15.78 -9.69 -10.61
N GLN A 100 -14.55 -10.15 -10.80
CA GLN A 100 -13.95 -10.34 -12.18
C GLN A 100 -12.94 -9.24 -12.48
N PHE A 101 -12.06 -9.03 -11.53
CA PHE A 101 -11.01 -7.99 -11.68
C PHE A 101 -11.49 -6.83 -12.53
N ASP A 102 -12.73 -6.45 -12.35
CA ASP A 102 -13.26 -5.33 -13.14
C ASP A 102 -13.26 -4.05 -12.32
N GLY A 103 -12.35 -3.97 -11.38
CA GLY A 103 -12.28 -2.75 -10.53
C GLY A 103 -10.83 -2.44 -10.11
N LYS A 104 -10.67 -1.38 -9.36
CA LYS A 104 -9.32 -0.94 -8.87
C LYS A 104 -8.35 -2.11 -8.68
N GLU A 105 -7.09 -1.83 -8.96
CA GLU A 105 -6.05 -2.89 -8.82
C GLU A 105 -4.99 -2.48 -7.80
N VAL A 106 -4.59 -3.41 -6.98
CA VAL A 106 -3.56 -3.12 -5.95
C VAL A 106 -2.60 -4.30 -5.83
N ASP A 107 -1.42 -4.05 -5.30
CA ASP A 107 -0.43 -5.17 -5.17
C ASP A 107 0.41 -5.01 -3.90
N LEU A 108 0.94 -6.13 -3.42
CA LEU A 108 1.78 -6.07 -2.18
C LEU A 108 2.99 -7.03 -2.29
N PRO A 109 4.11 -6.65 -1.66
CA PRO A 109 5.33 -7.46 -1.68
C PRO A 109 5.16 -8.73 -0.82
N PRO A 110 6.06 -9.67 -1.00
CA PRO A 110 6.01 -10.92 -0.25
C PRO A 110 6.10 -10.68 1.25
N GLY A 111 5.49 -11.55 2.03
CA GLY A 111 5.54 -11.37 3.50
C GLY A 111 4.20 -11.73 4.17
N GLN A 112 3.94 -11.09 5.27
CA GLN A 112 2.67 -11.34 6.01
C GLN A 112 2.04 -10.03 6.47
N TYR A 113 0.75 -10.03 6.67
CA TYR A 113 0.09 -8.77 7.12
C TYR A 113 -1.06 -9.06 8.07
N THR A 114 -1.37 -8.09 8.88
CA THR A 114 -2.49 -8.26 9.86
C THR A 114 -3.80 -7.66 9.35
N GLN A 115 -4.68 -7.34 10.28
CA GLN A 115 -6.00 -6.74 9.89
C GLN A 115 -6.04 -5.24 10.14
N ALA A 116 -4.91 -4.60 10.04
CA ALA A 116 -4.87 -3.13 10.27
C ALA A 116 -4.15 -2.43 9.13
N GLU A 117 -2.89 -2.70 9.00
CA GLU A 117 -2.12 -2.05 7.92
C GLU A 117 -2.55 -2.62 6.59
N LEU A 118 -2.59 -3.92 6.52
CA LEU A 118 -2.99 -4.59 5.27
C LEU A 118 -4.05 -3.81 4.53
N GLU A 119 -5.23 -3.84 5.06
CA GLU A 119 -6.34 -3.11 4.40
C GLU A 119 -5.93 -1.68 4.12
N ARG A 120 -5.49 -1.00 5.15
CA ARG A 120 -5.07 0.41 4.97
C ARG A 120 -3.69 0.51 4.30
N TYR A 121 -3.27 -0.57 3.67
CA TYR A 121 -1.93 -0.55 2.99
C TYR A 121 -2.09 -0.92 1.52
N GLY A 122 -3.23 -1.42 1.18
CA GLY A 122 -3.46 -1.80 -0.23
C GLY A 122 -4.89 -1.47 -0.65
N ILE A 123 -5.82 -1.87 0.17
CA ILE A 123 -7.24 -1.60 -0.16
C ILE A 123 -8.04 -1.32 1.11
N ASP A 124 -8.74 -2.32 1.58
CA ASP A 124 -9.54 -2.12 2.81
C ASP A 124 -9.99 -3.45 3.39
N ASN A 125 -10.95 -3.39 4.28
CA ASN A 125 -11.46 -4.64 4.89
C ASN A 125 -12.12 -5.56 3.87
N ASN A 126 -13.36 -5.88 4.12
CA ASN A 126 -14.10 -6.77 3.18
C ASN A 126 -14.40 -6.06 1.86
N THR A 127 -13.77 -6.51 0.79
CA THR A 127 -14.01 -5.88 -0.53
C THR A 127 -13.17 -6.58 -1.61
N ILE A 128 -12.35 -7.50 -1.21
CA ILE A 128 -11.51 -8.21 -2.20
C ILE A 128 -12.19 -9.49 -2.70
N SER A 129 -11.86 -9.87 -3.91
CA SER A 129 -12.47 -11.08 -4.50
C SER A 129 -11.53 -11.70 -5.54
N SER A 130 -11.33 -10.98 -6.62
CA SER A 130 -10.43 -11.51 -7.68
C SER A 130 -8.96 -11.23 -7.34
N VAL A 131 -8.23 -12.30 -7.08
CA VAL A 131 -6.79 -12.14 -6.74
C VAL A 131 -5.91 -12.89 -7.72
N LYS A 132 -4.65 -12.55 -7.72
CA LYS A 132 -3.70 -13.22 -8.64
C LYS A 132 -2.28 -13.15 -8.05
N PRO A 133 -1.63 -14.30 -7.91
CA PRO A 133 -0.28 -14.32 -7.37
C PRO A 133 0.70 -13.61 -8.29
N GLN A 134 0.68 -13.96 -9.54
CA GLN A 134 1.60 -13.30 -10.50
C GLN A 134 3.04 -13.75 -10.32
N GLY A 135 3.43 -13.95 -9.10
CA GLY A 135 4.83 -14.38 -8.85
C GLY A 135 4.93 -15.22 -7.58
N LEU A 136 4.34 -14.73 -6.50
CA LEU A 136 4.40 -15.51 -5.22
C LEU A 136 3.04 -16.06 -4.90
N ALA A 137 3.02 -17.13 -4.17
CA ALA A 137 1.70 -17.74 -3.82
C ALA A 137 1.01 -16.88 -2.79
N VAL A 138 -0.30 -16.95 -2.77
CA VAL A 138 -1.08 -16.14 -1.80
C VAL A 138 -1.91 -16.99 -0.86
N VAL A 139 -2.00 -16.55 0.36
CA VAL A 139 -2.79 -17.30 1.37
C VAL A 139 -3.63 -16.31 2.17
N LEU A 140 -4.92 -16.52 2.18
CA LEU A 140 -5.81 -15.59 2.93
C LEU A 140 -6.27 -16.21 4.24
N PHE A 141 -6.37 -15.37 5.25
CA PHE A 141 -6.81 -15.86 6.59
C PHE A 141 -8.07 -15.13 7.02
N LYS A 142 -9.00 -15.87 7.54
CA LYS A 142 -10.27 -15.25 7.99
C LYS A 142 -10.11 -14.48 9.31
N ASN A 143 -9.76 -15.18 10.36
CA ASN A 143 -9.59 -14.50 11.68
C ASN A 143 -8.50 -13.42 11.63
N ASP A 144 -8.59 -12.53 12.59
CA ASP A 144 -7.62 -11.38 12.73
C ASP A 144 -6.20 -11.64 12.17
N ASN A 145 -5.26 -11.79 13.07
CA ASN A 145 -3.85 -12.03 12.65
C ASN A 145 -3.60 -13.45 12.16
N PHE A 146 -3.79 -13.64 10.86
CA PHE A 146 -3.58 -15.00 10.26
C PHE A 146 -3.95 -16.12 11.22
N SER A 147 -5.22 -16.29 11.42
CA SER A 147 -5.67 -17.37 12.33
C SER A 147 -6.99 -17.99 11.86
N GLY A 148 -7.57 -18.82 12.70
CA GLY A 148 -8.86 -19.46 12.32
C GLY A 148 -8.77 -20.13 10.94
N ASP A 149 -9.90 -20.33 10.32
CA ASP A 149 -9.90 -20.96 8.98
C ASP A 149 -9.11 -20.14 7.98
N THR A 150 -8.93 -20.65 6.79
CA THR A 150 -8.16 -19.89 5.77
C THR A 150 -8.54 -20.28 4.35
N LEU A 151 -7.98 -19.57 3.40
CA LEU A 151 -8.26 -19.84 1.98
C LEU A 151 -6.95 -19.75 1.19
N PRO A 152 -6.18 -20.81 1.26
CA PRO A 152 -4.89 -20.87 0.55
C PRO A 152 -5.04 -20.71 -0.96
N VAL A 153 -4.57 -19.60 -1.45
CA VAL A 153 -4.66 -19.35 -2.92
C VAL A 153 -3.37 -19.81 -3.58
N ASN A 154 -3.18 -21.09 -3.63
CA ASN A 154 -1.95 -21.64 -4.25
C ASN A 154 -1.89 -21.35 -5.75
N SER A 155 -2.79 -20.54 -6.24
CA SER A 155 -2.74 -20.23 -7.69
C SER A 155 -3.71 -19.11 -8.08
N ASP A 156 -3.68 -18.76 -9.34
CA ASP A 156 -4.58 -17.68 -9.82
C ASP A 156 -6.04 -17.90 -9.42
N ALA A 157 -6.74 -16.80 -9.28
CA ALA A 157 -8.18 -16.88 -8.89
C ALA A 157 -8.85 -15.54 -9.18
N PRO A 158 -8.85 -15.18 -10.45
CA PRO A 158 -9.45 -13.93 -10.91
C PRO A 158 -10.96 -13.86 -10.69
N THR A 159 -11.48 -14.63 -9.76
CA THR A 159 -12.94 -14.56 -9.55
C THR A 159 -13.40 -15.42 -8.38
N LEU A 160 -13.52 -14.81 -7.23
CA LEU A 160 -13.96 -15.55 -6.02
C LEU A 160 -15.34 -15.08 -5.60
N GLY A 161 -15.43 -13.80 -5.26
CA GLY A 161 -16.75 -13.25 -4.83
C GLY A 161 -17.47 -14.20 -3.86
N ALA A 162 -18.21 -15.13 -4.40
CA ALA A 162 -18.94 -16.10 -3.54
C ALA A 162 -18.12 -16.50 -2.32
N MET A 163 -16.83 -16.55 -2.49
CA MET A 163 -15.96 -16.93 -1.35
C MET A 163 -15.79 -15.74 -0.42
N ASN A 164 -16.76 -14.85 -0.47
CA ASN A 164 -16.72 -13.64 0.40
C ASN A 164 -16.02 -13.92 1.72
N ASN A 165 -14.77 -13.54 1.79
CA ASN A 165 -13.98 -13.75 3.03
C ASN A 165 -13.44 -12.42 3.56
N ASN A 166 -13.84 -12.09 4.76
CA ASN A 166 -13.37 -10.81 5.35
C ASN A 166 -11.86 -10.63 5.15
N THR A 167 -11.18 -11.73 4.95
CA THR A 167 -9.70 -11.62 4.74
C THR A 167 -9.09 -10.63 5.73
N SER A 168 -8.99 -11.05 6.96
CA SER A 168 -8.41 -10.14 7.98
C SER A 168 -6.89 -10.12 7.89
N SER A 169 -6.32 -11.16 7.35
CA SER A 169 -4.83 -11.18 7.23
C SER A 169 -4.42 -11.96 6.01
N ILE A 170 -3.20 -11.77 5.59
CA ILE A 170 -2.72 -12.51 4.39
C ILE A 170 -1.27 -12.89 4.53
N ARG A 171 -0.88 -13.83 3.74
CA ARG A 171 0.51 -14.29 3.79
C ARG A 171 0.97 -14.62 2.40
N ILE A 172 1.76 -13.76 1.83
CA ILE A 172 2.26 -14.01 0.49
C ILE A 172 3.46 -14.93 0.53
N SER A 173 3.24 -16.20 0.36
CA SER A 173 4.36 -17.16 0.39
C SER A 173 5.05 -17.24 -0.96
N MET A 1 15.79 7.15 -12.71
CA MET A 1 15.99 6.79 -11.28
C MET A 1 14.64 6.63 -10.60
N ALA A 2 14.58 5.71 -9.67
CA ALA A 2 13.30 5.48 -8.95
C ALA A 2 12.72 6.79 -8.44
N ASN A 3 11.46 6.76 -8.08
CA ASN A 3 10.81 7.99 -7.57
C ASN A 3 9.39 7.70 -7.10
N ILE A 4 9.14 7.92 -5.84
CA ILE A 4 7.78 7.66 -5.31
C ILE A 4 6.78 8.66 -5.88
N THR A 5 5.52 8.28 -5.94
CA THR A 5 4.48 9.20 -6.48
C THR A 5 3.34 9.37 -5.50
N VAL A 6 2.92 10.60 -5.32
CA VAL A 6 1.80 10.88 -4.37
C VAL A 6 0.65 11.57 -5.07
N PHE A 7 -0.55 11.16 -4.75
CA PHE A 7 -1.74 11.77 -5.38
C PHE A 7 -2.29 12.86 -4.49
N TYR A 8 -2.83 13.88 -5.09
CA TYR A 8 -3.40 14.99 -4.28
C TYR A 8 -4.53 14.52 -3.39
N ASN A 9 -5.54 13.94 -3.98
CA ASN A 9 -6.69 13.45 -3.17
C ASN A 9 -6.55 11.98 -2.86
N GLU A 10 -7.40 11.51 -2.01
CA GLU A 10 -7.34 10.08 -1.66
C GLU A 10 -7.93 9.24 -2.78
N ASP A 11 -8.20 8.01 -2.49
CA ASP A 11 -8.78 7.13 -3.53
C ASP A 11 -7.93 7.16 -4.79
N PHE A 12 -6.65 7.28 -4.62
CA PHE A 12 -5.74 7.32 -5.80
C PHE A 12 -6.11 8.45 -6.76
N GLN A 13 -7.03 9.29 -6.36
CA GLN A 13 -7.43 10.41 -7.25
C GLN A 13 -6.70 11.70 -6.89
N GLY A 14 -6.67 12.62 -7.82
CA GLY A 14 -5.97 13.91 -7.58
C GLY A 14 -4.60 13.94 -8.26
N LYS A 15 -4.34 15.01 -8.98
CA LYS A 15 -3.04 15.15 -9.70
C LYS A 15 -1.90 14.47 -8.96
N GLN A 16 -1.03 13.84 -9.71
CA GLN A 16 0.12 13.13 -9.07
C GLN A 16 1.39 13.96 -9.11
N VAL A 17 2.32 13.59 -8.27
CA VAL A 17 3.61 14.30 -8.21
C VAL A 17 4.72 13.31 -7.88
N ASP A 18 5.81 13.39 -8.60
CA ASP A 18 6.93 12.44 -8.32
C ASP A 18 7.98 13.05 -7.39
N LEU A 19 8.38 12.26 -6.42
CA LEU A 19 9.40 12.73 -5.45
C LEU A 19 10.61 11.77 -5.46
N PRO A 20 11.81 12.30 -5.64
CA PRO A 20 13.01 11.46 -5.67
C PRO A 20 13.28 10.82 -4.30
N PRO A 21 14.11 9.79 -4.29
CA PRO A 21 14.45 9.09 -3.05
C PRO A 21 15.20 10.01 -2.09
N GLY A 22 15.75 9.44 -1.05
CA GLY A 22 16.49 10.28 -0.07
C GLY A 22 15.54 10.83 1.00
N ASN A 23 16.09 11.63 1.88
CA ASN A 23 15.26 12.22 2.97
C ASN A 23 15.08 13.72 2.80
N TYR A 24 13.92 14.19 3.11
CA TYR A 24 13.67 15.65 2.99
C TYR A 24 12.53 16.08 3.92
N THR A 25 12.13 17.31 3.84
CA THR A 25 11.05 17.77 4.73
C THR A 25 10.32 18.97 4.17
N ARG A 26 9.69 19.70 5.04
CA ARG A 26 8.94 20.89 4.61
C ARG A 26 9.80 21.84 3.77
N ALA A 27 11.06 21.90 4.06
CA ALA A 27 11.92 22.80 3.26
C ALA A 27 11.94 22.38 1.80
N GLN A 28 12.44 21.21 1.55
CA GLN A 28 12.48 20.73 0.16
C GLN A 28 11.09 20.74 -0.44
N LEU A 29 10.12 20.48 0.39
CA LEU A 29 8.73 20.46 -0.11
C LEU A 29 8.39 21.83 -0.66
N ALA A 30 8.70 22.85 0.09
CA ALA A 30 8.40 24.21 -0.37
C ALA A 30 8.95 24.39 -1.77
N ALA A 31 10.05 23.73 -2.01
CA ALA A 31 10.66 23.83 -3.34
C ALA A 31 9.72 23.25 -4.39
N LEU A 32 9.13 22.12 -4.07
CA LEU A 32 8.21 21.48 -5.03
C LEU A 32 6.91 22.28 -5.14
N GLY A 33 6.03 22.07 -4.19
CA GLY A 33 4.73 22.81 -4.23
C GLY A 33 3.76 22.23 -3.20
N ILE A 34 3.89 20.96 -2.93
CA ILE A 34 2.99 20.34 -1.95
C ILE A 34 3.47 20.59 -0.53
N GLU A 35 2.64 20.25 0.44
CA GLU A 35 3.05 20.48 1.85
C GLU A 35 1.95 20.06 2.83
N ASN A 36 2.20 19.00 3.56
CA ASN A 36 1.20 18.50 4.56
C ASN A 36 -0.12 18.07 3.92
N ASN A 37 -0.66 16.99 4.45
CA ASN A 37 -1.95 16.45 3.95
C ASN A 37 -2.02 16.36 2.42
N THR A 38 -0.95 16.65 1.73
CA THR A 38 -1.02 16.56 0.24
C THR A 38 -0.81 15.13 -0.23
N ILE A 39 -0.05 14.38 0.52
CA ILE A 39 0.20 12.98 0.10
C ILE A 39 -0.99 12.12 0.45
N SER A 40 -2.12 12.54 -0.01
CA SER A 40 -3.35 11.78 0.27
C SER A 40 -3.17 10.29 -0.11
N SER A 41 -2.75 10.04 -1.34
CA SER A 41 -2.54 8.62 -1.78
C SER A 41 -1.09 8.44 -2.21
N VAL A 42 -0.67 7.21 -2.44
CA VAL A 42 0.74 7.02 -2.86
C VAL A 42 0.95 5.76 -3.69
N LYS A 43 1.95 5.83 -4.54
CA LYS A 43 2.29 4.69 -5.41
C LYS A 43 3.82 4.57 -5.47
N VAL A 44 4.35 3.60 -4.75
CA VAL A 44 5.83 3.40 -4.73
C VAL A 44 6.23 2.02 -5.29
N PRO A 45 6.81 2.00 -6.48
CA PRO A 45 7.23 0.74 -7.09
C PRO A 45 8.42 0.13 -6.32
N PRO A 46 8.72 -1.11 -6.64
CA PRO A 46 9.83 -1.82 -5.99
C PRO A 46 11.16 -1.13 -6.26
N GLY A 47 12.23 -1.75 -5.86
CA GLY A 47 13.56 -1.13 -6.10
C GLY A 47 13.83 -0.04 -5.08
N VAL A 48 12.80 0.40 -4.40
CA VAL A 48 13.00 1.47 -3.40
C VAL A 48 11.98 1.39 -2.25
N LYS A 49 12.48 1.52 -1.04
CA LYS A 49 11.58 1.47 0.14
C LYS A 49 11.41 2.87 0.69
N ALA A 50 10.22 3.19 1.18
CA ALA A 50 10.01 4.56 1.72
C ALA A 50 9.42 4.55 3.13
N ILE A 51 9.75 5.58 3.86
CA ILE A 51 9.26 5.70 5.26
C ILE A 51 8.77 7.13 5.48
N LEU A 52 7.51 7.30 5.77
CA LEU A 52 6.98 8.68 5.99
C LEU A 52 6.92 9.09 7.45
N TYR A 53 6.85 10.39 7.65
CA TYR A 53 6.78 10.94 9.02
C TYR A 53 5.72 12.03 9.07
N GLN A 54 4.70 11.78 9.86
CA GLN A 54 3.60 12.77 9.98
C GLN A 54 4.13 14.19 10.21
N ASN A 55 4.33 14.53 11.45
CA ASN A 55 4.84 15.90 11.76
C ASN A 55 6.21 16.13 11.15
N ASP A 56 6.46 17.35 10.77
CA ASP A 56 7.77 17.68 10.16
C ASP A 56 8.90 17.27 11.10
N GLY A 57 10.11 17.39 10.62
CA GLY A 57 11.26 17.01 11.48
C GLY A 57 11.27 15.49 11.71
N PHE A 58 10.77 14.77 10.74
CA PHE A 58 10.74 13.30 10.88
C PHE A 58 10.15 12.90 12.23
N ALA A 59 9.13 13.60 12.65
CA ALA A 59 8.48 13.30 13.97
C ALA A 59 7.06 12.80 13.76
N GLY A 60 6.38 12.54 14.85
CA GLY A 60 4.98 12.05 14.75
C GLY A 60 4.97 10.61 14.22
N ASP A 61 3.85 9.95 14.38
CA ASP A 61 3.78 8.55 13.89
C ASP A 61 4.38 8.43 12.50
N GLN A 62 5.23 7.45 12.32
CA GLN A 62 5.86 7.27 11.01
C GLN A 62 5.15 6.16 10.22
N ILE A 63 5.54 6.03 8.99
CA ILE A 63 4.92 5.00 8.13
C ILE A 63 5.99 4.27 7.35
N GLU A 64 5.63 3.16 6.79
CA GLU A 64 6.62 2.38 6.01
C GLU A 64 5.93 1.75 4.84
N VAL A 65 6.48 1.92 3.67
CA VAL A 65 5.85 1.32 2.48
C VAL A 65 6.85 0.96 1.42
N VAL A 66 6.42 0.07 0.57
CA VAL A 66 7.27 -0.38 -0.54
C VAL A 66 6.39 -0.68 -1.73
N ALA A 67 5.11 -0.42 -1.53
CA ALA A 67 4.12 -0.65 -2.61
C ALA A 67 3.23 0.56 -2.75
N ASN A 68 1.99 0.32 -3.05
CA ASN A 68 1.04 1.45 -3.22
C ASN A 68 0.12 1.60 -2.01
N ALA A 69 0.19 2.74 -1.38
CA ALA A 69 -0.66 2.98 -0.19
C ALA A 69 -1.90 3.76 -0.61
N GLU A 70 -2.98 3.06 -0.82
CA GLU A 70 -4.24 3.75 -1.23
C GLU A 70 -4.68 4.79 -0.23
N GLU A 71 -5.44 4.36 0.74
CA GLU A 71 -5.93 5.31 1.78
C GLU A 71 -4.77 5.82 2.64
N LEU A 72 -3.62 5.27 2.44
CA LEU A 72 -2.46 5.71 3.25
C LEU A 72 -2.58 5.24 4.70
N GLY A 73 -3.41 5.92 5.46
CA GLY A 73 -3.59 5.52 6.89
C GLY A 73 -4.38 6.59 7.65
N PRO A 74 -4.50 6.37 8.94
CA PRO A 74 -5.22 7.29 9.82
C PRO A 74 -4.53 8.65 9.91
N LEU A 75 -3.21 8.63 9.94
CA LEU A 75 -2.47 9.92 10.04
C LEU A 75 -2.40 10.62 8.69
N ASN A 76 -3.40 10.41 7.88
CA ASN A 76 -3.40 11.06 6.54
C ASN A 76 -3.79 12.53 6.66
N ASN A 77 -3.83 13.02 7.87
CA ASN A 77 -4.20 14.43 8.07
C ASN A 77 -2.96 15.33 8.01
N ASN A 78 -1.81 14.72 7.84
CA ASN A 78 -0.58 15.53 7.77
C ASN A 78 0.63 14.68 7.34
N VAL A 79 1.24 15.09 6.26
CA VAL A 79 2.43 14.33 5.77
C VAL A 79 3.42 15.28 5.10
N SER A 80 4.64 15.29 5.59
CA SER A 80 5.65 16.20 4.98
C SER A 80 7.08 15.65 5.12
N SER A 81 7.37 14.98 6.21
CA SER A 81 8.76 14.43 6.39
C SER A 81 8.84 13.01 5.87
N ILE A 82 9.90 12.69 5.14
CA ILE A 82 10.02 11.28 4.62
C ILE A 82 11.48 10.83 4.52
N ARG A 83 11.64 9.53 4.46
CA ARG A 83 13.01 8.94 4.34
C ARG A 83 12.98 7.72 3.42
N VAL A 84 13.54 7.87 2.23
CA VAL A 84 13.55 6.72 1.26
C VAL A 84 14.96 6.22 0.99
N ILE A 85 15.10 4.92 0.86
CA ILE A 85 16.43 4.34 0.59
C ILE A 85 16.33 3.16 -0.39
N SER A 86 17.18 3.17 -1.38
CA SER A 86 17.17 2.07 -2.39
C SER A 86 16.93 0.70 -1.75
N VAL A 87 16.38 -0.20 -2.54
CA VAL A 87 16.11 -1.56 -2.02
C VAL A 87 16.17 -2.59 -3.18
N PRO A 88 16.58 -3.81 -2.87
CA PRO A 88 16.68 -4.87 -3.88
C PRO A 88 15.35 -5.10 -4.60
N VAL A 89 15.35 -5.99 -5.56
CA VAL A 89 14.12 -6.29 -6.33
C VAL A 89 13.30 -7.37 -5.65
N GLN A 90 12.01 -7.17 -5.57
CA GLN A 90 11.14 -8.17 -4.93
C GLN A 90 9.76 -8.22 -5.63
N PRO A 91 9.36 -9.41 -6.11
CA PRO A 91 8.07 -9.55 -6.78
C PRO A 91 6.92 -9.11 -5.88
N ARG A 92 5.71 -9.18 -6.38
CA ARG A 92 4.55 -8.76 -5.57
C ARG A 92 3.30 -9.53 -6.01
N ALA A 93 2.16 -8.98 -5.67
CA ALA A 93 0.87 -9.62 -6.03
C ALA A 93 -0.08 -8.52 -6.45
N ARG A 94 -1.21 -8.86 -7.06
CA ARG A 94 -2.16 -7.78 -7.48
C ARG A 94 -3.60 -8.08 -7.08
N PHE A 95 -4.13 -7.25 -6.23
CA PHE A 95 -5.51 -7.43 -5.77
C PHE A 95 -6.42 -6.50 -6.57
N PHE A 96 -7.48 -7.03 -7.10
CA PHE A 96 -8.41 -6.18 -7.89
C PHE A 96 -9.64 -5.82 -7.11
N TYR A 97 -10.36 -4.84 -7.61
CA TYR A 97 -11.60 -4.41 -6.92
C TYR A 97 -12.84 -4.93 -7.62
N LYS A 98 -13.94 -4.91 -6.90
CA LYS A 98 -15.24 -5.38 -7.47
C LYS A 98 -15.18 -6.83 -7.94
N GLU A 99 -16.32 -7.43 -7.99
CA GLU A 99 -16.38 -8.82 -8.43
C GLU A 99 -16.14 -8.95 -9.93
N GLN A 100 -14.97 -9.46 -10.26
CA GLN A 100 -14.58 -9.64 -11.71
C GLN A 100 -13.83 -8.44 -12.24
N PHE A 101 -12.76 -8.11 -11.57
CA PHE A 101 -11.94 -6.94 -12.00
C PHE A 101 -12.82 -5.80 -12.50
N ASP A 102 -13.62 -5.25 -11.62
CA ASP A 102 -14.52 -4.12 -12.02
C ASP A 102 -14.06 -2.83 -11.34
N GLY A 103 -12.85 -2.83 -10.84
CA GLY A 103 -12.33 -1.61 -10.16
C GLY A 103 -10.80 -1.64 -10.11
N LYS A 104 -10.20 -0.47 -10.00
CA LYS A 104 -8.72 -0.40 -9.94
C LYS A 104 -8.16 -1.45 -8.99
N GLU A 105 -6.88 -1.71 -9.13
CA GLU A 105 -6.23 -2.72 -8.24
C GLU A 105 -5.08 -2.14 -7.42
N VAL A 106 -4.49 -2.99 -6.62
CA VAL A 106 -3.36 -2.55 -5.77
C VAL A 106 -2.30 -3.66 -5.75
N ASP A 107 -1.19 -3.42 -5.08
CA ASP A 107 -0.14 -4.48 -5.05
C ASP A 107 0.56 -4.55 -3.70
N LEU A 108 1.03 -5.75 -3.35
CA LEU A 108 1.73 -5.90 -2.03
C LEU A 108 2.94 -6.87 -2.14
N PRO A 109 3.97 -6.63 -1.32
CA PRO A 109 5.19 -7.47 -1.31
C PRO A 109 4.97 -8.79 -0.56
N PRO A 110 5.85 -9.74 -0.79
CA PRO A 110 5.79 -11.06 -0.17
C PRO A 110 5.89 -10.94 1.35
N GLY A 111 5.42 -11.96 2.04
CA GLY A 111 5.49 -11.94 3.53
C GLY A 111 4.11 -12.07 4.16
N GLN A 112 4.07 -11.86 5.45
CA GLN A 112 2.78 -11.96 6.19
C GLN A 112 2.33 -10.59 6.67
N TYR A 113 1.04 -10.44 6.88
CA TYR A 113 0.54 -9.12 7.36
C TYR A 113 -0.60 -9.31 8.35
N THR A 114 -0.74 -8.36 9.24
CA THR A 114 -1.81 -8.43 10.26
C THR A 114 -3.13 -7.84 9.77
N GLN A 115 -4.01 -7.60 10.72
CA GLN A 115 -5.34 -7.02 10.37
C GLN A 115 -5.41 -5.56 10.76
N ALA A 116 -4.51 -4.79 10.24
CA ALA A 116 -4.51 -3.34 10.57
C ALA A 116 -3.82 -2.55 9.47
N GLU A 117 -2.52 -2.69 9.40
CA GLU A 117 -1.79 -1.95 8.36
C GLU A 117 -2.17 -2.52 7.02
N LEU A 118 -2.21 -3.82 6.96
CA LEU A 118 -2.58 -4.50 5.72
C LEU A 118 -3.71 -3.77 5.01
N GLU A 119 -4.84 -3.84 5.61
CA GLU A 119 -6.01 -3.17 5.03
C GLU A 119 -5.70 -1.75 4.64
N ARG A 120 -5.31 -0.98 5.60
CA ARG A 120 -4.99 0.43 5.29
C ARG A 120 -3.71 0.59 4.47
N TYR A 121 -3.08 -0.51 4.14
CA TYR A 121 -1.81 -0.40 3.33
C TYR A 121 -2.09 -0.64 1.86
N GLY A 122 -3.22 -1.21 1.56
CA GLY A 122 -3.53 -1.45 0.12
C GLY A 122 -5.04 -1.38 -0.14
N ILE A 123 -5.81 -1.94 0.74
CA ILE A 123 -7.30 -1.91 0.55
C ILE A 123 -8.03 -1.52 1.84
N ASP A 124 -8.84 -2.42 2.34
CA ASP A 124 -9.59 -2.11 3.59
C ASP A 124 -9.82 -3.37 4.40
N ASN A 125 -10.74 -3.30 5.34
CA ASN A 125 -11.03 -4.50 6.18
C ASN A 125 -12.36 -5.14 5.81
N ASN A 126 -12.72 -5.06 4.55
CA ASN A 126 -14.02 -5.68 4.14
C ASN A 126 -14.25 -5.57 2.63
N THR A 127 -13.19 -5.30 1.89
CA THR A 127 -13.33 -5.17 0.40
C THR A 127 -12.56 -6.28 -0.33
N ILE A 128 -11.80 -5.90 -1.33
CA ILE A 128 -11.02 -6.92 -2.10
C ILE A 128 -11.94 -7.91 -2.80
N SER A 129 -11.42 -8.54 -3.82
CA SER A 129 -12.26 -9.52 -4.57
C SER A 129 -11.39 -10.39 -5.48
N SER A 130 -11.30 -10.02 -6.73
CA SER A 130 -10.48 -10.80 -7.68
C SER A 130 -8.99 -10.62 -7.40
N VAL A 131 -8.25 -11.70 -7.43
CA VAL A 131 -6.79 -11.61 -7.17
C VAL A 131 -5.99 -12.14 -8.35
N LYS A 132 -4.76 -11.70 -8.43
CA LYS A 132 -3.90 -12.16 -9.54
C LYS A 132 -2.42 -12.16 -9.12
N PRO A 133 -1.93 -13.33 -8.72
CA PRO A 133 -0.54 -13.45 -8.30
C PRO A 133 0.40 -12.91 -9.37
N GLN A 134 0.75 -11.67 -9.24
CA GLN A 134 1.64 -11.06 -10.23
C GLN A 134 3.06 -11.59 -10.08
N GLY A 135 3.23 -12.58 -9.25
CA GLY A 135 4.59 -13.14 -9.06
C GLY A 135 4.61 -14.15 -7.91
N LEU A 136 3.92 -13.83 -6.84
CA LEU A 136 3.89 -14.75 -5.68
C LEU A 136 2.47 -15.16 -5.37
N ALA A 137 2.32 -16.32 -4.83
CA ALA A 137 0.95 -16.81 -4.49
C ALA A 137 0.39 -16.03 -3.31
N VAL A 138 -0.93 -15.98 -3.22
CA VAL A 138 -1.57 -15.25 -2.09
C VAL A 138 -2.49 -16.13 -1.25
N VAL A 139 -2.39 -15.98 0.05
CA VAL A 139 -3.23 -16.80 0.96
C VAL A 139 -4.01 -15.88 1.91
N LEU A 140 -5.31 -16.09 1.98
CA LEU A 140 -6.15 -15.23 2.88
C LEU A 140 -6.51 -15.93 4.18
N PHE A 141 -6.52 -15.17 5.25
CA PHE A 141 -6.87 -15.75 6.58
C PHE A 141 -8.07 -15.03 7.17
N LYS A 142 -9.00 -15.80 7.67
CA LYS A 142 -10.22 -15.21 8.26
C LYS A 142 -9.92 -14.49 9.57
N ASN A 143 -9.64 -15.24 10.59
CA ASN A 143 -9.35 -14.60 11.90
C ASN A 143 -7.98 -13.94 11.88
N ASP A 144 -7.58 -13.40 13.00
CA ASP A 144 -6.26 -12.74 13.06
C ASP A 144 -5.13 -13.77 13.14
N ASN A 145 -3.97 -13.30 13.52
CA ASN A 145 -2.79 -14.20 13.63
C ASN A 145 -2.80 -15.26 12.56
N PHE A 146 -3.35 -14.91 11.42
CA PHE A 146 -3.41 -15.88 10.31
C PHE A 146 -3.70 -17.28 10.82
N SER A 147 -4.84 -17.44 11.43
CA SER A 147 -5.20 -18.79 11.95
C SER A 147 -6.70 -19.03 11.88
N GLY A 148 -7.07 -20.22 11.47
CA GLY A 148 -8.53 -20.56 11.35
C GLY A 148 -8.87 -20.92 9.90
N ASP A 149 -10.00 -20.47 9.45
CA ASP A 149 -10.40 -20.78 8.05
C ASP A 149 -9.57 -19.93 7.08
N THR A 150 -9.18 -20.51 5.97
CA THR A 150 -8.37 -19.74 4.99
C THR A 150 -8.65 -20.16 3.56
N LEU A 151 -8.27 -19.30 2.65
CA LEU A 151 -8.47 -19.60 1.21
C LEU A 151 -7.15 -19.36 0.47
N PRO A 152 -6.35 -20.41 0.38
CA PRO A 152 -5.06 -20.32 -0.29
C PRO A 152 -5.19 -20.12 -1.81
N VAL A 153 -4.84 -18.94 -2.25
CA VAL A 153 -4.93 -18.65 -3.70
C VAL A 153 -3.62 -19.05 -4.38
N ASN A 154 -3.50 -20.32 -4.63
CA ASN A 154 -2.25 -20.82 -5.28
C ASN A 154 -2.06 -20.30 -6.70
N SER A 155 -3.06 -19.67 -7.27
CA SER A 155 -2.85 -19.17 -8.65
C SER A 155 -3.84 -18.08 -9.05
N ASP A 156 -4.05 -17.96 -10.35
CA ASP A 156 -4.98 -16.93 -10.87
C ASP A 156 -6.40 -17.06 -10.30
N ALA A 157 -7.00 -15.94 -10.07
CA ALA A 157 -8.37 -15.93 -9.51
C ALA A 157 -9.00 -14.55 -9.76
N PRO A 158 -9.14 -14.22 -11.02
CA PRO A 158 -9.73 -12.94 -11.43
C PRO A 158 -11.19 -12.82 -11.03
N THR A 159 -11.60 -13.59 -10.07
CA THR A 159 -13.02 -13.50 -9.66
C THR A 159 -13.27 -14.29 -8.37
N LEU A 160 -13.59 -13.58 -7.33
CA LEU A 160 -13.84 -14.25 -6.03
C LEU A 160 -14.96 -13.54 -5.29
N GLY A 161 -14.80 -12.27 -5.06
CA GLY A 161 -15.86 -11.51 -4.33
C GLY A 161 -15.78 -11.78 -2.82
N ALA A 162 -14.58 -11.83 -2.32
CA ALA A 162 -14.42 -12.08 -0.86
C ALA A 162 -15.27 -13.26 -0.42
N MET A 163 -14.75 -14.44 -0.58
CA MET A 163 -15.52 -15.64 -0.19
C MET A 163 -15.55 -15.78 1.33
N ASN A 164 -14.41 -15.60 1.95
CA ASN A 164 -14.37 -15.72 3.42
C ASN A 164 -15.15 -14.58 4.09
N ASN A 165 -15.33 -14.70 5.37
CA ASN A 165 -16.09 -13.63 6.09
C ASN A 165 -15.38 -12.30 5.96
N ASN A 166 -14.13 -12.25 6.34
CA ASN A 166 -13.38 -10.98 6.25
C ASN A 166 -11.87 -11.23 6.30
N THR A 167 -11.23 -10.98 5.19
CA THR A 167 -9.76 -11.19 5.13
C THR A 167 -9.06 -10.36 6.21
N SER A 168 -8.74 -10.99 7.31
CA SER A 168 -8.05 -10.25 8.40
C SER A 168 -6.55 -10.19 8.16
N SER A 169 -5.95 -11.35 8.01
CA SER A 169 -4.47 -11.39 7.77
C SER A 169 -4.16 -12.12 6.48
N ILE A 170 -3.01 -11.86 5.91
CA ILE A 170 -2.66 -12.54 4.63
C ILE A 170 -1.25 -13.04 4.65
N ARG A 171 -0.96 -13.89 3.73
CA ARG A 171 0.39 -14.44 3.63
C ARG A 171 0.76 -14.70 2.19
N ILE A 172 1.53 -13.82 1.63
CA ILE A 172 1.92 -14.01 0.23
C ILE A 172 3.06 -15.02 0.17
N SER A 173 2.74 -16.22 -0.26
CA SER A 173 3.79 -17.25 -0.34
C SER A 173 4.39 -17.32 -1.74
N MET A 1 16.53 3.87 -11.40
CA MET A 1 16.11 4.67 -10.22
C MET A 1 14.59 4.66 -10.11
N ALA A 2 14.07 5.46 -9.21
CA ALA A 2 12.59 5.51 -9.06
C ALA A 2 12.14 6.85 -8.53
N ASN A 3 10.84 6.98 -8.36
CA ASN A 3 10.28 8.25 -7.85
C ASN A 3 8.89 8.00 -7.26
N ILE A 4 8.72 8.35 -6.01
CA ILE A 4 7.40 8.13 -5.37
C ILE A 4 6.39 9.18 -5.84
N THR A 5 5.21 8.73 -6.19
CA THR A 5 4.16 9.67 -6.66
C THR A 5 3.05 9.77 -5.64
N VAL A 6 2.90 10.93 -5.06
CA VAL A 6 1.82 11.12 -4.04
C VAL A 6 0.60 11.77 -4.66
N PHE A 7 -0.50 11.69 -3.94
CA PHE A 7 -1.76 12.29 -4.45
C PHE A 7 -2.31 13.29 -3.42
N TYR A 8 -2.98 14.31 -3.91
CA TYR A 8 -3.54 15.34 -2.98
C TYR A 8 -4.84 14.91 -2.29
N ASN A 9 -5.33 13.73 -2.55
CA ASN A 9 -6.59 13.32 -1.88
C ASN A 9 -6.68 11.83 -1.69
N GLU A 10 -7.69 11.42 -0.98
CA GLU A 10 -7.88 9.98 -0.74
C GLU A 10 -8.37 9.28 -2.00
N ASP A 11 -8.67 8.03 -1.87
CA ASP A 11 -9.16 7.27 -3.05
C ASP A 11 -8.21 7.43 -4.23
N PHE A 12 -6.94 7.59 -3.94
CA PHE A 12 -5.98 7.73 -5.06
C PHE A 12 -6.16 9.06 -5.79
N GLN A 13 -7.23 9.75 -5.46
CA GLN A 13 -7.48 11.05 -6.14
C GLN A 13 -6.61 12.15 -5.56
N GLY A 14 -6.58 13.27 -6.24
CA GLY A 14 -5.76 14.42 -5.76
C GLY A 14 -4.55 14.62 -6.66
N LYS A 15 -4.30 15.86 -7.01
CA LYS A 15 -3.14 16.17 -7.91
C LYS A 15 -1.96 15.25 -7.63
N GLN A 16 -1.26 14.91 -8.68
CA GLN A 16 -0.09 14.01 -8.51
C GLN A 16 1.23 14.79 -8.47
N VAL A 17 2.16 14.26 -7.73
CA VAL A 17 3.49 14.90 -7.60
C VAL A 17 4.57 13.84 -7.43
N ASP A 18 5.55 13.86 -8.31
CA ASP A 18 6.64 12.85 -8.19
C ASP A 18 7.84 13.38 -7.42
N LEU A 19 8.10 12.77 -6.29
CA LEU A 19 9.25 13.22 -5.45
C LEU A 19 10.40 12.19 -5.57
N PRO A 20 11.63 12.67 -5.80
CA PRO A 20 12.77 11.76 -5.93
C PRO A 20 13.11 11.09 -4.60
N PRO A 21 13.91 10.05 -4.67
CA PRO A 21 14.32 9.30 -3.48
C PRO A 21 15.19 10.16 -2.57
N GLY A 22 15.92 9.53 -1.69
CA GLY A 22 16.80 10.30 -0.77
C GLY A 22 16.02 10.82 0.45
N ASN A 23 16.71 11.55 1.29
CA ASN A 23 16.06 12.10 2.50
C ASN A 23 15.79 13.60 2.38
N TYR A 24 14.62 14.01 2.81
CA TYR A 24 14.29 15.45 2.72
C TYR A 24 13.19 15.78 3.71
N THR A 25 13.06 17.04 4.04
CA THR A 25 12.02 17.45 5.00
C THR A 25 11.11 18.48 4.40
N ARG A 26 10.40 19.17 5.24
CA ARG A 26 9.49 20.19 4.73
C ARG A 26 10.26 21.32 4.09
N ALA A 27 11.53 21.40 4.38
CA ALA A 27 12.34 22.48 3.77
C ALA A 27 12.38 22.29 2.27
N GLN A 28 12.87 21.16 1.85
CA GLN A 28 12.94 20.91 0.40
C GLN A 28 11.56 21.07 -0.19
N LEU A 29 10.59 20.51 0.48
CA LEU A 29 9.21 20.62 -0.04
C LEU A 29 8.86 22.08 -0.17
N ALA A 30 9.24 22.86 0.80
CA ALA A 30 8.94 24.30 0.74
C ALA A 30 9.33 24.81 -0.62
N ALA A 31 10.38 24.23 -1.13
CA ALA A 31 10.87 24.65 -2.47
C ALA A 31 9.88 24.18 -3.53
N LEU A 32 9.36 23.00 -3.33
CA LEU A 32 8.38 22.45 -4.30
C LEU A 32 7.05 23.20 -4.21
N GLY A 33 6.32 22.92 -3.16
CA GLY A 33 5.00 23.60 -2.99
C GLY A 33 4.06 22.74 -2.13
N ILE A 34 4.28 21.46 -2.15
CA ILE A 34 3.42 20.57 -1.35
C ILE A 34 3.79 20.65 0.13
N GLU A 35 2.79 20.52 0.97
CA GLU A 35 3.07 20.58 2.42
C GLU A 35 1.82 20.27 3.25
N ASN A 36 2.02 19.65 4.39
CA ASN A 36 0.85 19.30 5.26
C ASN A 36 0.06 18.13 4.71
N ASN A 37 -1.24 18.22 4.81
CA ASN A 37 -2.10 17.13 4.30
C ASN A 37 -1.59 16.59 2.98
N THR A 38 -2.02 17.22 1.92
CA THR A 38 -1.58 16.79 0.57
C THR A 38 -1.47 15.29 0.46
N ILE A 39 -0.25 14.81 0.65
CA ILE A 39 0.02 13.34 0.59
C ILE A 39 -1.12 12.55 1.20
N SER A 40 -2.15 12.41 0.44
CA SER A 40 -3.32 11.66 0.90
C SER A 40 -3.24 10.22 0.40
N SER A 41 -2.77 10.08 -0.81
CA SER A 41 -2.64 8.72 -1.41
C SER A 41 -1.21 8.58 -1.94
N VAL A 42 -0.81 7.37 -2.28
CA VAL A 42 0.57 7.23 -2.80
C VAL A 42 0.74 6.04 -3.73
N LYS A 43 1.68 6.19 -4.62
CA LYS A 43 1.97 5.12 -5.62
C LYS A 43 3.48 4.93 -5.72
N VAL A 44 3.98 3.93 -5.05
CA VAL A 44 5.45 3.66 -5.08
C VAL A 44 5.79 2.27 -5.64
N PRO A 45 6.34 2.23 -6.86
CA PRO A 45 6.71 0.96 -7.48
C PRO A 45 7.88 0.31 -6.74
N PRO A 46 8.12 -0.94 -7.05
CA PRO A 46 9.21 -1.70 -6.42
C PRO A 46 10.56 -1.06 -6.70
N GLY A 47 11.61 -1.74 -6.33
CA GLY A 47 12.96 -1.18 -6.58
C GLY A 47 13.29 -0.10 -5.55
N VAL A 48 12.30 0.37 -4.83
CA VAL A 48 12.58 1.43 -3.82
C VAL A 48 11.65 1.31 -2.61
N LYS A 49 12.22 1.55 -1.46
CA LYS A 49 11.42 1.49 -0.19
C LYS A 49 11.38 2.88 0.43
N ALA A 50 10.17 3.37 0.70
CA ALA A 50 10.06 4.74 1.31
C ALA A 50 9.43 4.73 2.70
N ILE A 51 9.99 5.54 3.55
CA ILE A 51 9.49 5.64 4.94
C ILE A 51 8.95 7.05 5.17
N LEU A 52 7.70 7.17 5.47
CA LEU A 52 7.11 8.52 5.70
C LEU A 52 7.11 8.91 7.17
N TYR A 53 7.28 10.19 7.40
CA TYR A 53 7.30 10.71 8.80
C TYR A 53 6.30 11.85 8.96
N GLN A 54 5.26 11.60 9.73
CA GLN A 54 4.24 12.65 9.94
C GLN A 54 4.87 13.97 10.34
N ASN A 55 5.30 14.06 11.57
CA ASN A 55 5.92 15.32 12.03
C ASN A 55 7.16 15.65 11.22
N ASP A 56 7.51 16.91 11.18
CA ASP A 56 8.70 17.32 10.40
C ASP A 56 9.97 16.79 11.06
N GLY A 57 11.10 17.08 10.47
CA GLY A 57 12.38 16.61 11.07
C GLY A 57 12.37 15.07 11.19
N PHE A 58 11.77 14.43 10.23
CA PHE A 58 11.71 12.96 10.27
C PHE A 58 11.22 12.48 11.63
N ALA A 59 9.99 12.81 11.97
CA ALA A 59 9.46 12.38 13.28
C ALA A 59 7.96 12.10 13.21
N GLY A 60 7.35 11.98 14.36
CA GLY A 60 5.88 11.71 14.37
C GLY A 60 5.61 10.30 13.86
N ASP A 61 4.37 9.87 13.95
CA ASP A 61 4.03 8.51 13.47
C ASP A 61 4.73 8.23 12.15
N GLN A 62 5.56 7.22 12.14
CA GLN A 62 6.27 6.88 10.89
C GLN A 62 5.48 5.90 10.04
N ILE A 63 5.87 5.80 8.81
CA ILE A 63 5.19 4.88 7.89
C ILE A 63 6.21 4.15 7.05
N GLU A 64 5.78 3.13 6.40
CA GLU A 64 6.71 2.36 5.55
C GLU A 64 5.97 1.79 4.36
N VAL A 65 6.46 2.07 3.17
CA VAL A 65 5.77 1.54 1.97
C VAL A 65 6.73 1.10 0.90
N VAL A 66 6.23 0.28 0.04
CA VAL A 66 7.04 -0.24 -1.08
C VAL A 66 6.10 -0.49 -2.25
N ALA A 67 4.84 -0.35 -1.95
CA ALA A 67 3.79 -0.55 -2.98
C ALA A 67 2.91 0.69 -3.08
N ASN A 68 1.72 0.50 -3.54
CA ASN A 68 0.79 1.65 -3.67
C ASN A 68 -0.08 1.78 -2.43
N ALA A 69 0.06 2.88 -1.75
CA ALA A 69 -0.75 3.10 -0.52
C ALA A 69 -2.07 3.77 -0.89
N GLU A 70 -3.14 3.05 -0.73
CA GLU A 70 -4.46 3.62 -1.06
C GLU A 70 -4.91 4.63 -0.01
N GLU A 71 -5.36 4.14 1.11
CA GLU A 71 -5.82 5.06 2.17
C GLU A 71 -4.64 5.62 2.97
N LEU A 72 -3.46 5.16 2.63
CA LEU A 72 -2.25 5.65 3.34
C LEU A 72 -2.37 5.44 4.86
N GLY A 73 -2.94 6.40 5.55
CA GLY A 73 -3.08 6.23 7.02
C GLY A 73 -3.69 7.49 7.66
N PRO A 74 -3.67 7.52 8.98
CA PRO A 74 -4.20 8.64 9.73
C PRO A 74 -3.42 9.93 9.49
N LEU A 75 -2.12 9.80 9.34
CA LEU A 75 -1.30 11.02 9.10
C LEU A 75 -1.56 11.59 7.71
N ASN A 76 -2.66 11.23 7.13
CA ASN A 76 -2.97 11.74 5.78
C ASN A 76 -3.48 13.18 5.87
N ASN A 77 -3.90 13.56 7.04
CA ASN A 77 -4.41 14.94 7.21
C ASN A 77 -3.27 15.91 7.51
N ASN A 78 -2.06 15.40 7.53
CA ASN A 78 -0.91 16.28 7.82
C ASN A 78 0.41 15.52 7.70
N VAL A 79 1.22 15.93 6.75
CA VAL A 79 2.55 15.26 6.55
C VAL A 79 3.68 16.30 6.65
N SER A 80 4.90 15.87 6.39
CA SER A 80 6.02 16.85 6.48
C SER A 80 7.36 16.30 5.96
N SER A 81 7.89 15.28 6.64
CA SER A 81 9.21 14.70 6.19
C SER A 81 9.09 13.29 5.63
N ILE A 82 10.00 12.96 4.71
CA ILE A 82 9.98 11.61 4.09
C ILE A 82 11.41 11.15 3.78
N ARG A 83 11.58 9.87 3.59
CA ARG A 83 12.93 9.35 3.27
C ARG A 83 12.81 8.09 2.42
N VAL A 84 13.74 7.90 1.52
CA VAL A 84 13.66 6.68 0.67
C VAL A 84 15.04 6.18 0.28
N ILE A 85 15.16 4.89 0.16
CA ILE A 85 16.46 4.29 -0.22
C ILE A 85 16.26 3.09 -1.14
N SER A 86 17.04 3.04 -2.19
CA SER A 86 16.92 1.90 -3.15
C SER A 86 16.65 0.58 -2.43
N VAL A 87 15.94 -0.30 -3.07
CA VAL A 87 15.64 -1.61 -2.43
C VAL A 87 15.43 -2.71 -3.49
N PRO A 88 15.93 -3.91 -3.23
CA PRO A 88 15.78 -5.01 -4.17
C PRO A 88 14.32 -5.21 -4.56
N VAL A 89 14.10 -5.55 -5.80
CA VAL A 89 12.70 -5.76 -6.26
C VAL A 89 12.17 -7.13 -5.84
N GLN A 90 10.88 -7.28 -5.91
CA GLN A 90 10.26 -8.58 -5.53
C GLN A 90 9.07 -8.89 -6.47
N PRO A 91 8.80 -10.18 -6.66
CA PRO A 91 7.70 -10.60 -7.53
C PRO A 91 6.35 -10.02 -7.08
N ARG A 92 6.17 -9.97 -5.79
CA ARG A 92 4.90 -9.43 -5.23
C ARG A 92 3.65 -10.18 -5.73
N ALA A 93 2.51 -9.59 -5.47
CA ALA A 93 1.22 -10.21 -5.90
C ALA A 93 0.25 -9.11 -6.34
N ARG A 94 -0.93 -9.48 -6.78
CA ARG A 94 -1.89 -8.43 -7.21
C ARG A 94 -3.34 -8.84 -6.97
N PHE A 95 -4.08 -7.95 -6.34
CA PHE A 95 -5.50 -8.25 -6.05
C PHE A 95 -6.39 -7.50 -7.03
N PHE A 96 -7.67 -7.79 -7.00
CA PHE A 96 -8.60 -7.10 -7.93
C PHE A 96 -9.90 -6.73 -7.22
N TYR A 97 -10.70 -5.91 -7.88
CA TYR A 97 -12.00 -5.50 -7.25
C TYR A 97 -13.21 -6.02 -8.03
N LYS A 98 -14.36 -5.86 -7.42
CA LYS A 98 -15.63 -6.31 -8.06
C LYS A 98 -15.61 -7.79 -8.46
N GLU A 99 -16.76 -8.27 -8.79
CA GLU A 99 -16.88 -9.68 -9.19
C GLU A 99 -16.09 -10.00 -10.46
N GLN A 100 -14.97 -10.64 -10.27
CA GLN A 100 -14.09 -11.01 -11.42
C GLN A 100 -13.46 -9.81 -12.09
N PHE A 101 -12.20 -9.58 -11.76
CA PHE A 101 -11.43 -8.42 -12.34
C PHE A 101 -12.35 -7.32 -12.88
N ASP A 102 -13.37 -6.97 -12.13
CA ASP A 102 -14.30 -5.91 -12.59
C ASP A 102 -14.01 -4.59 -11.89
N GLY A 103 -12.86 -4.49 -11.28
CA GLY A 103 -12.51 -3.24 -10.58
C GLY A 103 -10.99 -3.06 -10.48
N LYS A 104 -10.59 -1.83 -10.27
CA LYS A 104 -9.15 -1.53 -10.15
C LYS A 104 -8.40 -2.59 -9.35
N GLU A 105 -7.11 -2.67 -9.57
CA GLU A 105 -6.28 -3.66 -8.84
C GLU A 105 -5.16 -3.00 -8.06
N VAL A 106 -4.60 -3.75 -7.13
CA VAL A 106 -3.49 -3.21 -6.30
C VAL A 106 -2.41 -4.28 -6.15
N ASP A 107 -1.28 -3.92 -5.59
CA ASP A 107 -0.19 -4.93 -5.40
C ASP A 107 0.43 -4.87 -4.01
N LEU A 108 1.01 -5.98 -3.59
CA LEU A 108 1.64 -6.03 -2.24
C LEU A 108 2.90 -6.92 -2.24
N PRO A 109 3.95 -6.47 -1.54
CA PRO A 109 5.21 -7.24 -1.47
C PRO A 109 5.04 -8.50 -0.64
N PRO A 110 5.98 -9.41 -0.79
CA PRO A 110 5.95 -10.66 -0.05
C PRO A 110 6.03 -10.42 1.46
N GLY A 111 5.35 -11.26 2.21
CA GLY A 111 5.38 -11.08 3.70
C GLY A 111 4.02 -11.39 4.33
N GLN A 112 3.77 -10.77 5.47
CA GLN A 112 2.48 -10.98 6.18
C GLN A 112 1.81 -9.66 6.51
N TYR A 113 0.52 -9.68 6.73
CA TYR A 113 -0.19 -8.43 7.07
C TYR A 113 -1.34 -8.68 8.03
N THR A 114 -1.65 -7.68 8.81
CA THR A 114 -2.75 -7.82 9.79
C THR A 114 -4.00 -7.10 9.32
N GLN A 115 -5.03 -7.19 10.10
CA GLN A 115 -6.31 -6.52 9.74
C GLN A 115 -6.24 -5.03 10.03
N ALA A 116 -5.16 -4.42 9.66
CA ALA A 116 -5.01 -2.96 9.91
C ALA A 116 -4.29 -2.29 8.74
N GLU A 117 -3.07 -2.70 8.53
CA GLU A 117 -2.31 -2.09 7.42
C GLU A 117 -2.81 -2.61 6.11
N LEU A 118 -2.83 -3.92 6.00
CA LEU A 118 -3.31 -4.57 4.75
C LEU A 118 -4.36 -3.71 4.07
N GLU A 119 -5.47 -3.58 4.73
CA GLU A 119 -6.55 -2.76 4.16
C GLU A 119 -6.09 -1.33 3.93
N ARG A 120 -5.70 -0.68 5.00
CA ARG A 120 -5.24 0.73 4.85
C ARG A 120 -3.82 0.81 4.25
N TYR A 121 -3.45 -0.20 3.49
CA TYR A 121 -2.09 -0.19 2.87
C TYR A 121 -2.17 -0.43 1.38
N GLY A 122 -3.27 -0.95 0.94
CA GLY A 122 -3.41 -1.20 -0.51
C GLY A 122 -4.87 -1.23 -0.94
N ILE A 123 -5.71 -1.58 -0.02
CA ILE A 123 -7.16 -1.64 -0.37
C ILE A 123 -8.02 -1.35 0.85
N ASP A 124 -8.74 -2.33 1.33
CA ASP A 124 -9.60 -2.09 2.52
C ASP A 124 -10.09 -3.38 3.16
N ASN A 125 -11.07 -3.23 4.02
CA ASN A 125 -11.64 -4.42 4.72
C ASN A 125 -12.37 -5.40 3.79
N ASN A 126 -13.67 -5.37 3.85
CA ASN A 126 -14.50 -6.29 3.01
C ASN A 126 -14.41 -5.98 1.51
N THR A 127 -13.29 -5.52 1.07
CA THR A 127 -13.16 -5.23 -0.39
C THR A 127 -12.73 -6.47 -1.13
N ILE A 128 -11.47 -6.51 -1.50
CA ILE A 128 -10.93 -7.68 -2.24
C ILE A 128 -11.90 -8.18 -3.30
N SER A 129 -11.65 -9.41 -3.75
CA SER A 129 -12.49 -10.06 -4.79
C SER A 129 -11.63 -11.05 -5.58
N SER A 130 -11.14 -10.61 -6.71
CA SER A 130 -10.30 -11.51 -7.52
C SER A 130 -8.83 -11.35 -7.13
N VAL A 131 -8.10 -12.45 -7.15
CA VAL A 131 -6.65 -12.39 -6.78
C VAL A 131 -5.75 -12.86 -7.91
N LYS A 132 -4.56 -12.34 -7.92
CA LYS A 132 -3.59 -12.72 -8.97
C LYS A 132 -2.16 -12.64 -8.40
N PRO A 133 -1.55 -13.80 -8.17
CA PRO A 133 -0.20 -13.83 -7.62
C PRO A 133 0.82 -13.40 -8.67
N GLN A 134 1.09 -12.12 -8.70
CA GLN A 134 2.06 -11.59 -9.68
C GLN A 134 3.36 -12.38 -9.71
N GLY A 135 3.55 -13.22 -8.73
CA GLY A 135 4.83 -14.01 -8.72
C GLY A 135 4.88 -14.98 -7.53
N LEU A 136 4.38 -14.55 -6.39
CA LEU A 136 4.40 -15.46 -5.20
C LEU A 136 3.03 -15.97 -4.91
N ALA A 137 2.96 -17.01 -4.11
CA ALA A 137 1.62 -17.56 -3.78
C ALA A 137 0.97 -16.73 -2.70
N VAL A 138 -0.35 -16.65 -2.74
CA VAL A 138 -1.06 -15.84 -1.72
C VAL A 138 -1.90 -16.72 -0.80
N VAL A 139 -2.06 -16.25 0.41
CA VAL A 139 -2.86 -17.02 1.39
C VAL A 139 -3.79 -16.07 2.16
N LEU A 140 -5.06 -16.40 2.21
CA LEU A 140 -6.04 -15.53 2.93
C LEU A 140 -6.48 -16.13 4.25
N PHE A 141 -6.59 -15.28 5.25
CA PHE A 141 -7.02 -15.75 6.60
C PHE A 141 -8.30 -15.06 7.03
N LYS A 142 -9.22 -15.84 7.53
CA LYS A 142 -10.52 -15.26 7.98
C LYS A 142 -10.36 -14.48 9.27
N ASN A 143 -10.15 -15.20 10.35
CA ASN A 143 -9.98 -14.51 11.64
C ASN A 143 -8.76 -13.61 11.64
N ASP A 144 -8.72 -12.69 12.56
CA ASP A 144 -7.56 -11.77 12.63
C ASP A 144 -6.28 -12.54 12.89
N ASN A 145 -5.26 -11.82 13.32
CA ASN A 145 -3.94 -12.48 13.61
C ASN A 145 -3.71 -13.68 12.72
N PHE A 146 -4.15 -13.57 11.51
CA PHE A 146 -3.97 -14.68 10.55
C PHE A 146 -4.24 -16.03 11.20
N SER A 147 -5.46 -16.20 11.65
CA SER A 147 -5.83 -17.48 12.31
C SER A 147 -7.22 -17.94 11.88
N GLY A 148 -7.61 -19.10 12.33
CA GLY A 148 -8.96 -19.62 11.96
C GLY A 148 -8.91 -20.25 10.56
N ASP A 149 -10.05 -20.39 9.94
CA ASP A 149 -10.06 -21.00 8.59
C ASP A 149 -9.23 -20.17 7.62
N THR A 150 -8.83 -20.76 6.52
CA THR A 150 -8.01 -19.99 5.54
C THR A 150 -8.24 -20.49 4.12
N LEU A 151 -7.86 -19.66 3.18
CA LEU A 151 -8.01 -20.04 1.74
C LEU A 151 -6.68 -19.82 1.01
N PRO A 152 -5.84 -20.83 1.06
CA PRO A 152 -4.53 -20.77 0.41
C PRO A 152 -4.64 -20.63 -1.11
N VAL A 153 -4.32 -19.46 -1.61
CA VAL A 153 -4.40 -19.24 -3.08
C VAL A 153 -3.11 -19.71 -3.73
N ASN A 154 -3.06 -20.98 -4.02
CA ASN A 154 -1.84 -21.54 -4.65
C ASN A 154 -1.46 -20.83 -5.95
N SER A 155 -2.41 -20.23 -6.63
CA SER A 155 -2.03 -19.55 -7.91
C SER A 155 -3.10 -18.56 -8.39
N ASP A 156 -3.21 -18.45 -9.68
CA ASP A 156 -4.20 -17.52 -10.29
C ASP A 156 -5.62 -17.77 -9.79
N ALA A 157 -6.35 -16.69 -9.65
CA ALA A 157 -7.75 -16.78 -9.19
C ALA A 157 -8.47 -15.47 -9.46
N PRO A 158 -8.63 -15.18 -10.73
CA PRO A 158 -9.31 -13.95 -11.18
C PRO A 158 -10.80 -13.95 -10.82
N THR A 159 -11.15 -14.63 -9.77
CA THR A 159 -12.58 -14.65 -9.38
C THR A 159 -12.77 -15.28 -8.00
N LEU A 160 -13.60 -14.66 -7.21
CA LEU A 160 -13.84 -15.20 -5.85
C LEU A 160 -15.24 -14.81 -5.38
N GLY A 161 -15.40 -13.58 -4.99
CA GLY A 161 -16.75 -13.13 -4.51
C GLY A 161 -17.07 -13.75 -3.16
N ALA A 162 -16.30 -13.40 -2.17
CA ALA A 162 -16.54 -13.96 -0.82
C ALA A 162 -16.63 -15.48 -0.84
N MET A 163 -15.50 -16.12 -0.65
CA MET A 163 -15.50 -17.60 -0.67
C MET A 163 -15.95 -18.14 0.69
N ASN A 164 -15.18 -17.86 1.71
CA ASN A 164 -15.54 -18.33 3.06
C ASN A 164 -16.40 -17.31 3.78
N ASN A 165 -15.90 -16.10 3.86
CA ASN A 165 -16.68 -15.04 4.56
C ASN A 165 -16.06 -13.67 4.30
N ASN A 166 -14.91 -13.45 4.88
CA ASN A 166 -14.23 -12.13 4.68
C ASN A 166 -12.74 -12.23 5.01
N THR A 167 -11.96 -11.41 4.37
CA THR A 167 -10.49 -11.43 4.64
C THR A 167 -10.14 -10.51 5.80
N SER A 168 -9.14 -10.89 6.54
CA SER A 168 -8.71 -10.06 7.69
C SER A 168 -7.19 -9.96 7.70
N SER A 169 -6.56 -11.06 7.38
CA SER A 169 -5.08 -11.07 7.36
C SER A 169 -4.60 -11.84 6.14
N ILE A 170 -3.39 -11.59 5.73
CA ILE A 170 -2.88 -12.31 4.54
C ILE A 170 -1.41 -12.61 4.65
N ARG A 171 -1.01 -13.60 3.92
CA ARG A 171 0.41 -13.99 3.93
C ARG A 171 0.85 -14.30 2.52
N ILE A 172 1.68 -13.46 1.98
CA ILE A 172 2.16 -13.69 0.61
C ILE A 172 3.39 -14.58 0.63
N SER A 173 3.19 -15.86 0.46
CA SER A 173 4.34 -16.79 0.46
C SER A 173 5.04 -16.78 -0.90
N MET A 1 13.83 4.85 -12.77
CA MET A 1 14.41 3.84 -11.82
C MET A 1 13.60 3.83 -10.53
N ALA A 2 13.29 4.99 -10.03
CA ALA A 2 12.51 5.04 -8.77
C ALA A 2 12.00 6.46 -8.51
N ASN A 3 10.76 6.56 -8.11
CA ASN A 3 10.17 7.89 -7.83
C ASN A 3 8.75 7.74 -7.30
N ILE A 4 8.55 8.09 -6.07
CA ILE A 4 7.19 7.97 -5.49
C ILE A 4 6.32 9.13 -5.96
N THR A 5 5.02 8.95 -5.87
CA THR A 5 4.09 10.03 -6.31
C THR A 5 2.95 10.16 -5.33
N VAL A 6 2.74 11.35 -4.84
CA VAL A 6 1.64 11.57 -3.88
C VAL A 6 0.39 12.07 -4.57
N PHE A 7 -0.70 12.06 -3.84
CA PHE A 7 -1.98 12.52 -4.41
C PHE A 7 -2.68 13.45 -3.41
N TYR A 8 -3.25 14.52 -3.91
CA TYR A 8 -3.94 15.47 -3.01
C TYR A 8 -5.12 14.85 -2.27
N ASN A 9 -6.04 14.29 -3.02
CA ASN A 9 -7.21 13.68 -2.35
C ASN A 9 -6.99 12.21 -2.09
N GLU A 10 -7.85 11.66 -1.28
CA GLU A 10 -7.71 10.24 -0.97
C GLU A 10 -8.28 9.39 -2.08
N ASP A 11 -7.87 8.15 -2.11
CA ASP A 11 -8.36 7.22 -3.16
C ASP A 11 -7.57 7.40 -4.46
N PHE A 12 -6.28 7.60 -4.36
CA PHE A 12 -5.47 7.78 -5.59
C PHE A 12 -5.94 8.97 -6.45
N GLN A 13 -6.92 9.70 -5.97
CA GLN A 13 -7.41 10.87 -6.76
C GLN A 13 -6.90 12.20 -6.20
N GLY A 14 -7.02 13.24 -6.99
CA GLY A 14 -6.54 14.58 -6.53
C GLY A 14 -5.14 14.85 -7.08
N LYS A 15 -4.95 16.04 -7.64
CA LYS A 15 -3.62 16.41 -8.21
C LYS A 15 -2.48 15.71 -7.51
N GLN A 16 -1.55 15.21 -8.29
CA GLN A 16 -0.39 14.49 -7.70
C GLN A 16 0.93 15.23 -7.94
N VAL A 17 1.95 14.73 -7.30
CA VAL A 17 3.28 15.36 -7.44
C VAL A 17 4.36 14.27 -7.41
N ASP A 18 5.41 14.48 -8.16
CA ASP A 18 6.50 13.46 -8.18
C ASP A 18 7.57 13.74 -7.12
N LEU A 19 7.86 12.74 -6.33
CA LEU A 19 8.89 12.90 -5.26
C LEU A 19 10.06 11.93 -5.50
N PRO A 20 11.21 12.45 -5.94
CA PRO A 20 12.37 11.60 -6.19
C PRO A 20 12.88 10.96 -4.90
N PRO A 21 13.74 9.97 -5.04
CA PRO A 21 14.32 9.27 -3.90
C PRO A 21 15.13 10.21 -3.03
N GLY A 22 15.64 9.70 -1.93
CA GLY A 22 16.44 10.56 -1.03
C GLY A 22 15.62 11.00 0.19
N ASN A 23 16.16 11.95 0.92
CA ASN A 23 15.45 12.45 2.12
C ASN A 23 14.95 13.88 1.90
N TYR A 24 13.78 14.18 2.41
CA TYR A 24 13.25 15.55 2.24
C TYR A 24 12.22 15.89 3.31
N THR A 25 12.10 17.17 3.61
CA THR A 25 11.14 17.62 4.65
C THR A 25 10.30 18.79 4.14
N ARG A 26 9.76 19.52 5.05
CA ARG A 26 8.93 20.68 4.64
C ARG A 26 9.73 21.66 3.79
N ALA A 27 11.01 21.71 4.01
CA ALA A 27 11.84 22.65 3.21
C ALA A 27 11.81 22.28 1.74
N GLN A 28 12.15 21.06 1.44
CA GLN A 28 12.13 20.64 0.03
C GLN A 28 10.80 20.96 -0.59
N LEU A 29 9.75 20.58 0.07
CA LEU A 29 8.41 20.86 -0.49
C LEU A 29 8.26 22.35 -0.66
N ALA A 30 8.75 23.10 0.28
CA ALA A 30 8.64 24.56 0.17
C ALA A 30 9.09 24.96 -1.21
N ALA A 31 9.99 24.18 -1.75
CA ALA A 31 10.49 24.49 -3.10
C ALA A 31 9.54 23.95 -4.17
N LEU A 32 8.89 22.86 -3.86
CA LEU A 32 7.94 22.26 -4.83
C LEU A 32 6.61 22.98 -4.82
N GLY A 33 5.73 22.57 -3.94
CA GLY A 33 4.40 23.23 -3.87
C GLY A 33 3.50 22.54 -2.83
N ILE A 34 3.75 21.27 -2.60
CA ILE A 34 2.92 20.55 -1.61
C ILE A 34 3.39 20.88 -0.20
N GLU A 35 2.81 20.23 0.79
CA GLU A 35 3.24 20.52 2.19
C GLU A 35 2.43 19.74 3.24
N ASN A 36 3.10 18.84 3.92
CA ASN A 36 2.42 18.03 4.96
C ASN A 36 1.04 17.55 4.51
N ASN A 37 0.01 18.15 5.06
CA ASN A 37 -1.38 17.76 4.69
C ASN A 37 -1.60 17.72 3.18
N THR A 38 -1.49 16.56 2.61
CA THR A 38 -1.69 16.42 1.14
C THR A 38 -1.29 15.04 0.66
N ILE A 39 -0.52 14.35 1.46
CA ILE A 39 -0.10 12.99 1.05
C ILE A 39 -1.26 12.05 1.24
N SER A 40 -2.41 12.59 1.03
CA SER A 40 -3.65 11.80 1.17
C SER A 40 -3.47 10.38 0.65
N SER A 41 -3.21 10.25 -0.64
CA SER A 41 -3.01 8.90 -1.25
C SER A 41 -1.58 8.79 -1.77
N VAL A 42 -1.12 7.59 -2.06
CA VAL A 42 0.29 7.47 -2.57
C VAL A 42 0.48 6.31 -3.55
N LYS A 43 1.50 6.45 -4.35
CA LYS A 43 1.83 5.41 -5.36
C LYS A 43 3.33 5.19 -5.40
N VAL A 44 3.77 4.03 -4.93
CA VAL A 44 5.24 3.73 -4.93
C VAL A 44 5.55 2.32 -5.48
N PRO A 45 6.08 2.25 -6.70
CA PRO A 45 6.41 0.95 -7.32
C PRO A 45 7.62 0.29 -6.64
N PRO A 46 7.88 -0.95 -7.02
CA PRO A 46 9.00 -1.72 -6.45
C PRO A 46 10.34 -1.07 -6.78
N GLY A 47 11.42 -1.77 -6.51
CA GLY A 47 12.75 -1.19 -6.81
C GLY A 47 13.17 -0.21 -5.71
N VAL A 48 12.23 0.17 -4.89
CA VAL A 48 12.57 1.12 -3.81
C VAL A 48 11.65 0.96 -2.62
N LYS A 49 12.13 1.39 -1.48
CA LYS A 49 11.33 1.30 -0.23
C LYS A 49 11.20 2.69 0.39
N ALA A 50 9.99 3.16 0.53
CA ALA A 50 9.79 4.51 1.13
C ALA A 50 9.35 4.43 2.57
N ILE A 51 9.64 5.48 3.29
CA ILE A 51 9.25 5.54 4.72
C ILE A 51 8.74 6.93 5.05
N LEU A 52 7.52 7.02 5.49
CA LEU A 52 6.97 8.37 5.82
C LEU A 52 7.11 8.70 7.31
N TYR A 53 7.14 9.99 7.58
CA TYR A 53 7.27 10.44 8.99
C TYR A 53 6.26 11.55 9.28
N GLN A 54 5.34 11.24 10.17
CA GLN A 54 4.31 12.25 10.53
C GLN A 54 4.93 13.56 10.96
N ASN A 55 5.58 13.55 12.10
CA ASN A 55 6.21 14.81 12.58
C ASN A 55 7.41 15.18 11.72
N ASP A 56 7.52 16.44 11.41
CA ASP A 56 8.65 16.90 10.57
C ASP A 56 9.98 16.42 11.16
N GLY A 57 11.02 16.52 10.38
CA GLY A 57 12.34 16.07 10.89
C GLY A 57 12.41 14.55 10.94
N PHE A 58 11.67 13.91 10.07
CA PHE A 58 11.68 12.42 10.06
C PHE A 58 11.31 11.86 11.43
N ALA A 59 10.24 12.37 11.98
CA ALA A 59 9.80 11.88 13.32
C ALA A 59 8.30 11.58 13.33
N GLY A 60 7.76 11.32 14.49
CA GLY A 60 6.31 11.02 14.58
C GLY A 60 6.05 9.61 14.04
N ASP A 61 4.83 9.15 14.20
CA ASP A 61 4.50 7.79 13.70
C ASP A 61 5.11 7.57 12.32
N GLN A 62 6.01 6.64 12.24
CA GLN A 62 6.65 6.36 10.94
C GLN A 62 5.88 5.31 10.15
N ILE A 63 6.04 5.37 8.85
CA ILE A 63 5.33 4.39 7.98
C ILE A 63 6.30 3.78 7.02
N GLU A 64 5.89 2.73 6.38
CA GLU A 64 6.79 2.07 5.41
C GLU A 64 5.98 1.52 4.25
N VAL A 65 6.41 1.82 3.05
CA VAL A 65 5.66 1.31 1.89
C VAL A 65 6.58 1.02 0.71
N VAL A 66 6.10 0.17 -0.15
CA VAL A 66 6.88 -0.21 -1.34
C VAL A 66 5.92 -0.41 -2.50
N ALA A 67 4.67 -0.27 -2.17
CA ALA A 67 3.60 -0.43 -3.18
C ALA A 67 2.73 0.82 -3.20
N ASN A 68 1.55 0.68 -3.71
CA ASN A 68 0.65 1.86 -3.76
C ASN A 68 -0.26 1.88 -2.55
N ALA A 69 -0.15 2.93 -1.77
CA ALA A 69 -1.00 3.03 -0.55
C ALA A 69 -2.31 3.74 -0.90
N GLU A 70 -3.33 2.97 -1.16
CA GLU A 70 -4.63 3.58 -1.51
C GLU A 70 -5.05 4.59 -0.44
N GLU A 71 -5.42 4.09 0.69
CA GLU A 71 -5.85 5.00 1.78
C GLU A 71 -4.66 5.42 2.66
N LEU A 72 -3.49 4.96 2.29
CA LEU A 72 -2.28 5.32 3.09
C LEU A 72 -2.39 4.83 4.53
N GLY A 73 -2.93 5.67 5.39
CA GLY A 73 -3.08 5.25 6.82
C GLY A 73 -3.78 6.35 7.64
N PRO A 74 -3.78 6.17 8.94
CA PRO A 74 -4.41 7.12 9.85
C PRO A 74 -3.69 8.47 9.89
N LEU A 75 -2.41 8.45 10.19
CA LEU A 75 -1.65 9.72 10.25
C LEU A 75 -1.57 10.38 8.87
N ASN A 76 -2.46 10.00 8.00
CA ASN A 76 -2.44 10.59 6.64
C ASN A 76 -2.98 12.01 6.67
N ASN A 77 -3.67 12.33 7.74
CA ASN A 77 -4.24 13.69 7.86
C ASN A 77 -3.15 14.69 8.27
N ASN A 78 -1.93 14.22 8.34
CA ASN A 78 -0.82 15.13 8.72
C ASN A 78 0.53 14.48 8.46
N VAL A 79 1.27 15.07 7.54
CA VAL A 79 2.62 14.51 7.21
C VAL A 79 3.66 15.64 7.19
N SER A 80 4.86 15.34 6.74
CA SER A 80 5.89 16.41 6.72
C SER A 80 7.21 15.94 6.09
N SER A 81 7.75 14.83 6.57
CA SER A 81 9.04 14.33 6.00
C SER A 81 8.95 12.90 5.50
N ILE A 82 9.91 12.53 4.68
CA ILE A 82 9.91 11.14 4.14
C ILE A 82 11.35 10.67 3.89
N ARG A 83 11.53 9.37 3.90
CA ARG A 83 12.87 8.79 3.66
C ARG A 83 12.78 7.67 2.62
N VAL A 84 13.39 7.87 1.48
CA VAL A 84 13.34 6.81 0.42
C VAL A 84 14.72 6.35 0.02
N ILE A 85 14.86 5.06 -0.11
CA ILE A 85 16.17 4.50 -0.50
C ILE A 85 15.98 3.28 -1.40
N SER A 86 16.62 3.31 -2.54
CA SER A 86 16.48 2.15 -3.48
C SER A 86 16.48 0.82 -2.72
N VAL A 87 15.67 -0.10 -3.17
CA VAL A 87 15.61 -1.43 -2.50
C VAL A 87 15.64 -2.56 -3.53
N PRO A 88 16.38 -3.63 -3.24
CA PRO A 88 16.49 -4.75 -4.17
C PRO A 88 15.11 -5.19 -4.67
N VAL A 89 15.03 -5.45 -5.95
CA VAL A 89 13.74 -5.88 -6.54
C VAL A 89 13.13 -7.06 -5.81
N GLN A 90 11.83 -7.02 -5.67
CA GLN A 90 11.11 -8.12 -4.99
C GLN A 90 9.73 -8.35 -5.63
N PRO A 91 9.41 -9.60 -5.96
CA PRO A 91 8.12 -9.90 -6.59
C PRO A 91 6.95 -9.46 -5.70
N ARG A 92 5.79 -9.97 -5.99
CA ARG A 92 4.59 -9.59 -5.19
C ARG A 92 3.37 -10.32 -5.72
N ALA A 93 2.24 -9.77 -5.41
CA ALA A 93 0.97 -10.39 -5.87
C ALA A 93 0.05 -9.30 -6.37
N ARG A 94 -1.01 -9.67 -7.06
CA ARG A 94 -1.95 -8.63 -7.58
C ARG A 94 -3.35 -8.82 -7.03
N PHE A 95 -3.97 -7.73 -6.72
CA PHE A 95 -5.34 -7.76 -6.18
C PHE A 95 -6.22 -6.78 -6.94
N PHE A 96 -7.22 -7.29 -7.59
CA PHE A 96 -8.12 -6.38 -8.36
C PHE A 96 -9.18 -5.76 -7.48
N TYR A 97 -9.92 -4.85 -8.03
CA TYR A 97 -10.99 -4.18 -7.23
C TYR A 97 -12.35 -4.84 -7.43
N LYS A 98 -12.91 -4.66 -8.60
CA LYS A 98 -14.24 -5.27 -8.88
C LYS A 98 -14.22 -6.80 -8.82
N GLU A 99 -15.39 -7.38 -8.74
CA GLU A 99 -15.47 -8.87 -8.66
C GLU A 99 -15.58 -9.45 -10.08
N GLN A 100 -14.54 -9.24 -10.84
CA GLN A 100 -14.51 -9.75 -12.24
C GLN A 100 -13.16 -9.44 -12.83
N PHE A 101 -12.12 -9.80 -12.11
CA PHE A 101 -10.75 -9.54 -12.61
C PHE A 101 -10.67 -8.17 -13.24
N ASP A 102 -11.26 -7.21 -12.56
CA ASP A 102 -11.25 -5.82 -13.07
C ASP A 102 -11.13 -4.83 -11.92
N GLY A 103 -10.97 -3.58 -12.24
CA GLY A 103 -10.84 -2.56 -11.16
C GLY A 103 -9.37 -2.37 -10.79
N LYS A 104 -8.99 -1.13 -10.53
CA LYS A 104 -7.56 -0.82 -10.16
C LYS A 104 -6.88 -2.00 -9.48
N GLU A 105 -5.72 -2.34 -9.97
CA GLU A 105 -4.97 -3.48 -9.37
C GLU A 105 -3.90 -3.00 -8.40
N VAL A 106 -4.02 -3.43 -7.17
CA VAL A 106 -3.02 -3.03 -6.15
C VAL A 106 -2.07 -4.18 -5.88
N ASP A 107 -0.79 -3.90 -5.90
CA ASP A 107 0.21 -4.98 -5.65
C ASP A 107 0.79 -4.89 -4.24
N LEU A 108 1.14 -6.05 -3.71
CA LEU A 108 1.73 -6.09 -2.35
C LEU A 108 2.91 -7.09 -2.31
N PRO A 109 4.11 -6.61 -1.91
CA PRO A 109 5.30 -7.48 -1.84
C PRO A 109 5.13 -8.59 -0.78
N PRO A 110 6.03 -9.55 -0.82
CA PRO A 110 6.02 -10.67 0.12
C PRO A 110 6.02 -10.21 1.56
N GLY A 111 5.55 -11.07 2.44
CA GLY A 111 5.52 -10.70 3.89
C GLY A 111 4.15 -11.00 4.50
N GLN A 112 4.03 -10.72 5.77
CA GLN A 112 2.75 -10.97 6.48
C GLN A 112 2.07 -9.64 6.83
N TYR A 113 0.77 -9.68 7.01
CA TYR A 113 0.06 -8.42 7.35
C TYR A 113 -1.09 -8.68 8.31
N THR A 114 -1.43 -7.67 9.07
CA THR A 114 -2.52 -7.82 10.05
C THR A 114 -3.84 -7.26 9.52
N GLN A 115 -4.75 -7.00 10.42
CA GLN A 115 -6.08 -6.45 10.02
C GLN A 115 -6.14 -4.95 10.28
N ALA A 116 -5.20 -4.24 9.74
CA ALA A 116 -5.17 -2.76 9.93
C ALA A 116 -4.33 -2.11 8.84
N GLU A 117 -3.07 -2.45 8.81
CA GLU A 117 -2.19 -1.86 7.80
C GLU A 117 -2.57 -2.41 6.45
N LEU A 118 -2.66 -3.71 6.40
CA LEU A 118 -3.03 -4.39 5.14
C LEU A 118 -4.09 -3.59 4.41
N GLU A 119 -5.25 -3.56 4.98
CA GLU A 119 -6.36 -2.82 4.37
C GLU A 119 -5.94 -1.44 3.95
N ARG A 120 -5.63 -0.63 4.91
CA ARG A 120 -5.21 0.76 4.60
C ARG A 120 -3.83 0.84 3.92
N TYR A 121 -3.23 -0.29 3.62
CA TYR A 121 -1.88 -0.24 2.97
C TYR A 121 -1.99 -0.42 1.49
N GLY A 122 -3.08 -0.94 1.04
CA GLY A 122 -3.22 -1.12 -0.42
C GLY A 122 -4.65 -1.41 -0.80
N ILE A 123 -5.47 -1.67 0.17
CA ILE A 123 -6.88 -1.95 -0.14
C ILE A 123 -7.81 -1.50 0.98
N ASP A 124 -8.63 -2.39 1.46
CA ASP A 124 -9.56 -2.03 2.55
C ASP A 124 -9.96 -3.26 3.36
N ASN A 125 -11.03 -3.13 4.10
CA ASN A 125 -11.48 -4.28 4.93
C ASN A 125 -12.09 -5.39 4.08
N ASN A 126 -12.76 -5.02 3.04
CA ASN A 126 -13.38 -6.06 2.17
C ASN A 126 -13.67 -5.54 0.76
N THR A 127 -12.79 -5.87 -0.16
CA THR A 127 -12.98 -5.41 -1.57
C THR A 127 -11.88 -5.97 -2.46
N ILE A 128 -11.31 -7.06 -2.04
CA ILE A 128 -10.23 -7.69 -2.84
C ILE A 128 -10.79 -8.51 -4.00
N SER A 129 -11.57 -9.50 -3.67
CA SER A 129 -12.18 -10.36 -4.72
C SER A 129 -11.12 -11.06 -5.60
N SER A 130 -11.25 -10.87 -6.88
CA SER A 130 -10.29 -11.50 -7.84
C SER A 130 -8.83 -11.18 -7.54
N VAL A 131 -8.04 -12.22 -7.42
CA VAL A 131 -6.59 -12.06 -7.13
C VAL A 131 -5.76 -12.72 -8.23
N LYS A 132 -4.54 -12.29 -8.35
CA LYS A 132 -3.68 -12.88 -9.39
C LYS A 132 -2.21 -12.75 -8.98
N PRO A 133 -1.69 -13.79 -8.33
CA PRO A 133 -0.30 -13.78 -7.90
C PRO A 133 0.62 -13.47 -9.05
N GLN A 134 1.41 -12.46 -8.87
CA GLN A 134 2.35 -12.07 -9.92
C GLN A 134 3.69 -12.78 -9.79
N GLY A 135 3.99 -13.26 -8.62
CA GLY A 135 5.29 -13.96 -8.45
C GLY A 135 5.31 -14.86 -7.19
N LEU A 136 4.56 -14.49 -6.18
CA LEU A 136 4.56 -15.33 -4.93
C LEU A 136 3.17 -15.83 -4.62
N ALA A 137 3.10 -16.86 -3.84
CA ALA A 137 1.76 -17.40 -3.48
C ALA A 137 1.12 -16.56 -2.39
N VAL A 138 -0.18 -16.46 -2.42
CA VAL A 138 -0.90 -15.66 -1.40
C VAL A 138 -1.80 -16.52 -0.54
N VAL A 139 -1.96 -16.11 0.70
CA VAL A 139 -2.82 -16.88 1.63
C VAL A 139 -3.75 -15.92 2.38
N LEU A 140 -5.02 -16.22 2.37
CA LEU A 140 -5.99 -15.34 3.08
C LEU A 140 -6.43 -15.93 4.42
N PHE A 141 -6.50 -15.07 5.42
CA PHE A 141 -6.92 -15.54 6.77
C PHE A 141 -8.16 -14.82 7.22
N LYS A 142 -9.12 -15.59 7.63
CA LYS A 142 -10.38 -15.00 8.10
C LYS A 142 -10.29 -14.61 9.56
N ASN A 143 -10.10 -13.32 9.77
CA ASN A 143 -10.00 -12.72 11.16
C ASN A 143 -8.54 -12.40 11.51
N ASP A 144 -8.38 -11.71 12.60
CA ASP A 144 -7.01 -11.33 13.05
C ASP A 144 -6.01 -12.48 13.00
N ASN A 145 -4.76 -12.12 13.21
CA ASN A 145 -3.62 -13.11 13.19
C ASN A 145 -4.05 -14.55 13.00
N PHE A 146 -4.57 -14.85 11.85
CA PHE A 146 -5.00 -16.25 11.59
C PHE A 146 -5.88 -16.77 12.71
N SER A 147 -7.03 -16.14 12.88
CA SER A 147 -7.97 -16.58 13.96
C SER A 147 -9.26 -17.13 13.36
N GLY A 148 -9.10 -17.95 12.36
CA GLY A 148 -10.30 -18.55 11.71
C GLY A 148 -9.87 -19.39 10.50
N ASP A 149 -10.81 -19.79 9.70
CA ASP A 149 -10.46 -20.61 8.51
C ASP A 149 -9.55 -19.81 7.57
N THR A 150 -9.13 -20.43 6.51
CA THR A 150 -8.24 -19.72 5.55
C THR A 150 -8.42 -20.24 4.13
N LEU A 151 -7.75 -19.59 3.21
CA LEU A 151 -7.85 -19.99 1.80
C LEU A 151 -6.51 -19.73 1.09
N PRO A 152 -5.64 -20.73 1.09
CA PRO A 152 -4.33 -20.60 0.46
C PRO A 152 -4.43 -20.45 -1.06
N VAL A 153 -4.13 -19.28 -1.54
CA VAL A 153 -4.20 -19.06 -3.02
C VAL A 153 -2.94 -19.59 -3.68
N ASN A 154 -2.99 -20.83 -4.06
CA ASN A 154 -1.81 -21.46 -4.72
C ASN A 154 -1.48 -20.82 -6.08
N SER A 155 -2.44 -20.16 -6.67
CA SER A 155 -2.14 -19.54 -7.98
C SER A 155 -3.23 -18.55 -8.44
N ASP A 156 -3.43 -18.49 -9.74
CA ASP A 156 -4.46 -17.57 -10.30
C ASP A 156 -5.82 -17.72 -9.63
N ALA A 157 -6.55 -16.62 -9.61
CA ALA A 157 -7.89 -16.63 -9.00
C ALA A 157 -8.61 -15.34 -9.37
N PRO A 158 -8.90 -15.20 -10.63
CA PRO A 158 -9.57 -14.02 -11.17
C PRO A 158 -10.98 -13.81 -10.61
N THR A 159 -11.25 -14.36 -9.46
CA THR A 159 -12.60 -14.18 -8.89
C THR A 159 -12.76 -14.95 -7.58
N LEU A 160 -12.47 -14.28 -6.50
CA LEU A 160 -12.60 -14.94 -5.18
C LEU A 160 -13.96 -14.63 -4.57
N GLY A 161 -14.54 -13.54 -5.00
CA GLY A 161 -15.88 -13.16 -4.46
C GLY A 161 -16.78 -14.39 -4.37
N ALA A 162 -16.80 -15.00 -3.23
CA ALA A 162 -17.64 -16.21 -3.04
C ALA A 162 -17.19 -16.97 -1.80
N MET A 163 -16.19 -16.45 -1.16
CA MET A 163 -15.66 -17.11 0.06
C MET A 163 -15.05 -16.07 0.99
N ASN A 164 -14.63 -14.98 0.41
CA ASN A 164 -14.03 -13.90 1.23
C ASN A 164 -15.07 -13.25 2.14
N ASN A 165 -15.10 -13.67 3.37
CA ASN A 165 -16.07 -13.09 4.32
C ASN A 165 -15.53 -11.78 4.89
N ASN A 166 -14.25 -11.78 5.18
CA ASN A 166 -13.64 -10.54 5.75
C ASN A 166 -12.13 -10.70 5.85
N THR A 167 -11.47 -10.84 4.72
CA THR A 167 -9.99 -11.00 4.75
C THR A 167 -9.37 -10.08 5.78
N SER A 168 -9.07 -10.62 6.92
CA SER A 168 -8.46 -9.80 7.99
C SER A 168 -6.94 -9.76 7.88
N SER A 169 -6.33 -10.93 7.88
CA SER A 169 -4.84 -10.98 7.76
C SER A 169 -4.42 -11.79 6.55
N ILE A 170 -3.23 -11.53 6.07
CA ILE A 170 -2.74 -12.28 4.88
C ILE A 170 -1.29 -12.65 5.02
N ARG A 171 -0.89 -13.55 4.18
CA ARG A 171 0.51 -13.99 4.21
C ARG A 171 0.99 -14.33 2.81
N ILE A 172 1.80 -13.48 2.26
CA ILE A 172 2.31 -13.74 0.91
C ILE A 172 3.56 -14.60 1.00
N SER A 173 3.38 -15.89 0.86
CA SER A 173 4.55 -16.81 0.94
C SER A 173 5.25 -16.91 -0.42
N MET A 1 16.66 6.20 -11.16
CA MET A 1 15.85 7.43 -11.16
C MET A 1 14.39 7.10 -10.85
N ALA A 2 14.18 6.35 -9.81
CA ALA A 2 12.78 5.98 -9.46
C ALA A 2 11.97 7.23 -9.10
N ASN A 3 10.76 7.03 -8.69
CA ASN A 3 9.92 8.20 -8.33
C ASN A 3 8.63 7.76 -7.64
N ILE A 4 8.54 8.01 -6.36
CA ILE A 4 7.31 7.62 -5.62
C ILE A 4 6.19 8.63 -5.90
N THR A 5 5.05 8.12 -6.29
CA THR A 5 3.91 9.04 -6.59
C THR A 5 2.92 9.08 -5.44
N VAL A 6 2.24 10.19 -5.32
CA VAL A 6 1.24 10.33 -4.23
C VAL A 6 0.01 11.04 -4.73
N PHE A 7 -1.02 11.03 -3.90
CA PHE A 7 -2.29 11.70 -4.30
C PHE A 7 -2.75 12.64 -3.19
N TYR A 8 -3.49 13.64 -3.57
CA TYR A 8 -3.98 14.62 -2.55
C TYR A 8 -5.17 14.11 -1.74
N ASN A 9 -6.23 13.81 -2.42
CA ASN A 9 -7.44 13.30 -1.70
C ASN A 9 -7.33 11.83 -1.39
N GLU A 10 -8.35 11.31 -0.79
CA GLU A 10 -8.36 9.88 -0.44
C GLU A 10 -8.55 9.01 -1.69
N ASP A 11 -8.55 7.73 -1.49
CA ASP A 11 -8.74 6.79 -2.64
C ASP A 11 -7.96 7.26 -3.87
N PHE A 12 -6.65 7.23 -3.76
CA PHE A 12 -5.79 7.67 -4.90
C PHE A 12 -6.41 8.83 -5.67
N GLN A 13 -7.20 9.62 -5.00
CA GLN A 13 -7.84 10.77 -5.68
C GLN A 13 -7.13 12.08 -5.33
N GLY A 14 -7.32 13.08 -6.15
CA GLY A 14 -6.66 14.39 -5.89
C GLY A 14 -5.35 14.50 -6.67
N LYS A 15 -5.08 15.68 -7.20
CA LYS A 15 -3.83 15.91 -7.99
C LYS A 15 -2.69 15.00 -7.55
N GLN A 16 -2.02 14.44 -8.52
CA GLN A 16 -0.88 13.54 -8.20
C GLN A 16 0.46 14.25 -8.35
N VAL A 17 1.45 13.72 -7.70
CA VAL A 17 2.80 14.34 -7.79
C VAL A 17 3.89 13.28 -7.64
N ASP A 18 4.87 13.34 -8.51
CA ASP A 18 5.97 12.34 -8.44
C ASP A 18 7.18 12.94 -7.72
N LEU A 19 7.49 12.40 -6.57
CA LEU A 19 8.66 12.92 -5.81
C LEU A 19 9.88 11.98 -5.96
N PRO A 20 11.07 12.55 -6.16
CA PRO A 20 12.28 11.75 -6.31
C PRO A 20 12.67 11.08 -4.98
N PRO A 21 13.51 10.07 -5.07
CA PRO A 21 13.97 9.35 -3.88
C PRO A 21 14.83 10.25 -2.99
N GLY A 22 15.38 9.69 -1.94
CA GLY A 22 16.23 10.53 -1.04
C GLY A 22 15.49 10.89 0.25
N ASN A 23 16.05 11.84 0.97
CA ASN A 23 15.44 12.28 2.25
C ASN A 23 15.14 13.77 2.23
N TYR A 24 13.99 14.16 2.72
CA TYR A 24 13.67 15.60 2.74
C TYR A 24 12.61 15.94 3.78
N THR A 25 12.28 17.19 3.85
CA THR A 25 11.25 17.63 4.82
C THR A 25 10.46 18.80 4.26
N ARG A 26 9.87 19.56 5.14
CA ARG A 26 9.08 20.71 4.67
C ARG A 26 9.96 21.68 3.90
N ALA A 27 11.24 21.58 4.12
CA ALA A 27 12.17 22.49 3.42
C ALA A 27 12.15 22.23 1.91
N GLN A 28 12.61 21.08 1.52
CA GLN A 28 12.62 20.77 0.08
C GLN A 28 11.21 20.91 -0.46
N LEU A 29 10.26 20.39 0.27
CA LEU A 29 8.87 20.48 -0.19
C LEU A 29 8.46 21.93 -0.36
N ALA A 30 8.87 22.77 0.56
CA ALA A 30 8.51 24.20 0.43
C ALA A 30 8.93 24.68 -0.92
N ALA A 31 9.97 24.06 -1.43
CA ALA A 31 10.48 24.45 -2.76
C ALA A 31 9.54 23.93 -3.84
N LEU A 32 8.98 22.77 -3.59
CA LEU A 32 8.05 22.18 -4.59
C LEU A 32 6.69 22.84 -4.51
N GLY A 33 5.91 22.46 -3.53
CA GLY A 33 4.55 23.08 -3.39
C GLY A 33 3.60 22.14 -2.63
N ILE A 34 3.89 20.87 -2.69
CA ILE A 34 3.02 19.91 -1.97
C ILE A 34 3.54 19.64 -0.57
N GLU A 35 2.64 19.59 0.37
CA GLU A 35 3.05 19.33 1.77
C GLU A 35 1.90 19.60 2.75
N ASN A 36 1.99 18.99 3.90
CA ASN A 36 0.92 19.19 4.93
C ASN A 36 -0.41 18.59 4.52
N ASN A 37 -0.85 17.62 5.29
CA ASN A 37 -2.15 16.95 5.00
C ASN A 37 -2.22 16.36 3.60
N THR A 38 -1.15 16.43 2.86
CA THR A 38 -1.19 15.87 1.49
C THR A 38 -0.94 14.36 1.53
N ILE A 39 -0.10 13.90 0.63
CA ILE A 39 0.23 12.44 0.55
C ILE A 39 -0.87 11.56 1.12
N SER A 40 -2.05 11.77 0.66
CA SER A 40 -3.18 10.95 1.15
C SER A 40 -3.05 9.51 0.65
N SER A 41 -2.68 9.38 -0.59
CA SER A 41 -2.51 8.02 -1.19
C SER A 41 -1.08 7.86 -1.72
N VAL A 42 -0.68 6.64 -2.02
CA VAL A 42 0.72 6.46 -2.53
C VAL A 42 0.82 5.35 -3.56
N LYS A 43 1.76 5.52 -4.46
CA LYS A 43 1.98 4.53 -5.53
C LYS A 43 3.48 4.37 -5.74
N VAL A 44 4.07 3.49 -4.98
CA VAL A 44 5.55 3.27 -5.10
C VAL A 44 5.91 1.91 -5.72
N PRO A 45 6.53 1.93 -6.91
CA PRO A 45 6.92 0.69 -7.59
C PRO A 45 8.06 -0.01 -6.82
N PRO A 46 8.33 -1.25 -7.20
CA PRO A 46 9.40 -2.03 -6.58
C PRO A 46 10.78 -1.39 -6.81
N GLY A 47 11.81 -2.04 -6.34
CA GLY A 47 13.17 -1.48 -6.54
C GLY A 47 13.42 -0.32 -5.58
N VAL A 48 12.38 0.14 -4.94
CA VAL A 48 12.56 1.27 -3.98
C VAL A 48 11.56 1.19 -2.82
N LYS A 49 12.02 1.61 -1.66
CA LYS A 49 11.14 1.58 -0.45
C LYS A 49 11.06 2.97 0.15
N ALA A 50 10.02 3.23 0.92
CA ALA A 50 9.92 4.59 1.52
C ALA A 50 9.22 4.58 2.88
N ILE A 51 9.75 5.39 3.76
CA ILE A 51 9.19 5.52 5.13
C ILE A 51 8.74 6.95 5.33
N LEU A 52 7.49 7.13 5.69
CA LEU A 52 7.00 8.53 5.90
C LEU A 52 7.09 8.96 7.36
N TYR A 53 6.97 10.25 7.57
CA TYR A 53 7.04 10.79 8.94
C TYR A 53 6.01 11.91 9.12
N GLN A 54 4.99 11.62 9.88
CA GLN A 54 3.93 12.64 10.12
C GLN A 54 4.51 14.00 10.47
N ASN A 55 4.81 14.19 11.73
CA ASN A 55 5.38 15.49 12.15
C ASN A 55 6.68 15.80 11.43
N ASP A 56 6.87 17.05 11.11
CA ASP A 56 8.12 17.44 10.40
C ASP A 56 9.34 17.02 11.19
N GLY A 57 10.49 17.22 10.63
CA GLY A 57 11.73 16.83 11.34
C GLY A 57 11.78 15.31 11.54
N PHE A 58 11.30 14.59 10.56
CA PHE A 58 11.31 13.11 10.67
C PHE A 58 10.77 12.68 12.02
N ALA A 59 9.70 13.30 12.44
CA ALA A 59 9.08 12.94 13.76
C ALA A 59 7.64 12.49 13.58
N GLY A 60 6.92 12.43 14.68
CA GLY A 60 5.50 12.00 14.59
C GLY A 60 5.43 10.54 14.14
N ASP A 61 4.28 9.94 14.30
CA ASP A 61 4.15 8.52 13.89
C ASP A 61 4.68 8.33 12.47
N GLN A 62 5.52 7.35 12.30
CA GLN A 62 6.09 7.09 10.95
C GLN A 62 5.39 5.92 10.28
N ILE A 63 5.54 5.84 8.99
CA ILE A 63 4.89 4.73 8.23
C ILE A 63 5.92 4.04 7.36
N GLU A 64 5.53 2.96 6.77
CA GLU A 64 6.48 2.21 5.91
C GLU A 64 5.76 1.60 4.72
N VAL A 65 6.29 1.80 3.55
CA VAL A 65 5.63 1.24 2.36
C VAL A 65 6.63 0.91 1.27
N VAL A 66 6.23 0.04 0.40
CA VAL A 66 7.10 -0.36 -0.72
C VAL A 66 6.25 -0.61 -1.95
N ALA A 67 4.96 -0.50 -1.72
CA ALA A 67 3.99 -0.72 -2.82
C ALA A 67 3.02 0.45 -2.88
N ASN A 68 1.86 0.19 -3.38
CA ASN A 68 0.86 1.27 -3.47
C ASN A 68 -0.02 1.27 -2.23
N ALA A 69 -0.10 2.40 -1.58
CA ALA A 69 -0.92 2.49 -0.35
C ALA A 69 -2.29 3.06 -0.66
N GLU A 70 -3.30 2.43 -0.12
CA GLU A 70 -4.68 2.92 -0.36
C GLU A 70 -4.95 4.17 0.45
N GLU A 71 -5.21 3.98 1.72
CA GLU A 71 -5.48 5.15 2.60
C GLU A 71 -4.23 5.54 3.40
N LEU A 72 -3.15 4.85 3.12
CA LEU A 72 -1.88 5.16 3.84
C LEU A 72 -2.01 4.86 5.34
N GLY A 73 -2.55 5.79 6.08
CA GLY A 73 -2.71 5.57 7.55
C GLY A 73 -3.53 6.69 8.19
N PRO A 74 -3.69 6.59 9.48
CA PRO A 74 -4.46 7.58 10.25
C PRO A 74 -3.84 8.98 10.16
N LEU A 75 -2.59 9.03 9.77
CA LEU A 75 -1.93 10.36 9.66
C LEU A 75 -2.23 11.01 8.31
N ASN A 76 -3.46 10.90 7.87
CA ASN A 76 -3.82 11.50 6.56
C ASN A 76 -4.06 13.00 6.71
N ASN A 77 -4.19 13.43 7.93
CA ASN A 77 -4.44 14.87 8.17
C ASN A 77 -3.14 15.64 8.29
N ASN A 78 -2.02 14.96 8.12
CA ASN A 78 -0.73 15.69 8.23
C ASN A 78 0.46 14.85 7.76
N VAL A 79 1.22 15.42 6.86
CA VAL A 79 2.42 14.70 6.32
C VAL A 79 3.45 15.72 5.84
N SER A 80 4.72 15.48 6.12
CA SER A 80 5.73 16.46 5.66
C SER A 80 7.13 15.85 5.55
N SER A 81 7.53 15.07 6.52
CA SER A 81 8.90 14.46 6.45
C SER A 81 8.83 13.06 5.85
N ILE A 82 9.82 12.75 5.02
CA ILE A 82 9.82 11.40 4.39
C ILE A 82 11.24 10.87 4.15
N ARG A 83 11.32 9.56 3.97
CA ARG A 83 12.63 8.91 3.74
C ARG A 83 12.52 7.85 2.62
N VAL A 84 13.24 8.06 1.53
CA VAL A 84 13.19 7.07 0.39
C VAL A 84 14.58 6.50 0.10
N ILE A 85 14.68 5.19 0.07
CA ILE A 85 16.00 4.56 -0.20
C ILE A 85 15.84 3.33 -1.08
N SER A 86 16.61 3.29 -2.14
CA SER A 86 16.53 2.12 -3.07
C SER A 86 16.40 0.80 -2.31
N VAL A 87 15.81 -0.19 -2.95
CA VAL A 87 15.65 -1.51 -2.29
C VAL A 87 15.66 -2.65 -3.33
N PRO A 88 16.18 -3.80 -2.95
CA PRO A 88 16.25 -4.96 -3.87
C PRO A 88 14.87 -5.27 -4.46
N VAL A 89 14.87 -5.72 -5.69
CA VAL A 89 13.58 -6.05 -6.35
C VAL A 89 13.07 -7.43 -5.92
N GLN A 90 11.77 -7.53 -5.77
CA GLN A 90 11.17 -8.83 -5.36
C GLN A 90 9.80 -9.01 -6.02
N PRO A 91 9.45 -10.26 -6.31
CA PRO A 91 8.16 -10.54 -6.94
C PRO A 91 7.02 -10.01 -6.09
N ARG A 92 5.82 -10.42 -6.38
CA ARG A 92 4.68 -9.92 -5.59
C ARG A 92 3.40 -10.63 -5.99
N ALA A 93 2.31 -10.03 -5.62
CA ALA A 93 1.00 -10.62 -5.96
C ALA A 93 0.04 -9.49 -6.30
N ARG A 94 -1.02 -9.80 -7.02
CA ARG A 94 -1.99 -8.71 -7.38
C ARG A 94 -3.39 -8.99 -6.85
N PHE A 95 -3.99 -7.96 -6.29
CA PHE A 95 -5.36 -8.09 -5.72
C PHE A 95 -6.30 -7.22 -6.53
N PHE A 96 -7.09 -7.84 -7.36
CA PHE A 96 -8.04 -7.04 -8.18
C PHE A 96 -9.38 -6.91 -7.47
N TYR A 97 -10.08 -5.84 -7.76
CA TYR A 97 -11.40 -5.64 -7.11
C TYR A 97 -12.52 -6.13 -8.00
N LYS A 98 -13.66 -6.42 -7.38
CA LYS A 98 -14.83 -6.92 -8.16
C LYS A 98 -14.52 -8.25 -8.82
N GLU A 99 -15.42 -9.18 -8.67
CA GLU A 99 -15.17 -10.51 -9.28
C GLU A 99 -15.44 -10.46 -10.77
N GLN A 100 -14.50 -9.92 -11.48
CA GLN A 100 -14.63 -9.83 -12.93
C GLN A 100 -13.33 -9.33 -13.52
N PHE A 101 -12.29 -9.40 -12.72
CA PHE A 101 -10.98 -8.95 -13.21
C PHE A 101 -11.13 -7.57 -13.83
N ASP A 102 -11.82 -6.69 -13.13
CA ASP A 102 -12.01 -5.30 -13.67
C ASP A 102 -11.38 -4.25 -12.77
N GLY A 103 -12.07 -3.92 -11.72
CA GLY A 103 -11.54 -2.90 -10.75
C GLY A 103 -10.02 -2.97 -10.65
N LYS A 104 -9.39 -1.81 -10.65
CA LYS A 104 -7.91 -1.76 -10.56
C LYS A 104 -7.35 -2.73 -9.53
N GLU A 105 -6.07 -2.98 -9.63
CA GLU A 105 -5.42 -3.93 -8.68
C GLU A 105 -4.38 -3.24 -7.80
N VAL A 106 -4.00 -3.94 -6.76
CA VAL A 106 -2.99 -3.39 -5.80
C VAL A 106 -1.92 -4.47 -5.59
N ASP A 107 -0.68 -4.08 -5.69
CA ASP A 107 0.41 -5.08 -5.49
C ASP A 107 0.97 -5.09 -4.08
N LEU A 108 1.43 -6.25 -3.68
CA LEU A 108 2.00 -6.40 -2.32
C LEU A 108 3.19 -7.40 -2.36
N PRO A 109 4.35 -6.99 -1.82
CA PRO A 109 5.54 -7.86 -1.82
C PRO A 109 5.35 -9.07 -0.89
N PRO A 110 6.26 -10.01 -1.02
CA PRO A 110 6.22 -11.23 -0.21
C PRO A 110 6.33 -10.92 1.28
N GLY A 111 5.75 -11.78 2.09
CA GLY A 111 5.82 -11.54 3.57
C GLY A 111 4.44 -11.72 4.21
N GLN A 112 4.38 -11.41 5.49
CA GLN A 112 3.10 -11.54 6.23
C GLN A 112 2.58 -10.17 6.64
N TYR A 113 1.29 -10.06 6.82
CA TYR A 113 0.72 -8.75 7.22
C TYR A 113 -0.38 -8.93 8.26
N THR A 114 -0.54 -7.93 9.07
CA THR A 114 -1.58 -7.99 10.13
C THR A 114 -2.91 -7.37 9.69
N GLN A 115 -3.70 -6.98 10.67
CA GLN A 115 -5.03 -6.36 10.37
C GLN A 115 -5.01 -4.88 10.69
N ALA A 116 -4.08 -4.19 10.10
CA ALA A 116 -3.98 -2.73 10.33
C ALA A 116 -3.31 -2.06 9.16
N GLU A 117 -2.04 -2.32 9.00
CA GLU A 117 -1.32 -1.71 7.88
C GLU A 117 -1.80 -2.32 6.59
N LEU A 118 -1.89 -3.63 6.60
CA LEU A 118 -2.35 -4.36 5.40
C LEU A 118 -3.42 -3.59 4.67
N GLU A 119 -4.57 -3.55 5.27
CA GLU A 119 -5.68 -2.82 4.66
C GLU A 119 -5.27 -1.42 4.28
N ARG A 120 -4.81 -0.70 5.26
CA ARG A 120 -4.39 0.69 4.98
C ARG A 120 -3.07 0.74 4.22
N TYR A 121 -2.67 -0.40 3.68
CA TYR A 121 -1.39 -0.45 2.91
C TYR A 121 -1.64 -0.94 1.50
N GLY A 122 -2.80 -1.46 1.28
CA GLY A 122 -3.14 -1.96 -0.08
C GLY A 122 -4.58 -1.64 -0.43
N ILE A 123 -5.49 -1.98 0.46
CA ILE A 123 -6.92 -1.69 0.19
C ILE A 123 -7.62 -1.16 1.44
N ASP A 124 -8.53 -1.94 1.99
CA ASP A 124 -9.25 -1.48 3.21
C ASP A 124 -9.70 -2.67 4.06
N ASN A 125 -10.77 -2.49 4.79
CA ASN A 125 -11.26 -3.60 5.65
C ASN A 125 -12.17 -4.54 4.87
N ASN A 126 -12.20 -4.36 3.57
CA ASN A 126 -13.05 -5.24 2.74
C ASN A 126 -12.55 -5.25 1.30
N THR A 127 -13.43 -4.90 0.39
CA THR A 127 -13.03 -4.88 -1.06
C THR A 127 -12.37 -6.19 -1.51
N ILE A 128 -11.53 -6.08 -2.51
CA ILE A 128 -10.81 -7.27 -3.06
C ILE A 128 -11.79 -8.26 -3.70
N SER A 129 -11.28 -9.09 -4.55
CA SER A 129 -12.15 -10.08 -5.24
C SER A 129 -11.29 -11.00 -6.08
N SER A 130 -11.04 -10.60 -7.30
CA SER A 130 -10.21 -11.44 -8.20
C SER A 130 -8.73 -11.30 -7.81
N VAL A 131 -7.99 -12.40 -7.85
CA VAL A 131 -6.54 -12.34 -7.49
C VAL A 131 -5.67 -12.83 -8.64
N LYS A 132 -4.43 -12.44 -8.64
CA LYS A 132 -3.51 -12.88 -9.70
C LYS A 132 -2.05 -12.81 -9.22
N PRO A 133 -1.60 -13.85 -8.57
CA PRO A 133 -0.23 -13.90 -8.07
C PRO A 133 0.74 -13.93 -9.23
N GLN A 134 1.33 -12.79 -9.48
CA GLN A 134 2.29 -12.70 -10.60
C GLN A 134 3.70 -13.11 -10.19
N GLY A 135 3.84 -13.82 -9.10
CA GLY A 135 5.22 -14.22 -8.70
C GLY A 135 5.23 -15.16 -7.49
N LEU A 136 4.49 -14.81 -6.46
CA LEU A 136 4.47 -15.68 -5.24
C LEU A 136 3.06 -16.15 -4.93
N ALA A 137 2.94 -17.08 -4.03
CA ALA A 137 1.59 -17.60 -3.66
C ALA A 137 0.96 -16.70 -2.62
N VAL A 138 -0.36 -16.65 -2.61
CA VAL A 138 -1.06 -15.78 -1.61
C VAL A 138 -2.02 -16.58 -0.74
N VAL A 139 -2.10 -16.18 0.51
CA VAL A 139 -3.01 -16.87 1.46
C VAL A 139 -3.78 -15.83 2.27
N LEU A 140 -5.09 -15.97 2.30
CA LEU A 140 -5.92 -14.99 3.08
C LEU A 140 -6.46 -15.59 4.38
N PHE A 141 -6.46 -14.77 5.41
CA PHE A 141 -6.98 -15.22 6.75
C PHE A 141 -8.14 -14.35 7.20
N LYS A 142 -9.25 -14.98 7.49
CA LYS A 142 -10.44 -14.25 7.94
C LYS A 142 -10.19 -13.46 9.22
N ASN A 143 -9.93 -14.16 10.29
CA ASN A 143 -9.68 -13.45 11.58
C ASN A 143 -8.35 -12.73 11.56
N ASP A 144 -7.96 -12.21 12.69
CA ASP A 144 -6.67 -11.48 12.77
C ASP A 144 -5.48 -12.43 12.55
N ASN A 145 -4.37 -12.08 13.19
CA ASN A 145 -3.09 -12.88 13.09
C ASN A 145 -3.30 -14.27 12.51
N PHE A 146 -3.48 -14.34 11.22
CA PHE A 146 -3.69 -15.66 10.56
C PHE A 146 -4.51 -16.60 11.44
N SER A 147 -5.75 -16.23 11.67
CA SER A 147 -6.63 -17.07 12.52
C SER A 147 -7.96 -17.37 11.82
N GLY A 148 -8.76 -18.21 12.42
CA GLY A 148 -10.07 -18.55 11.79
C GLY A 148 -9.86 -19.27 10.46
N ASP A 149 -10.93 -19.41 9.70
CA ASP A 149 -10.82 -20.09 8.40
C ASP A 149 -9.85 -19.35 7.49
N THR A 150 -9.48 -19.97 6.40
CA THR A 150 -8.54 -19.30 5.46
C THR A 150 -8.83 -19.68 4.01
N LEU A 151 -8.20 -18.97 3.10
CA LEU A 151 -8.41 -19.25 1.66
C LEU A 151 -7.06 -19.16 0.93
N PRO A 152 -6.32 -20.27 0.96
CA PRO A 152 -5.00 -20.34 0.31
C PRO A 152 -5.08 -20.22 -1.21
N VAL A 153 -4.63 -19.10 -1.72
CA VAL A 153 -4.66 -18.90 -3.19
C VAL A 153 -3.43 -19.53 -3.81
N ASN A 154 -3.56 -20.78 -4.16
CA ASN A 154 -2.42 -21.51 -4.78
C ASN A 154 -2.00 -20.94 -6.13
N SER A 155 -2.85 -20.17 -6.77
CA SER A 155 -2.43 -19.62 -8.09
C SER A 155 -3.40 -18.55 -8.62
N ASP A 156 -3.61 -18.60 -9.90
CA ASP A 156 -4.52 -17.61 -10.54
C ASP A 156 -5.96 -17.74 -10.07
N ALA A 157 -6.66 -16.63 -10.10
CA ALA A 157 -8.07 -16.62 -9.67
C ALA A 157 -8.70 -15.29 -10.07
N PRO A 158 -8.72 -15.05 -11.37
CA PRO A 158 -9.29 -13.82 -11.93
C PRO A 158 -10.78 -13.67 -11.63
N THR A 159 -11.27 -14.41 -10.66
CA THR A 159 -12.72 -14.29 -10.35
C THR A 159 -13.05 -15.02 -9.06
N LEU A 160 -12.76 -14.41 -7.96
CA LEU A 160 -13.07 -15.05 -6.67
C LEU A 160 -14.45 -14.63 -6.18
N GLY A 161 -14.55 -13.43 -5.68
CA GLY A 161 -15.88 -12.96 -5.19
C GLY A 161 -16.34 -13.80 -3.99
N ALA A 162 -16.91 -14.95 -4.27
CA ALA A 162 -17.40 -15.84 -3.17
C ALA A 162 -16.37 -15.94 -2.05
N MET A 163 -16.40 -14.98 -1.16
CA MET A 163 -15.45 -14.96 -0.04
C MET A 163 -15.74 -13.73 0.80
N ASN A 164 -16.68 -13.86 1.69
CA ASN A 164 -17.06 -12.70 2.58
C ASN A 164 -15.90 -11.74 2.80
N ASN A 165 -15.94 -10.64 2.08
CA ASN A 165 -14.85 -9.63 2.21
C ASN A 165 -14.54 -9.35 3.67
N ASN A 166 -13.49 -9.93 4.14
CA ASN A 166 -13.11 -9.71 5.55
C ASN A 166 -11.63 -10.02 5.74
N THR A 167 -10.94 -10.13 4.63
CA THR A 167 -9.49 -10.44 4.70
C THR A 167 -8.79 -9.52 5.70
N SER A 168 -8.56 -10.04 6.88
CA SER A 168 -7.88 -9.23 7.91
C SER A 168 -6.37 -9.34 7.79
N SER A 169 -5.89 -10.56 7.78
CA SER A 169 -4.41 -10.78 7.66
C SER A 169 -4.10 -11.57 6.40
N ILE A 170 -2.87 -11.50 5.97
CA ILE A 170 -2.51 -12.25 4.74
C ILE A 170 -1.09 -12.75 4.83
N ARG A 171 -0.78 -13.69 4.00
CA ARG A 171 0.58 -14.25 3.99
C ARG A 171 0.99 -14.62 2.59
N ILE A 172 1.84 -13.82 2.01
CA ILE A 172 2.28 -14.12 0.64
C ILE A 172 3.45 -15.09 0.69
N SER A 173 3.16 -16.35 0.55
CA SER A 173 4.23 -17.36 0.59
C SER A 173 4.89 -17.51 -0.78
N MET A 1 16.85 3.93 -10.02
CA MET A 1 15.61 3.98 -10.83
C MET A 1 14.39 3.82 -9.94
N ALA A 2 13.87 4.92 -9.47
CA ALA A 2 12.68 4.85 -8.60
C ALA A 2 12.12 6.25 -8.32
N ASN A 3 10.90 6.28 -7.87
CA ASN A 3 10.27 7.60 -7.57
C ASN A 3 8.86 7.39 -7.00
N ILE A 4 8.65 7.83 -5.79
CA ILE A 4 7.31 7.67 -5.18
C ILE A 4 6.33 8.71 -5.73
N THR A 5 5.07 8.37 -5.68
CA THR A 5 4.03 9.30 -6.19
C THR A 5 2.89 9.39 -5.19
N VAL A 6 2.55 10.59 -4.80
CA VAL A 6 1.45 10.77 -3.82
C VAL A 6 0.20 11.32 -4.49
N PHE A 7 -0.88 11.38 -3.72
CA PHE A 7 -2.15 11.92 -4.27
C PHE A 7 -2.73 12.94 -3.32
N TYR A 8 -3.37 13.94 -3.86
CA TYR A 8 -3.96 15.00 -2.99
C TYR A 8 -5.16 14.53 -2.16
N ASN A 9 -5.99 13.68 -2.71
CA ASN A 9 -7.17 13.20 -1.92
C ASN A 9 -7.13 11.70 -1.68
N GLU A 10 -7.94 11.27 -0.77
CA GLU A 10 -7.97 9.83 -0.46
C GLU A 10 -8.56 9.06 -1.62
N ASP A 11 -8.52 7.78 -1.52
CA ASP A 11 -9.06 6.94 -2.60
C ASP A 11 -8.29 7.17 -3.90
N PHE A 12 -7.01 7.47 -3.77
CA PHE A 12 -6.19 7.71 -4.99
C PHE A 12 -6.62 8.99 -5.70
N GLN A 13 -7.71 9.55 -5.28
CA GLN A 13 -8.19 10.79 -5.93
C GLN A 13 -7.30 11.97 -5.57
N GLY A 14 -7.47 13.06 -6.27
CA GLY A 14 -6.64 14.26 -5.96
C GLY A 14 -5.36 14.26 -6.79
N LYS A 15 -5.09 15.38 -7.45
CA LYS A 15 -3.86 15.47 -8.29
C LYS A 15 -2.70 14.79 -7.61
N GLN A 16 -1.80 14.26 -8.41
CA GLN A 16 -0.62 13.57 -7.83
C GLN A 16 0.69 14.30 -8.09
N VAL A 17 1.69 13.90 -7.36
CA VAL A 17 3.03 14.52 -7.51
C VAL A 17 4.10 13.46 -7.31
N ASP A 18 5.19 13.56 -8.04
CA ASP A 18 6.27 12.55 -7.89
C ASP A 18 7.46 13.11 -7.11
N LEU A 19 8.02 12.28 -6.24
CA LEU A 19 9.18 12.73 -5.42
C LEU A 19 10.29 11.65 -5.47
N PRO A 20 11.55 12.07 -5.52
CA PRO A 20 12.68 11.12 -5.57
C PRO A 20 12.88 10.40 -4.22
N PRO A 21 13.61 9.29 -4.26
CA PRO A 21 13.89 8.50 -3.04
C PRO A 21 14.82 9.26 -2.10
N GLY A 22 15.49 8.52 -1.24
CA GLY A 22 16.43 9.17 -0.27
C GLY A 22 15.66 10.02 0.73
N ASN A 23 16.35 10.94 1.35
CA ASN A 23 15.68 11.82 2.36
C ASN A 23 15.13 13.08 1.71
N TYR A 24 14.06 13.58 2.27
CA TYR A 24 13.44 14.80 1.72
C TYR A 24 12.45 15.34 2.75
N THR A 25 12.31 16.64 2.82
CA THR A 25 11.35 17.20 3.80
C THR A 25 10.72 18.48 3.34
N ARG A 26 10.46 19.35 4.29
CA ARG A 26 9.83 20.64 3.96
C ARG A 26 10.75 21.49 3.10
N ALA A 27 12.02 21.44 3.37
CA ALA A 27 12.95 22.26 2.56
C ALA A 27 12.79 21.90 1.10
N GLN A 28 12.98 20.65 0.79
CA GLN A 28 12.86 20.24 -0.63
C GLN A 28 11.47 20.59 -1.12
N LEU A 29 10.48 20.17 -0.38
CA LEU A 29 9.09 20.47 -0.79
C LEU A 29 8.96 21.95 -1.08
N ALA A 30 9.61 22.75 -0.28
CA ALA A 30 9.52 24.20 -0.50
C ALA A 30 9.86 24.48 -1.94
N ALA A 31 10.80 23.73 -2.43
CA ALA A 31 11.21 23.91 -3.84
C ALA A 31 10.08 23.49 -4.75
N LEU A 32 9.35 22.46 -4.36
CA LEU A 32 8.23 21.99 -5.19
C LEU A 32 7.02 22.91 -5.05
N GLY A 33 6.23 22.71 -4.03
CA GLY A 33 5.04 23.57 -3.85
C GLY A 33 4.04 22.96 -2.86
N ILE A 34 4.03 21.66 -2.75
CA ILE A 34 3.10 21.02 -1.82
C ILE A 34 3.71 20.86 -0.44
N GLU A 35 2.87 20.54 0.53
CA GLU A 35 3.39 20.38 1.93
C GLU A 35 2.25 20.17 2.91
N ASN A 36 2.52 19.49 3.99
CA ASN A 36 1.46 19.25 5.00
C ASN A 36 0.41 18.27 4.49
N ASN A 37 -0.77 18.36 5.05
CA ASN A 37 -1.85 17.45 4.62
C ASN A 37 -1.97 17.39 3.11
N THR A 38 -1.30 16.43 2.52
CA THR A 38 -1.36 16.31 1.06
C THR A 38 -1.25 14.87 0.64
N ILE A 39 -0.25 14.21 1.17
CA ILE A 39 -0.05 12.78 0.82
C ILE A 39 -1.26 11.97 1.23
N SER A 40 -2.29 12.09 0.47
CA SER A 40 -3.52 11.35 0.79
C SER A 40 -3.34 9.89 0.41
N SER A 41 -2.94 9.67 -0.82
CA SER A 41 -2.72 8.25 -1.28
C SER A 41 -1.27 8.10 -1.71
N VAL A 42 -0.86 6.91 -2.03
CA VAL A 42 0.56 6.75 -2.45
C VAL A 42 0.77 5.56 -3.39
N LYS A 43 1.75 5.72 -4.23
CA LYS A 43 2.09 4.66 -5.21
C LYS A 43 3.60 4.51 -5.27
N VAL A 44 4.09 3.40 -4.77
CA VAL A 44 5.58 3.18 -4.77
C VAL A 44 5.95 1.77 -5.28
N PRO A 45 6.65 1.69 -6.40
CA PRO A 45 7.06 0.39 -6.95
C PRO A 45 8.10 -0.28 -6.04
N PRO A 46 8.34 -1.56 -6.30
CA PRO A 46 9.31 -2.33 -5.51
C PRO A 46 10.73 -1.79 -5.71
N GLY A 47 11.71 -2.50 -5.21
CA GLY A 47 13.10 -2.05 -5.36
C GLY A 47 13.39 -0.90 -4.41
N VAL A 48 12.37 -0.36 -3.79
CA VAL A 48 12.62 0.77 -2.86
C VAL A 48 11.56 0.83 -1.75
N LYS A 49 12.04 0.96 -0.53
CA LYS A 49 11.11 1.04 0.63
C LYS A 49 11.02 2.48 1.11
N ALA A 50 9.80 3.00 1.17
CA ALA A 50 9.65 4.42 1.63
C ALA A 50 9.03 4.51 3.02
N ILE A 51 9.63 5.35 3.83
CA ILE A 51 9.13 5.53 5.23
C ILE A 51 8.56 6.93 5.36
N LEU A 52 7.32 7.02 5.75
CA LEU A 52 6.70 8.36 5.91
C LEU A 52 6.89 8.93 7.31
N TYR A 53 6.89 10.24 7.39
CA TYR A 53 7.06 10.91 8.71
C TYR A 53 6.13 12.13 8.80
N GLN A 54 5.33 12.16 9.83
CA GLN A 54 4.39 13.28 10.01
C GLN A 54 5.09 14.64 9.96
N ASN A 55 5.54 15.07 11.11
CA ASN A 55 6.24 16.38 11.18
C ASN A 55 7.54 16.36 10.39
N ASP A 56 7.95 17.52 9.94
CA ASP A 56 9.21 17.60 9.16
C ASP A 56 10.38 17.13 10.01
N GLY A 57 11.52 17.00 9.38
CA GLY A 57 12.71 16.54 10.14
C GLY A 57 12.58 15.05 10.47
N PHE A 58 11.70 14.40 9.77
CA PHE A 58 11.49 12.94 10.01
C PHE A 58 11.06 12.70 11.45
N ALA A 59 10.00 13.36 11.86
CA ALA A 59 9.49 13.19 13.26
C ALA A 59 8.01 12.83 13.26
N GLY A 60 7.43 12.78 14.44
CA GLY A 60 5.98 12.43 14.52
C GLY A 60 5.76 10.96 14.14
N ASP A 61 4.54 10.55 14.10
CA ASP A 61 4.27 9.13 13.74
C ASP A 61 5.02 8.78 12.46
N GLN A 62 5.10 7.51 12.17
CA GLN A 62 5.82 7.09 10.95
C GLN A 62 5.11 5.94 10.26
N ILE A 63 5.44 5.76 9.02
CA ILE A 63 4.83 4.66 8.25
C ILE A 63 5.89 3.99 7.38
N GLU A 64 5.52 2.92 6.77
CA GLU A 64 6.48 2.21 5.91
C GLU A 64 5.75 1.55 4.76
N VAL A 65 6.25 1.76 3.56
CA VAL A 65 5.57 1.15 2.39
C VAL A 65 6.55 0.73 1.31
N VAL A 66 6.08 -0.12 0.46
CA VAL A 66 6.92 -0.63 -0.65
C VAL A 66 6.03 -0.75 -1.89
N ALA A 67 4.74 -0.69 -1.63
CA ALA A 67 3.74 -0.79 -2.73
C ALA A 67 2.89 0.47 -2.75
N ASN A 68 1.66 0.32 -3.16
CA ASN A 68 0.75 1.48 -3.20
C ASN A 68 -0.17 1.52 -1.99
N ALA A 69 -0.32 2.69 -1.43
CA ALA A 69 -1.19 2.83 -0.23
C ALA A 69 -2.49 3.53 -0.63
N GLU A 70 -3.59 2.94 -0.27
CA GLU A 70 -4.88 3.55 -0.62
C GLU A 70 -5.25 4.66 0.37
N GLU A 71 -5.64 4.28 1.54
CA GLU A 71 -6.01 5.30 2.56
C GLU A 71 -4.80 5.69 3.40
N LEU A 72 -3.67 5.14 3.07
CA LEU A 72 -2.45 5.46 3.83
C LEU A 72 -2.62 5.17 5.33
N GLY A 73 -3.20 6.11 6.05
CA GLY A 73 -3.41 5.90 7.52
C GLY A 73 -4.02 7.15 8.17
N PRO A 74 -4.04 7.14 9.49
CA PRO A 74 -4.58 8.27 10.26
C PRO A 74 -3.76 9.55 10.09
N LEU A 75 -2.46 9.40 10.03
CA LEU A 75 -1.61 10.62 9.86
C LEU A 75 -1.73 11.18 8.45
N ASN A 76 -2.89 11.02 7.87
CA ASN A 76 -3.09 11.55 6.50
C ASN A 76 -3.39 13.04 6.52
N ASN A 77 -3.78 13.53 7.68
CA ASN A 77 -4.09 14.97 7.79
C ASN A 77 -2.84 15.77 8.15
N ASN A 78 -1.71 15.13 8.01
CA ASN A 78 -0.44 15.83 8.33
C ASN A 78 0.76 15.04 7.82
N VAL A 79 1.46 15.62 6.89
CA VAL A 79 2.65 14.93 6.32
C VAL A 79 3.63 15.94 5.74
N SER A 80 4.89 15.58 5.70
CA SER A 80 5.88 16.53 5.14
C SER A 80 7.27 15.91 5.00
N SER A 81 7.62 15.01 5.91
CA SER A 81 8.97 14.36 5.83
C SER A 81 8.88 12.91 5.38
N ILE A 82 9.82 12.51 4.56
CA ILE A 82 9.81 11.10 4.06
C ILE A 82 11.24 10.64 3.76
N ARG A 83 11.49 9.36 3.92
CA ARG A 83 12.84 8.83 3.65
C ARG A 83 12.76 7.47 2.97
N VAL A 84 13.43 7.34 1.84
CA VAL A 84 13.39 6.04 1.10
C VAL A 84 14.78 5.41 0.99
N ILE A 85 14.83 4.12 1.23
CA ILE A 85 16.13 3.38 1.15
C ILE A 85 16.06 2.29 0.09
N SER A 86 16.95 2.37 -0.86
CA SER A 86 16.96 1.35 -1.93
C SER A 86 16.84 -0.05 -1.34
N VAL A 87 15.92 -0.83 -1.88
CA VAL A 87 15.73 -2.21 -1.36
C VAL A 87 15.84 -3.22 -2.52
N PRO A 88 16.27 -4.43 -2.22
CA PRO A 88 16.41 -5.45 -3.24
C PRO A 88 15.09 -5.67 -3.98
N VAL A 89 15.17 -5.83 -5.27
CA VAL A 89 13.94 -6.05 -6.06
C VAL A 89 13.30 -7.40 -5.74
N GLN A 90 12.01 -7.38 -5.54
CA GLN A 90 11.29 -8.64 -5.22
C GLN A 90 9.91 -8.63 -5.88
N PRO A 91 9.40 -9.81 -6.21
CA PRO A 91 8.09 -9.92 -6.83
C PRO A 91 6.99 -9.32 -5.95
N ARG A 92 5.77 -9.70 -6.22
CA ARG A 92 4.66 -9.16 -5.41
C ARG A 92 3.33 -9.82 -5.80
N ALA A 93 2.25 -9.15 -5.49
CA ALA A 93 0.92 -9.71 -5.84
C ALA A 93 -0.04 -8.60 -6.23
N ARG A 94 -1.16 -8.96 -6.84
CA ARG A 94 -2.16 -7.93 -7.25
C ARG A 94 -3.57 -8.27 -6.77
N PHE A 95 -4.34 -7.24 -6.58
CA PHE A 95 -5.74 -7.46 -6.12
C PHE A 95 -6.65 -6.44 -6.78
N PHE A 96 -7.78 -6.91 -7.27
CA PHE A 96 -8.72 -5.97 -7.95
C PHE A 96 -9.78 -5.47 -6.98
N TYR A 97 -10.71 -4.68 -7.48
CA TYR A 97 -11.79 -4.15 -6.58
C TYR A 97 -13.13 -4.84 -6.82
N LYS A 98 -13.56 -4.87 -8.06
CA LYS A 98 -14.85 -5.53 -8.37
C LYS A 98 -14.66 -6.99 -8.75
N GLU A 99 -15.74 -7.73 -8.73
CA GLU A 99 -15.65 -9.17 -9.10
C GLU A 99 -15.70 -9.33 -10.60
N GLN A 100 -14.59 -9.07 -11.20
CA GLN A 100 -14.47 -9.18 -12.67
C GLN A 100 -13.07 -8.78 -13.05
N PHE A 101 -12.16 -8.96 -12.12
CA PHE A 101 -10.74 -8.60 -12.37
C PHE A 101 -10.66 -7.34 -13.19
N ASP A 102 -11.40 -6.33 -12.75
CA ASP A 102 -11.38 -5.05 -13.51
C ASP A 102 -11.34 -3.84 -12.56
N GLY A 103 -11.89 -4.01 -11.41
CA GLY A 103 -11.90 -2.87 -10.43
C GLY A 103 -10.46 -2.42 -10.13
N LYS A 104 -10.31 -1.16 -9.74
CA LYS A 104 -8.96 -0.62 -9.42
C LYS A 104 -8.03 -1.69 -8.84
N GLU A 105 -6.80 -1.65 -9.25
CA GLU A 105 -5.84 -2.66 -8.75
C GLU A 105 -5.01 -2.14 -7.57
N VAL A 106 -4.66 -3.06 -6.71
CA VAL A 106 -3.86 -2.71 -5.51
C VAL A 106 -2.88 -3.86 -5.25
N ASP A 107 -1.60 -3.57 -5.32
CA ASP A 107 -0.59 -4.64 -5.08
C ASP A 107 0.05 -4.52 -3.72
N LEU A 108 0.66 -5.60 -3.30
CA LEU A 108 1.33 -5.60 -1.98
C LEU A 108 2.65 -6.39 -2.06
N PRO A 109 3.62 -6.02 -1.21
CA PRO A 109 4.93 -6.69 -1.20
C PRO A 109 4.87 -8.02 -0.44
N PRO A 110 5.88 -8.84 -0.67
CA PRO A 110 5.96 -10.15 -0.02
C PRO A 110 6.06 -9.99 1.50
N GLY A 111 5.38 -10.84 2.23
CA GLY A 111 5.44 -10.73 3.72
C GLY A 111 4.09 -11.06 4.38
N GLN A 112 3.94 -10.60 5.60
CA GLN A 112 2.67 -10.84 6.34
C GLN A 112 1.98 -9.53 6.67
N TYR A 113 0.69 -9.59 6.88
CA TYR A 113 -0.06 -8.34 7.20
C TYR A 113 -1.20 -8.63 8.17
N THR A 114 -1.50 -7.65 8.98
CA THR A 114 -2.60 -7.82 9.97
C THR A 114 -3.87 -7.12 9.51
N GLN A 115 -4.92 -7.28 10.27
CA GLN A 115 -6.20 -6.63 9.91
C GLN A 115 -6.18 -5.12 10.12
N ALA A 116 -5.00 -4.58 10.24
CA ALA A 116 -4.90 -3.10 10.46
C ALA A 116 -4.30 -2.40 9.24
N GLU A 117 -3.07 -2.68 8.96
CA GLU A 117 -2.42 -2.05 7.82
C GLU A 117 -2.98 -2.57 6.51
N LEU A 118 -2.96 -3.88 6.38
CA LEU A 118 -3.48 -4.51 5.14
C LEU A 118 -4.62 -3.69 4.54
N GLU A 119 -5.74 -3.72 5.18
CA GLU A 119 -6.87 -2.94 4.66
C GLU A 119 -6.47 -1.50 4.43
N ARG A 120 -6.00 -0.86 5.48
CA ARG A 120 -5.58 0.55 5.35
C ARG A 120 -4.19 0.68 4.69
N TYR A 121 -3.85 -0.31 3.89
CA TYR A 121 -2.52 -0.27 3.21
C TYR A 121 -2.67 -0.66 1.75
N GLY A 122 -3.84 -1.10 1.40
CA GLY A 122 -4.05 -1.49 -0.01
C GLY A 122 -5.51 -1.27 -0.40
N ILE A 123 -6.40 -1.68 0.47
CA ILE A 123 -7.85 -1.52 0.17
C ILE A 123 -8.62 -1.18 1.44
N ASP A 124 -9.31 -2.16 1.98
CA ASP A 124 -10.10 -1.90 3.22
C ASP A 124 -10.67 -3.21 3.80
N ASN A 125 -11.37 -3.07 4.89
CA ASN A 125 -11.98 -4.26 5.55
C ASN A 125 -13.02 -4.95 4.66
N ASN A 126 -12.81 -6.21 4.39
CA ASN A 126 -13.76 -6.97 3.53
C ASN A 126 -13.95 -6.32 2.17
N THR A 127 -13.38 -6.91 1.16
CA THR A 127 -13.51 -6.35 -0.19
C THR A 127 -12.61 -7.08 -1.18
N ILE A 128 -11.42 -6.58 -1.37
CA ILE A 128 -10.50 -7.25 -2.30
C ILE A 128 -11.23 -7.60 -3.60
N SER A 129 -11.43 -8.88 -3.82
CA SER A 129 -12.14 -9.35 -5.06
C SER A 129 -11.18 -9.54 -6.23
N SER A 130 -11.15 -10.75 -6.73
CA SER A 130 -10.26 -11.09 -7.87
C SER A 130 -8.79 -10.83 -7.57
N VAL A 131 -8.03 -11.90 -7.52
CA VAL A 131 -6.58 -11.79 -7.23
C VAL A 131 -5.76 -12.17 -8.45
N LYS A 132 -4.54 -11.73 -8.45
CA LYS A 132 -3.66 -12.04 -9.59
C LYS A 132 -2.20 -11.86 -9.16
N PRO A 133 -1.60 -12.90 -8.64
CA PRO A 133 -0.24 -12.84 -8.19
C PRO A 133 0.71 -12.70 -9.37
N GLN A 134 1.46 -11.65 -9.36
CA GLN A 134 2.40 -11.43 -10.47
C GLN A 134 3.77 -12.03 -10.20
N GLY A 135 3.88 -12.84 -9.17
CA GLY A 135 5.21 -13.44 -8.87
C GLY A 135 5.14 -14.44 -7.71
N LEU A 136 4.54 -14.03 -6.60
CA LEU A 136 4.44 -14.96 -5.43
C LEU A 136 3.03 -15.46 -5.24
N ALA A 137 2.87 -16.40 -4.36
CA ALA A 137 1.51 -16.94 -4.11
C ALA A 137 0.86 -16.19 -2.96
N VAL A 138 -0.43 -16.00 -3.05
CA VAL A 138 -1.13 -15.27 -1.95
C VAL A 138 -1.87 -16.22 -1.00
N VAL A 139 -1.93 -15.83 0.24
CA VAL A 139 -2.61 -16.66 1.25
C VAL A 139 -3.43 -15.75 2.16
N LEU A 140 -4.72 -15.93 2.14
CA LEU A 140 -5.59 -15.08 3.00
C LEU A 140 -6.14 -15.82 4.20
N PHE A 141 -6.12 -15.15 5.32
CA PHE A 141 -6.63 -15.77 6.57
C PHE A 141 -7.95 -15.13 6.96
N LYS A 142 -8.82 -15.93 7.51
CA LYS A 142 -10.13 -15.39 7.93
C LYS A 142 -10.02 -14.57 9.19
N ASN A 143 -9.60 -15.22 10.24
CA ASN A 143 -9.45 -14.50 11.52
C ASN A 143 -8.12 -13.76 11.54
N ASP A 144 -8.08 -12.67 12.24
CA ASP A 144 -6.82 -11.89 12.29
C ASP A 144 -5.67 -12.78 12.77
N ASN A 145 -4.49 -12.22 12.77
CA ASN A 145 -3.31 -13.01 13.21
C ASN A 145 -3.42 -14.46 12.78
N PHE A 146 -3.99 -14.66 11.63
CA PHE A 146 -4.14 -16.05 11.13
C PHE A 146 -4.60 -16.96 12.25
N SER A 147 -5.80 -16.71 12.72
CA SER A 147 -6.36 -17.55 13.83
C SER A 147 -7.65 -18.24 13.41
N GLY A 148 -7.73 -18.63 12.17
CA GLY A 148 -8.97 -19.31 11.70
C GLY A 148 -8.73 -19.99 10.35
N ASP A 149 -9.78 -20.28 9.65
CA ASP A 149 -9.61 -20.95 8.34
C ASP A 149 -8.76 -20.10 7.42
N THR A 150 -8.40 -20.63 6.29
CA THR A 150 -7.56 -19.85 5.35
C THR A 150 -7.83 -20.24 3.89
N LEU A 151 -7.47 -19.35 3.01
CA LEU A 151 -7.66 -19.61 1.56
C LEU A 151 -6.34 -19.39 0.81
N PRO A 152 -5.50 -20.42 0.80
CA PRO A 152 -4.20 -20.35 0.14
C PRO A 152 -4.33 -20.20 -1.38
N VAL A 153 -4.13 -19.00 -1.86
CA VAL A 153 -4.23 -18.79 -3.33
C VAL A 153 -2.91 -19.15 -4.00
N ASN A 154 -2.77 -20.41 -4.34
CA ASN A 154 -1.52 -20.85 -4.99
C ASN A 154 -1.54 -20.59 -6.49
N SER A 155 -2.37 -19.67 -6.93
CA SER A 155 -2.42 -19.39 -8.38
C SER A 155 -3.23 -18.14 -8.69
N ASP A 156 -3.73 -18.08 -9.90
CA ASP A 156 -4.55 -16.90 -10.29
C ASP A 156 -6.04 -17.12 -10.01
N ALA A 157 -6.73 -16.03 -9.75
CA ALA A 157 -8.18 -16.15 -9.46
C ALA A 157 -8.87 -14.81 -9.70
N PRO A 158 -9.25 -14.57 -10.95
CA PRO A 158 -9.93 -13.32 -11.33
C PRO A 158 -11.34 -13.22 -10.74
N THR A 159 -11.48 -13.67 -9.53
CA THR A 159 -12.80 -13.62 -8.86
C THR A 159 -12.68 -14.18 -7.46
N LEU A 160 -11.93 -13.48 -6.66
CA LEU A 160 -11.71 -13.92 -5.26
C LEU A 160 -12.90 -13.51 -4.37
N GLY A 161 -13.47 -12.38 -4.65
CA GLY A 161 -14.63 -11.91 -3.84
C GLY A 161 -15.61 -13.04 -3.54
N ALA A 162 -15.82 -13.89 -4.51
CA ALA A 162 -16.76 -15.02 -4.30
C ALA A 162 -16.13 -16.16 -3.50
N MET A 163 -14.83 -16.24 -3.53
CA MET A 163 -14.16 -17.33 -2.77
C MET A 163 -14.01 -16.97 -1.28
N ASN A 164 -13.47 -15.81 -1.01
CA ASN A 164 -13.30 -15.42 0.41
C ASN A 164 -14.54 -14.73 0.95
N ASN A 165 -14.85 -14.99 2.19
CA ASN A 165 -16.05 -14.37 2.80
C ASN A 165 -15.64 -13.16 3.61
N ASN A 166 -14.47 -13.25 4.20
CA ASN A 166 -13.98 -12.11 5.01
C ASN A 166 -12.47 -12.20 5.20
N THR A 167 -11.76 -11.34 4.51
CA THR A 167 -10.28 -11.37 4.63
C THR A 167 -9.80 -10.41 5.71
N SER A 168 -9.24 -10.96 6.76
CA SER A 168 -8.74 -10.11 7.87
C SER A 168 -7.24 -9.93 7.75
N SER A 169 -6.53 -11.05 7.72
CA SER A 169 -5.04 -10.96 7.61
C SER A 169 -4.58 -11.74 6.38
N ILE A 170 -3.40 -11.44 5.91
CA ILE A 170 -2.91 -12.18 4.70
C ILE A 170 -1.43 -12.47 4.80
N ARG A 171 -0.95 -13.21 3.85
CA ARG A 171 0.47 -13.56 3.83
C ARG A 171 0.92 -13.89 2.43
N ILE A 172 1.77 -13.07 1.89
CA ILE A 172 2.25 -13.32 0.53
C ILE A 172 3.49 -14.19 0.56
N SER A 173 3.32 -15.45 0.25
CA SER A 173 4.49 -16.35 0.28
C SER A 173 5.26 -16.28 -1.03
N MET A 1 16.20 2.59 -11.58
CA MET A 1 15.76 3.92 -11.10
C MET A 1 14.51 3.79 -10.24
N ALA A 2 14.42 4.60 -9.22
CA ALA A 2 13.23 4.54 -8.33
C ALA A 2 12.73 5.93 -7.99
N ASN A 3 11.50 6.01 -7.59
CA ASN A 3 10.93 7.33 -7.24
C ASN A 3 9.49 7.18 -6.81
N ILE A 4 9.16 7.74 -5.68
CA ILE A 4 7.77 7.64 -5.19
C ILE A 4 6.88 8.70 -5.85
N THR A 5 5.61 8.39 -5.94
CA THR A 5 4.66 9.34 -6.57
C THR A 5 3.56 9.71 -5.58
N VAL A 6 3.39 10.99 -5.37
CA VAL A 6 2.34 11.45 -4.43
C VAL A 6 1.09 11.92 -5.16
N PHE A 7 -0.03 11.77 -4.52
CA PHE A 7 -1.32 12.20 -5.12
C PHE A 7 -1.93 13.30 -4.27
N TYR A 8 -2.64 14.20 -4.90
CA TYR A 8 -3.27 15.32 -4.13
C TYR A 8 -4.63 14.99 -3.50
N ASN A 9 -5.10 13.79 -3.64
CA ASN A 9 -6.43 13.49 -3.03
C ASN A 9 -6.60 12.02 -2.70
N GLU A 10 -7.62 11.74 -1.95
CA GLU A 10 -7.89 10.36 -1.55
C GLU A 10 -8.46 9.57 -2.71
N ASP A 11 -8.33 8.27 -2.64
CA ASP A 11 -8.84 7.41 -3.72
C ASP A 11 -7.98 7.53 -4.97
N PHE A 12 -6.68 7.56 -4.77
CA PHE A 12 -5.76 7.68 -5.93
C PHE A 12 -5.97 8.99 -6.68
N GLN A 13 -6.99 9.70 -6.32
CA GLN A 13 -7.27 10.99 -7.00
C GLN A 13 -6.28 12.06 -6.56
N GLY A 14 -6.36 13.21 -7.19
CA GLY A 14 -5.43 14.32 -6.82
C GLY A 14 -4.23 14.36 -7.77
N LYS A 15 -3.95 15.53 -8.28
CA LYS A 15 -2.80 15.67 -9.23
C LYS A 15 -1.62 14.82 -8.78
N GLN A 16 -0.82 14.41 -9.73
CA GLN A 16 0.36 13.57 -9.39
C GLN A 16 1.65 14.38 -9.32
N VAL A 17 2.57 13.86 -8.56
CA VAL A 17 3.88 14.53 -8.39
C VAL A 17 4.95 13.45 -8.20
N ASP A 18 6.19 13.83 -8.31
CA ASP A 18 7.28 12.81 -8.13
C ASP A 18 8.36 13.29 -7.17
N LEU A 19 8.70 12.42 -6.24
CA LEU A 19 9.75 12.76 -5.25
C LEU A 19 10.79 11.61 -5.17
N PRO A 20 12.06 11.92 -5.43
CA PRO A 20 13.11 10.90 -5.37
C PRO A 20 13.29 10.34 -3.96
N PRO A 21 13.99 9.21 -3.87
CA PRO A 21 14.24 8.56 -2.59
C PRO A 21 15.11 9.45 -1.70
N GLY A 22 15.78 8.86 -0.75
CA GLY A 22 16.63 9.67 0.14
C GLY A 22 15.81 10.29 1.26
N ASN A 23 16.47 11.05 2.09
CA ASN A 23 15.76 11.70 3.22
C ASN A 23 15.59 13.21 2.99
N TYR A 24 14.38 13.68 3.16
CA TYR A 24 14.13 15.12 2.96
C TYR A 24 12.92 15.54 3.77
N THR A 25 12.95 16.76 4.25
CA THR A 25 11.84 17.26 5.08
C THR A 25 11.21 18.47 4.44
N ARG A 26 10.60 19.27 5.26
CA ARG A 26 9.97 20.48 4.75
C ARG A 26 10.94 21.36 4.01
N ALA A 27 12.19 21.29 4.37
CA ALA A 27 13.18 22.14 3.67
C ALA A 27 13.12 21.89 2.16
N GLN A 28 13.30 20.66 1.78
CA GLN A 28 13.25 20.35 0.35
C GLN A 28 11.92 20.75 -0.22
N LEU A 29 10.87 20.35 0.45
CA LEU A 29 9.53 20.72 -0.04
C LEU A 29 9.41 22.22 -0.08
N ALA A 30 10.11 22.89 0.79
CA ALA A 30 10.03 24.36 0.78
C ALA A 30 10.40 24.83 -0.59
N ALA A 31 11.23 24.04 -1.21
CA ALA A 31 11.66 24.40 -2.58
C ALA A 31 10.55 24.05 -3.56
N LEU A 32 9.85 22.98 -3.26
CA LEU A 32 8.74 22.56 -4.16
C LEU A 32 7.46 23.34 -3.85
N GLY A 33 6.88 23.07 -2.70
CA GLY A 33 5.62 23.79 -2.32
C GLY A 33 4.42 22.84 -2.35
N ILE A 34 4.67 21.60 -2.00
CA ILE A 34 3.60 20.58 -2.00
C ILE A 34 3.43 19.97 -0.59
N GLU A 35 4.11 20.55 0.36
CA GLU A 35 4.01 20.03 1.76
C GLU A 35 2.72 20.46 2.44
N ASN A 36 2.57 20.04 3.67
CA ASN A 36 1.35 20.40 4.45
C ASN A 36 0.09 19.72 3.88
N ASN A 37 -0.29 18.65 4.52
CA ASN A 37 -1.50 17.87 4.08
C ASN A 37 -1.69 17.87 2.56
N THR A 38 -0.93 17.07 1.87
CA THR A 38 -1.05 17.00 0.39
C THR A 38 -0.93 15.58 -0.09
N ILE A 39 -0.03 14.85 0.52
CA ILE A 39 0.16 13.45 0.11
C ILE A 39 -1.07 12.65 0.48
N SER A 40 -2.11 12.88 -0.24
CA SER A 40 -3.37 12.17 0.04
C SER A 40 -3.23 10.70 -0.32
N SER A 41 -2.69 10.43 -1.50
CA SER A 41 -2.51 9.01 -1.93
C SER A 41 -1.07 8.79 -2.34
N VAL A 42 -0.66 7.55 -2.45
CA VAL A 42 0.76 7.30 -2.84
C VAL A 42 0.95 6.00 -3.62
N LYS A 43 1.98 5.99 -4.41
CA LYS A 43 2.32 4.81 -5.23
C LYS A 43 3.84 4.62 -5.23
N VAL A 44 4.29 3.46 -4.79
CA VAL A 44 5.77 3.22 -4.75
C VAL A 44 6.13 1.79 -5.20
N PRO A 45 6.82 1.66 -6.32
CA PRO A 45 7.20 0.34 -6.82
C PRO A 45 8.27 -0.29 -5.90
N PRO A 46 8.53 -1.55 -6.12
CA PRO A 46 9.53 -2.28 -5.33
C PRO A 46 10.93 -1.70 -5.54
N GLY A 47 11.92 -2.38 -5.05
CA GLY A 47 13.30 -1.86 -5.22
C GLY A 47 13.58 -0.76 -4.21
N VAL A 48 12.54 -0.24 -3.61
CA VAL A 48 12.76 0.83 -2.62
C VAL A 48 11.70 0.84 -1.53
N LYS A 49 12.14 0.99 -0.30
CA LYS A 49 11.19 1.02 0.84
C LYS A 49 11.06 2.45 1.33
N ALA A 50 9.85 2.92 1.45
CA ALA A 50 9.66 4.33 1.92
C ALA A 50 9.04 4.40 3.30
N ILE A 51 9.33 5.49 3.97
CA ILE A 51 8.80 5.70 5.33
C ILE A 51 8.34 7.15 5.45
N LEU A 52 7.07 7.34 5.66
CA LEU A 52 6.56 8.74 5.79
C LEU A 52 6.51 9.23 7.23
N TYR A 53 6.40 10.54 7.35
CA TYR A 53 6.34 11.15 8.70
C TYR A 53 5.37 12.34 8.69
N GLN A 54 4.50 12.36 9.65
CA GLN A 54 3.51 13.47 9.73
C GLN A 54 4.16 14.85 9.73
N ASN A 55 4.56 15.29 10.89
CA ASN A 55 5.21 16.63 10.98
C ASN A 55 6.63 16.62 10.45
N ASP A 56 7.17 17.80 10.25
CA ASP A 56 8.56 17.90 9.74
C ASP A 56 9.54 17.22 10.69
N GLY A 57 10.80 17.35 10.40
CA GLY A 57 11.81 16.71 11.29
C GLY A 57 11.42 15.26 11.58
N PHE A 58 10.82 14.64 10.60
CA PHE A 58 10.41 13.24 10.79
C PHE A 58 9.71 13.06 12.14
N ALA A 59 8.86 13.99 12.46
CA ALA A 59 8.14 13.91 13.78
C ALA A 59 6.73 13.32 13.61
N GLY A 60 5.98 13.36 14.68
CA GLY A 60 4.59 12.80 14.62
C GLY A 60 4.64 11.33 14.21
N ASP A 61 3.49 10.72 14.14
CA ASP A 61 3.47 9.28 13.75
C ASP A 61 4.21 9.08 12.45
N GLN A 62 4.31 7.86 12.03
CA GLN A 62 5.02 7.59 10.76
C GLN A 62 4.41 6.40 10.05
N ILE A 63 4.69 6.30 8.78
CA ILE A 63 4.14 5.18 7.99
C ILE A 63 5.26 4.44 7.28
N GLU A 64 4.97 3.27 6.80
CA GLU A 64 6.00 2.47 6.10
C GLU A 64 5.37 1.80 4.91
N VAL A 65 6.01 1.91 3.77
CA VAL A 65 5.41 1.26 2.58
C VAL A 65 6.46 0.80 1.59
N VAL A 66 6.08 -0.16 0.81
CA VAL A 66 7.00 -0.71 -0.20
C VAL A 66 6.21 -0.92 -1.47
N ALA A 67 4.95 -0.58 -1.39
CA ALA A 67 4.05 -0.73 -2.56
C ALA A 67 3.23 0.55 -2.73
N ASN A 68 1.96 0.40 -2.98
CA ASN A 68 1.10 1.59 -3.16
C ASN A 68 0.10 1.75 -2.02
N ALA A 69 0.13 2.89 -1.40
CA ALA A 69 -0.80 3.15 -0.27
C ALA A 69 -2.00 3.96 -0.75
N GLU A 70 -3.05 3.27 -1.10
CA GLU A 70 -4.25 3.98 -1.59
C GLU A 70 -4.82 4.97 -0.57
N GLU A 71 -5.34 4.47 0.51
CA GLU A 71 -5.89 5.38 1.55
C GLU A 71 -4.81 5.99 2.42
N LEU A 72 -3.62 5.47 2.34
CA LEU A 72 -2.53 6.04 3.17
C LEU A 72 -2.79 5.78 4.66
N GLY A 73 -3.66 6.57 5.26
CA GLY A 73 -3.96 6.36 6.70
C GLY A 73 -4.68 7.59 7.28
N PRO A 74 -5.07 7.46 8.54
CA PRO A 74 -5.77 8.54 9.25
C PRO A 74 -4.90 9.78 9.43
N LEU A 75 -3.64 9.57 9.64
CA LEU A 75 -2.73 10.74 9.83
C LEU A 75 -2.59 11.55 8.55
N ASN A 76 -3.57 11.44 7.70
CA ASN A 76 -3.51 12.19 6.42
C ASN A 76 -3.81 13.66 6.65
N ASN A 77 -4.09 14.01 7.89
CA ASN A 77 -4.40 15.43 8.19
C ASN A 77 -3.14 16.29 8.13
N ASN A 78 -2.01 15.65 8.00
CA ASN A 78 -0.74 16.43 7.94
C ASN A 78 0.43 15.55 7.52
N VAL A 79 1.14 15.98 6.51
CA VAL A 79 2.29 15.18 6.01
C VAL A 79 3.35 16.11 5.40
N SER A 80 4.61 15.86 5.70
CA SER A 80 5.67 16.73 5.13
C SER A 80 7.07 16.09 5.19
N SER A 81 7.31 15.26 6.19
CA SER A 81 8.67 14.61 6.28
C SER A 81 8.64 13.21 5.72
N ILE A 82 9.69 12.84 5.00
CA ILE A 82 9.71 11.48 4.43
C ILE A 82 11.13 10.96 4.29
N ARG A 83 11.26 9.66 4.26
CA ARG A 83 12.60 9.05 4.13
C ARG A 83 12.52 7.71 3.41
N VAL A 84 13.34 7.54 2.39
CA VAL A 84 13.34 6.24 1.62
C VAL A 84 14.74 5.65 1.51
N ILE A 85 14.80 4.33 1.57
CA ILE A 85 16.11 3.64 1.47
C ILE A 85 16.04 2.48 0.49
N SER A 86 16.94 2.48 -0.47
CA SER A 86 16.96 1.40 -1.48
C SER A 86 16.71 0.02 -0.86
N VAL A 87 16.12 -0.86 -1.64
CA VAL A 87 15.82 -2.22 -1.12
C VAL A 87 15.87 -3.22 -2.29
N PRO A 88 16.22 -4.46 -1.99
CA PRO A 88 16.30 -5.51 -3.01
C PRO A 88 14.98 -5.61 -3.79
N VAL A 89 15.07 -6.06 -5.02
CA VAL A 89 13.85 -6.18 -5.84
C VAL A 89 13.03 -7.40 -5.45
N GLN A 90 11.74 -7.23 -5.42
CA GLN A 90 10.86 -8.35 -5.06
C GLN A 90 9.54 -8.26 -5.83
N PRO A 91 9.13 -9.36 -6.47
CA PRO A 91 7.87 -9.38 -7.24
C PRO A 91 6.67 -9.03 -6.36
N ARG A 92 5.50 -9.53 -6.70
CA ARG A 92 4.32 -9.22 -5.86
C ARG A 92 3.05 -9.93 -6.38
N ALA A 93 1.93 -9.45 -5.90
CA ALA A 93 0.62 -10.02 -6.30
C ALA A 93 -0.37 -8.88 -6.54
N ARG A 94 -1.55 -9.20 -7.06
CA ARG A 94 -2.55 -8.11 -7.31
C ARG A 94 -3.89 -8.44 -6.66
N PHE A 95 -4.66 -7.41 -6.42
CA PHE A 95 -5.98 -7.61 -5.80
C PHE A 95 -6.96 -6.57 -6.31
N PHE A 96 -7.95 -7.01 -7.02
CA PHE A 96 -8.95 -6.04 -7.54
C PHE A 96 -10.07 -5.86 -6.54
N TYR A 97 -10.82 -4.79 -6.68
CA TYR A 97 -11.93 -4.55 -5.72
C TYR A 97 -13.27 -5.00 -6.28
N LYS A 98 -14.25 -5.06 -5.40
CA LYS A 98 -15.63 -5.48 -5.80
C LYS A 98 -15.67 -6.88 -6.42
N GLU A 99 -16.76 -7.54 -6.19
CA GLU A 99 -16.89 -8.89 -6.73
C GLU A 99 -16.93 -8.85 -8.25
N GLN A 100 -15.86 -9.33 -8.85
CA GLN A 100 -15.73 -9.37 -10.36
C GLN A 100 -14.86 -8.21 -10.84
N PHE A 101 -13.72 -8.09 -10.21
CA PHE A 101 -12.76 -7.00 -10.57
C PHE A 101 -13.47 -5.77 -11.10
N ASP A 102 -14.42 -5.28 -10.35
CA ASP A 102 -15.18 -4.07 -10.80
C ASP A 102 -14.63 -2.82 -10.12
N GLY A 103 -13.36 -2.83 -9.82
CA GLY A 103 -12.76 -1.64 -9.15
C GLY A 103 -11.23 -1.67 -9.28
N LYS A 104 -10.63 -0.50 -9.28
CA LYS A 104 -9.14 -0.40 -9.40
C LYS A 104 -8.44 -1.51 -8.63
N GLU A 105 -7.24 -1.81 -9.04
CA GLU A 105 -6.46 -2.88 -8.36
C GLU A 105 -5.26 -2.31 -7.60
N VAL A 106 -4.69 -3.16 -6.77
CA VAL A 106 -3.51 -2.74 -5.97
C VAL A 106 -2.47 -3.86 -5.99
N ASP A 107 -1.34 -3.65 -5.35
CA ASP A 107 -0.31 -4.73 -5.35
C ASP A 107 0.54 -4.72 -4.08
N LEU A 108 0.94 -5.90 -3.65
CA LEU A 108 1.79 -5.99 -2.42
C LEU A 108 2.90 -7.05 -2.62
N PRO A 109 4.14 -6.70 -2.26
CA PRO A 109 5.27 -7.64 -2.41
C PRO A 109 5.14 -8.84 -1.45
N PRO A 110 6.00 -9.82 -1.66
CA PRO A 110 6.00 -11.04 -0.84
C PRO A 110 6.21 -10.72 0.64
N GLY A 111 5.65 -11.52 1.48
CA GLY A 111 5.80 -11.29 2.94
C GLY A 111 4.50 -11.62 3.69
N GLN A 112 4.34 -11.00 4.84
CA GLN A 112 3.12 -11.25 5.64
C GLN A 112 2.48 -9.93 6.08
N TYR A 113 1.21 -9.98 6.35
CA TYR A 113 0.51 -8.73 6.78
C TYR A 113 -0.52 -9.04 7.87
N THR A 114 -0.83 -8.06 8.67
CA THR A 114 -1.82 -8.26 9.76
C THR A 114 -3.19 -7.66 9.43
N GLN A 115 -4.12 -7.87 10.32
CA GLN A 115 -5.49 -7.34 10.10
C GLN A 115 -5.56 -5.89 10.53
N ALA A 116 -4.72 -5.10 9.96
CA ALA A 116 -4.73 -3.66 10.31
C ALA A 116 -4.20 -2.81 9.17
N GLU A 117 -2.91 -2.86 8.97
CA GLU A 117 -2.34 -2.06 7.86
C GLU A 117 -2.77 -2.62 6.53
N LEU A 118 -2.71 -3.93 6.43
CA LEU A 118 -3.12 -4.59 5.17
C LEU A 118 -4.26 -3.86 4.49
N GLU A 119 -5.41 -3.96 5.07
CA GLU A 119 -6.55 -3.26 4.46
C GLU A 119 -6.23 -1.79 4.26
N ARG A 120 -5.75 -1.15 5.31
CA ARG A 120 -5.42 0.29 5.17
C ARG A 120 -4.05 0.47 4.51
N TYR A 121 -3.64 -0.52 3.75
CA TYR A 121 -2.33 -0.45 3.04
C TYR A 121 -2.50 -0.77 1.59
N GLY A 122 -3.65 -1.29 1.25
CA GLY A 122 -3.91 -1.62 -0.17
C GLY A 122 -5.37 -1.34 -0.54
N ILE A 123 -6.25 -1.76 0.33
CA ILE A 123 -7.70 -1.53 0.07
C ILE A 123 -8.45 -1.23 1.35
N ASP A 124 -9.19 -2.20 1.84
CA ASP A 124 -9.94 -1.98 3.11
C ASP A 124 -10.33 -3.30 3.75
N ASN A 125 -10.98 -3.20 4.88
CA ASN A 125 -11.40 -4.44 5.58
C ASN A 125 -12.59 -5.11 4.89
N ASN A 126 -12.47 -6.40 4.68
CA ASN A 126 -13.58 -7.14 4.02
C ASN A 126 -14.02 -6.44 2.73
N THR A 127 -13.40 -6.80 1.63
CA THR A 127 -13.77 -6.17 0.34
C THR A 127 -13.02 -6.81 -0.82
N ILE A 128 -12.15 -7.73 -0.50
CA ILE A 128 -11.37 -8.39 -1.59
C ILE A 128 -12.01 -9.71 -2.02
N SER A 129 -11.92 -9.99 -3.29
CA SER A 129 -12.50 -11.23 -3.82
C SER A 129 -11.77 -11.61 -5.10
N SER A 130 -11.64 -10.66 -5.98
CA SER A 130 -10.94 -10.94 -7.27
C SER A 130 -9.44 -10.72 -7.13
N VAL A 131 -8.71 -11.79 -6.92
CA VAL A 131 -7.24 -11.68 -6.79
C VAL A 131 -6.54 -12.16 -8.04
N LYS A 132 -5.32 -11.74 -8.20
CA LYS A 132 -4.55 -12.14 -9.38
C LYS A 132 -3.06 -12.03 -9.10
N PRO A 133 -2.49 -13.07 -8.53
CA PRO A 133 -1.08 -13.08 -8.21
C PRO A 133 -0.24 -12.97 -9.49
N GLN A 134 0.18 -11.77 -9.78
CA GLN A 134 0.98 -11.55 -10.99
C GLN A 134 2.47 -11.76 -10.71
N GLY A 135 2.77 -12.56 -9.72
CA GLY A 135 4.20 -12.79 -9.41
C GLY A 135 4.39 -14.06 -8.56
N LEU A 136 3.83 -14.04 -7.38
CA LEU A 136 3.97 -15.22 -6.48
C LEU A 136 2.62 -15.80 -6.09
N ALA A 137 2.63 -16.69 -5.14
CA ALA A 137 1.36 -17.30 -4.69
C ALA A 137 0.73 -16.43 -3.61
N VAL A 138 -0.56 -16.57 -3.42
CA VAL A 138 -1.24 -15.74 -2.39
C VAL A 138 -2.03 -16.61 -1.42
N VAL A 139 -1.93 -16.27 -0.16
CA VAL A 139 -2.67 -17.03 0.88
C VAL A 139 -3.38 -16.09 1.82
N LEU A 140 -4.67 -16.27 1.97
CA LEU A 140 -5.44 -15.38 2.87
C LEU A 140 -5.73 -16.04 4.22
N PHE A 141 -5.63 -15.24 5.27
CA PHE A 141 -5.90 -15.77 6.62
C PHE A 141 -7.22 -15.22 7.14
N LYS A 142 -8.04 -16.08 7.67
CA LYS A 142 -9.36 -15.61 8.19
C LYS A 142 -9.23 -14.96 9.56
N ASN A 143 -8.29 -15.40 10.35
CA ASN A 143 -8.15 -14.80 11.70
C ASN A 143 -7.45 -13.45 11.63
N ASP A 144 -7.29 -12.83 12.76
CA ASP A 144 -6.61 -11.52 12.80
C ASP A 144 -5.14 -11.64 12.49
N ASN A 145 -4.36 -11.94 13.50
CA ASN A 145 -2.90 -12.07 13.29
C ASN A 145 -2.54 -13.39 12.62
N PHE A 146 -2.77 -13.46 11.34
CA PHE A 146 -2.46 -14.69 10.58
C PHE A 146 -2.75 -15.94 11.40
N SER A 147 -4.01 -16.23 11.58
CA SER A 147 -4.37 -17.44 12.36
C SER A 147 -5.68 -18.04 11.86
N GLY A 148 -6.17 -19.03 12.57
CA GLY A 148 -7.44 -19.68 12.15
C GLY A 148 -7.30 -20.33 10.77
N ASP A 149 -8.41 -20.74 10.21
CA ASP A 149 -8.36 -21.39 8.87
C ASP A 149 -7.80 -20.44 7.83
N THR A 150 -7.64 -20.92 6.62
CA THR A 150 -7.09 -20.03 5.56
C THR A 150 -7.59 -20.40 4.16
N LEU A 151 -7.42 -19.48 3.24
CA LEU A 151 -7.87 -19.71 1.85
C LEU A 151 -6.67 -19.52 0.90
N PRO A 152 -5.89 -20.56 0.75
CA PRO A 152 -4.70 -20.53 -0.10
C PRO A 152 -5.02 -20.30 -1.59
N VAL A 153 -4.70 -19.12 -2.06
CA VAL A 153 -4.99 -18.80 -3.49
C VAL A 153 -3.82 -19.29 -4.35
N ASN A 154 -3.93 -20.52 -4.78
CA ASN A 154 -2.86 -21.12 -5.63
C ASN A 154 -2.54 -20.30 -6.89
N SER A 155 -3.47 -19.51 -7.38
CA SER A 155 -3.13 -18.73 -8.60
C SER A 155 -4.20 -17.69 -8.95
N ASP A 156 -4.41 -17.52 -10.23
CA ASP A 156 -5.42 -16.52 -10.71
C ASP A 156 -6.81 -16.78 -10.15
N ALA A 157 -7.52 -15.72 -9.90
CA ALA A 157 -8.89 -15.83 -9.36
C ALA A 157 -9.54 -14.44 -9.29
N PRO A 158 -9.76 -13.88 -10.46
CA PRO A 158 -10.38 -12.54 -10.58
C PRO A 158 -11.86 -12.54 -10.18
N THR A 159 -12.21 -13.27 -9.16
CA THR A 159 -13.62 -13.28 -8.75
C THR A 159 -13.82 -13.89 -7.37
N LEU A 160 -13.86 -15.20 -7.32
CA LEU A 160 -14.04 -15.88 -6.01
C LEU A 160 -15.27 -15.34 -5.30
N GLY A 161 -15.12 -14.24 -4.60
CA GLY A 161 -16.31 -13.67 -3.87
C GLY A 161 -16.88 -14.71 -2.90
N ALA A 162 -17.65 -15.63 -3.43
CA ALA A 162 -18.26 -16.68 -2.58
C ALA A 162 -17.21 -17.38 -1.72
N MET A 163 -17.12 -16.96 -0.48
CA MET A 163 -16.14 -17.57 0.46
C MET A 163 -16.33 -16.95 1.83
N ASN A 164 -17.42 -17.34 2.48
CA ASN A 164 -17.72 -16.81 3.85
C ASN A 164 -16.45 -16.45 4.61
N ASN A 165 -15.45 -17.25 4.47
CA ASN A 165 -14.18 -16.96 5.18
C ASN A 165 -13.64 -15.60 4.77
N ASN A 166 -14.13 -14.57 5.41
CA ASN A 166 -13.66 -13.21 5.07
C ASN A 166 -12.14 -13.11 5.20
N THR A 167 -11.59 -12.03 4.68
CA THR A 167 -10.12 -11.84 4.76
C THR A 167 -9.74 -10.84 5.85
N SER A 168 -8.71 -11.16 6.57
CA SER A 168 -8.24 -10.27 7.67
C SER A 168 -6.76 -10.01 7.49
N SER A 169 -6.00 -11.08 7.53
CA SER A 169 -4.52 -10.94 7.37
C SER A 169 -4.11 -11.74 6.13
N ILE A 170 -2.92 -11.57 5.65
CA ILE A 170 -2.52 -12.35 4.44
C ILE A 170 -1.05 -12.69 4.43
N ARG A 171 -0.70 -13.52 3.49
CA ARG A 171 0.71 -13.94 3.37
C ARG A 171 1.03 -14.29 1.93
N ILE A 172 1.74 -13.43 1.28
CA ILE A 172 2.10 -13.71 -0.12
C ILE A 172 3.28 -14.65 -0.18
N SER A 173 3.03 -15.87 -0.55
CA SER A 173 4.15 -16.84 -0.63
C SER A 173 4.73 -16.90 -2.05
N MET A 1 13.35 5.17 -13.12
CA MET A 1 13.34 3.80 -12.55
C MET A 1 12.35 3.73 -11.40
N ALA A 2 12.16 4.84 -10.73
CA ALA A 2 11.22 4.84 -9.60
C ALA A 2 10.82 6.26 -9.21
N ASN A 3 9.73 6.36 -8.50
CA ASN A 3 9.26 7.71 -8.06
C ASN A 3 7.96 7.56 -7.27
N ILE A 4 7.96 8.01 -6.04
CA ILE A 4 6.72 7.89 -5.24
C ILE A 4 5.74 9.02 -5.56
N THR A 5 4.55 8.64 -5.92
CA THR A 5 3.51 9.66 -6.24
C THR A 5 2.48 9.75 -5.12
N VAL A 6 1.82 10.88 -5.06
CA VAL A 6 0.80 11.05 -4.00
C VAL A 6 -0.39 11.82 -4.55
N PHE A 7 -1.48 11.79 -3.82
CA PHE A 7 -2.70 12.51 -4.29
C PHE A 7 -3.21 13.45 -3.21
N TYR A 8 -3.77 14.55 -3.62
CA TYR A 8 -4.30 15.53 -2.62
C TYR A 8 -5.52 14.99 -1.87
N ASN A 9 -6.62 14.86 -2.57
CA ASN A 9 -7.85 14.34 -1.90
C ASN A 9 -7.74 12.86 -1.61
N GLU A 10 -8.68 12.39 -0.84
CA GLU A 10 -8.67 10.95 -0.49
C GLU A 10 -9.09 10.13 -1.70
N ASP A 11 -8.95 8.85 -1.58
CA ASP A 11 -9.35 7.97 -2.71
C ASP A 11 -8.54 8.32 -3.96
N PHE A 12 -7.23 8.30 -3.83
CA PHE A 12 -6.36 8.62 -4.99
C PHE A 12 -6.92 9.77 -5.83
N GLN A 13 -7.71 10.62 -5.22
CA GLN A 13 -8.30 11.75 -5.96
C GLN A 13 -7.57 13.06 -5.62
N GLY A 14 -7.74 14.05 -6.46
CA GLY A 14 -7.06 15.36 -6.19
C GLY A 14 -5.67 15.39 -6.84
N LYS A 15 -5.36 16.51 -7.49
CA LYS A 15 -4.03 16.65 -8.17
C LYS A 15 -2.94 15.86 -7.45
N GLN A 16 -2.12 15.18 -8.22
CA GLN A 16 -1.03 14.38 -7.62
C GLN A 16 0.35 14.98 -7.90
N VAL A 17 1.34 14.46 -7.22
CA VAL A 17 2.73 14.98 -7.43
C VAL A 17 3.73 13.83 -7.40
N ASP A 18 4.62 13.81 -8.37
CA ASP A 18 5.63 12.74 -8.42
C ASP A 18 6.94 13.18 -7.78
N LEU A 19 7.27 12.60 -6.66
CA LEU A 19 8.54 12.99 -5.97
C LEU A 19 9.61 11.89 -6.14
N PRO A 20 10.81 12.26 -6.59
CA PRO A 20 11.87 11.28 -6.76
C PRO A 20 12.33 10.74 -5.40
N PRO A 21 13.07 9.66 -5.45
CA PRO A 21 13.58 9.02 -4.23
C PRO A 21 14.54 9.96 -3.48
N GLY A 22 15.29 9.40 -2.54
CA GLY A 22 16.25 10.24 -1.77
C GLY A 22 15.65 10.68 -0.42
N ASN A 23 16.46 11.33 0.37
CA ASN A 23 15.99 11.81 1.70
C ASN A 23 15.71 13.31 1.67
N TYR A 24 14.60 13.73 2.23
CA TYR A 24 14.31 15.19 2.22
C TYR A 24 13.38 15.58 3.38
N THR A 25 13.13 16.87 3.49
CA THR A 25 12.24 17.36 4.56
C THR A 25 11.35 18.48 4.06
N ARG A 26 10.89 19.29 4.99
CA ARG A 26 10.01 20.42 4.58
C ARG A 26 10.79 21.45 3.79
N ALA A 27 12.09 21.48 3.97
CA ALA A 27 12.90 22.46 3.23
C ALA A 27 12.85 22.19 1.75
N GLN A 28 13.26 21.03 1.35
CA GLN A 28 13.24 20.72 -0.09
C GLN A 28 11.82 20.83 -0.59
N LEU A 29 10.92 20.28 0.16
CA LEU A 29 9.51 20.34 -0.25
C LEU A 29 9.09 21.78 -0.39
N ALA A 30 9.57 22.64 0.47
CA ALA A 30 9.19 24.05 0.37
C ALA A 30 9.48 24.52 -1.04
N ALA A 31 10.53 23.99 -1.59
CA ALA A 31 10.90 24.37 -2.97
C ALA A 31 9.90 23.78 -3.97
N LEU A 32 9.37 22.63 -3.62
CA LEU A 32 8.38 21.99 -4.53
C LEU A 32 6.99 22.60 -4.35
N GLY A 33 6.33 22.22 -3.28
CA GLY A 33 4.96 22.76 -3.03
C GLY A 33 4.18 21.85 -2.09
N ILE A 34 4.48 20.58 -2.14
CA ILE A 34 3.77 19.62 -1.26
C ILE A 34 4.21 19.79 0.18
N GLU A 35 3.26 19.84 1.09
CA GLU A 35 3.64 20.00 2.52
C GLU A 35 2.45 19.85 3.45
N ASN A 36 2.71 19.32 4.63
CA ASN A 36 1.62 19.12 5.61
C ASN A 36 0.64 18.04 5.16
N ASN A 37 -0.60 18.21 5.50
CA ASN A 37 -1.62 17.22 5.11
C ASN A 37 -1.94 17.29 3.63
N THR A 38 -1.18 16.56 2.83
CA THR A 38 -1.42 16.57 1.38
C THR A 38 -1.20 15.20 0.78
N ILE A 39 -0.29 14.46 1.36
CA ILE A 39 -0.02 13.10 0.84
C ILE A 39 -1.11 12.15 1.28
N SER A 40 -2.29 12.42 0.83
CA SER A 40 -3.42 11.58 1.19
C SER A 40 -3.26 10.18 0.61
N SER A 41 -3.35 10.06 -0.70
CA SER A 41 -3.19 8.71 -1.31
C SER A 41 -1.74 8.52 -1.72
N VAL A 42 -1.39 7.31 -2.12
CA VAL A 42 0.01 7.09 -2.54
C VAL A 42 0.14 5.94 -3.53
N LYS A 43 1.21 5.97 -4.29
CA LYS A 43 1.46 4.90 -5.29
C LYS A 43 2.97 4.70 -5.46
N VAL A 44 3.49 3.67 -4.83
CA VAL A 44 4.95 3.40 -4.93
C VAL A 44 5.25 1.98 -5.45
N PRO A 45 5.60 1.87 -6.73
CA PRO A 45 5.92 0.57 -7.32
C PRO A 45 7.20 0.02 -6.70
N PRO A 46 7.50 -1.22 -7.00
CA PRO A 46 8.70 -1.87 -6.48
C PRO A 46 9.96 -1.12 -6.92
N GLY A 47 11.09 -1.72 -6.69
CA GLY A 47 12.35 -1.05 -7.10
C GLY A 47 12.77 0.00 -6.06
N VAL A 48 11.85 0.40 -5.23
CA VAL A 48 12.19 1.42 -4.20
C VAL A 48 11.39 1.24 -2.92
N LYS A 49 12.06 1.41 -1.80
CA LYS A 49 11.40 1.28 -0.48
C LYS A 49 11.29 2.66 0.15
N ALA A 50 10.07 3.09 0.42
CA ALA A 50 9.89 4.44 1.04
C ALA A 50 9.50 4.38 2.51
N ILE A 51 9.79 5.45 3.19
CA ILE A 51 9.47 5.56 4.62
C ILE A 51 9.02 6.98 4.92
N LEU A 52 7.79 7.13 5.30
CA LEU A 52 7.29 8.51 5.59
C LEU A 52 7.45 8.87 7.07
N TYR A 53 7.48 10.16 7.34
CA TYR A 53 7.62 10.62 8.73
C TYR A 53 6.73 11.82 9.00
N GLN A 54 5.69 11.61 9.76
CA GLN A 54 4.76 12.71 10.08
C GLN A 54 5.51 13.98 10.46
N ASN A 55 5.90 14.06 11.70
CA ASN A 55 6.65 15.26 12.16
C ASN A 55 7.94 15.43 11.36
N ASP A 56 8.38 16.65 11.24
CA ASP A 56 9.63 16.91 10.48
C ASP A 56 10.80 16.14 11.08
N GLY A 57 11.98 16.43 10.60
CA GLY A 57 13.17 15.74 11.14
C GLY A 57 12.94 14.22 11.16
N PHE A 58 12.28 13.73 10.15
CA PHE A 58 12.02 12.27 10.08
C PHE A 58 11.53 11.76 11.43
N ALA A 59 10.56 12.46 12.01
CA ALA A 59 10.01 12.04 13.32
C ALA A 59 8.51 11.81 13.25
N GLY A 60 7.88 11.74 14.39
CA GLY A 60 6.41 11.52 14.41
C GLY A 60 6.08 10.13 13.87
N ASP A 61 4.85 9.71 14.03
CA ASP A 61 4.44 8.37 13.53
C ASP A 61 5.09 8.07 12.19
N GLN A 62 5.90 7.04 12.15
CA GLN A 62 6.58 6.69 10.88
C GLN A 62 5.85 5.57 10.14
N ILE A 63 5.98 5.60 8.84
CA ILE A 63 5.32 4.56 8.00
C ILE A 63 6.32 3.97 7.04
N GLU A 64 5.94 2.92 6.41
CA GLU A 64 6.87 2.27 5.44
C GLU A 64 6.08 1.64 4.31
N VAL A 65 6.53 1.88 3.10
CA VAL A 65 5.80 1.30 1.94
C VAL A 65 6.72 0.89 0.82
N VAL A 66 6.18 0.07 -0.03
CA VAL A 66 6.94 -0.42 -1.19
C VAL A 66 5.95 -0.68 -2.30
N ALA A 67 4.70 -0.52 -1.96
CA ALA A 67 3.60 -0.72 -2.94
C ALA A 67 2.66 0.48 -2.94
N ASN A 68 1.47 0.27 -3.41
CA ASN A 68 0.49 1.38 -3.46
C ASN A 68 -0.34 1.40 -2.18
N ALA A 69 -0.55 2.58 -1.65
CA ALA A 69 -1.35 2.72 -0.40
C ALA A 69 -2.65 3.47 -0.68
N GLU A 70 -3.73 2.74 -0.73
CA GLU A 70 -5.05 3.39 -0.99
C GLU A 70 -5.30 4.52 -0.02
N GLU A 71 -5.69 4.16 1.18
CA GLU A 71 -5.96 5.21 2.20
C GLU A 71 -4.71 5.50 3.02
N LEU A 72 -3.63 4.89 2.63
CA LEU A 72 -2.37 5.11 3.38
C LEU A 72 -2.53 4.83 4.86
N GLY A 73 -2.70 5.87 5.65
CA GLY A 73 -2.86 5.66 7.11
C GLY A 73 -3.42 6.90 7.79
N PRO A 74 -3.53 6.82 9.10
CA PRO A 74 -4.04 7.91 9.92
C PRO A 74 -3.13 9.14 9.91
N LEU A 75 -1.84 8.90 9.90
CA LEU A 75 -0.90 10.05 9.89
C LEU A 75 -1.14 10.97 8.69
N ASN A 76 -2.20 10.72 7.98
CA ASN A 76 -2.50 11.58 6.80
C ASN A 76 -2.90 12.98 7.25
N ASN A 77 -2.89 13.19 8.53
CA ASN A 77 -3.28 14.53 9.05
C ASN A 77 -2.11 15.50 9.00
N ASN A 78 -0.92 14.98 8.83
CA ASN A 78 0.27 15.87 8.78
C ASN A 78 1.48 15.14 8.20
N VAL A 79 2.07 15.72 7.19
CA VAL A 79 3.27 15.07 6.56
C VAL A 79 4.33 16.13 6.25
N SER A 80 5.57 15.72 6.25
CA SER A 80 6.64 16.69 5.95
C SER A 80 7.98 16.00 5.68
N SER A 81 8.38 15.12 6.56
CA SER A 81 9.68 14.41 6.35
C SER A 81 9.45 13.08 5.65
N ILE A 82 10.27 12.79 4.67
CA ILE A 82 10.10 11.50 3.96
C ILE A 82 11.45 11.01 3.43
N ARG A 83 11.54 9.74 3.20
CA ARG A 83 12.83 9.19 2.69
C ARG A 83 12.60 7.96 1.83
N VAL A 84 13.50 7.73 0.92
CA VAL A 84 13.38 6.55 0.03
C VAL A 84 14.76 6.05 -0.40
N ILE A 85 14.90 4.75 -0.44
CA ILE A 85 16.23 4.18 -0.84
C ILE A 85 16.04 3.04 -1.85
N SER A 86 16.76 3.12 -2.94
CA SER A 86 16.64 2.06 -3.97
C SER A 86 16.55 0.68 -3.34
N VAL A 87 15.70 -0.15 -3.90
CA VAL A 87 15.54 -1.52 -3.35
C VAL A 87 15.31 -2.51 -4.50
N PRO A 88 15.89 -3.70 -4.39
CA PRO A 88 15.72 -4.72 -5.43
C PRO A 88 14.25 -4.99 -5.72
N VAL A 89 13.95 -5.23 -6.96
CA VAL A 89 12.54 -5.50 -7.31
C VAL A 89 12.04 -6.78 -6.66
N GLN A 90 10.78 -6.78 -6.29
CA GLN A 90 10.19 -7.99 -5.64
C GLN A 90 8.96 -8.48 -6.44
N PRO A 91 8.83 -9.79 -6.59
CA PRO A 91 7.72 -10.35 -7.33
C PRO A 91 6.37 -9.90 -6.75
N ARG A 92 6.40 -9.53 -5.50
CA ARG A 92 5.16 -9.05 -4.81
C ARG A 92 3.90 -9.81 -5.28
N ALA A 93 2.78 -9.12 -5.20
CA ALA A 93 1.49 -9.73 -5.63
C ALA A 93 0.56 -8.65 -6.20
N ARG A 94 -0.56 -9.07 -6.76
CA ARG A 94 -1.50 -8.06 -7.32
C ARG A 94 -2.94 -8.50 -7.17
N PHE A 95 -3.66 -7.78 -6.36
CA PHE A 95 -5.09 -8.12 -6.14
C PHE A 95 -5.99 -7.27 -7.03
N PHE A 96 -7.23 -7.70 -7.20
CA PHE A 96 -8.18 -6.93 -8.05
C PHE A 96 -9.43 -6.57 -7.25
N TYR A 97 -10.11 -5.54 -7.69
CA TYR A 97 -11.33 -5.12 -6.95
C TYR A 97 -12.50 -6.06 -7.25
N LYS A 98 -13.26 -5.73 -8.25
CA LYS A 98 -14.42 -6.59 -8.61
C LYS A 98 -14.00 -8.07 -8.68
N GLU A 99 -14.99 -8.94 -8.63
CA GLU A 99 -14.68 -10.39 -8.68
C GLU A 99 -14.66 -10.94 -10.11
N GLN A 100 -13.70 -10.51 -10.89
CA GLN A 100 -13.63 -10.99 -12.31
C GLN A 100 -12.44 -10.33 -13.02
N PHE A 101 -11.29 -10.42 -12.41
CA PHE A 101 -10.08 -9.82 -13.03
C PHE A 101 -10.32 -8.39 -13.50
N ASP A 102 -11.14 -7.66 -12.79
CA ASP A 102 -11.42 -6.27 -13.19
C ASP A 102 -11.53 -5.36 -11.96
N GLY A 103 -11.60 -4.09 -12.20
CA GLY A 103 -11.71 -3.14 -11.05
C GLY A 103 -10.31 -2.81 -10.52
N LYS A 104 -10.11 -1.55 -10.16
CA LYS A 104 -8.80 -1.10 -9.62
C LYS A 104 -8.06 -2.21 -8.89
N GLU A 105 -6.80 -2.36 -9.19
CA GLU A 105 -6.00 -3.43 -8.52
C GLU A 105 -5.05 -2.83 -7.48
N VAL A 106 -4.56 -3.69 -6.62
CA VAL A 106 -3.64 -3.22 -5.56
C VAL A 106 -2.53 -4.24 -5.34
N ASP A 107 -1.30 -3.78 -5.36
CA ASP A 107 -0.17 -4.72 -5.15
C ASP A 107 0.35 -4.68 -3.73
N LEU A 108 0.97 -5.75 -3.32
CA LEU A 108 1.51 -5.81 -1.94
C LEU A 108 2.84 -6.62 -1.90
N PRO A 109 3.82 -6.12 -1.15
CA PRO A 109 5.12 -6.79 -1.03
C PRO A 109 5.03 -8.06 -0.18
N PRO A 110 6.08 -8.86 -0.24
CA PRO A 110 6.14 -10.12 0.52
C PRO A 110 6.13 -9.85 2.03
N GLY A 111 5.46 -10.69 2.76
CA GLY A 111 5.42 -10.46 4.25
C GLY A 111 4.06 -10.85 4.84
N GLN A 112 3.74 -10.26 5.97
CA GLN A 112 2.44 -10.55 6.63
C GLN A 112 1.66 -9.28 6.89
N TYR A 113 0.35 -9.39 6.94
CA TYR A 113 -0.48 -8.19 7.19
C TYR A 113 -1.72 -8.53 8.01
N THR A 114 -2.14 -7.60 8.82
CA THR A 114 -3.33 -7.83 9.66
C THR A 114 -4.61 -7.27 9.02
N GLN A 115 -5.41 -6.62 9.83
CA GLN A 115 -6.68 -6.04 9.31
C GLN A 115 -6.64 -4.50 9.37
N ALA A 116 -5.86 -3.98 10.26
CA ALA A 116 -5.77 -2.50 10.38
C ALA A 116 -4.90 -1.89 9.28
N GLU A 117 -3.64 -2.22 9.29
CA GLU A 117 -2.73 -1.66 8.27
C GLU A 117 -3.01 -2.27 6.91
N LEU A 118 -3.08 -3.57 6.89
CA LEU A 118 -3.35 -4.27 5.62
C LEU A 118 -4.40 -3.54 4.79
N GLU A 119 -5.61 -3.60 5.27
CA GLU A 119 -6.70 -2.92 4.55
C GLU A 119 -6.34 -1.50 4.19
N ARG A 120 -5.99 -0.74 5.18
CA ARG A 120 -5.63 0.65 4.90
C ARG A 120 -4.28 0.78 4.18
N TYR A 121 -3.65 -0.34 3.91
CA TYR A 121 -2.33 -0.29 3.20
C TYR A 121 -2.45 -0.71 1.76
N GLY A 122 -3.58 -1.27 1.40
CA GLY A 122 -3.75 -1.69 -0.01
C GLY A 122 -5.20 -1.54 -0.46
N ILE A 123 -6.12 -1.99 0.37
CA ILE A 123 -7.54 -1.87 0.00
C ILE A 123 -8.40 -1.40 1.17
N ASP A 124 -9.25 -2.27 1.64
CA ASP A 124 -10.12 -1.91 2.77
C ASP A 124 -10.58 -3.16 3.51
N ASN A 125 -11.69 -3.06 4.18
CA ASN A 125 -12.19 -4.25 4.92
C ASN A 125 -12.92 -5.23 4.01
N ASN A 126 -12.95 -4.95 2.72
CA ASN A 126 -13.65 -5.89 1.80
C ASN A 126 -13.15 -5.77 0.37
N THR A 127 -14.04 -6.09 -0.56
CA THR A 127 -13.70 -6.03 -2.03
C THR A 127 -12.27 -6.54 -2.35
N ILE A 128 -12.18 -7.80 -2.73
CA ILE A 128 -10.85 -8.39 -3.07
C ILE A 128 -11.02 -9.57 -4.03
N SER A 129 -11.48 -10.67 -3.51
CA SER A 129 -11.68 -11.88 -4.36
C SER A 129 -10.55 -12.11 -5.36
N SER A 130 -10.77 -11.69 -6.58
CA SER A 130 -9.72 -11.86 -7.64
C SER A 130 -8.30 -11.50 -7.18
N VAL A 131 -7.44 -12.50 -7.18
CA VAL A 131 -6.02 -12.28 -6.76
C VAL A 131 -5.08 -12.67 -7.89
N LYS A 132 -3.99 -11.97 -7.99
CA LYS A 132 -3.03 -12.28 -9.07
C LYS A 132 -1.59 -12.08 -8.59
N PRO A 133 -1.07 -13.08 -7.91
CA PRO A 133 0.28 -13.01 -7.38
C PRO A 133 1.30 -12.89 -8.51
N GLN A 134 1.88 -11.74 -8.62
CA GLN A 134 2.87 -11.53 -9.68
C GLN A 134 4.09 -12.44 -9.51
N GLY A 135 4.11 -13.22 -8.45
CA GLY A 135 5.28 -14.12 -8.26
C GLY A 135 5.21 -14.89 -6.93
N LEU A 136 4.81 -14.24 -5.87
CA LEU A 136 4.75 -14.97 -4.57
C LEU A 136 3.41 -15.65 -4.38
N ALA A 137 3.27 -16.38 -3.31
CA ALA A 137 1.99 -17.09 -3.03
C ALA A 137 1.24 -16.37 -1.91
N VAL A 138 -0.01 -16.08 -2.14
CA VAL A 138 -0.80 -15.37 -1.10
C VAL A 138 -1.65 -16.32 -0.27
N VAL A 139 -1.85 -15.95 0.98
CA VAL A 139 -2.67 -16.80 1.88
C VAL A 139 -3.68 -15.92 2.61
N LEU A 140 -4.94 -16.13 2.34
CA LEU A 140 -5.98 -15.30 3.01
C LEU A 140 -6.49 -15.94 4.32
N PHE A 141 -6.68 -15.11 5.31
CA PHE A 141 -7.18 -15.60 6.63
C PHE A 141 -8.52 -14.94 6.95
N LYS A 142 -9.47 -15.75 7.34
CA LYS A 142 -10.82 -15.20 7.66
C LYS A 142 -10.77 -14.21 8.81
N ASN A 143 -10.73 -14.71 10.01
CA ASN A 143 -10.68 -13.81 11.18
C ASN A 143 -9.37 -13.03 11.21
N ASP A 144 -9.35 -11.98 12.00
CA ASP A 144 -8.12 -11.17 12.10
C ASP A 144 -6.97 -12.01 12.65
N ASN A 145 -5.96 -11.33 13.14
CA ASN A 145 -4.79 -12.05 13.70
C ASN A 145 -4.47 -13.30 12.90
N PHE A 146 -4.79 -13.24 11.63
CA PHE A 146 -4.52 -14.41 10.75
C PHE A 146 -4.91 -15.70 11.47
N SER A 147 -6.17 -15.82 11.79
CA SER A 147 -6.65 -17.03 12.50
C SER A 147 -7.96 -17.53 11.88
N GLY A 148 -8.42 -18.67 12.35
CA GLY A 148 -9.69 -19.23 11.81
C GLY A 148 -9.45 -19.89 10.45
N ASP A 149 -10.52 -20.09 9.72
CA ASP A 149 -10.37 -20.73 8.38
C ASP A 149 -9.48 -19.88 7.49
N THR A 150 -8.95 -20.49 6.45
CA THR A 150 -8.05 -19.72 5.54
C THR A 150 -8.15 -20.23 4.10
N LEU A 151 -7.62 -19.45 3.19
CA LEU A 151 -7.64 -19.85 1.76
C LEU A 151 -6.25 -19.62 1.14
N PRO A 152 -5.39 -20.61 1.27
CA PRO A 152 -4.04 -20.53 0.72
C PRO A 152 -4.03 -20.39 -0.80
N VAL A 153 -3.75 -19.21 -1.27
CA VAL A 153 -3.72 -19.00 -2.74
C VAL A 153 -2.34 -19.30 -3.27
N ASN A 154 -2.08 -20.57 -3.48
CA ASN A 154 -0.75 -20.98 -3.99
C ASN A 154 -0.63 -20.77 -5.50
N SER A 155 -1.46 -19.93 -6.05
CA SER A 155 -1.37 -19.69 -7.51
C SER A 155 -2.24 -18.51 -7.95
N ASP A 156 -2.69 -18.57 -9.18
CA ASP A 156 -3.54 -17.47 -9.69
C ASP A 156 -5.01 -17.69 -9.39
N ALA A 157 -5.75 -16.62 -9.38
CA ALA A 157 -7.20 -16.71 -9.10
C ALA A 157 -7.89 -15.39 -9.45
N PRO A 158 -7.93 -15.12 -10.73
CA PRO A 158 -8.56 -13.90 -11.25
C PRO A 158 -10.09 -13.87 -11.06
N THR A 159 -10.56 -14.42 -9.98
CA THR A 159 -12.03 -14.42 -9.75
C THR A 159 -12.39 -14.87 -8.35
N LEU A 160 -12.17 -16.13 -8.08
CA LEU A 160 -12.50 -16.64 -6.72
C LEU A 160 -13.93 -16.28 -6.34
N GLY A 161 -14.10 -15.18 -5.67
CA GLY A 161 -15.47 -14.76 -5.26
C GLY A 161 -16.27 -15.96 -4.73
N ALA A 162 -15.75 -16.59 -3.72
CA ALA A 162 -16.46 -17.76 -3.15
C ALA A 162 -16.10 -17.94 -1.67
N MET A 163 -14.98 -18.54 -1.41
CA MET A 163 -14.58 -18.74 0.00
C MET A 163 -14.26 -17.40 0.66
N ASN A 164 -13.78 -16.48 -0.13
CA ASN A 164 -13.45 -15.15 0.43
C ASN A 164 -14.65 -14.20 0.35
N ASN A 165 -14.88 -13.47 1.40
CA ASN A 165 -16.03 -12.53 1.40
C ASN A 165 -15.82 -11.42 2.42
N ASN A 166 -14.77 -11.54 3.18
CA ASN A 166 -14.48 -10.50 4.20
C ASN A 166 -13.10 -10.72 4.80
N THR A 167 -12.18 -11.09 3.96
CA THR A 167 -10.78 -11.33 4.42
C THR A 167 -10.37 -10.31 5.47
N SER A 168 -9.73 -10.78 6.52
CA SER A 168 -9.28 -9.85 7.58
C SER A 168 -7.77 -9.67 7.55
N SER A 169 -7.07 -10.72 7.23
CA SER A 169 -5.59 -10.60 7.17
C SER A 169 -4.98 -11.62 6.22
N ILE A 170 -3.80 -11.33 5.69
CA ILE A 170 -3.17 -12.30 4.75
C ILE A 170 -1.69 -12.34 4.92
N ARG A 171 -1.12 -13.26 4.23
CA ARG A 171 0.35 -13.43 4.30
C ARG A 171 0.91 -13.79 2.95
N ILE A 172 1.67 -12.89 2.39
CA ILE A 172 2.25 -13.18 1.06
C ILE A 172 3.47 -14.08 1.23
N SER A 173 3.25 -15.36 1.17
CA SER A 173 4.38 -16.30 1.33
C SER A 173 5.13 -16.47 0.01
N MET A 1 16.65 4.85 -10.50
CA MET A 1 15.64 5.54 -11.34
C MET A 1 14.29 5.54 -10.64
N ALA A 2 14.18 4.76 -9.61
CA ALA A 2 12.90 4.69 -8.87
C ALA A 2 12.54 6.06 -8.31
N ASN A 3 11.32 6.18 -7.86
CA ASN A 3 10.87 7.47 -7.29
C ASN A 3 9.45 7.38 -6.75
N ILE A 4 9.28 7.77 -5.52
CA ILE A 4 7.91 7.71 -4.93
C ILE A 4 6.99 8.71 -5.60
N THR A 5 5.72 8.59 -5.33
CA THR A 5 4.76 9.54 -5.95
C THR A 5 3.57 9.76 -5.03
N VAL A 6 3.31 11.01 -4.71
CA VAL A 6 2.16 11.32 -3.81
C VAL A 6 0.94 11.82 -4.60
N PHE A 7 -0.22 11.33 -4.22
CA PHE A 7 -1.45 11.75 -4.91
C PHE A 7 -2.08 12.95 -4.19
N TYR A 8 -2.74 13.79 -4.95
CA TYR A 8 -3.38 14.99 -4.33
C TYR A 8 -4.75 14.72 -3.68
N ASN A 9 -5.20 13.49 -3.73
CA ASN A 9 -6.52 13.22 -3.12
C ASN A 9 -6.64 11.78 -2.64
N GLU A 10 -7.63 11.55 -1.81
CA GLU A 10 -7.82 10.18 -1.29
C GLU A 10 -8.35 9.26 -2.38
N ASP A 11 -8.26 7.98 -2.15
CA ASP A 11 -8.75 7.01 -3.16
C ASP A 11 -7.82 6.98 -4.37
N PHE A 12 -6.54 7.02 -4.10
CA PHE A 12 -5.56 7.00 -5.20
C PHE A 12 -5.86 8.08 -6.23
N GLN A 13 -6.75 8.98 -5.88
CA GLN A 13 -7.09 10.08 -6.83
C GLN A 13 -6.32 11.34 -6.51
N GLY A 14 -6.41 12.32 -7.37
CA GLY A 14 -5.68 13.60 -7.13
C GLY A 14 -4.35 13.61 -7.87
N LYS A 15 -4.01 14.74 -8.45
CA LYS A 15 -2.73 14.86 -9.20
C LYS A 15 -1.62 14.06 -8.52
N GLN A 16 -0.72 13.53 -9.33
CA GLN A 16 0.40 12.73 -8.75
C GLN A 16 1.77 13.34 -9.06
N VAL A 17 2.49 13.70 -8.00
CA VAL A 17 3.82 14.31 -8.18
C VAL A 17 4.91 13.29 -7.84
N ASP A 18 5.88 13.15 -8.71
CA ASP A 18 6.97 12.17 -8.45
C ASP A 18 8.14 12.80 -7.68
N LEU A 19 8.72 12.01 -6.80
CA LEU A 19 9.88 12.52 -5.99
C LEU A 19 10.96 11.42 -5.88
N PRO A 20 12.23 11.78 -6.08
CA PRO A 20 13.32 10.81 -5.98
C PRO A 20 13.48 10.28 -4.55
N PRO A 21 14.22 9.21 -4.41
CA PRO A 21 14.46 8.58 -3.10
C PRO A 21 15.24 9.54 -2.18
N GLY A 22 15.62 9.04 -1.02
CA GLY A 22 16.38 9.89 -0.06
C GLY A 22 15.46 10.38 1.06
N ASN A 23 15.94 11.33 1.81
CA ASN A 23 15.12 11.87 2.94
C ASN A 23 15.15 13.39 2.96
N TYR A 24 14.00 13.97 3.18
CA TYR A 24 13.94 15.44 3.22
C TYR A 24 12.80 15.92 4.12
N THR A 25 12.56 17.21 4.10
CA THR A 25 11.47 17.76 4.93
C THR A 25 10.77 18.89 4.20
N ARG A 26 10.04 19.68 4.94
CA ARG A 26 9.32 20.80 4.30
C ARG A 26 10.31 21.73 3.62
N ALA A 27 11.58 21.54 3.94
CA ALA A 27 12.61 22.41 3.33
C ALA A 27 12.76 22.10 1.85
N GLN A 28 13.24 20.93 1.55
CA GLN A 28 13.40 20.58 0.13
C GLN A 28 12.07 20.66 -0.56
N LEU A 29 11.07 20.16 0.10
CA LEU A 29 9.74 20.19 -0.50
C LEU A 29 9.27 21.63 -0.66
N ALA A 30 9.61 22.47 0.28
CA ALA A 30 9.17 23.88 0.15
C ALA A 30 9.67 24.39 -1.17
N ALA A 31 10.78 23.83 -1.61
CA ALA A 31 11.33 24.26 -2.90
C ALA A 31 10.45 23.74 -4.02
N LEU A 32 9.92 22.55 -3.81
CA LEU A 32 9.03 21.96 -4.84
C LEU A 32 7.62 22.52 -4.72
N GLY A 33 6.90 22.06 -3.73
CA GLY A 33 5.50 22.56 -3.53
C GLY A 33 4.64 21.49 -2.84
N ILE A 34 5.29 20.53 -2.23
CA ILE A 34 4.53 19.45 -1.52
C ILE A 34 4.53 19.68 -0.01
N GLU A 35 3.37 19.68 0.60
CA GLU A 35 3.30 19.89 2.06
C GLU A 35 1.87 19.80 2.58
N ASN A 36 1.73 19.54 3.87
CA ASN A 36 0.37 19.44 4.49
C ASN A 36 -0.25 18.07 4.24
N ASN A 37 -1.55 18.05 4.05
CA ASN A 37 -2.23 16.74 3.81
C ASN A 37 -2.40 16.47 2.31
N THR A 38 -1.65 17.14 1.48
CA THR A 38 -1.80 16.88 0.03
C THR A 38 -1.36 15.48 -0.31
N ILE A 39 -0.56 14.91 0.56
CA ILE A 39 -0.09 13.55 0.30
C ILE A 39 -1.21 12.59 0.60
N SER A 40 -2.39 13.06 0.34
CA SER A 40 -3.60 12.25 0.58
C SER A 40 -3.34 10.77 0.28
N SER A 41 -2.89 10.49 -0.92
CA SER A 41 -2.61 9.07 -1.29
C SER A 41 -1.17 8.93 -1.73
N VAL A 42 -0.73 7.72 -1.99
CA VAL A 42 0.68 7.58 -2.42
C VAL A 42 0.89 6.36 -3.33
N LYS A 43 1.99 6.39 -4.03
CA LYS A 43 2.32 5.28 -4.96
C LYS A 43 3.82 5.02 -4.91
N VAL A 44 4.19 3.80 -4.60
CA VAL A 44 5.64 3.48 -4.52
C VAL A 44 5.94 2.06 -5.01
N PRO A 45 6.46 1.93 -6.22
CA PRO A 45 6.78 0.62 -6.78
C PRO A 45 7.96 0.01 -6.02
N PRO A 46 8.23 -1.25 -6.30
CA PRO A 46 9.33 -1.96 -5.65
C PRO A 46 10.66 -1.30 -5.97
N GLY A 47 11.74 -1.92 -5.55
CA GLY A 47 13.07 -1.32 -5.82
C GLY A 47 13.34 -0.17 -4.87
N VAL A 48 12.32 0.29 -4.19
CA VAL A 48 12.52 1.41 -3.26
C VAL A 48 11.52 1.38 -2.10
N LYS A 49 12.03 1.47 -0.90
CA LYS A 49 11.14 1.46 0.28
C LYS A 49 10.91 2.88 0.75
N ALA A 50 9.76 3.16 1.33
CA ALA A 50 9.49 4.55 1.78
C ALA A 50 8.91 4.60 3.18
N ILE A 51 9.22 5.66 3.86
CA ILE A 51 8.73 5.85 5.24
C ILE A 51 8.28 7.29 5.39
N LEU A 52 7.03 7.50 5.64
CA LEU A 52 6.55 8.90 5.79
C LEU A 52 6.65 9.37 7.22
N TYR A 53 6.72 10.67 7.39
CA TYR A 53 6.83 11.25 8.75
C TYR A 53 5.84 12.41 8.90
N GLN A 54 4.85 12.21 9.72
CA GLN A 54 3.83 13.27 9.93
C GLN A 54 4.49 14.61 10.25
N ASN A 55 4.91 14.77 11.47
CA ASN A 55 5.56 16.05 11.85
C ASN A 55 6.84 16.26 11.06
N ASP A 56 7.20 17.50 10.91
CA ASP A 56 8.45 17.80 10.15
C ASP A 56 9.66 17.25 10.87
N GLY A 57 10.81 17.43 10.29
CA GLY A 57 12.06 16.92 10.93
C GLY A 57 11.95 15.42 11.16
N PHE A 58 11.25 14.74 10.28
CA PHE A 58 11.11 13.28 10.43
C PHE A 58 10.60 12.93 11.83
N ALA A 59 9.36 13.29 12.09
CA ALA A 59 8.79 12.98 13.43
C ALA A 59 7.30 12.70 13.34
N GLY A 60 6.66 12.60 14.47
CA GLY A 60 5.20 12.31 14.48
C GLY A 60 4.93 10.90 13.93
N ASP A 61 3.69 10.49 13.98
CA ASP A 61 3.36 9.15 13.47
C ASP A 61 4.06 8.88 12.14
N GLN A 62 5.00 7.98 12.16
CA GLN A 62 5.73 7.65 10.92
C GLN A 62 5.12 6.45 10.21
N ILE A 63 4.83 6.60 8.95
CA ILE A 63 4.23 5.48 8.19
C ILE A 63 5.30 4.73 7.42
N GLU A 64 4.97 3.54 6.98
CA GLU A 64 5.95 2.72 6.23
C GLU A 64 5.27 2.07 5.04
N VAL A 65 5.87 2.21 3.88
CA VAL A 65 5.24 1.60 2.69
C VAL A 65 6.27 1.19 1.65
N VAL A 66 5.83 0.37 0.75
CA VAL A 66 6.71 -0.11 -0.32
C VAL A 66 5.87 -0.33 -1.57
N ALA A 67 4.59 -0.13 -1.40
CA ALA A 67 3.64 -0.30 -2.52
C ALA A 67 2.78 0.94 -2.63
N ASN A 68 1.55 0.75 -3.01
CA ASN A 68 0.64 1.91 -3.15
C ASN A 68 -0.20 2.07 -1.90
N ALA A 69 -0.14 3.23 -1.30
CA ALA A 69 -0.94 3.47 -0.08
C ALA A 69 -2.32 4.01 -0.46
N GLU A 70 -3.31 3.17 -0.28
CA GLU A 70 -4.68 3.59 -0.61
C GLU A 70 -5.17 4.73 0.29
N GLU A 71 -5.69 4.39 1.43
CA GLU A 71 -6.18 5.43 2.37
C GLU A 71 -5.03 6.05 3.15
N LEU A 72 -3.82 5.68 2.83
CA LEU A 72 -2.66 6.25 3.56
C LEU A 72 -2.73 5.92 5.05
N GLY A 73 -3.54 6.65 5.77
CA GLY A 73 -3.66 6.39 7.23
C GLY A 73 -4.46 7.50 7.91
N PRO A 74 -4.72 7.31 9.18
CA PRO A 74 -5.46 8.27 9.99
C PRO A 74 -4.72 9.60 10.11
N LEU A 75 -3.43 9.55 10.04
CA LEU A 75 -2.64 10.81 10.17
C LEU A 75 -2.56 11.55 8.83
N ASN A 76 -3.44 11.23 7.92
CA ASN A 76 -3.42 11.90 6.61
C ASN A 76 -3.83 13.37 6.75
N ASN A 77 -3.97 13.80 7.97
CA ASN A 77 -4.38 15.21 8.20
C ASN A 77 -3.18 16.15 8.15
N ASN A 78 -2.00 15.57 8.15
CA ASN A 78 -0.78 16.43 8.11
C ASN A 78 0.46 15.62 7.74
N VAL A 79 1.13 16.02 6.69
CA VAL A 79 2.34 15.29 6.27
C VAL A 79 3.34 16.23 5.60
N SER A 80 4.60 16.02 5.84
CA SER A 80 5.62 16.91 5.21
C SER A 80 7.00 16.25 5.15
N SER A 81 7.33 15.46 6.16
CA SER A 81 8.65 14.79 6.14
C SER A 81 8.56 13.39 5.56
N ILE A 82 9.59 13.00 4.83
CA ILE A 82 9.56 11.64 4.22
C ILE A 82 10.98 11.07 4.09
N ARG A 83 11.10 9.78 4.30
CA ARG A 83 12.42 9.10 4.21
C ARG A 83 12.34 7.94 3.21
N VAL A 84 13.33 7.82 2.34
CA VAL A 84 13.31 6.71 1.34
C VAL A 84 14.70 6.12 1.12
N ILE A 85 14.76 4.82 0.94
CA ILE A 85 16.08 4.16 0.72
C ILE A 85 15.96 3.07 -0.34
N SER A 86 16.94 2.99 -1.20
CA SER A 86 16.91 1.96 -2.27
C SER A 86 16.73 0.56 -1.67
N VAL A 87 16.04 -0.28 -2.40
CA VAL A 87 15.82 -1.67 -1.91
C VAL A 87 15.91 -2.66 -3.09
N PRO A 88 16.36 -3.87 -2.81
CA PRO A 88 16.49 -4.89 -3.86
C PRO A 88 15.16 -5.14 -4.57
N VAL A 89 15.23 -5.67 -5.77
CA VAL A 89 14.00 -5.93 -6.52
C VAL A 89 13.24 -7.11 -5.94
N GLN A 90 11.95 -6.95 -5.84
CA GLN A 90 11.12 -8.04 -5.28
C GLN A 90 9.75 -8.07 -5.98
N PRO A 91 9.32 -9.25 -6.42
CA PRO A 91 8.02 -9.39 -7.10
C PRO A 91 6.86 -8.97 -6.18
N ARG A 92 5.70 -9.50 -6.43
CA ARG A 92 4.54 -9.13 -5.56
C ARG A 92 3.26 -9.83 -6.05
N ALA A 93 2.14 -9.30 -5.62
CA ALA A 93 0.84 -9.89 -6.02
C ALA A 93 -0.17 -8.77 -6.23
N ARG A 94 -1.35 -9.12 -6.73
CA ARG A 94 -2.37 -8.06 -6.95
C ARG A 94 -3.76 -8.49 -6.46
N PHE A 95 -4.51 -7.50 -6.02
CA PHE A 95 -5.88 -7.77 -5.51
C PHE A 95 -6.86 -6.77 -6.11
N PHE A 96 -7.98 -7.26 -6.59
CA PHE A 96 -8.98 -6.33 -7.18
C PHE A 96 -10.02 -5.91 -6.17
N TYR A 97 -10.95 -5.08 -6.59
CA TYR A 97 -12.01 -4.62 -5.65
C TYR A 97 -13.33 -5.36 -5.82
N LYS A 98 -13.96 -5.20 -6.97
CA LYS A 98 -15.25 -5.89 -7.21
C LYS A 98 -15.08 -7.35 -7.63
N GLU A 99 -16.12 -8.11 -7.42
CA GLU A 99 -16.06 -9.52 -7.79
C GLU A 99 -15.91 -9.68 -9.29
N GLN A 100 -14.72 -10.10 -9.69
CA GLN A 100 -14.38 -10.33 -11.16
C GLN A 100 -13.47 -9.21 -11.66
N PHE A 101 -12.36 -9.07 -10.99
CA PHE A 101 -11.35 -8.02 -11.35
C PHE A 101 -11.98 -6.83 -12.06
N ASP A 102 -13.13 -6.42 -11.58
CA ASP A 102 -13.81 -5.26 -12.20
C ASP A 102 -13.59 -3.99 -11.39
N GLY A 103 -13.04 -4.15 -10.22
CA GLY A 103 -12.78 -2.96 -9.34
C GLY A 103 -11.29 -2.61 -9.34
N LYS A 104 -10.98 -1.35 -9.14
CA LYS A 104 -9.56 -0.90 -9.12
C LYS A 104 -8.65 -1.96 -8.49
N GLU A 105 -7.45 -2.07 -8.99
CA GLU A 105 -6.50 -3.08 -8.45
C GLU A 105 -5.47 -2.48 -7.49
N VAL A 106 -4.90 -3.34 -6.70
CA VAL A 106 -3.88 -2.91 -5.72
C VAL A 106 -2.81 -4.01 -5.62
N ASP A 107 -1.67 -3.72 -5.05
CA ASP A 107 -0.62 -4.79 -4.95
C ASP A 107 0.19 -4.69 -3.67
N LEU A 108 0.72 -5.83 -3.26
CA LEU A 108 1.53 -5.86 -2.01
C LEU A 108 2.77 -6.77 -2.19
N PRO A 109 3.89 -6.41 -1.55
CA PRO A 109 5.13 -7.20 -1.66
C PRO A 109 5.06 -8.52 -0.88
N PRO A 110 6.02 -9.39 -1.17
CA PRO A 110 6.10 -10.70 -0.52
C PRO A 110 6.28 -10.57 0.99
N GLY A 111 5.72 -11.51 1.72
CA GLY A 111 5.84 -11.47 3.21
C GLY A 111 4.49 -11.71 3.88
N GLN A 112 4.42 -11.41 5.16
CA GLN A 112 3.16 -11.61 5.92
C GLN A 112 2.58 -10.28 6.36
N TYR A 113 1.31 -10.28 6.65
CA TYR A 113 0.66 -9.01 7.09
C TYR A 113 -0.42 -9.27 8.12
N THR A 114 -0.59 -8.32 9.01
CA THR A 114 -1.60 -8.47 10.08
C THR A 114 -2.97 -7.96 9.62
N GLN A 115 -3.85 -7.78 10.59
CA GLN A 115 -5.21 -7.28 10.27
C GLN A 115 -5.36 -5.82 10.63
N ALA A 116 -4.50 -5.02 10.07
CA ALA A 116 -4.57 -3.56 10.37
C ALA A 116 -3.96 -2.77 9.23
N GLU A 117 -2.66 -2.90 9.06
CA GLU A 117 -2.01 -2.15 7.98
C GLU A 117 -2.42 -2.73 6.65
N LEU A 118 -2.46 -4.04 6.60
CA LEU A 118 -2.85 -4.74 5.35
C LEU A 118 -3.96 -3.97 4.65
N GLU A 119 -5.13 -4.07 5.18
CA GLU A 119 -6.26 -3.36 4.57
C GLU A 119 -5.94 -1.89 4.36
N ARG A 120 -5.48 -1.25 5.40
CA ARG A 120 -5.14 0.19 5.27
C ARG A 120 -3.79 0.39 4.55
N TYR A 121 -3.35 -0.62 3.83
CA TYR A 121 -2.05 -0.51 3.09
C TYR A 121 -2.25 -0.89 1.63
N GLY A 122 -3.39 -1.42 1.33
CA GLY A 122 -3.67 -1.83 -0.06
C GLY A 122 -5.12 -1.53 -0.42
N ILE A 123 -6.01 -1.96 0.42
CA ILE A 123 -7.45 -1.71 0.15
C ILE A 123 -8.21 -1.49 1.46
N ASP A 124 -8.91 -2.50 1.89
CA ASP A 124 -9.68 -2.38 3.16
C ASP A 124 -10.03 -3.75 3.71
N ASN A 125 -10.39 -3.79 4.96
CA ASN A 125 -10.76 -5.09 5.59
C ASN A 125 -11.95 -5.73 4.89
N ASN A 126 -12.71 -4.93 4.24
CA ASN A 126 -13.91 -5.47 3.53
C ASN A 126 -13.61 -5.69 2.04
N THR A 127 -14.63 -6.07 1.31
CA THR A 127 -14.49 -6.33 -0.15
C THR A 127 -13.38 -7.35 -0.48
N ILE A 128 -12.81 -7.21 -1.67
CA ILE A 128 -11.72 -8.14 -2.14
C ILE A 128 -12.31 -9.49 -2.56
N SER A 129 -11.97 -9.90 -3.74
CA SER A 129 -12.48 -11.19 -4.23
C SER A 129 -11.61 -11.70 -5.37
N SER A 130 -11.44 -10.88 -6.37
CA SER A 130 -10.59 -11.28 -7.53
C SER A 130 -9.11 -11.02 -7.23
N VAL A 131 -8.34 -12.08 -7.20
CA VAL A 131 -6.88 -11.92 -6.93
C VAL A 131 -6.04 -12.43 -8.10
N LYS A 132 -4.95 -11.75 -8.36
CA LYS A 132 -4.07 -12.17 -9.48
C LYS A 132 -2.59 -12.03 -9.08
N PRO A 133 -1.92 -13.15 -8.84
CA PRO A 133 -0.52 -13.12 -8.44
C PRO A 133 0.36 -12.65 -9.60
N GLN A 134 1.09 -11.60 -9.37
CA GLN A 134 1.97 -11.08 -10.42
C GLN A 134 3.36 -11.71 -10.37
N GLY A 135 3.59 -12.57 -9.40
CA GLY A 135 4.95 -13.20 -9.32
C GLY A 135 5.02 -14.24 -8.20
N LEU A 136 4.34 -13.97 -7.10
CA LEU A 136 4.37 -14.94 -5.96
C LEU A 136 2.98 -15.42 -5.63
N ALA A 137 2.90 -16.49 -4.89
CA ALA A 137 1.56 -17.02 -4.53
C ALA A 137 0.94 -16.20 -3.41
N VAL A 138 -0.37 -16.22 -3.33
CA VAL A 138 -1.07 -15.45 -2.28
C VAL A 138 -1.88 -16.36 -1.35
N VAL A 139 -1.85 -16.05 -0.08
CA VAL A 139 -2.61 -16.87 0.91
C VAL A 139 -3.43 -15.97 1.82
N LEU A 140 -4.73 -16.21 1.87
CA LEU A 140 -5.61 -15.36 2.73
C LEU A 140 -6.00 -16.06 4.03
N PHE A 141 -6.03 -15.30 5.11
CA PHE A 141 -6.41 -15.87 6.44
C PHE A 141 -7.65 -15.16 6.98
N LYS A 142 -8.65 -15.94 7.31
CA LYS A 142 -9.89 -15.34 7.85
C LYS A 142 -9.64 -14.68 9.19
N ASN A 143 -9.30 -15.49 10.17
CA ASN A 143 -9.03 -14.92 11.51
C ASN A 143 -7.66 -14.28 11.56
N ASP A 144 -7.41 -13.51 12.58
CA ASP A 144 -6.09 -12.85 12.70
C ASP A 144 -4.99 -13.89 12.85
N ASN A 145 -3.88 -13.46 13.37
CA ASN A 145 -2.75 -14.41 13.57
C ASN A 145 -2.57 -15.29 12.34
N PHE A 146 -3.07 -14.81 11.22
CA PHE A 146 -2.94 -15.61 9.97
C PHE A 146 -3.20 -17.08 10.26
N SER A 147 -4.38 -17.36 10.76
CA SER A 147 -4.71 -18.77 11.08
C SER A 147 -6.18 -19.06 10.79
N GLY A 148 -6.74 -19.99 11.52
CA GLY A 148 -8.18 -20.34 11.29
C GLY A 148 -8.40 -20.71 9.83
N ASP A 149 -9.61 -20.52 9.36
CA ASP A 149 -9.89 -20.85 7.95
C ASP A 149 -9.01 -20.03 7.03
N THR A 150 -8.57 -20.62 5.95
CA THR A 150 -7.70 -19.88 5.01
C THR A 150 -7.98 -20.26 3.57
N LEU A 151 -7.45 -19.48 2.66
CA LEU A 151 -7.66 -19.76 1.22
C LEU A 151 -6.35 -19.56 0.45
N PRO A 152 -5.52 -20.58 0.46
CA PRO A 152 -4.23 -20.52 -0.22
C PRO A 152 -4.39 -20.39 -1.74
N VAL A 153 -4.16 -19.21 -2.22
CA VAL A 153 -4.29 -18.98 -3.68
C VAL A 153 -2.98 -19.35 -4.39
N ASN A 154 -2.81 -20.61 -4.64
CA ASN A 154 -1.57 -21.08 -5.31
C ASN A 154 -1.54 -20.69 -6.80
N SER A 155 -2.43 -19.82 -7.20
CA SER A 155 -2.42 -19.42 -8.63
C SER A 155 -3.35 -18.24 -8.88
N ASP A 156 -3.87 -18.17 -10.08
CA ASP A 156 -4.78 -17.04 -10.41
C ASP A 156 -6.21 -17.33 -10.01
N ALA A 157 -6.96 -16.29 -9.78
CA ALA A 157 -8.37 -16.46 -9.38
C ALA A 157 -9.08 -15.11 -9.37
N PRO A 158 -9.17 -14.51 -10.53
CA PRO A 158 -9.82 -13.22 -10.69
C PRO A 158 -11.35 -13.34 -10.51
N THR A 159 -11.76 -13.59 -9.30
CA THR A 159 -13.21 -13.73 -9.04
C THR A 159 -13.47 -14.17 -7.59
N LEU A 160 -13.62 -15.45 -7.41
CA LEU A 160 -13.88 -15.98 -6.04
C LEU A 160 -15.08 -15.26 -5.40
N GLY A 161 -14.82 -14.18 -4.71
CA GLY A 161 -15.94 -13.43 -4.06
C GLY A 161 -16.87 -14.40 -3.34
N ALA A 162 -16.42 -15.60 -3.15
CA ALA A 162 -17.27 -16.60 -2.45
C ALA A 162 -16.93 -16.65 -0.96
N MET A 163 -16.83 -15.50 -0.36
CA MET A 163 -16.49 -15.46 1.08
C MET A 163 -16.86 -14.10 1.69
N ASN A 164 -18.11 -13.74 1.57
CA ASN A 164 -18.53 -12.43 2.13
C ASN A 164 -18.14 -12.32 3.60
N ASN A 165 -16.98 -11.77 3.84
CA ASN A 165 -16.53 -11.63 5.25
C ASN A 165 -15.54 -10.48 5.36
N ASN A 166 -14.39 -10.76 5.91
CA ASN A 166 -13.38 -9.67 6.06
C ASN A 166 -11.98 -10.26 6.18
N THR A 167 -11.23 -10.19 5.12
CA THR A 167 -9.85 -10.73 5.16
C THR A 167 -9.07 -10.08 6.30
N SER A 168 -8.58 -10.89 7.19
CA SER A 168 -7.81 -10.34 8.33
C SER A 168 -6.33 -10.27 8.00
N SER A 169 -5.68 -11.41 7.96
CA SER A 169 -4.21 -11.43 7.65
C SER A 169 -3.94 -12.14 6.35
N ILE A 170 -2.78 -11.89 5.79
CA ILE A 170 -2.42 -12.55 4.50
C ILE A 170 -0.96 -12.91 4.47
N ARG A 171 -0.60 -13.66 3.50
CA ARG A 171 0.82 -14.06 3.39
C ARG A 171 1.14 -14.37 1.94
N ILE A 172 1.88 -13.49 1.34
CA ILE A 172 2.26 -13.70 -0.07
C ILE A 172 3.47 -14.62 -0.15
N SER A 173 3.22 -15.87 -0.40
CA SER A 173 4.33 -16.86 -0.51
C SER A 173 4.57 -17.27 -1.95
N MET A 1 14.21 4.52 -12.99
CA MET A 1 14.72 3.88 -11.77
C MET A 1 13.63 3.80 -10.71
N ALA A 2 13.36 4.91 -10.08
CA ALA A 2 12.30 4.92 -9.05
C ALA A 2 11.82 6.33 -8.76
N ASN A 3 10.64 6.43 -8.23
CA ASN A 3 10.07 7.76 -7.90
C ASN A 3 8.68 7.61 -7.29
N ILE A 4 8.54 8.00 -6.06
CA ILE A 4 7.22 7.87 -5.39
C ILE A 4 6.22 8.87 -5.98
N THR A 5 4.96 8.64 -5.74
CA THR A 5 3.93 9.56 -6.28
C THR A 5 2.78 9.69 -5.30
N VAL A 6 2.57 10.90 -4.84
CA VAL A 6 1.46 11.15 -3.88
C VAL A 6 0.25 11.76 -4.57
N PHE A 7 -0.88 11.68 -3.92
CA PHE A 7 -2.12 12.26 -4.50
C PHE A 7 -2.68 13.33 -3.58
N TYR A 8 -3.38 14.26 -4.16
CA TYR A 8 -3.97 15.36 -3.34
C TYR A 8 -5.12 14.90 -2.44
N ASN A 9 -6.04 14.15 -2.99
CA ASN A 9 -7.18 13.68 -2.16
C ASN A 9 -7.00 12.24 -1.74
N GLU A 10 -7.95 11.77 -0.97
CA GLU A 10 -7.89 10.39 -0.50
C GLU A 10 -8.43 9.45 -1.57
N ASP A 11 -8.38 8.19 -1.30
CA ASP A 11 -8.87 7.22 -2.29
C ASP A 11 -8.08 7.31 -3.59
N PHE A 12 -6.79 7.56 -3.47
CA PHE A 12 -5.96 7.66 -4.68
C PHE A 12 -6.42 8.80 -5.60
N GLN A 13 -7.41 9.52 -5.17
CA GLN A 13 -7.92 10.65 -6.01
C GLN A 13 -7.17 11.94 -5.73
N GLY A 14 -7.36 12.92 -6.59
CA GLY A 14 -6.67 14.23 -6.40
C GLY A 14 -5.36 14.28 -7.19
N LYS A 15 -5.16 15.39 -7.88
CA LYS A 15 -3.91 15.56 -8.70
C LYS A 15 -2.72 14.82 -8.11
N GLN A 16 -1.95 14.21 -8.97
CA GLN A 16 -0.76 13.45 -8.49
C GLN A 16 0.51 14.28 -8.56
N VAL A 17 1.51 13.83 -7.83
CA VAL A 17 2.80 14.57 -7.82
C VAL A 17 3.94 13.56 -7.63
N ASP A 18 4.86 13.54 -8.56
CA ASP A 18 6.00 12.59 -8.43
C ASP A 18 7.16 13.21 -7.66
N LEU A 19 7.76 12.41 -6.80
CA LEU A 19 8.92 12.89 -6.00
C LEU A 19 10.06 11.84 -6.06
N PRO A 20 11.29 12.29 -6.32
CA PRO A 20 12.43 11.37 -6.39
C PRO A 20 12.76 10.78 -5.01
N PRO A 21 13.55 9.71 -5.03
CA PRO A 21 13.95 9.03 -3.79
C PRO A 21 14.79 9.97 -2.91
N GLY A 22 15.42 9.43 -1.90
CA GLY A 22 16.26 10.30 -1.03
C GLY A 22 15.43 10.87 0.12
N ASN A 23 16.08 11.63 0.96
CA ASN A 23 15.39 12.25 2.11
C ASN A 23 15.26 13.76 1.97
N TYR A 24 14.14 14.27 2.40
CA TYR A 24 13.91 15.73 2.30
C TYR A 24 12.90 16.17 3.33
N THR A 25 12.62 17.44 3.38
CA THR A 25 11.64 17.94 4.37
C THR A 25 10.79 19.05 3.80
N ARG A 26 10.07 19.69 4.67
CA ARG A 26 9.20 20.80 4.22
C ARG A 26 10.00 21.88 3.51
N ALA A 27 11.27 21.96 3.83
CA ALA A 27 12.11 23.00 3.17
C ALA A 27 12.23 22.75 1.67
N GLN A 28 12.82 21.64 1.31
CA GLN A 28 12.95 21.35 -0.13
C GLN A 28 11.58 21.37 -0.78
N LEU A 29 10.63 20.83 -0.07
CA LEU A 29 9.27 20.80 -0.62
C LEU A 29 8.79 22.23 -0.82
N ALA A 30 9.10 23.08 0.13
CA ALA A 30 8.67 24.48 0.00
C ALA A 30 9.03 24.95 -1.38
N ALA A 31 10.13 24.44 -1.87
CA ALA A 31 10.57 24.82 -3.22
C ALA A 31 9.65 24.20 -4.26
N LEU A 32 9.26 22.98 -4.00
CA LEU A 32 8.35 22.29 -4.95
C LEU A 32 6.95 22.88 -4.91
N GLY A 33 6.18 22.46 -3.93
CA GLY A 33 4.80 23.01 -3.85
C GLY A 33 3.95 22.23 -2.84
N ILE A 34 4.34 21.01 -2.56
CA ILE A 34 3.55 20.20 -1.60
C ILE A 34 3.91 20.56 -0.16
N GLU A 35 3.00 20.32 0.75
CA GLU A 35 3.27 20.66 2.18
C GLU A 35 2.03 20.43 3.06
N ASN A 36 2.16 19.51 4.02
CA ASN A 36 1.02 19.18 4.96
C ASN A 36 0.13 18.03 4.46
N ASN A 37 -1.12 18.09 4.85
CA ASN A 37 -2.09 17.03 4.45
C ASN A 37 -2.11 16.77 2.95
N THR A 38 -1.24 17.39 2.20
CA THR A 38 -1.27 17.12 0.73
C THR A 38 -1.10 15.66 0.45
N ILE A 39 -0.04 15.09 0.98
CA ILE A 39 0.20 13.64 0.75
C ILE A 39 -0.98 12.84 1.26
N SER A 40 -2.02 12.83 0.50
CA SER A 40 -3.20 12.08 0.90
C SER A 40 -3.03 10.60 0.56
N SER A 41 -2.82 10.32 -0.71
CA SER A 41 -2.62 8.90 -1.15
C SER A 41 -1.18 8.71 -1.60
N VAL A 42 -0.78 7.47 -1.81
CA VAL A 42 0.64 7.26 -2.25
C VAL A 42 0.81 6.04 -3.13
N LYS A 43 1.76 6.13 -4.01
CA LYS A 43 2.06 5.02 -4.94
C LYS A 43 3.58 4.85 -5.04
N VAL A 44 4.06 3.72 -4.57
CA VAL A 44 5.54 3.49 -4.62
C VAL A 44 5.88 2.07 -5.15
N PRO A 45 6.44 1.99 -6.36
CA PRO A 45 6.80 0.70 -6.94
C PRO A 45 7.97 0.04 -6.19
N PRO A 46 8.24 -1.20 -6.53
CA PRO A 46 9.33 -1.94 -5.89
C PRO A 46 10.68 -1.30 -6.18
N GLY A 47 11.73 -1.98 -5.80
CA GLY A 47 13.09 -1.42 -6.05
C GLY A 47 13.43 -0.35 -5.01
N VAL A 48 12.42 0.15 -4.33
CA VAL A 48 12.70 1.20 -3.31
C VAL A 48 11.69 1.18 -2.18
N LYS A 49 12.17 1.45 -0.98
CA LYS A 49 11.28 1.46 0.21
C LYS A 49 11.09 2.90 0.67
N ALA A 50 9.87 3.25 1.03
CA ALA A 50 9.62 4.65 1.49
C ALA A 50 9.16 4.71 2.94
N ILE A 51 9.66 5.69 3.64
CA ILE A 51 9.28 5.87 5.07
C ILE A 51 8.84 7.31 5.27
N LEU A 52 7.62 7.49 5.67
CA LEU A 52 7.13 8.90 5.89
C LEU A 52 7.27 9.36 7.33
N TYR A 53 7.18 10.65 7.51
CA TYR A 53 7.30 11.24 8.87
C TYR A 53 6.35 12.43 9.03
N GLN A 54 5.46 12.32 9.97
CA GLN A 54 4.49 13.43 10.19
C GLN A 54 5.20 14.76 10.40
N ASN A 55 5.58 15.04 11.63
CA ASN A 55 6.27 16.32 11.92
C ASN A 55 7.57 16.44 11.12
N ASP A 56 7.97 17.65 10.87
CA ASP A 56 9.23 17.86 10.11
C ASP A 56 10.41 17.28 10.86
N GLY A 57 11.58 17.46 10.32
CA GLY A 57 12.79 16.92 11.00
C GLY A 57 12.69 15.41 11.11
N PHE A 58 11.88 14.82 10.27
CA PHE A 58 11.72 13.34 10.32
C PHE A 58 11.28 12.89 11.70
N ALA A 59 10.27 13.54 12.23
CA ALA A 59 9.76 13.17 13.58
C ALA A 59 8.25 12.94 13.55
N GLY A 60 7.69 12.66 14.69
CA GLY A 60 6.22 12.43 14.74
C GLY A 60 5.89 11.04 14.21
N ASP A 61 4.65 10.64 14.34
CA ASP A 61 4.26 9.30 13.85
C ASP A 61 4.80 9.09 12.45
N GLN A 62 5.55 8.03 12.28
CA GLN A 62 6.11 7.73 10.94
C GLN A 62 5.35 6.61 10.26
N ILE A 63 5.72 6.34 9.05
CA ILE A 63 5.04 5.25 8.29
C ILE A 63 6.05 4.52 7.44
N GLU A 64 5.68 3.37 6.96
CA GLU A 64 6.62 2.59 6.11
C GLU A 64 5.86 1.88 5.01
N VAL A 65 6.34 2.01 3.80
CA VAL A 65 5.65 1.34 2.68
C VAL A 65 6.62 0.95 1.57
N VAL A 66 6.17 0.06 0.73
CA VAL A 66 7.03 -0.39 -0.38
C VAL A 66 6.19 -0.66 -1.61
N ALA A 67 4.90 -0.47 -1.45
CA ALA A 67 3.95 -0.70 -2.57
C ALA A 67 3.12 0.56 -2.81
N ASN A 68 1.83 0.39 -2.78
CA ASN A 68 0.91 1.55 -2.99
C ASN A 68 0.00 1.72 -1.79
N ALA A 69 0.13 2.83 -1.11
CA ALA A 69 -0.73 3.07 0.07
C ALA A 69 -2.02 3.78 -0.33
N GLU A 70 -2.98 3.02 -0.78
CA GLU A 70 -4.26 3.65 -1.19
C GLU A 70 -4.79 4.49 -0.05
N GLU A 71 -4.87 3.87 1.10
CA GLU A 71 -5.38 4.58 2.31
C GLU A 71 -4.23 4.77 3.29
N LEU A 72 -3.44 5.78 3.05
CA LEU A 72 -2.27 6.07 3.93
C LEU A 72 -2.51 5.67 5.39
N GLY A 73 -3.09 6.56 6.16
CA GLY A 73 -3.33 6.22 7.59
C GLY A 73 -4.00 7.38 8.33
N PRO A 74 -4.04 7.27 9.64
CA PRO A 74 -4.64 8.30 10.51
C PRO A 74 -3.83 9.60 10.53
N LEU A 75 -2.55 9.48 10.77
CA LEU A 75 -1.71 10.72 10.82
C LEU A 75 -1.79 11.50 9.51
N ASN A 76 -2.70 11.12 8.65
CA ASN A 76 -2.83 11.84 7.37
C ASN A 76 -3.21 13.30 7.63
N ASN A 77 -3.37 13.63 8.89
CA ASN A 77 -3.73 15.02 9.24
C ASN A 77 -2.57 15.99 9.00
N ASN A 78 -1.41 15.45 8.73
CA ASN A 78 -0.24 16.34 8.49
C ASN A 78 0.97 15.53 8.04
N VAL A 79 1.51 15.90 6.90
CA VAL A 79 2.71 15.18 6.38
C VAL A 79 3.70 16.17 5.77
N SER A 80 4.98 15.93 5.98
CA SER A 80 5.97 16.87 5.41
C SER A 80 7.37 16.25 5.28
N SER A 81 7.79 15.51 6.29
CA SER A 81 9.14 14.89 6.20
C SER A 81 9.07 13.47 5.67
N ILE A 82 10.01 13.11 4.81
CA ILE A 82 10.00 11.73 4.24
C ILE A 82 11.41 11.20 3.99
N ARG A 83 11.51 9.90 3.84
CA ARG A 83 12.85 9.27 3.60
C ARG A 83 12.72 8.03 2.71
N VAL A 84 13.28 8.10 1.52
CA VAL A 84 13.22 6.93 0.59
C VAL A 84 14.59 6.30 0.44
N ILE A 85 14.65 4.99 0.59
CA ILE A 85 15.95 4.28 0.46
C ILE A 85 15.82 3.05 -0.44
N SER A 86 16.67 2.98 -1.42
CA SER A 86 16.63 1.81 -2.36
C SER A 86 16.36 0.50 -1.63
N VAL A 87 15.79 -0.45 -2.35
CA VAL A 87 15.49 -1.76 -1.73
C VAL A 87 15.35 -2.85 -2.82
N PRO A 88 15.84 -4.05 -2.54
CA PRO A 88 15.77 -5.16 -3.51
C PRO A 88 14.35 -5.33 -4.05
N VAL A 89 14.25 -5.86 -5.25
CA VAL A 89 12.92 -6.07 -5.86
C VAL A 89 12.34 -7.44 -5.51
N GLN A 90 11.03 -7.54 -5.62
CA GLN A 90 10.36 -8.83 -5.32
C GLN A 90 9.20 -9.07 -6.30
N PRO A 91 8.90 -10.34 -6.56
CA PRO A 91 7.81 -10.70 -7.48
C PRO A 91 6.47 -10.16 -6.99
N ARG A 92 6.31 -10.18 -5.71
CA ARG A 92 5.04 -9.67 -5.10
C ARG A 92 3.81 -10.40 -5.65
N ALA A 93 2.66 -9.81 -5.40
CA ALA A 93 1.38 -10.41 -5.87
C ALA A 93 0.46 -9.29 -6.36
N ARG A 94 -0.73 -9.63 -6.82
CA ARG A 94 -1.63 -8.57 -7.30
C ARG A 94 -3.08 -8.83 -6.91
N PHE A 95 -3.80 -7.77 -6.71
CA PHE A 95 -5.22 -7.87 -6.33
C PHE A 95 -6.04 -6.93 -7.17
N PHE A 96 -7.10 -7.41 -7.73
CA PHE A 96 -7.94 -6.52 -8.57
C PHE A 96 -9.06 -5.89 -7.75
N TYR A 97 -9.77 -4.97 -8.36
CA TYR A 97 -10.87 -4.31 -7.60
C TYR A 97 -12.19 -5.08 -7.74
N LYS A 98 -12.76 -5.06 -8.93
CA LYS A 98 -14.06 -5.77 -9.13
C LYS A 98 -13.86 -7.29 -9.20
N GLU A 99 -14.95 -8.01 -9.10
CA GLU A 99 -14.88 -9.49 -9.17
C GLU A 99 -15.00 -9.97 -10.61
N GLN A 100 -14.18 -9.43 -11.46
CA GLN A 100 -14.22 -9.83 -12.88
C GLN A 100 -12.91 -9.48 -13.55
N PHE A 101 -11.85 -9.55 -12.79
CA PHE A 101 -10.53 -9.23 -13.36
C PHE A 101 -10.52 -7.81 -13.90
N ASP A 102 -11.18 -6.93 -13.19
CA ASP A 102 -11.23 -5.51 -13.63
C ASP A 102 -11.05 -4.56 -12.46
N GLY A 103 -10.96 -3.30 -12.74
CA GLY A 103 -10.78 -2.30 -11.65
C GLY A 103 -9.31 -2.25 -11.25
N LYS A 104 -8.81 -1.04 -11.11
CA LYS A 104 -7.38 -0.84 -10.70
C LYS A 104 -6.89 -1.94 -9.78
N GLU A 105 -5.62 -2.24 -9.88
CA GLU A 105 -5.05 -3.31 -9.02
C GLU A 105 -4.13 -2.76 -7.94
N VAL A 106 -3.81 -3.63 -7.02
CA VAL A 106 -2.91 -3.24 -5.90
C VAL A 106 -1.91 -4.38 -5.66
N ASP A 107 -0.64 -4.04 -5.58
CA ASP A 107 0.39 -5.10 -5.36
C ASP A 107 0.89 -5.16 -3.93
N LEU A 108 1.38 -6.32 -3.55
CA LEU A 108 1.91 -6.49 -2.17
C LEU A 108 3.11 -7.46 -2.17
N PRO A 109 4.25 -7.03 -1.62
CA PRO A 109 5.45 -7.88 -1.59
C PRO A 109 5.24 -9.12 -0.73
N PRO A 110 6.14 -10.06 -0.86
CA PRO A 110 6.08 -11.31 -0.10
C PRO A 110 6.14 -11.04 1.40
N GLY A 111 5.52 -11.90 2.17
CA GLY A 111 5.54 -11.70 3.65
C GLY A 111 4.17 -12.00 4.27
N GLN A 112 3.80 -11.20 5.23
CA GLN A 112 2.49 -11.42 5.89
C GLN A 112 1.87 -10.09 6.33
N TYR A 113 0.58 -10.09 6.54
CA TYR A 113 -0.10 -8.83 6.97
C TYR A 113 -1.19 -9.13 7.99
N THR A 114 -1.50 -8.15 8.79
CA THR A 114 -2.56 -8.35 9.83
C THR A 114 -3.90 -7.74 9.41
N GLN A 115 -4.89 -7.97 10.24
CA GLN A 115 -6.25 -7.44 9.95
C GLN A 115 -6.33 -5.94 10.20
N ALA A 116 -5.32 -5.23 9.81
CA ALA A 116 -5.33 -3.76 10.03
C ALA A 116 -4.45 -3.07 9.01
N GLU A 117 -3.22 -3.52 8.93
CA GLU A 117 -2.28 -2.92 7.97
C GLU A 117 -2.68 -3.34 6.57
N LEU A 118 -2.83 -4.62 6.40
CA LEU A 118 -3.21 -5.17 5.09
C LEU A 118 -4.18 -4.26 4.36
N GLU A 119 -5.38 -4.23 4.85
CA GLU A 119 -6.40 -3.38 4.22
C GLU A 119 -5.93 -1.93 4.09
N ARG A 120 -5.52 -1.34 5.18
CA ARG A 120 -5.05 0.08 5.11
C ARG A 120 -3.67 0.20 4.48
N TYR A 121 -3.23 -0.84 3.80
CA TYR A 121 -1.89 -0.78 3.15
C TYR A 121 -1.98 -1.01 1.66
N GLY A 122 -3.08 -1.55 1.22
CA GLY A 122 -3.23 -1.80 -0.24
C GLY A 122 -4.66 -1.56 -0.71
N ILE A 123 -5.61 -1.98 0.09
CA ILE A 123 -7.03 -1.78 -0.30
C ILE A 123 -7.85 -1.37 0.90
N ASP A 124 -8.64 -2.29 1.39
CA ASP A 124 -9.49 -1.99 2.57
C ASP A 124 -9.98 -3.28 3.22
N ASN A 125 -10.85 -3.12 4.18
CA ASN A 125 -11.38 -4.32 4.90
C ASN A 125 -12.09 -5.29 3.94
N ASN A 126 -12.17 -4.93 2.68
CA ASN A 126 -12.85 -5.86 1.72
C ASN A 126 -12.68 -5.38 0.26
N THR A 127 -13.78 -5.41 -0.46
CA THR A 127 -13.77 -4.98 -1.89
C THR A 127 -12.53 -5.46 -2.65
N ILE A 128 -12.04 -6.62 -2.30
CA ILE A 128 -10.84 -7.16 -3.00
C ILE A 128 -11.25 -7.94 -4.25
N SER A 129 -11.74 -9.14 -4.03
CA SER A 129 -12.18 -9.99 -5.18
C SER A 129 -11.04 -10.65 -5.94
N SER A 130 -11.21 -10.71 -7.23
CA SER A 130 -10.19 -11.33 -8.14
C SER A 130 -8.74 -11.04 -7.70
N VAL A 131 -7.98 -12.11 -7.61
CA VAL A 131 -6.55 -11.99 -7.20
C VAL A 131 -5.65 -12.60 -8.27
N LYS A 132 -4.48 -12.03 -8.42
CA LYS A 132 -3.54 -12.55 -9.44
C LYS A 132 -2.09 -12.40 -8.93
N PRO A 133 -1.54 -13.50 -8.42
CA PRO A 133 -0.17 -13.47 -7.91
C PRO A 133 0.83 -13.18 -9.03
N GLN A 134 1.41 -12.02 -8.97
CA GLN A 134 2.39 -11.65 -9.99
C GLN A 134 3.55 -12.65 -10.05
N GLY A 135 3.74 -13.37 -8.98
CA GLY A 135 4.86 -14.36 -8.98
C GLY A 135 4.81 -15.30 -7.76
N LEU A 136 4.42 -14.78 -6.62
CA LEU A 136 4.37 -15.65 -5.41
C LEU A 136 2.99 -16.27 -5.24
N ALA A 137 2.77 -16.91 -4.12
CA ALA A 137 1.44 -17.55 -3.87
C ALA A 137 0.72 -16.78 -2.78
N VAL A 138 -0.58 -16.71 -2.88
CA VAL A 138 -1.35 -15.96 -1.85
C VAL A 138 -2.22 -16.86 -0.98
N VAL A 139 -2.26 -16.53 0.27
CA VAL A 139 -3.07 -17.32 1.24
C VAL A 139 -3.89 -16.33 2.07
N LEU A 140 -5.19 -16.51 2.07
CA LEU A 140 -6.04 -15.57 2.88
C LEU A 140 -6.59 -16.18 4.16
N PHE A 141 -6.67 -15.34 5.19
CA PHE A 141 -7.18 -15.81 6.50
C PHE A 141 -8.41 -15.01 6.89
N LYS A 142 -9.43 -15.71 7.31
CA LYS A 142 -10.68 -15.01 7.71
C LYS A 142 -10.52 -14.30 9.05
N ASN A 143 -10.13 -15.04 10.06
CA ASN A 143 -9.95 -14.42 11.38
C ASN A 143 -8.70 -13.57 11.43
N ASP A 144 -8.20 -13.34 12.62
CA ASP A 144 -6.97 -12.52 12.74
C ASP A 144 -5.77 -13.21 12.11
N ASN A 145 -4.63 -13.00 12.68
CA ASN A 145 -3.40 -13.64 12.13
C ASN A 145 -3.59 -15.14 11.94
N PHE A 146 -4.09 -15.52 10.78
CA PHE A 146 -4.31 -16.98 10.51
C PHE A 146 -4.83 -17.69 11.76
N SER A 147 -6.04 -17.36 12.14
CA SER A 147 -6.63 -18.01 13.35
C SER A 147 -8.05 -18.48 13.08
N GLY A 148 -8.22 -19.07 11.93
CA GLY A 148 -9.58 -19.58 11.57
C GLY A 148 -9.53 -20.26 10.21
N ASP A 149 -10.65 -20.31 9.54
CA ASP A 149 -10.67 -20.96 8.20
C ASP A 149 -9.81 -20.17 7.22
N THR A 150 -9.29 -20.85 6.22
CA THR A 150 -8.45 -20.13 5.23
C THR A 150 -8.52 -20.77 3.86
N LEU A 151 -8.11 -20.03 2.88
CA LEU A 151 -8.13 -20.53 1.49
C LEU A 151 -6.79 -20.21 0.81
N PRO A 152 -5.90 -21.19 0.78
CA PRO A 152 -4.58 -21.01 0.17
C PRO A 152 -4.67 -20.90 -1.35
N VAL A 153 -4.43 -19.73 -1.87
CA VAL A 153 -4.48 -19.55 -3.33
C VAL A 153 -3.13 -19.83 -3.97
N ASN A 154 -2.79 -21.09 -4.05
CA ASN A 154 -1.49 -21.45 -4.66
C ASN A 154 -1.52 -21.28 -6.17
N SER A 155 -2.30 -20.33 -6.63
CA SER A 155 -2.37 -20.11 -8.09
C SER A 155 -3.12 -18.82 -8.43
N ASP A 156 -3.70 -18.79 -9.60
CA ASP A 156 -4.46 -17.58 -10.02
C ASP A 156 -5.93 -17.68 -9.61
N ALA A 157 -6.60 -16.56 -9.63
CA ALA A 157 -8.03 -16.54 -9.25
C ALA A 157 -8.66 -15.20 -9.65
N PRO A 158 -8.85 -15.04 -10.94
CA PRO A 158 -9.43 -13.81 -11.48
C PRO A 158 -10.89 -13.59 -11.03
N THR A 159 -11.25 -14.18 -9.92
CA THR A 159 -12.64 -14.00 -9.44
C THR A 159 -12.84 -14.73 -8.12
N LEU A 160 -12.39 -14.11 -7.06
CA LEU A 160 -12.53 -14.74 -5.73
C LEU A 160 -13.98 -14.74 -5.28
N GLY A 161 -14.65 -13.63 -5.45
CA GLY A 161 -16.08 -13.57 -5.03
C GLY A 161 -16.16 -13.51 -3.51
N ALA A 162 -15.04 -13.73 -2.87
CA ALA A 162 -15.03 -13.69 -1.39
C ALA A 162 -15.77 -14.89 -0.80
N MET A 163 -15.03 -15.78 -0.20
CA MET A 163 -15.68 -16.97 0.40
C MET A 163 -16.40 -16.60 1.69
N ASN A 164 -15.66 -16.07 2.62
CA ASN A 164 -16.28 -15.68 3.91
C ASN A 164 -16.84 -14.27 3.82
N ASN A 165 -16.97 -13.63 4.96
CA ASN A 165 -17.51 -12.25 4.96
C ASN A 165 -16.49 -11.27 4.42
N ASN A 166 -15.24 -11.49 4.74
CA ASN A 166 -14.18 -10.57 4.25
C ASN A 166 -12.79 -11.12 4.56
N THR A 167 -11.80 -10.49 3.98
CA THR A 167 -10.40 -10.94 4.22
C THR A 167 -9.75 -10.10 5.31
N SER A 168 -9.22 -10.77 6.31
CA SER A 168 -8.56 -10.04 7.43
C SER A 168 -7.05 -10.02 7.27
N SER A 169 -6.42 -11.16 7.51
CA SER A 169 -4.92 -11.23 7.38
C SER A 169 -4.55 -12.11 6.20
N ILE A 170 -3.35 -11.91 5.70
CA ILE A 170 -2.91 -12.74 4.53
C ILE A 170 -1.46 -13.17 4.67
N ARG A 171 -1.07 -14.04 3.80
CA ARG A 171 0.31 -14.53 3.81
C ARG A 171 0.77 -14.85 2.41
N ILE A 172 1.65 -14.04 1.90
CA ILE A 172 2.15 -14.28 0.53
C ILE A 172 3.36 -15.20 0.58
N SER A 173 3.12 -16.47 0.42
CA SER A 173 4.25 -17.45 0.45
C SER A 173 4.97 -17.47 -0.89
N MET A 1 14.38 4.87 -13.61
CA MET A 1 14.55 5.67 -12.36
C MET A 1 13.29 5.55 -11.50
N ALA A 2 13.49 5.28 -10.24
CA ALA A 2 12.33 5.14 -9.34
C ALA A 2 11.85 6.51 -8.85
N ASN A 3 10.68 6.54 -8.27
CA ASN A 3 10.15 7.84 -7.77
C ASN A 3 8.79 7.64 -7.10
N ILE A 4 8.68 8.12 -5.90
CA ILE A 4 7.38 7.96 -5.18
C ILE A 4 6.40 9.02 -5.63
N THR A 5 5.14 8.67 -5.65
CA THR A 5 4.10 9.65 -6.07
C THR A 5 2.99 9.74 -5.04
N VAL A 6 2.53 10.95 -4.80
CA VAL A 6 1.46 11.14 -3.80
C VAL A 6 0.18 11.62 -4.48
N PHE A 7 -0.87 11.70 -3.70
CA PHE A 7 -2.17 12.16 -4.25
C PHE A 7 -2.77 13.20 -3.32
N TYR A 8 -3.60 14.06 -3.87
CA TYR A 8 -4.22 15.11 -3.02
C TYR A 8 -5.39 14.63 -2.18
N ASN A 9 -5.99 13.52 -2.53
CA ASN A 9 -7.15 13.01 -1.73
C ASN A 9 -7.05 11.53 -1.48
N GLU A 10 -7.92 11.05 -0.64
CA GLU A 10 -7.91 9.61 -0.33
C GLU A 10 -8.42 8.81 -1.52
N ASP A 11 -8.37 7.54 -1.40
CA ASP A 11 -8.84 6.68 -2.52
C ASP A 11 -8.15 7.07 -3.83
N PHE A 12 -6.84 7.18 -3.79
CA PHE A 12 -6.08 7.55 -5.02
C PHE A 12 -6.59 8.84 -5.67
N GLN A 13 -7.65 9.40 -5.16
CA GLN A 13 -8.18 10.65 -5.78
C GLN A 13 -7.31 11.85 -5.41
N GLY A 14 -7.56 12.96 -6.07
CA GLY A 14 -6.76 14.18 -5.77
C GLY A 14 -5.52 14.23 -6.67
N LYS A 15 -5.28 15.39 -7.24
CA LYS A 15 -4.10 15.53 -8.12
C LYS A 15 -2.89 14.85 -7.49
N GLN A 16 -1.93 14.47 -8.31
CA GLN A 16 -0.72 13.79 -7.76
C GLN A 16 0.57 14.53 -8.10
N VAL A 17 1.63 14.12 -7.44
CA VAL A 17 2.94 14.74 -7.67
C VAL A 17 4.04 13.69 -7.54
N ASP A 18 4.91 13.63 -8.52
CA ASP A 18 6.01 12.63 -8.45
C ASP A 18 7.27 13.20 -7.82
N LEU A 19 7.67 12.62 -6.70
CA LEU A 19 8.89 13.11 -6.00
C LEU A 19 10.01 12.04 -6.07
N PRO A 20 11.25 12.48 -6.27
CA PRO A 20 12.37 11.53 -6.35
C PRO A 20 12.68 10.92 -4.98
N PRO A 21 13.43 9.85 -4.98
CA PRO A 21 13.81 9.17 -3.75
C PRO A 21 14.65 10.08 -2.86
N GLY A 22 15.32 9.51 -1.89
CA GLY A 22 16.16 10.34 -1.00
C GLY A 22 15.34 10.92 0.13
N ASN A 23 16.00 11.62 1.03
CA ASN A 23 15.29 12.23 2.18
C ASN A 23 15.21 13.74 2.05
N TYR A 24 14.13 14.30 2.51
CA TYR A 24 13.97 15.76 2.43
C TYR A 24 12.93 16.23 3.45
N THR A 25 12.60 17.49 3.39
CA THR A 25 11.61 18.03 4.34
C THR A 25 10.78 19.11 3.70
N ARG A 26 10.14 19.88 4.52
CA ARG A 26 9.31 20.97 3.98
C ARG A 26 10.17 21.96 3.23
N ALA A 27 11.45 21.92 3.48
CA ALA A 27 12.35 22.88 2.78
C ALA A 27 12.38 22.57 1.28
N GLN A 28 12.84 21.40 0.94
CA GLN A 28 12.89 21.06 -0.50
C GLN A 28 11.51 21.19 -1.09
N LEU A 29 10.54 20.74 -0.35
CA LEU A 29 9.16 20.83 -0.84
C LEU A 29 8.81 22.28 -1.06
N ALA A 30 9.25 23.13 -0.16
CA ALA A 30 8.93 24.56 -0.32
C ALA A 30 9.30 24.96 -1.72
N ALA A 31 10.32 24.32 -2.22
CA ALA A 31 10.76 24.64 -3.59
C ALA A 31 9.71 24.15 -4.57
N LEU A 32 9.16 22.99 -4.28
CA LEU A 32 8.12 22.43 -5.17
C LEU A 32 6.80 23.17 -5.00
N GLY A 33 6.11 22.88 -3.91
CA GLY A 33 4.81 23.58 -3.69
C GLY A 33 3.86 22.75 -2.80
N ILE A 34 4.07 21.46 -2.78
CA ILE A 34 3.20 20.61 -1.94
C ILE A 34 3.70 20.54 -0.50
N GLU A 35 2.80 20.37 0.43
CA GLU A 35 3.21 20.30 1.86
C GLU A 35 2.00 20.18 2.79
N ASN A 36 2.20 19.55 3.92
CA ASN A 36 1.10 19.38 4.92
C ASN A 36 0.15 18.22 4.58
N ASN A 37 -1.11 18.43 4.89
CA ASN A 37 -2.14 17.37 4.62
C ASN A 37 -2.38 17.13 3.14
N THR A 38 -1.37 17.33 2.33
CA THR A 38 -1.58 17.10 0.88
C THR A 38 -1.32 15.65 0.53
N ILE A 39 -0.25 15.11 1.08
CA ILE A 39 0.06 13.69 0.79
C ILE A 39 -1.08 12.80 1.24
N SER A 40 -2.10 12.78 0.45
CA SER A 40 -3.27 11.95 0.80
C SER A 40 -3.00 10.48 0.50
N SER A 41 -2.92 10.15 -0.78
CA SER A 41 -2.66 8.72 -1.16
C SER A 41 -1.22 8.57 -1.62
N VAL A 42 -0.76 7.35 -1.80
CA VAL A 42 0.65 7.17 -2.24
C VAL A 42 0.84 5.95 -3.13
N LYS A 43 1.77 6.09 -4.05
CA LYS A 43 2.08 4.98 -5.00
C LYS A 43 3.59 4.79 -5.06
N VAL A 44 4.07 3.63 -4.67
CA VAL A 44 5.54 3.38 -4.71
C VAL A 44 5.87 1.94 -5.18
N PRO A 45 6.42 1.82 -6.39
CA PRO A 45 6.78 0.50 -6.93
C PRO A 45 7.98 -0.11 -6.19
N PRO A 46 8.26 -1.37 -6.49
CA PRO A 46 9.37 -2.10 -5.86
C PRO A 46 10.72 -1.45 -6.21
N GLY A 47 11.78 -2.06 -5.76
CA GLY A 47 13.12 -1.49 -6.08
C GLY A 47 13.41 -0.30 -5.17
N VAL A 48 12.41 0.17 -4.49
CA VAL A 48 12.62 1.32 -3.58
C VAL A 48 11.68 1.29 -2.38
N LYS A 49 12.25 1.48 -1.20
CA LYS A 49 11.43 1.46 0.04
C LYS A 49 11.27 2.89 0.54
N ALA A 50 10.07 3.25 0.96
CA ALA A 50 9.85 4.63 1.47
C ALA A 50 9.41 4.66 2.93
N ILE A 51 9.75 5.74 3.57
CA ILE A 51 9.39 5.91 5.00
C ILE A 51 8.93 7.34 5.21
N LEU A 52 7.70 7.49 5.64
CA LEU A 52 7.19 8.87 5.87
C LEU A 52 7.41 9.35 7.30
N TYR A 53 7.33 10.65 7.47
CA TYR A 53 7.52 11.24 8.83
C TYR A 53 6.56 12.42 9.01
N GLN A 54 5.58 12.22 9.86
CA GLN A 54 4.58 13.30 10.11
C GLN A 54 5.25 14.64 10.39
N ASN A 55 5.60 14.87 11.63
CA ASN A 55 6.25 16.15 11.98
C ASN A 55 7.55 16.35 11.21
N ASP A 56 7.88 17.59 10.95
CA ASP A 56 9.11 17.87 10.20
C ASP A 56 10.33 17.36 10.97
N GLY A 57 11.49 17.53 10.39
CA GLY A 57 12.72 17.07 11.09
C GLY A 57 12.71 15.54 11.22
N PHE A 58 11.98 14.90 10.33
CA PHE A 58 11.92 13.42 10.37
C PHE A 58 11.46 12.94 11.75
N ALA A 59 10.25 13.27 12.12
CA ALA A 59 9.74 12.85 13.45
C ALA A 59 8.24 12.58 13.40
N GLY A 60 7.63 12.57 14.55
CA GLY A 60 6.16 12.33 14.60
C GLY A 60 5.84 10.93 14.07
N ASP A 61 4.62 10.50 14.25
CA ASP A 61 4.24 9.15 13.78
C ASP A 61 4.80 8.91 12.38
N GLN A 62 5.63 7.90 12.28
CA GLN A 62 6.24 7.59 10.96
C GLN A 62 5.49 6.46 10.27
N ILE A 63 5.85 6.22 9.04
CA ILE A 63 5.19 5.15 8.26
C ILE A 63 6.21 4.45 7.40
N GLU A 64 5.86 3.31 6.90
CA GLU A 64 6.81 2.57 6.05
C GLU A 64 6.06 1.89 4.91
N VAL A 65 6.53 2.06 3.71
CA VAL A 65 5.83 1.43 2.58
C VAL A 65 6.78 1.03 1.47
N VAL A 66 6.32 0.12 0.67
CA VAL A 66 7.15 -0.36 -0.46
C VAL A 66 6.22 -0.60 -1.64
N ALA A 67 4.95 -0.43 -1.38
CA ALA A 67 3.92 -0.63 -2.43
C ALA A 67 3.06 0.62 -2.55
N ASN A 68 1.83 0.45 -2.87
CA ASN A 68 0.91 1.61 -3.01
C ASN A 68 0.02 1.75 -1.77
N ALA A 69 0.23 2.81 -1.04
CA ALA A 69 -0.60 3.04 0.17
C ALA A 69 -1.81 3.88 -0.17
N GLU A 70 -2.93 3.23 -0.32
CA GLU A 70 -4.17 3.96 -0.64
C GLU A 70 -4.62 4.86 0.48
N GLU A 71 -5.35 4.29 1.38
CA GLU A 71 -5.84 5.09 2.53
C GLU A 71 -4.68 5.70 3.32
N LEU A 72 -3.50 5.20 3.09
CA LEU A 72 -2.31 5.74 3.82
C LEU A 72 -2.30 5.30 5.29
N GLY A 73 -3.01 6.01 6.12
CA GLY A 73 -3.04 5.63 7.58
C GLY A 73 -3.78 6.69 8.41
N PRO A 74 -3.68 6.54 9.72
CA PRO A 74 -4.32 7.46 10.67
C PRO A 74 -3.73 8.87 10.60
N LEU A 75 -2.42 8.96 10.62
CA LEU A 75 -1.80 10.31 10.56
C LEU A 75 -1.94 10.92 9.17
N ASN A 76 -3.01 10.56 8.50
CA ASN A 76 -3.23 11.12 7.14
C ASN A 76 -3.88 12.49 7.21
N ASN A 77 -3.24 13.38 7.92
CA ASN A 77 -3.81 14.75 8.05
C ASN A 77 -2.68 15.78 8.13
N ASN A 78 -1.47 15.30 8.05
CA ASN A 78 -0.31 16.25 8.10
C ASN A 78 0.99 15.53 7.79
N VAL A 79 1.61 15.93 6.71
CA VAL A 79 2.90 15.28 6.33
C VAL A 79 3.88 16.33 5.82
N SER A 80 5.16 16.02 5.90
CA SER A 80 6.17 17.00 5.41
C SER A 80 7.56 16.37 5.27
N SER A 81 7.94 15.54 6.22
CA SER A 81 9.30 14.91 6.13
C SER A 81 9.21 13.48 5.59
N ILE A 82 10.19 13.09 4.82
CA ILE A 82 10.15 11.70 4.26
C ILE A 82 11.57 11.14 4.05
N ARG A 83 11.64 9.82 3.90
CA ARG A 83 12.96 9.17 3.68
C ARG A 83 12.83 7.95 2.77
N VAL A 84 13.43 8.03 1.60
CA VAL A 84 13.35 6.89 0.63
C VAL A 84 14.75 6.39 0.29
N ILE A 85 14.90 5.09 0.22
CA ILE A 85 16.23 4.52 -0.11
C ILE A 85 16.10 3.27 -0.99
N SER A 86 16.88 3.24 -2.04
CA SER A 86 16.84 2.06 -2.96
C SER A 86 16.70 0.74 -2.21
N VAL A 87 16.12 -0.23 -2.87
CA VAL A 87 15.95 -1.55 -2.23
C VAL A 87 16.00 -2.67 -3.29
N PRO A 88 16.46 -3.85 -2.90
CA PRO A 88 16.55 -4.97 -3.83
C PRO A 88 15.20 -5.26 -4.49
N VAL A 89 15.24 -5.82 -5.67
CA VAL A 89 13.97 -6.14 -6.37
C VAL A 89 13.35 -7.43 -5.82
N GLN A 90 12.06 -7.38 -5.60
CA GLN A 90 11.36 -8.58 -5.07
C GLN A 90 9.93 -8.67 -5.65
N PRO A 91 9.60 -9.82 -6.25
CA PRO A 91 8.27 -9.99 -6.83
C PRO A 91 7.18 -9.79 -5.79
N ARG A 92 5.95 -9.96 -6.18
CA ARG A 92 4.84 -9.79 -5.23
C ARG A 92 3.58 -10.47 -5.75
N ALA A 93 2.47 -10.05 -5.22
CA ALA A 93 1.16 -10.63 -5.62
C ALA A 93 0.25 -9.51 -6.06
N ARG A 94 -0.78 -9.86 -6.81
CA ARG A 94 -1.73 -8.81 -7.28
C ARG A 94 -3.14 -9.04 -6.77
N PHE A 95 -3.83 -7.96 -6.55
CA PHE A 95 -5.22 -8.04 -6.05
C PHE A 95 -6.05 -7.07 -6.87
N PHE A 96 -7.22 -7.48 -7.28
CA PHE A 96 -8.08 -6.57 -8.08
C PHE A 96 -9.16 -5.92 -7.27
N TYR A 97 -9.75 -4.88 -7.83
CA TYR A 97 -10.83 -4.17 -7.09
C TYR A 97 -12.17 -4.88 -7.27
N LYS A 98 -12.58 -5.04 -8.49
CA LYS A 98 -13.88 -5.72 -8.74
C LYS A 98 -13.68 -7.22 -8.97
N GLU A 99 -14.77 -7.96 -8.94
CA GLU A 99 -14.66 -9.42 -9.15
C GLU A 99 -14.76 -9.75 -10.64
N GLN A 100 -13.74 -9.37 -11.36
CA GLN A 100 -13.71 -9.63 -12.82
C GLN A 100 -12.38 -9.17 -13.39
N PHE A 101 -11.32 -9.59 -12.76
CA PHE A 101 -9.96 -9.19 -13.22
C PHE A 101 -9.96 -7.75 -13.70
N ASP A 102 -10.64 -6.91 -12.95
CA ASP A 102 -10.71 -5.48 -13.32
C ASP A 102 -10.69 -4.62 -12.06
N GLY A 103 -10.63 -3.32 -12.24
CA GLY A 103 -10.60 -2.42 -11.06
C GLY A 103 -9.16 -2.26 -10.55
N LYS A 104 -8.84 -1.03 -10.13
CA LYS A 104 -7.45 -0.75 -9.62
C LYS A 104 -6.81 -1.98 -9.01
N GLU A 105 -5.67 -2.34 -9.53
CA GLU A 105 -4.96 -3.52 -9.00
C GLU A 105 -3.94 -3.16 -7.93
N VAL A 106 -4.19 -3.61 -6.74
CA VAL A 106 -3.24 -3.31 -5.64
C VAL A 106 -2.27 -4.48 -5.46
N ASP A 107 -1.03 -4.17 -5.14
CA ASP A 107 -0.02 -5.27 -4.95
C ASP A 107 0.63 -5.21 -3.58
N LEU A 108 1.14 -6.34 -3.15
CA LEU A 108 1.81 -6.38 -1.81
C LEU A 108 3.03 -7.33 -1.83
N PRO A 109 4.13 -6.92 -1.20
CA PRO A 109 5.36 -7.74 -1.16
C PRO A 109 5.17 -9.01 -0.31
N PRO A 110 6.10 -9.93 -0.47
CA PRO A 110 6.07 -11.20 0.25
C PRO A 110 6.07 -10.98 1.76
N GLY A 111 5.51 -11.92 2.48
CA GLY A 111 5.49 -11.79 3.97
C GLY A 111 4.07 -11.96 4.52
N GLN A 112 3.85 -11.44 5.71
CA GLN A 112 2.51 -11.55 6.35
C GLN A 112 1.98 -10.18 6.72
N TYR A 113 0.67 -10.09 6.85
CA TYR A 113 0.04 -8.79 7.21
C TYR A 113 -1.08 -9.01 8.22
N THR A 114 -1.21 -8.09 9.12
CA THR A 114 -2.27 -8.22 10.15
C THR A 114 -3.57 -7.55 9.74
N GLN A 115 -4.56 -7.70 10.58
CA GLN A 115 -5.88 -7.10 10.28
C GLN A 115 -5.90 -5.60 10.58
N ALA A 116 -4.88 -4.92 10.12
CA ALA A 116 -4.82 -3.44 10.37
C ALA A 116 -4.15 -2.73 9.21
N GLU A 117 -2.90 -3.02 9.01
CA GLU A 117 -2.17 -2.35 7.92
C GLU A 117 -2.66 -2.89 6.58
N LEU A 118 -2.71 -4.19 6.49
CA LEU A 118 -3.16 -4.84 5.24
C LEU A 118 -4.20 -4.00 4.53
N GLU A 119 -5.36 -3.93 5.10
CA GLU A 119 -6.42 -3.13 4.48
C GLU A 119 -5.98 -1.68 4.30
N ARG A 120 -5.58 -1.06 5.39
CA ARG A 120 -5.13 0.36 5.29
C ARG A 120 -3.74 0.48 4.67
N TYR A 121 -3.34 -0.54 3.94
CA TYR A 121 -1.98 -0.50 3.30
C TYR A 121 -2.07 -0.80 1.82
N GLY A 122 -3.17 -1.36 1.40
CA GLY A 122 -3.31 -1.68 -0.05
C GLY A 122 -4.74 -1.46 -0.52
N ILE A 123 -5.68 -1.82 0.30
CA ILE A 123 -7.09 -1.64 -0.09
C ILE A 123 -7.93 -1.26 1.12
N ASP A 124 -8.68 -2.21 1.60
CA ASP A 124 -9.53 -1.95 2.78
C ASP A 124 -9.97 -3.27 3.41
N ASN A 125 -10.88 -3.19 4.32
CA ASN A 125 -11.35 -4.43 4.98
C ASN A 125 -12.53 -5.07 4.24
N ASN A 126 -12.50 -5.01 2.92
CA ASN A 126 -13.63 -5.64 2.15
C ASN A 126 -13.36 -5.65 0.64
N THR A 127 -13.49 -4.50 0.03
CA THR A 127 -13.26 -4.39 -1.44
C THR A 127 -12.06 -5.22 -1.94
N ILE A 128 -12.31 -6.48 -2.22
CA ILE A 128 -11.21 -7.38 -2.73
C ILE A 128 -11.82 -8.58 -3.46
N SER A 129 -11.18 -9.02 -4.53
CA SER A 129 -11.74 -10.18 -5.27
C SER A 129 -10.69 -10.88 -6.13
N SER A 130 -10.93 -10.91 -7.42
CA SER A 130 -9.99 -11.57 -8.36
C SER A 130 -8.53 -11.33 -7.96
N VAL A 131 -7.79 -12.40 -7.85
CA VAL A 131 -6.34 -12.29 -7.47
C VAL A 131 -5.46 -12.91 -8.54
N LYS A 132 -4.24 -12.46 -8.60
CA LYS A 132 -3.31 -12.99 -9.61
C LYS A 132 -1.87 -12.97 -9.06
N PRO A 133 -1.38 -14.12 -8.60
CA PRO A 133 -0.03 -14.19 -8.06
C PRO A 133 0.97 -13.67 -9.07
N GLN A 134 1.29 -12.41 -8.94
CA GLN A 134 2.25 -11.80 -9.87
C GLN A 134 3.58 -12.54 -9.85
N GLY A 135 3.77 -13.34 -8.84
CA GLY A 135 5.06 -14.09 -8.77
C GLY A 135 5.13 -14.96 -7.52
N LEU A 136 4.40 -14.58 -6.49
CA LEU A 136 4.40 -15.38 -5.23
C LEU A 136 3.02 -15.87 -4.89
N ALA A 137 2.94 -17.01 -4.29
CA ALA A 137 1.61 -17.56 -3.93
C ALA A 137 0.94 -16.69 -2.88
N VAL A 138 -0.35 -16.84 -2.74
CA VAL A 138 -1.09 -16.02 -1.73
C VAL A 138 -2.01 -16.86 -0.86
N VAL A 139 -2.15 -16.44 0.37
CA VAL A 139 -3.03 -17.17 1.31
C VAL A 139 -3.84 -16.17 2.13
N LEU A 140 -5.15 -16.31 2.10
CA LEU A 140 -6.02 -15.37 2.88
C LEU A 140 -6.59 -16.00 4.15
N PHE A 141 -6.65 -15.19 5.20
CA PHE A 141 -7.20 -15.70 6.50
C PHE A 141 -8.40 -14.89 6.93
N LYS A 142 -9.42 -15.58 7.36
CA LYS A 142 -10.66 -14.89 7.81
C LYS A 142 -10.46 -14.19 9.14
N ASN A 143 -9.88 -14.89 10.08
CA ASN A 143 -9.66 -14.26 11.41
C ASN A 143 -8.38 -13.44 11.40
N ASP A 144 -7.83 -13.23 12.56
CA ASP A 144 -6.59 -12.43 12.63
C ASP A 144 -5.42 -13.18 12.01
N ASN A 145 -4.29 -13.07 12.63
CA ASN A 145 -3.09 -13.76 12.11
C ASN A 145 -3.36 -15.26 11.89
N PHE A 146 -3.90 -15.58 10.73
CA PHE A 146 -4.21 -17.01 10.42
C PHE A 146 -4.75 -17.72 11.65
N SER A 147 -5.95 -17.35 12.05
CA SER A 147 -6.57 -17.98 13.24
C SER A 147 -8.03 -18.30 12.98
N GLY A 148 -8.26 -19.11 11.99
CA GLY A 148 -9.66 -19.50 11.66
C GLY A 148 -9.74 -20.03 10.23
N ASP A 149 -10.87 -19.86 9.60
CA ASP A 149 -11.01 -20.35 8.21
C ASP A 149 -9.98 -19.67 7.31
N THR A 150 -9.66 -20.31 6.21
CA THR A 150 -8.66 -19.72 5.29
C THR A 150 -8.93 -20.10 3.84
N LEU A 151 -8.22 -19.45 2.96
CA LEU A 151 -8.39 -19.72 1.51
C LEU A 151 -7.02 -19.61 0.80
N PRO A 152 -6.26 -20.68 0.88
CA PRO A 152 -4.93 -20.72 0.26
C PRO A 152 -4.97 -20.61 -1.27
N VAL A 153 -4.59 -19.48 -1.77
CA VAL A 153 -4.60 -19.28 -3.25
C VAL A 153 -3.33 -19.88 -3.83
N ASN A 154 -3.39 -21.14 -4.17
CA ASN A 154 -2.20 -21.82 -4.74
C ASN A 154 -1.84 -21.31 -6.14
N SER A 155 -2.66 -20.48 -6.74
CA SER A 155 -2.29 -20.00 -8.09
C SER A 155 -3.17 -18.84 -8.59
N ASP A 156 -3.58 -18.94 -9.84
CA ASP A 156 -4.44 -17.89 -10.43
C ASP A 156 -5.89 -17.99 -9.99
N ALA A 157 -6.54 -16.85 -9.99
CA ALA A 157 -7.96 -16.79 -9.58
C ALA A 157 -8.53 -15.43 -9.97
N PRO A 158 -8.63 -15.22 -11.27
CA PRO A 158 -9.14 -13.97 -11.82
C PRO A 158 -10.60 -13.72 -11.44
N THR A 159 -11.06 -14.35 -10.40
CA THR A 159 -12.45 -14.14 -9.99
C THR A 159 -12.77 -14.87 -8.70
N LEU A 160 -12.43 -14.24 -7.60
CA LEU A 160 -12.69 -14.85 -6.29
C LEU A 160 -13.96 -14.30 -5.68
N GLY A 161 -14.09 -13.01 -5.71
CA GLY A 161 -15.31 -12.38 -5.14
C GLY A 161 -15.49 -12.81 -3.68
N ALA A 162 -16.65 -12.59 -3.17
CA ALA A 162 -16.90 -12.99 -1.76
C ALA A 162 -17.24 -14.47 -1.66
N MET A 163 -16.28 -15.24 -1.20
CA MET A 163 -16.53 -16.69 -1.07
C MET A 163 -17.11 -16.99 0.30
N ASN A 164 -16.26 -17.00 1.28
CA ASN A 164 -16.74 -17.28 2.66
C ASN A 164 -17.09 -15.98 3.38
N ASN A 165 -16.23 -15.00 3.22
CA ASN A 165 -16.49 -13.70 3.88
C ASN A 165 -15.41 -12.69 3.50
N ASN A 166 -15.29 -11.65 4.27
CA ASN A 166 -14.25 -10.64 3.96
C ASN A 166 -12.88 -11.13 4.39
N THR A 167 -11.85 -10.39 4.03
CA THR A 167 -10.48 -10.81 4.41
C THR A 167 -9.97 -9.96 5.57
N SER A 168 -9.10 -10.54 6.36
CA SER A 168 -8.53 -9.80 7.52
C SER A 168 -7.01 -9.80 7.46
N SER A 169 -6.43 -10.96 7.63
CA SER A 169 -4.94 -11.06 7.58
C SER A 169 -4.55 -11.94 6.41
N ILE A 170 -3.38 -11.70 5.88
CA ILE A 170 -2.93 -12.53 4.73
C ILE A 170 -1.49 -12.95 4.87
N ARG A 171 -1.08 -13.74 3.94
CA ARG A 171 0.31 -14.21 3.96
C ARG A 171 0.76 -14.61 2.56
N ILE A 172 1.55 -13.75 1.96
CA ILE A 172 2.02 -14.04 0.60
C ILE A 172 3.15 -15.05 0.67
N SER A 173 2.85 -16.28 0.34
CA SER A 173 3.90 -17.32 0.38
C SER A 173 4.71 -17.32 -0.92
N MET A 1 15.87 7.11 -11.20
CA MET A 1 15.26 5.81 -11.58
C MET A 1 13.82 5.75 -11.08
N ALA A 2 13.66 5.60 -9.81
CA ALA A 2 12.29 5.53 -9.24
C ALA A 2 11.84 6.90 -8.75
N ASN A 3 10.61 6.98 -8.33
CA ASN A 3 10.08 8.28 -7.83
C ASN A 3 8.67 8.10 -7.27
N ILE A 4 8.52 8.38 -6.00
CA ILE A 4 7.17 8.22 -5.39
C ILE A 4 6.21 9.29 -5.92
N THR A 5 4.95 8.92 -6.06
CA THR A 5 3.95 9.90 -6.57
C THR A 5 2.84 10.08 -5.55
N VAL A 6 2.76 11.24 -5.00
CA VAL A 6 1.70 11.50 -3.98
C VAL A 6 0.45 12.06 -4.64
N PHE A 7 -0.57 12.23 -3.83
CA PHE A 7 -1.85 12.77 -4.35
C PHE A 7 -2.34 13.88 -3.43
N TYR A 8 -3.07 14.80 -3.98
CA TYR A 8 -3.57 15.92 -3.12
C TYR A 8 -4.87 15.59 -2.40
N ASN A 9 -5.46 14.46 -2.70
CA ASN A 9 -6.73 14.11 -2.01
C ASN A 9 -6.86 12.62 -1.82
N GLU A 10 -7.73 12.26 -0.92
CA GLU A 10 -7.94 10.82 -0.66
C GLU A 10 -8.65 10.17 -1.82
N ASP A 11 -8.88 8.90 -1.71
CA ASP A 11 -9.56 8.18 -2.80
C ASP A 11 -8.80 8.30 -4.12
N PHE A 12 -7.49 8.22 -4.04
CA PHE A 12 -6.68 8.32 -5.28
C PHE A 12 -6.95 9.62 -6.03
N GLN A 13 -7.74 10.48 -5.44
CA GLN A 13 -8.04 11.77 -6.13
C GLN A 13 -7.06 12.86 -5.70
N GLY A 14 -7.20 14.02 -6.28
CA GLY A 14 -6.28 15.15 -5.93
C GLY A 14 -5.02 15.13 -6.79
N LYS A 15 -4.67 16.27 -7.35
CA LYS A 15 -3.46 16.33 -8.20
C LYS A 15 -2.32 15.55 -7.57
N GLN A 16 -1.37 15.15 -8.38
CA GLN A 16 -0.21 14.38 -7.84
C GLN A 16 1.12 15.06 -8.11
N VAL A 17 2.13 14.57 -7.43
CA VAL A 17 3.49 15.15 -7.60
C VAL A 17 4.53 14.03 -7.51
N ASP A 18 5.49 14.05 -8.40
CA ASP A 18 6.53 12.99 -8.37
C ASP A 18 7.76 13.45 -7.58
N LEU A 19 7.99 12.81 -6.46
CA LEU A 19 9.17 13.18 -5.62
C LEU A 19 10.27 12.10 -5.71
N PRO A 20 11.52 12.52 -5.82
CA PRO A 20 12.63 11.56 -5.91
C PRO A 20 12.86 10.85 -4.57
N PRO A 21 13.45 9.68 -4.62
CA PRO A 21 13.73 8.91 -3.41
C PRO A 21 14.70 9.66 -2.51
N GLY A 22 15.33 8.96 -1.60
CA GLY A 22 16.28 9.64 -0.69
C GLY A 22 15.57 10.21 0.54
N ASN A 23 16.34 10.80 1.41
CA ASN A 23 15.75 11.40 2.64
C ASN A 23 15.66 12.92 2.53
N TYR A 24 14.53 13.45 2.91
CA TYR A 24 14.35 14.92 2.86
C TYR A 24 13.33 15.37 3.88
N THR A 25 13.17 16.66 4.00
CA THR A 25 12.20 17.17 4.97
C THR A 25 11.53 18.44 4.46
N ARG A 26 11.09 19.25 5.37
CA ARG A 26 10.42 20.50 4.95
C ARG A 26 11.39 21.38 4.20
N ALA A 27 12.64 21.31 4.54
CA ALA A 27 13.64 22.15 3.84
C ALA A 27 13.65 21.85 2.34
N GLN A 28 13.98 20.63 2.00
CA GLN A 28 14.01 20.29 0.57
C GLN A 28 12.67 20.59 -0.05
N LEU A 29 11.64 20.15 0.60
CA LEU A 29 10.29 20.40 0.07
C LEU A 29 10.12 21.89 -0.15
N ALA A 30 10.62 22.68 0.76
CA ALA A 30 10.48 24.14 0.60
C ALA A 30 10.96 24.52 -0.77
N ALA A 31 11.95 23.79 -1.22
CA ALA A 31 12.49 24.08 -2.57
C ALA A 31 11.46 23.75 -3.62
N LEU A 32 10.76 22.66 -3.40
CA LEU A 32 9.73 22.26 -4.39
C LEU A 32 8.49 23.16 -4.27
N GLY A 33 7.71 22.95 -3.24
CA GLY A 33 6.50 23.78 -3.06
C GLY A 33 5.46 23.08 -2.19
N ILE A 34 5.39 21.77 -2.31
CA ILE A 34 4.42 21.02 -1.50
C ILE A 34 4.94 20.80 -0.10
N GLU A 35 4.05 20.70 0.86
CA GLU A 35 4.50 20.50 2.25
C GLU A 35 3.32 20.41 3.22
N ASN A 36 3.51 19.67 4.29
CA ASN A 36 2.41 19.52 5.29
C ASN A 36 1.23 18.75 4.73
N ASN A 37 0.06 19.10 5.18
CA ASN A 37 -1.16 18.41 4.70
C ASN A 37 -1.26 18.43 3.18
N THR A 38 -0.76 17.40 2.56
CA THR A 38 -0.83 17.33 1.08
C THR A 38 -0.82 15.91 0.63
N ILE A 39 0.10 15.14 1.18
CA ILE A 39 0.19 13.71 0.80
C ILE A 39 -1.10 13.01 1.16
N SER A 40 -2.10 13.24 0.38
CA SER A 40 -3.40 12.61 0.64
C SER A 40 -3.35 11.14 0.24
N SER A 41 -3.07 10.87 -1.01
CA SER A 41 -3.00 9.45 -1.49
C SER A 41 -1.58 9.19 -1.96
N VAL A 42 -1.28 7.97 -2.37
CA VAL A 42 0.12 7.73 -2.81
C VAL A 42 0.24 6.53 -3.77
N LYS A 43 1.25 6.62 -4.59
CA LYS A 43 1.51 5.56 -5.58
C LYS A 43 3.02 5.33 -5.66
N VAL A 44 3.48 4.22 -5.11
CA VAL A 44 4.95 3.94 -5.14
C VAL A 44 5.27 2.56 -5.74
N PRO A 45 5.82 2.55 -6.95
CA PRO A 45 6.17 1.28 -7.61
C PRO A 45 7.35 0.62 -6.90
N PRO A 46 7.62 -0.60 -7.28
CA PRO A 46 8.72 -1.37 -6.69
C PRO A 46 10.06 -0.70 -6.95
N GLY A 47 11.12 -1.37 -6.63
CA GLY A 47 12.45 -0.77 -6.86
C GLY A 47 12.80 0.24 -5.76
N VAL A 48 11.82 0.62 -4.99
CA VAL A 48 12.09 1.60 -3.90
C VAL A 48 11.14 1.46 -2.72
N LYS A 49 11.69 1.42 -1.54
CA LYS A 49 10.86 1.28 -0.32
C LYS A 49 10.74 2.66 0.33
N ALA A 50 9.53 3.07 0.67
CA ALA A 50 9.37 4.41 1.30
C ALA A 50 8.91 4.34 2.75
N ILE A 51 9.19 5.42 3.45
CA ILE A 51 8.82 5.52 4.87
C ILE A 51 8.44 6.97 5.15
N LEU A 52 7.20 7.18 5.51
CA LEU A 52 6.75 8.59 5.80
C LEU A 52 6.84 8.95 7.28
N TYR A 53 6.87 10.24 7.53
CA TYR A 53 6.95 10.74 8.93
C TYR A 53 6.05 11.96 9.11
N GLN A 54 5.04 11.78 9.92
CA GLN A 54 4.09 12.90 10.17
C GLN A 54 4.79 14.23 10.41
N ASN A 55 5.16 14.49 11.63
CA ASN A 55 5.84 15.76 11.94
C ASN A 55 7.14 15.91 11.15
N ASP A 56 7.50 17.13 10.87
CA ASP A 56 8.75 17.35 10.10
C ASP A 56 9.93 16.75 10.84
N GLY A 57 11.10 16.90 10.28
CA GLY A 57 12.29 16.34 10.95
C GLY A 57 12.08 14.85 11.21
N PHE A 58 11.44 14.20 10.27
CA PHE A 58 11.18 12.76 10.41
C PHE A 58 10.77 12.42 11.85
N ALA A 59 9.59 12.87 12.21
CA ALA A 59 9.10 12.58 13.59
C ALA A 59 7.61 12.29 13.58
N GLY A 60 7.08 11.92 14.72
CA GLY A 60 5.62 11.62 14.78
C GLY A 60 5.33 10.24 14.19
N ASP A 61 4.11 9.81 14.31
CA ASP A 61 3.76 8.47 13.77
C ASP A 61 4.28 8.35 12.35
N GLN A 62 5.09 7.35 12.12
CA GLN A 62 5.64 7.14 10.76
C GLN A 62 4.87 6.07 10.02
N ILE A 63 5.20 5.91 8.76
CA ILE A 63 4.51 4.89 7.94
C ILE A 63 5.51 4.17 7.06
N GLU A 64 5.08 3.11 6.44
CA GLU A 64 6.02 2.37 5.56
C GLU A 64 5.27 1.76 4.39
N VAL A 65 5.78 1.97 3.21
CA VAL A 65 5.09 1.39 2.03
C VAL A 65 6.04 1.08 0.89
N VAL A 66 5.56 0.30 -0.03
CA VAL A 66 6.38 -0.09 -1.19
C VAL A 66 5.48 -0.23 -2.41
N ALA A 67 4.20 -0.18 -2.13
CA ALA A 67 3.20 -0.30 -3.22
C ALA A 67 2.38 0.97 -3.30
N ASN A 68 1.18 0.84 -3.78
CA ASN A 68 0.31 2.02 -3.90
C ASN A 68 -0.61 2.13 -2.68
N ALA A 69 -0.50 3.22 -1.99
CA ALA A 69 -1.35 3.42 -0.78
C ALA A 69 -2.66 4.10 -1.18
N GLU A 70 -3.72 3.34 -1.13
CA GLU A 70 -5.03 3.93 -1.49
C GLU A 70 -5.54 4.85 -0.40
N GLU A 71 -6.04 4.26 0.64
CA GLU A 71 -6.56 5.08 1.77
C GLU A 71 -5.42 5.65 2.62
N LEU A 72 -4.21 5.38 2.22
CA LEU A 72 -3.05 5.88 2.98
C LEU A 72 -3.17 5.54 4.48
N GLY A 73 -3.64 6.45 5.27
CA GLY A 73 -3.77 6.14 6.73
C GLY A 73 -4.47 7.30 7.47
N PRO A 74 -4.51 7.16 8.78
CA PRO A 74 -5.14 8.16 9.65
C PRO A 74 -4.31 9.44 9.76
N LEU A 75 -3.06 9.30 10.10
CA LEU A 75 -2.19 10.50 10.23
C LEU A 75 -2.07 11.26 8.92
N ASN A 76 -2.93 10.95 7.99
CA ASN A 76 -2.88 11.65 6.67
C ASN A 76 -3.24 13.11 6.84
N ASN A 77 -3.52 13.50 8.05
CA ASN A 77 -3.89 14.91 8.31
C ASN A 77 -2.66 15.80 8.38
N ASN A 78 -1.50 15.18 8.40
CA ASN A 78 -0.25 15.99 8.49
C ASN A 78 0.98 15.16 8.12
N VAL A 79 1.69 15.61 7.14
CA VAL A 79 2.91 14.88 6.71
C VAL A 79 3.94 15.87 6.18
N SER A 80 5.19 15.68 6.55
CA SER A 80 6.23 16.61 6.06
C SER A 80 7.57 15.92 5.80
N SER A 81 8.02 15.11 6.73
CA SER A 81 9.32 14.42 6.51
C SER A 81 9.11 13.04 5.90
N ILE A 82 10.01 12.66 5.03
CA ILE A 82 9.87 11.34 4.38
C ILE A 82 11.24 10.74 4.06
N ARG A 83 11.28 9.46 3.87
CA ARG A 83 12.56 8.82 3.55
C ARG A 83 12.36 7.59 2.67
N VAL A 84 13.22 7.46 1.68
CA VAL A 84 13.11 6.30 0.76
C VAL A 84 14.48 5.76 0.40
N ILE A 85 14.58 4.46 0.25
CA ILE A 85 15.88 3.85 -0.09
C ILE A 85 15.71 2.78 -1.17
N SER A 86 16.59 2.81 -2.15
CA SER A 86 16.51 1.81 -3.25
C SER A 86 16.22 0.43 -2.71
N VAL A 87 15.63 -0.40 -3.53
CA VAL A 87 15.31 -1.78 -3.07
C VAL A 87 15.17 -2.72 -4.29
N PRO A 88 15.62 -3.96 -4.15
CA PRO A 88 15.53 -4.92 -5.25
C PRO A 88 14.08 -5.19 -5.61
N VAL A 89 13.77 -5.10 -6.87
CA VAL A 89 12.38 -5.34 -7.31
C VAL A 89 11.93 -6.74 -6.92
N GLN A 90 10.69 -6.84 -6.48
CA GLN A 90 10.15 -8.16 -6.07
C GLN A 90 8.97 -8.56 -6.97
N PRO A 91 8.75 -9.84 -7.13
CA PRO A 91 7.65 -10.33 -7.96
C PRO A 91 6.30 -9.82 -7.45
N ARG A 92 6.21 -9.70 -6.17
CA ARG A 92 4.93 -9.21 -5.55
C ARG A 92 3.72 -9.99 -6.03
N ALA A 93 2.57 -9.40 -5.82
CA ALA A 93 1.30 -10.06 -6.24
C ALA A 93 0.33 -9.01 -6.79
N ARG A 94 -0.82 -9.44 -7.28
CA ARG A 94 -1.80 -8.46 -7.83
C ARG A 94 -3.23 -8.86 -7.53
N PHE A 95 -3.93 -8.01 -6.82
CA PHE A 95 -5.34 -8.33 -6.47
C PHE A 95 -6.28 -7.66 -7.48
N PHE A 96 -7.51 -8.09 -7.49
CA PHE A 96 -8.49 -7.49 -8.44
C PHE A 96 -9.85 -7.38 -7.80
N TYR A 97 -10.62 -6.39 -8.20
CA TYR A 97 -11.97 -6.23 -7.59
C TYR A 97 -13.02 -6.92 -8.46
N LYS A 98 -14.14 -7.20 -7.87
CA LYS A 98 -15.21 -7.88 -8.63
C LYS A 98 -14.78 -9.29 -8.99
N GLU A 99 -15.68 -10.22 -8.83
CA GLU A 99 -15.31 -11.60 -9.16
C GLU A 99 -15.33 -11.83 -10.66
N GLN A 100 -14.36 -11.26 -11.30
CA GLN A 100 -14.27 -11.39 -12.77
C GLN A 100 -12.98 -10.77 -13.25
N PHE A 101 -12.06 -10.59 -12.35
CA PHE A 101 -10.78 -9.97 -12.75
C PHE A 101 -11.04 -8.71 -13.55
N ASP A 102 -12.04 -7.97 -13.11
CA ASP A 102 -12.37 -6.70 -13.84
C ASP A 102 -11.88 -5.46 -13.10
N GLY A 103 -12.70 -4.97 -12.21
CA GLY A 103 -12.34 -3.74 -11.41
C GLY A 103 -10.83 -3.60 -11.17
N LYS A 104 -10.39 -2.35 -11.16
CA LYS A 104 -8.94 -2.03 -10.94
C LYS A 104 -8.25 -3.00 -9.98
N GLU A 105 -6.95 -3.10 -10.15
CA GLU A 105 -6.16 -4.01 -9.28
C GLU A 105 -5.14 -3.26 -8.43
N VAL A 106 -4.64 -3.95 -7.43
CA VAL A 106 -3.64 -3.33 -6.52
C VAL A 106 -2.54 -4.37 -6.25
N ASP A 107 -1.30 -3.92 -6.19
CA ASP A 107 -0.19 -4.88 -5.94
C ASP A 107 0.30 -4.82 -4.50
N LEU A 108 0.92 -5.89 -4.06
CA LEU A 108 1.44 -5.92 -2.67
C LEU A 108 2.77 -6.70 -2.60
N PRO A 109 3.71 -6.20 -1.79
CA PRO A 109 5.02 -6.86 -1.64
C PRO A 109 4.92 -8.14 -0.81
N PRO A 110 5.96 -8.95 -0.89
CA PRO A 110 6.00 -10.22 -0.16
C PRO A 110 6.06 -9.97 1.35
N GLY A 111 5.41 -10.80 2.11
CA GLY A 111 5.42 -10.60 3.60
C GLY A 111 4.08 -10.94 4.23
N GLN A 112 3.88 -10.44 5.43
CA GLN A 112 2.62 -10.70 6.16
C GLN A 112 1.85 -9.41 6.40
N TYR A 113 0.57 -9.52 6.62
CA TYR A 113 -0.25 -8.32 6.87
C TYR A 113 -1.36 -8.62 7.87
N THR A 114 -1.76 -7.61 8.59
CA THR A 114 -2.84 -7.78 9.60
C THR A 114 -4.18 -7.23 9.11
N GLN A 115 -5.10 -7.14 10.03
CA GLN A 115 -6.45 -6.62 9.69
C GLN A 115 -6.52 -5.11 9.93
N ALA A 116 -5.57 -4.41 9.41
CA ALA A 116 -5.58 -2.93 9.60
C ALA A 116 -4.89 -2.23 8.44
N GLU A 117 -3.63 -2.50 8.30
CA GLU A 117 -2.89 -1.86 7.19
C GLU A 117 -3.33 -2.45 5.89
N LEU A 118 -3.26 -3.75 5.82
CA LEU A 118 -3.68 -4.48 4.59
C LEU A 118 -4.78 -3.74 3.87
N GLU A 119 -5.92 -3.72 4.47
CA GLU A 119 -7.05 -3.03 3.86
C GLU A 119 -6.71 -1.60 3.55
N ARG A 120 -6.36 -0.87 4.57
CA ARG A 120 -6.02 0.54 4.35
C ARG A 120 -4.64 0.70 3.69
N TYR A 121 -4.17 -0.37 3.07
CA TYR A 121 -2.83 -0.31 2.41
C TYR A 121 -2.95 -0.63 0.94
N GLY A 122 -4.06 -1.19 0.56
CA GLY A 122 -4.24 -1.52 -0.87
C GLY A 122 -5.71 -1.41 -1.26
N ILE A 123 -6.57 -1.79 -0.35
CA ILE A 123 -8.03 -1.70 -0.67
C ILE A 123 -8.84 -1.37 0.58
N ASP A 124 -9.64 -2.31 1.01
CA ASP A 124 -10.48 -2.09 2.21
C ASP A 124 -10.75 -3.43 2.92
N ASN A 125 -11.90 -3.53 3.52
CA ASN A 125 -12.25 -4.80 4.22
C ASN A 125 -12.57 -5.89 3.23
N ASN A 126 -13.82 -6.26 3.15
CA ASN A 126 -14.21 -7.33 2.20
C ASN A 126 -14.34 -6.78 0.78
N THR A 127 -13.28 -6.16 0.30
CA THR A 127 -13.32 -5.59 -1.07
C THR A 127 -12.59 -6.51 -2.05
N ILE A 128 -12.18 -7.64 -1.55
CA ILE A 128 -11.46 -8.60 -2.44
C ILE A 128 -12.45 -9.34 -3.33
N SER A 129 -11.93 -9.92 -4.39
CA SER A 129 -12.84 -10.65 -5.31
C SER A 129 -12.04 -11.61 -6.19
N SER A 130 -10.98 -11.10 -6.76
CA SER A 130 -10.13 -11.95 -7.65
C SER A 130 -8.65 -11.69 -7.37
N VAL A 131 -7.89 -12.76 -7.26
CA VAL A 131 -6.42 -12.61 -6.99
C VAL A 131 -5.57 -13.23 -8.08
N LYS A 132 -4.47 -12.59 -8.33
CA LYS A 132 -3.54 -13.09 -9.36
C LYS A 132 -2.10 -12.78 -8.94
N PRO A 133 -1.47 -13.76 -8.29
CA PRO A 133 -0.10 -13.58 -7.83
C PRO A 133 0.84 -13.28 -8.98
N GLN A 134 1.25 -12.05 -9.07
CA GLN A 134 2.17 -11.66 -10.13
C GLN A 134 3.44 -12.49 -10.12
N GLY A 135 3.62 -13.28 -9.09
CA GLY A 135 4.85 -14.12 -9.04
C GLY A 135 4.92 -14.97 -7.75
N LEU A 136 4.56 -14.39 -6.64
CA LEU A 136 4.61 -15.16 -5.38
C LEU A 136 3.31 -15.92 -5.15
N ALA A 137 3.14 -16.42 -3.94
CA ALA A 137 1.89 -17.17 -3.61
C ALA A 137 1.13 -16.40 -2.54
N VAL A 138 -0.16 -16.40 -2.63
CA VAL A 138 -0.98 -15.68 -1.61
C VAL A 138 -1.71 -16.61 -0.67
N VAL A 139 -1.81 -16.18 0.56
CA VAL A 139 -2.51 -16.99 1.59
C VAL A 139 -3.47 -16.10 2.35
N LEU A 140 -4.74 -16.45 2.31
CA LEU A 140 -5.74 -15.61 3.03
C LEU A 140 -6.09 -16.19 4.40
N PHE A 141 -6.23 -15.30 5.36
CA PHE A 141 -6.57 -15.74 6.74
C PHE A 141 -7.93 -15.21 7.14
N LYS A 142 -8.76 -16.10 7.62
CA LYS A 142 -10.11 -15.68 8.05
C LYS A 142 -10.03 -14.69 9.19
N ASN A 143 -9.72 -15.17 10.36
CA ASN A 143 -9.62 -14.26 11.52
C ASN A 143 -8.32 -13.47 11.47
N ASP A 144 -8.23 -12.47 12.29
CA ASP A 144 -6.99 -11.65 12.30
C ASP A 144 -5.79 -12.49 12.72
N ASN A 145 -4.76 -11.83 13.19
CA ASN A 145 -3.54 -12.57 13.62
C ASN A 145 -3.25 -13.74 12.69
N PHE A 146 -3.67 -13.60 11.46
CA PHE A 146 -3.42 -14.69 10.48
C PHE A 146 -3.66 -16.05 11.13
N SER A 147 -4.85 -16.25 11.64
CA SER A 147 -5.18 -17.55 12.30
C SER A 147 -6.55 -18.04 11.87
N GLY A 148 -7.00 -19.10 12.50
CA GLY A 148 -8.34 -19.65 12.14
C GLY A 148 -8.29 -20.30 10.76
N ASP A 149 -9.44 -20.50 10.16
CA ASP A 149 -9.47 -21.12 8.82
C ASP A 149 -8.68 -20.27 7.84
N THR A 150 -8.21 -20.88 6.79
CA THR A 150 -7.44 -20.10 5.78
C THR A 150 -7.63 -20.66 4.39
N LEU A 151 -7.14 -19.91 3.43
CA LEU A 151 -7.27 -20.34 2.01
C LEU A 151 -5.95 -20.08 1.28
N PRO A 152 -5.03 -21.00 1.43
CA PRO A 152 -3.71 -20.88 0.79
C PRO A 152 -3.80 -20.86 -0.73
N VAL A 153 -3.66 -19.69 -1.30
CA VAL A 153 -3.74 -19.57 -2.77
C VAL A 153 -2.36 -19.78 -3.41
N ASN A 154 -1.91 -21.00 -3.43
CA ASN A 154 -0.59 -21.27 -4.03
C ASN A 154 -0.68 -21.31 -5.55
N SER A 155 -1.50 -20.47 -6.11
CA SER A 155 -1.64 -20.45 -7.59
C SER A 155 -2.47 -19.27 -8.06
N ASP A 156 -3.06 -19.41 -9.22
CA ASP A 156 -3.89 -18.30 -9.76
C ASP A 156 -5.33 -18.41 -9.26
N ALA A 157 -6.01 -17.30 -9.25
CA ALA A 157 -7.42 -17.31 -8.78
C ALA A 157 -8.14 -16.04 -9.18
N PRO A 158 -8.36 -15.90 -10.47
CA PRO A 158 -9.03 -14.74 -11.02
C PRO A 158 -10.49 -14.68 -10.56
N THR A 159 -10.77 -15.29 -9.46
CA THR A 159 -12.16 -15.28 -8.95
C THR A 159 -12.21 -15.82 -7.53
N LEU A 160 -12.92 -15.13 -6.68
CA LEU A 160 -13.03 -15.58 -5.28
C LEU A 160 -14.44 -15.36 -4.73
N GLY A 161 -14.89 -14.15 -4.81
CA GLY A 161 -16.24 -13.84 -4.29
C GLY A 161 -16.22 -13.73 -2.77
N ALA A 162 -16.51 -14.82 -2.10
CA ALA A 162 -16.50 -14.78 -0.62
C ALA A 162 -16.65 -16.17 -0.02
N MET A 163 -15.54 -16.78 0.31
CA MET A 163 -15.59 -18.14 0.90
C MET A 163 -15.71 -18.07 2.41
N ASN A 164 -14.65 -17.63 3.03
CA ASN A 164 -14.68 -17.52 4.51
C ASN A 164 -15.23 -16.17 4.93
N ASN A 165 -16.23 -15.73 4.20
CA ASN A 165 -16.86 -14.42 4.51
C ASN A 165 -15.83 -13.34 4.84
N ASN A 166 -15.37 -12.65 3.82
CA ASN A 166 -14.36 -11.58 4.04
C ASN A 166 -12.99 -12.12 4.47
N THR A 167 -11.98 -11.34 4.16
CA THR A 167 -10.58 -11.73 4.52
C THR A 167 -10.01 -10.70 5.48
N SER A 168 -9.54 -11.14 6.60
CA SER A 168 -8.98 -10.19 7.58
C SER A 168 -7.48 -9.98 7.39
N SER A 169 -6.71 -11.04 7.55
CA SER A 169 -5.23 -10.93 7.37
C SER A 169 -4.75 -11.76 6.21
N ILE A 170 -3.58 -11.45 5.71
CA ILE A 170 -3.04 -12.23 4.57
C ILE A 170 -1.55 -12.42 4.70
N ARG A 171 -1.00 -13.18 3.80
CA ARG A 171 0.45 -13.41 3.84
C ARG A 171 0.94 -13.90 2.50
N ILE A 172 1.74 -13.10 1.86
CA ILE A 172 2.27 -13.49 0.56
C ILE A 172 3.53 -14.32 0.71
N SER A 173 3.40 -15.61 0.57
CA SER A 173 4.58 -16.49 0.71
C SER A 173 5.40 -16.51 -0.58
N MET A 1 13.32 5.51 -12.81
CA MET A 1 12.76 4.20 -12.39
C MET A 1 12.20 4.32 -10.97
N ALA A 2 13.05 4.61 -10.03
CA ALA A 2 12.59 4.73 -8.62
C ALA A 2 12.09 6.15 -8.34
N ASN A 3 10.86 6.25 -7.90
CA ASN A 3 10.31 7.60 -7.58
C ASN A 3 8.86 7.49 -7.09
N ILE A 4 8.59 8.06 -5.93
CA ILE A 4 7.21 7.99 -5.39
C ILE A 4 6.32 9.06 -6.01
N THR A 5 5.20 8.63 -6.52
CA THR A 5 4.26 9.59 -7.14
C THR A 5 3.09 9.81 -6.20
N VAL A 6 2.98 10.98 -5.66
CA VAL A 6 1.87 11.27 -4.73
C VAL A 6 0.63 11.81 -5.42
N PHE A 7 -0.43 11.87 -4.66
CA PHE A 7 -1.72 12.37 -5.18
C PHE A 7 -2.25 13.43 -4.23
N TYR A 8 -2.83 14.47 -4.77
CA TYR A 8 -3.35 15.56 -3.88
C TYR A 8 -4.66 15.21 -3.15
N ASN A 9 -5.40 14.27 -3.64
CA ASN A 9 -6.69 13.90 -2.95
C ASN A 9 -6.75 12.44 -2.58
N GLU A 10 -7.74 12.10 -1.80
CA GLU A 10 -7.91 10.71 -1.37
C GLU A 10 -8.28 9.84 -2.57
N ASP A 11 -8.34 8.57 -2.35
CA ASP A 11 -8.69 7.68 -3.48
C ASP A 11 -7.80 7.94 -4.70
N PHE A 12 -6.51 7.82 -4.50
CA PHE A 12 -5.54 8.06 -5.61
C PHE A 12 -6.01 9.16 -6.57
N GLN A 13 -6.78 10.08 -6.05
CA GLN A 13 -7.28 11.20 -6.90
C GLN A 13 -6.55 12.48 -6.57
N GLY A 14 -6.72 13.49 -7.39
CA GLY A 14 -6.03 14.79 -7.11
C GLY A 14 -4.69 14.87 -7.87
N LYS A 15 -4.44 16.03 -8.45
CA LYS A 15 -3.16 16.24 -9.22
C LYS A 15 -2.02 15.40 -8.65
N GLN A 16 -1.21 14.87 -9.53
CA GLN A 16 -0.08 14.04 -9.07
C GLN A 16 1.25 14.78 -9.07
N VAL A 17 2.12 14.36 -8.20
CA VAL A 17 3.45 14.99 -8.08
C VAL A 17 4.51 13.87 -7.95
N ASP A 18 5.65 14.07 -8.54
CA ASP A 18 6.72 13.03 -8.45
C ASP A 18 7.87 13.48 -7.55
N LEU A 19 8.29 12.59 -6.68
CA LEU A 19 9.40 12.93 -5.74
C LEU A 19 10.48 11.82 -5.79
N PRO A 20 11.73 12.19 -6.03
CA PRO A 20 12.81 11.19 -6.08
C PRO A 20 13.06 10.57 -4.70
N PRO A 21 13.74 9.45 -4.69
CA PRO A 21 14.05 8.76 -3.44
C PRO A 21 14.93 9.62 -2.54
N GLY A 22 15.55 9.00 -1.56
CA GLY A 22 16.43 9.78 -0.64
C GLY A 22 15.68 10.19 0.63
N ASN A 23 16.40 10.75 1.56
CA ASN A 23 15.78 11.19 2.83
C ASN A 23 15.64 12.71 2.90
N TYR A 24 14.49 13.18 3.30
CA TYR A 24 14.29 14.64 3.39
C TYR A 24 13.20 14.97 4.39
N THR A 25 12.98 16.24 4.59
CA THR A 25 11.95 16.66 5.56
C THR A 25 11.14 17.82 5.02
N ARG A 26 10.49 18.52 5.90
CA ARG A 26 9.68 19.65 5.45
C ARG A 26 10.56 20.72 4.83
N ALA A 27 11.83 20.68 5.15
CA ALA A 27 12.74 21.69 4.57
C ALA A 27 12.81 21.54 3.06
N GLN A 28 13.20 20.38 2.61
CA GLN A 28 13.29 20.17 1.17
C GLN A 28 11.94 20.45 0.53
N LEU A 29 10.90 19.94 1.14
CA LEU A 29 9.56 20.18 0.57
C LEU A 29 9.31 21.67 0.50
N ALA A 30 9.74 22.38 1.51
CA ALA A 30 9.52 23.83 1.50
C ALA A 30 10.05 24.39 0.21
N ALA A 31 11.09 23.77 -0.27
CA ALA A 31 11.70 24.23 -1.53
C ALA A 31 10.76 23.95 -2.69
N LEU A 32 10.17 22.78 -2.68
CA LEU A 32 9.24 22.42 -3.78
C LEU A 32 7.96 23.25 -3.68
N GLY A 33 7.15 22.96 -2.69
CA GLY A 33 5.88 23.73 -2.55
C GLY A 33 4.81 22.89 -1.85
N ILE A 34 4.81 21.62 -2.11
CA ILE A 34 3.81 20.74 -1.49
C ILE A 34 4.24 20.33 -0.09
N GLU A 35 3.29 20.26 0.81
CA GLU A 35 3.61 19.87 2.21
C GLU A 35 2.38 19.97 3.10
N ASN A 36 2.39 19.20 4.17
CA ASN A 36 1.23 19.23 5.10
C ASN A 36 -0.08 18.82 4.43
N ASN A 37 -0.52 17.62 4.72
CA ASN A 37 -1.79 17.12 4.14
C ASN A 37 -1.82 17.27 2.61
N THR A 38 -1.03 16.49 1.93
CA THR A 38 -1.01 16.58 0.45
C THR A 38 -0.74 15.21 -0.15
N ILE A 39 0.04 14.43 0.55
CA ILE A 39 0.34 13.08 0.04
C ILE A 39 -0.83 12.16 0.29
N SER A 40 -1.98 12.69 0.04
CA SER A 40 -3.22 11.93 0.24
C SER A 40 -3.04 10.48 -0.21
N SER A 41 -2.59 10.30 -1.43
CA SER A 41 -2.38 8.90 -1.94
C SER A 41 -1.07 8.81 -2.70
N VAL A 42 -0.60 7.59 -2.92
CA VAL A 42 0.68 7.46 -3.68
C VAL A 42 0.71 6.25 -4.59
N LYS A 43 1.75 6.22 -5.38
CA LYS A 43 1.98 5.13 -6.33
C LYS A 43 3.47 4.83 -6.36
N VAL A 44 3.88 3.86 -5.58
CA VAL A 44 5.32 3.49 -5.52
C VAL A 44 5.60 2.06 -6.04
N PRO A 45 6.25 1.96 -7.20
CA PRO A 45 6.56 0.65 -7.77
C PRO A 45 7.64 -0.05 -6.94
N PRO A 46 7.85 -1.31 -7.22
CA PRO A 46 8.86 -2.11 -6.50
C PRO A 46 10.27 -1.54 -6.71
N GLY A 47 11.25 -2.27 -6.29
CA GLY A 47 12.66 -1.79 -6.47
C GLY A 47 13.02 -0.76 -5.40
N VAL A 48 12.02 -0.24 -4.73
CA VAL A 48 12.31 0.77 -3.67
C VAL A 48 11.24 0.77 -2.60
N LYS A 49 11.65 1.07 -1.40
CA LYS A 49 10.70 1.12 -0.25
C LYS A 49 10.74 2.49 0.42
N ALA A 50 9.58 3.08 0.58
CA ALA A 50 9.52 4.41 1.23
C ALA A 50 8.91 4.34 2.62
N ILE A 51 9.11 5.40 3.36
CA ILE A 51 8.57 5.46 4.74
C ILE A 51 7.99 6.84 5.01
N LEU A 52 6.74 6.87 5.41
CA LEU A 52 6.11 8.18 5.70
C LEU A 52 6.10 8.50 7.19
N TYR A 53 6.68 9.62 7.53
CA TYR A 53 6.75 10.04 8.96
C TYR A 53 5.84 11.25 9.19
N GLN A 54 4.88 11.07 10.06
CA GLN A 54 3.96 12.19 10.35
C GLN A 54 4.73 13.45 10.77
N ASN A 55 5.18 13.45 12.00
CA ASN A 55 5.93 14.63 12.50
C ASN A 55 7.22 14.83 11.69
N ASP A 56 7.69 16.04 11.69
CA ASP A 56 8.94 16.33 10.94
C ASP A 56 10.14 15.64 11.59
N GLY A 57 11.27 15.73 10.95
CA GLY A 57 12.48 15.08 11.53
C GLY A 57 12.28 13.56 11.63
N PHE A 58 11.51 13.03 10.71
CA PHE A 58 11.27 11.56 10.74
C PHE A 58 10.73 11.13 12.10
N ALA A 59 9.53 11.57 12.42
CA ALA A 59 8.94 11.19 13.73
C ALA A 59 7.44 11.01 13.63
N GLY A 60 6.79 10.86 14.76
CA GLY A 60 5.32 10.68 14.74
C GLY A 60 4.97 9.34 14.11
N ASP A 61 3.71 8.99 14.13
CA ASP A 61 3.30 7.69 13.53
C ASP A 61 4.01 7.47 12.22
N GLN A 62 4.79 6.43 12.15
CA GLN A 62 5.52 6.15 10.90
C GLN A 62 4.72 5.24 9.99
N ILE A 63 5.09 5.24 8.74
CA ILE A 63 4.38 4.40 7.76
C ILE A 63 5.40 3.75 6.83
N GLU A 64 4.95 2.81 6.07
CA GLU A 64 5.88 2.12 5.14
C GLU A 64 5.15 1.69 3.88
N VAL A 65 5.74 1.94 2.75
CA VAL A 65 5.07 1.55 1.50
C VAL A 65 6.06 1.21 0.39
N VAL A 66 5.66 0.30 -0.42
CA VAL A 66 6.51 -0.13 -1.55
C VAL A 66 5.60 -0.36 -2.74
N ALA A 67 4.33 -0.14 -2.48
CA ALA A 67 3.31 -0.30 -3.53
C ALA A 67 2.48 0.97 -3.63
N ASN A 68 1.27 0.82 -4.08
CA ASN A 68 0.39 2.01 -4.22
C ASN A 68 -0.45 2.19 -2.97
N ALA A 69 -0.68 3.42 -2.60
CA ALA A 69 -1.50 3.71 -1.39
C ALA A 69 -2.83 4.34 -1.78
N GLU A 70 -3.89 3.58 -1.63
CA GLU A 70 -5.23 4.13 -1.98
C GLU A 70 -5.73 5.04 -0.88
N GLU A 71 -5.94 4.49 0.28
CA GLU A 71 -6.44 5.31 1.41
C GLU A 71 -5.28 5.69 2.35
N LEU A 72 -4.09 5.32 1.95
CA LEU A 72 -2.91 5.64 2.80
C LEU A 72 -3.18 5.30 4.27
N GLY A 73 -3.53 6.29 5.05
CA GLY A 73 -3.80 6.02 6.49
C GLY A 73 -4.45 7.23 7.17
N PRO A 74 -4.67 7.09 8.46
CA PRO A 74 -5.29 8.15 9.26
C PRO A 74 -4.37 9.37 9.39
N LEU A 75 -3.12 9.14 9.68
CA LEU A 75 -2.18 10.28 9.81
C LEU A 75 -2.16 11.14 8.55
N ASN A 76 -2.98 10.81 7.60
CA ASN A 76 -3.01 11.60 6.35
C ASN A 76 -3.50 13.01 6.63
N ASN A 77 -3.68 13.31 7.89
CA ASN A 77 -4.15 14.66 8.25
C ASN A 77 -2.98 15.62 8.41
N ASN A 78 -1.78 15.08 8.43
CA ASN A 78 -0.60 15.95 8.57
C ASN A 78 0.69 15.22 8.23
N VAL A 79 1.16 15.42 7.03
CA VAL A 79 2.42 14.75 6.60
C VAL A 79 3.60 15.71 6.79
N SER A 80 4.82 15.21 6.64
CA SER A 80 5.98 16.12 6.81
C SER A 80 7.31 15.47 6.39
N SER A 81 7.76 14.51 7.17
CA SER A 81 9.05 13.85 6.83
C SER A 81 8.86 12.55 6.06
N ILE A 82 9.81 12.25 5.21
CA ILE A 82 9.72 10.99 4.42
C ILE A 82 11.10 10.47 4.08
N ARG A 83 11.21 9.18 3.90
CA ARG A 83 12.53 8.60 3.57
C ARG A 83 12.39 7.43 2.62
N VAL A 84 13.29 7.33 1.66
CA VAL A 84 13.22 6.20 0.69
C VAL A 84 14.59 5.61 0.39
N ILE A 85 14.63 4.31 0.28
CA ILE A 85 15.91 3.62 -0.01
C ILE A 85 15.70 2.53 -1.05
N SER A 86 16.47 2.59 -2.10
CA SER A 86 16.33 1.57 -3.16
C SER A 86 16.37 0.16 -2.56
N VAL A 87 15.37 -0.63 -2.88
CA VAL A 87 15.31 -2.02 -2.35
C VAL A 87 15.43 -3.04 -3.50
N PRO A 88 16.08 -4.17 -3.22
CA PRO A 88 16.25 -5.20 -4.24
C PRO A 88 14.92 -5.60 -4.87
N VAL A 89 14.83 -5.42 -6.15
CA VAL A 89 13.58 -5.77 -6.86
C VAL A 89 13.03 -7.12 -6.42
N GLN A 90 11.76 -7.13 -6.10
CA GLN A 90 11.12 -8.40 -5.66
C GLN A 90 9.72 -8.49 -6.28
N PRO A 91 9.27 -9.71 -6.52
CA PRO A 91 7.95 -9.92 -7.11
C PRO A 91 6.85 -9.30 -6.23
N ARG A 92 5.62 -9.66 -6.51
CA ARG A 92 4.52 -9.10 -5.70
C ARG A 92 3.19 -9.76 -6.04
N ALA A 93 2.13 -9.07 -5.75
CA ALA A 93 0.79 -9.62 -6.05
C ALA A 93 -0.14 -8.52 -6.57
N ARG A 94 -1.22 -8.91 -7.22
CA ARG A 94 -2.16 -7.87 -7.75
C ARG A 94 -3.60 -8.14 -7.34
N PHE A 95 -4.15 -7.23 -6.60
CA PHE A 95 -5.55 -7.39 -6.14
C PHE A 95 -6.48 -6.50 -6.97
N PHE A 96 -7.55 -7.07 -7.46
CA PHE A 96 -8.50 -6.27 -8.28
C PHE A 96 -9.69 -5.84 -7.44
N TYR A 97 -10.37 -4.82 -7.91
CA TYR A 97 -11.55 -4.33 -7.15
C TYR A 97 -12.84 -4.91 -7.72
N LYS A 98 -13.87 -4.92 -6.91
CA LYS A 98 -15.20 -5.46 -7.35
C LYS A 98 -15.09 -6.96 -7.70
N GLU A 99 -16.08 -7.69 -7.29
CA GLU A 99 -16.07 -9.15 -7.58
C GLU A 99 -16.31 -9.43 -9.04
N GLN A 100 -15.21 -9.74 -9.73
CA GLN A 100 -15.21 -10.07 -11.22
C GLN A 100 -14.15 -9.25 -11.95
N PHE A 101 -13.02 -9.10 -11.29
CA PHE A 101 -11.89 -8.30 -11.89
C PHE A 101 -12.43 -7.14 -12.72
N ASP A 102 -13.36 -6.41 -12.15
CA ASP A 102 -13.94 -5.25 -12.89
C ASP A 102 -13.80 -3.95 -12.09
N GLY A 103 -12.58 -3.62 -11.77
CA GLY A 103 -12.35 -2.37 -11.01
C GLY A 103 -10.86 -2.11 -10.79
N LYS A 104 -10.52 -0.86 -10.58
CA LYS A 104 -9.09 -0.46 -10.36
C LYS A 104 -8.26 -1.56 -9.74
N GLU A 105 -7.05 -1.68 -10.22
CA GLU A 105 -6.15 -2.73 -9.69
C GLU A 105 -5.24 -2.20 -8.59
N VAL A 106 -4.81 -3.09 -7.75
CA VAL A 106 -3.93 -2.71 -6.64
C VAL A 106 -2.87 -3.79 -6.46
N ASP A 107 -1.84 -3.50 -5.72
CA ASP A 107 -0.77 -4.54 -5.53
C ASP A 107 -0.09 -4.40 -4.17
N LEU A 108 0.53 -5.47 -3.72
CA LEU A 108 1.22 -5.43 -2.41
C LEU A 108 2.54 -6.23 -2.44
N PRO A 109 3.53 -5.79 -1.65
CA PRO A 109 4.84 -6.45 -1.58
C PRO A 109 4.79 -7.72 -0.72
N PRO A 110 5.82 -8.53 -0.83
CA PRO A 110 5.90 -9.77 -0.06
C PRO A 110 6.03 -9.47 1.44
N GLY A 111 5.41 -10.29 2.26
CA GLY A 111 5.51 -10.02 3.74
C GLY A 111 4.20 -10.37 4.46
N GLN A 112 4.05 -9.80 5.64
CA GLN A 112 2.82 -10.04 6.44
C GLN A 112 2.02 -8.77 6.63
N TYR A 113 0.73 -8.91 6.82
CA TYR A 113 -0.11 -7.72 7.01
C TYR A 113 -1.25 -8.00 7.99
N THR A 114 -1.62 -7.02 8.73
CA THR A 114 -2.71 -7.19 9.71
C THR A 114 -4.08 -6.89 9.13
N GLN A 115 -4.97 -6.38 9.96
CA GLN A 115 -6.34 -6.04 9.49
C GLN A 115 -6.63 -4.55 9.60
N ALA A 116 -5.58 -3.76 9.51
CA ALA A 116 -5.75 -2.28 9.59
C ALA A 116 -5.04 -1.60 8.43
N GLU A 117 -3.74 -1.72 8.40
CA GLU A 117 -2.99 -1.08 7.30
C GLU A 117 -3.29 -1.79 6.00
N LEU A 118 -3.33 -3.09 6.08
CA LEU A 118 -3.62 -3.89 4.87
C LEU A 118 -4.67 -3.22 4.01
N GLU A 119 -5.88 -3.26 4.49
CA GLU A 119 -6.98 -2.63 3.74
C GLU A 119 -6.65 -1.19 3.38
N ARG A 120 -6.31 -0.42 4.38
CA ARG A 120 -5.98 1.00 4.11
C ARG A 120 -4.62 1.16 3.43
N TYR A 121 -4.10 0.09 2.88
CA TYR A 121 -2.77 0.18 2.18
C TYR A 121 -2.87 -0.30 0.75
N GLY A 122 -3.92 -1.01 0.47
CA GLY A 122 -4.10 -1.53 -0.92
C GLY A 122 -5.53 -1.30 -1.38
N ILE A 123 -6.46 -1.69 -0.56
CA ILE A 123 -7.87 -1.50 -0.93
C ILE A 123 -8.71 -1.17 0.31
N ASP A 124 -9.39 -2.17 0.83
CA ASP A 124 -10.22 -1.94 2.04
C ASP A 124 -10.69 -3.26 2.65
N ASN A 125 -11.39 -3.16 3.75
CA ASN A 125 -11.89 -4.38 4.43
C ASN A 125 -12.79 -5.20 3.50
N ASN A 126 -12.56 -6.50 3.50
CA ASN A 126 -13.37 -7.41 2.65
C ASN A 126 -13.74 -6.77 1.31
N THR A 127 -12.81 -6.80 0.39
CA THR A 127 -13.10 -6.19 -0.95
C THR A 127 -12.12 -6.71 -2.01
N ILE A 128 -11.09 -7.39 -1.56
CA ILE A 128 -10.10 -7.93 -2.52
C ILE A 128 -10.77 -8.78 -3.60
N SER A 129 -11.51 -9.77 -3.18
CA SER A 129 -12.19 -10.65 -4.16
C SER A 129 -11.21 -11.24 -5.18
N SER A 130 -11.36 -10.84 -6.41
CA SER A 130 -10.46 -11.36 -7.48
C SER A 130 -9.01 -10.97 -7.23
N VAL A 131 -8.16 -11.97 -7.15
CA VAL A 131 -6.70 -11.71 -6.91
C VAL A 131 -5.87 -12.28 -8.05
N LYS A 132 -4.68 -11.79 -8.19
CA LYS A 132 -3.81 -12.29 -9.27
C LYS A 132 -2.33 -12.13 -8.91
N PRO A 133 -1.81 -13.12 -8.20
CA PRO A 133 -0.42 -13.09 -7.79
C PRO A 133 0.51 -13.10 -9.00
N GLN A 134 0.95 -11.94 -9.38
CA GLN A 134 1.84 -11.84 -10.54
C GLN A 134 3.29 -12.15 -10.18
N GLY A 135 3.51 -12.86 -9.10
CA GLY A 135 4.93 -13.17 -8.74
C GLY A 135 5.03 -14.19 -7.60
N LEU A 136 4.38 -13.91 -6.50
CA LEU A 136 4.43 -14.85 -5.34
C LEU A 136 3.07 -15.43 -5.05
N ALA A 137 2.98 -16.14 -3.96
CA ALA A 137 1.69 -16.74 -3.58
C ALA A 137 1.03 -15.89 -2.50
N VAL A 138 -0.28 -15.78 -2.58
CA VAL A 138 -1.01 -14.98 -1.56
C VAL A 138 -1.83 -15.86 -0.65
N VAL A 139 -1.81 -15.54 0.63
CA VAL A 139 -2.59 -16.35 1.60
C VAL A 139 -3.53 -15.45 2.40
N LEU A 140 -4.73 -15.92 2.61
CA LEU A 140 -5.72 -15.11 3.39
C LEU A 140 -6.06 -15.74 4.73
N PHE A 141 -6.07 -14.92 5.76
CA PHE A 141 -6.38 -15.44 7.13
C PHE A 141 -7.66 -14.82 7.63
N LYS A 142 -8.53 -15.65 8.12
CA LYS A 142 -9.82 -15.17 8.63
C LYS A 142 -9.63 -14.25 9.82
N ASN A 143 -9.41 -14.84 10.96
CA ASN A 143 -9.20 -14.01 12.17
C ASN A 143 -8.01 -13.09 11.99
N ASP A 144 -7.95 -12.06 12.79
CA ASP A 144 -6.81 -11.12 12.67
C ASP A 144 -5.51 -11.82 13.02
N ASN A 145 -4.53 -11.05 13.42
CA ASN A 145 -3.23 -11.66 13.79
C ASN A 145 -2.84 -12.75 12.80
N PHE A 146 -3.37 -12.67 11.61
CA PHE A 146 -3.04 -13.70 10.61
C PHE A 146 -3.10 -15.08 11.24
N SER A 147 -4.26 -15.43 11.75
CA SER A 147 -4.42 -16.76 12.40
C SER A 147 -5.78 -17.37 12.09
N GLY A 148 -6.07 -18.49 12.70
CA GLY A 148 -7.38 -19.15 12.46
C GLY A 148 -7.38 -19.83 11.10
N ASP A 149 -8.55 -20.15 10.61
CA ASP A 149 -8.62 -20.81 9.28
C ASP A 149 -8.01 -19.90 8.22
N THR A 150 -7.65 -20.47 7.10
CA THR A 150 -7.03 -19.64 6.03
C THR A 150 -7.32 -20.19 4.64
N LEU A 151 -6.90 -19.45 3.65
CA LEU A 151 -7.12 -19.88 2.25
C LEU A 151 -5.90 -19.51 1.40
N PRO A 152 -4.94 -20.41 1.33
CA PRO A 152 -3.72 -20.18 0.57
C PRO A 152 -3.96 -20.07 -0.95
N VAL A 153 -3.87 -18.87 -1.45
CA VAL A 153 -4.09 -18.67 -2.91
C VAL A 153 -2.82 -19.08 -3.68
N ASN A 154 -2.79 -20.32 -4.09
CA ASN A 154 -1.62 -20.84 -4.84
C ASN A 154 -1.28 -20.03 -6.10
N SER A 155 -2.27 -19.51 -6.77
CA SER A 155 -1.95 -18.73 -8.00
C SER A 155 -3.12 -17.87 -8.47
N ASP A 156 -3.16 -17.66 -9.77
CA ASP A 156 -4.24 -16.83 -10.36
C ASP A 156 -5.62 -17.16 -9.77
N ALA A 157 -6.43 -16.15 -9.68
CA ALA A 157 -7.79 -16.33 -9.12
C ALA A 157 -8.59 -15.06 -9.30
N PRO A 158 -8.90 -14.76 -10.55
CA PRO A 158 -9.66 -13.57 -10.90
C PRO A 158 -11.09 -13.59 -10.34
N THR A 159 -11.29 -14.36 -9.30
CA THR A 159 -12.66 -14.42 -8.71
C THR A 159 -12.68 -15.32 -7.47
N LEU A 160 -12.69 -14.69 -6.32
CA LEU A 160 -12.71 -15.48 -5.06
C LEU A 160 -14.12 -15.56 -4.51
N GLY A 161 -14.72 -14.43 -4.27
CA GLY A 161 -16.11 -14.43 -3.73
C GLY A 161 -16.12 -14.94 -2.28
N ALA A 162 -17.30 -15.15 -1.76
CA ALA A 162 -17.39 -15.64 -0.36
C ALA A 162 -16.81 -17.05 -0.23
N MET A 163 -16.07 -17.27 0.82
CA MET A 163 -15.47 -18.61 1.02
C MET A 163 -15.57 -19.02 2.49
N ASN A 164 -14.66 -18.51 3.28
CA ASN A 164 -14.68 -18.85 4.72
C ASN A 164 -15.53 -17.84 5.50
N ASN A 165 -15.20 -16.59 5.35
CA ASN A 165 -15.98 -15.54 6.07
C ASN A 165 -15.53 -14.15 5.64
N ASN A 166 -14.31 -13.80 5.99
CA ASN A 166 -13.81 -12.45 5.61
C ASN A 166 -12.29 -12.40 5.72
N THR A 167 -11.66 -11.72 4.79
CA THR A 167 -10.18 -11.62 4.83
C THR A 167 -9.73 -10.46 5.71
N SER A 168 -9.20 -10.79 6.86
CA SER A 168 -8.74 -9.73 7.78
C SER A 168 -7.25 -9.48 7.59
N SER A 169 -6.48 -10.54 7.66
CA SER A 169 -5.00 -10.39 7.49
C SER A 169 -4.53 -11.22 6.30
N ILE A 170 -3.37 -10.90 5.78
CA ILE A 170 -2.85 -11.68 4.61
C ILE A 170 -1.38 -11.94 4.75
N ARG A 171 -0.90 -12.82 3.94
CA ARG A 171 0.52 -13.16 4.00
C ARG A 171 1.04 -13.55 2.62
N ILE A 172 1.74 -12.64 2.00
CA ILE A 172 2.26 -12.95 0.66
C ILE A 172 3.54 -13.78 0.80
N SER A 173 3.41 -15.08 0.67
CA SER A 173 4.61 -15.93 0.80
C SER A 173 5.33 -16.06 -0.55
N MET A 1 17.17 3.98 -9.79
CA MET A 1 17.00 4.93 -8.67
C MET A 1 15.55 4.91 -8.20
N ALA A 2 14.64 4.77 -9.13
CA ALA A 2 13.21 4.75 -8.76
C ALA A 2 12.74 6.10 -8.26
N ASN A 3 11.45 6.25 -8.14
CA ASN A 3 10.90 7.54 -7.66
C ASN A 3 9.49 7.33 -7.13
N ILE A 4 9.27 7.75 -5.90
CA ILE A 4 7.92 7.58 -5.32
C ILE A 4 6.94 8.54 -5.97
N THR A 5 5.68 8.18 -5.94
CA THR A 5 4.63 9.06 -6.54
C THR A 5 3.47 9.20 -5.59
N VAL A 6 2.72 10.25 -5.74
CA VAL A 6 1.56 10.45 -4.85
C VAL A 6 0.43 11.16 -5.56
N PHE A 7 -0.71 11.23 -4.92
CA PHE A 7 -1.88 11.91 -5.54
C PHE A 7 -2.51 12.86 -4.54
N TYR A 8 -3.19 13.85 -5.05
CA TYR A 8 -3.83 14.85 -4.15
C TYR A 8 -5.05 14.31 -3.38
N ASN A 9 -5.97 13.72 -4.09
CA ASN A 9 -7.18 13.20 -3.39
C ASN A 9 -6.97 11.79 -2.90
N GLU A 10 -7.97 11.26 -2.28
CA GLU A 10 -7.87 9.89 -1.76
C GLU A 10 -8.12 8.89 -2.87
N ASP A 11 -7.79 7.66 -2.61
CA ASP A 11 -7.98 6.61 -3.64
C ASP A 11 -7.08 6.83 -4.85
N PHE A 12 -5.83 7.13 -4.62
CA PHE A 12 -4.90 7.34 -5.76
C PHE A 12 -5.40 8.46 -6.71
N GLN A 13 -6.53 9.05 -6.39
CA GLN A 13 -7.05 10.13 -7.27
C GLN A 13 -6.49 11.52 -6.89
N GLY A 14 -6.63 12.45 -7.82
CA GLY A 14 -6.12 13.84 -7.56
C GLY A 14 -4.74 14.04 -8.20
N LYS A 15 -4.49 15.28 -8.63
CA LYS A 15 -3.17 15.61 -9.28
C LYS A 15 -2.04 14.73 -8.75
N GLN A 16 -1.19 14.30 -9.66
CA GLN A 16 -0.06 13.44 -9.25
C GLN A 16 1.27 14.21 -9.21
N VAL A 17 2.20 13.64 -8.50
CA VAL A 17 3.54 14.26 -8.38
C VAL A 17 4.61 13.18 -8.24
N ASP A 18 5.85 13.56 -8.42
CA ASP A 18 6.94 12.56 -8.30
C ASP A 18 8.11 13.10 -7.49
N LEU A 19 8.47 12.37 -6.46
CA LEU A 19 9.59 12.81 -5.58
C LEU A 19 10.67 11.70 -5.52
N PRO A 20 11.94 12.07 -5.76
CA PRO A 20 13.03 11.10 -5.73
C PRO A 20 13.25 10.56 -4.31
N PRO A 21 14.00 9.47 -4.22
CA PRO A 21 14.29 8.85 -2.93
C PRO A 21 15.12 9.80 -2.07
N GLY A 22 15.72 9.28 -1.03
CA GLY A 22 16.54 10.17 -0.15
C GLY A 22 15.73 10.68 1.03
N ASN A 23 16.35 11.55 1.81
CA ASN A 23 15.66 12.12 2.99
C ASN A 23 15.38 13.61 2.84
N TYR A 24 14.17 14.02 3.17
CA TYR A 24 13.85 15.47 3.05
C TYR A 24 12.73 15.85 4.01
N THR A 25 12.41 17.11 4.05
CA THR A 25 11.34 17.56 4.96
C THR A 25 10.58 18.74 4.35
N ARG A 26 9.98 19.53 5.19
CA ARG A 26 9.23 20.69 4.69
C ARG A 26 10.13 21.63 3.92
N ALA A 27 11.40 21.52 4.18
CA ALA A 27 12.36 22.41 3.48
C ALA A 27 12.39 22.08 1.99
N GLN A 28 12.80 20.88 1.66
CA GLN A 28 12.84 20.52 0.23
C GLN A 28 11.47 20.72 -0.38
N LEU A 29 10.46 20.24 0.29
CA LEU A 29 9.10 20.40 -0.25
C LEU A 29 8.76 21.86 -0.43
N ALA A 30 9.18 22.68 0.50
CA ALA A 30 8.87 24.12 0.36
C ALA A 30 9.41 24.60 -0.96
N ALA A 31 10.44 23.92 -1.41
CA ALA A 31 11.04 24.31 -2.71
C ALA A 31 10.15 23.84 -3.85
N LEU A 32 9.56 22.67 -3.68
CA LEU A 32 8.67 22.15 -4.75
C LEU A 32 7.35 22.90 -4.76
N GLY A 33 6.51 22.62 -3.80
CA GLY A 33 5.20 23.32 -3.75
C GLY A 33 4.16 22.48 -3.00
N ILE A 34 4.27 21.19 -3.11
CA ILE A 34 3.33 20.31 -2.42
C ILE A 34 3.76 20.06 -0.99
N GLU A 35 2.80 20.06 -0.10
CA GLU A 35 3.14 19.82 1.34
C GLU A 35 1.93 20.00 2.23
N ASN A 36 1.82 19.17 3.23
CA ASN A 36 0.66 19.27 4.17
C ASN A 36 -0.64 18.74 3.58
N ASN A 37 -1.14 17.71 4.19
CA ASN A 37 -2.42 17.08 3.72
C ASN A 37 -2.48 16.84 2.21
N THR A 38 -1.37 17.02 1.53
CA THR A 38 -1.43 16.79 0.06
C THR A 38 -1.27 15.32 -0.27
N ILE A 39 -0.17 14.75 0.17
CA ILE A 39 0.06 13.31 -0.11
C ILE A 39 -1.08 12.48 0.45
N SER A 40 -2.15 12.48 -0.26
CA SER A 40 -3.32 11.71 0.17
C SER A 40 -3.13 10.23 -0.12
N SER A 41 -2.72 9.93 -1.33
CA SER A 41 -2.49 8.51 -1.72
C SER A 41 -1.09 8.36 -2.29
N VAL A 42 -0.37 7.36 -1.83
CA VAL A 42 1.03 7.16 -2.34
C VAL A 42 1.14 5.97 -3.30
N LYS A 43 2.18 6.02 -4.08
CA LYS A 43 2.45 4.96 -5.07
C LYS A 43 3.96 4.72 -5.16
N VAL A 44 4.43 3.70 -4.46
CA VAL A 44 5.89 3.40 -4.48
C VAL A 44 6.18 1.97 -4.97
N PRO A 45 6.75 1.84 -6.16
CA PRO A 45 7.07 0.53 -6.72
C PRO A 45 8.21 -0.14 -5.93
N PRO A 46 8.42 -1.41 -6.19
CA PRO A 46 9.47 -2.18 -5.51
C PRO A 46 10.85 -1.59 -5.81
N GLY A 47 11.88 -2.24 -5.33
CA GLY A 47 13.24 -1.74 -5.58
C GLY A 47 13.57 -0.59 -4.64
N VAL A 48 12.55 -0.08 -4.00
CA VAL A 48 12.79 1.04 -3.05
C VAL A 48 11.77 1.03 -1.90
N LYS A 49 12.28 1.24 -0.70
CA LYS A 49 11.39 1.25 0.49
C LYS A 49 11.31 2.67 1.03
N ALA A 50 10.24 2.97 1.75
CA ALA A 50 10.15 4.35 2.29
C ALA A 50 9.37 4.42 3.60
N ILE A 51 9.63 5.48 4.32
CA ILE A 51 8.96 5.70 5.63
C ILE A 51 8.45 7.13 5.69
N LEU A 52 7.17 7.29 5.90
CA LEU A 52 6.62 8.68 5.96
C LEU A 52 6.41 9.13 7.40
N TYR A 53 6.74 10.37 7.65
CA TYR A 53 6.60 10.94 9.01
C TYR A 53 5.54 12.04 9.01
N GLN A 54 4.46 11.77 9.71
CA GLN A 54 3.36 12.76 9.79
C GLN A 54 3.88 14.16 10.09
N ASN A 55 4.12 14.43 11.36
CA ASN A 55 4.63 15.77 11.73
C ASN A 55 5.95 16.07 11.06
N ASP A 56 6.12 17.30 10.66
CA ASP A 56 7.39 17.69 9.98
C ASP A 56 8.57 17.30 10.85
N GLY A 57 9.75 17.54 10.35
CA GLY A 57 10.96 17.19 11.13
C GLY A 57 10.96 15.69 11.42
N PHE A 58 10.52 14.93 10.46
CA PHE A 58 10.48 13.46 10.64
C PHE A 58 9.99 13.10 12.05
N ALA A 59 8.73 13.33 12.28
CA ALA A 59 8.17 13.00 13.62
C ALA A 59 6.70 12.61 13.52
N GLY A 60 6.01 12.65 14.63
CA GLY A 60 4.56 12.28 14.60
C GLY A 60 4.40 10.82 14.16
N ASP A 61 3.17 10.39 14.06
CA ASP A 61 2.93 8.99 13.65
C ASP A 61 3.73 8.66 12.39
N GLN A 62 4.54 7.64 12.49
CA GLN A 62 5.36 7.26 11.31
C GLN A 62 4.69 6.15 10.51
N ILE A 63 5.07 6.06 9.27
CA ILE A 63 4.48 5.01 8.38
C ILE A 63 5.58 4.30 7.63
N GLU A 64 5.23 3.23 7.01
CA GLU A 64 6.23 2.46 6.25
C GLU A 64 5.59 1.84 5.04
N VAL A 65 6.25 1.95 3.92
CA VAL A 65 5.67 1.35 2.69
C VAL A 65 6.74 0.91 1.72
N VAL A 66 6.33 0.05 0.83
CA VAL A 66 7.25 -0.48 -0.18
C VAL A 66 6.44 -0.73 -1.45
N ALA A 67 5.16 -0.50 -1.31
CA ALA A 67 4.23 -0.70 -2.44
C ALA A 67 3.35 0.52 -2.59
N ASN A 68 2.19 0.32 -3.11
CA ASN A 68 1.26 1.45 -3.27
C ASN A 68 0.38 1.61 -2.04
N ALA A 69 0.47 2.75 -1.44
CA ALA A 69 -0.35 3.01 -0.24
C ALA A 69 -1.70 3.59 -0.65
N GLU A 70 -2.58 2.72 -1.05
CA GLU A 70 -3.93 3.14 -1.48
C GLU A 70 -4.55 4.17 -0.53
N GLU A 71 -4.90 3.72 0.65
CA GLU A 71 -5.51 4.65 1.63
C GLU A 71 -4.47 5.30 2.53
N LEU A 72 -3.23 4.91 2.38
CA LEU A 72 -2.17 5.50 3.23
C LEU A 72 -2.43 5.21 4.71
N GLY A 73 -3.08 6.11 5.39
CA GLY A 73 -3.35 5.88 6.84
C GLY A 73 -4.17 7.03 7.43
N PRO A 74 -4.35 6.97 8.72
CA PRO A 74 -5.10 7.98 9.46
C PRO A 74 -4.41 9.34 9.43
N LEU A 75 -3.11 9.33 9.35
CA LEU A 75 -2.38 10.63 9.33
C LEU A 75 -2.69 11.42 8.07
N ASN A 76 -3.71 11.00 7.37
CA ASN A 76 -4.08 11.72 6.12
C ASN A 76 -4.42 13.17 6.43
N ASN A 77 -4.38 13.49 7.71
CA ASN A 77 -4.70 14.87 8.11
C ASN A 77 -3.53 15.80 7.83
N ASN A 78 -2.34 15.25 7.76
CA ASN A 78 -1.16 16.12 7.49
C ASN A 78 0.11 15.31 7.24
N VAL A 79 0.82 15.68 6.19
CA VAL A 79 2.09 14.96 5.84
C VAL A 79 3.22 15.99 5.69
N SER A 80 4.46 15.55 5.83
CA SER A 80 5.56 16.55 5.68
C SER A 80 6.96 15.92 5.52
N SER A 81 7.40 15.17 6.51
CA SER A 81 8.76 14.55 6.40
C SER A 81 8.71 13.13 5.86
N ILE A 82 9.75 12.76 5.14
CA ILE A 82 9.79 11.38 4.57
C ILE A 82 11.22 10.84 4.47
N ARG A 83 11.33 9.52 4.40
CA ARG A 83 12.66 8.89 4.30
C ARG A 83 12.62 7.72 3.31
N VAL A 84 13.44 7.79 2.26
CA VAL A 84 13.45 6.68 1.25
C VAL A 84 14.83 6.03 1.15
N ILE A 85 14.83 4.70 1.15
CA ILE A 85 16.13 3.97 1.06
C ILE A 85 16.03 2.81 0.07
N SER A 86 16.86 2.84 -0.93
CA SER A 86 16.84 1.76 -1.95
C SER A 86 16.64 0.38 -1.31
N VAL A 87 16.05 -0.52 -2.06
CA VAL A 87 15.81 -1.88 -1.52
C VAL A 87 15.90 -2.92 -2.66
N PRO A 88 16.33 -4.13 -2.34
CA PRO A 88 16.44 -5.19 -3.35
C PRO A 88 15.14 -5.38 -4.12
N VAL A 89 15.23 -6.00 -5.28
CA VAL A 89 14.03 -6.21 -6.11
C VAL A 89 13.21 -7.39 -5.58
N GLN A 90 11.91 -7.21 -5.57
CA GLN A 90 11.01 -8.29 -5.08
C GLN A 90 9.67 -8.28 -5.86
N PRO A 91 9.24 -9.46 -6.34
CA PRO A 91 7.99 -9.56 -7.09
C PRO A 91 6.80 -9.09 -6.25
N ARG A 92 5.61 -9.54 -6.56
CA ARG A 92 4.45 -9.10 -5.75
C ARG A 92 3.17 -9.82 -6.17
N ALA A 93 2.06 -9.19 -5.84
CA ALA A 93 0.73 -9.75 -6.17
C ALA A 93 -0.20 -8.62 -6.54
N ARG A 94 -1.36 -8.94 -7.10
CA ARG A 94 -2.31 -7.86 -7.49
C ARG A 94 -3.71 -8.11 -6.95
N PHE A 95 -4.24 -7.11 -6.30
CA PHE A 95 -5.60 -7.22 -5.71
C PHE A 95 -6.49 -6.14 -6.32
N PHE A 96 -7.67 -6.52 -6.72
CA PHE A 96 -8.57 -5.52 -7.32
C PHE A 96 -9.43 -4.84 -6.26
N TYR A 97 -10.20 -3.86 -6.67
CA TYR A 97 -11.04 -3.16 -5.68
C TYR A 97 -12.30 -3.95 -5.29
N LYS A 98 -12.81 -4.77 -6.18
CA LYS A 98 -14.03 -5.53 -5.80
C LYS A 98 -14.23 -6.82 -6.60
N GLU A 99 -15.30 -7.49 -6.30
CA GLU A 99 -15.61 -8.75 -7.00
C GLU A 99 -15.83 -8.52 -8.49
N GLN A 100 -14.85 -8.97 -9.27
CA GLN A 100 -14.86 -8.86 -10.79
C GLN A 100 -13.64 -8.09 -11.26
N PHE A 101 -12.53 -8.39 -10.65
CA PHE A 101 -11.25 -7.72 -11.00
C PHE A 101 -11.49 -6.29 -11.49
N ASP A 102 -12.48 -5.65 -10.94
CA ASP A 102 -12.79 -4.26 -11.36
C ASP A 102 -12.36 -3.27 -10.28
N GLY A 103 -12.37 -2.02 -10.60
CA GLY A 103 -11.96 -0.99 -9.60
C GLY A 103 -10.43 -0.97 -9.50
N LYS A 104 -9.88 0.23 -9.45
CA LYS A 104 -8.39 0.40 -9.35
C LYS A 104 -7.74 -0.77 -8.64
N GLU A 105 -6.63 -1.21 -9.19
CA GLU A 105 -5.91 -2.35 -8.57
C GLU A 105 -4.83 -1.91 -7.60
N VAL A 106 -4.39 -2.84 -6.81
CA VAL A 106 -3.34 -2.57 -5.81
C VAL A 106 -2.38 -3.77 -5.77
N ASP A 107 -1.24 -3.61 -5.14
CA ASP A 107 -0.29 -4.76 -5.08
C ASP A 107 0.51 -4.77 -3.79
N LEU A 108 1.03 -5.94 -3.47
CA LEU A 108 1.85 -6.05 -2.21
C LEU A 108 3.06 -6.99 -2.42
N PRO A 109 4.16 -6.72 -1.69
CA PRO A 109 5.38 -7.53 -1.80
C PRO A 109 5.23 -8.85 -1.04
N PRO A 110 6.15 -9.77 -1.31
CA PRO A 110 6.13 -11.08 -0.66
C PRO A 110 6.33 -10.94 0.85
N GLY A 111 5.62 -11.73 1.61
CA GLY A 111 5.77 -11.65 3.08
C GLY A 111 4.44 -11.92 3.80
N GLN A 112 4.40 -11.55 5.06
CA GLN A 112 3.17 -11.76 5.87
C GLN A 112 2.57 -10.42 6.29
N TYR A 113 1.29 -10.43 6.60
CA TYR A 113 0.64 -9.16 7.03
C TYR A 113 -0.45 -9.43 8.05
N THR A 114 -0.70 -8.44 8.86
CA THR A 114 -1.74 -8.59 9.91
C THR A 114 -3.07 -7.95 9.50
N GLN A 115 -3.89 -7.67 10.49
CA GLN A 115 -5.21 -7.07 10.22
C GLN A 115 -5.23 -5.59 10.62
N ALA A 116 -4.30 -4.85 10.11
CA ALA A 116 -4.26 -3.40 10.44
C ALA A 116 -3.57 -2.62 9.33
N GLU A 117 -2.30 -2.86 9.17
CA GLU A 117 -1.57 -2.14 8.11
C GLU A 117 -2.08 -2.61 6.79
N LEU A 118 -2.12 -3.92 6.64
CA LEU A 118 -2.62 -4.52 5.38
C LEU A 118 -3.76 -3.68 4.82
N GLU A 119 -4.75 -3.54 5.63
CA GLU A 119 -5.93 -2.75 5.22
C GLU A 119 -5.52 -1.38 4.73
N ARG A 120 -5.02 -0.59 5.64
CA ARG A 120 -4.61 0.77 5.26
C ARG A 120 -3.31 0.78 4.44
N TYR A 121 -2.83 -0.37 4.06
CA TYR A 121 -1.56 -0.41 3.27
C TYR A 121 -1.84 -0.60 1.79
N GLY A 122 -3.03 -1.03 1.47
CA GLY A 122 -3.33 -1.22 0.03
C GLY A 122 -4.82 -1.35 -0.24
N ILE A 123 -5.55 -1.84 0.73
CA ILE A 123 -7.03 -1.98 0.53
C ILE A 123 -7.81 -1.51 1.76
N ASP A 124 -8.27 -2.44 2.57
CA ASP A 124 -9.02 -2.06 3.77
C ASP A 124 -9.32 -3.29 4.64
N ASN A 125 -10.24 -3.14 5.55
CA ASN A 125 -10.59 -4.29 6.43
C ASN A 125 -11.35 -5.37 5.68
N ASN A 126 -11.95 -4.98 4.60
CA ASN A 126 -12.72 -5.96 3.80
C ASN A 126 -13.15 -5.36 2.46
N THR A 127 -12.32 -5.52 1.48
CA THR A 127 -12.66 -4.96 0.15
C THR A 127 -11.71 -5.49 -0.93
N ILE A 128 -10.97 -6.50 -0.59
CA ILE A 128 -10.03 -7.08 -1.59
C ILE A 128 -10.78 -7.76 -2.72
N SER A 129 -11.39 -8.88 -2.41
CA SER A 129 -12.15 -9.61 -3.45
C SER A 129 -11.24 -10.25 -4.50
N SER A 130 -11.62 -10.08 -5.73
CA SER A 130 -10.83 -10.65 -6.86
C SER A 130 -9.33 -10.40 -6.71
N VAL A 131 -8.57 -11.47 -6.82
CA VAL A 131 -7.08 -11.36 -6.69
C VAL A 131 -6.42 -11.87 -7.95
N LYS A 132 -5.20 -11.48 -8.13
CA LYS A 132 -4.46 -11.92 -9.32
C LYS A 132 -2.96 -11.88 -9.04
N PRO A 133 -2.42 -12.99 -8.53
CA PRO A 133 -1.01 -13.05 -8.22
C PRO A 133 -0.18 -12.71 -9.45
N GLN A 134 0.63 -11.71 -9.31
CA GLN A 134 1.46 -11.31 -10.43
C GLN A 134 2.82 -12.01 -10.42
N GLY A 135 3.13 -12.71 -9.37
CA GLY A 135 4.44 -13.42 -9.34
C GLY A 135 4.55 -14.42 -8.19
N LEU A 136 3.91 -14.12 -7.07
CA LEU A 136 3.99 -15.07 -5.91
C LEU A 136 2.64 -15.60 -5.56
N ALA A 137 2.61 -16.72 -4.92
CA ALA A 137 1.31 -17.30 -4.54
C ALA A 137 0.74 -16.53 -3.36
N VAL A 138 -0.56 -16.40 -3.32
CA VAL A 138 -1.19 -15.64 -2.20
C VAL A 138 -2.02 -16.55 -1.30
N VAL A 139 -2.06 -16.20 -0.05
CA VAL A 139 -2.85 -17.01 0.92
C VAL A 139 -3.63 -16.09 1.86
N LEU A 140 -4.93 -16.21 1.81
CA LEU A 140 -5.78 -15.37 2.69
C LEU A 140 -6.23 -16.10 3.95
N PHE A 141 -6.26 -15.39 5.04
CA PHE A 141 -6.69 -16.00 6.33
C PHE A 141 -7.92 -15.31 6.88
N LYS A 142 -8.86 -16.09 7.31
CA LYS A 142 -10.12 -15.52 7.86
C LYS A 142 -9.84 -14.76 9.14
N ASN A 143 -9.49 -15.49 10.17
CA ASN A 143 -9.22 -14.82 11.46
C ASN A 143 -7.83 -14.20 11.44
N ASP A 144 -7.55 -13.39 12.43
CA ASP A 144 -6.21 -12.74 12.48
C ASP A 144 -5.10 -13.78 12.65
N ASN A 145 -3.96 -13.33 13.08
CA ASN A 145 -2.83 -14.25 13.28
C ASN A 145 -2.71 -15.22 12.11
N PHE A 146 -3.29 -14.86 11.00
CA PHE A 146 -3.24 -15.76 9.83
C PHE A 146 -3.43 -17.20 10.26
N SER A 147 -4.56 -17.45 10.89
CA SER A 147 -4.83 -18.82 11.36
C SER A 147 -6.32 -19.14 11.32
N GLY A 148 -6.63 -20.40 11.10
CA GLY A 148 -8.07 -20.81 11.04
C GLY A 148 -8.47 -21.14 9.60
N ASP A 149 -9.70 -20.86 9.27
CA ASP A 149 -10.15 -21.16 7.89
C ASP A 149 -9.41 -20.28 6.89
N THR A 150 -8.47 -20.88 6.19
CA THR A 150 -7.68 -20.11 5.20
C THR A 150 -8.15 -20.38 3.77
N LEU A 151 -7.66 -19.58 2.86
CA LEU A 151 -8.03 -19.74 1.44
C LEU A 151 -6.77 -19.52 0.57
N PRO A 152 -5.96 -20.56 0.46
CA PRO A 152 -4.74 -20.51 -0.32
C PRO A 152 -4.99 -20.22 -1.80
N VAL A 153 -4.64 -19.04 -2.23
CA VAL A 153 -4.84 -18.69 -3.66
C VAL A 153 -3.67 -19.20 -4.48
N ASN A 154 -3.78 -20.42 -4.90
CA ASN A 154 -2.69 -21.04 -5.70
C ASN A 154 -2.40 -20.25 -6.98
N SER A 155 -3.34 -19.48 -7.46
CA SER A 155 -3.05 -18.72 -8.70
C SER A 155 -4.11 -17.64 -9.00
N ASP A 156 -4.42 -17.51 -10.27
CA ASP A 156 -5.43 -16.50 -10.70
C ASP A 156 -6.79 -16.69 -10.04
N ALA A 157 -7.40 -15.59 -9.70
CA ALA A 157 -8.73 -15.63 -9.05
C ALA A 157 -9.40 -14.26 -9.17
N PRO A 158 -9.60 -13.85 -10.40
CA PRO A 158 -10.23 -12.56 -10.71
C PRO A 158 -11.68 -12.48 -10.24
N THR A 159 -12.06 -13.34 -9.33
CA THR A 159 -13.47 -13.28 -8.85
C THR A 159 -13.68 -14.16 -7.63
N LEU A 160 -13.73 -13.52 -6.48
CA LEU A 160 -13.93 -14.25 -5.21
C LEU A 160 -15.10 -13.63 -4.44
N GLY A 161 -15.05 -12.32 -4.31
CA GLY A 161 -16.14 -11.61 -3.56
C GLY A 161 -16.38 -12.25 -2.20
N ALA A 162 -17.64 -12.43 -1.88
CA ALA A 162 -17.98 -13.04 -0.57
C ALA A 162 -17.47 -14.47 -0.47
N MET A 163 -16.75 -14.74 0.58
CA MET A 163 -16.21 -16.09 0.78
C MET A 163 -16.00 -16.34 2.26
N ASN A 164 -14.90 -15.84 2.76
CA ASN A 164 -14.59 -16.01 4.19
C ASN A 164 -15.13 -14.84 4.99
N ASN A 165 -16.07 -14.13 4.40
CA ASN A 165 -16.66 -12.96 5.10
C ASN A 165 -15.74 -11.75 5.02
N ASN A 166 -14.48 -11.98 5.31
CA ASN A 166 -13.51 -10.85 5.26
C ASN A 166 -12.09 -11.33 5.51
N THR A 167 -11.16 -10.82 4.73
CA THR A 167 -9.75 -11.24 4.93
C THR A 167 -9.11 -10.44 6.05
N SER A 168 -8.74 -11.13 7.10
CA SER A 168 -8.11 -10.43 8.25
C SER A 168 -6.60 -10.32 8.06
N SER A 169 -5.99 -11.42 7.70
CA SER A 169 -4.51 -11.40 7.48
C SER A 169 -4.16 -12.12 6.19
N ILE A 170 -2.94 -11.94 5.73
CA ILE A 170 -2.55 -12.62 4.47
C ILE A 170 -1.10 -13.03 4.49
N ARG A 171 -0.76 -13.84 3.55
CA ARG A 171 0.65 -14.31 3.46
C ARG A 171 1.01 -14.59 2.01
N ILE A 172 1.86 -13.75 1.48
CA ILE A 172 2.26 -13.96 0.07
C ILE A 172 3.46 -14.89 0.01
N SER A 173 3.21 -16.14 -0.24
CA SER A 173 4.32 -17.11 -0.32
C SER A 173 4.99 -17.06 -1.69
N MET A 1 15.10 2.99 -12.35
CA MET A 1 14.28 4.22 -12.22
C MET A 1 13.23 4.04 -11.14
N ALA A 2 13.18 4.97 -10.23
CA ALA A 2 12.20 4.87 -9.13
C ALA A 2 11.78 6.25 -8.64
N ASN A 3 10.59 6.33 -8.10
CA ASN A 3 10.11 7.64 -7.59
C ASN A 3 8.71 7.49 -7.02
N ILE A 4 8.56 7.82 -5.76
CA ILE A 4 7.21 7.71 -5.14
C ILE A 4 6.26 8.73 -5.76
N THR A 5 5.01 8.36 -5.86
CA THR A 5 4.01 9.29 -6.44
C THR A 5 2.87 9.51 -5.47
N VAL A 6 2.71 10.73 -5.04
CA VAL A 6 1.62 11.04 -4.08
C VAL A 6 0.35 11.46 -4.81
N PHE A 7 -0.70 11.64 -4.04
CA PHE A 7 -2.00 12.05 -4.65
C PHE A 7 -2.64 13.14 -3.80
N TYR A 8 -3.34 14.04 -4.46
CA TYR A 8 -4.00 15.14 -3.71
C TYR A 8 -5.25 14.67 -2.96
N ASN A 9 -5.91 13.66 -3.46
CA ASN A 9 -7.15 13.16 -2.76
C ASN A 9 -7.07 11.68 -2.48
N GLU A 10 -7.90 11.23 -1.59
CA GLU A 10 -7.90 9.80 -1.24
C GLU A 10 -8.28 8.97 -2.45
N ASP A 11 -8.63 7.74 -2.22
CA ASP A 11 -9.02 6.86 -3.35
C ASP A 11 -8.10 7.08 -4.54
N PHE A 12 -6.83 7.25 -4.27
CA PHE A 12 -5.85 7.47 -5.36
C PHE A 12 -6.25 8.67 -6.24
N GLN A 13 -7.40 9.22 -5.97
CA GLN A 13 -7.84 10.38 -6.77
C GLN A 13 -7.06 11.64 -6.39
N GLY A 14 -7.28 12.72 -7.10
CA GLY A 14 -6.56 13.99 -6.78
C GLY A 14 -5.19 14.02 -7.49
N LYS A 15 -4.93 15.13 -8.17
CA LYS A 15 -3.63 15.26 -8.89
C LYS A 15 -2.49 14.65 -8.08
N GLN A 16 -1.50 14.11 -8.78
CA GLN A 16 -0.35 13.49 -8.07
C GLN A 16 0.98 14.16 -8.40
N VAL A 17 1.96 13.92 -7.57
CA VAL A 17 3.31 14.51 -7.78
C VAL A 17 4.37 13.44 -7.59
N ASP A 18 5.37 13.47 -8.44
CA ASP A 18 6.46 12.46 -8.32
C ASP A 18 7.63 13.00 -7.50
N LEU A 19 8.12 12.18 -6.60
CA LEU A 19 9.26 12.61 -5.74
C LEU A 19 10.36 11.52 -5.75
N PRO A 20 11.61 11.90 -6.08
CA PRO A 20 12.72 10.95 -6.11
C PRO A 20 13.03 10.41 -4.71
N PRO A 21 13.78 9.33 -4.67
CA PRO A 21 14.15 8.71 -3.40
C PRO A 21 15.01 9.64 -2.56
N GLY A 22 15.54 9.13 -1.47
CA GLY A 22 16.40 9.98 -0.59
C GLY A 22 15.63 10.41 0.65
N ASN A 23 16.17 11.38 1.35
CA ASN A 23 15.49 11.87 2.59
C ASN A 23 15.39 13.39 2.59
N TYR A 24 14.21 13.89 2.89
CA TYR A 24 14.04 15.36 2.92
C TYR A 24 13.01 15.77 3.97
N THR A 25 12.72 17.05 4.03
CA THR A 25 11.73 17.54 5.01
C THR A 25 10.88 18.64 4.41
N ARG A 26 10.28 19.43 5.26
CA ARG A 26 9.44 20.52 4.75
C ARG A 26 10.28 21.52 3.97
N ALA A 27 11.55 21.56 4.27
CA ALA A 27 12.43 22.50 3.55
C ALA A 27 12.44 22.20 2.06
N GLN A 28 12.89 21.02 1.70
CA GLN A 28 12.92 20.67 0.28
C GLN A 28 11.54 20.83 -0.31
N LEU A 29 10.58 20.36 0.41
CA LEU A 29 9.20 20.48 -0.10
C LEU A 29 8.84 21.94 -0.25
N ALA A 30 9.37 22.76 0.62
CA ALA A 30 9.06 24.20 0.51
C ALA A 30 9.41 24.67 -0.87
N ALA A 31 10.43 24.05 -1.42
CA ALA A 31 10.86 24.43 -2.78
C ALA A 31 9.82 23.94 -3.79
N LEU A 32 9.29 22.76 -3.53
CA LEU A 32 8.28 22.20 -4.46
C LEU A 32 6.94 22.91 -4.28
N GLY A 33 6.23 22.58 -3.24
CA GLY A 33 4.91 23.23 -3.01
C GLY A 33 3.98 22.33 -2.18
N ILE A 34 4.17 21.04 -2.30
CA ILE A 34 3.32 20.10 -1.53
C ILE A 34 3.90 19.84 -0.15
N GLU A 35 3.06 19.91 0.85
CA GLU A 35 3.53 19.67 2.26
C GLU A 35 2.47 20.04 3.28
N ASN A 36 2.77 19.76 4.53
CA ASN A 36 1.80 20.08 5.61
C ASN A 36 0.59 19.16 5.57
N ASN A 37 0.28 18.71 4.39
CA ASN A 37 -0.88 17.81 4.24
C ASN A 37 -0.78 17.04 2.95
N THR A 38 -1.62 17.38 2.02
CA THR A 38 -1.59 16.70 0.71
C THR A 38 -1.43 15.19 0.87
N ILE A 39 -0.55 14.64 0.08
CA ILE A 39 -0.29 13.17 0.12
C ILE A 39 -1.52 12.37 0.55
N SER A 40 -2.61 12.66 -0.08
CA SER A 40 -3.84 11.94 0.28
C SER A 40 -3.66 10.45 0.01
N SER A 41 -3.08 10.16 -1.12
CA SER A 41 -2.84 8.73 -1.50
C SER A 41 -1.39 8.55 -1.91
N VAL A 42 -0.95 7.33 -2.09
CA VAL A 42 0.47 7.12 -2.49
C VAL A 42 0.65 5.87 -3.36
N LYS A 43 1.59 5.95 -4.27
CA LYS A 43 1.87 4.82 -5.17
C LYS A 43 3.39 4.63 -5.31
N VAL A 44 3.92 3.64 -4.62
CA VAL A 44 5.39 3.38 -4.69
C VAL A 44 5.69 1.96 -5.20
N PRO A 45 6.16 1.84 -6.43
CA PRO A 45 6.48 0.53 -6.99
C PRO A 45 7.69 -0.07 -6.28
N PRO A 46 7.95 -1.33 -6.55
CA PRO A 46 9.08 -2.04 -5.94
C PRO A 46 10.40 -1.37 -6.33
N GLY A 47 11.48 -1.98 -5.95
CA GLY A 47 12.79 -1.39 -6.30
C GLY A 47 13.16 -0.32 -5.29
N VAL A 48 12.17 0.18 -4.59
CA VAL A 48 12.44 1.23 -3.58
C VAL A 48 11.46 1.17 -2.41
N LYS A 49 11.96 1.47 -1.24
CA LYS A 49 11.13 1.45 -0.02
C LYS A 49 11.14 2.85 0.61
N ALA A 50 10.10 3.20 1.31
CA ALA A 50 10.09 4.56 1.92
C ALA A 50 9.34 4.62 3.24
N ILE A 51 9.82 5.48 4.10
CA ILE A 51 9.19 5.65 5.43
C ILE A 51 8.79 7.11 5.61
N LEU A 52 7.52 7.34 5.81
CA LEU A 52 7.06 8.76 5.99
C LEU A 52 7.13 9.19 7.43
N TYR A 53 7.25 10.47 7.61
CA TYR A 53 7.32 11.05 8.96
C TYR A 53 6.34 12.21 9.10
N GLN A 54 5.32 12.01 9.89
CA GLN A 54 4.30 13.08 10.08
C GLN A 54 4.94 14.42 10.38
N ASN A 55 5.33 14.61 11.61
CA ASN A 55 5.97 15.91 11.98
C ASN A 55 7.22 16.17 11.16
N ASP A 56 7.37 17.40 10.74
CA ASP A 56 8.55 17.75 9.92
C ASP A 56 9.84 17.35 10.64
N GLY A 57 10.94 17.45 9.93
CA GLY A 57 12.24 17.07 10.56
C GLY A 57 12.25 15.59 10.94
N PHE A 58 11.57 14.80 10.16
CA PHE A 58 11.54 13.35 10.46
C PHE A 58 11.07 13.11 11.90
N ALA A 59 9.84 13.46 12.17
CA ALA A 59 9.31 13.25 13.54
C ALA A 59 7.84 12.88 13.51
N GLY A 60 7.18 13.01 14.62
CA GLY A 60 5.72 12.66 14.65
C GLY A 60 5.52 11.22 14.20
N ASP A 61 4.29 10.79 14.20
CA ASP A 61 4.01 9.40 13.76
C ASP A 61 4.79 9.10 12.49
N GLN A 62 5.10 7.84 12.28
CA GLN A 62 5.86 7.47 11.05
C GLN A 62 5.19 6.31 10.32
N ILE A 63 5.39 6.27 9.02
CA ILE A 63 4.77 5.18 8.20
C ILE A 63 5.84 4.42 7.42
N GLU A 64 5.44 3.38 6.80
CA GLU A 64 6.40 2.57 6.01
C GLU A 64 5.69 1.91 4.84
N VAL A 65 6.25 2.05 3.67
CA VAL A 65 5.61 1.43 2.49
C VAL A 65 6.61 1.00 1.44
N VAL A 66 6.19 0.07 0.65
CA VAL A 66 7.05 -0.45 -0.42
C VAL A 66 6.18 -0.68 -1.63
N ALA A 67 4.90 -0.49 -1.41
CA ALA A 67 3.91 -0.66 -2.48
C ALA A 67 3.03 0.57 -2.57
N ASN A 68 1.80 0.40 -2.94
CA ASN A 68 0.89 1.56 -3.04
C ASN A 68 -0.03 1.68 -1.81
N ALA A 69 0.08 2.80 -1.14
CA ALA A 69 -0.77 3.02 0.07
C ALA A 69 -2.06 3.71 -0.34
N GLU A 70 -3.08 2.93 -0.53
CA GLU A 70 -4.39 3.52 -0.95
C GLU A 70 -4.86 4.59 0.04
N GLU A 71 -5.53 4.17 1.06
CA GLU A 71 -6.03 5.15 2.07
C GLU A 71 -4.89 5.80 2.85
N LEU A 72 -3.70 5.27 2.70
CA LEU A 72 -2.53 5.84 3.43
C LEU A 72 -2.55 5.48 4.92
N GLY A 73 -3.26 6.24 5.70
CA GLY A 73 -3.32 5.94 7.17
C GLY A 73 -4.03 7.07 7.93
N PRO A 74 -3.93 7.01 9.24
CA PRO A 74 -4.55 8.00 10.12
C PRO A 74 -3.90 9.38 9.97
N LEU A 75 -2.60 9.43 10.05
CA LEU A 75 -1.91 10.74 9.91
C LEU A 75 -1.95 11.25 8.47
N ASN A 76 -3.02 10.94 7.77
CA ASN A 76 -3.13 11.38 6.37
C ASN A 76 -3.49 12.86 6.31
N ASN A 77 -3.75 13.43 7.45
CA ASN A 77 -4.12 14.87 7.50
C ASN A 77 -2.90 15.74 7.80
N ASN A 78 -1.74 15.12 7.83
CA ASN A 78 -0.51 15.90 8.11
C ASN A 78 0.72 15.18 7.61
N VAL A 79 1.44 15.81 6.71
CA VAL A 79 2.66 15.15 6.16
C VAL A 79 3.69 16.20 5.76
N SER A 80 4.94 15.82 5.77
CA SER A 80 5.99 16.79 5.38
C SER A 80 7.37 16.13 5.31
N SER A 81 7.66 15.28 6.27
CA SER A 81 8.98 14.60 6.27
C SER A 81 8.89 13.20 5.69
N ILE A 82 9.89 12.81 4.93
CA ILE A 82 9.87 11.45 4.35
C ILE A 82 11.28 10.90 4.19
N ARG A 83 11.36 9.59 4.11
CA ARG A 83 12.68 8.94 3.97
C ARG A 83 12.57 7.84 2.90
N VAL A 84 13.55 7.77 2.01
CA VAL A 84 13.49 6.72 0.95
C VAL A 84 14.87 6.10 0.68
N ILE A 85 14.88 4.79 0.56
CA ILE A 85 16.17 4.09 0.30
C ILE A 85 15.97 2.95 -0.69
N SER A 86 16.78 2.92 -1.70
CA SER A 86 16.65 1.84 -2.72
C SER A 86 16.42 0.48 -2.07
N VAL A 87 15.75 -0.39 -2.79
CA VAL A 87 15.47 -1.74 -2.25
C VAL A 87 15.35 -2.76 -3.40
N PRO A 88 15.71 -4.01 -3.14
CA PRO A 88 15.64 -5.04 -4.17
C PRO A 88 14.21 -5.19 -4.71
N VAL A 89 14.08 -5.88 -5.83
CA VAL A 89 12.74 -6.07 -6.42
C VAL A 89 12.19 -7.48 -6.12
N GLN A 90 10.90 -7.56 -5.95
CA GLN A 90 10.27 -8.89 -5.65
C GLN A 90 9.07 -9.14 -6.58
N PRO A 91 8.80 -10.41 -6.87
CA PRO A 91 7.68 -10.76 -7.74
C PRO A 91 6.35 -10.28 -7.17
N ARG A 92 6.34 -10.07 -5.88
CA ARG A 92 5.10 -9.59 -5.19
C ARG A 92 3.81 -10.23 -5.74
N ALA A 93 2.71 -9.57 -5.51
CA ALA A 93 1.39 -10.08 -5.99
C ALA A 93 0.51 -8.92 -6.43
N ARG A 94 -0.67 -9.23 -6.95
CA ARG A 94 -1.55 -8.12 -7.38
C ARG A 94 -3.02 -8.50 -7.28
N PHE A 95 -3.74 -7.72 -6.51
CA PHE A 95 -5.18 -8.00 -6.34
C PHE A 95 -6.00 -7.13 -7.30
N PHE A 96 -7.28 -7.42 -7.40
CA PHE A 96 -8.15 -6.62 -8.32
C PHE A 96 -9.42 -6.17 -7.62
N TYR A 97 -10.01 -5.11 -8.10
CA TYR A 97 -11.26 -4.62 -7.47
C TYR A 97 -12.48 -5.30 -8.09
N LYS A 98 -13.55 -5.36 -7.32
CA LYS A 98 -14.81 -6.00 -7.81
C LYS A 98 -14.58 -7.46 -8.17
N GLU A 99 -15.65 -8.21 -8.19
CA GLU A 99 -15.54 -9.65 -8.54
C GLU A 99 -15.69 -9.87 -10.03
N GLN A 100 -14.72 -9.43 -10.76
CA GLN A 100 -14.75 -9.58 -12.23
C GLN A 100 -13.45 -9.11 -12.83
N PHE A 101 -12.38 -9.35 -12.10
CA PHE A 101 -11.04 -8.93 -12.59
C PHE A 101 -11.13 -7.56 -13.25
N ASP A 102 -12.09 -6.79 -12.81
CA ASP A 102 -12.28 -5.43 -13.39
C ASP A 102 -12.32 -4.37 -12.29
N GLY A 103 -11.37 -3.48 -12.33
CA GLY A 103 -11.33 -2.39 -11.29
C GLY A 103 -9.89 -2.18 -10.81
N LYS A 104 -9.55 -0.92 -10.59
CA LYS A 104 -8.16 -0.59 -10.12
C LYS A 104 -7.60 -1.70 -9.22
N GLU A 105 -6.46 -2.21 -9.59
CA GLU A 105 -5.84 -3.29 -8.79
C GLU A 105 -4.73 -2.76 -7.90
N VAL A 106 -4.43 -3.52 -6.87
CA VAL A 106 -3.36 -3.12 -5.93
C VAL A 106 -2.27 -4.18 -5.93
N ASP A 107 -1.15 -3.86 -5.32
CA ASP A 107 -0.03 -4.85 -5.29
C ASP A 107 0.74 -4.77 -3.99
N LEU A 108 1.18 -5.91 -3.50
CA LEU A 108 1.96 -5.92 -2.22
C LEU A 108 3.14 -6.93 -2.29
N PRO A 109 4.31 -6.54 -1.78
CA PRO A 109 5.50 -7.41 -1.79
C PRO A 109 5.29 -8.65 -0.90
N PRO A 110 6.22 -9.58 -1.01
CA PRO A 110 6.18 -10.82 -0.23
C PRO A 110 6.25 -10.53 1.28
N GLY A 111 5.52 -11.29 2.05
CA GLY A 111 5.55 -11.07 3.52
C GLY A 111 4.19 -11.37 4.16
N GLN A 112 3.87 -10.62 5.20
CA GLN A 112 2.56 -10.83 5.88
C GLN A 112 1.91 -9.50 6.22
N TYR A 113 0.61 -9.52 6.38
CA TYR A 113 -0.09 -8.25 6.72
C TYR A 113 -1.28 -8.53 7.64
N THR A 114 -1.50 -7.62 8.56
CA THR A 114 -2.62 -7.79 9.52
C THR A 114 -3.90 -7.08 9.05
N GLN A 115 -4.94 -7.30 9.80
CA GLN A 115 -6.25 -6.67 9.46
C GLN A 115 -6.17 -5.14 9.48
N ALA A 116 -5.23 -4.62 10.23
CA ALA A 116 -5.10 -3.14 10.30
C ALA A 116 -4.15 -2.60 9.23
N GLU A 117 -3.03 -3.23 9.08
CA GLU A 117 -2.06 -2.75 8.07
C GLU A 117 -2.54 -3.10 6.68
N LEU A 118 -2.61 -4.38 6.40
CA LEU A 118 -3.08 -4.83 5.06
C LEU A 118 -4.12 -3.88 4.51
N GLU A 119 -5.24 -3.91 5.14
CA GLU A 119 -6.33 -3.05 4.71
C GLU A 119 -5.85 -1.64 4.41
N ARG A 120 -5.46 -0.95 5.45
CA ARG A 120 -4.99 0.42 5.25
C ARG A 120 -3.60 0.51 4.64
N TYR A 121 -3.16 -0.55 3.99
CA TYR A 121 -1.80 -0.53 3.37
C TYR A 121 -1.90 -0.59 1.86
N GLY A 122 -3.00 -1.07 1.36
CA GLY A 122 -3.13 -1.15 -0.12
C GLY A 122 -4.58 -1.40 -0.52
N ILE A 123 -5.41 -1.63 0.45
CA ILE A 123 -6.82 -1.88 0.14
C ILE A 123 -7.73 -1.40 1.28
N ASP A 124 -8.67 -2.21 1.65
CA ASP A 124 -9.58 -1.82 2.74
C ASP A 124 -10.24 -3.04 3.32
N ASN A 125 -11.17 -2.85 4.21
CA ASN A 125 -11.85 -4.01 4.81
C ASN A 125 -12.51 -4.86 3.72
N ASN A 126 -11.95 -6.02 3.50
CA ASN A 126 -12.52 -6.93 2.45
C ASN A 126 -12.44 -6.28 1.07
N THR A 127 -13.56 -6.20 0.40
CA THR A 127 -13.58 -5.59 -0.95
C THR A 127 -12.36 -6.00 -1.77
N ILE A 128 -11.77 -7.12 -1.44
CA ILE A 128 -10.58 -7.58 -2.20
C ILE A 128 -11.03 -8.28 -3.48
N SER A 129 -11.57 -9.45 -3.32
CA SER A 129 -12.04 -10.22 -4.50
C SER A 129 -10.89 -10.74 -5.37
N SER A 130 -11.17 -10.80 -6.65
CA SER A 130 -10.16 -11.29 -7.64
C SER A 130 -8.70 -11.05 -7.21
N VAL A 131 -7.94 -12.12 -7.24
CA VAL A 131 -6.50 -12.05 -6.85
C VAL A 131 -5.63 -12.51 -8.00
N LYS A 132 -4.57 -11.80 -8.24
CA LYS A 132 -3.65 -12.17 -9.34
C LYS A 132 -2.20 -12.08 -8.88
N PRO A 133 -1.71 -13.16 -8.30
CA PRO A 133 -0.35 -13.20 -7.82
C PRO A 133 0.64 -12.94 -8.94
N GLN A 134 1.13 -11.74 -8.98
CA GLN A 134 2.10 -11.37 -10.03
C GLN A 134 3.32 -12.28 -10.05
N GLY A 135 3.38 -13.24 -9.15
CA GLY A 135 4.56 -14.14 -9.15
C GLY A 135 4.58 -15.09 -7.94
N LEU A 136 4.25 -14.59 -6.78
CA LEU A 136 4.26 -15.48 -5.58
C LEU A 136 2.90 -16.09 -5.35
N ALA A 137 2.78 -16.80 -4.24
CA ALA A 137 1.47 -17.44 -3.91
C ALA A 137 0.87 -16.73 -2.71
N VAL A 138 -0.36 -16.30 -2.84
CA VAL A 138 -1.01 -15.60 -1.71
C VAL A 138 -1.85 -16.54 -0.86
N VAL A 139 -1.87 -16.27 0.42
CA VAL A 139 -2.66 -17.11 1.35
C VAL A 139 -3.52 -16.21 2.22
N LEU A 140 -4.82 -16.27 2.00
CA LEU A 140 -5.73 -15.41 2.80
C LEU A 140 -6.20 -16.09 4.07
N PHE A 141 -6.24 -15.33 5.15
CA PHE A 141 -6.69 -15.86 6.46
C PHE A 141 -7.89 -15.07 6.96
N LYS A 142 -8.88 -15.76 7.46
CA LYS A 142 -10.08 -15.06 7.95
C LYS A 142 -9.73 -14.21 9.16
N ASN A 143 -9.51 -14.85 10.27
CA ASN A 143 -9.17 -14.09 11.49
C ASN A 143 -7.83 -13.40 11.31
N ASP A 144 -7.36 -12.77 12.35
CA ASP A 144 -6.05 -12.07 12.25
C ASP A 144 -4.91 -13.04 12.50
N ASN A 145 -3.73 -12.48 12.66
CA ASN A 145 -2.53 -13.34 12.91
C ASN A 145 -2.58 -14.64 12.13
N PHE A 146 -3.20 -14.60 10.97
CA PHE A 146 -3.29 -15.85 10.17
C PHE A 146 -3.99 -16.97 10.96
N SER A 147 -5.16 -16.65 11.47
CA SER A 147 -5.93 -17.67 12.26
C SER A 147 -7.28 -17.97 11.63
N GLY A 148 -7.94 -18.97 12.15
CA GLY A 148 -9.28 -19.33 11.60
C GLY A 148 -9.11 -20.05 10.25
N ASP A 149 -10.18 -20.17 9.52
CA ASP A 149 -10.09 -20.84 8.20
C ASP A 149 -9.11 -20.11 7.30
N THR A 150 -8.79 -20.72 6.18
CA THR A 150 -7.83 -20.05 5.26
C THR A 150 -8.10 -20.43 3.81
N LEU A 151 -7.64 -19.59 2.91
CA LEU A 151 -7.84 -19.84 1.46
C LEU A 151 -6.50 -19.64 0.73
N PRO A 152 -5.68 -20.68 0.74
CA PRO A 152 -4.38 -20.64 0.08
C PRO A 152 -4.48 -20.44 -1.43
N VAL A 153 -4.19 -19.24 -1.87
CA VAL A 153 -4.26 -18.96 -3.33
C VAL A 153 -2.93 -19.25 -3.98
N ASN A 154 -2.68 -20.52 -4.21
CA ASN A 154 -1.40 -20.91 -4.85
C ASN A 154 -1.46 -20.79 -6.37
N SER A 155 -2.30 -19.90 -6.84
CA SER A 155 -2.40 -19.74 -8.31
C SER A 155 -3.23 -18.51 -8.66
N ASP A 156 -3.66 -18.44 -9.90
CA ASP A 156 -4.47 -17.27 -10.32
C ASP A 156 -5.92 -17.42 -9.88
N ALA A 157 -6.59 -16.30 -9.74
CA ALA A 157 -8.01 -16.34 -9.31
C ALA A 157 -8.66 -14.97 -9.57
N PRO A 158 -8.84 -14.68 -10.83
CA PRO A 158 -9.44 -13.42 -11.25
C PRO A 158 -10.91 -13.29 -10.79
N THR A 159 -11.26 -14.00 -9.75
CA THR A 159 -12.65 -13.92 -9.25
C THR A 159 -12.77 -14.63 -7.91
N LEU A 160 -13.59 -14.09 -7.04
CA LEU A 160 -13.77 -14.73 -5.71
C LEU A 160 -15.03 -14.20 -5.02
N GLY A 161 -15.16 -12.90 -5.01
CA GLY A 161 -16.36 -12.30 -4.36
C GLY A 161 -16.54 -12.86 -2.94
N ALA A 162 -17.71 -12.68 -2.39
CA ALA A 162 -17.97 -13.20 -1.02
C ALA A 162 -17.77 -14.70 -0.98
N MET A 163 -16.67 -15.12 -0.39
CA MET A 163 -16.40 -16.57 -0.30
C MET A 163 -16.81 -17.10 1.06
N ASN A 164 -15.98 -16.88 2.03
CA ASN A 164 -16.30 -17.36 3.40
C ASN A 164 -17.07 -16.31 4.18
N ASN A 165 -16.40 -15.23 4.50
CA ASN A 165 -17.07 -14.16 5.28
C ASN A 165 -16.39 -12.81 5.01
N ASN A 166 -15.09 -12.78 5.19
CA ASN A 166 -14.36 -11.50 4.96
C ASN A 166 -12.90 -11.65 5.34
N THR A 167 -12.03 -11.57 4.36
CA THR A 167 -10.58 -11.70 4.66
C THR A 167 -10.12 -10.59 5.57
N SER A 168 -9.06 -10.85 6.30
CA SER A 168 -8.52 -9.83 7.23
C SER A 168 -7.01 -9.76 7.12
N SER A 169 -6.38 -10.91 7.28
CA SER A 169 -4.89 -10.95 7.20
C SER A 169 -4.46 -12.01 6.20
N ILE A 170 -3.33 -11.79 5.57
CA ILE A 170 -2.85 -12.81 4.58
C ILE A 170 -1.36 -12.97 4.68
N ARG A 171 -0.84 -13.72 3.77
CA ARG A 171 0.61 -13.95 3.76
C ARG A 171 1.08 -14.30 2.37
N ILE A 172 1.74 -13.37 1.75
CA ILE A 172 2.22 -13.64 0.40
C ILE A 172 3.43 -14.56 0.44
N SER A 173 3.17 -15.83 0.30
CA SER A 173 4.29 -16.80 0.33
C SER A 173 4.96 -16.90 -1.03
N MET A 1 14.43 6.84 -14.06
CA MET A 1 14.72 6.67 -12.62
C MET A 1 13.43 6.51 -11.84
N ALA A 2 13.44 5.63 -10.88
CA ALA A 2 12.23 5.41 -10.07
C ALA A 2 11.78 6.72 -9.42
N ASN A 3 10.56 6.73 -8.93
CA ASN A 3 10.05 7.95 -8.28
C ASN A 3 8.64 7.72 -7.73
N ILE A 4 8.43 8.09 -6.51
CA ILE A 4 7.08 7.89 -5.91
C ILE A 4 6.12 8.97 -6.38
N THR A 5 4.84 8.69 -6.26
CA THR A 5 3.82 9.70 -6.68
C THR A 5 2.72 9.81 -5.64
N VAL A 6 2.57 10.98 -5.10
CA VAL A 6 1.52 11.19 -4.06
C VAL A 6 0.32 11.92 -4.64
N PHE A 7 -0.72 12.01 -3.86
CA PHE A 7 -1.95 12.70 -4.33
C PHE A 7 -2.45 13.65 -3.26
N TYR A 8 -3.06 14.73 -3.67
CA TYR A 8 -3.56 15.71 -2.68
C TYR A 8 -4.71 15.16 -1.82
N ASN A 9 -5.57 14.36 -2.42
CA ASN A 9 -6.71 13.78 -1.64
C ASN A 9 -6.70 12.27 -1.64
N GLU A 10 -7.59 11.70 -0.87
CA GLU A 10 -7.68 10.23 -0.82
C GLU A 10 -8.22 9.69 -2.12
N ASP A 11 -8.46 8.41 -2.17
CA ASP A 11 -8.99 7.84 -3.42
C ASP A 11 -8.14 8.29 -4.60
N PHE A 12 -6.85 8.18 -4.44
CA PHE A 12 -5.92 8.60 -5.53
C PHE A 12 -6.39 9.90 -6.19
N GLN A 13 -7.22 10.63 -5.50
CA GLN A 13 -7.73 11.92 -6.06
C GLN A 13 -6.92 13.09 -5.53
N GLY A 14 -7.07 14.23 -6.16
CA GLY A 14 -6.30 15.44 -5.69
C GLY A 14 -4.99 15.56 -6.46
N LYS A 15 -4.62 16.79 -6.78
CA LYS A 15 -3.35 17.01 -7.53
C LYS A 15 -2.27 16.02 -7.15
N GLN A 16 -1.47 15.63 -8.12
CA GLN A 16 -0.39 14.65 -7.85
C GLN A 16 0.98 15.30 -7.92
N VAL A 17 1.93 14.69 -7.25
CA VAL A 17 3.30 15.24 -7.26
C VAL A 17 4.32 14.12 -7.23
N ASP A 18 5.24 14.14 -8.16
CA ASP A 18 6.27 13.07 -8.20
C ASP A 18 7.52 13.48 -7.43
N LEU A 19 7.90 12.64 -6.49
CA LEU A 19 9.11 12.94 -5.68
C LEU A 19 10.19 11.85 -5.87
N PRO A 20 11.40 12.24 -6.26
CA PRO A 20 12.47 11.26 -6.46
C PRO A 20 12.89 10.61 -5.14
N PRO A 21 13.66 9.54 -5.24
CA PRO A 21 14.13 8.82 -4.06
C PRO A 21 15.05 9.69 -3.23
N GLY A 22 15.38 9.23 -2.04
CA GLY A 22 16.30 10.02 -1.15
C GLY A 22 15.58 10.45 0.14
N ASN A 23 16.34 10.98 1.05
CA ASN A 23 15.76 11.42 2.34
C ASN A 23 15.48 12.92 2.32
N TYR A 24 14.29 13.31 2.68
CA TYR A 24 13.98 14.75 2.67
C TYR A 24 12.88 15.08 3.67
N THR A 25 12.55 16.34 3.76
CA THR A 25 11.51 16.73 4.70
C THR A 25 10.77 17.97 4.21
N ARG A 26 10.14 18.64 5.13
CA ARG A 26 9.40 19.86 4.76
C ARG A 26 10.33 20.87 4.10
N ALA A 27 11.60 20.73 4.37
CA ALA A 27 12.57 21.67 3.76
C ALA A 27 12.60 21.53 2.26
N GLN A 28 13.12 20.42 1.79
CA GLN A 28 13.18 20.24 0.33
C GLN A 28 11.78 20.36 -0.25
N LEU A 29 10.85 19.71 0.38
CA LEU A 29 9.47 19.77 -0.12
C LEU A 29 9.00 21.21 -0.23
N ALA A 30 9.33 22.02 0.74
CA ALA A 30 8.90 23.44 0.67
C ALA A 30 9.38 24.01 -0.64
N ALA A 31 10.50 23.51 -1.09
CA ALA A 31 11.04 24.01 -2.37
C ALA A 31 10.20 23.48 -3.53
N LEU A 32 9.64 22.31 -3.33
CA LEU A 32 8.79 21.72 -4.39
C LEU A 32 7.41 22.33 -4.39
N GLY A 33 6.59 21.91 -3.46
CA GLY A 33 5.21 22.46 -3.38
C GLY A 33 4.40 21.73 -2.31
N ILE A 34 4.76 20.49 -2.08
CA ILE A 34 4.03 19.70 -1.05
C ILE A 34 4.45 20.14 0.35
N GLU A 35 3.58 19.97 1.31
CA GLU A 35 3.94 20.38 2.68
C GLU A 35 2.81 20.09 3.69
N ASN A 36 3.09 19.23 4.63
CA ASN A 36 2.05 18.91 5.64
C ASN A 36 0.89 18.16 5.02
N ASN A 37 -0.29 18.41 5.54
CA ASN A 37 -1.49 17.73 5.01
C ASN A 37 -1.55 17.80 3.50
N THR A 38 -1.07 16.77 2.86
CA THR A 38 -1.10 16.76 1.38
C THR A 38 -1.03 15.35 0.85
N ILE A 39 0.06 14.69 1.17
CA ILE A 39 0.22 13.29 0.70
C ILE A 39 -0.94 12.44 1.17
N SER A 40 -2.01 12.57 0.47
CA SER A 40 -3.22 11.80 0.83
C SER A 40 -3.13 10.38 0.28
N SER A 41 -2.86 10.26 -1.00
CA SER A 41 -2.76 8.89 -1.61
C SER A 41 -1.33 8.67 -2.11
N VAL A 42 -1.01 7.46 -2.47
CA VAL A 42 0.38 7.21 -2.96
C VAL A 42 0.46 6.05 -3.95
N LYS A 43 1.52 6.07 -4.70
CA LYS A 43 1.76 5.02 -5.71
C LYS A 43 3.27 4.84 -5.87
N VAL A 44 3.78 3.68 -5.47
CA VAL A 44 5.24 3.45 -5.60
C VAL A 44 5.57 2.06 -6.19
N PRO A 45 6.12 2.04 -7.41
CA PRO A 45 6.47 0.78 -8.05
C PRO A 45 7.66 0.11 -7.34
N PRO A 46 7.92 -1.13 -7.71
CA PRO A 46 9.03 -1.89 -7.12
C PRO A 46 10.38 -1.24 -7.42
N GLY A 47 11.44 -1.90 -7.01
CA GLY A 47 12.79 -1.34 -7.27
C GLY A 47 13.11 -0.23 -6.27
N VAL A 48 12.10 0.24 -5.58
CA VAL A 48 12.33 1.32 -4.59
C VAL A 48 11.37 1.19 -3.40
N LYS A 49 11.89 1.43 -2.22
CA LYS A 49 11.06 1.34 -0.99
C LYS A 49 10.97 2.71 -0.32
N ALA A 50 9.92 2.93 0.44
CA ALA A 50 9.81 4.26 1.11
C ALA A 50 9.18 4.15 2.49
N ILE A 51 9.49 5.12 3.31
CA ILE A 51 8.95 5.14 4.69
C ILE A 51 8.42 6.54 4.98
N LEU A 52 7.17 6.65 5.30
CA LEU A 52 6.60 7.99 5.59
C LEU A 52 6.62 8.33 7.07
N TYR A 53 6.64 9.61 7.36
CA TYR A 53 6.67 10.06 8.78
C TYR A 53 5.77 11.28 8.96
N GLN A 54 4.75 11.12 9.75
CA GLN A 54 3.80 12.23 10.01
C GLN A 54 4.54 13.53 10.32
N ASN A 55 4.82 13.75 11.57
CA ASN A 55 5.54 14.99 11.96
C ASN A 55 6.89 15.09 11.26
N ASP A 56 7.26 16.29 10.91
CA ASP A 56 8.56 16.48 10.23
C ASP A 56 9.70 15.87 11.05
N GLY A 57 10.88 15.89 10.51
CA GLY A 57 12.03 15.31 11.25
C GLY A 57 11.82 13.81 11.44
N PHE A 58 11.17 13.20 10.49
CA PHE A 58 10.93 11.74 10.58
C PHE A 58 10.36 11.38 11.95
N ALA A 59 9.54 12.26 12.47
CA ALA A 59 8.91 12.02 13.81
C ALA A 59 7.46 11.58 13.68
N GLY A 60 6.73 11.66 14.76
CA GLY A 60 5.30 11.26 14.72
C GLY A 60 5.17 9.82 14.22
N ASP A 61 3.96 9.38 14.03
CA ASP A 61 3.78 8.00 13.54
C ASP A 61 4.58 7.79 12.26
N GLN A 62 4.60 6.59 11.79
CA GLN A 62 5.36 6.31 10.55
C GLN A 62 4.72 5.21 9.74
N ILE A 63 5.08 5.15 8.49
CA ILE A 63 4.52 4.12 7.60
C ILE A 63 5.61 3.52 6.74
N GLU A 64 5.34 2.36 6.21
CA GLU A 64 6.35 1.70 5.35
C GLU A 64 5.66 1.15 4.12
N VAL A 65 6.18 1.49 2.97
CA VAL A 65 5.54 0.98 1.73
C VAL A 65 6.55 0.68 0.64
N VAL A 66 6.09 -0.07 -0.32
CA VAL A 66 6.93 -0.46 -1.46
C VAL A 66 6.02 -0.65 -2.65
N ALA A 67 4.74 -0.59 -2.36
CA ALA A 67 3.71 -0.75 -3.42
C ALA A 67 2.82 0.49 -3.48
N ASN A 68 1.58 0.29 -3.80
CA ASN A 68 0.64 1.44 -3.87
C ASN A 68 -0.23 1.53 -2.62
N ALA A 69 -0.35 2.74 -2.10
CA ALA A 69 -1.17 2.95 -0.87
C ALA A 69 -2.39 3.82 -1.21
N GLU A 70 -3.52 3.20 -1.34
CA GLU A 70 -4.74 3.96 -1.66
C GLU A 70 -5.13 4.91 -0.52
N GLU A 71 -5.72 4.35 0.49
CA GLU A 71 -6.13 5.19 1.65
C GLU A 71 -4.93 5.60 2.50
N LEU A 72 -3.80 5.02 2.22
CA LEU A 72 -2.58 5.37 3.01
C LEU A 72 -2.74 4.96 4.47
N GLY A 73 -3.44 5.75 5.24
CA GLY A 73 -3.63 5.40 6.67
C GLY A 73 -4.30 6.54 7.44
N PRO A 74 -4.46 6.33 8.72
CA PRO A 74 -5.08 7.32 9.59
C PRO A 74 -4.27 8.62 9.67
N LEU A 75 -2.97 8.49 9.77
CA LEU A 75 -2.12 9.70 9.84
C LEU A 75 -2.09 10.43 8.50
N ASN A 76 -3.07 10.17 7.68
CA ASN A 76 -3.11 10.84 6.36
C ASN A 76 -3.54 12.30 6.50
N ASN A 77 -3.70 12.73 7.71
CA ASN A 77 -4.13 14.13 7.94
C ASN A 77 -2.91 15.06 8.03
N ASN A 78 -1.74 14.49 7.95
CA ASN A 78 -0.52 15.33 8.03
C ASN A 78 0.72 14.53 7.66
N VAL A 79 1.49 15.07 6.75
CA VAL A 79 2.73 14.37 6.31
C VAL A 79 3.80 15.37 5.90
N SER A 80 5.04 15.07 6.21
CA SER A 80 6.13 16.01 5.84
C SER A 80 7.49 15.31 5.71
N SER A 81 7.77 14.40 6.60
CA SER A 81 9.09 13.69 6.53
C SER A 81 8.95 12.35 5.80
N ILE A 82 9.89 12.06 4.92
CA ILE A 82 9.80 10.77 4.17
C ILE A 82 11.17 10.23 3.78
N ARG A 83 11.37 8.95 4.03
CA ARG A 83 12.67 8.31 3.67
C ARG A 83 12.51 7.35 2.50
N VAL A 84 13.24 7.63 1.45
CA VAL A 84 13.16 6.75 0.24
C VAL A 84 14.54 6.19 -0.10
N ILE A 85 14.61 4.89 -0.31
CA ILE A 85 15.93 4.28 -0.65
C ILE A 85 15.75 3.19 -1.69
N SER A 86 16.54 3.25 -2.72
CA SER A 86 16.43 2.22 -3.79
C SER A 86 16.41 0.83 -3.17
N VAL A 87 15.61 -0.06 -3.71
CA VAL A 87 15.53 -1.44 -3.17
C VAL A 87 15.60 -2.48 -4.30
N PRO A 88 16.28 -3.60 -4.06
CA PRO A 88 16.38 -4.64 -5.07
C PRO A 88 15.01 -5.07 -5.57
N VAL A 89 14.87 -5.09 -6.85
CA VAL A 89 13.56 -5.49 -7.45
C VAL A 89 13.07 -6.83 -6.90
N GLN A 90 11.83 -6.87 -6.54
CA GLN A 90 11.23 -8.12 -5.99
C GLN A 90 9.81 -8.28 -6.54
N PRO A 91 9.39 -9.51 -6.72
CA PRO A 91 8.05 -9.77 -7.23
C PRO A 91 6.99 -9.18 -6.31
N ARG A 92 5.76 -9.56 -6.51
CA ARG A 92 4.68 -9.03 -5.66
C ARG A 92 3.36 -9.73 -5.96
N ALA A 93 2.29 -9.05 -5.66
CA ALA A 93 0.95 -9.63 -5.91
C ALA A 93 -0.02 -8.54 -6.38
N ARG A 94 -1.12 -8.95 -6.99
CA ARG A 94 -2.10 -7.94 -7.48
C ARG A 94 -3.54 -8.35 -7.17
N PHE A 95 -4.18 -7.56 -6.34
CA PHE A 95 -5.59 -7.86 -5.97
C PHE A 95 -6.52 -6.97 -6.77
N PHE A 96 -7.71 -7.48 -7.04
CA PHE A 96 -8.70 -6.66 -7.82
C PHE A 96 -9.79 -6.10 -6.91
N TYR A 97 -10.59 -5.22 -7.45
CA TYR A 97 -11.68 -4.63 -6.62
C TYR A 97 -12.99 -5.40 -6.75
N LYS A 98 -13.47 -5.50 -7.96
CA LYS A 98 -14.74 -6.23 -8.17
C LYS A 98 -14.54 -7.74 -8.27
N GLU A 99 -15.56 -8.46 -7.94
CA GLU A 99 -15.47 -9.93 -8.00
C GLU A 99 -15.37 -10.41 -9.44
N GLN A 100 -14.15 -10.81 -9.81
CA GLN A 100 -13.84 -11.33 -11.21
C GLN A 100 -12.81 -10.45 -11.90
N PHE A 101 -11.59 -10.50 -11.39
CA PHE A 101 -10.48 -9.69 -11.97
C PHE A 101 -10.96 -8.40 -12.61
N ASP A 102 -11.66 -7.62 -11.84
CA ASP A 102 -12.18 -6.35 -12.37
C ASP A 102 -12.16 -5.29 -11.28
N GLY A 103 -12.40 -4.07 -11.65
CA GLY A 103 -12.39 -2.99 -10.63
C GLY A 103 -10.94 -2.58 -10.31
N LYS A 104 -10.74 -1.30 -10.04
CA LYS A 104 -9.36 -0.79 -9.72
C LYS A 104 -8.49 -1.86 -9.07
N GLU A 105 -7.30 -2.00 -9.58
CA GLU A 105 -6.38 -3.02 -9.03
C GLU A 105 -5.42 -2.42 -8.01
N VAL A 106 -4.92 -3.28 -7.16
CA VAL A 106 -3.97 -2.85 -6.12
C VAL A 106 -2.92 -3.93 -5.94
N ASP A 107 -1.73 -3.54 -5.55
CA ASP A 107 -0.65 -4.57 -5.35
C ASP A 107 0.06 -4.42 -4.02
N LEU A 108 0.69 -5.49 -3.58
CA LEU A 108 1.41 -5.43 -2.28
C LEU A 108 2.73 -6.23 -2.34
N PRO A 109 3.72 -5.80 -1.53
CA PRO A 109 5.02 -6.47 -1.49
C PRO A 109 4.97 -7.75 -0.66
N PRO A 110 6.00 -8.55 -0.76
CA PRO A 110 6.08 -9.80 -0.02
C PRO A 110 6.16 -9.54 1.49
N GLY A 111 5.52 -10.36 2.29
CA GLY A 111 5.58 -10.15 3.77
C GLY A 111 4.23 -10.43 4.44
N GLN A 112 4.04 -9.85 5.61
CA GLN A 112 2.76 -10.06 6.36
C GLN A 112 1.98 -8.76 6.50
N TYR A 113 0.70 -8.87 6.73
CA TYR A 113 -0.13 -7.65 6.90
C TYR A 113 -1.24 -7.89 7.92
N THR A 114 -1.53 -6.85 8.67
CA THR A 114 -2.59 -6.98 9.71
C THR A 114 -3.95 -6.47 9.22
N GLN A 115 -4.98 -6.84 9.96
CA GLN A 115 -6.37 -6.42 9.59
C GLN A 115 -6.52 -4.90 9.55
N ALA A 116 -5.52 -4.18 9.98
CA ALA A 116 -5.62 -2.69 9.96
C ALA A 116 -4.77 -2.09 8.84
N GLU A 117 -3.55 -2.52 8.77
CA GLU A 117 -2.65 -2.00 7.73
C GLU A 117 -3.06 -2.51 6.36
N LEU A 118 -3.25 -3.79 6.26
CA LEU A 118 -3.66 -4.38 4.97
C LEU A 118 -4.68 -3.52 4.25
N GLU A 119 -5.88 -3.53 4.76
CA GLU A 119 -6.94 -2.72 4.15
C GLU A 119 -6.50 -1.29 3.89
N ARG A 120 -6.05 -0.62 4.92
CA ARG A 120 -5.60 0.79 4.74
C ARG A 120 -4.26 0.89 4.02
N TYR A 121 -3.83 -0.19 3.39
CA TYR A 121 -2.52 -0.15 2.67
C TYR A 121 -2.68 -0.61 1.24
N GLY A 122 -3.82 -1.15 0.93
CA GLY A 122 -4.04 -1.62 -0.47
C GLY A 122 -5.46 -1.31 -0.91
N ILE A 123 -6.41 -1.64 -0.08
CA ILE A 123 -7.82 -1.36 -0.43
C ILE A 123 -8.62 -0.99 0.81
N ASP A 124 -9.31 -1.95 1.37
CA ASP A 124 -10.11 -1.65 2.59
C ASP A 124 -10.67 -2.94 3.20
N ASN A 125 -11.32 -2.80 4.32
CA ASN A 125 -11.89 -4.00 4.99
C ASN A 125 -13.01 -4.62 4.15
N ASN A 126 -12.98 -5.92 4.03
CA ASN A 126 -14.03 -6.63 3.23
C ASN A 126 -14.17 -6.02 1.84
N THR A 127 -13.49 -6.59 0.88
CA THR A 127 -13.57 -6.06 -0.50
C THR A 127 -12.83 -6.94 -1.50
N ILE A 128 -12.03 -7.84 -0.99
CA ILE A 128 -11.28 -8.73 -1.90
C ILE A 128 -12.18 -9.78 -2.54
N SER A 129 -11.71 -10.38 -3.60
CA SER A 129 -12.51 -11.41 -4.29
C SER A 129 -11.67 -12.14 -5.32
N SER A 130 -10.96 -11.38 -6.12
CA SER A 130 -10.09 -12.00 -7.16
C SER A 130 -8.65 -11.53 -6.98
N VAL A 131 -7.75 -12.49 -6.92
CA VAL A 131 -6.31 -12.14 -6.73
C VAL A 131 -5.47 -12.65 -7.89
N LYS A 132 -4.32 -12.07 -8.03
CA LYS A 132 -3.40 -12.49 -9.11
C LYS A 132 -1.95 -12.27 -8.66
N PRO A 133 -1.45 -13.19 -7.87
CA PRO A 133 -0.09 -13.10 -7.39
C PRO A 133 0.88 -12.92 -8.54
N GLN A 134 1.22 -11.68 -8.79
CA GLN A 134 2.14 -11.36 -9.88
C GLN A 134 3.37 -12.25 -9.91
N GLY A 135 3.72 -12.83 -8.79
CA GLY A 135 4.92 -13.71 -8.80
C GLY A 135 5.08 -14.54 -7.52
N LEU A 136 4.64 -14.01 -6.40
CA LEU A 136 4.78 -14.79 -5.13
C LEU A 136 3.48 -15.49 -4.77
N ALA A 137 3.50 -16.22 -3.69
CA ALA A 137 2.27 -16.93 -3.27
C ALA A 137 1.51 -16.09 -2.26
N VAL A 138 0.20 -16.16 -2.33
CA VAL A 138 -0.63 -15.37 -1.38
C VAL A 138 -1.46 -16.27 -0.47
N VAL A 139 -1.66 -15.79 0.72
CA VAL A 139 -2.45 -16.56 1.70
C VAL A 139 -3.41 -15.62 2.41
N LEU A 140 -4.67 -16.00 2.45
CA LEU A 140 -5.68 -15.12 3.13
C LEU A 140 -6.12 -15.65 4.49
N PHE A 141 -6.25 -14.74 5.43
CA PHE A 141 -6.68 -15.12 6.81
C PHE A 141 -8.01 -14.46 7.14
N LYS A 142 -8.99 -15.26 7.44
CA LYS A 142 -10.32 -14.71 7.77
C LYS A 142 -10.26 -13.86 9.04
N ASN A 143 -10.03 -14.50 10.15
CA ASN A 143 -9.96 -13.73 11.41
C ASN A 143 -8.66 -12.94 11.48
N ASP A 144 -8.60 -12.01 12.37
CA ASP A 144 -7.37 -11.20 12.50
C ASP A 144 -6.19 -12.06 12.92
N ASN A 145 -5.19 -11.43 13.48
CA ASN A 145 -3.98 -12.16 13.93
C ASN A 145 -3.68 -13.37 13.06
N PHE A 146 -3.94 -13.22 11.79
CA PHE A 146 -3.68 -14.35 10.85
C PHE A 146 -4.09 -15.67 11.46
N SER A 147 -5.36 -15.80 11.77
CA SER A 147 -5.84 -17.06 12.37
C SER A 147 -7.24 -17.42 11.86
N GLY A 148 -7.79 -18.48 12.39
CA GLY A 148 -9.15 -18.88 11.94
C GLY A 148 -9.09 -19.55 10.57
N ASP A 149 -10.21 -19.66 9.92
CA ASP A 149 -10.20 -20.29 8.58
C ASP A 149 -9.30 -19.52 7.62
N THR A 150 -8.65 -20.23 6.75
CA THR A 150 -7.74 -19.55 5.77
C THR A 150 -7.83 -20.19 4.40
N LEU A 151 -7.14 -19.59 3.46
CA LEU A 151 -7.15 -20.13 2.09
C LEU A 151 -5.85 -19.76 1.37
N PRO A 152 -4.89 -20.67 1.39
CA PRO A 152 -3.61 -20.42 0.74
C PRO A 152 -3.75 -20.33 -0.78
N VAL A 153 -3.61 -19.13 -1.29
CA VAL A 153 -3.72 -18.96 -2.77
C VAL A 153 -2.43 -19.37 -3.45
N ASN A 154 -2.37 -20.62 -3.82
CA ASN A 154 -1.15 -21.15 -4.50
C ASN A 154 -0.63 -20.20 -5.58
N SER A 155 -1.50 -19.73 -6.44
CA SER A 155 -1.02 -18.82 -7.51
C SER A 155 -2.18 -18.01 -8.12
N ASP A 156 -2.20 -17.95 -9.42
CA ASP A 156 -3.27 -17.18 -10.12
C ASP A 156 -4.66 -17.53 -9.60
N ALA A 157 -5.47 -16.52 -9.43
CA ALA A 157 -6.85 -16.74 -8.91
C ALA A 157 -7.71 -15.51 -9.16
N PRO A 158 -7.91 -15.21 -10.42
CA PRO A 158 -8.71 -14.06 -10.84
C PRO A 158 -10.19 -14.25 -10.47
N THR A 159 -10.45 -15.05 -9.48
CA THR A 159 -11.86 -15.28 -9.08
C THR A 159 -11.93 -16.15 -7.84
N LEU A 160 -12.73 -15.74 -6.89
CA LEU A 160 -12.84 -16.54 -5.65
C LEU A 160 -14.06 -16.12 -4.83
N GLY A 161 -14.08 -14.88 -4.44
CA GLY A 161 -15.23 -14.39 -3.64
C GLY A 161 -15.57 -15.39 -2.53
N ALA A 162 -16.82 -15.41 -2.13
CA ALA A 162 -17.24 -16.35 -1.06
C ALA A 162 -16.34 -16.26 0.16
N MET A 163 -15.30 -17.06 0.19
CA MET A 163 -14.38 -17.02 1.36
C MET A 163 -13.77 -15.65 1.53
N ASN A 164 -13.50 -14.99 0.43
CA ASN A 164 -12.90 -13.64 0.52
C ASN A 164 -13.79 -12.70 1.32
N ASN A 165 -14.81 -13.25 1.92
CA ASN A 165 -15.72 -12.40 2.72
C ASN A 165 -15.04 -11.87 3.97
N ASN A 166 -14.84 -10.59 4.01
CA ASN A 166 -14.18 -9.96 5.19
C ASN A 166 -12.73 -10.43 5.38
N THR A 167 -11.90 -10.17 4.39
CA THR A 167 -10.48 -10.60 4.53
C THR A 167 -9.80 -9.75 5.58
N SER A 168 -9.33 -10.37 6.62
CA SER A 168 -8.65 -9.58 7.68
C SER A 168 -7.16 -9.42 7.41
N SER A 169 -6.40 -10.44 7.72
CA SER A 169 -4.92 -10.37 7.49
C SER A 169 -4.50 -11.27 6.35
N ILE A 170 -3.34 -10.99 5.81
CA ILE A 170 -2.84 -11.82 4.68
C ILE A 170 -1.36 -12.10 4.82
N ARG A 171 -0.86 -12.93 3.95
CA ARG A 171 0.58 -13.25 4.01
C ARG A 171 1.11 -13.64 2.65
N ILE A 172 1.91 -12.79 2.09
CA ILE A 172 2.47 -13.11 0.76
C ILE A 172 3.75 -13.92 0.93
N SER A 173 3.61 -15.22 0.90
CA SER A 173 4.81 -16.08 1.06
C SER A 173 5.51 -16.30 -0.27
N MET A 1 13.03 3.87 -13.66
CA MET A 1 13.26 5.11 -12.87
C MET A 1 12.43 5.08 -11.58
N ALA A 2 13.11 5.05 -10.47
CA ALA A 2 12.37 5.02 -9.17
C ALA A 2 11.92 6.41 -8.76
N ASN A 3 10.63 6.55 -8.55
CA ASN A 3 10.10 7.88 -8.14
C ASN A 3 8.73 7.72 -7.48
N ILE A 4 8.60 8.21 -6.28
CA ILE A 4 7.29 8.09 -5.59
C ILE A 4 6.30 9.11 -6.14
N THR A 5 5.03 8.74 -6.12
CA THR A 5 3.99 9.65 -6.64
C THR A 5 2.80 9.65 -5.70
N VAL A 6 2.51 10.79 -5.13
CA VAL A 6 1.36 10.89 -4.19
C VAL A 6 0.21 11.67 -4.79
N PHE A 7 -0.96 11.48 -4.22
CA PHE A 7 -2.15 12.20 -4.73
C PHE A 7 -2.69 13.14 -3.65
N TYR A 8 -3.51 14.09 -4.07
CA TYR A 8 -4.08 15.05 -3.08
C TYR A 8 -5.38 14.58 -2.44
N ASN A 9 -5.80 13.38 -2.74
CA ASN A 9 -7.07 12.91 -2.11
C ASN A 9 -7.05 11.41 -1.88
N GLU A 10 -8.01 10.96 -1.13
CA GLU A 10 -8.09 9.52 -0.83
C GLU A 10 -8.40 8.74 -2.09
N ASP A 11 -8.44 7.46 -1.97
CA ASP A 11 -8.74 6.62 -3.15
C ASP A 11 -7.75 6.90 -4.28
N PHE A 12 -6.51 7.10 -3.93
CA PHE A 12 -5.49 7.38 -4.98
C PHE A 12 -5.89 8.61 -5.82
N GLN A 13 -7.05 9.15 -5.55
CA GLN A 13 -7.50 10.34 -6.32
C GLN A 13 -6.85 11.63 -5.80
N GLY A 14 -7.07 12.71 -6.50
CA GLY A 14 -6.48 14.01 -6.06
C GLY A 14 -5.22 14.33 -6.88
N LYS A 15 -5.04 15.61 -7.20
CA LYS A 15 -3.83 16.02 -8.00
C LYS A 15 -2.63 15.17 -7.65
N GLN A 16 -1.85 14.84 -8.66
CA GLN A 16 -0.65 14.00 -8.41
C GLN A 16 0.63 14.82 -8.32
N VAL A 17 1.62 14.25 -7.67
CA VAL A 17 2.92 14.95 -7.51
C VAL A 17 4.05 13.94 -7.47
N ASP A 18 4.94 14.02 -8.41
CA ASP A 18 6.08 13.06 -8.44
C ASP A 18 7.30 13.61 -7.69
N LEU A 19 7.86 12.77 -6.85
CA LEU A 19 9.06 13.20 -6.07
C LEU A 19 10.15 12.10 -6.15
N PRO A 20 11.40 12.51 -6.33
CA PRO A 20 12.50 11.53 -6.41
C PRO A 20 12.79 10.92 -5.03
N PRO A 21 13.54 9.84 -5.02
CA PRO A 21 13.90 9.16 -3.77
C PRO A 21 14.77 10.06 -2.89
N GLY A 22 15.43 9.47 -1.92
CA GLY A 22 16.30 10.29 -1.03
C GLY A 22 15.54 10.76 0.22
N ASN A 23 16.25 11.42 1.10
CA ASN A 23 15.63 11.92 2.35
C ASN A 23 15.46 13.43 2.32
N TYR A 24 14.29 13.90 2.69
CA TYR A 24 14.07 15.36 2.70
C TYR A 24 12.97 15.74 3.68
N THR A 25 12.66 17.00 3.75
CA THR A 25 11.61 17.44 4.69
C THR A 25 10.91 18.69 4.19
N ARG A 26 10.25 19.37 5.08
CA ARG A 26 9.55 20.60 4.68
C ARG A 26 10.51 21.54 3.99
N ALA A 27 11.78 21.28 4.15
CA ALA A 27 12.78 22.16 3.51
C ALA A 27 12.74 21.96 2.01
N GLN A 28 13.08 20.77 1.58
CA GLN A 28 13.05 20.54 0.12
C GLN A 28 11.66 20.83 -0.41
N LEU A 29 10.68 20.38 0.32
CA LEU A 29 9.29 20.62 -0.13
C LEU A 29 9.00 22.10 -0.16
N ALA A 30 9.51 22.83 0.80
CA ALA A 30 9.24 24.28 0.80
C ALA A 30 9.70 24.83 -0.53
N ALA A 31 10.66 24.16 -1.09
CA ALA A 31 11.18 24.61 -2.40
C ALA A 31 10.16 24.27 -3.47
N LEU A 32 9.51 23.15 -3.31
CA LEU A 32 8.50 22.73 -4.31
C LEU A 32 7.21 23.53 -4.13
N GLY A 33 6.50 23.27 -3.05
CA GLY A 33 5.23 24.02 -2.82
C GLY A 33 4.27 23.22 -1.94
N ILE A 34 4.42 21.93 -1.94
CA ILE A 34 3.53 21.09 -1.11
C ILE A 34 3.98 21.07 0.34
N GLU A 35 3.06 20.78 1.22
CA GLU A 35 3.41 20.73 2.66
C GLU A 35 2.56 19.69 3.40
N ASN A 36 2.79 19.57 4.68
CA ASN A 36 2.02 18.60 5.50
C ASN A 36 0.52 18.69 5.23
N ASN A 37 -0.19 17.72 5.75
CA ASN A 37 -1.67 17.70 5.57
C ASN A 37 -2.06 17.19 4.19
N THR A 38 -1.16 17.32 3.26
CA THR A 38 -1.49 16.84 1.90
C THR A 38 -1.19 15.35 1.75
N ILE A 39 -0.65 15.00 0.63
CA ILE A 39 -0.32 13.57 0.40
C ILE A 39 -1.42 12.66 0.90
N SER A 40 -2.56 12.80 0.31
CA SER A 40 -3.71 11.97 0.73
C SER A 40 -3.42 10.49 0.50
N SER A 41 -2.88 10.19 -0.66
CA SER A 41 -2.55 8.77 -0.98
C SER A 41 -1.11 8.66 -1.46
N VAL A 42 -0.67 7.45 -1.72
CA VAL A 42 0.73 7.26 -2.19
C VAL A 42 0.86 6.15 -3.20
N LYS A 43 1.78 6.33 -4.12
CA LYS A 43 2.02 5.33 -5.17
C LYS A 43 3.52 5.09 -5.28
N VAL A 44 3.94 3.87 -5.03
CA VAL A 44 5.39 3.57 -5.12
C VAL A 44 5.66 2.14 -5.62
N PRO A 45 6.14 2.01 -6.84
CA PRO A 45 6.44 0.70 -7.41
C PRO A 45 7.62 0.04 -6.67
N PRO A 46 7.85 -1.22 -6.97
CA PRO A 46 8.94 -1.98 -6.35
C PRO A 46 10.30 -1.32 -6.62
N GLY A 47 11.35 -2.02 -6.35
CA GLY A 47 12.68 -1.43 -6.60
C GLY A 47 13.04 -0.41 -5.52
N VAL A 48 12.10 -0.07 -4.69
CA VAL A 48 12.42 0.93 -3.63
C VAL A 48 11.50 0.80 -2.42
N LYS A 49 12.03 1.17 -1.28
CA LYS A 49 11.24 1.12 -0.01
C LYS A 49 11.09 2.53 0.54
N ALA A 50 9.86 2.95 0.78
CA ALA A 50 9.65 4.32 1.32
C ALA A 50 9.21 4.32 2.78
N ILE A 51 9.43 5.43 3.41
CA ILE A 51 9.05 5.59 4.83
C ILE A 51 8.61 7.03 5.05
N LEU A 52 7.42 7.20 5.54
CA LEU A 52 6.93 8.60 5.78
C LEU A 52 7.14 9.06 7.22
N TYR A 53 7.00 10.35 7.41
CA TYR A 53 7.18 10.93 8.78
C TYR A 53 6.16 12.05 9.00
N GLN A 54 5.16 11.75 9.79
CA GLN A 54 4.11 12.75 10.09
C GLN A 54 4.67 14.13 10.38
N ASN A 55 5.05 14.36 11.60
CA ASN A 55 5.61 15.68 11.97
C ASN A 55 6.84 16.01 11.14
N ASP A 56 6.87 17.21 10.63
CA ASP A 56 8.02 17.63 9.80
C ASP A 56 9.32 17.42 10.58
N GLY A 57 10.42 17.59 9.90
CA GLY A 57 11.73 17.41 10.59
C GLY A 57 11.94 15.94 10.92
N PHE A 58 11.38 15.08 10.11
CA PHE A 58 11.53 13.63 10.35
C PHE A 58 11.11 13.26 11.77
N ALA A 59 9.85 13.47 12.06
CA ALA A 59 9.35 13.15 13.42
C ALA A 59 7.89 12.73 13.39
N GLY A 60 7.35 12.45 14.55
CA GLY A 60 5.91 12.04 14.60
C GLY A 60 5.76 10.61 14.08
N ASP A 61 4.61 10.04 14.29
CA ASP A 61 4.39 8.65 13.81
C ASP A 61 4.87 8.52 12.37
N GLN A 62 5.43 7.37 12.06
CA GLN A 62 5.92 7.15 10.67
C GLN A 62 5.24 5.96 10.03
N ILE A 63 5.34 5.89 8.72
CA ILE A 63 4.73 4.76 7.98
C ILE A 63 5.77 4.08 7.13
N GLU A 64 5.40 3.00 6.51
CA GLU A 64 6.36 2.28 5.67
C GLU A 64 5.64 1.66 4.49
N VAL A 65 6.17 1.88 3.31
CA VAL A 65 5.51 1.30 2.13
C VAL A 65 6.50 0.97 1.03
N VAL A 66 6.06 0.17 0.13
CA VAL A 66 6.93 -0.24 -1.00
C VAL A 66 6.06 -0.42 -2.23
N ALA A 67 4.77 -0.36 -1.98
CA ALA A 67 3.78 -0.52 -3.07
C ALA A 67 2.92 0.74 -3.13
N ASN A 68 1.69 0.57 -3.50
CA ASN A 68 0.76 1.72 -3.60
C ASN A 68 -0.16 1.75 -2.39
N ALA A 69 -0.01 2.75 -1.56
CA ALA A 69 -0.89 2.83 -0.36
C ALA A 69 -2.15 3.60 -0.66
N GLU A 70 -3.19 2.90 -1.00
CA GLU A 70 -4.47 3.59 -1.30
C GLU A 70 -4.86 4.49 -0.15
N GLU A 71 -5.11 3.88 0.98
CA GLU A 71 -5.51 4.66 2.18
C GLU A 71 -4.33 4.77 3.14
N LEU A 72 -3.66 5.89 3.09
CA LEU A 72 -2.50 6.08 4.01
C LEU A 72 -2.85 5.80 5.46
N GLY A 73 -4.10 5.56 5.71
CA GLY A 73 -4.50 5.28 7.12
C GLY A 73 -4.60 6.59 7.93
N PRO A 74 -4.31 6.51 9.23
CA PRO A 74 -4.36 7.68 10.10
C PRO A 74 -3.33 8.72 9.69
N LEU A 75 -2.88 9.49 10.67
CA LEU A 75 -1.86 10.57 10.40
C LEU A 75 -1.99 11.13 9.00
N ASN A 76 -3.19 11.22 8.51
CA ASN A 76 -3.40 11.76 7.15
C ASN A 76 -3.59 13.27 7.22
N ASN A 77 -3.60 13.80 8.40
CA ASN A 77 -3.78 15.26 8.55
C ASN A 77 -2.43 15.97 8.63
N ASN A 78 -1.36 15.21 8.48
CA ASN A 78 -0.01 15.85 8.54
C ASN A 78 1.05 14.95 7.93
N VAL A 79 1.56 15.35 6.80
CA VAL A 79 2.62 14.54 6.13
C VAL A 79 3.60 15.42 5.35
N SER A 80 4.69 15.81 6.01
CA SER A 80 5.70 16.68 5.32
C SER A 80 7.09 16.03 5.27
N SER A 81 7.44 15.27 6.28
CA SER A 81 8.79 14.62 6.26
C SER A 81 8.73 13.24 5.64
N ILE A 82 9.69 12.93 4.79
CA ILE A 82 9.65 11.60 4.15
C ILE A 82 11.05 11.11 3.81
N ARG A 83 11.18 9.82 3.65
CA ARG A 83 12.50 9.25 3.31
C ARG A 83 12.34 7.99 2.46
N VAL A 84 13.20 7.84 1.47
CA VAL A 84 13.10 6.63 0.60
C VAL A 84 14.47 6.14 0.15
N ILE A 85 14.59 4.85 0.01
CA ILE A 85 15.89 4.28 -0.43
C ILE A 85 15.66 3.06 -1.32
N SER A 86 16.40 3.01 -2.40
CA SER A 86 16.26 1.86 -3.34
C SER A 86 16.19 0.53 -2.59
N VAL A 87 15.69 -0.49 -3.27
CA VAL A 87 15.57 -1.82 -2.63
C VAL A 87 15.41 -2.92 -3.70
N PRO A 88 16.05 -4.06 -3.51
CA PRO A 88 15.95 -5.16 -4.46
C PRO A 88 14.50 -5.40 -4.85
N VAL A 89 14.28 -5.66 -6.11
CA VAL A 89 12.89 -5.92 -6.58
C VAL A 89 12.39 -7.29 -6.17
N GLN A 90 11.09 -7.44 -6.19
CA GLN A 90 10.45 -8.73 -5.82
C GLN A 90 9.27 -9.01 -6.76
N PRO A 91 8.91 -10.28 -6.93
CA PRO A 91 7.78 -10.66 -7.80
C PRO A 91 6.46 -10.13 -7.26
N ARG A 92 6.26 -10.29 -6.00
CA ARG A 92 5.01 -9.82 -5.35
C ARG A 92 3.77 -10.57 -5.87
N ALA A 93 2.64 -9.95 -5.65
CA ALA A 93 1.34 -10.53 -6.09
C ALA A 93 0.43 -9.40 -6.58
N ARG A 94 -0.71 -9.74 -7.14
CA ARG A 94 -1.61 -8.65 -7.62
C ARG A 94 -3.08 -8.97 -7.40
N PHE A 95 -3.74 -8.11 -6.66
CA PHE A 95 -5.18 -8.32 -6.38
C PHE A 95 -5.98 -7.37 -7.25
N PHE A 96 -7.26 -7.63 -7.40
CA PHE A 96 -8.10 -6.71 -8.25
C PHE A 96 -9.30 -6.19 -7.48
N TYR A 97 -9.90 -5.14 -8.01
CA TYR A 97 -11.07 -4.56 -7.32
C TYR A 97 -12.36 -5.32 -7.64
N LYS A 98 -12.90 -5.08 -8.79
CA LYS A 98 -14.16 -5.78 -9.19
C LYS A 98 -13.94 -7.29 -9.35
N GLU A 99 -15.00 -8.03 -9.17
CA GLU A 99 -14.90 -9.52 -9.30
C GLU A 99 -14.96 -9.94 -10.76
N GLN A 100 -13.82 -9.94 -11.40
CA GLN A 100 -13.76 -10.33 -12.83
C GLN A 100 -12.44 -9.86 -13.42
N PHE A 101 -11.40 -9.91 -12.62
CA PHE A 101 -10.07 -9.47 -13.10
C PHE A 101 -10.14 -8.05 -13.62
N ASP A 102 -10.84 -7.20 -12.90
CA ASP A 102 -10.95 -5.79 -13.32
C ASP A 102 -10.95 -4.86 -12.11
N GLY A 103 -11.01 -3.59 -12.36
CA GLY A 103 -11.01 -2.63 -11.23
C GLY A 103 -9.57 -2.38 -10.76
N LYS A 104 -9.27 -1.13 -10.45
CA LYS A 104 -7.88 -0.78 -9.99
C LYS A 104 -7.22 -1.95 -9.27
N GLU A 105 -5.99 -2.21 -9.64
CA GLU A 105 -5.26 -3.33 -9.01
C GLU A 105 -4.34 -2.86 -7.89
N VAL A 106 -4.00 -3.77 -7.03
CA VAL A 106 -3.11 -3.44 -5.90
C VAL A 106 -2.19 -4.62 -5.61
N ASP A 107 -0.90 -4.41 -5.79
CA ASP A 107 0.06 -5.53 -5.55
C ASP A 107 0.83 -5.34 -4.23
N LEU A 108 1.28 -6.45 -3.70
CA LEU A 108 2.05 -6.41 -2.41
C LEU A 108 3.24 -7.39 -2.46
N PRO A 109 4.41 -6.97 -1.95
CA PRO A 109 5.59 -7.83 -1.95
C PRO A 109 5.37 -9.05 -1.04
N PRO A 110 6.28 -10.00 -1.14
CA PRO A 110 6.19 -11.22 -0.34
C PRO A 110 6.28 -10.90 1.16
N GLY A 111 5.65 -11.72 1.96
CA GLY A 111 5.69 -11.48 3.43
C GLY A 111 4.33 -11.76 4.08
N GLN A 112 4.08 -11.12 5.19
CA GLN A 112 2.80 -11.31 5.90
C GLN A 112 2.20 -9.98 6.32
N TYR A 113 0.91 -9.97 6.55
CA TYR A 113 0.25 -8.71 6.96
C TYR A 113 -0.83 -8.96 7.98
N THR A 114 -1.11 -7.95 8.77
CA THR A 114 -2.15 -8.08 9.80
C THR A 114 -3.45 -7.40 9.40
N GLN A 115 -4.38 -7.40 10.31
CA GLN A 115 -5.69 -6.76 10.02
C GLN A 115 -5.66 -5.27 10.37
N ALA A 116 -4.71 -4.59 9.83
CA ALA A 116 -4.59 -3.14 10.11
C ALA A 116 -3.93 -2.42 8.94
N GLU A 117 -2.68 -2.73 8.72
CA GLU A 117 -1.96 -2.08 7.61
C GLU A 117 -2.47 -2.62 6.30
N LEU A 118 -2.50 -3.93 6.22
CA LEU A 118 -2.97 -4.60 4.97
C LEU A 118 -4.07 -3.78 4.32
N GLU A 119 -5.21 -3.78 4.92
CA GLU A 119 -6.32 -3.02 4.34
C GLU A 119 -5.88 -1.58 4.07
N ARG A 120 -5.44 -0.92 5.11
CA ARG A 120 -5.00 0.49 4.94
C ARG A 120 -3.62 0.58 4.28
N TYR A 121 -3.25 -0.45 3.56
CA TYR A 121 -1.92 -0.45 2.88
C TYR A 121 -2.07 -0.76 1.41
N GLY A 122 -3.19 -1.30 1.05
CA GLY A 122 -3.39 -1.62 -0.38
C GLY A 122 -4.87 -1.48 -0.77
N ILE A 123 -5.74 -1.95 0.08
CA ILE A 123 -7.19 -1.86 -0.23
C ILE A 123 -7.95 -1.40 1.01
N ASP A 124 -8.65 -2.33 1.62
CA ASP A 124 -9.43 -1.96 2.82
C ASP A 124 -10.00 -3.21 3.50
N ASN A 125 -10.88 -3.00 4.42
CA ASN A 125 -11.49 -4.16 5.13
C ASN A 125 -12.70 -4.70 4.36
N ASN A 126 -12.64 -4.67 3.06
CA ASN A 126 -13.80 -5.20 2.28
C ASN A 126 -13.45 -5.40 0.81
N THR A 127 -14.46 -5.35 -0.02
CA THR A 127 -14.28 -5.53 -1.49
C THR A 127 -13.25 -6.64 -1.81
N ILE A 128 -12.25 -6.30 -2.62
CA ILE A 128 -11.20 -7.31 -3.00
C ILE A 128 -11.80 -8.50 -3.75
N SER A 129 -11.39 -8.68 -4.97
CA SER A 129 -11.93 -9.81 -5.77
C SER A 129 -11.02 -10.15 -6.95
N SER A 130 -10.87 -11.42 -7.21
CA SER A 130 -10.01 -11.85 -8.33
C SER A 130 -8.56 -11.54 -8.02
N VAL A 131 -7.78 -12.58 -7.85
CA VAL A 131 -6.33 -12.41 -7.53
C VAL A 131 -5.44 -13.04 -8.59
N LYS A 132 -4.30 -12.46 -8.74
CA LYS A 132 -3.33 -12.97 -9.73
C LYS A 132 -1.92 -12.83 -9.16
N PRO A 133 -1.43 -13.88 -8.53
CA PRO A 133 -0.10 -13.85 -7.94
C PRO A 133 0.96 -13.57 -8.99
N GLN A 134 1.38 -12.34 -9.04
CA GLN A 134 2.41 -11.95 -10.01
C GLN A 134 3.58 -12.91 -10.03
N GLY A 135 3.68 -13.74 -9.03
CA GLY A 135 4.82 -14.71 -9.01
C GLY A 135 4.85 -15.54 -7.73
N LEU A 136 4.44 -14.96 -6.63
CA LEU A 136 4.44 -15.72 -5.35
C LEU A 136 3.09 -16.37 -5.12
N ALA A 137 2.93 -16.97 -3.96
CA ALA A 137 1.64 -17.64 -3.64
C ALA A 137 0.91 -16.81 -2.59
N VAL A 138 -0.41 -16.76 -2.69
CA VAL A 138 -1.18 -15.96 -1.69
C VAL A 138 -2.06 -16.83 -0.79
N VAL A 139 -2.14 -16.41 0.45
CA VAL A 139 -2.96 -17.15 1.43
C VAL A 139 -3.78 -16.16 2.24
N LEU A 140 -5.08 -16.32 2.22
CA LEU A 140 -5.95 -15.38 2.97
C LEU A 140 -6.41 -15.94 4.32
N PHE A 141 -6.52 -15.07 5.29
CA PHE A 141 -6.96 -15.50 6.64
C PHE A 141 -8.23 -14.76 7.03
N LYS A 142 -9.21 -15.51 7.46
CA LYS A 142 -10.48 -14.88 7.87
C LYS A 142 -10.34 -14.17 9.21
N ASN A 143 -10.06 -14.92 10.23
CA ASN A 143 -9.90 -14.31 11.57
C ASN A 143 -8.62 -13.49 11.64
N ASP A 144 -8.47 -12.75 12.70
CA ASP A 144 -7.25 -11.92 12.84
C ASP A 144 -6.02 -12.80 13.03
N ASN A 145 -4.97 -12.19 13.53
CA ASN A 145 -3.68 -12.92 13.77
C ASN A 145 -3.50 -14.08 12.81
N PHE A 146 -3.88 -13.86 11.57
CA PHE A 146 -3.73 -14.93 10.55
C PHE A 146 -4.12 -16.28 11.16
N SER A 147 -5.37 -16.37 11.57
CA SER A 147 -5.85 -17.64 12.17
C SER A 147 -7.26 -17.97 11.70
N GLY A 148 -7.88 -18.93 12.36
CA GLY A 148 -9.26 -19.33 11.97
C GLY A 148 -9.28 -19.94 10.57
N ASP A 149 -10.43 -19.95 9.96
CA ASP A 149 -10.54 -20.53 8.59
C ASP A 149 -9.63 -19.77 7.64
N THR A 150 -9.29 -20.40 6.54
CA THR A 150 -8.40 -19.71 5.56
C THR A 150 -8.69 -20.15 4.13
N LEU A 151 -8.09 -19.44 3.21
CA LEU A 151 -8.29 -19.77 1.77
C LEU A 151 -6.95 -19.66 1.04
N PRO A 152 -6.18 -20.74 1.09
CA PRO A 152 -4.87 -20.77 0.43
C PRO A 152 -4.95 -20.59 -1.08
N VAL A 153 -4.56 -19.42 -1.53
CA VAL A 153 -4.59 -19.14 -2.98
C VAL A 153 -3.23 -19.43 -3.60
N ASN A 154 -2.77 -20.64 -3.43
CA ASN A 154 -1.45 -21.01 -3.99
C ASN A 154 -1.48 -21.10 -5.52
N SER A 155 -2.28 -20.28 -6.14
CA SER A 155 -2.34 -20.33 -7.61
C SER A 155 -3.15 -19.15 -8.19
N ASP A 156 -3.45 -19.24 -9.46
CA ASP A 156 -4.23 -18.16 -10.11
C ASP A 156 -5.70 -18.23 -9.74
N ALA A 157 -6.35 -17.10 -9.78
CA ALA A 157 -7.80 -17.05 -9.44
C ALA A 157 -8.38 -15.70 -9.83
N PRO A 158 -8.52 -15.51 -11.11
CA PRO A 158 -9.08 -14.26 -11.66
C PRO A 158 -10.54 -14.06 -11.28
N THR A 159 -10.95 -14.67 -10.21
CA THR A 159 -12.36 -14.52 -9.80
C THR A 159 -12.58 -15.12 -8.41
N LEU A 160 -11.99 -14.49 -7.43
CA LEU A 160 -12.14 -15.00 -6.05
C LEU A 160 -13.47 -14.56 -5.46
N GLY A 161 -13.63 -13.28 -5.29
CA GLY A 161 -14.90 -12.77 -4.71
C GLY A 161 -14.91 -12.99 -3.20
N ALA A 162 -16.00 -12.66 -2.57
CA ALA A 162 -16.07 -12.84 -1.10
C ALA A 162 -16.45 -14.27 -0.76
N MET A 163 -15.59 -14.94 -0.03
CA MET A 163 -15.88 -16.33 0.35
C MET A 163 -16.66 -16.36 1.66
N ASN A 164 -15.97 -16.14 2.73
CA ASN A 164 -16.64 -16.14 4.06
C ASN A 164 -17.09 -14.74 4.42
N ASN A 165 -16.14 -13.87 4.60
CA ASN A 165 -16.48 -12.46 4.95
C ASN A 165 -15.24 -11.58 4.91
N ASN A 166 -15.05 -10.90 3.82
CA ASN A 166 -13.86 -10.02 3.68
C ASN A 166 -12.58 -10.77 4.00
N THR A 167 -11.52 -10.01 4.21
CA THR A 167 -10.21 -10.65 4.53
C THR A 167 -9.52 -9.87 5.64
N SER A 168 -9.17 -10.55 6.70
CA SER A 168 -8.50 -9.86 7.83
C SER A 168 -6.99 -9.78 7.63
N SER A 169 -6.34 -10.92 7.70
CA SER A 169 -4.85 -10.94 7.51
C SER A 169 -4.48 -11.81 6.31
N ILE A 170 -3.28 -11.62 5.81
CA ILE A 170 -2.84 -12.43 4.64
C ILE A 170 -1.40 -12.84 4.76
N ARG A 171 -0.99 -13.70 3.85
CA ARG A 171 0.41 -14.17 3.86
C ARG A 171 0.85 -14.58 2.47
N ILE A 172 1.75 -13.81 1.91
CA ILE A 172 2.23 -14.14 0.56
C ILE A 172 3.43 -15.07 0.64
N SER A 173 3.16 -16.35 0.58
CA SER A 173 4.29 -17.33 0.66
C SER A 173 4.97 -17.48 -0.70
N MET A 1 16.71 5.51 -9.97
CA MET A 1 15.73 5.82 -11.04
C MET A 1 14.32 5.46 -10.59
N ALA A 2 13.69 6.37 -9.88
CA ALA A 2 12.31 6.09 -9.40
C ALA A 2 11.69 7.34 -8.79
N ASN A 3 10.45 7.23 -8.36
CA ASN A 3 9.79 8.41 -7.75
C ASN A 3 8.36 8.08 -7.30
N ILE A 4 8.03 8.45 -6.09
CA ILE A 4 6.67 8.17 -5.57
C ILE A 4 5.70 9.24 -6.03
N THR A 5 4.60 8.82 -6.60
CA THR A 5 3.59 9.81 -7.09
C THR A 5 2.47 9.89 -6.07
N VAL A 6 2.36 11.03 -5.43
CA VAL A 6 1.28 11.18 -4.42
C VAL A 6 0.03 11.86 -4.95
N PHE A 7 -1.05 11.65 -4.23
CA PHE A 7 -2.35 12.25 -4.64
C PHE A 7 -2.82 13.18 -3.52
N TYR A 8 -3.46 14.25 -3.90
CA TYR A 8 -3.95 15.23 -2.87
C TYR A 8 -5.16 14.74 -2.07
N ASN A 9 -6.22 14.43 -2.75
CA ASN A 9 -7.43 13.95 -2.01
C ASN A 9 -7.37 12.46 -1.76
N GLU A 10 -8.41 11.95 -1.19
CA GLU A 10 -8.46 10.51 -0.90
C GLU A 10 -8.71 9.72 -2.17
N ASP A 11 -8.71 8.43 -2.05
CA ASP A 11 -8.95 7.59 -3.25
C ASP A 11 -8.08 8.04 -4.41
N PHE A 12 -6.78 8.06 -4.19
CA PHE A 12 -5.85 8.50 -5.27
C PHE A 12 -6.38 9.69 -6.06
N GLN A 13 -7.30 10.41 -5.48
CA GLN A 13 -7.87 11.57 -6.19
C GLN A 13 -7.21 12.86 -5.73
N GLY A 14 -7.39 13.91 -6.49
CA GLY A 14 -6.78 15.21 -6.11
C GLY A 14 -5.42 15.40 -6.80
N LYS A 15 -5.11 16.65 -7.09
CA LYS A 15 -3.82 16.98 -7.77
C LYS A 15 -2.71 15.99 -7.44
N GLN A 16 -1.97 15.63 -8.46
CA GLN A 16 -0.86 14.66 -8.27
C GLN A 16 0.49 15.36 -8.28
N VAL A 17 1.42 14.76 -7.60
CA VAL A 17 2.78 15.35 -7.54
C VAL A 17 3.82 14.24 -7.39
N ASP A 18 4.91 14.37 -8.10
CA ASP A 18 5.97 13.33 -8.01
C ASP A 18 7.10 13.77 -7.08
N LEU A 19 7.53 12.85 -6.23
CA LEU A 19 8.63 13.19 -5.27
C LEU A 19 9.80 12.18 -5.43
N PRO A 20 11.00 12.67 -5.73
CA PRO A 20 12.15 11.78 -5.90
C PRO A 20 12.53 11.11 -4.57
N PRO A 21 13.29 10.03 -4.68
CA PRO A 21 13.73 9.29 -3.49
C PRO A 21 14.61 10.15 -2.61
N GLY A 22 15.29 9.53 -1.68
CA GLY A 22 16.17 10.31 -0.79
C GLY A 22 15.43 10.74 0.49
N ASN A 23 16.00 11.70 1.17
CA ASN A 23 15.37 12.19 2.43
C ASN A 23 14.98 13.65 2.32
N TYR A 24 13.79 13.98 2.73
CA TYR A 24 13.35 15.40 2.65
C TYR A 24 12.27 15.71 3.67
N THR A 25 11.87 16.95 3.71
CA THR A 25 10.83 17.36 4.66
C THR A 25 10.01 18.51 4.09
N ARG A 26 9.50 19.35 4.94
CA ARG A 26 8.70 20.49 4.45
C ARG A 26 9.53 21.42 3.59
N ALA A 27 10.77 21.59 3.94
CA ALA A 27 11.65 22.48 3.13
C ALA A 27 11.70 22.05 1.68
N GLN A 28 12.19 20.86 1.44
CA GLN A 28 12.26 20.39 0.04
C GLN A 28 10.89 20.47 -0.59
N LEU A 29 9.93 19.96 0.11
CA LEU A 29 8.57 20.00 -0.43
C LEU A 29 8.18 21.44 -0.71
N ALA A 30 8.68 22.35 0.11
CA ALA A 30 8.34 23.77 -0.10
C ALA A 30 8.70 24.12 -1.52
N ALA A 31 9.72 23.48 -1.99
CA ALA A 31 10.17 23.74 -3.36
C ALA A 31 9.15 23.16 -4.33
N LEU A 32 8.59 22.03 -3.95
CA LEU A 32 7.58 21.39 -4.83
C LEU A 32 6.23 22.09 -4.70
N GLY A 33 5.56 21.83 -3.60
CA GLY A 33 4.22 22.49 -3.41
C GLY A 33 3.41 21.79 -2.32
N ILE A 34 3.64 20.52 -2.15
CA ILE A 34 2.88 19.78 -1.11
C ILE A 34 3.41 20.14 0.29
N GLU A 35 2.65 19.78 1.30
CA GLU A 35 3.09 20.10 2.69
C GLU A 35 2.04 19.73 3.74
N ASN A 36 2.26 18.63 4.42
CA ASN A 36 1.28 18.20 5.47
C ASN A 36 -0.06 17.72 4.90
N ASN A 37 -0.56 16.69 5.51
CA ASN A 37 -1.87 16.10 5.08
C ASN A 37 -2.06 16.12 3.56
N THR A 38 -1.00 16.20 2.82
CA THR A 38 -1.16 16.21 1.33
C THR A 38 -1.03 14.83 0.76
N ILE A 39 -0.01 14.13 1.17
CA ILE A 39 0.21 12.77 0.66
C ILE A 39 -0.95 11.88 1.07
N SER A 40 -2.06 12.06 0.43
CA SER A 40 -3.25 11.25 0.76
C SER A 40 -3.05 9.83 0.27
N SER A 41 -2.67 9.71 -0.98
CA SER A 41 -2.45 8.35 -1.55
C SER A 41 -1.16 8.34 -2.35
N VAL A 42 -0.63 7.18 -2.66
CA VAL A 42 0.64 7.16 -3.44
C VAL A 42 0.76 5.95 -4.35
N LYS A 43 1.74 6.04 -5.20
CA LYS A 43 2.00 4.96 -6.17
C LYS A 43 3.51 4.80 -6.28
N VAL A 44 4.05 3.83 -5.56
CA VAL A 44 5.52 3.60 -5.59
C VAL A 44 5.89 2.22 -6.16
N PRO A 45 6.46 2.20 -7.36
CA PRO A 45 6.86 0.94 -7.99
C PRO A 45 8.02 0.29 -7.21
N PRO A 46 8.32 -0.93 -7.55
CA PRO A 46 9.40 -1.68 -6.90
C PRO A 46 10.73 -0.98 -7.14
N GLY A 47 11.80 -1.61 -6.74
CA GLY A 47 13.12 -0.97 -6.97
C GLY A 47 13.42 0.02 -5.85
N VAL A 48 12.41 0.38 -5.11
CA VAL A 48 12.64 1.35 -4.00
C VAL A 48 11.70 1.10 -2.81
N LYS A 49 12.18 1.46 -1.65
CA LYS A 49 11.36 1.28 -0.42
C LYS A 49 11.29 2.62 0.33
N ALA A 50 10.09 3.06 0.63
CA ALA A 50 9.95 4.37 1.35
C ALA A 50 9.44 4.21 2.78
N ILE A 51 9.68 5.23 3.55
CA ILE A 51 9.25 5.23 4.97
C ILE A 51 8.73 6.61 5.32
N LEU A 52 7.51 6.68 5.75
CA LEU A 52 6.94 8.02 6.10
C LEU A 52 7.17 8.38 7.56
N TYR A 53 7.08 9.66 7.84
CA TYR A 53 7.27 10.14 9.23
C TYR A 53 6.35 11.33 9.50
N GLN A 54 5.32 11.08 10.28
CA GLN A 54 4.36 12.17 10.60
C GLN A 54 5.06 13.47 10.98
N ASN A 55 5.49 13.56 12.21
CA ASN A 55 6.18 14.80 12.64
C ASN A 55 7.41 15.08 11.81
N ASP A 56 7.60 16.32 11.47
CA ASP A 56 8.77 16.70 10.65
C ASP A 56 10.06 16.22 11.32
N GLY A 57 11.16 16.36 10.64
CA GLY A 57 12.45 15.92 11.23
C GLY A 57 12.44 14.40 11.41
N PHE A 58 11.70 13.73 10.58
CA PHE A 58 11.63 12.25 10.68
C PHE A 58 11.23 11.82 12.09
N ALA A 59 10.01 12.09 12.46
CA ALA A 59 9.55 11.70 13.81
C ALA A 59 8.07 11.36 13.82
N GLY A 60 7.50 11.29 15.00
CA GLY A 60 6.05 10.96 15.10
C GLY A 60 5.80 9.57 14.54
N ASP A 61 4.54 9.23 14.38
CA ASP A 61 4.24 7.90 13.83
C ASP A 61 5.03 7.66 12.55
N GLN A 62 5.03 6.44 12.10
CA GLN A 62 5.79 6.13 10.86
C GLN A 62 5.12 5.04 10.05
N ILE A 63 5.50 4.96 8.81
CA ILE A 63 4.91 3.91 7.94
C ILE A 63 5.98 3.37 7.01
N GLU A 64 5.62 2.36 6.27
CA GLU A 64 6.59 1.78 5.34
C GLU A 64 5.88 1.28 4.11
N VAL A 65 6.37 1.66 2.95
CA VAL A 65 5.71 1.20 1.71
C VAL A 65 6.69 0.97 0.59
N VAL A 66 6.26 0.16 -0.33
CA VAL A 66 7.11 -0.17 -1.50
C VAL A 66 6.19 -0.36 -2.69
N ALA A 67 4.91 -0.36 -2.39
CA ALA A 67 3.89 -0.54 -3.44
C ALA A 67 3.02 0.71 -3.51
N ASN A 68 1.80 0.52 -3.91
CA ASN A 68 0.87 1.68 -4.02
C ASN A 68 0.01 1.79 -2.77
N ALA A 69 0.08 2.93 -2.13
CA ALA A 69 -0.73 3.12 -0.90
C ALA A 69 -2.09 3.70 -1.25
N GLU A 70 -3.12 2.93 -1.04
CA GLU A 70 -4.48 3.43 -1.37
C GLU A 70 -4.91 4.49 -0.37
N GLU A 71 -5.18 4.06 0.83
CA GLU A 71 -5.61 5.01 1.88
C GLU A 71 -4.43 5.43 2.76
N LEU A 72 -3.27 4.91 2.46
CA LEU A 72 -2.07 5.27 3.26
C LEU A 72 -2.11 4.70 4.69
N GLY A 73 -2.70 5.42 5.61
CA GLY A 73 -2.77 4.89 7.01
C GLY A 73 -3.48 5.89 7.95
N PRO A 74 -3.27 5.71 9.24
CA PRO A 74 -3.87 6.56 10.26
C PRO A 74 -3.32 7.99 10.22
N LEU A 75 -2.02 8.11 10.19
CA LEU A 75 -1.42 9.46 10.15
C LEU A 75 -1.56 10.09 8.76
N ASN A 76 -2.63 9.78 8.10
CA ASN A 76 -2.83 10.35 6.74
C ASN A 76 -3.12 11.84 6.82
N ASN A 77 -3.62 12.27 7.96
CA ASN A 77 -3.92 13.70 8.12
C ASN A 77 -2.66 14.49 8.46
N ASN A 78 -1.52 13.88 8.25
CA ASN A 78 -0.25 14.59 8.56
C ASN A 78 0.95 13.84 8.00
N VAL A 79 1.54 14.39 6.98
CA VAL A 79 2.73 13.73 6.36
C VAL A 79 3.69 14.78 5.84
N SER A 80 4.79 14.96 6.54
CA SER A 80 5.80 15.97 6.10
C SER A 80 7.20 15.38 5.92
N SER A 81 7.63 14.58 6.86
CA SER A 81 8.99 13.97 6.74
C SER A 81 8.93 12.58 6.10
N ILE A 82 9.87 12.32 5.23
CA ILE A 82 9.88 10.98 4.56
C ILE A 82 11.31 10.49 4.26
N ARG A 83 11.47 9.18 4.23
CA ARG A 83 12.79 8.57 3.95
C ARG A 83 12.67 7.51 2.84
N VAL A 84 13.43 7.67 1.78
CA VAL A 84 13.35 6.66 0.67
C VAL A 84 14.73 6.28 0.17
N ILE A 85 14.91 5.02 -0.07
CA ILE A 85 16.22 4.54 -0.56
C ILE A 85 16.05 3.37 -1.53
N SER A 86 16.86 3.33 -2.54
CA SER A 86 16.77 2.22 -3.54
C SER A 86 16.59 0.86 -2.86
N VAL A 87 16.11 -0.10 -3.61
CA VAL A 87 15.90 -1.46 -3.04
C VAL A 87 15.83 -2.51 -4.16
N PRO A 88 16.28 -3.72 -3.88
CA PRO A 88 16.26 -4.79 -4.87
C PRO A 88 14.83 -5.00 -5.36
N VAL A 89 14.70 -5.57 -6.53
CA VAL A 89 13.34 -5.81 -7.06
C VAL A 89 12.70 -7.03 -6.42
N GLN A 90 11.40 -7.08 -6.51
CA GLN A 90 10.67 -8.23 -5.93
C GLN A 90 9.47 -8.58 -6.82
N PRO A 91 9.13 -9.86 -6.91
CA PRO A 91 8.01 -10.31 -7.74
C PRO A 91 6.67 -9.78 -7.21
N ARG A 92 6.46 -9.96 -5.93
CA ARG A 92 5.19 -9.49 -5.28
C ARG A 92 3.97 -10.24 -5.81
N ALA A 93 2.84 -9.59 -5.68
CA ALA A 93 1.56 -10.18 -6.15
C ALA A 93 0.71 -9.07 -6.77
N ARG A 94 -0.46 -9.42 -7.28
CA ARG A 94 -1.31 -8.37 -7.90
C ARG A 94 -2.79 -8.61 -7.60
N PHE A 95 -3.36 -7.71 -6.83
CA PHE A 95 -4.80 -7.85 -6.47
C PHE A 95 -5.62 -6.82 -7.23
N PHE A 96 -6.84 -7.19 -7.57
CA PHE A 96 -7.70 -6.23 -8.32
C PHE A 96 -8.61 -5.49 -7.36
N TYR A 97 -9.31 -4.50 -7.85
CA TYR A 97 -10.21 -3.73 -6.97
C TYR A 97 -11.60 -4.36 -6.88
N LYS A 98 -12.31 -4.33 -7.98
CA LYS A 98 -13.68 -4.91 -7.98
C LYS A 98 -13.68 -6.41 -8.29
N GLU A 99 -14.61 -7.10 -7.70
CA GLU A 99 -14.70 -8.57 -7.93
C GLU A 99 -15.18 -8.88 -9.32
N GLN A 100 -14.23 -9.24 -10.17
CA GLN A 100 -14.51 -9.60 -11.62
C GLN A 100 -13.49 -8.94 -12.54
N PHE A 101 -12.24 -9.16 -12.24
CA PHE A 101 -11.17 -8.56 -13.06
C PHE A 101 -11.48 -7.10 -13.42
N ASP A 102 -11.77 -6.31 -12.42
CA ASP A 102 -12.08 -4.88 -12.71
C ASP A 102 -11.57 -3.98 -11.58
N GLY A 103 -11.40 -2.72 -11.90
CA GLY A 103 -10.89 -1.77 -10.87
C GLY A 103 -9.36 -1.80 -10.78
N LYS A 104 -8.77 -0.62 -10.76
CA LYS A 104 -7.29 -0.52 -10.68
C LYS A 104 -6.69 -1.63 -9.83
N GLU A 105 -5.51 -2.05 -10.20
CA GLU A 105 -4.84 -3.13 -9.43
C GLU A 105 -3.95 -2.58 -8.33
N VAL A 106 -3.60 -3.45 -7.43
CA VAL A 106 -2.73 -3.06 -6.30
C VAL A 106 -1.82 -4.23 -5.94
N ASP A 107 -0.55 -4.06 -6.18
CA ASP A 107 0.40 -5.15 -5.86
C ASP A 107 0.94 -5.07 -4.44
N LEU A 108 1.44 -6.19 -3.97
CA LEU A 108 1.99 -6.22 -2.58
C LEU A 108 3.21 -7.16 -2.50
N PRO A 109 4.32 -6.68 -1.90
CA PRO A 109 5.53 -7.49 -1.77
C PRO A 109 5.31 -8.67 -0.83
N PRO A 110 6.27 -9.59 -0.84
CA PRO A 110 6.19 -10.77 0.01
C PRO A 110 6.22 -10.38 1.49
N GLY A 111 5.50 -11.12 2.31
CA GLY A 111 5.49 -10.79 3.77
C GLY A 111 4.10 -10.99 4.36
N GLN A 112 3.95 -10.56 5.60
CA GLN A 112 2.64 -10.70 6.28
C GLN A 112 1.99 -9.34 6.46
N TYR A 113 0.70 -9.36 6.67
CA TYR A 113 -0.03 -8.07 6.85
C TYR A 113 -1.18 -8.25 7.83
N THR A 114 -1.47 -7.20 8.55
CA THR A 114 -2.59 -7.28 9.54
C THR A 114 -3.86 -6.61 9.04
N GLN A 115 -4.91 -6.81 9.78
CA GLN A 115 -6.23 -6.23 9.42
C GLN A 115 -6.20 -4.69 9.36
N ALA A 116 -5.11 -4.10 9.79
CA ALA A 116 -5.03 -2.60 9.76
C ALA A 116 -4.15 -2.05 8.62
N GLU A 117 -2.94 -2.54 8.51
CA GLU A 117 -2.06 -2.05 7.43
C GLU A 117 -2.49 -2.57 6.09
N LEU A 118 -2.64 -3.87 6.00
CA LEU A 118 -3.06 -4.47 4.71
C LEU A 118 -4.07 -3.59 4.01
N GLU A 119 -5.21 -3.50 4.61
CA GLU A 119 -6.27 -2.66 4.04
C GLU A 119 -5.80 -1.25 3.72
N ARG A 120 -5.37 -0.55 4.74
CA ARG A 120 -4.90 0.84 4.49
C ARG A 120 -3.55 0.89 3.78
N TYR A 121 -3.04 -0.25 3.37
CA TYR A 121 -1.72 -0.26 2.66
C TYR A 121 -1.88 -0.50 1.18
N GLY A 122 -3.02 -0.98 0.78
CA GLY A 122 -3.18 -1.22 -0.68
C GLY A 122 -4.63 -1.10 -1.12
N ILE A 123 -5.54 -1.52 -0.28
CA ILE A 123 -6.97 -1.43 -0.66
C ILE A 123 -7.83 -0.84 0.48
N ASP A 124 -8.52 -1.71 1.16
CA ASP A 124 -9.38 -1.28 2.27
C ASP A 124 -10.12 -2.49 2.82
N ASN A 125 -11.02 -2.26 3.73
CA ASN A 125 -11.76 -3.42 4.30
C ASN A 125 -12.49 -4.18 3.18
N ASN A 126 -12.25 -5.46 3.10
CA ASN A 126 -12.91 -6.29 2.05
C ASN A 126 -12.30 -6.02 0.68
N THR A 127 -13.13 -5.94 -0.34
CA THR A 127 -12.62 -5.68 -1.72
C THR A 127 -11.64 -6.76 -2.18
N ILE A 128 -10.56 -6.35 -2.81
CA ILE A 128 -9.54 -7.32 -3.31
C ILE A 128 -10.13 -8.34 -4.29
N SER A 129 -10.88 -9.27 -3.77
CA SER A 129 -11.51 -10.30 -4.66
C SER A 129 -10.52 -10.91 -5.65
N SER A 130 -10.84 -10.83 -6.93
CA SER A 130 -9.92 -11.40 -7.96
C SER A 130 -8.45 -11.10 -7.66
N VAL A 131 -7.65 -12.14 -7.62
CA VAL A 131 -6.19 -11.98 -7.34
C VAL A 131 -5.34 -12.54 -8.48
N LYS A 132 -4.14 -12.05 -8.55
CA LYS A 132 -3.22 -12.50 -9.60
C LYS A 132 -1.77 -12.38 -9.08
N PRO A 133 -1.34 -13.41 -8.37
CA PRO A 133 0.01 -13.43 -7.80
C PRO A 133 1.08 -13.36 -8.88
N GLN A 134 1.66 -12.21 -9.00
CA GLN A 134 2.70 -12.00 -10.02
C GLN A 134 3.76 -13.09 -9.98
N GLY A 135 4.00 -13.64 -8.82
CA GLY A 135 5.03 -14.71 -8.73
C GLY A 135 5.03 -15.43 -7.38
N LEU A 136 4.58 -14.75 -6.35
CA LEU A 136 4.57 -15.42 -5.00
C LEU A 136 3.20 -16.00 -4.73
N ALA A 137 3.13 -16.85 -3.75
CA ALA A 137 1.82 -17.45 -3.41
C ALA A 137 1.13 -16.61 -2.36
N VAL A 138 -0.17 -16.50 -2.46
CA VAL A 138 -0.93 -15.68 -1.48
C VAL A 138 -1.78 -16.54 -0.54
N VAL A 139 -1.94 -16.04 0.66
CA VAL A 139 -2.75 -16.77 1.67
C VAL A 139 -3.62 -15.76 2.41
N LEU A 140 -4.90 -16.00 2.43
CA LEU A 140 -5.82 -15.05 3.13
C LEU A 140 -6.26 -15.57 4.50
N PHE A 141 -6.41 -14.66 5.42
CA PHE A 141 -6.84 -15.03 6.79
C PHE A 141 -8.17 -14.37 7.11
N LYS A 142 -9.09 -15.17 7.59
CA LYS A 142 -10.43 -14.62 7.93
C LYS A 142 -10.40 -13.65 9.10
N ASN A 143 -10.33 -14.19 10.29
CA ASN A 143 -10.30 -13.31 11.49
C ASN A 143 -9.22 -12.25 11.39
N ASP A 144 -9.31 -11.27 12.27
CA ASP A 144 -8.32 -10.16 12.29
C ASP A 144 -6.87 -10.65 12.22
N ASN A 145 -6.23 -10.69 13.36
CA ASN A 145 -4.82 -11.14 13.38
C ASN A 145 -4.67 -12.64 13.20
N PHE A 146 -4.85 -13.08 11.96
CA PHE A 146 -4.73 -14.53 11.66
C PHE A 146 -5.24 -15.38 12.81
N SER A 147 -6.53 -15.39 12.97
CA SER A 147 -7.12 -16.20 14.08
C SER A 147 -8.42 -16.88 13.66
N GLY A 148 -8.33 -17.77 12.72
CA GLY A 148 -9.56 -18.48 12.25
C GLY A 148 -9.25 -19.33 11.03
N ASP A 149 -10.22 -19.47 10.17
CA ASP A 149 -10.00 -20.28 8.95
C ASP A 149 -9.15 -19.51 7.94
N THR A 150 -8.69 -20.18 6.93
CA THR A 150 -7.86 -19.49 5.92
C THR A 150 -8.06 -20.08 4.52
N LEU A 151 -7.79 -19.26 3.53
CA LEU A 151 -7.95 -19.71 2.12
C LEU A 151 -6.62 -19.51 1.36
N PRO A 152 -5.79 -20.54 1.37
CA PRO A 152 -4.49 -20.50 0.70
C PRO A 152 -4.62 -20.33 -0.82
N VAL A 153 -4.28 -19.17 -1.31
CA VAL A 153 -4.37 -18.93 -2.78
C VAL A 153 -3.10 -19.42 -3.44
N ASN A 154 -3.09 -20.68 -3.79
CA ASN A 154 -1.90 -21.26 -4.45
C ASN A 154 -1.42 -20.46 -5.67
N SER A 155 -2.32 -19.87 -6.42
CA SER A 155 -1.84 -19.10 -7.60
C SER A 155 -2.91 -18.13 -8.17
N ASP A 156 -3.10 -18.21 -9.47
CA ASP A 156 -4.09 -17.33 -10.15
C ASP A 156 -5.51 -17.51 -9.63
N ALA A 157 -6.28 -16.46 -9.78
CA ALA A 157 -7.69 -16.50 -9.32
C ALA A 157 -8.39 -15.19 -9.68
N PRO A 158 -8.60 -15.01 -10.96
CA PRO A 158 -9.25 -13.80 -11.48
C PRO A 158 -10.68 -13.67 -10.99
N THR A 159 -10.99 -14.34 -9.93
CA THR A 159 -12.36 -14.27 -9.40
C THR A 159 -12.46 -15.06 -8.10
N LEU A 160 -12.77 -14.36 -7.04
CA LEU A 160 -12.88 -15.06 -5.74
C LEU A 160 -13.91 -14.37 -4.85
N GLY A 161 -13.63 -13.16 -4.49
CA GLY A 161 -14.58 -12.42 -3.60
C GLY A 161 -14.48 -12.97 -2.18
N ALA A 162 -15.35 -12.50 -1.32
CA ALA A 162 -15.31 -12.99 0.07
C ALA A 162 -15.92 -14.38 0.19
N MET A 163 -15.09 -15.36 0.40
CA MET A 163 -15.60 -16.75 0.52
C MET A 163 -16.22 -16.99 1.89
N ASN A 164 -15.45 -16.76 2.91
CA ASN A 164 -15.97 -16.96 4.29
C ASN A 164 -16.78 -15.74 4.73
N ASN A 165 -16.12 -14.63 4.83
CA ASN A 165 -16.83 -13.40 5.26
C ASN A 165 -16.08 -12.16 4.79
N ASN A 166 -14.86 -12.01 5.23
CA ASN A 166 -14.07 -10.82 4.82
C ASN A 166 -12.58 -11.04 5.03
N THR A 167 -11.80 -10.81 4.01
CA THR A 167 -10.33 -11.00 4.15
C THR A 167 -9.77 -9.93 5.08
N SER A 168 -9.43 -10.33 6.27
CA SER A 168 -8.88 -9.35 7.23
C SER A 168 -7.36 -9.23 7.09
N SER A 169 -6.66 -10.32 7.37
CA SER A 169 -5.16 -10.29 7.25
C SER A 169 -4.70 -11.24 6.16
N ILE A 170 -3.47 -11.10 5.72
CA ILE A 170 -2.97 -12.01 4.64
C ILE A 170 -1.51 -12.37 4.85
N ARG A 171 -1.02 -13.21 3.97
CA ARG A 171 0.39 -13.63 4.07
C ARG A 171 0.89 -14.11 2.71
N ILE A 172 1.78 -13.35 2.14
CA ILE A 172 2.31 -13.74 0.81
C ILE A 172 3.55 -14.61 0.98
N SER A 173 3.37 -15.90 0.89
CA SER A 173 4.53 -16.80 1.04
C SER A 173 5.33 -16.90 -0.25
N MET A 1 13.86 6.28 -13.76
CA MET A 1 14.30 5.72 -12.46
C MET A 1 13.11 5.65 -11.51
N ALA A 2 13.38 5.29 -10.29
CA ALA A 2 12.29 5.19 -9.30
C ALA A 2 11.83 6.56 -8.85
N ASN A 3 10.56 6.68 -8.59
CA ASN A 3 10.01 7.97 -8.13
C ASN A 3 8.64 7.79 -7.49
N ILE A 4 8.53 8.12 -6.23
CA ILE A 4 7.22 7.96 -5.56
C ILE A 4 6.22 8.98 -6.08
N THR A 5 4.95 8.62 -6.08
CA THR A 5 3.91 9.55 -6.57
C THR A 5 2.79 9.68 -5.55
N VAL A 6 2.64 10.87 -5.03
CA VAL A 6 1.57 11.08 -4.03
C VAL A 6 0.30 11.58 -4.70
N PHE A 7 -0.76 11.64 -3.93
CA PHE A 7 -2.06 12.12 -4.47
C PHE A 7 -2.68 13.11 -3.51
N TYR A 8 -3.51 13.99 -4.03
CA TYR A 8 -4.15 15.00 -3.15
C TYR A 8 -5.41 14.47 -2.46
N ASN A 9 -6.25 13.80 -3.20
CA ASN A 9 -7.49 13.27 -2.58
C ASN A 9 -7.34 11.81 -2.20
N GLU A 10 -8.41 11.24 -1.73
CA GLU A 10 -8.37 9.82 -1.33
C GLU A 10 -8.55 8.93 -2.54
N ASP A 11 -8.57 7.65 -2.31
CA ASP A 11 -8.75 6.70 -3.43
C ASP A 11 -7.82 7.06 -4.59
N PHE A 12 -6.54 7.10 -4.30
CA PHE A 12 -5.54 7.44 -5.35
C PHE A 12 -6.05 8.55 -6.28
N GLN A 13 -6.95 9.36 -5.77
CA GLN A 13 -7.51 10.46 -6.60
C GLN A 13 -6.91 11.81 -6.20
N GLY A 14 -7.17 12.82 -6.99
CA GLY A 14 -6.64 14.17 -6.68
C GLY A 14 -5.25 14.36 -7.28
N LYS A 15 -5.02 15.52 -7.87
CA LYS A 15 -3.70 15.82 -8.51
C LYS A 15 -2.56 15.12 -7.76
N GLN A 16 -1.63 14.59 -8.50
CA GLN A 16 -0.47 13.89 -7.86
C GLN A 16 0.84 14.61 -8.13
N VAL A 17 1.86 14.16 -7.44
CA VAL A 17 3.20 14.79 -7.61
C VAL A 17 4.28 13.72 -7.55
N ASP A 18 5.20 13.79 -8.47
CA ASP A 18 6.30 12.79 -8.49
C ASP A 18 7.52 13.30 -7.74
N LEU A 19 7.90 12.59 -6.69
CA LEU A 19 9.08 13.01 -5.89
C LEU A 19 10.19 11.92 -5.97
N PRO A 20 11.44 12.34 -6.11
CA PRO A 20 12.55 11.38 -6.20
C PRO A 20 12.82 10.73 -4.83
N PRO A 21 13.58 9.65 -4.84
CA PRO A 21 13.91 8.93 -3.61
C PRO A 21 14.80 9.78 -2.71
N GLY A 22 15.45 9.15 -1.77
CA GLY A 22 16.34 9.93 -0.86
C GLY A 22 15.56 10.45 0.36
N ASN A 23 16.26 11.18 1.21
CA ASN A 23 15.61 11.73 2.43
C ASN A 23 15.46 13.25 2.36
N TYR A 24 14.32 13.73 2.76
CA TYR A 24 14.10 15.20 2.73
C TYR A 24 13.04 15.60 3.74
N THR A 25 12.78 16.87 3.83
CA THR A 25 11.76 17.34 4.79
C THR A 25 11.12 18.62 4.30
N ARG A 26 10.64 19.42 5.21
CA ARG A 26 10.00 20.69 4.82
C ARG A 26 10.96 21.55 4.03
N ALA A 27 12.23 21.30 4.18
CA ALA A 27 13.23 22.11 3.44
C ALA A 27 13.11 21.85 1.95
N GLN A 28 13.38 20.65 1.56
CA GLN A 28 13.28 20.35 0.11
C GLN A 28 11.88 20.64 -0.37
N LEU A 29 10.91 20.20 0.38
CA LEU A 29 9.52 20.45 -0.03
C LEU A 29 9.23 21.94 -0.09
N ALA A 30 9.83 22.70 0.80
CA ALA A 30 9.57 24.14 0.77
C ALA A 30 10.01 24.66 -0.58
N ALA A 31 10.93 23.94 -1.17
CA ALA A 31 11.43 24.36 -2.49
C ALA A 31 10.40 23.98 -3.57
N LEU A 32 9.76 22.86 -3.37
CA LEU A 32 8.75 22.41 -4.36
C LEU A 32 7.45 23.21 -4.20
N GLY A 33 6.69 22.87 -3.20
CA GLY A 33 5.41 23.60 -2.97
C GLY A 33 4.39 22.70 -2.26
N ILE A 34 4.53 21.42 -2.44
CA ILE A 34 3.59 20.49 -1.79
C ILE A 34 4.08 20.10 -0.40
N GLU A 35 3.16 20.05 0.54
CA GLU A 35 3.54 19.69 1.93
C GLU A 35 2.34 19.82 2.86
N ASN A 36 2.47 19.32 4.07
CA ASN A 36 1.35 19.42 5.05
C ASN A 36 0.28 18.33 4.84
N ASN A 37 -0.95 18.71 5.09
CA ASN A 37 -2.09 17.75 4.93
C ASN A 37 -2.12 17.10 3.54
N THR A 38 -1.12 17.35 2.74
CA THR A 38 -1.13 16.73 1.40
C THR A 38 -0.86 15.24 1.49
N ILE A 39 -0.24 14.71 0.46
CA ILE A 39 0.07 13.27 0.46
C ILE A 39 -1.10 12.46 1.00
N SER A 40 -2.22 12.61 0.36
CA SER A 40 -3.41 11.85 0.81
C SER A 40 -3.26 10.38 0.45
N SER A 41 -2.93 10.12 -0.79
CA SER A 41 -2.75 8.71 -1.24
C SER A 41 -1.33 8.52 -1.72
N VAL A 42 -0.96 7.32 -2.09
CA VAL A 42 0.43 7.12 -2.55
C VAL A 42 0.57 5.93 -3.50
N LYS A 43 1.51 6.08 -4.40
CA LYS A 43 1.77 5.01 -5.40
C LYS A 43 3.28 4.84 -5.53
N VAL A 44 3.79 3.72 -5.04
CA VAL A 44 5.26 3.48 -5.13
C VAL A 44 5.59 2.07 -5.66
N PRO A 45 6.13 1.98 -6.88
CA PRO A 45 6.48 0.69 -7.45
C PRO A 45 7.65 0.05 -6.69
N PRO A 46 7.89 -1.21 -6.96
CA PRO A 46 8.97 -1.96 -6.32
C PRO A 46 10.33 -1.35 -6.64
N GLY A 47 11.38 -2.05 -6.30
CA GLY A 47 12.73 -1.53 -6.59
C GLY A 47 13.16 -0.50 -5.55
N VAL A 48 12.19 0.02 -4.81
CA VAL A 48 12.54 1.03 -3.78
C VAL A 48 11.59 0.97 -2.58
N LYS A 49 12.15 1.13 -1.41
CA LYS A 49 11.31 1.09 -0.18
C LYS A 49 11.13 2.50 0.36
N ALA A 50 9.89 2.88 0.58
CA ALA A 50 9.62 4.25 1.10
C ALA A 50 9.19 4.24 2.55
N ILE A 51 9.53 5.29 3.24
CA ILE A 51 9.17 5.42 4.66
C ILE A 51 8.75 6.85 4.94
N LEU A 52 7.50 7.04 5.27
CA LEU A 52 7.03 8.44 5.55
C LEU A 52 7.09 8.80 7.02
N TYR A 53 6.99 10.09 7.28
CA TYR A 53 7.03 10.58 8.68
C TYR A 53 6.02 11.71 8.86
N GLN A 54 5.05 11.47 9.70
CA GLN A 54 4.00 12.50 9.96
C GLN A 54 4.60 13.87 10.26
N ASN A 55 4.94 14.09 11.51
CA ASN A 55 5.54 15.40 11.88
C ASN A 55 6.80 15.68 11.10
N ASP A 56 6.97 16.92 10.72
CA ASP A 56 8.17 17.29 9.95
C ASP A 56 9.43 17.02 10.78
N GLY A 57 10.54 17.49 10.30
CA GLY A 57 11.81 17.26 11.05
C GLY A 57 11.96 15.77 11.37
N PHE A 58 11.47 14.95 10.50
CA PHE A 58 11.57 13.49 10.72
C PHE A 58 11.06 13.11 12.11
N ALA A 59 9.78 13.30 12.34
CA ALA A 59 9.22 12.96 13.66
C ALA A 59 7.81 12.41 13.54
N GLY A 60 7.17 12.18 14.65
CA GLY A 60 5.77 11.64 14.61
C GLY A 60 5.80 10.20 14.11
N ASP A 61 4.64 9.59 14.07
CA ASP A 61 4.59 8.19 13.59
C ASP A 61 5.30 8.06 12.26
N GLN A 62 5.48 6.85 11.81
CA GLN A 62 6.19 6.65 10.52
C GLN A 62 5.59 5.49 9.76
N ILE A 63 5.34 5.71 8.50
CA ILE A 63 4.76 4.63 7.66
C ILE A 63 5.84 3.96 6.86
N GLU A 64 5.50 2.86 6.29
CA GLU A 64 6.48 2.11 5.48
C GLU A 64 5.78 1.46 4.32
N VAL A 65 6.28 1.66 3.15
CA VAL A 65 5.62 1.05 1.97
C VAL A 65 6.59 0.71 0.87
N VAL A 66 6.13 -0.11 -0.03
CA VAL A 66 6.96 -0.54 -1.18
C VAL A 66 6.04 -0.67 -2.37
N ALA A 67 4.76 -0.62 -2.08
CA ALA A 67 3.74 -0.74 -3.15
C ALA A 67 2.89 0.53 -3.15
N ASN A 68 1.66 0.40 -3.58
CA ASN A 68 0.77 1.58 -3.62
C ASN A 68 -0.19 1.58 -2.44
N ALA A 69 -0.14 2.62 -1.68
CA ALA A 69 -1.05 2.71 -0.51
C ALA A 69 -2.36 3.36 -0.91
N GLU A 70 -3.44 2.66 -0.71
CA GLU A 70 -4.76 3.22 -1.08
C GLU A 70 -5.19 4.29 -0.09
N GLU A 71 -5.79 3.87 0.99
CA GLU A 71 -6.24 4.85 1.99
C GLU A 71 -5.08 5.37 2.83
N LEU A 72 -3.92 4.89 2.54
CA LEU A 72 -2.73 5.34 3.29
C LEU A 72 -2.86 5.05 4.78
N GLY A 73 -3.27 6.04 5.55
CA GLY A 73 -3.41 5.80 7.02
C GLY A 73 -4.05 7.02 7.72
N PRO A 74 -4.12 6.93 9.03
CA PRO A 74 -4.68 7.98 9.86
C PRO A 74 -3.86 9.27 9.84
N LEU A 75 -2.56 9.13 9.73
CA LEU A 75 -1.70 10.34 9.71
C LEU A 75 -1.91 11.14 8.44
N ASN A 76 -3.06 10.98 7.84
CA ASN A 76 -3.35 11.73 6.60
C ASN A 76 -3.64 13.19 6.92
N ASN A 77 -3.72 13.49 8.20
CA ASN A 77 -4.00 14.89 8.60
C ASN A 77 -2.77 15.77 8.41
N ASN A 78 -1.62 15.17 8.44
CA ASN A 78 -0.38 15.97 8.25
C ASN A 78 0.78 15.10 7.78
N VAL A 79 1.45 15.57 6.76
CA VAL A 79 2.62 14.80 6.22
C VAL A 79 3.67 15.76 5.68
N SER A 80 4.93 15.49 5.94
CA SER A 80 5.98 16.40 5.42
C SER A 80 7.37 15.77 5.42
N SER A 81 7.65 14.92 6.38
CA SER A 81 9.01 14.27 6.41
C SER A 81 8.97 12.90 5.75
N ILE A 82 10.00 12.60 4.98
CA ILE A 82 10.01 11.26 4.30
C ILE A 82 11.43 10.72 4.07
N ARG A 83 11.52 9.42 3.88
CA ARG A 83 12.85 8.79 3.66
C ARG A 83 12.71 7.55 2.76
N VAL A 84 13.33 7.61 1.59
CA VAL A 84 13.24 6.44 0.65
C VAL A 84 14.64 5.89 0.33
N ILE A 85 14.73 4.57 0.27
CA ILE A 85 16.04 3.93 -0.03
C ILE A 85 15.85 2.76 -0.99
N SER A 86 16.62 2.76 -2.04
CA SER A 86 16.52 1.66 -3.03
C SER A 86 16.33 0.30 -2.36
N VAL A 87 15.70 -0.61 -3.06
CA VAL A 87 15.47 -1.95 -2.48
C VAL A 87 15.32 -3.00 -3.61
N PRO A 88 15.87 -4.19 -3.40
CA PRO A 88 15.79 -5.25 -4.40
C PRO A 88 14.34 -5.49 -4.83
N VAL A 89 14.13 -5.57 -6.10
CA VAL A 89 12.75 -5.80 -6.62
C VAL A 89 12.17 -7.10 -6.08
N GLN A 90 10.86 -7.24 -6.20
CA GLN A 90 10.19 -8.48 -5.73
C GLN A 90 9.01 -8.82 -6.65
N PRO A 91 8.72 -10.11 -6.79
CA PRO A 91 7.61 -10.56 -7.65
C PRO A 91 6.27 -10.04 -7.15
N ARG A 92 6.23 -9.66 -5.89
CA ARG A 92 4.96 -9.13 -5.28
C ARG A 92 3.71 -9.86 -5.77
N ALA A 93 2.58 -9.18 -5.64
CA ALA A 93 1.29 -9.77 -6.07
C ALA A 93 0.35 -8.66 -6.56
N ARG A 94 -0.79 -9.04 -7.12
CA ARG A 94 -1.72 -7.99 -7.62
C ARG A 94 -3.19 -8.34 -7.35
N PHE A 95 -3.81 -7.54 -6.53
CA PHE A 95 -5.24 -7.79 -6.20
C PHE A 95 -6.12 -6.86 -7.02
N PHE A 96 -7.38 -7.24 -7.17
CA PHE A 96 -8.31 -6.38 -7.98
C PHE A 96 -9.33 -5.72 -7.08
N TYR A 97 -10.20 -4.93 -7.70
CA TYR A 97 -11.25 -4.22 -6.89
C TYR A 97 -12.62 -4.88 -7.01
N LYS A 98 -13.20 -4.81 -8.17
CA LYS A 98 -14.54 -5.42 -8.37
C LYS A 98 -14.48 -6.91 -8.75
N GLU A 99 -15.59 -7.56 -8.60
CA GLU A 99 -15.64 -8.99 -8.93
C GLU A 99 -15.36 -9.20 -10.41
N GLN A 100 -14.20 -9.76 -10.67
CA GLN A 100 -13.73 -10.06 -12.09
C GLN A 100 -12.85 -8.95 -12.61
N PHE A 101 -11.74 -8.77 -11.93
CA PHE A 101 -10.75 -7.70 -12.34
C PHE A 101 -11.42 -6.52 -13.03
N ASP A 102 -12.62 -6.21 -12.61
CA ASP A 102 -13.34 -5.07 -13.23
C ASP A 102 -13.17 -3.80 -12.39
N GLY A 103 -12.03 -3.69 -11.76
CA GLY A 103 -11.78 -2.48 -10.90
C GLY A 103 -10.27 -2.33 -10.66
N LYS A 104 -9.81 -1.08 -10.60
CA LYS A 104 -8.36 -0.83 -10.38
C LYS A 104 -7.73 -1.85 -9.46
N GLU A 105 -6.50 -2.18 -9.74
CA GLU A 105 -5.80 -3.19 -8.89
C GLU A 105 -4.89 -2.56 -7.85
N VAL A 106 -4.50 -3.37 -6.90
CA VAL A 106 -3.61 -2.91 -5.81
C VAL A 106 -2.60 -4.02 -5.51
N ASP A 107 -1.32 -3.73 -5.70
CA ASP A 107 -0.30 -4.78 -5.44
C ASP A 107 0.27 -4.68 -4.03
N LEU A 108 0.91 -5.75 -3.61
CA LEU A 108 1.51 -5.77 -2.25
C LEU A 108 2.85 -6.57 -2.26
N PRO A 109 3.82 -6.12 -1.46
CA PRO A 109 5.12 -6.79 -1.38
C PRO A 109 5.03 -8.09 -0.56
N PRO A 110 6.03 -8.93 -0.70
CA PRO A 110 6.07 -10.19 0.04
C PRO A 110 6.10 -9.95 1.53
N GLY A 111 5.43 -10.80 2.29
CA GLY A 111 5.42 -10.60 3.78
C GLY A 111 4.07 -10.95 4.39
N GLN A 112 3.81 -10.39 5.55
CA GLN A 112 2.54 -10.65 6.25
C GLN A 112 1.85 -9.35 6.64
N TYR A 113 0.55 -9.39 6.83
CA TYR A 113 -0.18 -8.16 7.22
C TYR A 113 -1.29 -8.47 8.22
N THR A 114 -1.68 -7.47 8.99
CA THR A 114 -2.75 -7.69 10.01
C THR A 114 -4.13 -7.20 9.56
N GLN A 115 -5.10 -7.44 10.40
CA GLN A 115 -6.50 -7.02 10.09
C GLN A 115 -6.71 -5.52 10.23
N ALA A 116 -5.75 -4.76 9.82
CA ALA A 116 -5.90 -3.28 9.93
C ALA A 116 -4.97 -2.58 8.96
N GLU A 117 -3.71 -2.86 9.07
CA GLU A 117 -2.75 -2.22 8.17
C GLU A 117 -2.94 -2.77 6.76
N LEU A 118 -3.14 -4.04 6.69
CA LEU A 118 -3.35 -4.68 5.38
C LEU A 118 -4.32 -3.89 4.54
N GLU A 119 -5.56 -3.98 4.89
CA GLU A 119 -6.57 -3.26 4.12
C GLU A 119 -6.22 -1.79 3.92
N ARG A 120 -5.98 -1.09 5.01
CA ARG A 120 -5.65 0.34 4.87
C ARG A 120 -4.37 0.53 4.08
N TYR A 121 -3.67 -0.54 3.82
CA TYR A 121 -2.40 -0.45 3.04
C TYR A 121 -2.63 -0.84 1.59
N GLY A 122 -3.81 -1.35 1.31
CA GLY A 122 -4.09 -1.74 -0.08
C GLY A 122 -5.59 -1.66 -0.42
N ILE A 123 -6.39 -2.43 0.28
CA ILE A 123 -7.87 -2.41 0.00
C ILE A 123 -8.67 -2.50 1.30
N ASP A 124 -9.59 -1.58 1.51
CA ASP A 124 -10.42 -1.62 2.77
C ASP A 124 -10.82 -3.05 3.19
N ASN A 125 -11.19 -3.17 4.44
CA ASN A 125 -11.60 -4.52 4.98
C ASN A 125 -12.78 -5.13 4.22
N ASN A 126 -13.09 -4.61 3.07
CA ASN A 126 -14.24 -5.20 2.31
C ASN A 126 -14.28 -4.67 0.88
N THR A 127 -13.41 -5.21 0.04
CA THR A 127 -13.39 -4.76 -1.39
C THR A 127 -12.62 -5.78 -2.24
N ILE A 128 -11.88 -6.63 -1.58
CA ILE A 128 -11.10 -7.65 -2.32
C ILE A 128 -11.99 -8.64 -3.07
N SER A 129 -11.41 -9.32 -4.03
CA SER A 129 -12.19 -10.30 -4.83
C SER A 129 -11.26 -11.12 -5.73
N SER A 130 -11.01 -10.61 -6.90
CA SER A 130 -10.12 -11.35 -7.83
C SER A 130 -8.65 -11.08 -7.50
N VAL A 131 -7.84 -12.12 -7.54
CA VAL A 131 -6.39 -11.97 -7.22
C VAL A 131 -5.52 -12.40 -8.38
N LYS A 132 -4.31 -11.88 -8.39
CA LYS A 132 -3.37 -12.23 -9.47
C LYS A 132 -1.93 -12.07 -8.98
N PRO A 133 -1.46 -13.04 -8.23
CA PRO A 133 -0.12 -13.01 -7.69
C PRO A 133 0.91 -12.94 -8.81
N GLN A 134 1.43 -11.76 -9.01
CA GLN A 134 2.44 -11.57 -10.07
C GLN A 134 3.57 -12.58 -9.98
N GLY A 135 3.65 -13.27 -8.88
CA GLY A 135 4.76 -14.27 -8.76
C GLY A 135 4.76 -14.99 -7.40
N LEU A 136 4.40 -14.31 -6.35
CA LEU A 136 4.40 -15.00 -5.03
C LEU A 136 3.08 -15.70 -4.76
N ALA A 137 3.06 -16.46 -3.70
CA ALA A 137 1.84 -17.21 -3.35
C ALA A 137 1.05 -16.39 -2.34
N VAL A 138 -0.18 -16.11 -2.67
CA VAL A 138 -1.02 -15.33 -1.74
C VAL A 138 -1.86 -16.22 -0.85
N VAL A 139 -1.85 -15.93 0.42
CA VAL A 139 -2.64 -16.74 1.39
C VAL A 139 -3.58 -15.82 2.16
N LEU A 140 -4.83 -16.21 2.25
CA LEU A 140 -5.83 -15.37 2.99
C LEU A 140 -6.22 -15.99 4.33
N PHE A 141 -6.24 -15.15 5.35
CA PHE A 141 -6.62 -15.64 6.70
C PHE A 141 -7.95 -15.07 7.11
N LYS A 142 -8.88 -15.94 7.39
CA LYS A 142 -10.23 -15.50 7.81
C LYS A 142 -10.16 -14.56 9.00
N ASN A 143 -10.09 -15.13 10.17
CA ASN A 143 -10.02 -14.28 11.38
C ASN A 143 -8.65 -13.63 11.48
N ASP A 144 -8.50 -12.76 12.43
CA ASP A 144 -7.19 -12.08 12.58
C ASP A 144 -6.09 -13.07 12.98
N ASN A 145 -5.09 -12.58 13.65
CA ASN A 145 -3.98 -13.45 14.07
C ASN A 145 -3.60 -14.42 12.98
N PHE A 146 -3.91 -14.09 11.74
CA PHE A 146 -3.56 -14.99 10.62
C PHE A 146 -3.80 -16.45 11.03
N SER A 147 -5.02 -16.73 11.42
CA SER A 147 -5.34 -18.13 11.84
C SER A 147 -6.70 -18.57 11.31
N GLY A 148 -7.34 -19.46 12.04
CA GLY A 148 -8.69 -19.95 11.61
C GLY A 148 -8.61 -20.50 10.18
N ASP A 149 -9.75 -20.71 9.57
CA ASP A 149 -9.74 -21.24 8.19
C ASP A 149 -8.99 -20.29 7.28
N THR A 150 -8.50 -20.81 6.17
CA THR A 150 -7.75 -19.94 5.24
C THR A 150 -7.93 -20.38 3.80
N LEU A 151 -7.39 -19.60 2.90
CA LEU A 151 -7.49 -19.93 1.47
C LEU A 151 -6.15 -19.65 0.78
N PRO A 152 -5.27 -20.64 0.83
CA PRO A 152 -3.93 -20.51 0.23
C PRO A 152 -4.00 -20.37 -1.29
N VAL A 153 -3.92 -19.14 -1.76
CA VAL A 153 -3.98 -18.92 -3.23
C VAL A 153 -2.63 -19.26 -3.85
N ASN A 154 -2.50 -20.48 -4.29
CA ASN A 154 -1.23 -20.92 -4.91
C ASN A 154 -0.89 -20.13 -6.18
N SER A 155 -1.87 -19.53 -6.81
CA SER A 155 -1.54 -18.77 -8.05
C SER A 155 -2.72 -17.92 -8.54
N ASP A 156 -2.76 -17.73 -9.83
CA ASP A 156 -3.83 -16.92 -10.46
C ASP A 156 -5.21 -17.23 -9.89
N ALA A 157 -6.05 -16.23 -9.92
CA ALA A 157 -7.42 -16.39 -9.39
C ALA A 157 -8.22 -15.14 -9.73
N PRO A 158 -8.41 -14.93 -11.01
CA PRO A 158 -9.15 -13.77 -11.51
C PRO A 158 -10.61 -13.75 -11.05
N THR A 159 -10.91 -14.46 -10.02
CA THR A 159 -12.31 -14.46 -9.52
C THR A 159 -12.46 -15.38 -8.32
N LEU A 160 -12.72 -14.79 -7.19
CA LEU A 160 -12.89 -15.58 -5.95
C LEU A 160 -14.00 -15.00 -5.09
N GLY A 161 -14.00 -13.70 -4.98
CA GLY A 161 -15.06 -13.05 -4.16
C GLY A 161 -14.76 -13.25 -2.68
N ALA A 162 -15.68 -12.82 -1.85
CA ALA A 162 -15.46 -12.99 -0.39
C ALA A 162 -15.70 -14.44 0.03
N MET A 163 -14.94 -14.88 0.98
CA MET A 163 -15.11 -16.28 1.45
C MET A 163 -16.15 -16.32 2.55
N ASN A 164 -15.76 -15.90 3.72
CA ASN A 164 -16.70 -15.91 4.85
C ASN A 164 -17.41 -14.55 4.94
N ASN A 165 -16.65 -13.51 4.74
CA ASN A 165 -17.23 -12.15 4.79
C ASN A 165 -16.19 -11.11 4.39
N ASN A 166 -14.95 -11.39 4.71
CA ASN A 166 -13.86 -10.45 4.35
C ASN A 166 -12.52 -10.93 4.89
N THR A 167 -11.51 -10.88 4.06
CA THR A 167 -10.17 -11.33 4.51
C THR A 167 -9.63 -10.39 5.57
N SER A 168 -9.16 -10.96 6.65
CA SER A 168 -8.60 -10.11 7.74
C SER A 168 -7.10 -9.94 7.58
N SER A 169 -6.36 -11.04 7.77
CA SER A 169 -4.88 -10.97 7.64
C SER A 169 -4.42 -11.78 6.44
N ILE A 170 -3.21 -11.54 5.98
CA ILE A 170 -2.72 -12.33 4.80
C ILE A 170 -1.25 -12.65 4.92
N ARG A 171 -0.78 -13.40 3.97
CA ARG A 171 0.66 -13.78 3.98
C ARG A 171 1.13 -14.08 2.57
N ILE A 172 1.94 -13.22 2.03
CA ILE A 172 2.44 -13.46 0.67
C ILE A 172 3.73 -14.27 0.73
N SER A 173 3.59 -15.57 0.63
CA SER A 173 4.79 -16.43 0.69
C SER A 173 5.50 -16.47 -0.67
#